data_7WBV
#
_entry.id   7WBV
#
_cell.length_a   1.00
_cell.length_b   1.00
_cell.length_c   1.00
_cell.angle_alpha   90.00
_cell.angle_beta   90.00
_cell.angle_gamma   90.00
#
_symmetry.space_group_name_H-M   'P 1'
#
loop_
_entity.id
_entity.type
_entity.pdbx_description
1 polymer 'DNA-directed RNA polymerase subunit'
2 polymer 'DNA-directed RNA polymerase subunit beta'
3 polymer 'RNA polymerase II third largest subunit B44, part of central core'
4 polymer 'RNA polymerase II subunit B32'
5 polymer 'DNA-directed RNA polymerases I, II, and III subunit RPABC1'
6 polymer 'RNA polymerase subunit ABC23, common to RNA polymerases I, II, and III'
7 polymer 'RNA polymerase II subunit'
8 polymer 'DNA-directed RNA polymerases I, II, and III subunit RPABC3'
9 polymer 'DNA-directed RNA polymerase subunit'
10 polymer 'RNA polymerase subunit ABC10-beta, common to RNA polymerases I, II, and III'
11 polymer 'RNA polymerase II subunit B12.5'
12 polymer 'RNA polymerase subunit ABC10-alpha'
13 polymer 'Transcription elongation factor 1 homolog'
14 polymer 'DNA (198-MER)'
15 polymer "RNA (5'-R(P*UP*GP*GP*CP*CP*GP*UP*UP*UP*UP*CP*GP*UP*UP*GP*U)-3')"
16 polymer 'DNA (159-MER)'
17 polymer 'Transcription elongation factor SPT4'
18 polymer 'Transcription elongation factor SPT5'
19 polymer 'Histone H3.3'
20 polymer 'Histone H4'
21 polymer 'Histone H2A type 1-B/E'
22 polymer 'Histone H2B type 1-J'
23 non-polymer 'ZINC ION'
24 non-polymer 'MAGNESIUM ION'
#
loop_
_entity_poly.entity_id
_entity_poly.type
_entity_poly.pdbx_seq_one_letter_code
_entity_poly.pdbx_strand_id
1 'polypeptide(L)'
;MSQFPYSSAPLRSVKEVQFGLLSPEEIRAISVVKIEYPEIMDESRQRPREGGLNDPKLGSIDRNFKCQTCGEGMAECPGH
FGHMELAKPVFHIGFIPKIKKVCECICMNCGKLLLDETNPTMAQAIRIRDPKKRFNAVWQLCKTKMVCEADAPVDEYSEQ
KVVSRGGCGNTQPVVRKDGMKLWGTWKKSGFSDRDAQPERKLLTPGEILNVFKHISPEDCFRLGFNEDYARPEWMIITVL
PVPPPQVRPSIAMDETTQGQDDLTHKLSDILKANINVQKLEMDGSPQHIINEVEQLLQFHVATYMDNDIAGQPQALQKSG
RPVKAIRARLKGKEGRLRGNLMGKRVDFSARTVISGDPNLELDQVGVPISIAKTLSYPETVTQYNIHRLTEYVRNGPNEH
PGAKYVIRDNGDRIDLRYHKRAGDIVLQYGWKVERHLMDDDPVLFNRQPSLHKMSMMAHRVKVMPYSTFRLNLSVTSPYN
ADFDGDEMNLHVPQSEETRAELSQLCAVPLQIVSPQSNKPVMGIVQDTLCGVRKMTLRDTFIEYEQVMNMLFWVPSWDGV
VPQPAILKPKPLWTGKQLLSIAIPSGIHLQRTDGGNSLLSPKDNGMLIVDGKVMFGVVDKKTVGSGGGGLIHTVMREKGP
KICAELFGNIQKVVNYWLLHNGFSIGIGDAIADASTMKEITHAISSAKEQVQEIIYKAQHNELELKPGMTLRESFEGEVS
RTLNDARDSAGRSAEMNLKDLNNVKQMVSAGSKGSFINIAQMSACVGQQMVEGKRIAFGFADRSLPHFTKDDFSPESKGF
VENSYLRGLTPQEFFFHAMAGREGLIDTAVKTAETGYIQRRLVKALEDIMVHYDGTTRNSLGDIIQFLYGEDGLDGTQVE
RQTIDTIPGSDKAFHKRYYVDLMDEKNSIKPDVIEYAADILGDVELQKELNSEYEQLVSDRKFLREIVFVNGDHNWPLPV
NLRRIIQNAQQIFHLDRAKASDLTIPEIIHGVRDLCKKLFVLRGENELIKEAQQNATSLFQCLVRARLATRRILEEFRLN
RDAFEWVLGTIEAQFQRSLVHPGEMVGVIAAQSIGEPATQMTLNTFHYAGVSSKNVTLGVPRLKEILNVAKNIKTPALTV
YLDREIALDIEKAKVIQSSIEYTTLKNVTSATEIYYDPDPTSTVIEEDFDTVEAYFSIPDEKVEETIDKQSPWLLRLELD
RARMLDKQLTMNQVADKISEVFSDDLFVMWSEDNADKLIIRCRVIRDPKAMDEELEAEEDQMLKRIEAHMLDLIALRGIP
GISKVYMVKHKVSVPDESGEYKNEELWALETDGINLAEVMAVPGVDSSRTYSNSFVEILSVLGIEATRSSLYKEILNVIA
FDGSYVNYRHMALLVDVMTSRGYLMAITRHGINRADTGALMRCSFEETVEILFEAGAAAELDDCRGVSENVMLGQLAPMG
TGAFDVMIDEKLLTSLPADYAPTMPLFKGKATQGSATPYDNNAQYDDEFNHDDVADVMFSPMAETGSGDDRSGGLTEYAG
IQSPYQPTSPGLSATSPGFAPTSPGFAPTSPRYSPTSPGYSPTSPSYSPTSPSYSPTSPSYSPTSPSYSPTSPSYSPTSP
SYSPTSPSYSPTSPSYSPTSPSYSPTSPQYSPTSPQYSPTSPQYSPTSPQYSPTSPQYSPTSPQYSPTSPQYSPTSPQYS
PTSPQYSPTSPQYSPTSPQYSPTSPQYSPTSPQYSPTSPQYSPASPQYSPSRHSPNGESKEGE
;
A
2 'polypeptide(L)'
;MSYDPYSIDDTITTEDCWTVISAFFEEKGLVSQQLDSFDEFMETSIQDLVWEEPRLILDQPAQHTNEKDNINKRYEIRFG
KIYLSRPTMTEADGTTHAMFPQEARLRNLTYSSPVYLDMEKSMFTSIDDEGNPNATLDWQQVHEPIKDGVEEGNKVHIGK
VPIMLRSKFCSLRTLDEVDLYKMKECPYDMGGYFVINGSEKVLIAQERSAANIVQVFKKAAPSPISHVAEIRSALEKGSR
LISTMQIKLYGREDKGTGRTIKATLPYVKQDIPIVIVFRALGVVPDGEILQHICYDENDWQMLEMLKPCIEEGFVIQDKE
VALDFIGRRGSAALGIRREKRIQYAKDILQKELLPHITQEEGFETRKTFFLGYMVNRLLLCALERKDQDDRDHFGKKRLD
LAGPLLANLFRILFRKLTREIYRYMQRCIETDRDFNLNLAVKSTTITSGLKYSLATGNWGEQKKAMSSRAGVSQVLNRYT
YSSTLSHLRRTNTPIGRDGKLAKPRQLHNTHWGLVCPAETPEGQACGLVKNLSLLSGISIGSPSEPIINFLEEWGMEPLE
DYDPAQHTKSTRIFVNGVWTGIHRDPSMLVSTMRDLRRSGAISPEVSIIRDIREREFKIFTDVGRVYRPLFIVEDDESKD
NKGELRITKEHIRKIQQGYDDDAMNDDSEEQEQDVYGWSSLVTSGVIEYVDGEEEETIMIAMTPEDLQTRSLEQKEIDLN
DTAKRIKPEMSTSSHHTFTHCEIHPSMILGVAASIIPFPDHNQSPRNTYQSAMGKQAMGVFLTNYNVRMDTMANILYYPQ
KPLAKTQAMEYLKFRELPAGQNAIVAIACYSGYNQEDSMIMNQSSIDRGLFRSLFFRSYMDQEKRFGISIVEEFEKPTRA
TTLRLKHGTYEKLDEDGLIAPGVRVSGDDIIIGKTTPIPPDTEELGQRTKYHTKRDASTPLRSTENGIVDQVLLTTNQEG
LKFVKVRMRTTKVPQIGDKFASRHGQKGTIGVTYRHEDMPFSAEGIVPDLIINPHAIPSRMTVAHLIECLLSKVGSIRGY
EGDATPFTDLTVDAVSNLLRDNGYQSRGFEVMYNGHTGKKLMAQVFFGPTYYQRLRHMVDDKIHARARGPVQVLTRQPVE
GRSRDGGLRFGEMERDCMIAHGAAGFLKERLMEASDAFRVHVCGICGLMSVIANLKKNQFECRSCKNKTNIYQLHIPYAA
KLLFQELMAMNIAPRLYTERSGVSMRS
;
B
3 'polypeptide(L)'
;MSKEPKVNIINAQDDEVELMLSDVNLSLANSLRRTMLAEVPTLAIDLVEIKMNTSVLADEFISHRLGLIPLVSEDVEEMK
YSRDCTCEDYCDECSVVLELSARHEGEEGTTDVYSSSLIKVSGPGNLNVGEPVRRDDYDQGILLCKLRNHQELNIRCIAK
KGIAKEHAKWSPCSAIAFEYDPHNKLKHTDFWFEVDAKKEWPDSKYATWEEPPKPGEVFDYKAKPNRFYMTVETTGSLKA
NQVFSRGIKTLQEKLANVLFELENSRPANTTAYGGATAYGGQTVYGRETSYGGNTNYGDYNAPY
;
C
4 'polypeptide(L)'
;MNVSTSTVGARRRRAKQQVDDEENATLLRLGPEFALKQYDHDGNEHDLIALSLSESRLLIREALKARSRARNGGVDIESS
NGEIDDDELAKVTSGAVANGVVKKTLDYLNTFARFKDEETCTAVDQLLHNSSDCSVLHPFEIAQLSSLGCEDVDEAITLI
PSLAAKKEVNLQRILDELNRLEDPYK
;
D
5 'polypeptide(L)'
;MEDNNRIISRLWRSFRTVKEMAADRGYFISQEEMDQSLEEFRSKICDSMGNPQRKLMSFLANPTPEALEKYSDLGTLWVE
FCDEPSVGIKTMRNFCLRIQEKNFSTGIFIYQNNITPSANKMIPTVSPAIIETFQESDLVVNITHHELVPKHIRLSDGEK
SQLLQRYKLKESQLPRIQREDPVARYLGLKRGQVVKIIRRSETSGRYASYRICL
;
E
6 'polypeptide(L)'
;MSEDEAFNEQTENFENFEDEHFSDDNFEDRSTQPEDYAVGVTADGRQIINGDGIQEVNGTIKAHRKRSNKELAILKEERT
TTPYLTKYERARILGTRALQISMNAPVLVDIEGETDPLQIAMKELSQRKIPLVIRRYLPDGSYEDWGCDELIVDN
;
F
7 'polypeptide(L)'
;MFFLKDLSLILTLHPSYFGPQMNQYLREKLLTDVEGTCTGQFGYIVTVLDGMNIDVGKGRIIPGSGSAEFEVKYRAVVWK
PFKGEVVDAIVSNVSPIGFFADVGPLNVFVSTRLIPDNLVYNPSNSPPAYMSNDELITKGSKVRLKVVGTRTDVNEIYAI
GSIKEDFLGAI
;
G
8 'polypeptide(L)'
;MSSALFDDIFTVQTVDNGRYNKVSRIIGISTTNSAIKLTLDINNEMFPVSQDDSLTVTLANSLSLDGEDESANFSKSWRP
PKPTDKSLADDYDYVMFGTVYKFEEGDEDKIKVYVSFGGLLMCLEGGYKSLASLKQDNLYILIRR
;
H
9 'polypeptide(L)'
;MASFRFCLECNNMLYPKEDKENQRLLYSCRNCDYTELAEDPKVYRHELITNIGETAGIVDDIGQDPTLPRSDKECPECHS
RDCVFFQSQQRRKDTNMTLFYVCLNCKKTFRDESE
;
I
10 'polypeptide(L)' MIIPVRCFSCGKVVGDKWDAYLRLLEEGKQEGDALDELKLKRYCCRRMVLTHVDLIEKFLRYNPLEKKDFDS J
11 'polypeptide(L)'
;MNAPDRFELFILPDDVPKLKITPDSRVPNCIIIKFEREDHTLANLLREELALYPDVTFVAYKVEHPLFANFVMRLQTEEG
TRPKQALERACASIINKLKTLDHKFNEEWNIKNFSLND
;
K
12 'polypeptide(L)' MSREGFVAPSGTDLAAAASGVAPNKHYGVKYTCGACAHNFSLNKSDPVRCKECGHRVIYKARTKRMIQFDAR L
13 'polypeptide(L)'
;GPGMGKRKSSARKPAPKIKQKLETQFTCLFCNHDNSVVCTLDKKNSIGLLECKKCNLSFQAPINSLSQPIDIYSDWIDAC
EAVAEENADVNGDNFIENDGADREQDDDYDDEF
;
M
14 'polydeoxyribonucleotide'
;(DG)(DC)(DT)(DT)(DA)(DC)(DG)(DT)(DC)(DA)(DG)(DT)(DC)(DT)(DG)(DG)(DC)(DC)(DA)(DT)
(DC)(DT)(DT)(DT)(DG)(DT)(DG)(DT)(DT)(DT)(DG)(DG)(DT)(DG)(DT)(DG)(DT)(DT)(DT)(DG)
(DG)(DG)(DT)(DG)(DG)(DT)(DG)(DG)(DC)(DC)(DG)(DT)(DT)(DT)(DT)(DC)(DG)(DT)(DT)(DG)
(DT)(DT)(DT)(DT)(DT)(DT)(DT)(DC)(DT)(DG)(DT)(DC)(DT)(DC)(DG)(DT)(DG)(DC)(DC)(DT)
(DG)(DG)(DT)(DG)(DT)(DC)(DT)(DT)(DG)(DG)(DG)(DT)(DG)(DT)(DA)(DA)(DT)(DC)(DC)(DC)
(DC)(DT)(DT)(DG)(DG)(DC)(DG)(DG)(DT)(DT)(DA)(DA)(DA)(DA)(DC)(DG)(DC)(DG)(DG)(DG)
(DG)(DG)(DA)(DC)(DA)(DG)(DC)(DG)(DC)(DG)(DT)(DA)(DC)(DG)(DT)(DG)(DC)(DG)(DT)(DT)
(DT)(DA)(DA)(DG)(DC)(DG)(DG)(DT)(DG)(DC)(DT)(DA)(DG)(DA)(DG)(DC)(DT)(DG)(DT)(DC)
(DT)(DA)(DC)(DG)(DA)(DC)(DC)(DA)(DA)(DT)(DT)(DG)(DA)(DG)(DC)(DG)(DG)(DC)(DC)(DT)
(DC)(DG)(DG)(DC)(DA)(DC)(DC)(DG)(DG)(DG)(DA)(DT)(DT)(DC)(DT)(DG)(DA)(DT)
;
N
15 'polyribonucleotide' UGGCCGUUUUCGUUGU P
16 'polydeoxyribonucleotide'
;(DA)(DT)(DC)(DA)(DG)(DA)(DA)(DT)(DC)(DC)(DC)(DG)(DG)(DT)(DG)(DC)(DC)(DG)(DA)(DG)
(DG)(DC)(DC)(DG)(DC)(DT)(DC)(DA)(DA)(DT)(DT)(DG)(DG)(DT)(DC)(DG)(DT)(DA)(DG)(DA)
(DC)(DA)(DG)(DC)(DT)(DC)(DT)(DA)(DG)(DC)(DA)(DC)(DC)(DG)(DC)(DT)(DT)(DA)(DA)(DA)
(DC)(DG)(DC)(DA)(DC)(DG)(DT)(DA)(DC)(DG)(DC)(DG)(DC)(DT)(DG)(DT)(DC)(DC)(DC)(DC)
(DC)(DG)(DC)(DG)(DT)(DT)(DT)(DT)(DA)(DA)(DC)(DC)(DG)(DC)(DC)(DA)(DA)(DG)(DG)(DG)
(DG)(DA)(DT)(DT)(DA)(DC)(DA)(DC)(DC)(DC)(DA)(DA)(DG)(DA)(DC)(DA)(DC)(DC)(DA)(DG)
(DG)(DC)(DA)(DC)(DG)(DA)(DG)(DA)(DC)(DA)(DG)(DA)(DA)(DA)(DA)(DA)(DC)(DA)(DC)(DA)
(DA)(DC)(DG)(DA)(DA)(DA)(DA)(DC)(DG)(DG)(DC)(DC)(DA)(DC)(DC)(DA)(DC)(DC)(DC)(DA)
(DA)(DA)(DC)(DA)(DC)(DA)(DC)(DC)(DA)(DA)(DA)(DC)(DA)(DC)(DA)(DA)(DG)(DA)(DG)(DC)
(DT)(DA)(DA)(DT)(DT)(DG)(DA)(DC)(DT)(DG)(DA)(DC)(DG)(DT)(DA)(DA)(DG)(DC)
;
T
17 'polypeptide(L)'
;MRERACMLCGIVLPGRVFMQNGCPNCDSVLNLRDSDQATVNECTSSSFEGLVAVGDNEHSWVAKWLRVDRFQPGLYAVRV
DGRLPSDIVAALEQYGVYYRPRDGSVID
;
V
18 'polypeptide(L)'
;GPGMSETHKNQLDKVSTVSPDGPSEAVKEHSLQSKDLSKNDGQFIVPLDRNVIEQEEHKQVKSSAQAHNTTGDAADNEIE
DGVPSEDVEFDKFKEDDYDEDDEVEEEGDIRSRKRRRHNQFLDVEAEVDDEEDDDDDDDDVELKHDFIQDDHIQHETQNE
GFIAGHVDDDRLHRKLDQSREKIADQDAQELADEFKQRYGRSASSKYMGSASTTAPQRLLIPTVDDPGIWGVKVRLGKEK
DVVRQILKKKLAREGTKNPLEIYSAFQRDSFKGHVYIEARKAEAINDALKGNVNVFSNNSKFLVGIVEYKDLLRPVKSSD
VKLTRGSYVRVKNGKFKGDLAQVDEVLENGLEARLKLVPRLDYGKDLSHLSTSSSVDSTKNRRKFYTSKFRPAQRLFSEA
EARVHEPTIRRDRDGFVTYGGEEYYEGFLYKTFRLQNLIVNSINPTLNELSLFQSNEESTTIDLSTIADSLKETAKNLVS
FQPGDNVEIINGELNHLTGTVSSVNQSTIVSVRLHSDDDTINSETVEIPTSDLRKIFNVGDHVRVIHGKHTDDTGLIVEV
NGDKVEFISNQTKRTVIVFSNYLIKSTDSTVSINESGRFELHDLVQVNSDLVGIVIRAQKDSFDVLCSDGKLLSLPPVSI
YSKLNLNPNQQIAIDSNGVEVKVGDTVREFTGERRQGTILHVYRNFLFLRSREIVENQGVFVTSSNRVKTITSKSNGTGG
QISGPDLSRMNPSRVIPPPSIPVANQRMTGRDPTLNKTVKIRQGGYKGKIGIVKEANGDRFRVELHNPNKTIPIPCSFLL
IESTHGWVPYED
;
W
19 'polypeptide(L)'
;GSHMARTKQTARKSTGGKAPRKQLATKAARKSAPSTGGVKKPHRYRPGTVALREIRRYQKSTELLIRKLPFQRLVREIAQ
DFKTDLRFQSAAIGALQEASEAYLVGLFEDTNLCAIHAKRVTIMPKDIQLARRIRGERA
;
a,e
20 'polypeptide(L)'
;GSHMSGRGKGGKGLGKGGAKRHRKVLRDNIQGITKPAIRRLARRGGVKRISGLIYEETRGVLKVFLENVIRDAVTYTEHA
KRKTVTAMDVVYALKRQGRTLYGFGG
;
b,f
21 'polypeptide(L)'
;GSHMSGRGKQGGKARAKAKTRSSRAGLQFPVGRVHRLLRKGNYSERVGAGAPVYLAAVLEYLTAEILELAGNAARDNKKT
RIIPRHLQLAIRNDEELNKLLGRVTIAQGGVLPNIQAVLLPKKTESHHKAKGK
;
c,g
22 'polypeptide(L)'
;GSHMPEPAKSAPAPKKGSKKAVTKAQKKDGKKRKRSRKESYSIYVYKVLKQVHPDTGISSKAMGIMNSFVNDIFERIAGE
ASRLAHYNKRSTITSREIQTAVRLLLPGELAKHAVSEGTKAVTKYTSAK
;
d,h
#
loop_
_chem_comp.id
_chem_comp.type
_chem_comp.name
_chem_comp.formula
C RNA linking CYTIDINE-5'-MONOPHOSPHATE 'C9 H14 N3 O8 P'
DA DNA linking 2'-DEOXYADENOSINE-5'-MONOPHOSPHATE 'C10 H14 N5 O6 P'
DC DNA linking 2'-DEOXYCYTIDINE-5'-MONOPHOSPHATE 'C9 H14 N3 O7 P'
DG DNA linking 2'-DEOXYGUANOSINE-5'-MONOPHOSPHATE 'C10 H14 N5 O7 P'
DT DNA linking THYMIDINE-5'-MONOPHOSPHATE 'C10 H15 N2 O8 P'
G RNA linking GUANOSINE-5'-MONOPHOSPHATE 'C10 H14 N5 O8 P'
MG non-polymer 'MAGNESIUM ION' 'Mg 2'
U RNA linking URIDINE-5'-MONOPHOSPHATE 'C9 H13 N2 O9 P'
ZN non-polymer 'ZINC ION' 'Zn 2'
#
# COMPACT_ATOMS: atom_id res chain seq x y z
N SER A 2 -35.96 19.92 -10.62
CA SER A 2 -36.60 21.13 -11.21
C SER A 2 -35.69 21.79 -12.24
N GLN A 3 -34.38 21.61 -12.05
CA GLN A 3 -33.42 22.24 -12.96
C GLN A 3 -33.61 21.75 -14.38
N PHE A 4 -33.82 20.45 -14.55
CA PHE A 4 -33.85 19.87 -15.89
C PHE A 4 -35.13 20.28 -16.62
N PRO A 5 -35.10 20.31 -17.95
CA PRO A 5 -36.31 20.59 -18.71
C PRO A 5 -37.29 19.44 -18.61
N TYR A 6 -38.43 19.61 -19.29
CA TYR A 6 -39.43 18.56 -19.30
C TYR A 6 -38.92 17.31 -20.01
N SER A 7 -39.26 16.15 -19.46
CA SER A 7 -38.92 14.87 -20.06
C SER A 7 -40.10 13.94 -19.88
N SER A 8 -40.39 13.15 -20.92
CA SER A 8 -41.53 12.25 -20.87
C SER A 8 -41.26 10.98 -20.07
N ALA A 9 -40.01 10.52 -20.04
CA ALA A 9 -39.72 9.25 -19.39
C ALA A 9 -40.08 9.32 -17.91
N PRO A 10 -40.64 8.26 -17.34
CA PRO A 10 -40.93 8.27 -15.91
C PRO A 10 -39.64 8.31 -15.11
N LEU A 11 -39.75 8.84 -13.89
CA LEU A 11 -38.60 8.97 -13.01
C LEU A 11 -38.74 7.98 -11.87
N ARG A 12 -37.68 7.21 -11.63
CA ARG A 12 -37.60 6.33 -10.47
C ARG A 12 -36.16 6.33 -9.99
N SER A 13 -35.83 5.38 -9.12
CA SER A 13 -34.51 5.32 -8.51
C SER A 13 -33.82 4.03 -8.92
N VAL A 14 -32.51 3.98 -8.64
CA VAL A 14 -31.71 2.80 -8.93
C VAL A 14 -31.89 1.80 -7.80
N LYS A 15 -32.18 0.55 -8.16
CA LYS A 15 -32.25 -0.53 -7.19
C LYS A 15 -31.12 -1.55 -7.33
N GLU A 16 -30.74 -1.91 -8.55
CA GLU A 16 -29.76 -2.96 -8.76
C GLU A 16 -28.71 -2.49 -9.75
N VAL A 17 -27.47 -2.86 -9.47
CA VAL A 17 -26.35 -2.61 -10.37
C VAL A 17 -25.81 -3.99 -10.76
N GLN A 18 -25.79 -4.26 -12.06
CA GLN A 18 -25.36 -5.57 -12.56
C GLN A 18 -23.96 -5.41 -13.17
N PHE A 19 -22.97 -6.05 -12.55
CA PHE A 19 -21.63 -6.07 -13.12
C PHE A 19 -21.51 -7.23 -14.10
N GLY A 20 -20.49 -7.13 -14.94
CA GLY A 20 -20.29 -8.09 -16.01
C GLY A 20 -19.68 -7.43 -17.21
N LEU A 21 -18.88 -8.21 -17.93
CA LEU A 21 -18.14 -7.67 -19.06
C LEU A 21 -19.09 -7.38 -20.22
N LEU A 22 -18.49 -6.97 -21.34
CA LEU A 22 -19.24 -6.57 -22.52
C LEU A 22 -18.99 -7.59 -23.63
N SER A 23 -20.06 -8.16 -24.16
CA SER A 23 -19.93 -8.99 -25.34
C SER A 23 -19.60 -8.11 -26.55
N PRO A 24 -18.60 -8.46 -27.34
CA PRO A 24 -18.23 -7.58 -28.45
C PRO A 24 -19.41 -7.18 -29.32
N GLU A 25 -20.34 -8.11 -29.57
CA GLU A 25 -21.56 -7.75 -30.29
C GLU A 25 -22.33 -6.68 -29.52
N GLU A 26 -22.27 -6.71 -28.19
CA GLU A 26 -22.87 -5.64 -27.40
C GLU A 26 -22.24 -4.29 -27.76
N ILE A 27 -20.91 -4.23 -27.75
CA ILE A 27 -20.22 -2.99 -28.07
C ILE A 27 -20.63 -2.50 -29.44
N ARG A 28 -20.66 -3.40 -30.42
CA ARG A 28 -21.07 -3.01 -31.76
C ARG A 28 -22.50 -2.50 -31.77
N ALA A 29 -23.39 -3.17 -31.03
CA ALA A 29 -24.78 -2.76 -30.97
C ALA A 29 -24.90 -1.36 -30.40
N ILE A 30 -24.02 -0.99 -29.47
CA ILE A 30 -24.12 0.32 -28.83
C ILE A 30 -23.35 1.42 -29.54
N SER A 31 -22.15 1.13 -30.05
CA SER A 31 -21.36 2.18 -30.67
C SER A 31 -22.11 2.82 -31.83
N VAL A 32 -21.97 4.13 -31.96
CA VAL A 32 -22.63 4.88 -33.01
C VAL A 32 -21.70 5.24 -34.16
N VAL A 33 -20.41 4.94 -34.06
CA VAL A 33 -19.45 5.29 -35.10
C VAL A 33 -18.31 4.30 -35.02
N LYS A 34 -17.57 4.18 -36.11
CA LYS A 34 -16.30 3.46 -36.14
C LYS A 34 -15.20 4.50 -36.26
N ILE A 35 -14.11 4.28 -35.52
CA ILE A 35 -12.98 5.21 -35.50
C ILE A 35 -11.86 4.64 -36.33
N GLU A 36 -11.44 5.39 -37.34
CA GLU A 36 -10.52 4.88 -38.34
C GLU A 36 -9.38 5.86 -38.62
N TYR A 37 -9.61 7.13 -38.33
CA TYR A 37 -8.67 8.18 -38.73
C TYR A 37 -7.86 8.65 -37.54
N PRO A 38 -6.56 8.39 -37.48
CA PRO A 38 -5.74 8.98 -36.42
C PRO A 38 -5.78 10.50 -36.41
N GLU A 39 -5.89 11.13 -37.59
CA GLU A 39 -5.89 12.59 -37.66
C GLU A 39 -7.19 13.13 -37.09
N ILE A 40 -7.11 13.81 -35.95
CA ILE A 40 -8.31 14.34 -35.31
C ILE A 40 -8.87 15.51 -36.10
N MET A 41 -8.00 16.43 -36.54
CA MET A 41 -8.42 17.63 -37.22
C MET A 41 -8.29 17.44 -38.72
N ASP A 42 -9.40 17.69 -39.43
CA ASP A 42 -9.50 17.29 -40.83
C ASP A 42 -8.34 17.84 -41.65
N GLU A 43 -8.24 19.16 -41.78
CA GLU A 43 -7.11 19.79 -42.46
C GLU A 43 -6.71 21.08 -41.76
N SER A 44 -6.89 21.16 -40.45
CA SER A 44 -6.71 22.40 -39.70
C SER A 44 -7.60 23.49 -40.29
N ARG A 45 -8.78 23.09 -40.78
CA ARG A 45 -9.74 23.99 -41.38
C ARG A 45 -11.07 23.89 -40.63
N GLN A 46 -10.99 23.71 -39.31
CA GLN A 46 -12.16 23.51 -38.49
C GLN A 46 -12.81 22.20 -38.89
N ARG A 47 -13.93 21.85 -38.26
CA ARG A 47 -14.64 20.64 -38.65
C ARG A 47 -13.70 19.44 -38.60
N PRO A 48 -13.34 18.97 -37.41
CA PRO A 48 -12.46 17.80 -37.33
C PRO A 48 -12.95 16.67 -38.23
N ARG A 49 -12.02 15.84 -38.66
CA ARG A 49 -12.33 14.79 -39.62
C ARG A 49 -13.46 13.91 -39.10
N GLU A 50 -14.49 13.73 -39.92
CA GLU A 50 -15.53 12.77 -39.56
C GLU A 50 -14.94 11.37 -39.51
N GLY A 51 -15.50 10.54 -38.64
CA GLY A 51 -14.91 9.24 -38.40
C GLY A 51 -13.59 9.29 -37.67
N GLY A 52 -13.25 10.43 -37.08
CA GLY A 52 -12.04 10.57 -36.30
C GLY A 52 -12.34 10.67 -34.81
N LEU A 53 -11.26 10.71 -34.03
CA LEU A 53 -11.40 10.75 -32.58
C LEU A 53 -12.28 11.93 -32.16
N ASN A 54 -12.27 13.01 -32.94
CA ASN A 54 -13.07 14.19 -32.64
C ASN A 54 -14.34 14.26 -33.47
N ASP A 55 -14.92 13.12 -33.81
CA ASP A 55 -16.10 13.11 -34.66
C ASP A 55 -17.25 13.86 -33.99
N PRO A 56 -18.01 14.66 -34.74
CA PRO A 56 -19.13 15.39 -34.12
C PRO A 56 -20.29 14.49 -33.73
N LYS A 57 -20.28 13.22 -34.12
CA LYS A 57 -21.32 12.30 -33.70
C LYS A 57 -21.15 11.85 -32.25
N LEU A 58 -19.91 11.87 -31.74
CA LEU A 58 -19.65 11.37 -30.39
C LEU A 58 -20.37 12.20 -29.34
N GLY A 59 -20.21 13.51 -29.38
CA GLY A 59 -20.82 14.38 -28.40
C GLY A 59 -20.30 15.80 -28.46
N SER A 60 -21.18 16.77 -28.26
CA SER A 60 -20.80 18.17 -28.31
C SER A 60 -19.82 18.50 -27.20
N ILE A 61 -18.81 19.30 -27.52
CA ILE A 61 -17.74 19.64 -26.58
C ILE A 61 -17.71 21.14 -26.37
N ASP A 62 -18.44 21.89 -27.19
CA ASP A 62 -18.43 23.36 -27.13
C ASP A 62 -19.85 23.90 -27.11
N ARG A 63 -19.98 25.14 -26.64
CA ARG A 63 -21.28 25.77 -26.51
C ARG A 63 -22.00 25.87 -27.86
N ASN A 64 -21.28 26.30 -28.89
CA ASN A 64 -21.92 26.62 -30.16
C ASN A 64 -22.55 25.40 -30.83
N PHE A 65 -21.87 24.25 -30.80
CA PHE A 65 -22.27 23.09 -31.57
C PHE A 65 -23.18 22.20 -30.72
N LYS A 66 -24.34 21.86 -31.27
CA LYS A 66 -25.26 20.95 -30.61
C LYS A 66 -25.04 19.54 -31.13
N CYS A 67 -24.87 18.59 -30.19
CA CYS A 67 -24.57 17.22 -30.55
C CYS A 67 -25.49 16.74 -31.67
N GLN A 68 -24.89 16.14 -32.69
CA GLN A 68 -25.61 15.68 -33.86
C GLN A 68 -26.55 14.52 -33.57
N THR A 69 -26.22 13.68 -32.59
CA THR A 69 -26.94 12.44 -32.39
C THR A 69 -28.20 12.64 -31.54
N CYS A 70 -28.02 13.12 -30.31
CA CYS A 70 -29.17 13.42 -29.47
C CYS A 70 -29.89 14.67 -29.96
N GLY A 71 -29.17 15.61 -30.56
CA GLY A 71 -29.74 16.83 -31.07
C GLY A 71 -29.89 17.94 -30.07
N GLU A 72 -29.16 17.88 -28.96
CA GLU A 72 -29.19 18.89 -27.91
C GLU A 72 -27.79 19.47 -27.72
N GLY A 73 -27.65 20.34 -26.72
CA GLY A 73 -26.42 21.06 -26.45
C GLY A 73 -25.70 20.55 -25.24
N MET A 74 -24.69 21.31 -24.81
CA MET A 74 -23.88 20.90 -23.66
C MET A 74 -24.76 20.63 -22.44
N ALA A 75 -25.86 21.37 -22.32
CA ALA A 75 -26.68 21.26 -21.12
C ALA A 75 -27.16 19.83 -20.91
N GLU A 76 -27.63 19.18 -21.98
CA GLU A 76 -28.31 17.91 -21.85
C GLU A 76 -27.53 16.71 -22.36
N CYS A 77 -26.79 16.85 -23.45
CA CYS A 77 -26.23 15.68 -24.11
C CYS A 77 -25.28 14.95 -23.17
N PRO A 78 -25.48 13.65 -22.92
CA PRO A 78 -24.53 12.89 -22.10
C PRO A 78 -23.34 12.32 -22.86
N GLY A 79 -23.10 12.77 -24.09
CA GLY A 79 -22.07 12.17 -24.92
C GLY A 79 -22.58 10.90 -25.55
N HIS A 80 -21.81 10.32 -26.46
CA HIS A 80 -22.17 9.05 -27.10
C HIS A 80 -20.91 8.26 -27.40
N PHE A 81 -21.08 6.97 -27.64
CA PHE A 81 -19.95 6.05 -27.71
C PHE A 81 -19.64 5.64 -29.14
N GLY A 82 -18.37 5.31 -29.36
CA GLY A 82 -17.91 4.76 -30.62
C GLY A 82 -17.07 3.52 -30.41
N HIS A 83 -17.15 2.56 -31.33
CA HIS A 83 -16.35 1.36 -31.25
C HIS A 83 -15.11 1.48 -32.13
N MET A 84 -14.19 0.54 -31.92
CA MET A 84 -12.92 0.53 -32.64
C MET A 84 -12.46 -0.90 -32.77
N GLU A 85 -12.30 -1.38 -34.01
CA GLU A 85 -11.94 -2.76 -34.24
C GLU A 85 -10.43 -2.93 -34.24
N LEU A 86 -9.97 -3.99 -33.60
CA LEU A 86 -8.58 -4.38 -33.67
C LEU A 86 -8.42 -5.47 -34.73
N ALA A 87 -7.48 -5.26 -35.65
CA ALA A 87 -7.16 -6.31 -36.60
C ALA A 87 -6.82 -7.61 -35.88
N LYS A 88 -6.15 -7.50 -34.73
CA LYS A 88 -5.74 -8.65 -33.94
C LYS A 88 -6.34 -8.54 -32.54
N PRO A 89 -7.10 -9.53 -32.08
CA PRO A 89 -7.59 -9.48 -30.70
C PRO A 89 -6.43 -9.45 -29.72
N VAL A 90 -6.61 -8.71 -28.62
CA VAL A 90 -5.55 -8.47 -27.67
C VAL A 90 -6.05 -8.75 -26.26
N PHE A 91 -5.09 -8.93 -25.35
CA PHE A 91 -5.37 -9.26 -23.97
C PHE A 91 -5.96 -8.07 -23.22
N HIS A 92 -6.41 -8.34 -22.00
CA HIS A 92 -6.80 -7.31 -21.04
C HIS A 92 -5.83 -7.38 -19.87
N ILE A 93 -5.10 -6.28 -19.65
CA ILE A 93 -4.02 -6.31 -18.66
C ILE A 93 -4.54 -6.64 -17.28
N GLY A 94 -5.77 -6.26 -16.98
CA GLY A 94 -6.35 -6.51 -15.67
C GLY A 94 -6.91 -7.91 -15.46
N PHE A 95 -6.78 -8.80 -16.44
CA PHE A 95 -7.28 -10.16 -16.31
C PHE A 95 -6.20 -11.21 -16.54
N ILE A 96 -4.93 -10.79 -16.56
CA ILE A 96 -3.86 -11.74 -16.82
C ILE A 96 -3.90 -12.90 -15.83
N PRO A 97 -3.94 -12.67 -14.52
CA PRO A 97 -4.01 -13.82 -13.61
C PRO A 97 -5.28 -14.63 -13.75
N LYS A 98 -6.44 -13.98 -13.90
CA LYS A 98 -7.68 -14.72 -14.05
C LYS A 98 -7.68 -15.54 -15.34
N ILE A 99 -7.24 -14.96 -16.44
CA ILE A 99 -7.16 -15.70 -17.70
C ILE A 99 -6.22 -16.89 -17.55
N LYS A 100 -5.06 -16.66 -16.91
CA LYS A 100 -4.13 -17.77 -16.71
C LYS A 100 -4.79 -18.90 -15.92
N LYS A 101 -5.47 -18.56 -14.83
CA LYS A 101 -6.11 -19.59 -14.02
C LYS A 101 -7.18 -20.32 -14.81
N VAL A 102 -8.01 -19.59 -15.55
CA VAL A 102 -9.06 -20.22 -16.33
C VAL A 102 -8.45 -21.21 -17.32
N CYS A 103 -7.35 -20.80 -17.96
CA CYS A 103 -6.66 -21.73 -18.86
C CYS A 103 -6.16 -22.95 -18.10
N GLU A 104 -5.60 -22.76 -16.90
CA GLU A 104 -5.16 -23.89 -16.10
C GLU A 104 -6.30 -24.84 -15.81
N CYS A 105 -7.52 -24.30 -15.65
CA CYS A 105 -8.64 -25.11 -15.19
C CYS A 105 -9.25 -25.95 -16.30
N ILE A 106 -8.98 -25.62 -17.57
CA ILE A 106 -9.60 -26.30 -18.70
C ILE A 106 -8.52 -26.91 -19.58
N CYS A 107 -8.96 -27.69 -20.55
CA CYS A 107 -8.07 -28.36 -21.48
C CYS A 107 -7.51 -27.38 -22.49
N MET A 108 -6.52 -27.85 -23.25
CA MET A 108 -5.95 -27.07 -24.34
C MET A 108 -6.76 -27.15 -25.62
N ASN A 109 -7.02 -28.36 -26.11
CA ASN A 109 -7.63 -28.56 -27.41
C ASN A 109 -9.12 -28.85 -27.30
N CYS A 110 -9.51 -29.85 -26.50
CA CYS A 110 -10.93 -30.04 -26.25
C CYS A 110 -11.51 -28.85 -25.50
N GLY A 111 -10.68 -28.11 -24.78
CA GLY A 111 -11.13 -26.89 -24.14
C GLY A 111 -12.29 -27.10 -23.20
N LYS A 112 -12.25 -28.17 -22.41
CA LYS A 112 -13.28 -28.46 -21.42
C LYS A 112 -12.62 -28.65 -20.06
N LEU A 113 -13.45 -28.73 -19.02
CA LEU A 113 -12.93 -28.92 -17.68
C LEU A 113 -12.13 -30.21 -17.59
N LEU A 114 -10.99 -30.14 -16.91
CA LEU A 114 -10.11 -31.30 -16.82
C LEU A 114 -10.77 -32.46 -16.09
N LEU A 115 -11.77 -32.17 -15.25
CA LEU A 115 -12.42 -33.19 -14.42
C LEU A 115 -13.93 -33.11 -14.60
N ASP A 116 -14.57 -34.26 -14.44
CA ASP A 116 -16.02 -34.36 -14.52
C ASP A 116 -16.62 -34.40 -13.12
N GLU A 117 -17.95 -34.54 -13.07
CA GLU A 117 -18.63 -34.71 -11.79
C GLU A 117 -18.28 -36.04 -11.12
N THR A 118 -17.55 -36.93 -11.79
CA THR A 118 -17.26 -38.22 -11.21
C THR A 118 -16.51 -38.07 -9.90
N ASN A 119 -15.51 -37.20 -9.86
CA ASN A 119 -14.74 -37.01 -8.63
C ASN A 119 -15.62 -36.28 -7.62
N PRO A 120 -15.96 -36.90 -6.48
CA PRO A 120 -16.83 -36.23 -5.52
C PRO A 120 -16.28 -34.91 -5.01
N THR A 121 -14.96 -34.75 -4.97
CA THR A 121 -14.40 -33.46 -4.55
C THR A 121 -14.93 -32.33 -5.41
N MET A 122 -14.91 -32.50 -6.72
CA MET A 122 -15.38 -31.46 -7.61
C MET A 122 -16.90 -31.27 -7.51
N ALA A 123 -17.68 -32.34 -7.56
CA ALA A 123 -19.13 -32.20 -7.42
C ALA A 123 -19.47 -31.44 -6.15
N GLN A 124 -18.75 -31.73 -5.06
CA GLN A 124 -18.85 -30.93 -3.85
C GLN A 124 -18.50 -29.48 -4.12
N ALA A 125 -17.40 -29.23 -4.83
CA ALA A 125 -17.00 -27.87 -5.13
C ALA A 125 -18.09 -27.12 -5.88
N ILE A 126 -18.79 -27.81 -6.77
CA ILE A 126 -19.87 -27.17 -7.52
C ILE A 126 -20.97 -26.70 -6.56
N ARG A 127 -21.07 -27.31 -5.39
CA ARG A 127 -22.11 -26.91 -4.45
C ARG A 127 -21.83 -25.56 -3.81
N ILE A 128 -20.64 -25.01 -4.01
CA ILE A 128 -20.32 -23.68 -3.50
C ILE A 128 -21.16 -22.65 -4.23
N ARG A 129 -21.89 -21.84 -3.47
CA ARG A 129 -22.69 -20.77 -4.08
C ARG A 129 -21.85 -19.54 -4.35
N ASP A 130 -20.79 -19.32 -3.58
CA ASP A 130 -19.92 -18.18 -3.81
C ASP A 130 -19.12 -18.39 -5.10
N PRO A 131 -19.43 -17.67 -6.18
CA PRO A 131 -18.70 -17.94 -7.43
C PRO A 131 -17.20 -17.81 -7.28
N LYS A 132 -16.74 -16.82 -6.51
CA LYS A 132 -15.31 -16.64 -6.32
C LYS A 132 -14.70 -17.83 -5.61
N LYS A 133 -15.29 -18.26 -4.49
CA LYS A 133 -14.75 -19.39 -3.76
C LYS A 133 -14.91 -20.68 -4.55
N ARG A 134 -16.02 -20.83 -5.26
CA ARG A 134 -16.19 -21.99 -6.12
C ARG A 134 -15.06 -22.09 -7.12
N PHE A 135 -14.77 -20.98 -7.81
CA PHE A 135 -13.68 -20.98 -8.77
C PHE A 135 -12.35 -21.24 -8.08
N ASN A 136 -12.17 -20.69 -6.88
CA ASN A 136 -10.94 -20.94 -6.13
C ASN A 136 -10.74 -22.43 -5.91
N ALA A 137 -11.76 -23.12 -5.40
CA ALA A 137 -11.62 -24.55 -5.15
C ALA A 137 -11.41 -25.32 -6.45
N VAL A 138 -12.15 -24.96 -7.50
CA VAL A 138 -12.00 -25.66 -8.77
C VAL A 138 -10.56 -25.55 -9.26
N TRP A 139 -9.99 -24.35 -9.19
CA TRP A 139 -8.59 -24.19 -9.54
C TRP A 139 -7.70 -25.01 -8.62
N GLN A 140 -8.04 -25.07 -7.33
CA GLN A 140 -7.22 -25.82 -6.39
C GLN A 140 -7.12 -27.28 -6.80
N LEU A 141 -8.24 -27.87 -7.20
CA LEU A 141 -8.22 -29.27 -7.64
C LEU A 141 -7.52 -29.41 -8.98
N CYS A 142 -7.89 -28.59 -9.96
CA CYS A 142 -7.49 -28.79 -11.34
C CYS A 142 -6.07 -28.32 -11.64
N LYS A 143 -5.40 -27.68 -10.69
CA LYS A 143 -4.04 -27.22 -10.94
C LYS A 143 -3.03 -28.37 -10.88
N THR A 144 -3.42 -29.54 -10.40
CA THR A 144 -2.53 -30.69 -10.34
C THR A 144 -2.79 -31.70 -11.46
N LYS A 145 -3.83 -31.50 -12.26
CA LYS A 145 -4.14 -32.42 -13.36
C LYS A 145 -3.19 -32.18 -14.53
N MET A 146 -2.00 -32.78 -14.47
CA MET A 146 -0.97 -32.46 -15.45
C MET A 146 -1.38 -32.86 -16.86
N VAL A 147 -2.29 -33.82 -17.00
CA VAL A 147 -2.69 -34.35 -18.30
C VAL A 147 -4.19 -34.27 -18.44
N CYS A 148 -4.65 -33.72 -19.56
CA CYS A 148 -6.07 -33.73 -19.90
C CYS A 148 -6.46 -35.10 -20.43
N GLU A 149 -7.51 -35.67 -19.88
CA GLU A 149 -7.97 -36.99 -20.27
C GLU A 149 -8.88 -36.88 -21.50
N ALA A 150 -8.54 -37.63 -22.55
CA ALA A 150 -9.46 -37.81 -23.66
C ALA A 150 -10.56 -38.82 -23.35
N ASP A 151 -10.36 -39.67 -22.34
CA ASP A 151 -11.31 -40.68 -21.94
C ASP A 151 -11.67 -40.49 -20.47
N ALA A 152 -12.77 -41.10 -20.05
CA ALA A 152 -13.21 -40.97 -18.67
C ALA A 152 -12.13 -41.51 -17.73
N PRO A 153 -11.95 -40.90 -16.55
CA PRO A 153 -10.91 -41.40 -15.63
C PRO A 153 -11.11 -42.86 -15.22
N VAL A 163 -15.23 -45.22 -22.65
CA VAL A 163 -16.00 -44.08 -22.18
C VAL A 163 -15.24 -42.80 -22.49
N SER A 164 -15.45 -42.24 -23.67
CA SER A 164 -14.78 -41.03 -24.12
C SER A 164 -15.54 -39.82 -23.61
N ARG A 165 -14.83 -38.88 -23.01
CA ARG A 165 -15.42 -37.64 -22.51
C ARG A 165 -15.36 -36.53 -23.54
N GLY A 166 -14.89 -36.81 -24.75
CA GLY A 166 -14.71 -35.79 -25.75
C GLY A 166 -13.45 -34.97 -25.60
N GLY A 167 -12.49 -35.43 -24.80
CA GLY A 167 -11.29 -34.66 -24.54
C GLY A 167 -10.26 -34.80 -25.65
N CYS A 168 -9.09 -34.22 -25.38
CA CYS A 168 -7.97 -34.28 -26.32
C CYS A 168 -6.93 -35.32 -25.95
N GLY A 169 -6.68 -35.52 -24.66
CA GLY A 169 -5.74 -36.52 -24.20
C GLY A 169 -4.31 -36.03 -24.10
N ASN A 170 -3.98 -34.90 -24.71
CA ASN A 170 -2.62 -34.36 -24.62
C ASN A 170 -2.36 -33.80 -23.23
N THR A 171 -1.10 -33.90 -22.79
CA THR A 171 -0.73 -33.35 -21.50
C THR A 171 -0.92 -31.84 -21.49
N GLN A 172 -1.56 -31.35 -20.43
CA GLN A 172 -1.81 -29.92 -20.29
C GLN A 172 -0.51 -29.20 -19.96
N PRO A 173 -0.20 -28.09 -20.64
CA PRO A 173 1.07 -27.41 -20.36
C PRO A 173 1.04 -26.71 -19.01
N VAL A 174 2.23 -26.44 -18.49
CA VAL A 174 2.39 -25.62 -17.30
C VAL A 174 2.53 -24.18 -17.75
N VAL A 175 1.54 -23.35 -17.42
CA VAL A 175 1.51 -21.95 -17.84
C VAL A 175 2.16 -21.11 -16.76
N ARG A 176 3.20 -20.37 -17.14
CA ARG A 176 3.91 -19.49 -16.23
C ARG A 176 3.87 -18.08 -16.80
N LYS A 177 3.71 -17.10 -15.90
CA LYS A 177 3.49 -15.72 -16.31
C LYS A 177 4.82 -15.06 -16.66
N ASP A 178 4.96 -14.68 -17.93
CA ASP A 178 6.11 -13.90 -18.41
C ASP A 178 5.66 -12.45 -18.51
N GLY A 179 5.46 -11.82 -17.36
CA GLY A 179 5.05 -10.44 -17.34
C GLY A 179 3.81 -10.22 -18.18
N MET A 180 3.98 -9.53 -19.30
CA MET A 180 2.89 -9.12 -20.17
C MET A 180 2.37 -10.23 -21.06
N LYS A 181 3.04 -11.38 -21.10
CA LYS A 181 2.69 -12.48 -21.99
C LYS A 181 2.55 -13.77 -21.20
N LEU A 182 2.12 -14.82 -21.89
CA LEU A 182 1.87 -16.12 -21.26
C LEU A 182 2.52 -17.23 -22.07
N TRP A 183 3.33 -18.05 -21.40
CA TRP A 183 4.03 -19.17 -22.01
C TRP A 183 3.53 -20.46 -21.40
N GLY A 184 3.18 -21.42 -22.25
CA GLY A 184 2.79 -22.75 -21.80
C GLY A 184 3.82 -23.80 -22.17
N THR A 185 4.42 -24.45 -21.18
CA THR A 185 5.49 -25.42 -21.42
C THR A 185 4.90 -26.83 -21.40
N TRP A 186 4.60 -27.34 -22.59
CA TRP A 186 4.06 -28.69 -22.72
C TRP A 186 5.14 -29.72 -22.41
N LYS A 187 4.72 -30.89 -21.92
CA LYS A 187 5.59 -32.05 -21.84
C LYS A 187 5.03 -33.09 -22.82
N LYS A 188 5.44 -32.99 -24.08
CA LYS A 188 4.99 -33.94 -25.08
C LYS A 188 5.34 -35.36 -24.68
N SER A 189 4.54 -36.31 -25.16
CA SER A 189 4.76 -37.71 -24.84
C SER A 189 6.04 -38.22 -25.50
N ARG A 194 10.06 -41.70 -21.82
CA ARG A 194 10.21 -41.16 -20.47
C ARG A 194 10.11 -39.64 -20.50
N ASP A 195 10.98 -39.00 -21.28
CA ASP A 195 10.98 -37.54 -21.41
C ASP A 195 11.08 -37.17 -22.89
N ALA A 196 10.37 -36.12 -23.27
CA ALA A 196 10.47 -35.53 -24.60
C ALA A 196 10.92 -34.08 -24.48
N GLN A 197 11.32 -33.52 -25.62
CA GLN A 197 11.77 -32.15 -25.65
C GLN A 197 10.60 -31.21 -25.39
N PRO A 198 10.62 -30.40 -24.33
CA PRO A 198 9.49 -29.52 -24.03
C PRO A 198 9.52 -28.27 -24.90
N GLU A 199 8.55 -28.16 -25.82
CA GLU A 199 8.46 -27.04 -26.74
C GLU A 199 7.33 -26.11 -26.30
N ARG A 200 7.69 -25.12 -25.49
CA ARG A 200 6.72 -24.10 -25.08
C ARG A 200 6.49 -23.11 -26.20
N LYS A 201 5.38 -22.38 -26.13
CA LYS A 201 5.07 -21.35 -27.11
C LYS A 201 4.19 -20.28 -26.47
N LEU A 202 4.10 -19.15 -27.15
CA LEU A 202 3.28 -18.04 -26.67
C LEU A 202 1.80 -18.36 -26.83
N LEU A 203 1.07 -18.33 -25.72
CA LEU A 203 -0.38 -18.58 -25.76
C LEU A 203 -1.02 -17.36 -26.39
N THR A 204 -1.04 -17.35 -27.71
CA THR A 204 -1.45 -16.15 -28.44
C THR A 204 -2.91 -15.83 -28.14
N PRO A 205 -3.27 -14.54 -28.13
CA PRO A 205 -4.65 -14.18 -27.77
C PRO A 205 -5.70 -14.87 -28.60
N GLY A 206 -5.53 -14.95 -29.92
CA GLY A 206 -6.54 -15.59 -30.75
C GLY A 206 -6.72 -17.06 -30.40
N GLU A 207 -5.61 -17.74 -30.10
CA GLU A 207 -5.68 -19.12 -29.66
C GLU A 207 -6.60 -19.26 -28.45
N ILE A 208 -6.36 -18.45 -27.42
CA ILE A 208 -7.17 -18.55 -26.21
C ILE A 208 -8.62 -18.21 -26.53
N LEU A 209 -8.83 -17.15 -27.32
CA LEU A 209 -10.19 -16.74 -27.66
C LEU A 209 -10.96 -17.88 -28.30
N ASN A 210 -10.36 -18.53 -29.29
CA ASN A 210 -11.03 -19.66 -29.92
C ASN A 210 -11.24 -20.79 -28.92
N VAL A 211 -10.26 -21.02 -28.04
CA VAL A 211 -10.44 -22.05 -27.02
C VAL A 211 -11.62 -21.73 -26.13
N PHE A 212 -11.71 -20.47 -25.68
CA PHE A 212 -12.83 -20.09 -24.82
C PHE A 212 -14.15 -20.07 -25.56
N LYS A 213 -14.13 -19.78 -26.87
CA LYS A 213 -15.37 -19.57 -27.61
C LYS A 213 -16.31 -20.76 -27.51
N HIS A 214 -15.80 -21.98 -27.40
CA HIS A 214 -16.62 -23.17 -27.40
C HIS A 214 -16.91 -23.70 -26.00
N ILE A 215 -16.44 -23.01 -24.96
CA ILE A 215 -16.62 -23.50 -23.60
C ILE A 215 -18.11 -23.68 -23.33
N SER A 216 -18.45 -24.74 -22.60
CA SER A 216 -19.85 -25.05 -22.37
C SER A 216 -20.46 -24.11 -21.34
N PRO A 217 -21.76 -23.83 -21.42
CA PRO A 217 -22.43 -23.17 -20.28
C PRO A 217 -22.27 -23.97 -19.01
N GLU A 218 -22.20 -25.30 -19.14
CA GLU A 218 -21.94 -26.16 -17.99
C GLU A 218 -20.68 -25.73 -17.26
N ASP A 219 -19.53 -25.82 -17.93
CA ASP A 219 -18.28 -25.41 -17.30
C ASP A 219 -18.31 -23.93 -16.94
N CYS A 220 -18.89 -23.09 -17.80
CA CYS A 220 -18.99 -21.67 -17.50
C CYS A 220 -19.53 -21.45 -16.10
N PHE A 221 -20.77 -21.90 -15.85
CA PHE A 221 -21.34 -21.71 -14.53
C PHE A 221 -20.52 -22.43 -13.47
N ARG A 222 -20.08 -23.66 -13.77
CA ARG A 222 -19.25 -24.38 -12.82
C ARG A 222 -17.93 -23.67 -12.59
N LEU A 223 -17.50 -22.82 -13.51
CA LEU A 223 -16.28 -22.06 -13.35
C LEU A 223 -16.52 -20.72 -12.65
N GLY A 224 -17.75 -20.48 -12.20
CA GLY A 224 -18.06 -19.24 -11.51
C GLY A 224 -18.50 -18.11 -12.42
N PHE A 225 -18.42 -18.29 -13.73
CA PHE A 225 -18.76 -17.26 -14.68
C PHE A 225 -20.27 -17.22 -14.86
N ASN A 226 -20.75 -16.50 -15.87
CA ASN A 226 -22.19 -16.41 -16.11
C ASN A 226 -22.41 -16.24 -17.61
N GLU A 227 -23.23 -17.12 -18.19
CA GLU A 227 -23.42 -17.10 -19.63
C GLU A 227 -24.08 -15.81 -20.10
N ASP A 228 -24.94 -15.22 -19.28
CA ASP A 228 -25.64 -14.03 -19.72
C ASP A 228 -24.72 -12.82 -19.76
N TYR A 229 -23.86 -12.67 -18.75
CA TYR A 229 -23.06 -11.45 -18.59
C TYR A 229 -21.57 -11.71 -18.61
N ALA A 230 -21.08 -12.67 -17.85
CA ALA A 230 -19.64 -12.92 -17.74
C ALA A 230 -19.29 -14.15 -18.56
N ARG A 231 -19.09 -13.95 -19.85
CA ARG A 231 -18.68 -15.03 -20.73
C ARG A 231 -17.18 -14.95 -20.94
N PRO A 232 -16.43 -16.00 -20.56
CA PRO A 232 -14.99 -15.81 -20.31
C PRO A 232 -14.23 -15.20 -21.47
N GLU A 233 -14.53 -15.58 -22.71
CA GLU A 233 -13.76 -15.09 -23.83
C GLU A 233 -13.76 -13.58 -23.95
N TRP A 234 -14.80 -12.90 -23.47
CA TRP A 234 -14.82 -11.44 -23.55
C TRP A 234 -13.71 -10.81 -22.74
N MET A 235 -13.11 -11.55 -21.82
CA MET A 235 -11.92 -11.08 -21.10
C MET A 235 -10.72 -10.91 -22.02
N ILE A 236 -10.86 -11.20 -23.32
CA ILE A 236 -9.84 -10.91 -24.31
C ILE A 236 -10.33 -9.77 -25.17
N ILE A 237 -9.49 -8.77 -25.36
CA ILE A 237 -9.90 -7.52 -25.99
C ILE A 237 -9.93 -7.73 -27.50
N THR A 238 -11.11 -7.55 -28.09
CA THR A 238 -11.29 -7.57 -29.53
C THR A 238 -11.71 -6.23 -30.10
N VAL A 239 -12.82 -5.68 -29.61
CA VAL A 239 -13.30 -4.36 -30.01
C VAL A 239 -13.15 -3.44 -28.81
N LEU A 240 -12.54 -2.28 -29.03
CA LEU A 240 -12.23 -1.35 -27.96
C LEU A 240 -13.09 -0.11 -28.08
N PRO A 241 -14.12 0.07 -27.24
CA PRO A 241 -14.94 1.27 -27.36
C PRO A 241 -14.13 2.52 -27.06
N VAL A 242 -14.51 3.62 -27.68
CA VAL A 242 -13.81 4.89 -27.51
C VAL A 242 -14.78 5.86 -26.83
N PRO A 243 -14.41 6.43 -25.68
CA PRO A 243 -15.34 7.34 -25.01
C PRO A 243 -15.38 8.68 -25.72
N PRO A 244 -16.53 9.34 -25.74
CA PRO A 244 -16.61 10.64 -26.38
C PRO A 244 -15.65 11.62 -25.72
N PRO A 245 -15.47 12.82 -26.29
CA PRO A 245 -14.56 13.78 -25.67
C PRO A 245 -14.96 14.16 -24.26
N GLN A 246 -16.25 14.07 -23.93
CA GLN A 246 -16.70 14.38 -22.59
C GLN A 246 -15.77 13.79 -21.54
N VAL A 247 -15.30 12.57 -21.76
CA VAL A 247 -14.45 11.92 -20.77
C VAL A 247 -13.00 12.33 -20.95
N ARG A 248 -12.64 12.90 -22.09
CA ARG A 248 -11.26 13.28 -22.37
C ARG A 248 -11.22 14.68 -22.98
N PRO A 249 -11.64 15.68 -22.22
CA PRO A 249 -11.59 17.05 -22.73
C PRO A 249 -10.15 17.56 -22.82
N SER A 250 -9.95 18.54 -23.69
CA SER A 250 -8.64 19.11 -23.93
C SER A 250 -8.42 20.32 -23.04
N ILE A 251 -7.16 20.61 -22.74
CA ILE A 251 -6.79 21.70 -21.83
C ILE A 251 -6.26 22.87 -22.64
N ALA A 252 -6.97 23.99 -22.57
CA ALA A 252 -6.55 25.23 -23.23
C ALA A 252 -5.44 25.85 -22.39
N MET A 253 -4.18 25.58 -22.77
CA MET A 253 -3.06 26.04 -21.95
C MET A 253 -3.13 27.55 -21.73
N ASP A 254 -3.21 28.32 -22.81
CA ASP A 254 -3.39 29.77 -22.73
C ASP A 254 -4.48 30.16 -23.70
N GLU A 255 -5.73 30.07 -23.25
CA GLU A 255 -6.88 30.51 -24.04
C GLU A 255 -6.81 29.96 -25.46
N THR A 256 -6.34 30.78 -26.41
CA THR A 256 -6.32 30.35 -27.80
C THR A 256 -5.45 29.12 -28.03
N THR A 257 -4.45 28.88 -27.17
CA THR A 257 -3.60 27.71 -27.30
C THR A 257 -4.27 26.51 -26.65
N GLN A 258 -4.49 25.45 -27.43
CA GLN A 258 -5.20 24.28 -26.98
C GLN A 258 -4.29 23.06 -27.06
N GLY A 259 -4.20 22.31 -25.96
CA GLY A 259 -3.39 21.12 -25.87
C GLY A 259 -4.26 19.89 -25.73
N GLN A 260 -3.79 18.78 -26.28
CA GLN A 260 -4.61 17.58 -26.37
C GLN A 260 -4.50 16.73 -25.11
N ASP A 261 -5.63 16.18 -24.68
CA ASP A 261 -5.65 15.27 -23.55
C ASP A 261 -4.76 14.05 -23.82
N ASP A 262 -4.03 13.63 -22.79
CA ASP A 262 -3.14 12.49 -22.94
C ASP A 262 -3.92 11.24 -23.30
N LEU A 263 -5.13 11.12 -22.79
CA LEU A 263 -5.96 9.97 -23.18
C LEU A 263 -6.25 9.98 -24.67
N THR A 264 -6.54 11.16 -25.22
CA THR A 264 -6.74 11.24 -26.67
C THR A 264 -5.48 10.84 -27.41
N HIS A 265 -4.31 11.25 -26.91
CA HIS A 265 -3.06 10.85 -27.54
C HIS A 265 -2.90 9.33 -27.52
N LYS A 266 -3.21 8.70 -26.39
CA LYS A 266 -3.06 7.26 -26.29
C LYS A 266 -4.04 6.55 -27.24
N LEU A 267 -5.26 7.07 -27.33
CA LEU A 267 -6.22 6.51 -28.27
C LEU A 267 -5.71 6.61 -29.70
N SER A 268 -5.18 7.78 -30.07
CA SER A 268 -4.66 7.95 -31.41
C SER A 268 -3.49 7.00 -31.67
N ASP A 269 -2.62 6.82 -30.69
CA ASP A 269 -1.47 5.94 -30.87
C ASP A 269 -1.91 4.49 -31.01
N ILE A 270 -2.94 4.08 -30.25
CA ILE A 270 -3.49 2.74 -30.45
C ILE A 270 -4.05 2.61 -31.86
N LEU A 271 -4.75 3.65 -32.35
CA LEU A 271 -5.26 3.57 -33.72
C LEU A 271 -4.13 3.46 -34.72
N LYS A 272 -3.04 4.18 -34.50
CA LYS A 272 -1.90 4.09 -35.40
C LYS A 272 -1.30 2.69 -35.39
N ALA A 273 -1.09 2.13 -34.20
CA ALA A 273 -0.52 0.79 -34.12
C ALA A 273 -1.44 -0.23 -34.78
N ASN A 274 -2.75 -0.06 -34.59
CA ASN A 274 -3.70 -0.95 -35.26
C ASN A 274 -3.59 -0.85 -36.76
N ILE A 275 -3.57 0.38 -37.30
CA ILE A 275 -3.47 0.56 -38.74
C ILE A 275 -2.20 -0.06 -39.26
N ASN A 276 -1.09 0.13 -38.56
CA ASN A 276 0.16 -0.49 -38.97
C ASN A 276 0.05 -2.01 -38.96
N VAL A 277 -0.53 -2.58 -37.90
CA VAL A 277 -0.69 -4.02 -37.83
C VAL A 277 -1.53 -4.52 -38.99
N GLN A 278 -2.46 -3.68 -39.48
CA GLN A 278 -3.19 -4.03 -40.71
C GLN A 278 -2.27 -4.13 -41.92
N LYS A 279 -1.29 -3.24 -42.04
CA LYS A 279 -0.49 -3.13 -43.24
C LYS A 279 0.83 -3.87 -43.14
N LEU A 280 0.84 -5.01 -42.45
CA LEU A 280 1.99 -5.91 -42.44
C LEU A 280 1.73 -7.13 -43.31
N GLU A 281 0.52 -7.69 -43.23
CA GLU A 281 0.20 -8.88 -43.99
C GLU A 281 0.08 -8.62 -45.49
N MET A 282 -0.20 -7.38 -45.89
CA MET A 282 -0.23 -7.07 -47.31
C MET A 282 1.15 -6.74 -47.87
N ASP A 283 2.21 -6.82 -47.08
CA ASP A 283 3.56 -6.67 -47.61
C ASP A 283 4.45 -7.71 -46.92
N GLY A 284 5.76 -7.60 -47.16
CA GLY A 284 6.71 -8.47 -46.52
C GLY A 284 6.55 -8.42 -45.01
N SER A 285 6.31 -9.58 -44.41
CA SER A 285 6.03 -9.69 -42.99
C SER A 285 6.87 -10.84 -42.44
N PRO A 286 8.17 -10.64 -42.31
CA PRO A 286 9.09 -11.72 -41.91
C PRO A 286 8.97 -12.13 -40.45
N GLN A 287 7.74 -12.45 -40.03
CA GLN A 287 7.50 -13.04 -38.72
C GLN A 287 7.94 -12.12 -37.60
N HIS A 288 9.26 -11.91 -37.49
CA HIS A 288 9.81 -11.11 -36.41
C HIS A 288 9.15 -9.74 -36.34
N ILE A 289 8.96 -9.10 -37.50
CA ILE A 289 8.33 -7.79 -37.52
C ILE A 289 6.90 -7.87 -37.02
N ILE A 290 6.15 -8.88 -37.45
CA ILE A 290 4.76 -9.00 -36.99
C ILE A 290 4.72 -9.16 -35.48
N ASN A 291 5.58 -10.03 -34.93
CA ASN A 291 5.57 -10.22 -33.49
C ASN A 291 5.90 -8.93 -32.76
N GLU A 292 6.92 -8.21 -33.22
CA GLU A 292 7.30 -6.98 -32.54
C GLU A 292 6.17 -5.95 -32.60
N VAL A 293 5.54 -5.80 -33.77
CA VAL A 293 4.46 -4.84 -33.91
C VAL A 293 3.27 -5.23 -33.05
N GLU A 294 2.96 -6.53 -33.00
CA GLU A 294 1.88 -6.99 -32.14
C GLU A 294 2.16 -6.65 -30.69
N GLN A 295 3.38 -6.91 -30.24
CA GLN A 295 3.73 -6.58 -28.86
C GLN A 295 3.59 -5.09 -28.62
N LEU A 296 3.97 -4.27 -29.61
CA LEU A 296 3.83 -2.83 -29.45
C LEU A 296 2.37 -2.42 -29.31
N LEU A 297 1.50 -2.99 -30.14
CA LEU A 297 0.08 -2.66 -30.03
C LEU A 297 -0.48 -3.09 -28.69
N GLN A 298 -0.09 -4.26 -28.21
CA GLN A 298 -0.53 -4.70 -26.89
C GLN A 298 0.00 -3.74 -25.82
N PHE A 299 1.23 -3.26 -25.98
CA PHE A 299 1.80 -2.34 -25.01
C PHE A 299 1.00 -1.04 -24.96
N HIS A 300 0.67 -0.49 -26.12
CA HIS A 300 -0.19 0.68 -26.17
C HIS A 300 -1.52 0.42 -25.46
N VAL A 301 -2.22 -0.64 -25.86
CA VAL A 301 -3.55 -0.85 -25.29
C VAL A 301 -3.46 -1.12 -23.80
N ALA A 302 -2.34 -1.66 -23.32
CA ALA A 302 -2.18 -1.91 -21.89
C ALA A 302 -1.95 -0.61 -21.14
N THR A 303 -0.87 0.09 -21.46
CA THR A 303 -0.60 1.36 -20.78
C THR A 303 -1.77 2.32 -20.91
N TYR A 304 -2.56 2.19 -21.98
CA TYR A 304 -3.79 2.96 -22.11
C TYR A 304 -4.77 2.64 -21.00
N MET A 305 -4.66 1.47 -20.39
CA MET A 305 -5.59 1.06 -19.34
C MET A 305 -4.91 0.85 -18.00
N ASP A 306 -3.58 0.81 -17.94
CA ASP A 306 -2.88 0.85 -16.65
C ASP A 306 -1.42 1.17 -16.95
N ASN A 307 -0.97 2.35 -16.51
CA ASN A 307 0.42 2.76 -16.71
C ASN A 307 1.35 2.35 -15.58
N ASP A 308 0.85 1.65 -14.58
CA ASP A 308 1.65 1.22 -13.43
C ASP A 308 1.78 -0.29 -13.37
N ILE A 309 1.94 -0.93 -14.53
CA ILE A 309 2.10 -2.37 -14.57
C ILE A 309 3.45 -2.73 -13.95
N ALA A 310 3.42 -3.60 -12.95
CA ALA A 310 4.62 -3.89 -12.18
C ALA A 310 5.68 -4.53 -13.06
N GLY A 311 6.95 -4.21 -12.78
CA GLY A 311 8.09 -4.90 -13.35
C GLY A 311 8.60 -4.31 -14.65
N GLN A 312 7.80 -3.52 -15.34
CA GLN A 312 8.18 -3.00 -16.66
C GLN A 312 8.08 -1.49 -16.68
N PRO A 313 8.86 -0.83 -17.53
CA PRO A 313 8.87 0.63 -17.54
C PRO A 313 7.54 1.21 -17.99
N GLN A 314 7.27 2.43 -17.55
CA GLN A 314 6.02 3.11 -17.81
C GLN A 314 6.07 3.85 -19.14
N ALA A 315 4.91 4.30 -19.59
CA ALA A 315 4.80 5.12 -20.80
C ALA A 315 4.74 6.60 -20.43
N LEU A 316 5.26 7.43 -21.32
CA LEU A 316 5.41 8.86 -21.07
C LEU A 316 4.80 9.67 -22.20
N GLN A 317 4.78 10.99 -22.02
CA GLN A 317 4.46 11.91 -23.10
C GLN A 317 5.77 12.43 -23.68
N LYS A 318 5.67 13.36 -24.64
CA LYS A 318 6.86 14.03 -25.12
C LYS A 318 7.54 14.80 -24.00
N SER A 319 6.79 15.11 -22.93
CA SER A 319 7.34 15.77 -21.77
C SER A 319 8.06 14.79 -20.83
N GLY A 320 7.93 13.49 -21.04
CA GLY A 320 8.56 12.50 -20.20
C GLY A 320 7.76 12.12 -18.98
N ARG A 321 6.71 12.85 -18.65
CA ARG A 321 5.90 12.53 -17.47
C ARG A 321 5.07 11.28 -17.74
N PRO A 322 4.89 10.40 -16.76
CA PRO A 322 4.08 9.20 -16.99
C PRO A 322 2.66 9.52 -17.40
N VAL A 323 2.10 8.65 -18.25
CA VAL A 323 0.76 8.85 -18.80
C VAL A 323 -0.29 8.74 -17.71
N LYS A 324 -1.51 9.17 -18.04
CA LYS A 324 -2.68 9.08 -17.15
C LYS A 324 -3.61 7.99 -17.66
N ALA A 325 -3.38 6.76 -17.21
CA ALA A 325 -4.31 5.68 -17.50
C ALA A 325 -5.52 5.77 -16.57
N ILE A 326 -6.62 5.18 -17.02
CA ILE A 326 -7.87 5.27 -16.26
C ILE A 326 -7.71 4.69 -14.87
N ARG A 327 -6.84 3.69 -14.70
CA ARG A 327 -6.61 3.15 -13.36
C ARG A 327 -6.15 4.25 -12.42
N ALA A 328 -5.25 5.12 -12.89
CA ALA A 328 -4.88 6.28 -12.09
C ALA A 328 -6.09 7.19 -11.88
N ARG A 329 -6.89 7.38 -12.92
CA ARG A 329 -8.06 8.25 -12.79
C ARG A 329 -8.99 7.79 -11.69
N LEU A 330 -8.98 6.49 -11.38
CA LEU A 330 -9.92 5.96 -10.40
C LEU A 330 -9.27 5.67 -9.05
N LYS A 331 -7.98 5.35 -9.00
CA LYS A 331 -7.33 5.00 -7.75
C LYS A 331 -6.78 6.23 -7.06
N GLY A 332 -6.19 6.00 -5.89
CA GLY A 332 -5.56 7.06 -5.14
C GLY A 332 -6.56 7.98 -4.47
N LYS A 333 -6.02 8.86 -3.63
CA LYS A 333 -6.86 9.81 -2.92
C LYS A 333 -7.71 10.63 -3.88
N GLU A 334 -7.18 10.95 -5.06
CA GLU A 334 -7.86 11.81 -6.00
C GLU A 334 -8.62 11.04 -7.07
N GLY A 335 -8.70 9.73 -6.95
CA GLY A 335 -9.55 8.96 -7.84
C GLY A 335 -10.95 9.51 -7.84
N ARG A 336 -11.78 8.98 -8.74
CA ARG A 336 -13.16 9.46 -8.82
C ARG A 336 -13.87 9.24 -7.50
N LEU A 337 -13.69 8.08 -6.88
CA LEU A 337 -14.39 7.81 -5.63
C LEU A 337 -13.99 8.82 -4.56
N ARG A 338 -12.76 8.70 -4.06
CA ARG A 338 -12.32 9.56 -2.97
C ARG A 338 -12.11 11.00 -3.41
N GLY A 339 -12.09 11.26 -4.72
CA GLY A 339 -11.86 12.60 -5.20
C GLY A 339 -13.14 13.39 -5.41
N ASN A 340 -14.14 12.77 -6.02
CA ASN A 340 -15.35 13.50 -6.39
C ASN A 340 -16.64 12.73 -6.17
N LEU A 341 -16.63 11.61 -5.45
CA LEU A 341 -17.87 10.91 -5.15
C LEU A 341 -18.10 10.77 -3.65
N MET A 342 -17.12 10.25 -2.90
CA MET A 342 -17.25 10.27 -1.44
C MET A 342 -17.26 11.69 -0.94
N GLY A 343 -16.47 12.56 -1.57
CA GLY A 343 -16.46 13.96 -1.22
C GLY A 343 -16.34 14.79 -2.49
N LYS A 344 -16.80 16.04 -2.38
CA LYS A 344 -16.80 16.93 -3.52
C LYS A 344 -16.86 18.36 -3.02
N ARG A 345 -16.43 19.28 -3.88
CA ARG A 345 -16.56 20.69 -3.57
C ARG A 345 -18.01 21.10 -3.77
N VAL A 346 -18.57 21.79 -2.79
CA VAL A 346 -20.00 22.02 -2.74
C VAL A 346 -20.28 23.51 -2.79
N ASP A 347 -21.57 23.83 -2.90
CA ASP A 347 -22.03 25.20 -3.10
C ASP A 347 -22.51 25.80 -1.79
N PHE A 348 -22.90 27.07 -1.84
CA PHE A 348 -23.51 27.74 -0.72
C PHE A 348 -22.69 27.52 0.55
N SER A 349 -21.41 27.83 0.49
CA SER A 349 -20.51 27.67 1.61
C SER A 349 -19.79 28.98 1.87
N ALA A 350 -18.94 28.98 2.89
CA ALA A 350 -18.13 30.13 3.22
C ALA A 350 -17.16 29.75 4.32
N ARG A 351 -16.03 30.44 4.35
CA ARG A 351 -14.95 30.12 5.26
C ARG A 351 -14.47 31.43 5.87
N THR A 352 -13.89 31.35 7.06
CA THR A 352 -13.38 32.57 7.70
C THR A 352 -12.64 32.21 8.98
N VAL A 353 -12.14 33.25 9.65
CA VAL A 353 -11.54 33.09 10.96
C VAL A 353 -12.64 33.12 12.03
N ILE A 354 -12.30 32.68 13.23
CA ILE A 354 -13.22 32.68 14.34
C ILE A 354 -12.67 33.53 15.48
N SER A 355 -13.57 33.99 16.35
CA SER A 355 -13.19 34.89 17.43
C SER A 355 -14.21 34.74 18.55
N GLY A 356 -13.76 35.06 19.77
CA GLY A 356 -14.61 34.91 20.93
C GLY A 356 -15.79 35.86 20.91
N ASP A 357 -16.80 35.53 21.73
CA ASP A 357 -17.99 36.36 21.85
C ASP A 357 -18.73 36.00 23.13
N PRO A 358 -18.31 36.50 24.30
CA PRO A 358 -19.04 36.15 25.52
C PRO A 358 -20.50 36.55 25.49
N ASN A 359 -20.89 37.45 24.60
CA ASN A 359 -22.22 38.03 24.64
C ASN A 359 -23.18 37.41 23.64
N LEU A 360 -22.85 36.27 23.05
CA LEU A 360 -23.76 35.57 22.15
C LEU A 360 -24.33 34.34 22.82
N GLU A 361 -25.46 33.88 22.32
CA GLU A 361 -26.06 32.66 22.84
C GLU A 361 -25.15 31.47 22.56
N LEU A 362 -25.58 30.31 23.03
CA LEU A 362 -24.82 29.09 22.77
C LEU A 362 -25.01 28.63 21.34
N ASP A 363 -26.23 28.71 20.81
CA ASP A 363 -26.54 28.20 19.50
C ASP A 363 -26.46 29.25 18.40
N GLN A 364 -25.81 30.38 18.67
CA GLN A 364 -25.69 31.45 17.70
C GLN A 364 -24.22 31.68 17.33
N VAL A 365 -24.02 32.39 16.23
CA VAL A 365 -22.69 32.54 15.65
C VAL A 365 -22.64 33.84 14.85
N GLY A 366 -21.59 34.61 15.09
CA GLY A 366 -21.38 35.81 14.30
C GLY A 366 -21.22 35.48 12.83
N VAL A 367 -21.96 36.19 12.00
CA VAL A 367 -21.94 35.96 10.55
C VAL A 367 -21.71 37.29 9.84
N PRO A 368 -20.50 37.57 9.37
CA PRO A 368 -20.27 38.84 8.67
C PRO A 368 -21.35 39.13 7.64
N ILE A 369 -21.65 40.41 7.50
CA ILE A 369 -22.77 40.84 6.65
C ILE A 369 -22.53 40.41 5.21
N SER A 370 -21.30 40.53 4.73
CA SER A 370 -21.04 40.27 3.33
C SER A 370 -21.48 38.86 2.93
N ILE A 371 -21.23 37.88 3.79
CA ILE A 371 -21.60 36.51 3.47
C ILE A 371 -23.12 36.38 3.38
N ALA A 372 -23.84 36.86 4.38
CA ALA A 372 -25.29 36.80 4.33
C ALA A 372 -25.82 37.51 3.10
N LYS A 373 -25.09 38.51 2.63
CA LYS A 373 -25.47 39.15 1.36
C LYS A 373 -25.15 38.25 0.17
N THR A 374 -24.11 37.44 0.27
CA THR A 374 -23.67 36.60 -0.84
C THR A 374 -24.53 35.34 -0.95
N LEU A 375 -24.46 34.48 0.06
CA LEU A 375 -25.33 33.31 0.07
C LEU A 375 -26.78 33.74 -0.02
N SER A 376 -27.65 32.79 -0.33
CA SER A 376 -29.08 33.06 -0.38
C SER A 376 -29.82 31.74 -0.32
N TYR A 377 -31.11 31.82 -0.01
CA TYR A 377 -31.92 30.63 0.25
C TYR A 377 -33.24 30.79 -0.48
N PRO A 378 -33.63 29.86 -1.35
CA PRO A 378 -34.92 29.99 -2.03
C PRO A 378 -36.06 29.96 -1.03
N GLU A 379 -37.15 30.61 -1.37
CA GLU A 379 -38.29 30.76 -0.49
C GLU A 379 -39.56 30.78 -1.33
N THR A 380 -40.40 29.77 -1.17
CA THR A 380 -41.63 29.71 -1.93
C THR A 380 -42.55 30.86 -1.54
N VAL A 381 -43.46 31.22 -2.43
CA VAL A 381 -44.33 32.36 -2.22
C VAL A 381 -45.65 31.88 -1.63
N THR A 382 -45.97 32.35 -0.44
CA THR A 382 -47.23 32.08 0.22
C THR A 382 -47.91 33.40 0.58
N GLN A 383 -49.13 33.30 1.09
CA GLN A 383 -49.84 34.46 1.57
C GLN A 383 -49.24 35.01 2.86
N TYR A 384 -48.45 34.21 3.58
CA TYR A 384 -47.93 34.61 4.88
C TYR A 384 -46.68 35.47 4.79
N ASN A 385 -46.06 35.57 3.63
CA ASN A 385 -44.80 36.30 3.51
C ASN A 385 -44.78 37.20 2.28
N ILE A 386 -45.92 37.35 1.59
CA ILE A 386 -45.93 38.09 0.34
C ILE A 386 -45.35 39.48 0.54
N HIS A 387 -45.80 40.18 1.57
CA HIS A 387 -45.30 41.52 1.84
C HIS A 387 -43.81 41.51 2.14
N ARG A 388 -43.39 40.61 3.04
CA ARG A 388 -41.99 40.60 3.45
C ARG A 388 -41.09 40.26 2.26
N LEU A 389 -41.54 39.34 1.41
CA LEU A 389 -40.76 38.98 0.24
C LEU A 389 -40.70 40.14 -0.74
N THR A 390 -41.80 40.86 -0.91
CA THR A 390 -41.76 42.05 -1.77
C THR A 390 -40.77 43.07 -1.23
N GLU A 391 -40.74 43.25 0.10
CA GLU A 391 -39.77 44.15 0.69
C GLU A 391 -38.35 43.69 0.38
N TYR A 392 -38.04 42.43 0.62
CA TYR A 392 -36.72 41.91 0.31
C TYR A 392 -36.38 42.12 -1.16
N VAL A 393 -37.38 42.00 -2.02
CA VAL A 393 -37.17 42.25 -3.44
C VAL A 393 -36.75 43.69 -3.67
N ARG A 394 -37.50 44.63 -3.09
CA ARG A 394 -37.24 46.03 -3.34
C ARG A 394 -35.96 46.49 -2.65
N ASN A 395 -35.46 45.71 -1.70
CA ASN A 395 -34.21 46.05 -1.04
C ASN A 395 -33.02 45.99 -1.99
N GLY A 396 -33.16 45.30 -3.11
CA GLY A 396 -32.06 45.13 -4.03
C GLY A 396 -31.03 44.16 -3.47
N PRO A 397 -30.30 43.50 -4.35
CA PRO A 397 -29.38 42.44 -3.90
C PRO A 397 -28.17 42.98 -3.16
N ASN A 398 -27.90 44.28 -3.27
CA ASN A 398 -26.75 44.88 -2.62
C ASN A 398 -27.08 45.46 -1.26
N GLU A 399 -28.27 45.20 -0.75
CA GLU A 399 -28.72 45.75 0.52
C GLU A 399 -29.20 44.61 1.42
N HIS A 400 -28.66 44.54 2.61
CA HIS A 400 -29.16 43.55 3.56
C HIS A 400 -30.29 44.14 4.39
N PRO A 401 -31.42 43.45 4.54
CA PRO A 401 -31.74 42.18 3.92
C PRO A 401 -32.10 42.37 2.46
N GLY A 402 -31.82 41.38 1.61
CA GLY A 402 -32.14 41.50 0.20
C GLY A 402 -32.23 40.14 -0.47
N ALA A 403 -32.69 40.17 -1.70
CA ALA A 403 -32.82 38.98 -2.53
C ALA A 403 -31.82 39.08 -3.68
N LYS A 404 -31.64 37.98 -4.40
CA LYS A 404 -30.70 37.92 -5.49
C LYS A 404 -31.32 37.49 -6.81
N TYR A 405 -32.28 36.59 -6.79
CA TYR A 405 -32.97 36.16 -8.00
C TYR A 405 -34.45 35.96 -7.72
N VAL A 406 -35.24 36.05 -8.78
CA VAL A 406 -36.67 35.74 -8.73
C VAL A 406 -36.89 34.58 -9.68
N ILE A 407 -37.67 33.60 -9.26
CA ILE A 407 -37.85 32.36 -9.99
C ILE A 407 -39.33 32.19 -10.33
N ARG A 408 -39.60 31.85 -11.59
CA ARG A 408 -40.95 31.66 -12.06
C ARG A 408 -41.40 30.22 -11.83
N ASP A 409 -42.67 29.96 -12.14
CA ASP A 409 -43.18 28.60 -12.09
C ASP A 409 -42.53 27.72 -13.15
N ASN A 410 -42.01 28.32 -14.22
CA ASN A 410 -41.38 27.56 -15.29
C ASN A 410 -39.90 27.33 -15.06
N GLY A 411 -39.30 27.96 -14.05
CA GLY A 411 -37.90 27.76 -13.73
C GLY A 411 -36.98 28.87 -14.21
N ASP A 412 -37.51 29.92 -14.81
CA ASP A 412 -36.66 31.04 -15.21
C ASP A 412 -36.11 31.76 -13.99
N ARG A 413 -34.90 32.28 -14.13
CA ARG A 413 -34.26 33.06 -13.09
C ARG A 413 -34.15 34.52 -13.55
N ILE A 414 -34.75 35.42 -12.79
CA ILE A 414 -34.61 36.85 -13.03
C ILE A 414 -33.44 37.35 -12.18
N ASP A 415 -32.43 37.91 -12.82
CA ASP A 415 -31.29 38.48 -12.10
C ASP A 415 -31.64 39.90 -11.68
N LEU A 416 -31.66 40.14 -10.38
CA LEU A 416 -31.90 41.48 -9.88
C LEU A 416 -30.75 42.43 -10.17
N ARG A 417 -29.58 41.91 -10.52
CA ARG A 417 -28.47 42.78 -10.89
C ARG A 417 -28.77 43.53 -12.17
N TYR A 418 -29.19 42.82 -13.22
CA TYR A 418 -29.46 43.40 -14.53
C TYR A 418 -30.96 43.56 -14.77
N HIS A 419 -31.71 43.91 -13.73
CA HIS A 419 -33.14 44.12 -13.81
C HIS A 419 -33.43 45.53 -13.29
N LYS A 420 -33.77 46.44 -14.18
CA LYS A 420 -34.11 47.80 -13.80
C LYS A 420 -35.58 47.99 -13.48
N ARG A 421 -36.39 46.95 -13.67
CA ARG A 421 -37.84 47.02 -13.49
C ARG A 421 -38.25 46.35 -12.18
N ALA A 422 -37.41 46.54 -11.15
CA ALA A 422 -37.62 45.83 -9.89
C ALA A 422 -39.03 46.06 -9.35
N GLY A 423 -39.50 47.30 -9.34
CA GLY A 423 -40.83 47.57 -8.84
C GLY A 423 -41.91 46.86 -9.63
N ASP A 424 -41.74 46.73 -10.94
CA ASP A 424 -42.76 46.15 -11.81
C ASP A 424 -42.81 44.64 -11.75
N ILE A 425 -42.17 44.01 -10.77
CA ILE A 425 -42.27 42.57 -10.57
C ILE A 425 -43.38 42.31 -9.56
N VAL A 426 -44.28 41.40 -9.88
CA VAL A 426 -45.38 41.01 -9.02
C VAL A 426 -45.16 39.54 -8.63
N LEU A 427 -45.01 39.30 -7.34
CA LEU A 427 -44.76 37.94 -6.88
C LEU A 427 -45.98 37.06 -7.14
N GLN A 428 -45.73 35.77 -7.28
CA GLN A 428 -46.79 34.79 -7.49
C GLN A 428 -46.59 33.59 -6.58
N TYR A 429 -47.70 33.09 -6.04
CA TYR A 429 -47.66 31.89 -5.23
C TYR A 429 -46.90 30.79 -5.95
N GLY A 430 -45.99 30.14 -5.22
CA GLY A 430 -45.18 29.09 -5.77
C GLY A 430 -43.87 29.55 -6.36
N TRP A 431 -43.73 30.84 -6.65
CA TRP A 431 -42.45 31.35 -7.09
C TRP A 431 -41.48 31.39 -5.91
N LYS A 432 -40.20 31.46 -6.23
CA LYS A 432 -39.14 31.43 -5.23
C LYS A 432 -38.31 32.71 -5.31
N VAL A 433 -37.86 33.17 -4.16
CA VAL A 433 -37.07 34.38 -4.05
C VAL A 433 -35.87 34.10 -3.17
N GLU A 434 -34.68 34.10 -3.76
CA GLU A 434 -33.46 33.77 -3.03
C GLU A 434 -33.14 34.95 -2.12
N ARG A 435 -33.96 35.11 -1.10
CA ARG A 435 -33.72 36.16 -0.13
C ARG A 435 -32.33 36.00 0.47
N HIS A 436 -31.84 37.08 1.06
CA HIS A 436 -30.58 36.97 1.76
C HIS A 436 -30.77 36.16 3.03
N LEU A 437 -29.65 35.77 3.63
CA LEU A 437 -29.71 35.17 4.96
C LEU A 437 -30.20 36.20 5.96
N MET A 438 -31.05 35.75 6.87
CA MET A 438 -31.57 36.60 7.94
C MET A 438 -31.27 35.95 9.27
N ASP A 439 -31.46 36.72 10.34
CA ASP A 439 -31.15 36.22 11.67
C ASP A 439 -32.02 35.01 11.99
N ASP A 440 -31.50 34.15 12.85
CA ASP A 440 -32.23 33.02 13.42
C ASP A 440 -32.38 31.86 12.45
N ASP A 441 -31.96 32.00 11.21
CA ASP A 441 -32.05 30.90 10.26
C ASP A 441 -31.08 29.79 10.64
N PRO A 442 -31.30 28.56 10.20
CA PRO A 442 -30.40 27.45 10.54
C PRO A 442 -29.35 27.24 9.45
N VAL A 443 -28.12 26.97 9.85
CA VAL A 443 -27.03 26.70 8.92
C VAL A 443 -26.06 25.74 9.60
N LEU A 444 -25.37 24.95 8.80
CA LEU A 444 -24.41 24.02 9.36
C LEU A 444 -23.17 24.78 9.81
N PHE A 445 -22.16 24.05 10.26
CA PHE A 445 -20.94 24.64 10.77
C PHE A 445 -19.95 23.51 11.02
N ASN A 446 -18.66 23.78 10.87
CA ASN A 446 -17.72 22.68 10.81
C ASN A 446 -16.29 23.15 11.07
N ARG A 447 -15.44 22.20 11.43
CA ARG A 447 -14.01 22.40 11.51
C ARG A 447 -13.31 21.18 10.94
N GLN A 448 -12.07 21.36 10.51
CA GLN A 448 -11.27 20.26 10.00
C GLN A 448 -10.03 20.09 10.85
N PRO A 449 -9.72 18.88 11.32
CA PRO A 449 -10.41 17.61 11.10
C PRO A 449 -11.72 17.48 11.86
N SER A 450 -12.65 16.72 11.31
CA SER A 450 -13.96 16.49 11.96
C SER A 450 -13.92 15.15 12.66
N LEU A 451 -13.07 15.06 13.68
CA LEU A 451 -12.82 13.77 14.32
C LEU A 451 -14.12 13.12 14.79
N HIS A 452 -14.80 13.75 15.73
CA HIS A 452 -16.00 13.19 16.32
C HIS A 452 -17.21 14.06 16.01
N LYS A 453 -18.37 13.42 15.96
CA LYS A 453 -19.56 14.10 15.47
C LYS A 453 -19.88 15.38 16.23
N MET A 454 -19.20 15.64 17.34
CA MET A 454 -19.27 16.95 17.98
C MET A 454 -18.37 17.96 17.30
N SER A 455 -17.89 17.68 16.09
CA SER A 455 -17.21 18.68 15.28
C SER A 455 -18.09 19.29 14.22
N MET A 456 -19.36 18.89 14.13
CA MET A 456 -20.32 19.52 13.25
C MET A 456 -21.59 19.77 14.07
N MET A 457 -22.24 20.90 13.83
CA MET A 457 -23.46 21.27 14.53
C MET A 457 -24.27 22.20 13.67
N ALA A 458 -25.54 22.39 14.02
CA ALA A 458 -26.40 23.34 13.32
C ALA A 458 -26.71 24.51 14.24
N HIS A 459 -26.26 25.69 13.87
CA HIS A 459 -26.40 26.88 14.68
C HIS A 459 -27.53 27.76 14.15
N ARG A 460 -27.64 28.98 14.67
CA ARG A 460 -28.58 29.98 14.21
C ARG A 460 -27.83 31.23 13.80
N VAL A 461 -28.42 31.98 12.87
CA VAL A 461 -27.72 33.07 12.21
C VAL A 461 -27.98 34.38 12.96
N LYS A 462 -26.93 35.18 13.10
CA LYS A 462 -27.05 36.55 13.60
C LYS A 462 -26.18 37.44 12.73
N VAL A 463 -26.79 38.44 12.10
CA VAL A 463 -26.08 39.32 11.18
C VAL A 463 -25.30 40.36 11.95
N MET A 464 -24.07 40.60 11.56
CA MET A 464 -23.15 41.46 12.30
C MET A 464 -22.14 42.09 11.37
N PRO A 465 -21.44 43.14 11.82
CA PRO A 465 -20.39 43.74 10.99
C PRO A 465 -19.08 42.99 11.10
N TYR A 466 -18.04 43.54 10.50
CA TYR A 466 -16.71 42.91 10.49
C TYR A 466 -16.78 41.59 9.74
N SER A 467 -15.63 41.00 9.47
CA SER A 467 -15.52 39.87 8.56
C SER A 467 -14.95 38.63 9.23
N THR A 468 -15.45 38.29 10.42
CA THR A 468 -15.05 37.07 11.11
C THR A 468 -16.28 36.37 11.66
N PHE A 469 -16.18 35.05 11.79
CA PHE A 469 -17.16 34.31 12.57
C PHE A 469 -16.82 34.42 14.05
N ARG A 470 -17.83 34.28 14.89
CA ARG A 470 -17.65 34.34 16.33
C ARG A 470 -18.46 33.24 16.99
N LEU A 471 -17.86 32.59 17.98
CA LEU A 471 -18.48 31.49 18.69
C LEU A 471 -18.50 31.80 20.18
N ASN A 472 -19.56 31.35 20.84
CA ASN A 472 -19.58 31.41 22.29
C ASN A 472 -18.37 30.67 22.83
N LEU A 473 -17.70 31.28 23.81
CA LEU A 473 -16.40 30.76 24.23
C LEU A 473 -16.50 29.36 24.79
N SER A 474 -17.69 28.89 25.14
CA SER A 474 -17.84 27.54 25.64
C SER A 474 -17.71 26.49 24.55
N VAL A 475 -18.30 26.72 23.37
CA VAL A 475 -18.36 25.68 22.35
C VAL A 475 -17.02 25.40 21.71
N THR A 476 -15.95 26.03 22.16
CA THR A 476 -14.64 25.75 21.58
C THR A 476 -14.23 24.30 21.79
N SER A 477 -14.47 23.75 22.97
CA SER A 477 -14.02 22.38 23.24
C SER A 477 -14.58 21.37 22.26
N PRO A 478 -15.89 21.32 21.99
CA PRO A 478 -16.37 20.33 21.02
C PRO A 478 -15.75 20.49 19.65
N TYR A 479 -15.47 21.71 19.23
CA TYR A 479 -14.69 21.92 18.01
C TYR A 479 -13.19 21.80 18.26
N ASN A 480 -12.78 21.62 19.50
CA ASN A 480 -11.36 21.57 19.83
C ASN A 480 -10.63 22.72 19.17
N ALA A 481 -11.22 23.90 19.24
CA ALA A 481 -10.74 25.07 18.51
C ALA A 481 -10.21 26.10 19.49
N ASP A 482 -9.41 27.03 18.97
CA ASP A 482 -8.97 28.19 19.71
C ASP A 482 -8.76 29.33 18.72
N PHE A 483 -8.78 30.55 19.23
CA PHE A 483 -8.68 31.74 18.38
C PHE A 483 -7.26 32.20 18.15
N ASP A 484 -6.29 31.30 18.18
CA ASP A 484 -4.93 31.66 17.82
C ASP A 484 -4.72 31.69 16.31
N GLY A 485 -5.81 31.79 15.55
CA GLY A 485 -5.76 31.81 14.09
C GLY A 485 -6.59 30.74 13.41
N ASP A 486 -7.33 29.93 14.15
CA ASP A 486 -8.05 28.83 13.53
C ASP A 486 -9.12 29.34 12.59
N GLU A 487 -9.62 28.42 11.76
CA GLU A 487 -10.60 28.74 10.74
C GLU A 487 -11.77 27.77 10.84
N MET A 488 -12.91 28.18 10.32
CA MET A 488 -14.09 27.34 10.24
C MET A 488 -14.67 27.42 8.84
N ASN A 489 -15.55 26.48 8.54
CA ASN A 489 -16.28 26.43 7.29
C ASN A 489 -17.77 26.52 7.59
N LEU A 490 -18.57 26.73 6.57
CA LEU A 490 -20.01 26.85 6.75
C LEU A 490 -20.72 26.17 5.61
N HIS A 491 -22.01 25.91 5.80
CA HIS A 491 -22.91 25.42 4.76
C HIS A 491 -24.31 25.92 5.07
N VAL A 492 -25.18 25.93 4.08
CA VAL A 492 -26.52 26.47 4.23
C VAL A 492 -27.50 25.51 3.58
N PRO A 493 -28.60 25.16 4.24
CA PRO A 493 -29.65 24.41 3.54
C PRO A 493 -30.31 25.26 2.49
N GLN A 494 -30.72 24.62 1.40
CA GLN A 494 -31.35 25.29 0.26
C GLN A 494 -32.80 24.86 0.13
N SER A 495 -33.31 24.14 1.12
CA SER A 495 -34.67 23.62 1.07
C SER A 495 -35.21 23.58 2.50
N GLU A 496 -36.54 23.48 2.62
CA GLU A 496 -37.19 23.51 3.91
C GLU A 496 -37.07 22.20 4.67
N GLU A 497 -37.32 21.07 4.00
CA GLU A 497 -37.12 19.79 4.65
C GLU A 497 -35.73 19.70 5.26
N THR A 498 -34.73 20.18 4.52
CA THR A 498 -33.37 20.21 5.07
C THR A 498 -33.29 21.13 6.28
N ARG A 499 -33.95 22.28 6.22
CA ARG A 499 -33.98 23.15 7.38
C ARG A 499 -34.62 22.43 8.57
N ALA A 500 -35.72 21.73 8.32
CA ALA A 500 -36.36 20.96 9.39
C ALA A 500 -35.39 19.96 9.97
N GLU A 501 -34.72 19.18 9.13
CA GLU A 501 -33.82 18.15 9.64
C GLU A 501 -32.70 18.77 10.46
N LEU A 502 -32.08 19.83 9.94
CA LEU A 502 -31.02 20.48 10.69
C LEU A 502 -31.52 20.95 12.04
N SER A 503 -32.67 21.63 12.06
CA SER A 503 -33.19 22.13 13.31
C SER A 503 -33.44 21.01 14.31
N GLN A 504 -34.07 19.92 13.87
CA GLN A 504 -34.50 18.88 14.78
C GLN A 504 -33.40 17.90 15.15
N LEU A 505 -32.27 17.91 14.46
CA LEU A 505 -31.29 16.84 14.66
C LEU A 505 -29.91 17.34 15.05
N CYS A 506 -29.49 18.50 14.55
CA CYS A 506 -28.11 18.93 14.72
C CYS A 506 -27.99 20.27 15.45
N ALA A 507 -29.02 20.67 16.21
CA ALA A 507 -28.90 21.89 17.00
C ALA A 507 -27.96 21.67 18.18
N VAL A 508 -27.25 22.73 18.56
CA VAL A 508 -26.25 22.60 19.62
C VAL A 508 -26.82 21.98 20.89
N PRO A 509 -28.01 22.38 21.35
CA PRO A 509 -28.44 21.86 22.67
C PRO A 509 -28.47 20.35 22.74
N LEU A 510 -28.92 19.68 21.68
CA LEU A 510 -29.03 18.23 21.73
C LEU A 510 -27.66 17.57 21.84
N GLN A 511 -26.59 18.29 21.55
CA GLN A 511 -25.25 17.71 21.52
C GLN A 511 -24.52 17.84 22.84
N ILE A 512 -25.19 18.33 23.88
CA ILE A 512 -24.46 18.76 25.07
C ILE A 512 -23.79 17.59 25.77
N VAL A 513 -24.42 16.43 25.77
CA VAL A 513 -23.85 15.23 26.39
C VAL A 513 -23.33 14.31 25.29
N SER A 514 -22.14 13.77 25.50
CA SER A 514 -21.44 13.05 24.45
C SER A 514 -21.69 11.56 24.57
N PRO A 515 -22.35 10.91 23.61
CA PRO A 515 -22.52 9.47 23.68
C PRO A 515 -21.20 8.71 23.71
N GLN A 516 -20.09 9.37 23.43
CA GLN A 516 -18.81 8.72 23.59
C GLN A 516 -18.59 8.28 25.02
N SER A 517 -18.75 9.22 25.97
CA SER A 517 -18.52 8.91 27.38
C SER A 517 -19.68 9.39 28.23
N ASN A 518 -20.89 9.34 27.69
CA ASN A 518 -22.13 9.58 28.45
C ASN A 518 -21.99 10.72 29.44
N LYS A 519 -21.33 11.80 29.04
CA LYS A 519 -21.08 12.93 29.92
C LYS A 519 -21.20 14.22 29.13
N PRO A 520 -21.32 15.35 29.82
CA PRO A 520 -21.33 16.63 29.10
C PRO A 520 -20.02 16.83 28.36
N VAL A 521 -20.11 17.43 27.17
CA VAL A 521 -18.93 17.68 26.37
C VAL A 521 -18.45 19.13 26.46
N MET A 522 -19.35 20.11 26.43
CA MET A 522 -18.99 21.49 26.64
C MET A 522 -18.71 21.72 28.12
N GLY A 523 -18.43 22.97 28.47
CA GLY A 523 -18.17 23.32 29.85
C GLY A 523 -17.69 24.75 29.94
N ILE A 524 -17.70 25.26 31.15
CA ILE A 524 -17.28 26.63 31.43
C ILE A 524 -15.76 26.62 31.52
N VAL A 525 -15.12 27.42 30.67
CA VAL A 525 -13.68 27.33 30.47
C VAL A 525 -13.04 28.71 30.52
N GLN A 526 -11.78 28.72 30.94
CA GLN A 526 -10.96 29.92 30.92
C GLN A 526 -11.53 30.99 31.83
N ASP A 527 -11.80 32.18 31.29
CA ASP A 527 -12.12 33.31 32.15
C ASP A 527 -13.39 33.06 32.95
N THR A 528 -14.46 32.59 32.31
CA THR A 528 -15.67 32.34 33.06
C THR A 528 -15.40 31.40 34.22
N LEU A 529 -14.65 30.33 33.98
CA LEU A 529 -14.36 29.37 35.04
C LEU A 529 -13.46 29.97 36.11
N CYS A 530 -12.29 30.46 35.72
CA CYS A 530 -11.35 31.00 36.70
C CYS A 530 -11.95 32.15 37.47
N GLY A 531 -12.97 32.79 36.92
CA GLY A 531 -13.63 33.88 37.60
C GLY A 531 -14.67 33.37 38.57
N VAL A 532 -15.64 32.60 38.06
CA VAL A 532 -16.69 32.10 38.93
C VAL A 532 -16.10 31.37 40.11
N ARG A 533 -14.88 30.83 39.98
CA ARG A 533 -14.21 30.30 41.16
C ARG A 533 -14.09 31.36 42.24
N LYS A 534 -13.55 32.52 41.89
CA LYS A 534 -13.35 33.57 42.89
C LYS A 534 -14.68 34.20 43.31
N MET A 535 -15.61 34.36 42.37
CA MET A 535 -16.89 34.97 42.69
C MET A 535 -17.62 34.17 43.77
N THR A 536 -17.37 32.86 43.83
CA THR A 536 -18.05 32.01 44.80
C THR A 536 -17.24 31.76 46.05
N LEU A 537 -16.05 32.32 46.16
CA LEU A 537 -15.36 32.23 47.44
C LEU A 537 -16.27 32.76 48.54
N ARG A 538 -16.11 32.22 49.74
CA ARG A 538 -17.00 32.61 50.83
C ARG A 538 -16.95 34.10 51.09
N ASP A 539 -15.77 34.69 51.06
CA ASP A 539 -15.53 36.04 51.55
C ASP A 539 -15.56 37.09 50.45
N THR A 540 -16.44 36.94 49.47
CA THR A 540 -16.67 37.96 48.46
C THR A 540 -18.07 38.52 48.65
N PHE A 541 -18.17 39.84 48.71
CA PHE A 541 -19.44 40.52 48.97
C PHE A 541 -19.70 41.55 47.88
N ILE A 542 -20.97 41.73 47.56
CA ILE A 542 -21.38 42.57 46.43
C ILE A 542 -22.42 43.57 46.92
N GLU A 543 -22.16 44.85 46.67
CA GLU A 543 -23.06 45.90 47.11
C GLU A 543 -24.26 45.98 46.18
N TYR A 544 -25.17 46.91 46.50
CA TYR A 544 -26.53 46.83 45.95
C TYR A 544 -26.58 47.19 44.48
N GLU A 545 -25.89 48.26 44.07
CA GLU A 545 -26.05 48.73 42.69
C GLU A 545 -25.46 47.74 41.68
N GLN A 546 -24.27 47.23 41.98
CA GLN A 546 -23.72 46.17 41.13
C GLN A 546 -24.71 45.03 41.00
N VAL A 547 -25.34 44.64 42.10
CA VAL A 547 -26.32 43.56 42.05
C VAL A 547 -27.52 43.97 41.21
N MET A 548 -27.93 45.24 41.31
CA MET A 548 -28.97 45.72 40.41
C MET A 548 -28.61 45.39 38.98
N ASN A 549 -27.39 45.70 38.60
CA ASN A 549 -26.97 45.38 37.23
C ASN A 549 -27.02 43.88 36.98
N MET A 550 -26.22 43.11 37.71
CA MET A 550 -26.05 41.71 37.38
C MET A 550 -27.40 40.99 37.31
N LEU A 551 -28.27 41.25 38.28
CA LEU A 551 -29.58 40.59 38.25
C LEU A 551 -30.34 40.92 36.99
N PHE A 552 -30.06 42.07 36.37
CA PHE A 552 -30.75 42.39 35.14
C PHE A 552 -30.08 41.74 33.93
N TRP A 553 -28.78 41.46 34.02
CA TRP A 553 -28.09 40.86 32.89
C TRP A 553 -28.66 39.49 32.55
N VAL A 554 -28.95 38.68 33.56
CA VAL A 554 -29.48 37.33 33.35
C VAL A 554 -30.76 37.45 32.54
N PRO A 555 -30.76 37.07 31.26
CA PRO A 555 -31.95 37.29 30.44
C PRO A 555 -33.19 36.62 30.97
N SER A 556 -33.07 35.40 31.50
CA SER A 556 -34.22 34.65 31.98
C SER A 556 -34.57 34.98 33.42
N TRP A 557 -34.00 36.05 33.97
CA TRP A 557 -34.23 36.40 35.35
C TRP A 557 -35.71 36.66 35.62
N ASP A 558 -36.19 36.17 36.76
CA ASP A 558 -37.58 36.32 37.14
C ASP A 558 -38.00 37.77 37.31
N GLY A 559 -37.07 38.67 37.60
CA GLY A 559 -37.41 40.05 37.87
C GLY A 559 -37.79 40.34 39.31
N VAL A 560 -37.33 39.52 40.26
CA VAL A 560 -37.65 39.69 41.67
C VAL A 560 -36.37 39.52 42.47
N VAL A 561 -35.85 40.61 43.00
CA VAL A 561 -34.54 40.55 43.67
C VAL A 561 -34.61 39.56 44.81
N PRO A 562 -33.52 38.85 45.12
CA PRO A 562 -33.47 38.08 46.36
C PRO A 562 -32.96 38.92 47.51
N GLN A 563 -33.48 38.64 48.69
CA GLN A 563 -33.08 39.38 49.87
C GLN A 563 -31.63 39.04 50.22
N PRO A 564 -30.92 39.95 50.89
CA PRO A 564 -29.47 39.79 51.03
C PRO A 564 -29.10 38.86 52.16
N ALA A 565 -27.83 38.45 52.16
CA ALA A 565 -27.27 37.72 53.28
C ALA A 565 -26.94 38.64 54.45
N ILE A 566 -27.07 39.95 54.27
CA ILE A 566 -27.02 40.90 55.36
C ILE A 566 -28.08 41.96 55.08
N LEU A 567 -28.94 42.21 56.07
CA LEU A 567 -29.90 43.30 56.00
C LEU A 567 -29.53 44.43 56.93
N LYS A 568 -28.46 44.27 57.72
CA LYS A 568 -28.01 45.27 58.66
C LYS A 568 -26.55 44.97 58.97
N PRO A 569 -25.66 45.96 59.05
CA PRO A 569 -25.97 47.38 58.83
C PRO A 569 -25.99 47.80 57.37
N LYS A 570 -25.52 46.94 56.47
CA LYS A 570 -25.39 47.30 55.06
C LYS A 570 -25.86 46.15 54.19
N PRO A 571 -26.83 46.36 53.29
CA PRO A 571 -27.29 45.26 52.43
C PRO A 571 -26.16 44.76 51.55
N LEU A 572 -25.74 43.52 51.80
CA LEU A 572 -24.66 42.89 51.05
C LEU A 572 -25.15 41.55 50.51
N TRP A 573 -24.61 41.14 49.39
CA TRP A 573 -24.88 39.82 48.84
C TRP A 573 -23.58 39.05 48.72
N THR A 574 -23.70 37.73 48.77
CA THR A 574 -22.58 36.85 48.47
C THR A 574 -22.74 36.28 47.06
N GLY A 575 -21.61 36.07 46.40
CA GLY A 575 -21.66 35.60 45.03
C GLY A 575 -22.55 34.39 44.87
N LYS A 576 -22.46 33.44 45.80
CA LYS A 576 -23.22 32.20 45.66
C LYS A 576 -24.68 32.48 45.36
N GLN A 577 -25.25 33.48 46.03
CA GLN A 577 -26.64 33.84 45.75
C GLN A 577 -26.82 34.15 44.28
N LEU A 578 -25.95 35.00 43.74
CA LEU A 578 -26.10 35.43 42.37
C LEU A 578 -25.89 34.28 41.40
N LEU A 579 -24.80 33.55 41.55
CA LEU A 579 -24.59 32.37 40.72
C LEU A 579 -25.80 31.47 40.75
N SER A 580 -26.42 31.30 41.93
CA SER A 580 -27.63 30.52 42.04
C SER A 580 -28.77 31.13 41.23
N ILE A 581 -28.91 32.44 41.25
CA ILE A 581 -29.97 33.06 40.45
C ILE A 581 -29.93 32.55 39.03
N ALA A 582 -28.74 32.21 38.53
CA ALA A 582 -28.62 31.66 37.19
C ALA A 582 -29.31 30.31 37.09
N ILE A 583 -29.06 29.44 38.06
CA ILE A 583 -29.58 28.07 37.99
C ILE A 583 -31.11 28.11 38.01
N PRO A 584 -31.80 27.43 37.11
CA PRO A 584 -33.27 27.50 37.08
C PRO A 584 -33.87 26.79 38.29
N SER A 585 -35.20 26.74 38.29
CA SER A 585 -35.94 26.18 39.41
C SER A 585 -35.82 24.64 39.43
N GLY A 586 -36.19 24.06 40.56
CA GLY A 586 -36.31 22.61 40.63
C GLY A 586 -35.04 21.86 40.31
N ILE A 587 -33.92 22.24 40.93
CA ILE A 587 -32.63 21.62 40.67
C ILE A 587 -32.08 21.09 41.99
N HIS A 588 -31.46 19.93 41.93
CA HIS A 588 -30.85 19.30 43.10
C HIS A 588 -29.47 18.78 42.74
N LEU A 589 -28.67 18.53 43.76
CA LEU A 589 -27.31 18.02 43.56
C LEU A 589 -26.70 17.80 44.94
N GLN A 590 -25.52 17.20 44.95
CA GLN A 590 -24.69 17.14 46.14
C GLN A 590 -23.37 16.50 45.78
N ARG A 591 -22.40 16.67 46.66
CA ARG A 591 -21.09 16.06 46.45
C ARG A 591 -20.27 16.19 47.72
N THR A 592 -19.43 15.20 47.97
CA THR A 592 -18.54 15.19 49.13
C THR A 592 -17.10 15.09 48.64
N ASP A 593 -16.30 16.10 48.98
CA ASP A 593 -14.90 16.13 48.60
C ASP A 593 -14.06 16.06 49.87
N GLY A 594 -13.06 15.18 49.86
CA GLY A 594 -12.20 15.04 51.03
C GLY A 594 -12.91 14.57 52.27
N GLY A 595 -14.13 14.04 52.13
CA GLY A 595 -14.87 13.58 53.29
C GLY A 595 -15.22 14.69 54.25
N ASN A 596 -15.30 15.93 53.77
CA ASN A 596 -15.64 17.05 54.63
C ASN A 596 -16.99 16.82 55.29
N SER A 597 -17.22 17.56 56.38
CA SER A 597 -18.48 17.50 57.10
C SER A 597 -19.52 18.37 56.36
N LEU A 598 -20.74 18.41 56.88
CA LEU A 598 -21.74 19.33 56.36
C LEU A 598 -21.48 20.76 56.81
N LEU A 599 -20.38 21.00 57.53
CA LEU A 599 -19.94 22.33 57.88
C LEU A 599 -18.90 22.90 56.91
N SER A 600 -18.01 22.05 56.40
CA SER A 600 -17.13 22.45 55.33
C SER A 600 -16.20 23.58 55.76
N PRO A 601 -15.36 23.37 56.77
CA PRO A 601 -14.35 24.39 57.11
C PRO A 601 -13.41 24.67 55.96
N LYS A 602 -13.04 23.65 55.19
CA LYS A 602 -12.22 23.86 54.01
C LYS A 602 -12.99 24.56 52.90
N ASP A 603 -14.32 24.58 52.99
CA ASP A 603 -15.18 25.25 52.00
C ASP A 603 -15.20 24.50 50.66
N ASN A 604 -14.79 23.24 50.67
CA ASN A 604 -14.92 22.38 49.52
C ASN A 604 -16.31 21.76 49.53
N GLY A 605 -16.55 20.80 48.65
CA GLY A 605 -17.83 20.15 48.62
C GLY A 605 -18.92 21.07 48.12
N MET A 606 -19.92 20.45 47.49
CA MET A 606 -20.93 21.20 46.75
C MET A 606 -22.30 20.66 47.14
N LEU A 607 -23.19 21.58 47.52
CA LEU A 607 -24.56 21.22 47.90
C LEU A 607 -25.51 22.25 47.32
N ILE A 608 -26.31 21.85 46.35
CA ILE A 608 -27.30 22.73 45.75
C ILE A 608 -28.67 22.18 46.08
N VAL A 609 -29.59 23.08 46.42
CA VAL A 609 -30.95 22.73 46.78
C VAL A 609 -31.89 23.61 45.99
N ASP A 610 -32.86 22.99 45.32
CA ASP A 610 -33.82 23.72 44.49
C ASP A 610 -33.12 24.71 43.57
N GLY A 611 -31.88 24.41 43.20
CA GLY A 611 -31.13 25.32 42.36
C GLY A 611 -30.62 26.55 43.06
N LYS A 612 -30.43 26.48 44.38
CA LYS A 612 -29.82 27.56 45.14
C LYS A 612 -28.57 27.03 45.80
N VAL A 613 -27.42 27.62 45.48
CA VAL A 613 -26.17 27.16 46.05
C VAL A 613 -26.26 27.32 47.56
N MET A 614 -26.16 26.22 48.29
CA MET A 614 -26.13 26.33 49.73
C MET A 614 -24.73 26.65 50.21
N PHE A 615 -23.70 26.14 49.52
CA PHE A 615 -22.33 26.50 49.81
C PHE A 615 -21.42 25.76 48.84
N GLY A 616 -20.12 26.02 48.96
CA GLY A 616 -19.12 25.30 48.19
C GLY A 616 -18.47 26.13 47.11
N VAL A 617 -17.16 25.93 46.90
CA VAL A 617 -16.45 26.69 45.88
C VAL A 617 -16.74 26.08 44.51
N VAL A 618 -17.59 26.75 43.74
CA VAL A 618 -17.99 26.27 42.43
C VAL A 618 -16.81 26.42 41.48
N ASP A 619 -16.44 25.34 40.80
CA ASP A 619 -15.34 25.37 39.84
C ASP A 619 -15.50 24.18 38.89
N LYS A 620 -14.42 23.87 38.17
CA LYS A 620 -14.45 22.81 37.18
C LYS A 620 -15.23 21.59 37.68
N LYS A 621 -14.81 21.03 38.81
CA LYS A 621 -15.43 19.82 39.31
C LYS A 621 -16.95 19.92 39.40
N THR A 622 -17.50 21.13 39.41
CA THR A 622 -18.93 21.32 39.50
C THR A 622 -19.56 21.75 38.17
N VAL A 623 -18.83 22.49 37.35
CA VAL A 623 -19.37 23.03 36.12
C VAL A 623 -18.56 22.59 34.90
N GLY A 624 -17.47 21.86 35.10
CA GLY A 624 -16.70 21.35 34.00
C GLY A 624 -17.54 20.42 33.13
N SER A 625 -16.94 19.93 32.07
CA SER A 625 -17.60 18.97 31.20
C SER A 625 -17.75 17.60 31.84
N GLY A 626 -17.10 17.37 32.98
CA GLY A 626 -17.08 16.05 33.57
C GLY A 626 -18.47 15.59 33.98
N GLY A 627 -18.57 14.27 34.18
CA GLY A 627 -19.82 13.69 34.62
C GLY A 627 -20.13 14.05 36.07
N GLY A 628 -21.42 14.10 36.37
CA GLY A 628 -21.87 14.45 37.71
C GLY A 628 -21.85 15.93 38.01
N GLY A 629 -21.42 16.77 37.07
CA GLY A 629 -21.40 18.19 37.27
C GLY A 629 -22.78 18.81 37.12
N LEU A 630 -22.86 20.08 37.48
CA LEU A 630 -24.12 20.80 37.39
C LEU A 630 -24.75 20.64 36.02
N ILE A 631 -23.94 20.78 34.96
CA ILE A 631 -24.47 20.78 33.60
C ILE A 631 -25.14 19.45 33.31
N HIS A 632 -24.50 18.35 33.70
CA HIS A 632 -25.09 17.04 33.48
C HIS A 632 -26.52 16.99 34.02
N THR A 633 -26.68 17.40 35.27
CA THR A 633 -27.99 17.34 35.90
C THR A 633 -28.98 18.27 35.22
N VAL A 634 -28.56 19.50 34.93
CA VAL A 634 -29.46 20.43 34.29
C VAL A 634 -29.97 19.85 32.98
N MET A 635 -29.05 19.35 32.16
CA MET A 635 -29.43 18.68 30.93
C MET A 635 -30.47 17.61 31.20
N ARG A 636 -30.10 16.59 31.98
CA ARG A 636 -30.99 15.45 32.15
C ARG A 636 -32.35 15.88 32.69
N GLU A 637 -32.41 16.95 33.47
CA GLU A 637 -33.63 17.30 34.18
C GLU A 637 -34.55 18.18 33.35
N LYS A 638 -34.07 19.35 32.95
CA LYS A 638 -34.92 20.33 32.30
C LYS A 638 -34.92 20.20 30.79
N GLY A 639 -34.21 19.23 30.25
CA GLY A 639 -34.10 19.09 28.81
C GLY A 639 -32.93 19.87 28.29
N PRO A 640 -32.77 19.92 26.97
CA PRO A 640 -31.62 20.62 26.40
C PRO A 640 -31.74 22.12 26.43
N LYS A 641 -32.91 22.64 26.03
CA LYS A 641 -33.05 24.08 25.83
C LYS A 641 -32.58 24.86 27.05
N ILE A 642 -33.04 24.46 28.22
CA ILE A 642 -32.67 25.16 29.44
C ILE A 642 -31.18 25.00 29.69
N CYS A 643 -30.64 23.83 29.37
CA CYS A 643 -29.20 23.62 29.57
C CYS A 643 -28.38 24.56 28.70
N ALA A 644 -28.82 24.77 27.46
CA ALA A 644 -28.17 25.76 26.62
C ALA A 644 -28.26 27.15 27.25
N GLU A 645 -29.47 27.56 27.65
CA GLU A 645 -29.61 28.88 28.25
C GLU A 645 -28.69 29.05 29.46
N LEU A 646 -28.43 27.95 30.19
CA LEU A 646 -27.63 28.05 31.40
C LEU A 646 -26.23 28.55 31.10
N PHE A 647 -25.62 28.05 30.02
CA PHE A 647 -24.28 28.50 29.68
C PHE A 647 -24.25 30.00 29.46
N GLY A 648 -25.18 30.51 28.65
CA GLY A 648 -25.20 31.94 28.40
C GLY A 648 -25.39 32.75 29.66
N ASN A 649 -26.32 32.31 30.53
CA ASN A 649 -26.57 33.07 31.74
C ASN A 649 -25.33 33.13 32.62
N ILE A 650 -24.72 31.98 32.87
CA ILE A 650 -23.56 31.96 33.75
C ILE A 650 -22.42 32.76 33.14
N GLN A 651 -22.22 32.63 31.83
CA GLN A 651 -21.20 33.42 31.15
C GLN A 651 -21.43 34.89 31.37
N LYS A 652 -22.63 35.38 31.08
CA LYS A 652 -22.93 36.79 31.25
C LYS A 652 -22.59 37.23 32.67
N VAL A 653 -23.11 36.51 33.65
CA VAL A 653 -22.98 36.98 35.03
C VAL A 653 -21.52 37.00 35.45
N VAL A 654 -20.81 35.89 35.27
CA VAL A 654 -19.46 35.83 35.79
C VAL A 654 -18.55 36.77 35.01
N ASN A 655 -18.76 36.89 33.70
CA ASN A 655 -17.96 37.84 32.93
C ASN A 655 -18.16 39.25 33.46
N TYR A 656 -19.41 39.63 33.71
CA TYR A 656 -19.68 40.97 34.21
C TYR A 656 -19.00 41.19 35.55
N TRP A 657 -19.12 40.22 36.46
CA TRP A 657 -18.51 40.40 37.77
C TRP A 657 -17.01 40.50 37.66
N LEU A 658 -16.40 39.65 36.84
CA LEU A 658 -14.96 39.73 36.66
C LEU A 658 -14.54 41.06 36.08
N LEU A 659 -15.23 41.52 35.04
CA LEU A 659 -15.00 42.86 34.53
C LEU A 659 -14.91 43.85 35.68
N HIS A 660 -15.99 43.98 36.43
CA HIS A 660 -16.01 44.98 37.50
C HIS A 660 -15.09 44.62 38.66
N ASN A 661 -14.46 43.45 38.62
CA ASN A 661 -13.38 43.10 39.53
C ASN A 661 -12.06 42.97 38.80
N GLY A 662 -11.98 42.10 37.82
CA GLY A 662 -10.77 42.00 37.01
C GLY A 662 -9.73 41.11 37.66
N PHE A 663 -8.86 40.57 36.81
CA PHE A 663 -7.88 39.58 37.25
C PHE A 663 -6.66 39.69 36.36
N SER A 664 -5.48 39.42 36.92
CA SER A 664 -4.26 39.51 36.15
C SER A 664 -3.19 38.65 36.80
N ILE A 665 -2.06 38.58 36.11
CA ILE A 665 -0.92 37.77 36.54
C ILE A 665 0.34 38.62 36.40
N GLY A 666 1.36 38.29 37.18
CA GLY A 666 2.60 39.05 37.15
C GLY A 666 3.77 38.23 37.62
N ILE A 667 4.97 38.76 37.36
CA ILE A 667 6.20 38.01 37.58
C ILE A 667 6.33 37.56 39.03
N GLY A 668 5.90 38.40 39.97
CA GLY A 668 5.98 38.00 41.37
C GLY A 668 5.29 36.68 41.64
N ASP A 669 4.29 36.33 40.84
CA ASP A 669 3.62 35.06 40.99
C ASP A 669 4.58 33.89 40.81
N ALA A 670 5.74 34.10 40.19
CA ALA A 670 6.71 33.05 39.96
C ALA A 670 7.91 33.14 40.89
N ILE A 671 7.78 33.82 42.03
CA ILE A 671 8.87 33.98 42.98
C ILE A 671 8.36 33.55 44.35
N ALA A 672 9.27 33.04 45.17
CA ALA A 672 8.96 32.61 46.53
C ALA A 672 10.01 33.14 47.50
N ASP A 673 9.73 32.99 48.79
CA ASP A 673 10.62 33.49 49.82
C ASP A 673 11.96 32.76 49.79
N ALA A 674 13.00 33.45 50.26
CA ALA A 674 14.35 32.88 50.23
C ALA A 674 14.42 31.58 51.01
N SER A 675 13.66 31.47 52.10
CA SER A 675 13.71 30.25 52.91
C SER A 675 13.31 29.03 52.11
N THR A 676 12.23 29.14 51.32
CA THR A 676 11.83 28.02 50.48
C THR A 676 12.92 27.67 49.49
N MET A 677 13.62 28.68 48.97
CA MET A 677 14.75 28.41 48.09
C MET A 677 15.84 27.63 48.82
N LYS A 678 16.12 27.99 50.07
CA LYS A 678 17.10 27.20 50.83
C LYS A 678 16.63 25.76 50.99
N GLU A 679 15.37 25.58 51.37
CA GLU A 679 14.82 24.24 51.51
C GLU A 679 15.02 23.45 50.23
N ILE A 680 14.63 24.02 49.09
CA ILE A 680 14.67 23.29 47.84
C ILE A 680 16.11 23.04 47.42
N THR A 681 16.99 24.00 47.67
CA THR A 681 18.40 23.79 47.34
C THR A 681 18.97 22.62 48.12
N HIS A 682 18.66 22.54 49.41
CA HIS A 682 19.19 21.44 50.21
C HIS A 682 18.55 20.12 49.80
N ALA A 683 17.28 20.15 49.40
CA ALA A 683 16.66 18.94 48.86
C ALA A 683 17.38 18.47 47.61
N ILE A 684 17.72 19.42 46.73
CA ILE A 684 18.46 19.07 45.52
C ILE A 684 19.82 18.51 45.88
N SER A 685 20.49 19.11 46.86
CA SER A 685 21.79 18.60 47.28
C SER A 685 21.66 17.17 47.81
N SER A 686 20.62 16.90 48.60
CA SER A 686 20.40 15.56 49.11
C SER A 686 20.17 14.57 48.00
N ALA A 687 19.34 14.94 47.01
CA ALA A 687 19.09 14.04 45.89
C ALA A 687 20.38 13.76 45.13
N LYS A 688 21.17 14.81 44.90
CA LYS A 688 22.45 14.63 44.19
C LYS A 688 23.38 13.73 44.98
N GLU A 689 23.39 13.86 46.30
CA GLU A 689 24.20 12.99 47.14
C GLU A 689 23.73 11.55 47.05
N GLN A 690 22.41 11.34 47.04
CA GLN A 690 21.87 10.00 46.90
C GLN A 690 22.30 9.38 45.58
N VAL A 691 22.23 10.14 44.50
CA VAL A 691 22.67 9.62 43.21
C VAL A 691 24.17 9.34 43.23
N GLN A 692 24.93 10.23 43.86
CA GLN A 692 26.36 10.01 44.01
C GLN A 692 26.64 8.66 44.67
N GLU A 693 25.98 8.38 45.78
CA GLU A 693 26.24 7.12 46.47
C GLU A 693 25.73 5.93 45.67
N ILE A 694 24.61 6.10 44.97
CA ILE A 694 24.11 5.02 44.13
C ILE A 694 25.14 4.65 43.07
N ILE A 695 25.75 5.66 42.45
CA ILE A 695 26.81 5.41 41.48
C ILE A 695 28.00 4.76 42.17
N TYR A 696 28.35 5.24 43.35
CA TYR A 696 29.51 4.67 44.04
C TYR A 696 29.31 3.18 44.28
N LYS A 697 28.10 2.80 44.66
CA LYS A 697 27.81 1.38 44.88
C LYS A 697 27.79 0.61 43.56
N ALA A 698 27.07 1.12 42.55
CA ALA A 698 26.98 0.41 41.29
C ALA A 698 28.35 0.19 40.67
N GLN A 699 29.27 1.13 40.87
CA GLN A 699 30.64 0.93 40.44
C GLN A 699 31.23 -0.35 41.01
N HIS A 700 30.88 -0.67 42.25
CA HIS A 700 31.63 -1.65 43.03
C HIS A 700 30.96 -3.02 43.03
N ASN A 701 30.00 -3.24 42.14
CA ASN A 701 29.25 -4.49 42.08
C ASN A 701 28.72 -4.85 43.46
N GLU A 702 28.14 -3.85 44.14
CA GLU A 702 27.45 -4.05 45.40
C GLU A 702 26.00 -3.65 45.33
N LEU A 703 25.55 -3.11 44.21
CA LEU A 703 24.17 -2.67 44.05
C LEU A 703 23.32 -3.87 43.66
N GLU A 704 22.19 -4.04 44.34
CA GLU A 704 21.32 -5.17 44.08
C GLU A 704 20.76 -5.11 42.67
N LEU A 705 20.66 -6.26 42.03
CA LEU A 705 20.16 -6.34 40.66
C LEU A 705 18.65 -6.54 40.67
N LYS A 706 17.92 -5.61 40.07
CA LYS A 706 16.47 -5.75 39.99
C LYS A 706 16.12 -6.92 39.07
N PRO A 707 15.21 -7.79 39.47
CA PRO A 707 14.83 -8.91 38.59
C PRO A 707 14.21 -8.40 37.30
N GLY A 708 14.55 -9.07 36.20
CA GLY A 708 14.06 -8.70 34.90
C GLY A 708 14.80 -7.57 34.23
N MET A 709 15.80 -6.98 34.91
CA MET A 709 16.58 -5.90 34.34
C MET A 709 18.05 -6.14 34.66
N THR A 710 18.91 -5.61 33.79
CA THR A 710 20.34 -5.77 33.95
C THR A 710 20.90 -4.73 34.91
N LEU A 711 22.22 -4.76 35.12
CA LEU A 711 22.85 -3.80 36.01
C LEU A 711 22.62 -2.37 35.54
N ARG A 712 22.95 -2.09 34.28
CA ARG A 712 22.84 -0.73 33.77
C ARG A 712 21.39 -0.26 33.79
N GLU A 713 20.47 -1.11 33.32
CA GLU A 713 19.08 -0.68 33.21
C GLU A 713 18.48 -0.41 34.59
N SER A 714 18.72 -1.31 35.55
CA SER A 714 18.22 -1.07 36.90
C SER A 714 18.86 0.16 37.50
N PHE A 715 20.15 0.36 37.24
CA PHE A 715 20.86 1.52 37.75
C PHE A 715 20.22 2.81 37.25
N GLU A 716 19.95 2.86 35.93
CA GLU A 716 19.31 4.02 35.34
C GLU A 716 17.90 4.22 35.89
N GLY A 717 17.12 3.14 36.01
CA GLY A 717 15.78 3.29 36.54
C GLY A 717 15.78 3.84 37.95
N GLU A 718 16.69 3.34 38.78
CA GLU A 718 16.79 3.82 40.15
C GLU A 718 17.16 5.30 40.19
N VAL A 719 18.17 5.70 39.42
CA VAL A 719 18.59 7.09 39.46
C VAL A 719 17.48 8.00 38.94
N SER A 720 16.78 7.56 37.89
CA SER A 720 15.67 8.35 37.35
C SER A 720 14.57 8.50 38.38
N ARG A 721 14.23 7.42 39.08
CA ARG A 721 13.24 7.51 40.14
C ARG A 721 13.68 8.50 41.20
N THR A 722 14.96 8.45 41.59
CA THR A 722 15.47 9.36 42.61
C THR A 722 15.30 10.81 42.18
N LEU A 723 15.73 11.11 40.94
CA LEU A 723 15.69 12.50 40.49
C LEU A 723 14.24 12.99 40.34
N ASN A 724 13.37 12.16 39.77
CA ASN A 724 11.97 12.56 39.67
C ASN A 724 11.39 12.82 41.05
N ASP A 725 11.70 11.95 42.01
CA ASP A 725 11.17 12.13 43.35
C ASP A 725 11.68 13.42 43.98
N ALA A 726 12.96 13.72 43.80
CA ALA A 726 13.51 14.96 44.35
C ALA A 726 12.83 16.17 43.72
N ARG A 727 12.62 16.13 42.41
CA ARG A 727 11.93 17.23 41.76
C ARG A 727 10.53 17.41 42.33
N ASP A 728 9.80 16.30 42.49
CA ASP A 728 8.45 16.39 43.01
C ASP A 728 8.45 16.96 44.42
N SER A 729 9.40 16.53 45.25
CA SER A 729 9.49 17.05 46.61
C SER A 729 9.72 18.56 46.61
N ALA A 730 10.71 19.03 45.85
CA ALA A 730 10.99 20.46 45.81
C ALA A 730 9.77 21.21 45.29
N GLY A 731 9.10 20.66 44.28
CA GLY A 731 7.92 21.31 43.75
C GLY A 731 6.82 21.42 44.78
N ARG A 732 6.60 20.36 45.57
CA ARG A 732 5.58 20.43 46.60
C ARG A 732 5.95 21.44 47.68
N SER A 733 7.24 21.55 48.01
CA SER A 733 7.66 22.57 48.96
C SER A 733 7.34 23.97 48.43
N ALA A 734 7.76 24.26 47.21
CA ALA A 734 7.45 25.55 46.62
C ALA A 734 5.95 25.78 46.57
N GLU A 735 5.18 24.74 46.27
CA GLU A 735 3.73 24.88 46.19
C GLU A 735 3.13 25.24 47.54
N MET A 736 3.48 24.51 48.59
CA MET A 736 2.95 24.82 49.91
C MET A 736 3.38 26.21 50.35
N ASN A 737 4.54 26.70 49.88
CA ASN A 737 4.93 28.07 50.21
C ASN A 737 3.92 29.08 49.69
N LEU A 738 3.36 28.84 48.50
CA LEU A 738 2.56 29.86 47.82
C LEU A 738 1.39 30.31 48.69
N LYS A 739 1.16 31.62 48.68
CA LYS A 739 0.01 32.18 49.36
C LYS A 739 -1.22 32.09 48.46
N ASP A 740 -2.39 32.22 49.08
CA ASP A 740 -3.63 32.18 48.31
C ASP A 740 -3.83 33.42 47.46
N LEU A 741 -3.08 34.48 47.72
CA LEU A 741 -3.13 35.67 46.87
C LEU A 741 -2.42 35.47 45.54
N ASN A 742 -1.48 34.53 45.47
CA ASN A 742 -0.72 34.33 44.25
C ASN A 742 -1.64 33.92 43.11
N ASN A 743 -1.56 34.65 42.00
CA ASN A 743 -2.47 34.40 40.89
C ASN A 743 -2.28 33.01 40.30
N VAL A 744 -1.02 32.56 40.18
CA VAL A 744 -0.78 31.24 39.63
C VAL A 744 -1.54 30.19 40.42
N LYS A 745 -1.46 30.26 41.74
CA LYS A 745 -2.17 29.30 42.57
C LYS A 745 -3.67 29.44 42.38
N GLN A 746 -4.17 30.67 42.20
CA GLN A 746 -5.60 30.86 41.99
C GLN A 746 -6.05 30.15 40.72
N MET A 747 -5.27 30.27 39.64
CA MET A 747 -5.63 29.59 38.40
C MET A 747 -5.55 28.08 38.59
N VAL A 748 -4.47 27.60 39.19
CA VAL A 748 -4.31 26.16 39.36
C VAL A 748 -5.50 25.59 40.14
N SER A 749 -5.83 26.19 41.28
CA SER A 749 -6.97 25.74 42.05
C SER A 749 -8.24 25.80 41.23
N ALA A 750 -8.53 26.96 40.63
CA ALA A 750 -9.66 27.03 39.73
C ALA A 750 -9.55 25.98 38.64
N GLY A 751 -8.35 25.71 38.16
CA GLY A 751 -8.13 24.63 37.21
C GLY A 751 -8.48 24.95 35.77
N SER A 752 -8.85 26.19 35.46
CA SER A 752 -9.16 26.52 34.07
C SER A 752 -7.91 26.52 33.21
N LYS A 753 -6.74 26.42 33.84
CA LYS A 753 -5.48 26.30 33.11
C LYS A 753 -4.41 25.83 34.07
N GLY A 754 -3.30 25.35 33.51
CA GLY A 754 -2.13 25.05 34.29
C GLY A 754 -2.27 23.77 35.09
N SER A 755 -1.20 23.45 35.81
CA SER A 755 -1.14 22.27 36.64
C SER A 755 0.05 22.40 37.58
N PHE A 756 0.16 21.47 38.53
CA PHE A 756 1.20 21.57 39.54
C PHE A 756 2.59 21.57 38.91
N ILE A 757 2.82 20.68 37.94
CA ILE A 757 4.15 20.57 37.36
C ILE A 757 4.57 21.90 36.76
N ASN A 758 3.63 22.68 36.23
CA ASN A 758 3.97 24.00 35.72
C ASN A 758 4.64 24.84 36.79
N ILE A 759 4.02 24.92 37.97
CA ILE A 759 4.57 25.70 39.06
C ILE A 759 5.93 25.13 39.46
N ALA A 760 6.00 23.81 39.61
CA ALA A 760 7.24 23.20 40.04
C ALA A 760 8.38 23.56 39.11
N GLN A 761 8.12 23.52 37.80
CA GLN A 761 9.17 23.82 36.84
C GLN A 761 9.51 25.31 36.81
N MET A 762 8.51 26.19 36.79
CA MET A 762 8.83 27.62 36.76
C MET A 762 9.61 28.05 37.99
N SER A 763 9.18 27.66 39.18
CA SER A 763 9.74 28.18 40.42
C SER A 763 10.77 27.27 41.05
N ALA A 764 10.53 25.96 41.08
CA ALA A 764 11.37 25.05 41.85
C ALA A 764 12.51 24.47 41.02
N CYS A 765 12.21 23.74 39.96
CA CYS A 765 13.27 23.13 39.17
C CYS A 765 12.67 22.53 37.91
N VAL A 766 13.38 22.69 36.79
CA VAL A 766 12.96 22.02 35.56
C VAL A 766 13.05 20.51 35.74
N GLY A 767 14.14 20.03 36.34
CA GLY A 767 14.26 18.63 36.69
C GLY A 767 15.17 17.87 35.74
N GLN A 768 14.72 16.65 35.44
CA GLN A 768 15.46 15.78 34.55
C GLN A 768 14.86 15.81 33.15
N GLN A 769 15.73 15.79 32.14
CA GLN A 769 15.30 15.76 30.76
C GLN A 769 15.45 14.35 30.20
N MET A 770 14.35 13.82 29.68
CA MET A 770 14.26 12.43 29.30
C MET A 770 14.13 12.34 27.79
N VAL A 771 14.85 11.41 27.18
CA VAL A 771 14.78 11.18 25.75
C VAL A 771 14.48 9.71 25.51
N GLU A 772 13.39 9.44 24.79
CA GLU A 772 12.97 8.07 24.50
C GLU A 772 13.07 7.20 25.74
N GLY A 773 12.74 7.79 26.89
CA GLY A 773 12.75 7.07 28.14
C GLY A 773 14.10 6.88 28.79
N LYS A 774 15.18 7.31 28.14
CA LYS A 774 16.52 7.14 28.66
C LYS A 774 17.17 8.51 28.82
N ARG A 775 18.18 8.56 29.68
CA ARG A 775 18.88 9.82 29.93
C ARG A 775 19.64 10.24 28.69
N ILE A 776 20.34 11.37 28.80
CA ILE A 776 21.05 11.93 27.66
C ILE A 776 22.18 10.99 27.29
N ALA A 777 22.22 10.58 26.02
CA ALA A 777 23.23 9.66 25.55
C ALA A 777 24.62 10.32 25.56
N PHE A 778 25.64 9.49 25.42
CA PHE A 778 27.02 9.97 25.28
C PHE A 778 27.32 10.08 23.79
N GLY A 779 26.67 11.04 23.13
CA GLY A 779 26.91 11.24 21.71
C GLY A 779 28.38 11.43 21.40
N PHE A 780 29.12 12.06 22.30
CA PHE A 780 30.55 12.22 22.17
C PHE A 780 31.24 10.95 22.66
N ALA A 781 32.56 11.01 22.81
CA ALA A 781 33.32 9.86 23.30
C ALA A 781 33.21 9.82 24.82
N ASP A 782 32.35 8.95 25.31
CA ASP A 782 32.26 8.66 26.73
C ASP A 782 31.82 9.88 27.53
N ARG A 783 30.90 10.66 26.99
CA ARG A 783 30.37 11.83 27.70
C ARG A 783 29.28 12.45 26.85
N SER A 784 28.52 13.35 27.47
CA SER A 784 27.44 14.01 26.76
C SER A 784 27.97 15.16 25.91
N LEU A 785 28.64 16.11 26.55
CA LEU A 785 29.19 17.28 25.88
C LEU A 785 30.68 17.34 26.16
N PRO A 786 31.46 17.87 25.22
CA PRO A 786 32.92 17.79 25.35
C PRO A 786 33.46 18.52 26.56
N HIS A 787 32.68 19.41 27.15
CA HIS A 787 33.14 20.24 28.26
C HIS A 787 33.43 19.44 29.53
N PHE A 788 32.64 18.41 29.82
CA PHE A 788 32.91 17.53 30.95
C PHE A 788 33.95 16.50 30.56
N THR A 789 34.58 15.88 31.56
CA THR A 789 35.52 14.81 31.27
C THR A 789 34.76 13.54 30.89
N LYS A 790 35.52 12.51 30.52
CA LYS A 790 34.92 11.26 30.10
C LYS A 790 34.30 10.52 31.28
N ASP A 791 33.18 9.84 31.01
CA ASP A 791 32.53 8.98 31.99
C ASP A 791 32.11 9.73 33.24
N ASP A 792 31.18 10.67 33.06
CA ASP A 792 30.50 11.33 34.17
C ASP A 792 29.03 10.93 34.12
N PHE A 793 28.52 10.41 35.23
CA PHE A 793 27.16 9.89 35.30
C PHE A 793 26.26 10.76 36.16
N SER A 794 26.79 11.82 36.74
CA SER A 794 26.03 12.64 37.67
C SER A 794 24.85 13.29 36.95
N PRO A 795 23.82 13.72 37.68
CA PRO A 795 22.60 14.19 37.02
C PRO A 795 22.86 15.23 35.94
N GLU A 796 23.50 16.35 36.30
CA GLU A 796 23.81 17.35 35.30
C GLU A 796 24.56 16.77 34.12
N SER A 797 25.44 15.80 34.36
CA SER A 797 26.24 15.22 33.30
C SER A 797 25.42 14.40 32.33
N LYS A 798 24.16 14.10 32.65
CA LYS A 798 23.33 13.35 31.72
C LYS A 798 21.91 13.90 31.68
N GLY A 799 21.75 15.19 31.97
CA GLY A 799 20.52 15.88 31.62
C GLY A 799 19.60 16.23 32.77
N PHE A 800 20.18 16.60 33.91
CA PHE A 800 19.39 17.11 35.03
C PHE A 800 19.52 18.61 35.08
N VAL A 801 18.43 19.31 34.75
CA VAL A 801 18.41 20.77 34.75
C VAL A 801 18.16 21.22 36.19
N GLU A 802 19.23 21.69 36.83
CA GLU A 802 19.17 21.94 38.27
C GLU A 802 18.27 23.13 38.62
N ASN A 803 18.44 24.24 37.91
CA ASN A 803 17.75 25.47 38.27
C ASN A 803 16.35 25.51 37.67
N SER A 804 15.56 26.48 38.11
CA SER A 804 14.25 26.70 37.54
C SER A 804 14.32 27.78 36.48
N TYR A 805 13.26 27.88 35.67
CA TYR A 805 13.25 28.87 34.62
C TYR A 805 13.53 30.27 35.15
N LEU A 806 12.97 30.62 36.30
CA LEU A 806 13.19 31.96 36.83
C LEU A 806 14.66 32.24 37.02
N ARG A 807 15.42 31.26 37.52
CA ARG A 807 16.86 31.47 37.62
C ARG A 807 17.53 31.46 36.26
N GLY A 808 16.94 30.80 35.28
CA GLY A 808 17.57 30.67 33.98
C GLY A 808 18.54 29.52 33.93
N LEU A 809 18.48 28.77 32.84
CA LEU A 809 19.28 27.56 32.67
C LEU A 809 20.73 27.91 32.39
N THR A 810 21.61 26.96 32.65
CA THR A 810 22.97 27.08 32.17
C THR A 810 23.08 26.50 30.76
N PRO A 811 24.16 26.83 30.04
CA PRO A 811 24.20 26.45 28.62
C PRO A 811 23.90 24.98 28.38
N GLN A 812 24.66 24.08 28.99
CA GLN A 812 24.45 22.66 28.76
C GLN A 812 23.00 22.28 29.01
N GLU A 813 22.45 22.75 30.11
CA GLU A 813 21.09 22.41 30.45
C GLU A 813 20.13 22.96 29.42
N PHE A 814 20.41 24.16 28.89
CA PHE A 814 19.59 24.69 27.82
C PHE A 814 19.61 23.77 26.62
N PHE A 815 20.80 23.28 26.24
CA PHE A 815 20.87 22.38 25.10
C PHE A 815 20.07 21.11 25.35
N PHE A 816 20.18 20.54 26.55
CA PHE A 816 19.42 19.34 26.86
C PHE A 816 17.93 19.61 26.75
N HIS A 817 17.49 20.75 27.27
CA HIS A 817 16.09 21.12 27.13
C HIS A 817 15.68 21.20 25.67
N ALA A 818 16.57 21.73 24.83
CA ALA A 818 16.27 21.79 23.41
C ALA A 818 16.08 20.40 22.83
N MET A 819 16.95 19.46 23.21
CA MET A 819 16.79 18.09 22.76
C MET A 819 15.41 17.57 23.12
N ALA A 820 15.03 17.75 24.38
CA ALA A 820 13.74 17.25 24.84
C ALA A 820 12.59 17.86 24.04
N GLY A 821 12.62 19.18 23.84
CA GLY A 821 11.54 19.83 23.12
C GLY A 821 11.44 19.34 21.69
N ARG A 822 12.58 19.21 21.02
CA ARG A 822 12.56 18.71 19.65
C ARG A 822 11.95 17.31 19.62
N GLU A 823 12.30 16.48 20.59
CA GLU A 823 11.76 15.14 20.64
C GLU A 823 10.24 15.18 20.77
N GLY A 824 9.72 16.00 21.67
CA GLY A 824 8.28 16.11 21.80
C GLY A 824 7.62 16.55 20.51
N LEU A 825 8.22 17.53 19.85
CA LEU A 825 7.68 18.02 18.59
C LEU A 825 7.58 16.90 17.57
N ILE A 826 8.67 16.15 17.41
CA ILE A 826 8.68 15.06 16.45
C ILE A 826 7.58 14.05 16.80
N ASP A 827 7.44 13.74 18.09
CA ASP A 827 6.45 12.75 18.49
C ASP A 827 5.05 13.20 18.09
N THR A 828 4.71 14.45 18.38
CA THR A 828 3.38 14.92 18.00
C THR A 828 3.19 14.84 16.49
N ALA A 829 4.19 15.31 15.75
CA ALA A 829 4.07 15.34 14.29
C ALA A 829 3.82 13.94 13.74
N VAL A 830 4.54 12.95 14.26
CA VAL A 830 4.33 11.58 13.77
C VAL A 830 2.95 11.08 14.19
N LYS A 831 2.59 11.26 15.46
CA LYS A 831 1.39 10.63 15.97
C LYS A 831 0.13 11.09 15.24
N THR A 832 0.07 12.37 14.86
CA THR A 832 -1.19 12.88 14.32
C THR A 832 -1.63 12.08 13.09
N ALA A 833 -0.73 11.86 12.14
CA ALA A 833 -1.11 11.18 10.90
C ALA A 833 -1.54 9.75 11.16
N GLU A 834 -0.81 9.03 12.01
CA GLU A 834 -1.17 7.65 12.29
C GLU A 834 -2.55 7.57 12.91
N THR A 835 -2.85 8.46 13.86
CA THR A 835 -4.17 8.46 14.45
C THR A 835 -5.24 8.72 13.40
N GLY A 836 -4.98 9.68 12.51
CA GLY A 836 -5.94 9.92 11.43
C GLY A 836 -6.18 8.68 10.60
N TYR A 837 -5.12 7.98 10.24
CA TYR A 837 -5.27 6.77 9.43
C TYR A 837 -6.12 5.73 10.15
N ILE A 838 -5.83 5.49 11.42
CA ILE A 838 -6.57 4.46 12.15
C ILE A 838 -8.04 4.83 12.22
N GLN A 839 -8.33 6.10 12.50
CA GLN A 839 -9.72 6.52 12.57
C GLN A 839 -10.40 6.31 11.22
N ARG A 840 -9.71 6.64 10.13
CA ARG A 840 -10.28 6.41 8.81
C ARG A 840 -10.63 4.94 8.61
N ARG A 841 -9.69 4.06 8.92
CA ARG A 841 -9.95 2.63 8.73
C ARG A 841 -11.16 2.19 9.51
N LEU A 842 -11.20 2.51 10.81
CA LEU A 842 -12.34 2.11 11.61
C LEU A 842 -13.64 2.62 11.01
N VAL A 843 -13.71 3.91 10.71
CA VAL A 843 -14.96 4.46 10.21
C VAL A 843 -15.39 3.71 8.96
N LYS A 844 -14.44 3.41 8.08
CA LYS A 844 -14.81 2.66 6.89
C LYS A 844 -15.36 1.29 7.25
N ALA A 845 -14.77 0.64 8.26
CA ALA A 845 -15.18 -0.72 8.58
C ALA A 845 -16.65 -0.79 8.99
N LEU A 846 -17.05 0.03 9.96
CA LEU A 846 -18.35 -0.08 10.61
C LEU A 846 -19.42 0.77 9.93
N GLU A 847 -19.06 1.39 8.80
CA GLU A 847 -19.86 2.48 8.25
C GLU A 847 -21.29 2.08 7.95
N ASP A 848 -21.57 0.78 7.78
CA ASP A 848 -22.87 0.34 7.31
C ASP A 848 -23.77 -0.16 8.41
N ILE A 849 -23.24 -0.44 9.60
CA ILE A 849 -24.02 -1.02 10.68
C ILE A 849 -25.04 -0.01 11.15
N MET A 850 -26.30 -0.44 11.27
CA MET A 850 -27.35 0.43 11.75
C MET A 850 -28.32 -0.38 12.60
N VAL A 851 -29.24 0.33 13.26
CA VAL A 851 -30.18 -0.31 14.16
C VAL A 851 -31.57 -0.29 13.54
N HIS A 852 -32.09 -1.48 13.25
CA HIS A 852 -33.41 -1.60 12.63
C HIS A 852 -34.50 -1.46 13.69
N TYR A 853 -35.74 -1.72 13.30
CA TYR A 853 -36.84 -1.63 14.25
C TYR A 853 -36.88 -2.82 15.19
N ASP A 854 -36.57 -4.01 14.72
CA ASP A 854 -36.66 -5.20 15.54
C ASP A 854 -35.77 -5.14 16.78
N GLY A 855 -34.88 -4.14 16.87
CA GLY A 855 -33.95 -4.06 17.96
C GLY A 855 -32.66 -4.81 17.73
N THR A 856 -32.45 -5.34 16.52
CA THR A 856 -31.22 -6.05 16.22
C THR A 856 -30.31 -5.18 15.36
N THR A 857 -29.01 -5.39 15.51
CA THR A 857 -27.99 -4.57 14.86
C THR A 857 -27.44 -5.34 13.67
N ARG A 858 -27.81 -4.90 12.46
CA ARG A 858 -27.43 -5.57 11.23
C ARG A 858 -26.66 -4.65 10.31
N ASN A 859 -25.71 -5.23 9.59
CA ASN A 859 -25.02 -4.52 8.52
C ASN A 859 -25.93 -4.52 7.30
N SER A 860 -25.39 -4.12 6.14
CA SER A 860 -26.24 -3.97 4.97
C SER A 860 -26.93 -5.28 4.60
N LEU A 861 -26.14 -6.36 4.45
CA LEU A 861 -26.68 -7.61 3.95
C LEU A 861 -27.83 -8.14 4.79
N GLY A 862 -27.84 -7.86 6.08
CA GLY A 862 -28.79 -8.46 6.99
C GLY A 862 -28.18 -9.33 8.07
N ASP A 863 -26.89 -9.60 8.00
CA ASP A 863 -26.22 -10.23 9.12
C ASP A 863 -26.61 -9.51 10.40
N ILE A 864 -26.73 -10.26 11.48
CA ILE A 864 -27.05 -9.68 12.78
C ILE A 864 -25.81 -9.78 13.67
N ILE A 865 -25.33 -8.63 14.13
CA ILE A 865 -24.12 -8.60 14.96
C ILE A 865 -24.46 -8.58 16.43
N GLN A 866 -25.40 -7.72 16.81
CA GLN A 866 -25.99 -7.74 18.14
C GLN A 866 -27.50 -7.82 17.99
N PHE A 867 -28.11 -8.74 18.73
CA PHE A 867 -29.55 -8.86 18.72
C PHE A 867 -30.24 -7.71 19.43
N LEU A 868 -29.57 -7.11 20.42
CA LEU A 868 -30.09 -5.93 21.10
C LEU A 868 -28.93 -5.00 21.37
N TYR A 869 -28.92 -3.84 20.71
CA TYR A 869 -27.73 -3.01 20.66
C TYR A 869 -27.10 -2.88 22.04
N GLY A 870 -25.80 -3.12 22.12
CA GLY A 870 -25.08 -3.01 23.37
C GLY A 870 -25.58 -3.92 24.48
N GLU A 871 -26.53 -4.80 24.18
CA GLU A 871 -27.12 -5.72 25.14
C GLU A 871 -28.09 -5.04 26.09
N ASP A 872 -28.50 -3.80 25.82
CA ASP A 872 -29.53 -3.17 26.63
C ASP A 872 -30.59 -2.42 25.83
N GLY A 873 -30.35 -2.13 24.55
CA GLY A 873 -31.31 -1.33 23.81
C GLY A 873 -31.41 0.10 24.28
N LEU A 874 -30.33 0.67 24.80
CA LEU A 874 -30.32 2.03 25.33
C LEU A 874 -29.36 2.88 24.53
N ASP A 875 -29.75 4.12 24.28
CA ASP A 875 -28.81 5.11 23.81
C ASP A 875 -27.64 5.20 24.78
N GLY A 876 -26.50 5.68 24.28
CA GLY A 876 -25.33 5.87 25.12
C GLY A 876 -25.33 7.17 25.92
N THR A 877 -26.21 8.11 25.58
CA THR A 877 -26.30 9.35 26.32
C THR A 877 -27.22 9.27 27.52
N GLN A 878 -28.08 8.24 27.60
CA GLN A 878 -29.11 8.16 28.62
C GLN A 878 -28.69 7.25 29.77
N VAL A 879 -27.41 7.25 30.13
CA VAL A 879 -26.91 6.41 31.21
C VAL A 879 -26.07 7.27 32.12
N GLU A 880 -25.87 6.80 33.35
CA GLU A 880 -25.12 7.54 34.35
C GLU A 880 -24.53 6.57 35.35
N ARG A 881 -23.35 6.90 35.87
CA ARG A 881 -22.75 6.07 36.92
C ARG A 881 -23.65 6.11 38.14
N GLN A 882 -24.23 4.96 38.47
CA GLN A 882 -25.04 4.81 39.67
C GLN A 882 -24.38 3.78 40.57
N THR A 883 -24.97 3.60 41.75
CA THR A 883 -24.52 2.60 42.71
C THR A 883 -25.69 1.72 43.08
N ILE A 884 -25.48 0.40 43.05
CA ILE A 884 -26.49 -0.55 43.49
C ILE A 884 -26.04 -1.05 44.85
N ASP A 885 -26.76 -0.63 45.90
CA ASP A 885 -26.34 -0.92 47.26
C ASP A 885 -26.50 -2.39 47.62
N THR A 886 -27.24 -3.15 46.81
CA THR A 886 -27.42 -4.57 47.12
C THR A 886 -26.11 -5.34 47.08
N ILE A 887 -25.15 -4.89 46.28
CA ILE A 887 -23.89 -5.61 46.10
C ILE A 887 -23.00 -5.47 47.32
N PRO A 888 -22.57 -4.26 47.67
CA PRO A 888 -21.56 -4.12 48.71
C PRO A 888 -22.15 -4.37 50.09
N GLY A 889 -21.28 -4.32 51.09
CA GLY A 889 -21.74 -4.43 52.45
C GLY A 889 -21.68 -5.84 52.97
N SER A 890 -21.84 -5.97 54.28
CA SER A 890 -21.80 -7.27 54.94
C SER A 890 -23.17 -7.93 54.92
N ASP A 891 -23.16 -9.25 55.06
CA ASP A 891 -24.39 -9.96 55.39
C ASP A 891 -25.10 -9.31 56.55
N LYS A 892 -24.36 -9.00 57.63
CA LYS A 892 -24.97 -8.32 58.76
C LYS A 892 -25.59 -7.01 58.33
N ALA A 893 -24.86 -6.20 57.57
CA ALA A 893 -25.39 -4.92 57.12
C ALA A 893 -26.61 -5.12 56.23
N PHE A 894 -26.53 -6.07 55.29
CA PHE A 894 -27.68 -6.33 54.44
C PHE A 894 -28.90 -6.65 55.29
N HIS A 895 -28.77 -7.60 56.20
CA HIS A 895 -29.89 -7.97 57.05
C HIS A 895 -30.42 -6.77 57.81
N LYS A 896 -29.53 -6.03 58.47
CA LYS A 896 -29.96 -4.88 59.26
C LYS A 896 -30.61 -3.80 58.40
N ARG A 897 -30.32 -3.80 57.11
CA ARG A 897 -30.87 -2.78 56.21
C ARG A 897 -32.19 -3.22 55.60
N TYR A 898 -32.18 -4.33 54.86
CA TYR A 898 -33.34 -4.72 54.07
C TYR A 898 -34.30 -5.61 54.83
N TYR A 899 -33.81 -6.43 55.75
CA TYR A 899 -34.67 -7.44 56.34
C TYR A 899 -35.78 -6.80 57.17
N VAL A 900 -36.92 -7.51 57.22
CA VAL A 900 -38.07 -7.09 57.99
C VAL A 900 -38.51 -8.26 58.85
N ASP A 901 -39.23 -7.94 59.92
CA ASP A 901 -39.77 -8.96 60.82
C ASP A 901 -40.99 -8.38 61.51
N LEU A 902 -42.18 -8.83 61.11
CA LEU A 902 -43.41 -8.35 61.70
C LEU A 902 -43.69 -8.96 63.06
N MET A 903 -43.26 -10.21 63.29
CA MET A 903 -43.47 -10.83 64.58
C MET A 903 -42.67 -10.12 65.67
N ASP A 904 -41.38 -9.92 65.46
CA ASP A 904 -40.53 -9.23 66.42
C ASP A 904 -40.68 -7.73 66.21
N GLU A 905 -40.91 -7.01 67.31
CA GLU A 905 -41.13 -5.57 67.22
C GLU A 905 -39.83 -4.79 67.41
N LYS A 906 -38.89 -5.34 68.18
CA LYS A 906 -37.63 -4.63 68.42
C LYS A 906 -36.79 -4.49 67.15
N ASN A 907 -37.14 -5.21 66.09
CA ASN A 907 -36.49 -5.10 64.79
C ASN A 907 -37.55 -5.02 63.70
N SER A 908 -38.52 -4.14 63.89
CA SER A 908 -39.60 -3.92 62.96
C SER A 908 -39.73 -2.43 62.66
N ILE A 909 -40.58 -2.11 61.68
CA ILE A 909 -40.77 -0.72 61.27
C ILE A 909 -41.14 0.13 62.47
N LYS A 910 -40.68 1.37 62.47
CA LYS A 910 -41.05 2.29 63.53
C LYS A 910 -42.54 2.61 63.45
N PRO A 911 -43.27 2.55 64.56
CA PRO A 911 -44.72 2.84 64.49
C PRO A 911 -45.03 4.29 64.26
N ASP A 912 -44.12 5.21 64.57
CA ASP A 912 -44.37 6.63 64.40
C ASP A 912 -44.31 7.07 62.95
N VAL A 913 -44.05 6.15 62.02
CA VAL A 913 -43.94 6.49 60.61
C VAL A 913 -45.10 5.95 59.79
N ILE A 914 -46.04 5.23 60.40
CA ILE A 914 -47.15 4.61 59.69
C ILE A 914 -48.43 4.79 60.50
N GLU A 915 -49.53 5.01 59.80
CA GLU A 915 -50.84 5.20 60.42
C GLU A 915 -51.45 3.90 60.93
N TYR A 916 -50.83 2.76 60.67
CA TYR A 916 -51.43 1.46 60.91
C TYR A 916 -50.46 0.54 61.64
N ALA A 917 -49.60 1.12 62.48
CA ALA A 917 -48.60 0.32 63.17
C ALA A 917 -49.24 -0.83 63.95
N ALA A 918 -50.47 -0.63 64.44
CA ALA A 918 -51.17 -1.68 65.14
C ALA A 918 -51.53 -2.86 64.24
N ASP A 919 -51.98 -2.59 63.02
CA ASP A 919 -52.43 -3.64 62.12
C ASP A 919 -51.32 -4.57 61.66
N ILE A 920 -50.05 -4.19 61.87
CA ILE A 920 -48.93 -4.90 61.31
C ILE A 920 -48.30 -5.85 62.32
N LEU A 921 -48.00 -5.35 63.52
CA LEU A 921 -47.26 -6.12 64.52
C LEU A 921 -47.80 -7.53 64.63
N GLY A 922 -46.96 -8.53 64.33
CA GLY A 922 -47.31 -9.92 64.50
C GLY A 922 -48.14 -10.52 63.39
N ASP A 923 -48.52 -9.75 62.38
CA ASP A 923 -49.34 -10.28 61.30
C ASP A 923 -48.50 -11.19 60.41
N VAL A 924 -49.19 -11.97 59.57
CA VAL A 924 -48.52 -12.95 58.74
C VAL A 924 -48.77 -12.73 57.25
N GLU A 925 -50.01 -12.47 56.84
CA GLU A 925 -50.28 -12.26 55.41
C GLU A 925 -49.40 -11.15 54.86
N LEU A 926 -49.01 -10.19 55.70
CA LEU A 926 -48.01 -9.23 55.31
C LEU A 926 -46.61 -9.82 55.42
N GLN A 927 -46.39 -10.66 56.43
CA GLN A 927 -45.08 -11.28 56.60
C GLN A 927 -44.71 -12.13 55.40
N LYS A 928 -45.71 -12.77 54.77
CA LYS A 928 -45.42 -13.60 53.61
C LYS A 928 -45.01 -12.76 52.40
N GLU A 929 -45.71 -11.64 52.16
CA GLU A 929 -45.30 -10.75 51.08
C GLU A 929 -43.89 -10.24 51.32
N LEU A 930 -43.61 -9.80 52.55
CA LEU A 930 -42.29 -9.29 52.88
C LEU A 930 -41.23 -10.37 52.69
N ASN A 931 -41.54 -11.60 53.10
CA ASN A 931 -40.59 -12.70 52.93
C ASN A 931 -40.34 -12.97 51.46
N SER A 932 -41.39 -12.97 50.64
CA SER A 932 -41.20 -13.20 49.21
C SER A 932 -40.28 -12.15 48.61
N GLU A 933 -40.53 -10.89 48.92
CA GLU A 933 -39.72 -9.82 48.34
C GLU A 933 -38.28 -9.90 48.86
N TYR A 934 -38.11 -10.20 50.14
CA TYR A 934 -36.76 -10.31 50.70
C TYR A 934 -36.00 -11.47 50.07
N GLU A 935 -36.67 -12.59 49.82
CA GLU A 935 -36.02 -13.69 49.14
C GLU A 935 -35.64 -13.30 47.72
N GLN A 936 -36.51 -12.55 47.05
CA GLN A 936 -36.17 -12.05 45.73
C GLN A 936 -34.87 -11.24 45.78
N LEU A 937 -34.76 -10.34 46.77
CA LEU A 937 -33.55 -9.54 46.90
C LEU A 937 -32.34 -10.40 47.21
N VAL A 938 -32.51 -11.41 48.07
CA VAL A 938 -31.39 -12.28 48.40
C VAL A 938 -30.88 -12.98 47.15
N SER A 939 -31.79 -13.51 46.36
CA SER A 939 -31.41 -14.15 45.10
C SER A 939 -30.71 -13.17 44.19
N ASP A 940 -31.23 -11.94 44.10
CA ASP A 940 -30.60 -10.95 43.23
C ASP A 940 -29.19 -10.64 43.69
N ARG A 941 -28.98 -10.49 45.00
CA ARG A 941 -27.65 -10.19 45.48
C ARG A 941 -26.71 -11.33 45.17
N LYS A 942 -27.14 -12.57 45.42
CA LYS A 942 -26.30 -13.71 45.09
C LYS A 942 -25.95 -13.71 43.61
N PHE A 943 -26.96 -13.58 42.76
CA PHE A 943 -26.75 -13.62 41.32
C PHE A 943 -25.75 -12.57 40.88
N LEU A 944 -26.01 -11.31 41.24
CA LEU A 944 -25.11 -10.24 40.80
C LEU A 944 -23.71 -10.47 41.35
N ARG A 945 -23.59 -10.64 42.67
CA ARG A 945 -22.29 -10.72 43.31
C ARG A 945 -21.47 -11.90 42.84
N GLU A 946 -22.12 -12.97 42.37
CA GLU A 946 -21.37 -14.18 42.00
C GLU A 946 -21.22 -14.36 40.51
N ILE A 947 -22.02 -13.67 39.69
CA ILE A 947 -21.97 -13.78 38.25
C ILE A 947 -21.46 -12.50 37.61
N VAL A 948 -22.16 -11.38 37.84
CA VAL A 948 -21.92 -10.19 37.05
C VAL A 948 -20.61 -9.52 37.48
N PHE A 949 -20.51 -9.13 38.75
CA PHE A 949 -19.38 -8.34 39.24
C PHE A 949 -18.61 -9.20 40.23
N VAL A 950 -17.49 -9.75 39.78
CA VAL A 950 -16.73 -10.67 40.62
C VAL A 950 -15.92 -9.92 41.66
N ASN A 951 -15.23 -8.85 41.25
CA ASN A 951 -14.34 -8.16 42.18
C ASN A 951 -15.08 -7.43 43.29
N GLY A 952 -16.26 -6.88 42.99
CA GLY A 952 -17.02 -6.13 43.96
C GLY A 952 -17.24 -4.67 43.62
N ASP A 953 -17.03 -4.27 42.37
CA ASP A 953 -17.28 -2.89 41.98
C ASP A 953 -18.77 -2.68 41.75
N HIS A 954 -19.37 -1.82 42.56
CA HIS A 954 -20.81 -1.58 42.52
C HIS A 954 -21.16 -0.25 41.86
N ASN A 955 -20.22 0.36 41.14
CA ASN A 955 -20.45 1.62 40.44
C ASN A 955 -20.43 1.32 38.95
N TRP A 956 -21.53 1.60 38.26
CA TRP A 956 -21.65 1.27 36.85
C TRP A 956 -22.65 2.21 36.18
N PRO A 957 -22.57 2.34 34.85
CA PRO A 957 -23.59 3.13 34.15
C PRO A 957 -24.89 2.36 34.02
N LEU A 958 -25.98 2.97 34.42
CA LEU A 958 -27.30 2.38 34.25
C LEU A 958 -28.27 3.48 33.85
N PRO A 959 -29.36 3.12 33.20
CA PRO A 959 -30.32 4.14 32.74
C PRO A 959 -31.15 4.70 33.87
N VAL A 960 -31.71 5.88 33.63
CA VAL A 960 -32.69 6.50 34.51
C VAL A 960 -32.16 6.54 35.93
N ASN A 961 -31.49 7.63 36.29
CA ASN A 961 -31.04 7.79 37.67
C ASN A 961 -32.23 7.79 38.60
N LEU A 962 -32.05 7.24 39.78
CA LEU A 962 -33.12 7.12 40.77
C LEU A 962 -33.03 8.17 41.87
N ARG A 963 -31.88 8.26 42.55
CA ARG A 963 -31.74 9.21 43.64
C ARG A 963 -32.36 10.55 43.29
N ARG A 964 -32.14 11.01 42.06
CA ARG A 964 -32.71 12.29 41.66
C ARG A 964 -34.22 12.25 41.66
N ILE A 965 -34.81 11.16 41.14
CA ILE A 965 -36.26 11.07 41.12
C ILE A 965 -36.80 11.03 42.53
N ILE A 966 -36.12 10.29 43.41
CA ILE A 966 -36.54 10.22 44.81
C ILE A 966 -36.58 11.61 45.42
N GLN A 967 -35.49 12.38 45.26
CA GLN A 967 -35.44 13.66 45.93
C GLN A 967 -36.34 14.69 45.25
N ASN A 968 -36.57 14.56 43.94
CA ASN A 968 -37.58 15.40 43.30
C ASN A 968 -38.95 15.13 43.88
N ALA A 969 -39.29 13.85 44.09
CA ALA A 969 -40.55 13.54 44.75
C ALA A 969 -40.58 14.15 46.15
N GLN A 970 -39.49 14.00 46.89
CA GLN A 970 -39.43 14.59 48.24
C GLN A 970 -39.77 16.07 48.19
N GLN A 971 -39.10 16.82 47.32
CA GLN A 971 -39.33 18.25 47.25
C GLN A 971 -40.76 18.56 46.82
N ILE A 972 -41.28 17.81 45.85
CA ILE A 972 -42.56 18.17 45.24
C ILE A 972 -43.69 18.08 46.27
N PHE A 973 -43.49 17.31 47.34
CA PHE A 973 -44.54 17.08 48.32
C PHE A 973 -44.12 17.41 49.75
N HIS A 974 -42.94 18.01 49.95
CA HIS A 974 -42.51 18.47 51.27
C HIS A 974 -42.46 17.29 52.25
N LEU A 975 -41.61 16.31 51.93
CA LEU A 975 -41.59 15.05 52.65
C LEU A 975 -40.56 15.01 53.77
N ASP A 976 -40.24 16.14 54.38
CA ASP A 976 -39.44 16.15 55.59
C ASP A 976 -40.35 15.87 56.79
N ARG A 977 -39.85 16.13 58.00
CA ARG A 977 -40.60 15.88 59.22
C ARG A 977 -40.78 14.38 59.44
N ALA A 978 -41.41 14.00 60.55
CA ALA A 978 -41.68 12.61 60.88
C ALA A 978 -43.13 12.23 60.66
N LYS A 979 -43.80 12.87 59.71
CA LYS A 979 -45.20 12.55 59.44
C LYS A 979 -45.34 11.09 59.02
N ALA A 980 -46.30 10.40 59.61
CA ALA A 980 -46.44 8.97 59.37
C ALA A 980 -46.92 8.71 57.95
N SER A 981 -46.33 7.69 57.33
CA SER A 981 -46.76 7.27 56.00
C SER A 981 -48.18 6.70 56.05
N ASP A 982 -48.96 7.04 55.03
CA ASP A 982 -50.31 6.52 54.86
C ASP A 982 -50.38 5.57 53.66
N LEU A 983 -49.35 4.76 53.47
CA LEU A 983 -49.23 3.90 52.30
C LEU A 983 -49.09 2.46 52.75
N THR A 984 -49.91 1.58 52.18
CA THR A 984 -49.93 0.18 52.60
C THR A 984 -48.80 -0.58 51.94
N ILE A 985 -48.12 -1.41 52.73
CA ILE A 985 -47.05 -2.26 52.19
C ILE A 985 -47.54 -3.07 51.00
N PRO A 986 -48.71 -3.72 51.04
CA PRO A 986 -49.13 -4.47 49.85
C PRO A 986 -49.20 -3.65 48.61
N GLU A 987 -49.66 -2.39 48.69
CA GLU A 987 -49.69 -1.54 47.51
C GLU A 987 -48.29 -1.29 46.98
N ILE A 988 -47.34 -1.06 47.89
CA ILE A 988 -45.97 -0.80 47.47
C ILE A 988 -45.39 -2.00 46.74
N ILE A 989 -45.51 -3.18 47.33
CA ILE A 989 -44.92 -4.36 46.70
C ILE A 989 -45.66 -4.72 45.43
N HIS A 990 -46.98 -4.51 45.41
CA HIS A 990 -47.75 -4.73 44.19
C HIS A 990 -47.27 -3.84 43.06
N GLY A 991 -47.10 -2.55 43.33
CA GLY A 991 -46.58 -1.65 42.31
C GLY A 991 -45.19 -2.04 41.85
N VAL A 992 -44.30 -2.35 42.80
CA VAL A 992 -42.93 -2.70 42.43
C VAL A 992 -42.94 -3.92 41.52
N ARG A 993 -43.63 -4.98 41.93
CA ARG A 993 -43.68 -6.19 41.11
C ARG A 993 -44.30 -5.89 39.76
N ASP A 994 -45.38 -5.11 39.74
CA ASP A 994 -46.00 -4.76 38.46
C ASP A 994 -45.04 -3.96 37.60
N LEU A 995 -44.29 -3.03 38.20
CA LEU A 995 -43.39 -2.20 37.41
C LEU A 995 -42.36 -3.06 36.68
N CYS A 996 -41.78 -4.04 37.37
CA CYS A 996 -40.70 -4.81 36.78
C CYS A 996 -41.14 -5.50 35.50
N LYS A 997 -42.43 -5.71 35.30
CA LYS A 997 -42.94 -6.33 34.08
C LYS A 997 -43.48 -5.32 33.08
N LYS A 998 -43.32 -4.02 33.33
CA LYS A 998 -43.84 -2.99 32.44
C LYS A 998 -42.76 -2.30 31.62
N LEU A 999 -41.50 -2.55 31.90
CA LEU A 999 -40.40 -1.89 31.18
C LEU A 999 -40.28 -2.52 29.81
N PHE A 1000 -41.00 -1.94 28.85
CA PHE A 1000 -41.04 -2.45 27.49
C PHE A 1000 -39.72 -2.18 26.77
N VAL A 1001 -39.15 -3.22 26.18
CA VAL A 1001 -38.02 -3.10 25.26
C VAL A 1001 -38.36 -3.65 23.89
N LEU A 1002 -38.96 -4.83 23.84
CA LEU A 1002 -39.47 -5.44 22.62
C LEU A 1002 -40.94 -5.77 22.83
N ARG A 1003 -41.78 -5.40 21.86
CA ARG A 1003 -43.22 -5.49 22.00
C ARG A 1003 -43.77 -6.57 21.08
N GLY A 1004 -44.23 -7.67 21.68
CA GLY A 1004 -44.70 -8.81 20.94
C GLY A 1004 -44.93 -10.01 21.85
N GLU A 1005 -45.74 -10.97 21.41
CA GLU A 1005 -46.21 -12.03 22.29
C GLU A 1005 -45.50 -13.36 22.10
N ASN A 1006 -44.50 -13.43 21.23
CA ASN A 1006 -43.69 -14.64 21.16
C ASN A 1006 -43.01 -14.89 22.50
N GLU A 1007 -42.87 -16.17 22.84
CA GLU A 1007 -42.13 -16.50 24.06
C GLU A 1007 -40.74 -15.91 24.02
N LEU A 1008 -40.00 -16.16 22.94
CA LEU A 1008 -38.63 -15.65 22.85
C LEU A 1008 -38.60 -14.15 23.06
N ILE A 1009 -39.60 -13.44 22.56
CA ILE A 1009 -39.66 -12.00 22.80
C ILE A 1009 -39.68 -11.73 24.30
N LYS A 1010 -40.52 -12.45 25.03
CA LYS A 1010 -40.66 -12.20 26.46
C LYS A 1010 -39.39 -12.56 27.20
N GLU A 1011 -38.74 -13.66 26.79
CA GLU A 1011 -37.47 -14.03 27.41
C GLU A 1011 -36.42 -12.95 27.17
N ALA A 1012 -36.38 -12.39 25.96
CA ALA A 1012 -35.45 -11.31 25.68
C ALA A 1012 -35.76 -10.09 26.55
N GLN A 1013 -37.04 -9.73 26.63
CA GLN A 1013 -37.43 -8.64 27.51
C GLN A 1013 -36.91 -8.87 28.92
N GLN A 1014 -37.11 -10.08 29.44
CA GLN A 1014 -36.59 -10.40 30.77
C GLN A 1014 -35.08 -10.21 30.84
N ASN A 1015 -34.36 -10.71 29.83
CA ASN A 1015 -32.91 -10.65 29.89
C ASN A 1015 -32.40 -9.22 29.85
N ALA A 1016 -33.06 -8.36 29.07
CA ALA A 1016 -32.57 -7.00 28.91
C ALA A 1016 -32.60 -6.23 30.22
N THR A 1017 -33.74 -6.20 30.90
CA THR A 1017 -33.94 -5.33 32.06
C THR A 1017 -33.45 -5.97 33.35
N SER A 1018 -32.60 -7.00 33.25
CA SER A 1018 -32.22 -7.74 34.44
C SER A 1018 -31.52 -6.83 35.45
N LEU A 1019 -30.46 -6.15 35.03
CA LEU A 1019 -29.70 -5.36 35.99
C LEU A 1019 -30.44 -4.08 36.33
N PHE A 1020 -31.19 -3.53 35.39
CA PHE A 1020 -32.00 -2.35 35.72
C PHE A 1020 -33.06 -2.69 36.75
N GLN A 1021 -33.73 -3.82 36.59
CA GLN A 1021 -34.70 -4.24 37.59
C GLN A 1021 -34.02 -4.51 38.92
N CYS A 1022 -32.83 -5.10 38.89
CA CYS A 1022 -32.08 -5.30 40.13
C CYS A 1022 -31.82 -3.97 40.82
N LEU A 1023 -31.42 -2.96 40.07
CA LEU A 1023 -31.22 -1.64 40.67
C LEU A 1023 -32.52 -1.11 41.26
N VAL A 1024 -33.61 -1.20 40.49
CA VAL A 1024 -34.88 -0.67 40.97
C VAL A 1024 -35.24 -1.29 42.29
N ARG A 1025 -35.17 -2.62 42.38
CA ARG A 1025 -35.48 -3.28 43.64
C ARG A 1025 -34.50 -2.87 44.73
N ALA A 1026 -33.21 -2.77 44.40
CA ALA A 1026 -32.23 -2.35 45.40
C ALA A 1026 -32.62 -1.02 46.00
N ARG A 1027 -33.23 -0.13 45.22
CA ARG A 1027 -33.66 1.15 45.75
C ARG A 1027 -35.01 1.05 46.45
N LEU A 1028 -36.06 0.68 45.71
CA LEU A 1028 -37.43 0.78 46.23
C LEU A 1028 -37.78 -0.46 47.03
N ALA A 1029 -37.12 -0.61 48.18
CA ALA A 1029 -37.49 -1.61 49.16
C ALA A 1029 -38.37 -0.99 50.23
N THR A 1030 -39.31 -1.79 50.74
CA THR A 1030 -40.33 -1.26 51.64
C THR A 1030 -39.70 -0.53 52.82
N ARG A 1031 -38.72 -1.14 53.48
CA ARG A 1031 -38.02 -0.44 54.55
C ARG A 1031 -37.47 0.88 54.04
N ARG A 1032 -36.77 0.87 52.91
CA ARG A 1032 -36.19 2.09 52.39
C ARG A 1032 -37.28 3.13 52.16
N ILE A 1033 -38.34 2.77 51.45
CA ILE A 1033 -39.39 3.74 51.15
C ILE A 1033 -39.95 4.32 52.44
N LEU A 1034 -40.32 3.46 53.39
CA LEU A 1034 -41.07 3.93 54.54
C LEU A 1034 -40.21 4.75 55.48
N GLU A 1035 -38.91 4.44 55.58
CA GLU A 1035 -38.06 5.16 56.53
C GLU A 1035 -37.25 6.26 55.86
N GLU A 1036 -36.40 5.92 54.89
CA GLU A 1036 -35.49 6.92 54.36
C GLU A 1036 -36.19 7.93 53.48
N PHE A 1037 -37.34 7.57 52.92
CA PHE A 1037 -38.04 8.43 51.96
C PHE A 1037 -39.39 8.89 52.48
N ARG A 1038 -40.08 8.06 53.24
CA ARG A 1038 -41.33 8.47 53.90
C ARG A 1038 -42.33 9.02 52.87
N LEU A 1039 -42.31 8.45 51.68
CA LEU A 1039 -43.24 8.89 50.67
C LEU A 1039 -44.68 8.68 51.14
N ASN A 1040 -45.59 9.36 50.47
CA ASN A 1040 -47.01 9.12 50.62
C ASN A 1040 -47.49 8.31 49.44
N ARG A 1041 -48.80 8.10 49.36
CA ARG A 1041 -49.36 7.31 48.26
C ARG A 1041 -49.14 7.99 46.92
N ASP A 1042 -49.55 9.25 46.81
CA ASP A 1042 -49.43 9.94 45.53
C ASP A 1042 -47.97 10.16 45.16
N ALA A 1043 -47.11 10.39 46.16
CA ALA A 1043 -45.68 10.49 45.87
C ALA A 1043 -45.17 9.20 45.24
N PHE A 1044 -45.56 8.06 45.79
CA PHE A 1044 -45.13 6.79 45.21
C PHE A 1044 -45.68 6.62 43.80
N GLU A 1045 -46.93 6.99 43.59
CA GLU A 1045 -47.50 6.90 42.25
C GLU A 1045 -46.69 7.72 41.27
N TRP A 1046 -46.34 8.94 41.65
CA TRP A 1046 -45.57 9.80 40.77
C TRP A 1046 -44.19 9.21 40.51
N VAL A 1047 -43.56 8.62 41.54
CA VAL A 1047 -42.26 8.02 41.34
C VAL A 1047 -42.35 6.91 40.30
N LEU A 1048 -43.37 6.06 40.41
CA LEU A 1048 -43.49 4.95 39.47
C LEU A 1048 -43.74 5.46 38.05
N GLY A 1049 -44.66 6.41 37.90
CA GLY A 1049 -44.91 6.96 36.58
C GLY A 1049 -43.67 7.61 35.99
N THR A 1050 -42.92 8.33 36.83
CA THR A 1050 -41.71 9.00 36.37
C THR A 1050 -40.68 7.99 35.90
N ILE A 1051 -40.43 6.94 36.69
CA ILE A 1051 -39.46 5.94 36.27
C ILE A 1051 -39.90 5.31 34.95
N GLU A 1052 -41.18 4.96 34.85
CA GLU A 1052 -41.69 4.38 33.61
C GLU A 1052 -41.37 5.27 32.42
N ALA A 1053 -41.84 6.51 32.45
CA ALA A 1053 -41.69 7.38 31.29
C ALA A 1053 -40.22 7.67 31.00
N GLN A 1054 -39.44 7.96 32.04
CA GLN A 1054 -38.03 8.28 31.82
C GLN A 1054 -37.31 7.12 31.16
N PHE A 1055 -37.54 5.89 31.63
CA PHE A 1055 -36.93 4.76 30.97
C PHE A 1055 -37.43 4.63 29.54
N GLN A 1056 -38.73 4.82 29.32
CA GLN A 1056 -39.28 4.62 27.98
C GLN A 1056 -38.69 5.61 26.99
N ARG A 1057 -38.34 6.81 27.45
CA ARG A 1057 -37.71 7.77 26.54
C ARG A 1057 -36.23 7.48 26.36
N SER A 1058 -35.63 6.69 27.24
CA SER A 1058 -34.19 6.46 27.23
C SER A 1058 -33.77 5.33 26.32
N LEU A 1059 -34.56 5.00 25.32
CA LEU A 1059 -34.23 3.92 24.40
C LEU A 1059 -33.43 4.45 23.21
N VAL A 1060 -32.59 3.57 22.66
CA VAL A 1060 -31.96 3.85 21.38
C VAL A 1060 -33.02 3.80 20.28
N HIS A 1061 -33.06 4.84 19.47
CA HIS A 1061 -34.10 4.86 18.45
C HIS A 1061 -33.72 4.00 17.25
N PRO A 1062 -34.70 3.61 16.45
CA PRO A 1062 -34.39 3.00 15.14
C PRO A 1062 -33.63 3.97 14.25
N GLY A 1063 -32.75 3.41 13.42
CA GLY A 1063 -32.04 4.19 12.43
C GLY A 1063 -30.71 4.76 12.88
N GLU A 1064 -30.41 4.73 14.16
CA GLU A 1064 -29.13 5.22 14.63
C GLU A 1064 -27.98 4.42 14.01
N MET A 1065 -27.14 5.10 13.25
CA MET A 1065 -26.00 4.46 12.60
C MET A 1065 -24.94 4.19 13.65
N VAL A 1066 -25.34 3.40 14.66
CA VAL A 1066 -24.50 3.24 15.84
C VAL A 1066 -23.08 2.86 15.47
N GLY A 1067 -22.89 2.19 14.35
CA GLY A 1067 -21.54 1.79 13.97
C GLY A 1067 -20.63 2.99 13.82
N VAL A 1068 -21.08 4.00 13.09
CA VAL A 1068 -20.26 5.19 12.90
C VAL A 1068 -19.95 5.85 14.23
N ILE A 1069 -20.96 5.94 15.09
CA ILE A 1069 -20.78 6.61 16.37
C ILE A 1069 -19.72 5.90 17.17
N ALA A 1070 -19.80 4.57 17.24
CA ALA A 1070 -18.81 3.81 17.99
C ALA A 1070 -17.42 3.98 17.38
N ALA A 1071 -17.34 3.97 16.04
CA ALA A 1071 -16.05 4.14 15.40
C ALA A 1071 -15.42 5.46 15.82
N GLN A 1072 -16.16 6.56 15.71
CA GLN A 1072 -15.60 7.85 16.08
C GLN A 1072 -15.24 7.88 17.56
N SER A 1073 -16.13 7.38 18.41
CA SER A 1073 -15.89 7.44 19.85
C SER A 1073 -14.66 6.64 20.24
N ILE A 1074 -14.33 5.58 19.51
CA ILE A 1074 -13.14 4.81 19.81
C ILE A 1074 -11.90 5.48 19.23
N GLY A 1075 -12.02 6.03 18.02
CA GLY A 1075 -10.86 6.63 17.39
C GLY A 1075 -10.37 7.88 18.09
N GLU A 1076 -11.29 8.77 18.45
CA GLU A 1076 -10.87 10.09 18.94
C GLU A 1076 -9.92 9.98 20.12
N PRO A 1077 -10.19 9.19 21.16
CA PRO A 1077 -9.29 9.17 22.32
C PRO A 1077 -7.86 8.84 21.97
N ALA A 1078 -7.64 7.97 20.97
CA ALA A 1078 -6.29 7.68 20.54
C ALA A 1078 -5.53 8.96 20.20
N THR A 1079 -6.23 9.96 19.64
CA THR A 1079 -5.58 11.20 19.27
C THR A 1079 -4.80 11.79 20.45
N GLN A 1080 -5.34 11.66 21.65
CA GLN A 1080 -4.77 12.28 22.83
C GLN A 1080 -3.90 11.33 23.64
N MET A 1081 -3.24 10.38 22.99
CA MET A 1081 -2.42 9.41 23.70
C MET A 1081 -1.41 8.74 22.77
N ASN A 1095 6.94 -2.77 31.75
CA ASN A 1095 7.82 -2.86 30.59
C ASN A 1095 7.02 -3.15 29.32
N VAL A 1096 5.75 -3.50 29.48
CA VAL A 1096 4.93 -3.84 28.32
C VAL A 1096 4.84 -2.65 27.37
N THR A 1097 4.40 -2.95 26.15
CA THR A 1097 4.18 -1.92 25.14
C THR A 1097 2.77 -1.34 25.30
N LEU A 1098 2.70 -0.05 25.59
CA LEU A 1098 1.43 0.62 25.80
C LEU A 1098 1.44 1.92 25.01
N GLY A 1099 0.29 2.24 24.45
CA GLY A 1099 0.14 3.39 23.58
C GLY A 1099 -0.37 3.01 22.21
N VAL A 1100 -0.32 3.99 21.30
CA VAL A 1100 -0.87 3.78 19.96
C VAL A 1100 -0.30 2.53 19.32
N PRO A 1101 0.99 2.22 19.44
CA PRO A 1101 1.48 0.99 18.79
C PRO A 1101 0.69 -0.24 19.19
N ARG A 1102 0.33 -0.35 20.47
CA ARG A 1102 -0.44 -1.50 20.91
C ARG A 1102 -1.82 -1.51 20.26
N LEU A 1103 -2.46 -0.35 20.16
CA LEU A 1103 -3.76 -0.28 19.52
C LEU A 1103 -3.67 -0.68 18.05
N LYS A 1104 -2.62 -0.22 17.37
CA LYS A 1104 -2.42 -0.60 15.97
C LYS A 1104 -2.25 -2.10 15.84
N GLU A 1105 -1.40 -2.69 16.69
CA GLU A 1105 -1.24 -4.13 16.71
C GLU A 1105 -2.59 -4.81 16.83
N ILE A 1106 -3.41 -4.37 17.78
CA ILE A 1106 -4.70 -5.01 18.01
C ILE A 1106 -5.57 -4.88 16.77
N LEU A 1107 -5.69 -3.66 16.24
CA LEU A 1107 -6.63 -3.43 15.16
C LEU A 1107 -6.26 -4.23 13.92
N ASN A 1108 -4.98 -4.31 13.59
CA ASN A 1108 -4.58 -5.12 12.46
C ASN A 1108 -4.44 -6.59 12.80
N VAL A 1109 -4.56 -6.97 14.07
CA VAL A 1109 -4.46 -8.35 14.48
C VAL A 1109 -3.11 -8.90 14.07
N ALA A 1110 -2.05 -8.40 14.69
CA ALA A 1110 -0.71 -8.87 14.39
C ALA A 1110 -0.51 -10.25 15.00
N LYS A 1111 0.01 -11.18 14.19
CA LYS A 1111 0.23 -12.53 14.70
C LYS A 1111 1.26 -12.54 15.82
N ASN A 1112 2.38 -11.87 15.62
CA ASN A 1112 3.51 -11.90 16.55
C ASN A 1112 3.61 -10.53 17.19
N ILE A 1113 2.98 -10.37 18.36
CA ILE A 1113 3.03 -9.09 19.05
C ILE A 1113 4.44 -8.85 19.58
N LYS A 1114 4.76 -7.57 19.76
CA LYS A 1114 6.06 -7.22 20.29
C LYS A 1114 6.18 -7.56 21.77
N THR A 1115 5.05 -7.76 22.44
CA THR A 1115 5.02 -7.97 23.89
C THR A 1115 4.23 -9.24 24.19
N PRO A 1116 4.84 -10.41 23.99
CA PRO A 1116 4.19 -11.65 24.45
C PRO A 1116 4.33 -11.78 25.96
N ALA A 1117 3.20 -11.98 26.64
CA ALA A 1117 3.20 -12.05 28.09
C ALA A 1117 2.02 -12.89 28.56
N LEU A 1118 2.27 -13.68 29.59
CA LEU A 1118 1.26 -14.51 30.21
C LEU A 1118 1.07 -14.08 31.66
N THR A 1119 -0.16 -14.24 32.14
CA THR A 1119 -0.50 -14.02 33.55
C THR A 1119 -0.98 -15.37 34.05
N VAL A 1120 -0.14 -16.03 34.84
CA VAL A 1120 -0.42 -17.39 35.30
C VAL A 1120 -0.88 -17.32 36.76
N TYR A 1121 -2.12 -17.74 37.01
CA TYR A 1121 -2.63 -17.80 38.37
C TYR A 1121 -2.19 -19.10 39.03
N LEU A 1122 -1.64 -18.98 40.22
CA LEU A 1122 -1.19 -20.14 40.97
C LEU A 1122 -2.35 -20.73 41.77
N ASP A 1123 -2.08 -21.89 42.37
CA ASP A 1123 -3.09 -22.54 43.20
C ASP A 1123 -3.34 -21.70 44.45
N ARG A 1124 -4.59 -21.78 44.94
CA ARG A 1124 -4.93 -21.00 46.12
C ARG A 1124 -3.93 -21.23 47.24
N GLU A 1125 -3.62 -22.49 47.52
CA GLU A 1125 -2.55 -22.79 48.47
C GLU A 1125 -1.23 -22.18 48.05
N ILE A 1126 -0.81 -22.39 46.80
CA ILE A 1126 0.46 -21.87 46.34
C ILE A 1126 0.43 -20.36 46.14
N ALA A 1127 -0.73 -19.79 45.81
CA ALA A 1127 -0.81 -18.34 45.61
C ALA A 1127 -0.46 -17.58 46.88
N LEU A 1128 -0.77 -18.15 48.04
CA LEU A 1128 -0.35 -17.60 49.32
C LEU A 1128 0.95 -18.23 49.81
N ASP A 1129 1.51 -19.18 49.06
CA ASP A 1129 2.72 -19.89 49.45
C ASP A 1129 3.86 -19.39 48.57
N ILE A 1130 4.82 -18.69 49.18
CA ILE A 1130 5.94 -18.15 48.42
C ILE A 1130 6.87 -19.26 47.94
N GLU A 1131 7.21 -20.21 48.81
CA GLU A 1131 8.17 -21.24 48.44
C GLU A 1131 7.65 -22.13 47.33
N LYS A 1132 6.38 -22.55 47.41
CA LYS A 1132 5.83 -23.37 46.34
C LYS A 1132 5.66 -22.56 45.06
N ALA A 1133 5.42 -21.26 45.18
CA ALA A 1133 5.45 -20.41 44.00
C ALA A 1133 6.83 -20.42 43.36
N LYS A 1134 7.88 -20.34 44.18
CA LYS A 1134 9.24 -20.39 43.63
C LYS A 1134 9.50 -21.71 42.94
N VAL A 1135 9.07 -22.82 43.56
CA VAL A 1135 9.26 -24.13 42.96
C VAL A 1135 8.54 -24.21 41.62
N ILE A 1136 7.28 -23.77 41.59
CA ILE A 1136 6.51 -23.85 40.35
C ILE A 1136 7.15 -23.00 39.26
N GLN A 1137 7.55 -21.78 39.60
CA GLN A 1137 8.23 -20.94 38.62
C GLN A 1137 9.48 -21.63 38.08
N SER A 1138 10.34 -22.09 38.98
CA SER A 1138 11.53 -22.81 38.55
C SER A 1138 11.17 -23.94 37.61
N SER A 1139 10.06 -24.63 37.88
CA SER A 1139 9.65 -25.71 37.00
C SER A 1139 9.30 -25.19 35.61
N ILE A 1140 8.50 -24.13 35.54
CA ILE A 1140 8.04 -23.65 34.24
C ILE A 1140 9.18 -23.02 33.46
N GLU A 1141 10.10 -22.37 34.16
CA GLU A 1141 11.17 -21.63 33.48
C GLU A 1141 11.93 -22.56 32.53
N TYR A 1142 12.11 -22.10 31.29
CA TYR A 1142 12.58 -22.95 30.20
C TYR A 1142 14.09 -22.80 30.06
N THR A 1143 14.82 -23.13 31.13
CA THR A 1143 16.28 -23.08 31.11
C THR A 1143 16.81 -24.31 30.40
N THR A 1144 17.57 -24.08 29.34
CA THR A 1144 18.13 -25.16 28.53
C THR A 1144 19.61 -25.29 28.84
N LEU A 1145 20.20 -26.39 28.36
CA LEU A 1145 21.58 -26.70 28.69
C LEU A 1145 22.53 -25.62 28.20
N LYS A 1146 22.11 -24.85 27.19
CA LYS A 1146 22.93 -23.75 26.72
C LYS A 1146 23.23 -22.76 27.85
N ASN A 1147 22.23 -22.47 28.68
CA ASN A 1147 22.43 -21.55 29.78
C ASN A 1147 23.51 -22.06 30.72
N VAL A 1148 23.38 -23.31 31.18
CA VAL A 1148 24.28 -23.85 32.19
C VAL A 1148 25.72 -23.99 31.70
N THR A 1149 25.91 -24.33 30.42
CA THR A 1149 27.25 -24.58 29.91
C THR A 1149 28.14 -23.36 30.09
N SER A 1150 29.39 -23.59 30.45
CA SER A 1150 30.37 -22.52 30.60
C SER A 1150 31.47 -22.56 29.55
N ALA A 1151 31.92 -23.74 29.14
CA ALA A 1151 32.96 -23.84 28.12
C ALA A 1151 32.81 -25.14 27.36
N THR A 1152 33.35 -25.18 26.15
CA THR A 1152 33.35 -26.36 25.31
C THR A 1152 34.69 -26.47 24.60
N GLU A 1153 35.44 -27.53 24.91
CA GLU A 1153 36.78 -27.73 24.35
C GLU A 1153 36.90 -29.15 23.83
N ILE A 1154 37.43 -29.29 22.62
CA ILE A 1154 37.64 -30.60 22.01
C ILE A 1154 39.08 -31.03 22.25
N TYR A 1155 39.28 -31.98 23.15
CA TYR A 1155 40.58 -32.57 23.43
C TYR A 1155 40.68 -33.89 22.70
N TYR A 1156 41.78 -34.10 21.99
CA TYR A 1156 42.00 -35.36 21.30
C TYR A 1156 42.62 -36.35 22.29
N ASP A 1157 41.81 -37.25 22.83
CA ASP A 1157 42.30 -38.24 23.78
C ASP A 1157 42.51 -39.56 23.05
N PRO A 1158 43.74 -39.88 22.63
CA PRO A 1158 43.95 -41.14 21.91
C PRO A 1158 43.60 -42.38 22.71
N ASP A 1159 43.73 -42.33 24.03
CA ASP A 1159 43.53 -43.51 24.88
C ASP A 1159 42.13 -43.49 25.45
N PRO A 1160 41.23 -44.38 25.03
CA PRO A 1160 39.89 -44.43 25.66
C PRO A 1160 39.92 -44.76 27.13
N THR A 1161 40.97 -45.43 27.62
CA THR A 1161 41.03 -45.89 29.00
C THR A 1161 41.37 -44.79 29.99
N SER A 1162 41.98 -43.70 29.54
CA SER A 1162 42.39 -42.63 30.44
C SER A 1162 42.42 -41.33 29.67
N THR A 1163 42.88 -40.28 30.33
CA THR A 1163 42.97 -38.95 29.73
C THR A 1163 44.34 -38.35 30.03
N VAL A 1164 44.77 -37.45 29.14
CA VAL A 1164 46.04 -36.76 29.29
C VAL A 1164 45.86 -35.35 29.83
N ILE A 1165 44.73 -35.07 30.48
CA ILE A 1165 44.39 -33.73 30.93
C ILE A 1165 44.18 -33.78 32.44
N GLU A 1166 44.86 -32.88 33.16
CA GLU A 1166 44.83 -32.89 34.62
C GLU A 1166 43.54 -32.32 35.20
N GLU A 1167 42.70 -31.66 34.40
CA GLU A 1167 41.49 -31.06 34.93
C GLU A 1167 40.54 -32.12 35.47
N ASP A 1168 40.52 -33.30 34.85
CA ASP A 1168 39.65 -34.38 35.28
C ASP A 1168 40.36 -35.73 35.34
N PHE A 1169 41.69 -35.75 35.14
CA PHE A 1169 42.41 -37.02 35.13
C PHE A 1169 42.14 -37.81 36.40
N ASP A 1170 42.31 -37.19 37.57
CA ASP A 1170 42.05 -37.89 38.82
C ASP A 1170 40.59 -38.32 38.91
N THR A 1171 39.67 -37.42 38.53
CA THR A 1171 38.24 -37.72 38.67
C THR A 1171 37.82 -38.84 37.72
N VAL A 1172 38.21 -38.75 36.45
CA VAL A 1172 37.83 -39.78 35.49
C VAL A 1172 38.48 -41.11 35.86
N GLU A 1173 39.75 -41.08 36.29
CA GLU A 1173 40.41 -42.31 36.71
C GLU A 1173 39.70 -42.95 37.89
N ALA A 1174 39.34 -42.16 38.91
CA ALA A 1174 38.63 -42.71 40.05
C ALA A 1174 37.24 -43.19 39.68
N TYR A 1175 36.62 -42.57 38.68
CA TYR A 1175 35.30 -43.00 38.23
C TYR A 1175 35.37 -44.30 37.44
N PHE A 1176 36.46 -44.51 36.70
CA PHE A 1176 36.61 -45.73 35.91
C PHE A 1176 36.65 -46.96 36.81
N SER A 1177 37.37 -46.87 37.92
CA SER A 1177 37.50 -47.99 38.85
C SER A 1177 37.60 -47.50 40.29
N GLN A 1190 36.72 -47.72 19.75
CA GLN A 1190 36.03 -46.45 19.64
C GLN A 1190 36.97 -45.36 19.15
N SER A 1191 36.41 -44.38 18.44
CA SER A 1191 37.22 -43.24 18.01
C SER A 1191 37.72 -42.48 19.22
N PRO A 1192 38.94 -41.95 19.19
CA PRO A 1192 39.48 -41.27 20.37
C PRO A 1192 39.05 -39.83 20.54
N TRP A 1193 38.38 -39.24 19.56
CA TRP A 1193 37.95 -37.85 19.71
C TRP A 1193 37.05 -37.69 20.92
N LEU A 1194 37.36 -36.69 21.74
CA LEU A 1194 36.64 -36.41 22.97
C LEU A 1194 36.02 -35.02 22.89
N LEU A 1195 34.75 -34.92 23.24
CA LEU A 1195 34.06 -33.63 23.32
C LEU A 1195 33.88 -33.29 24.79
N ARG A 1196 34.65 -32.32 25.26
CA ARG A 1196 34.68 -31.95 26.67
C ARG A 1196 34.09 -30.56 26.85
N LEU A 1197 33.11 -30.44 27.74
CA LEU A 1197 32.43 -29.19 27.99
C LEU A 1197 32.45 -28.87 29.48
N GLU A 1198 32.47 -27.57 29.78
CA GLU A 1198 32.46 -27.08 31.15
C GLU A 1198 31.11 -26.46 31.47
N LEU A 1199 30.81 -26.35 32.76
CA LEU A 1199 29.56 -25.80 33.24
C LEU A 1199 29.85 -24.77 34.34
N ASP A 1200 28.88 -23.88 34.56
CA ASP A 1200 28.98 -22.85 35.58
C ASP A 1200 28.20 -23.27 36.81
N ARG A 1201 28.92 -23.45 37.93
CA ARG A 1201 28.30 -23.92 39.16
C ARG A 1201 27.12 -23.04 39.57
N ALA A 1202 27.26 -21.72 39.40
CA ALA A 1202 26.23 -20.80 39.86
C ALA A 1202 24.90 -21.07 39.17
N ARG A 1203 24.93 -21.30 37.86
CA ARG A 1203 23.69 -21.49 37.13
C ARG A 1203 22.98 -22.77 37.57
N MET A 1204 23.71 -23.88 37.70
CA MET A 1204 23.07 -25.11 38.13
C MET A 1204 22.49 -24.97 39.53
N LEU A 1205 23.26 -24.38 40.46
CA LEU A 1205 22.74 -24.28 41.82
C LEU A 1205 21.55 -23.31 41.88
N ASP A 1206 21.57 -22.25 41.08
CA ASP A 1206 20.47 -21.28 41.11
C ASP A 1206 19.20 -21.88 40.53
N LYS A 1207 19.32 -22.64 39.45
CA LYS A 1207 18.18 -23.37 38.92
C LYS A 1207 17.94 -24.67 39.67
N GLN A 1208 18.77 -24.98 40.67
CA GLN A 1208 18.52 -26.06 41.63
C GLN A 1208 18.73 -27.44 41.02
N LEU A 1209 19.00 -27.53 39.73
CA LEU A 1209 19.25 -28.80 39.07
C LEU A 1209 20.74 -29.11 39.16
N THR A 1210 21.07 -30.35 39.50
CA THR A 1210 22.45 -30.77 39.66
C THR A 1210 22.98 -31.37 38.37
N MET A 1211 24.31 -31.42 38.27
CA MET A 1211 24.96 -31.80 37.03
C MET A 1211 24.62 -33.23 36.62
N ASN A 1212 24.54 -34.14 37.59
CA ASN A 1212 24.20 -35.53 37.25
C ASN A 1212 22.88 -35.61 36.49
N GLN A 1213 21.94 -34.73 36.84
CA GLN A 1213 20.70 -34.66 36.06
C GLN A 1213 20.98 -34.21 34.62
N VAL A 1214 21.94 -33.30 34.43
CA VAL A 1214 22.31 -32.90 33.09
C VAL A 1214 22.84 -34.10 32.30
N ALA A 1215 23.71 -34.89 32.94
CA ALA A 1215 24.20 -36.10 32.29
C ALA A 1215 23.06 -37.03 31.94
N ASP A 1216 22.12 -37.22 32.87
CA ASP A 1216 21.01 -38.13 32.62
C ASP A 1216 20.18 -37.65 31.44
N LYS A 1217 19.87 -36.35 31.40
CA LYS A 1217 19.08 -35.79 30.31
C LYS A 1217 19.79 -35.96 28.98
N ILE A 1218 21.10 -35.72 28.95
CA ILE A 1218 21.88 -35.97 27.75
C ILE A 1218 21.73 -37.43 27.34
N SER A 1219 21.70 -38.32 28.33
CA SER A 1219 21.55 -39.74 28.04
C SER A 1219 20.23 -40.01 27.34
N GLU A 1220 19.11 -39.56 27.91
CA GLU A 1220 17.84 -39.82 27.22
C GLU A 1220 17.82 -39.21 25.83
N VAL A 1221 18.25 -37.95 25.68
CA VAL A 1221 18.14 -37.31 24.39
C VAL A 1221 18.98 -38.04 23.35
N PHE A 1222 20.19 -38.45 23.72
CA PHE A 1222 21.13 -39.04 22.76
C PHE A 1222 21.56 -40.45 23.16
N SER A 1223 20.81 -41.11 24.04
CA SER A 1223 21.04 -42.52 24.33
C SER A 1223 22.50 -42.79 24.64
N ASP A 1224 23.24 -43.36 23.68
CA ASP A 1224 24.59 -43.82 23.95
C ASP A 1224 25.58 -43.43 22.83
N ASP A 1225 25.18 -42.59 21.89
CA ASP A 1225 26.11 -42.19 20.84
C ASP A 1225 27.28 -41.40 21.41
N LEU A 1226 27.12 -40.86 22.61
CA LEU A 1226 28.20 -40.15 23.29
C LEU A 1226 28.25 -40.62 24.74
N PHE A 1227 29.35 -41.26 25.12
CA PHE A 1227 29.51 -41.70 26.50
C PHE A 1227 29.64 -40.49 27.41
N VAL A 1228 28.81 -40.46 28.45
CA VAL A 1228 28.71 -39.33 29.35
C VAL A 1228 29.45 -39.68 30.64
N MET A 1229 30.66 -39.17 30.78
CA MET A 1229 31.47 -39.36 31.98
C MET A 1229 31.47 -38.06 32.77
N TRP A 1230 30.94 -38.11 33.99
CA TRP A 1230 30.61 -36.92 34.76
C TRP A 1230 31.46 -36.85 36.02
N SER A 1231 31.96 -35.65 36.31
CA SER A 1231 32.80 -35.38 37.45
C SER A 1231 31.94 -35.26 38.71
N GLU A 1232 32.51 -34.76 39.79
CA GLU A 1232 31.78 -34.60 41.04
C GLU A 1232 31.67 -33.12 41.41
N ASP A 1233 30.59 -32.78 42.12
CA ASP A 1233 30.34 -31.39 42.49
C ASP A 1233 31.48 -30.82 43.33
N ASN A 1234 32.17 -31.66 44.09
CA ASN A 1234 33.31 -31.20 44.88
C ASN A 1234 34.48 -30.79 43.99
N ALA A 1235 34.53 -31.27 42.76
CA ALA A 1235 35.51 -30.77 41.81
C ALA A 1235 35.15 -29.34 41.41
N ASP A 1236 36.18 -28.51 41.26
CA ASP A 1236 35.95 -27.09 40.99
C ASP A 1236 35.25 -26.90 39.66
N LYS A 1237 35.64 -27.66 38.64
CA LYS A 1237 35.03 -27.58 37.31
C LYS A 1237 34.13 -28.79 37.12
N LEU A 1238 32.84 -28.55 36.93
CA LEU A 1238 31.89 -29.62 36.64
C LEU A 1238 31.99 -29.93 35.15
N ILE A 1239 32.54 -31.09 34.82
CA ILE A 1239 32.86 -31.44 33.44
C ILE A 1239 32.07 -32.68 33.06
N ILE A 1240 31.34 -32.61 31.95
CA ILE A 1240 30.69 -33.76 31.35
C ILE A 1240 31.46 -34.10 30.08
N ARG A 1241 31.84 -35.35 29.93
CA ARG A 1241 32.67 -35.81 28.83
C ARG A 1241 31.82 -36.59 27.84
N CYS A 1242 32.03 -36.34 26.56
CA CYS A 1242 31.34 -37.03 25.48
C CYS A 1242 32.36 -37.60 24.51
N ARG A 1243 32.25 -38.90 24.23
CA ARG A 1243 33.15 -39.59 23.32
C ARG A 1243 32.37 -40.13 22.13
N VAL A 1244 32.89 -39.89 20.92
CA VAL A 1244 32.19 -40.25 19.70
C VAL A 1244 32.18 -41.76 19.55
N ILE A 1245 31.07 -42.29 19.02
CA ILE A 1245 30.91 -43.73 18.85
C ILE A 1245 30.43 -44.04 17.44
N GLU A 1258 36.88 -38.64 7.95
CA GLU A 1258 36.76 -37.27 8.45
C GLU A 1258 35.67 -37.18 9.50
N GLU A 1259 36.08 -36.95 10.75
CA GLU A 1259 35.16 -36.91 11.88
C GLU A 1259 35.37 -35.69 12.76
N ASP A 1260 36.44 -34.94 12.54
CA ASP A 1260 36.74 -33.78 13.39
C ASP A 1260 35.63 -32.75 13.31
N GLN A 1261 35.17 -32.44 12.10
CA GLN A 1261 34.04 -31.53 11.94
C GLN A 1261 32.75 -32.09 12.53
N MET A 1262 32.54 -33.40 12.44
CA MET A 1262 31.33 -33.98 13.01
C MET A 1262 31.29 -33.77 14.52
N LEU A 1263 32.45 -33.79 15.18
CA LEU A 1263 32.47 -33.54 16.61
C LEU A 1263 31.99 -32.12 16.92
N LYS A 1264 32.46 -31.13 16.15
CA LYS A 1264 32.01 -29.77 16.37
C LYS A 1264 30.53 -29.61 16.05
N ARG A 1265 30.06 -30.30 15.00
CA ARG A 1265 28.64 -30.26 14.67
C ARG A 1265 27.79 -30.83 15.80
N ILE A 1266 28.23 -31.95 16.37
CA ILE A 1266 27.55 -32.51 17.53
C ILE A 1266 27.58 -31.52 18.69
N GLU A 1267 28.72 -30.87 18.89
CA GLU A 1267 28.83 -29.86 19.94
C GLU A 1267 27.80 -28.75 19.76
N ALA A 1268 27.66 -28.26 18.53
CA ALA A 1268 26.68 -27.21 18.26
C ALA A 1268 25.26 -27.70 18.50
N HIS A 1269 24.90 -28.83 17.88
CA HIS A 1269 23.55 -29.35 18.05
C HIS A 1269 23.23 -29.61 19.51
N MET A 1270 24.24 -30.03 20.28
CA MET A 1270 24.08 -30.24 21.71
C MET A 1270 23.81 -28.93 22.45
N LEU A 1271 24.65 -27.91 22.21
CA LEU A 1271 24.48 -26.65 22.92
C LEU A 1271 23.08 -26.08 22.77
N ASP A 1272 22.33 -26.52 21.76
CA ASP A 1272 21.08 -25.88 21.39
C ASP A 1272 19.85 -26.75 21.60
N LEU A 1273 19.81 -27.96 21.05
CA LEU A 1273 18.56 -28.71 20.93
C LEU A 1273 18.31 -29.65 22.11
N ILE A 1274 18.80 -29.30 23.29
CA ILE A 1274 18.52 -30.06 24.51
C ILE A 1274 17.77 -29.14 25.46
N ALA A 1275 16.63 -29.61 25.95
CA ALA A 1275 15.81 -28.86 26.89
C ALA A 1275 15.76 -29.59 28.22
N LEU A 1276 16.16 -28.90 29.29
CA LEU A 1276 16.20 -29.54 30.60
C LEU A 1276 14.85 -29.45 31.30
N ARG A 1277 14.34 -28.24 31.49
CA ARG A 1277 13.16 -28.02 32.31
C ARG A 1277 12.36 -26.87 31.71
N GLY A 1278 11.07 -26.87 32.00
CA GLY A 1278 10.21 -25.76 31.65
C GLY A 1278 9.53 -25.95 30.31
N ILE A 1279 8.36 -25.31 30.18
CA ILE A 1279 7.60 -25.33 28.94
C ILE A 1279 8.44 -24.66 27.86
N PRO A 1280 8.46 -25.15 26.62
CA PRO A 1280 9.15 -24.43 25.55
C PRO A 1280 8.54 -23.06 25.33
N GLY A 1281 9.39 -22.10 25.00
CA GLY A 1281 8.95 -20.77 24.63
C GLY A 1281 8.84 -19.76 25.75
N ILE A 1282 9.40 -20.04 26.92
CA ILE A 1282 9.29 -19.16 28.07
C ILE A 1282 10.69 -18.67 28.42
N SER A 1283 11.04 -17.48 27.94
CA SER A 1283 12.36 -16.93 28.21
C SER A 1283 12.56 -16.68 29.70
N LYS A 1284 11.57 -16.10 30.35
CA LYS A 1284 11.70 -15.74 31.77
C LYS A 1284 10.31 -15.67 32.37
N VAL A 1285 10.27 -15.80 33.69
CA VAL A 1285 9.02 -15.75 34.44
C VAL A 1285 9.22 -14.83 35.64
N TYR A 1286 8.15 -14.17 36.05
CA TYR A 1286 8.21 -13.16 37.10
C TYR A 1286 7.30 -13.55 38.24
N MET A 1287 7.81 -13.43 39.46
CA MET A 1287 7.07 -13.77 40.67
C MET A 1287 6.22 -12.57 41.08
N VAL A 1288 5.34 -12.17 40.19
CA VAL A 1288 4.49 -11.00 40.40
C VAL A 1288 3.58 -11.26 41.60
N LYS A 1289 3.46 -10.26 42.46
CA LYS A 1289 2.50 -10.28 43.55
C LYS A 1289 1.23 -9.58 43.10
N HIS A 1290 0.09 -9.99 43.65
CA HIS A 1290 -1.20 -9.45 43.24
C HIS A 1290 -2.07 -9.15 44.43
N LYS A 1291 -2.96 -8.18 44.24
CA LYS A 1291 -3.97 -7.80 45.23
C LYS A 1291 -5.34 -7.91 44.56
N VAL A 1292 -6.31 -8.46 45.28
CA VAL A 1292 -7.62 -8.75 44.71
C VAL A 1292 -8.68 -8.57 45.78
N SER A 1293 -9.83 -8.04 45.39
CA SER A 1293 -10.97 -7.97 46.28
C SER A 1293 -11.56 -9.36 46.50
N VAL A 1294 -11.72 -9.73 47.76
CA VAL A 1294 -12.20 -11.07 48.11
C VAL A 1294 -13.34 -10.93 49.12
N PRO A 1295 -14.47 -11.58 48.92
CA PRO A 1295 -15.54 -11.51 49.91
C PRO A 1295 -15.10 -12.14 51.22
N ASP A 1296 -15.64 -11.61 52.32
CA ASP A 1296 -15.29 -12.10 53.64
C ASP A 1296 -16.49 -12.77 54.29
N GLU A 1297 -16.27 -13.30 55.49
CA GLU A 1297 -17.31 -14.06 56.18
C GLU A 1297 -18.57 -13.22 56.35
N SER A 1298 -18.42 -12.00 56.83
CA SER A 1298 -19.56 -11.14 57.09
C SER A 1298 -20.27 -10.69 55.82
N GLY A 1299 -19.68 -10.94 54.64
CA GLY A 1299 -20.20 -10.45 53.39
C GLY A 1299 -19.46 -9.27 52.81
N GLU A 1300 -18.53 -8.69 53.56
CA GLU A 1300 -17.72 -7.59 53.05
C GLU A 1300 -16.68 -8.12 52.07
N TYR A 1301 -16.04 -7.20 51.38
CA TYR A 1301 -14.97 -7.52 50.44
C TYR A 1301 -13.65 -7.01 50.98
N LYS A 1302 -12.69 -7.91 51.14
CA LYS A 1302 -11.43 -7.60 51.78
C LYS A 1302 -10.28 -7.94 50.85
N ASN A 1303 -9.27 -7.08 50.85
CA ASN A 1303 -8.11 -7.32 50.01
C ASN A 1303 -7.39 -8.58 50.47
N GLU A 1304 -6.63 -9.18 49.57
CA GLU A 1304 -5.93 -10.42 49.86
C GLU A 1304 -4.74 -10.53 48.92
N GLU A 1305 -3.53 -10.35 49.46
CA GLU A 1305 -2.34 -10.46 48.64
C GLU A 1305 -2.11 -11.89 48.22
N LEU A 1306 -1.87 -12.10 46.92
CA LEU A 1306 -1.69 -13.43 46.36
C LEU A 1306 -0.52 -13.40 45.41
N TRP A 1307 0.33 -14.42 45.49
CA TRP A 1307 1.43 -14.55 44.53
C TRP A 1307 0.88 -14.90 43.17
N ALA A 1308 1.70 -14.66 42.14
CA ALA A 1308 1.32 -15.00 40.78
C ALA A 1308 2.57 -14.98 39.91
N LEU A 1309 2.45 -15.57 38.72
CA LEU A 1309 3.55 -15.68 37.79
C LEU A 1309 3.20 -14.97 36.49
N GLU A 1310 4.07 -14.03 36.10
CA GLU A 1310 4.02 -13.41 34.79
C GLU A 1310 5.23 -13.84 33.99
N THR A 1311 5.06 -14.03 32.70
CA THR A 1311 6.08 -14.59 31.84
C THR A 1311 6.22 -13.76 30.58
N ASP A 1312 7.39 -13.89 29.95
CA ASP A 1312 7.61 -13.38 28.60
C ASP A 1312 7.71 -14.56 27.66
N GLY A 1313 6.86 -14.59 26.66
CA GLY A 1313 6.69 -15.75 25.82
C GLY A 1313 5.33 -16.39 26.00
N ILE A 1314 4.70 -16.73 24.88
CA ILE A 1314 3.31 -17.15 24.88
C ILE A 1314 3.25 -18.61 24.45
N ASN A 1315 2.74 -19.45 25.33
CA ASN A 1315 2.42 -20.84 25.02
C ASN A 1315 1.20 -21.20 25.86
N LEU A 1316 0.02 -21.02 25.29
CA LEU A 1316 -1.21 -21.11 26.07
C LEU A 1316 -1.61 -22.55 26.34
N ALA A 1317 -1.65 -23.40 25.32
CA ALA A 1317 -2.15 -24.76 25.53
C ALA A 1317 -1.29 -25.52 26.52
N GLU A 1318 0.04 -25.40 26.40
CA GLU A 1318 0.92 -26.28 27.15
C GLU A 1318 0.94 -25.93 28.62
N VAL A 1319 0.87 -24.64 28.96
CA VAL A 1319 1.09 -24.24 30.35
C VAL A 1319 -0.07 -24.67 31.23
N MET A 1320 -1.31 -24.60 30.72
CA MET A 1320 -2.44 -24.97 31.57
C MET A 1320 -2.31 -26.39 32.12
N ALA A 1321 -1.64 -27.28 31.40
CA ALA A 1321 -1.42 -28.63 31.89
C ALA A 1321 -0.23 -28.74 32.82
N VAL A 1322 0.49 -27.66 33.08
CA VAL A 1322 1.58 -27.71 34.05
C VAL A 1322 0.98 -27.82 35.46
N PRO A 1323 1.35 -28.82 36.24
CA PRO A 1323 0.78 -28.93 37.60
C PRO A 1323 1.20 -27.75 38.46
N GLY A 1324 0.31 -27.35 39.37
CA GLY A 1324 0.55 -26.22 40.24
C GLY A 1324 -0.06 -24.92 39.78
N VAL A 1325 -0.92 -24.93 38.77
CA VAL A 1325 -1.44 -23.72 38.16
C VAL A 1325 -2.94 -23.88 37.95
N ASP A 1326 -3.70 -22.87 38.30
CA ASP A 1326 -5.14 -22.87 38.03
C ASP A 1326 -5.35 -22.82 36.52
N SER A 1327 -5.88 -23.91 35.98
CA SER A 1327 -6.06 -24.03 34.54
C SER A 1327 -7.41 -23.49 34.07
N SER A 1328 -8.21 -22.91 34.96
CA SER A 1328 -9.49 -22.37 34.59
C SER A 1328 -9.48 -20.86 34.40
N ARG A 1329 -8.40 -20.18 34.80
CA ARG A 1329 -8.35 -18.73 34.74
C ARG A 1329 -7.20 -18.20 33.91
N THR A 1330 -6.12 -18.95 33.75
CA THR A 1330 -4.91 -18.41 33.15
C THR A 1330 -5.24 -17.65 31.87
N TYR A 1331 -4.54 -16.54 31.67
CA TYR A 1331 -4.81 -15.61 30.59
C TYR A 1331 -3.53 -15.23 29.89
N SER A 1332 -3.64 -14.98 28.59
CA SER A 1332 -2.51 -14.53 27.78
C SER A 1332 -2.89 -13.25 27.08
N ASN A 1333 -1.87 -12.49 26.68
CA ASN A 1333 -2.07 -11.17 26.09
C ASN A 1333 -2.23 -11.24 24.57
N SER A 1334 -2.08 -12.41 23.97
CA SER A 1334 -2.14 -12.57 22.52
C SER A 1334 -3.43 -13.30 22.18
N PHE A 1335 -4.48 -12.53 21.97
CA PHE A 1335 -5.81 -13.09 21.72
C PHE A 1335 -5.82 -14.07 20.56
N VAL A 1336 -4.79 -14.08 19.72
CA VAL A 1336 -4.71 -15.09 18.67
C VAL A 1336 -4.62 -16.48 19.29
N GLU A 1337 -3.78 -16.64 20.31
CA GLU A 1337 -3.73 -17.91 21.02
C GLU A 1337 -5.03 -18.19 21.76
N ILE A 1338 -5.73 -17.15 22.18
CA ILE A 1338 -7.04 -17.35 22.76
C ILE A 1338 -7.98 -18.00 21.74
N LEU A 1339 -8.00 -17.47 20.52
CA LEU A 1339 -8.79 -18.12 19.49
C LEU A 1339 -8.32 -19.55 19.24
N SER A 1340 -7.01 -19.74 19.21
CA SER A 1340 -6.48 -21.06 18.88
C SER A 1340 -6.88 -22.10 19.91
N VAL A 1341 -6.83 -21.75 21.20
CA VAL A 1341 -7.02 -22.71 22.28
C VAL A 1341 -8.42 -22.63 22.86
N LEU A 1342 -8.78 -21.49 23.44
CA LEU A 1342 -10.03 -21.36 24.19
C LEU A 1342 -11.19 -20.90 23.34
N GLY A 1343 -11.18 -21.20 22.05
CA GLY A 1343 -12.31 -20.93 21.19
C GLY A 1343 -12.49 -19.46 20.88
N ILE A 1344 -13.67 -19.14 20.35
CA ILE A 1344 -13.96 -17.81 19.88
C ILE A 1344 -14.46 -16.88 20.98
N GLU A 1345 -15.45 -17.29 21.77
CA GLU A 1345 -16.03 -16.38 22.74
C GLU A 1345 -14.97 -15.88 23.70
N ALA A 1346 -14.13 -16.78 24.20
CA ALA A 1346 -12.99 -16.34 24.99
C ALA A 1346 -12.15 -15.33 24.21
N THR A 1347 -12.03 -15.52 22.90
CA THR A 1347 -11.31 -14.55 22.08
C THR A 1347 -12.00 -13.21 22.14
N ARG A 1348 -13.32 -13.20 22.00
CA ARG A 1348 -14.06 -11.94 22.09
C ARG A 1348 -13.77 -11.24 23.40
N SER A 1349 -13.88 -11.96 24.51
CA SER A 1349 -13.69 -11.33 25.81
C SER A 1349 -12.27 -10.82 25.96
N SER A 1350 -11.28 -11.60 25.55
CA SER A 1350 -9.90 -11.18 25.70
C SER A 1350 -9.61 -9.95 24.85
N LEU A 1351 -10.13 -9.94 23.62
CA LEU A 1351 -9.97 -8.78 22.76
C LEU A 1351 -10.55 -7.54 23.42
N TYR A 1352 -11.77 -7.64 23.93
CA TYR A 1352 -12.38 -6.48 24.58
C TYR A 1352 -11.55 -6.03 25.76
N LYS A 1353 -11.09 -6.97 26.58
CA LYS A 1353 -10.29 -6.60 27.74
C LYS A 1353 -9.02 -5.88 27.31
N GLU A 1354 -8.39 -6.35 26.23
CA GLU A 1354 -7.16 -5.73 25.79
C GLU A 1354 -7.40 -4.31 25.30
N ILE A 1355 -8.45 -4.13 24.51
CA ILE A 1355 -8.77 -2.78 24.03
C ILE A 1355 -9.06 -1.87 25.21
N LEU A 1356 -9.83 -2.35 26.18
CA LEU A 1356 -10.19 -1.53 27.33
C LEU A 1356 -8.94 -1.14 28.10
N ASN A 1357 -8.03 -2.09 28.32
CA ASN A 1357 -6.80 -1.78 29.02
C ASN A 1357 -5.98 -0.74 28.26
N VAL A 1358 -5.88 -0.91 26.94
CA VAL A 1358 -5.08 0.03 26.15
C VAL A 1358 -5.64 1.44 26.27
N ILE A 1359 -6.94 1.58 26.05
CA ILE A 1359 -7.52 2.92 26.09
C ILE A 1359 -7.43 3.51 27.49
N ALA A 1360 -7.75 2.73 28.51
CA ALA A 1360 -7.92 3.25 29.85
C ALA A 1360 -6.61 3.45 30.61
N PHE A 1361 -5.49 2.97 30.07
CA PHE A 1361 -4.25 3.08 30.83
C PHE A 1361 -3.92 4.53 31.17
N ASP A 1362 -4.07 5.43 30.21
CA ASP A 1362 -3.80 6.83 30.48
C ASP A 1362 -4.65 7.35 31.62
N GLY A 1363 -5.90 6.91 31.71
CA GLY A 1363 -6.87 7.45 32.64
C GLY A 1363 -8.19 7.78 31.99
N SER A 1364 -8.34 7.55 30.69
CA SER A 1364 -9.56 7.88 29.97
C SER A 1364 -10.63 6.81 30.24
N TYR A 1365 -11.80 7.04 29.67
CA TYR A 1365 -12.91 6.10 29.77
C TYR A 1365 -13.81 6.24 28.56
N VAL A 1366 -14.34 5.12 28.09
CA VAL A 1366 -15.24 5.09 26.95
C VAL A 1366 -16.46 4.25 27.30
N ASN A 1367 -17.61 4.64 26.78
CA ASN A 1367 -18.81 3.85 27.01
C ASN A 1367 -18.61 2.43 26.49
N TYR A 1368 -18.99 1.46 27.31
CA TYR A 1368 -18.68 0.07 27.00
C TYR A 1368 -19.35 -0.38 25.71
N ARG A 1369 -20.58 0.07 25.46
CA ARG A 1369 -21.33 -0.42 24.31
C ARG A 1369 -20.54 -0.22 23.02
N HIS A 1370 -19.80 0.88 22.90
CA HIS A 1370 -19.09 1.13 21.65
C HIS A 1370 -18.00 0.10 21.42
N MET A 1371 -17.15 -0.13 22.42
CA MET A 1371 -16.10 -1.13 22.26
C MET A 1371 -16.69 -2.52 22.10
N ALA A 1372 -17.82 -2.78 22.73
CA ALA A 1372 -18.51 -4.06 22.53
C ALA A 1372 -18.95 -4.21 21.09
N LEU A 1373 -19.53 -3.16 20.51
CA LEU A 1373 -19.92 -3.23 19.11
C LEU A 1373 -18.71 -3.45 18.22
N LEU A 1374 -17.61 -2.75 18.51
CA LEU A 1374 -16.41 -2.94 17.70
C LEU A 1374 -15.95 -4.39 17.73
N VAL A 1375 -15.79 -4.96 18.93
CA VAL A 1375 -15.32 -6.34 18.98
C VAL A 1375 -16.32 -7.27 18.31
N ASP A 1376 -17.61 -7.12 18.61
CA ASP A 1376 -18.59 -8.09 18.12
C ASP A 1376 -18.74 -8.00 16.60
N VAL A 1377 -18.41 -6.85 16.01
CA VAL A 1377 -18.30 -6.80 14.56
C VAL A 1377 -17.01 -7.47 14.11
N MET A 1378 -15.91 -7.22 14.82
CA MET A 1378 -14.64 -7.81 14.45
C MET A 1378 -14.71 -9.32 14.33
N THR A 1379 -15.47 -9.98 15.20
CA THR A 1379 -15.60 -11.43 15.18
C THR A 1379 -17.04 -11.88 14.96
N SER A 1380 -17.75 -11.27 14.03
CA SER A 1380 -19.11 -11.70 13.73
C SER A 1380 -19.11 -13.00 12.94
N ARG A 1381 -18.20 -13.13 11.99
CA ARG A 1381 -18.18 -14.31 11.14
C ARG A 1381 -17.60 -15.52 11.85
N GLY A 1382 -16.84 -15.33 12.91
CA GLY A 1382 -16.24 -16.41 13.66
C GLY A 1382 -14.74 -16.43 13.61
N TYR A 1383 -14.10 -15.57 12.83
CA TYR A 1383 -12.67 -15.51 12.75
C TYR A 1383 -12.25 -14.04 12.73
N LEU A 1384 -11.01 -13.79 13.16
CA LEU A 1384 -10.57 -12.42 13.35
C LEU A 1384 -10.59 -11.66 12.04
N MET A 1385 -11.57 -10.78 11.88
CA MET A 1385 -11.69 -9.95 10.68
C MET A 1385 -10.81 -8.73 10.87
N ALA A 1386 -9.50 -8.95 10.88
CA ALA A 1386 -8.56 -7.87 11.10
C ALA A 1386 -8.90 -6.70 10.20
N ILE A 1387 -8.94 -5.50 10.79
CA ILE A 1387 -9.42 -4.33 10.07
C ILE A 1387 -8.34 -3.80 9.15
N THR A 1388 -8.33 -4.27 7.92
CA THR A 1388 -7.46 -3.76 6.87
C THR A 1388 -8.18 -3.91 5.55
N ARG A 1389 -7.46 -3.68 4.45
CA ARG A 1389 -8.04 -3.94 3.14
C ARG A 1389 -8.42 -5.41 3.01
N HIS A 1390 -7.58 -6.31 3.53
CA HIS A 1390 -7.82 -7.73 3.35
C HIS A 1390 -9.13 -8.17 3.98
N GLY A 1391 -9.23 -8.06 5.31
CA GLY A 1391 -10.42 -8.57 5.98
C GLY A 1391 -11.69 -7.88 5.51
N ILE A 1392 -11.66 -6.55 5.40
CA ILE A 1392 -12.85 -5.81 5.02
C ILE A 1392 -13.29 -6.18 3.61
N ASN A 1393 -12.33 -6.21 2.67
CA ASN A 1393 -12.64 -6.53 1.29
C ASN A 1393 -12.96 -7.99 1.09
N ARG A 1394 -12.37 -8.88 1.88
CA ARG A 1394 -12.67 -10.30 1.81
C ARG A 1394 -14.09 -10.61 2.24
N ALA A 1395 -14.77 -9.65 2.86
CA ALA A 1395 -16.19 -9.75 3.13
C ALA A 1395 -16.96 -9.80 1.82
N ASP A 1396 -18.07 -10.54 1.84
CA ASP A 1396 -18.87 -10.76 0.65
C ASP A 1396 -19.96 -9.70 0.47
N THR A 1397 -19.76 -8.50 1.02
CA THR A 1397 -20.72 -7.42 0.87
C THR A 1397 -20.65 -6.85 -0.54
N GLY A 1398 -21.43 -5.80 -0.78
CA GLY A 1398 -21.48 -5.20 -2.10
C GLY A 1398 -20.09 -4.73 -2.54
N ALA A 1399 -19.85 -4.81 -3.86
CA ALA A 1399 -18.58 -4.38 -4.41
C ALA A 1399 -18.34 -2.90 -4.20
N LEU A 1400 -19.36 -2.07 -4.41
CA LEU A 1400 -19.16 -0.62 -4.27
C LEU A 1400 -18.61 -0.29 -2.89
N MET A 1401 -18.97 -1.08 -1.89
CA MET A 1401 -18.50 -0.83 -0.55
C MET A 1401 -16.99 -1.07 -0.45
N ARG A 1402 -16.58 -2.31 -0.68
CA ARG A 1402 -15.17 -2.69 -0.49
C ARG A 1402 -14.26 -1.98 -1.47
N CYS A 1403 -14.77 -1.55 -2.62
CA CYS A 1403 -13.92 -0.85 -3.57
C CYS A 1403 -13.49 0.51 -3.03
N SER A 1404 -14.42 1.30 -2.50
CA SER A 1404 -14.09 2.64 -2.05
C SER A 1404 -12.98 2.65 -1.02
N PHE A 1405 -12.97 1.71 -0.09
CA PHE A 1405 -11.96 1.70 0.96
C PHE A 1405 -10.57 1.47 0.37
N GLU A 1406 -10.43 0.45 -0.48
CA GLU A 1406 -9.13 0.13 -1.06
C GLU A 1406 -9.33 -0.66 -2.34
N GLU A 1407 -8.24 -0.79 -3.10
CA GLU A 1407 -8.18 -1.70 -4.25
C GLU A 1407 -9.36 -1.50 -5.17
N THR A 1408 -9.69 -0.23 -5.41
CA THR A 1408 -10.91 0.09 -6.14
C THR A 1408 -10.91 -0.58 -7.51
N VAL A 1409 -9.80 -0.49 -8.23
CA VAL A 1409 -9.74 -1.07 -9.57
C VAL A 1409 -9.85 -2.58 -9.50
N GLU A 1410 -9.12 -3.21 -8.56
CA GLU A 1410 -9.18 -4.66 -8.45
C GLU A 1410 -10.57 -5.13 -8.08
N ILE A 1411 -11.21 -4.44 -7.13
CA ILE A 1411 -12.56 -4.81 -6.73
C ILE A 1411 -13.51 -4.67 -7.90
N LEU A 1412 -13.39 -3.58 -8.65
CA LEU A 1412 -14.27 -3.38 -9.79
C LEU A 1412 -14.07 -4.47 -10.83
N PHE A 1413 -12.82 -4.84 -11.10
CA PHE A 1413 -12.56 -5.88 -12.09
C PHE A 1413 -13.13 -7.22 -11.62
N GLU A 1414 -13.00 -7.53 -10.32
CA GLU A 1414 -13.60 -8.76 -9.82
C GLU A 1414 -15.11 -8.72 -9.94
N ALA A 1415 -15.72 -7.57 -9.65
CA ALA A 1415 -17.17 -7.47 -9.77
C ALA A 1415 -17.60 -7.71 -11.21
N GLY A 1416 -16.89 -7.12 -12.17
CA GLY A 1416 -17.19 -7.41 -13.57
C GLY A 1416 -16.98 -8.86 -13.92
N ALA A 1417 -15.91 -9.47 -13.40
CA ALA A 1417 -15.58 -10.84 -13.77
C ALA A 1417 -16.64 -11.81 -13.27
N ALA A 1418 -17.07 -11.66 -12.02
CA ALA A 1418 -18.02 -12.57 -11.42
C ALA A 1418 -19.46 -12.25 -11.76
N ALA A 1419 -19.70 -11.26 -12.63
CA ALA A 1419 -21.05 -10.85 -13.01
C ALA A 1419 -21.87 -10.51 -11.76
N GLU A 1420 -21.20 -9.94 -10.77
CA GLU A 1420 -21.83 -9.69 -9.49
C GLU A 1420 -22.96 -8.68 -9.64
N LEU A 1421 -23.92 -8.78 -8.73
CA LEU A 1421 -25.09 -7.91 -8.70
C LEU A 1421 -25.13 -7.20 -7.35
N ASP A 1422 -25.22 -5.87 -7.38
CA ASP A 1422 -25.24 -5.07 -6.16
C ASP A 1422 -26.66 -4.56 -5.92
N ASP A 1423 -27.09 -4.63 -4.67
CA ASP A 1423 -28.48 -4.35 -4.32
C ASP A 1423 -28.71 -2.92 -3.87
N CYS A 1424 -27.67 -2.09 -3.77
CA CYS A 1424 -27.81 -0.74 -3.24
C CYS A 1424 -28.35 -0.76 -1.82
N ARG A 1425 -28.15 -1.86 -1.12
CA ARG A 1425 -28.64 -2.00 0.25
C ARG A 1425 -27.87 -1.16 1.25
N GLY A 1426 -26.55 -1.08 1.13
CA GLY A 1426 -25.76 -0.31 2.06
C GLY A 1426 -26.08 1.17 1.97
N VAL A 1427 -25.31 1.95 2.70
CA VAL A 1427 -25.46 3.40 2.72
C VAL A 1427 -24.65 4.07 1.62
N SER A 1428 -23.37 3.73 1.54
CA SER A 1428 -22.48 4.42 0.62
C SER A 1428 -22.97 4.30 -0.82
N GLU A 1429 -23.73 3.25 -1.13
CA GLU A 1429 -24.21 3.08 -2.50
C GLU A 1429 -25.02 4.29 -2.94
N ASN A 1430 -26.14 4.55 -2.26
CA ASN A 1430 -26.95 5.69 -2.64
C ASN A 1430 -26.18 6.99 -2.48
N VAL A 1431 -25.18 7.01 -1.60
CA VAL A 1431 -24.35 8.19 -1.47
C VAL A 1431 -23.66 8.51 -2.78
N MET A 1432 -23.01 7.51 -3.39
CA MET A 1432 -22.51 7.72 -4.73
C MET A 1432 -23.63 8.02 -5.71
N LEU A 1433 -24.74 7.31 -5.61
CA LEU A 1433 -25.85 7.51 -6.52
C LEU A 1433 -26.76 8.66 -6.12
N GLY A 1434 -26.42 9.38 -5.05
CA GLY A 1434 -27.18 10.55 -4.69
C GLY A 1434 -28.64 10.24 -4.43
N GLN A 1435 -28.91 9.22 -3.63
CA GLN A 1435 -30.26 8.87 -3.24
C GLN A 1435 -30.34 8.73 -1.73
N LEU A 1436 -31.56 8.83 -1.21
CA LEU A 1436 -31.78 8.84 0.23
C LEU A 1436 -31.42 7.48 0.82
N ALA A 1437 -30.26 7.38 1.44
CA ALA A 1437 -29.81 6.12 1.98
C ALA A 1437 -30.74 5.68 3.10
N PRO A 1438 -30.90 4.37 3.28
CA PRO A 1438 -31.80 3.89 4.34
C PRO A 1438 -31.20 4.09 5.72
N MET A 1439 -31.02 5.35 6.10
CA MET A 1439 -30.44 5.69 7.39
C MET A 1439 -31.28 6.79 8.01
N GLY A 1440 -31.23 6.86 9.34
CA GLY A 1440 -31.84 7.96 10.07
C GLY A 1440 -33.15 8.38 9.47
N THR A 1441 -33.22 9.63 9.03
CA THR A 1441 -34.44 10.17 8.46
C THR A 1441 -34.88 9.40 7.21
N GLY A 1442 -33.98 8.64 6.59
CA GLY A 1442 -34.34 7.90 5.40
C GLY A 1442 -34.56 6.43 5.66
N ALA A 1443 -34.61 6.05 6.93
CA ALA A 1443 -34.74 4.66 7.33
C ALA A 1443 -36.18 4.17 7.28
N PHE A 1444 -37.06 4.89 6.62
CA PHE A 1444 -38.47 4.49 6.54
C PHE A 1444 -39.08 5.22 5.35
N ASP A 1445 -40.41 5.25 5.29
CA ASP A 1445 -41.10 5.95 4.23
C ASP A 1445 -42.24 6.76 4.81
N VAL A 1446 -42.86 7.56 3.95
CA VAL A 1446 -44.01 8.38 4.29
C VAL A 1446 -45.18 7.94 3.42
N MET A 1447 -46.22 7.41 4.04
CA MET A 1447 -47.44 7.04 3.36
C MET A 1447 -48.46 8.14 3.58
N ILE A 1448 -48.95 8.73 2.49
CA ILE A 1448 -50.03 9.70 2.60
C ILE A 1448 -51.33 8.97 2.83
N ASP A 1449 -52.00 9.30 3.93
CA ASP A 1449 -53.26 8.67 4.29
C ASP A 1449 -54.43 9.44 3.73
N GLU A 1450 -55.35 8.72 3.09
CA GLU A 1450 -56.62 9.28 2.67
C GLU A 1450 -57.69 9.10 3.73
N LYS A 1451 -57.52 8.11 4.62
CA LYS A 1451 -58.53 7.86 5.65
C LYS A 1451 -58.66 9.05 6.60
N LEU A 1452 -57.54 9.49 7.17
CA LEU A 1452 -57.62 10.55 8.18
C LEU A 1452 -58.03 11.87 7.55
N LEU A 1453 -57.63 12.11 6.31
CA LEU A 1453 -58.08 13.31 5.61
C LEU A 1453 -59.59 13.32 5.41
N THR A 1454 -60.26 12.17 5.57
CA THR A 1454 -61.70 12.17 5.63
C THR A 1454 -62.22 13.02 6.78
N SER A 1455 -61.39 13.26 7.80
CA SER A 1455 -61.77 14.10 8.92
C SER A 1455 -61.85 15.57 8.56
N LEU A 1456 -61.35 15.97 7.39
CA LEU A 1456 -61.32 17.37 7.03
C LEU A 1456 -62.73 17.90 6.80
N PRO A 1457 -62.93 19.21 6.92
CA PRO A 1457 -64.24 19.79 6.62
C PRO A 1457 -64.63 19.55 5.17
N ALA A 1458 -65.94 19.46 4.93
CA ALA A 1458 -66.46 19.07 3.63
C ALA A 1458 -66.15 20.07 2.52
N ASP A 1459 -65.79 21.31 2.85
CA ASP A 1459 -65.57 22.34 1.85
C ASP A 1459 -64.12 22.38 1.36
N TYR A 1460 -63.27 21.44 1.80
CA TYR A 1460 -61.87 21.42 1.41
C TYR A 1460 -61.58 20.39 0.31
N ALA A 1461 -62.54 20.14 -0.57
CA ALA A 1461 -62.31 19.19 -1.66
C ALA A 1461 -61.31 19.77 -2.66
N PRO A 1462 -60.24 19.05 -2.99
CA PRO A 1462 -59.30 19.58 -3.99
C PRO A 1462 -59.99 19.81 -5.33
N THR A 1463 -59.59 20.89 -5.99
CA THR A 1463 -60.17 21.26 -7.28
C THR A 1463 -59.84 20.21 -8.32
N ASP B 9 48.56 40.82 32.42
CA ASP B 9 47.37 40.27 31.71
C ASP B 9 46.24 39.95 32.69
N ASP B 10 45.38 40.94 32.92
CA ASP B 10 44.25 40.73 33.80
C ASP B 10 43.22 39.81 33.13
N THR B 11 42.12 39.58 33.83
CA THR B 11 41.09 38.70 33.32
C THR B 11 40.40 39.32 32.11
N ILE B 12 39.96 38.46 31.20
CA ILE B 12 39.30 38.90 29.98
C ILE B 12 37.81 39.00 30.28
N THR B 13 37.25 40.20 30.15
CA THR B 13 35.85 40.42 30.46
C THR B 13 34.97 39.95 29.32
N THR B 14 33.65 39.98 29.57
CA THR B 14 32.69 39.65 28.52
C THR B 14 32.79 40.63 27.37
N GLU B 15 32.98 41.91 27.67
CA GLU B 15 33.07 42.89 26.60
C GLU B 15 34.27 42.63 25.70
N ASP B 16 35.33 42.02 26.25
CA ASP B 16 36.45 41.63 25.39
C ASP B 16 36.00 40.59 24.37
N CYS B 17 35.24 39.60 24.82
CA CYS B 17 34.72 38.60 23.90
C CYS B 17 33.82 39.24 22.86
N TRP B 18 32.99 40.20 23.28
CA TRP B 18 32.14 40.88 22.32
C TRP B 18 32.98 41.68 21.31
N THR B 19 34.07 42.28 21.77
CA THR B 19 34.98 42.95 20.85
C THR B 19 35.53 41.99 19.82
N VAL B 20 36.01 40.84 20.28
CA VAL B 20 36.57 39.85 19.37
C VAL B 20 35.51 39.41 18.36
N ILE B 21 34.29 39.18 18.83
CA ILE B 21 33.24 38.72 17.94
C ILE B 21 32.88 39.80 16.93
N SER B 22 32.88 41.06 17.35
CA SER B 22 32.60 42.13 16.41
C SER B 22 33.66 42.17 15.31
N ALA B 23 34.93 42.06 15.71
CA ALA B 23 35.99 42.01 14.71
C ALA B 23 35.79 40.84 13.77
N PHE B 24 35.46 39.67 14.33
CA PHE B 24 35.22 38.49 13.52
C PHE B 24 34.15 38.78 12.48
N PHE B 25 32.95 39.13 12.93
CA PHE B 25 31.88 39.42 11.97
C PHE B 25 32.31 40.44 10.94
N GLU B 26 33.05 41.46 11.34
CA GLU B 26 33.44 42.46 10.36
C GLU B 26 34.34 41.85 9.29
N GLU B 27 35.24 40.95 9.68
CA GLU B 27 36.11 40.34 8.69
C GLU B 27 35.33 39.41 7.76
N LYS B 28 34.47 38.56 8.32
CA LYS B 28 33.79 37.54 7.52
C LYS B 28 32.35 37.91 7.20
N GLY B 29 31.56 38.22 8.21
CA GLY B 29 30.18 38.59 8.01
C GLY B 29 29.24 37.41 8.14
N LEU B 30 28.07 37.56 7.50
CA LEU B 30 26.98 36.61 7.67
C LEU B 30 27.02 35.47 6.68
N VAL B 31 27.11 35.76 5.38
CA VAL B 31 26.96 34.74 4.36
C VAL B 31 28.32 34.44 3.76
N SER B 32 29.37 34.63 4.57
CA SER B 32 30.73 34.48 4.04
C SER B 32 30.92 33.13 3.36
N GLN B 33 30.31 32.07 3.92
CA GLN B 33 30.55 30.74 3.36
C GLN B 33 29.99 30.62 1.95
N GLN B 34 28.77 31.13 1.71
CA GLN B 34 28.22 31.11 0.37
C GLN B 34 29.18 31.76 -0.63
N LEU B 35 29.61 32.97 -0.32
CA LEU B 35 30.42 33.72 -1.27
C LEU B 35 31.78 33.05 -1.47
N ASP B 36 32.39 32.57 -0.38
CA ASP B 36 33.68 31.90 -0.53
C ASP B 36 33.55 30.68 -1.40
N SER B 37 32.53 29.86 -1.18
CA SER B 37 32.36 28.67 -2.00
C SER B 37 32.18 29.04 -3.46
N PHE B 38 31.29 29.99 -3.74
CA PHE B 38 31.02 30.33 -5.14
C PHE B 38 32.25 30.91 -5.81
N ASP B 39 32.99 31.77 -5.12
CA ASP B 39 34.17 32.36 -5.73
C ASP B 39 35.24 31.30 -5.95
N GLU B 40 35.43 30.39 -5.00
CA GLU B 40 36.39 29.31 -5.24
C GLU B 40 35.98 28.49 -6.44
N PHE B 41 34.69 28.18 -6.56
CA PHE B 41 34.20 27.45 -7.72
C PHE B 41 34.56 28.17 -9.00
N MET B 42 34.22 29.45 -9.08
CA MET B 42 34.46 30.19 -10.32
C MET B 42 35.95 30.28 -10.62
N GLU B 43 36.78 30.44 -9.59
CA GLU B 43 38.21 30.61 -9.85
C GLU B 43 38.89 29.32 -10.25
N THR B 44 38.55 28.20 -9.59
CA THR B 44 39.26 26.96 -9.81
C THR B 44 38.39 25.86 -10.40
N SER B 45 37.24 25.59 -9.80
CA SER B 45 36.49 24.39 -10.15
C SER B 45 36.29 24.27 -11.65
N ILE B 46 35.61 25.24 -12.27
CA ILE B 46 35.25 25.10 -13.67
C ILE B 46 36.46 24.68 -14.50
N GLN B 47 37.60 25.31 -14.26
CA GLN B 47 38.77 25.00 -15.06
C GLN B 47 39.14 23.54 -14.93
N ASP B 48 39.15 23.02 -13.70
CA ASP B 48 39.58 21.64 -13.50
C ASP B 48 38.61 20.66 -14.12
N LEU B 49 37.31 20.96 -14.08
CA LEU B 49 36.36 20.09 -14.78
C LEU B 49 36.73 19.96 -16.24
N VAL B 50 37.03 21.07 -16.91
CA VAL B 50 37.33 21.01 -18.33
C VAL B 50 38.58 20.17 -18.57
N TRP B 51 39.54 20.22 -17.64
CA TRP B 51 40.71 19.36 -17.75
C TRP B 51 40.38 17.89 -17.52
N GLU B 52 39.17 17.57 -17.07
CA GLU B 52 38.84 16.19 -16.77
C GLU B 52 38.96 15.32 -18.02
N GLU B 53 38.44 15.79 -19.15
CA GLU B 53 38.58 15.11 -20.44
C GLU B 53 39.18 16.11 -21.42
N PRO B 54 40.49 16.34 -21.35
CA PRO B 54 41.10 17.43 -22.10
C PRO B 54 41.26 17.19 -23.60
N ARG B 55 40.91 16.00 -24.10
CA ARG B 55 41.17 15.66 -25.49
C ARG B 55 39.98 14.95 -26.11
N LEU B 56 39.62 15.35 -27.33
CA LEU B 56 38.71 14.59 -28.18
C LEU B 56 39.53 14.03 -29.33
N ILE B 57 39.35 12.74 -29.61
CA ILE B 57 40.16 12.04 -30.58
C ILE B 57 39.25 11.34 -31.57
N LEU B 58 39.57 11.45 -32.86
CA LEU B 58 38.97 10.65 -33.92
C LEU B 58 40.09 9.99 -34.73
N ASP B 59 39.68 9.11 -35.63
CA ASP B 59 40.61 8.41 -36.50
C ASP B 59 39.90 8.08 -37.80
N GLN B 60 40.69 7.82 -38.84
CA GLN B 60 40.15 7.56 -40.17
C GLN B 60 41.10 6.62 -40.91
N PRO B 61 40.87 5.32 -40.86
CA PRO B 61 41.65 4.38 -41.69
C PRO B 61 41.11 4.30 -43.12
N ALA B 62 41.07 5.45 -43.78
CA ALA B 62 40.43 5.56 -45.09
C ALA B 62 41.18 4.73 -46.12
N GLN B 63 40.54 3.69 -46.61
CA GLN B 63 41.07 2.82 -47.65
C GLN B 63 40.13 2.84 -48.84
N HIS B 64 40.65 3.25 -50.00
CA HIS B 64 39.83 3.37 -51.21
C HIS B 64 40.65 3.08 -52.46
N ASP B 69 45.57 2.27 -50.91
CA ASP B 69 45.83 3.55 -50.26
C ASP B 69 45.21 3.58 -48.88
N ASN B 70 45.99 3.18 -47.88
CA ASN B 70 45.54 3.11 -46.50
C ASN B 70 46.21 4.19 -45.69
N ILE B 71 45.40 5.03 -45.04
CA ILE B 71 45.88 6.17 -44.28
C ILE B 71 45.10 6.25 -42.97
N ASN B 72 45.79 6.60 -41.89
CA ASN B 72 45.18 6.77 -40.57
C ASN B 72 45.18 8.25 -40.24
N LYS B 73 44.03 8.88 -40.45
CA LYS B 73 43.86 10.32 -40.20
C LYS B 73 43.23 10.52 -38.83
N ARG B 74 43.94 11.23 -37.95
CA ARG B 74 43.52 11.42 -36.57
C ARG B 74 43.17 12.89 -36.36
N TYR B 75 41.94 13.15 -35.91
CA TYR B 75 41.52 14.47 -35.47
C TYR B 75 41.58 14.50 -33.95
N GLU B 76 42.38 15.42 -33.41
CA GLU B 76 42.56 15.52 -31.96
C GLU B 76 42.30 16.95 -31.53
N ILE B 77 41.26 17.14 -30.72
CA ILE B 77 40.86 18.46 -30.23
C ILE B 77 41.18 18.51 -28.75
N ARG B 78 41.87 19.58 -28.34
CA ARG B 78 42.38 19.71 -26.98
C ARG B 78 41.69 20.89 -26.29
N PHE B 79 41.31 20.69 -25.04
CA PHE B 79 40.70 21.75 -24.24
C PHE B 79 41.76 22.47 -23.43
N GLY B 80 41.72 23.81 -23.47
CA GLY B 80 42.73 24.62 -22.81
C GLY B 80 42.18 25.50 -21.71
N LYS B 81 42.44 26.79 -21.80
CA LYS B 81 42.09 27.72 -20.73
C LYS B 81 40.64 28.17 -20.84
N ILE B 82 40.07 28.51 -19.69
CA ILE B 82 38.71 29.03 -19.58
C ILE B 82 38.78 30.52 -19.34
N TYR B 83 37.92 31.27 -20.01
CA TYR B 83 37.84 32.71 -19.86
C TYR B 83 36.47 33.09 -19.33
N LEU B 84 36.46 33.96 -18.31
CA LEU B 84 35.25 34.43 -17.68
C LEU B 84 35.11 35.92 -17.92
N SER B 85 33.85 36.36 -18.04
CA SER B 85 33.55 37.74 -18.38
C SER B 85 32.61 38.32 -17.34
N ARG B 86 32.63 39.65 -17.22
CA ARG B 86 31.63 40.30 -16.40
C ARG B 86 30.29 40.30 -17.13
N PRO B 87 29.19 40.18 -16.39
CA PRO B 87 27.88 40.05 -17.05
C PRO B 87 27.61 41.23 -17.97
N THR B 88 27.01 40.93 -19.12
CA THR B 88 26.81 41.93 -20.15
C THR B 88 25.48 41.69 -20.84
N MET B 89 24.76 42.79 -21.09
CA MET B 89 23.49 42.75 -21.79
C MET B 89 23.71 42.83 -23.29
N THR B 90 22.86 42.14 -24.05
CA THR B 90 22.84 42.23 -25.50
C THR B 90 21.38 42.27 -25.93
N GLU B 91 20.91 43.45 -26.31
CA GLU B 91 19.53 43.62 -26.70
C GLU B 91 19.28 42.97 -28.06
N ALA B 92 18.00 42.86 -28.40
CA ALA B 92 17.64 42.32 -29.71
C ALA B 92 18.15 43.21 -30.84
N ASP B 93 18.51 44.46 -30.53
CA ASP B 93 19.02 45.39 -31.52
C ASP B 93 20.51 45.22 -31.79
N GLY B 94 21.17 44.27 -31.12
CA GLY B 94 22.59 44.13 -31.22
C GLY B 94 23.38 45.07 -30.33
N THR B 95 22.73 46.05 -29.73
CA THR B 95 23.40 46.91 -28.76
C THR B 95 23.75 46.10 -27.52
N THR B 96 24.96 46.30 -27.03
CA THR B 96 25.44 45.60 -25.85
C THR B 96 25.97 46.62 -24.85
N HIS B 97 25.78 46.32 -23.57
CA HIS B 97 26.26 47.20 -22.51
C HIS B 97 26.39 46.39 -21.24
N ALA B 98 27.34 46.77 -20.41
CA ALA B 98 27.48 46.12 -19.11
C ALA B 98 26.16 46.24 -18.36
N MET B 99 25.71 45.11 -17.84
CA MET B 99 24.39 44.99 -17.22
C MET B 99 24.54 45.02 -15.71
N PHE B 100 23.47 45.44 -15.03
CA PHE B 100 23.51 45.52 -13.59
C PHE B 100 22.33 44.77 -12.97
N PRO B 101 22.48 44.33 -11.72
CA PRO B 101 21.38 43.59 -11.08
C PRO B 101 20.04 44.28 -11.24
N GLN B 102 19.92 45.52 -10.78
CA GLN B 102 18.63 46.19 -10.81
C GLN B 102 18.03 46.15 -12.20
N GLU B 103 18.85 46.45 -13.21
CA GLU B 103 18.39 46.29 -14.58
C GLU B 103 17.80 44.91 -14.78
N ALA B 104 18.46 43.88 -14.24
CA ALA B 104 17.97 42.53 -14.41
C ALA B 104 16.60 42.37 -13.79
N ARG B 105 16.45 42.74 -12.52
CA ARG B 105 15.17 42.56 -11.84
C ARG B 105 14.06 43.28 -12.60
N LEU B 106 14.34 44.50 -13.04
CA LEU B 106 13.31 45.25 -13.76
C LEU B 106 12.89 44.54 -15.03
N ARG B 107 13.85 44.01 -15.77
CA ARG B 107 13.60 43.49 -17.11
C ARG B 107 13.62 41.97 -17.19
N ASN B 108 13.52 41.27 -16.07
CA ASN B 108 13.44 39.82 -16.08
C ASN B 108 14.63 39.20 -16.81
N LEU B 109 15.80 39.79 -16.62
CA LEU B 109 17.02 39.32 -17.25
C LEU B 109 17.63 38.20 -16.42
N THR B 110 18.90 37.90 -16.66
CA THR B 110 19.64 36.91 -15.89
C THR B 110 21.06 37.41 -15.66
N TYR B 111 21.41 37.63 -14.39
CA TYR B 111 22.75 38.06 -14.07
C TYR B 111 23.70 36.91 -14.40
N SER B 112 24.21 36.90 -15.63
CA SER B 112 25.01 35.78 -16.10
C SER B 112 26.26 36.30 -16.78
N SER B 113 27.32 35.50 -16.70
CA SER B 113 28.61 35.83 -17.26
C SER B 113 28.92 34.89 -18.41
N PRO B 114 28.78 35.32 -19.66
CA PRO B 114 29.16 34.45 -20.77
C PRO B 114 30.60 34.01 -20.64
N VAL B 115 30.85 32.75 -20.99
CA VAL B 115 32.14 32.10 -20.78
C VAL B 115 32.75 31.79 -22.14
N TYR B 116 34.06 31.96 -22.25
CA TYR B 116 34.80 31.59 -23.43
C TYR B 116 35.86 30.56 -23.05
N LEU B 117 35.91 29.47 -23.81
CA LEU B 117 36.85 28.38 -23.56
C LEU B 117 37.79 28.27 -24.75
N ASP B 118 39.05 27.95 -24.47
CA ASP B 118 40.06 27.81 -25.51
C ASP B 118 40.09 26.37 -26.01
N MET B 119 39.57 26.16 -27.21
CA MET B 119 39.71 24.88 -27.88
C MET B 119 41.11 24.77 -28.49
N GLU B 120 41.37 23.62 -29.11
CA GLU B 120 42.61 23.44 -29.86
C GLU B 120 42.35 22.32 -30.87
N LYS B 121 42.10 22.68 -32.12
CA LYS B 121 41.87 21.73 -33.19
C LYS B 121 43.20 21.32 -33.81
N SER B 122 43.43 20.01 -33.88
CA SER B 122 44.65 19.47 -34.43
C SER B 122 44.33 18.29 -35.33
N MET B 123 45.16 18.08 -36.34
CA MET B 123 45.02 16.98 -37.28
C MET B 123 46.30 16.16 -37.30
N PHE B 124 46.18 14.84 -37.19
CA PHE B 124 47.34 13.95 -37.20
C PHE B 124 47.13 12.88 -38.27
N THR B 125 47.70 13.12 -39.45
CA THR B 125 47.67 12.14 -40.53
C THR B 125 48.90 11.25 -40.42
N SER B 126 48.68 9.94 -40.33
CA SER B 126 49.75 8.96 -40.35
C SER B 126 49.36 7.82 -41.27
N ILE B 127 50.12 7.63 -42.34
CA ILE B 127 49.87 6.54 -43.28
C ILE B 127 50.62 5.30 -42.80
N ASP B 128 49.99 4.56 -41.88
CA ASP B 128 50.66 3.45 -41.23
C ASP B 128 49.65 2.39 -40.77
N GLY B 153 42.13 25.98 -32.59
CA GLY B 153 41.05 26.52 -31.79
C GLY B 153 41.30 27.95 -31.36
N ASN B 154 40.37 28.50 -30.58
CA ASN B 154 40.45 29.88 -30.13
C ASN B 154 39.54 30.05 -28.92
N LYS B 155 39.34 31.29 -28.50
CA LYS B 155 38.41 31.59 -27.42
C LYS B 155 37.01 31.26 -27.92
N VAL B 156 36.46 30.14 -27.46
CA VAL B 156 35.20 29.64 -27.95
C VAL B 156 34.11 29.92 -26.93
N HIS B 157 33.02 30.53 -27.40
CA HIS B 157 31.90 30.85 -26.52
C HIS B 157 31.12 29.59 -26.21
N ILE B 158 31.07 29.23 -24.93
CA ILE B 158 30.48 27.96 -24.51
C ILE B 158 29.16 28.13 -23.77
N GLY B 159 28.97 29.22 -23.05
CA GLY B 159 27.73 29.39 -22.32
C GLY B 159 27.82 30.49 -21.29
N LYS B 160 26.71 30.67 -20.57
CA LYS B 160 26.54 31.75 -19.61
C LYS B 160 26.26 31.15 -18.23
N VAL B 161 27.14 31.46 -17.28
CA VAL B 161 27.04 30.98 -15.90
C VAL B 161 26.47 32.12 -15.05
N PRO B 162 25.32 31.94 -14.42
CA PRO B 162 24.83 32.98 -13.51
C PRO B 162 25.83 33.23 -12.40
N ILE B 163 25.87 34.47 -11.93
CA ILE B 163 26.80 34.90 -10.90
C ILE B 163 26.02 35.26 -9.65
N MET B 164 26.54 34.87 -8.49
CA MET B 164 25.89 35.20 -7.24
C MET B 164 26.33 36.59 -6.80
N LEU B 165 25.35 37.48 -6.64
CA LEU B 165 25.64 38.87 -6.34
C LEU B 165 26.64 38.99 -5.19
N ARG B 166 27.41 40.07 -5.21
CA ARG B 166 28.45 40.37 -4.23
C ARG B 166 29.59 39.38 -4.27
N SER B 167 29.54 38.36 -5.11
CA SER B 167 30.69 37.51 -5.31
C SER B 167 31.76 38.30 -6.06
N LYS B 168 32.98 37.76 -6.09
CA LYS B 168 34.09 38.48 -6.69
C LYS B 168 33.80 38.90 -8.12
N PHE B 169 32.99 38.15 -8.83
CA PHE B 169 32.78 38.38 -10.26
C PHE B 169 31.45 39.06 -10.54
N CYS B 170 31.00 39.91 -9.62
CA CYS B 170 29.81 40.71 -9.81
C CYS B 170 30.16 42.19 -9.81
N SER B 171 29.40 42.96 -10.58
CA SER B 171 29.65 44.39 -10.65
C SER B 171 29.73 45.03 -9.27
N LEU B 172 28.87 44.63 -8.36
CA LEU B 172 28.72 45.34 -7.10
C LEU B 172 29.90 45.16 -6.15
N ARG B 173 30.79 44.21 -6.41
CA ARG B 173 31.95 44.08 -5.54
C ARG B 173 32.75 45.39 -5.54
N THR B 174 32.78 46.06 -6.68
CA THR B 174 33.32 47.41 -6.79
C THR B 174 32.20 48.40 -6.51
N LEU B 175 32.38 49.66 -6.87
CA LEU B 175 31.39 50.73 -6.83
C LEU B 175 31.16 51.25 -5.41
N ASP B 176 31.75 50.65 -4.38
CA ASP B 176 31.59 51.14 -3.02
C ASP B 176 30.12 51.35 -2.71
N GLU B 177 29.82 52.11 -1.65
CA GLU B 177 28.44 52.36 -1.28
C GLU B 177 27.79 53.46 -2.09
N VAL B 178 28.51 54.56 -2.35
CA VAL B 178 27.89 55.73 -2.95
C VAL B 178 27.24 55.36 -4.27
N ASP B 179 27.94 54.61 -5.11
CA ASP B 179 27.39 54.25 -6.40
C ASP B 179 26.17 53.35 -6.27
N LEU B 180 26.12 52.49 -5.25
CA LEU B 180 24.96 51.64 -5.09
C LEU B 180 23.68 52.46 -5.06
N TYR B 181 23.68 53.52 -4.24
CA TYR B 181 22.56 54.44 -4.26
C TYR B 181 22.26 54.91 -5.67
N LYS B 182 23.30 55.25 -6.44
CA LYS B 182 23.09 55.60 -7.83
C LYS B 182 22.50 54.42 -8.59
N MET B 183 22.97 53.21 -8.30
CA MET B 183 22.57 52.03 -9.03
C MET B 183 21.31 51.39 -8.49
N LYS B 184 20.69 51.98 -7.47
CA LYS B 184 19.39 51.53 -6.98
C LYS B 184 19.46 50.12 -6.41
N GLU B 185 20.39 49.90 -5.49
CA GLU B 185 20.50 48.66 -4.73
C GLU B 185 20.82 48.99 -3.28
N CYS B 186 19.93 48.59 -2.38
CA CYS B 186 20.08 48.97 -0.99
C CYS B 186 21.43 48.50 -0.46
N PRO B 187 22.17 49.33 0.27
CA PRO B 187 23.49 48.90 0.76
C PRO B 187 23.41 47.74 1.74
N TYR B 188 22.25 47.46 2.31
CA TYR B 188 22.14 46.40 3.29
C TYR B 188 22.06 45.02 2.66
N ASP B 189 21.33 44.86 1.56
CA ASP B 189 21.13 43.55 0.95
C ASP B 189 22.50 42.93 0.67
N MET B 190 22.79 41.82 1.36
CA MET B 190 24.06 41.14 1.25
C MET B 190 24.12 40.21 0.03
N GLY B 191 23.13 40.27 -0.85
CA GLY B 191 23.17 39.45 -2.04
C GLY B 191 23.24 37.98 -1.70
N GLY B 192 24.24 37.31 -2.24
CA GLY B 192 24.43 35.89 -2.00
C GLY B 192 23.45 35.00 -2.71
N TYR B 193 22.71 35.50 -3.69
CA TYR B 193 21.73 34.72 -4.41
C TYR B 193 21.80 35.07 -5.88
N PHE B 194 21.16 34.24 -6.70
CA PHE B 194 21.14 34.46 -8.14
C PHE B 194 19.82 35.09 -8.56
N VAL B 195 19.77 35.50 -9.83
CA VAL B 195 18.56 36.04 -10.42
C VAL B 195 18.34 35.36 -11.75
N ILE B 196 17.09 34.99 -12.04
CA ILE B 196 16.74 34.32 -13.28
C ILE B 196 15.31 34.70 -13.62
N ASN B 197 15.12 35.30 -14.79
CA ASN B 197 13.82 35.78 -15.22
C ASN B 197 13.24 36.79 -14.22
N GLY B 198 14.10 37.36 -13.39
CA GLY B 198 13.68 38.33 -12.39
C GLY B 198 13.17 37.73 -11.10
N SER B 199 13.32 36.42 -10.90
CA SER B 199 12.95 35.78 -9.66
C SER B 199 14.21 35.48 -8.86
N GLU B 200 14.33 36.08 -7.69
CA GLU B 200 15.55 35.93 -6.89
C GLU B 200 15.57 34.53 -6.31
N LYS B 201 16.22 33.60 -7.01
CA LYS B 201 16.31 32.21 -6.56
C LYS B 201 17.50 32.06 -5.64
N VAL B 202 17.41 31.11 -4.72
CA VAL B 202 18.46 30.84 -3.75
C VAL B 202 18.74 29.35 -3.71
N LEU B 203 19.95 28.98 -3.34
CA LEU B 203 20.35 27.59 -3.23
C LEU B 203 20.41 27.17 -1.77
N ILE B 204 19.58 26.20 -1.41
CA ILE B 204 19.61 25.63 -0.07
C ILE B 204 20.74 24.61 -0.03
N ALA B 205 21.75 24.86 0.78
CA ALA B 205 22.86 23.94 0.87
C ALA B 205 22.38 22.56 1.32
N GLN B 206 22.79 21.52 0.61
CA GLN B 206 22.44 20.16 0.95
C GLN B 206 23.49 19.54 1.85
N GLU B 207 23.19 18.33 2.32
CA GLU B 207 24.05 17.60 3.22
C GLU B 207 24.20 16.16 2.74
N ARG B 208 25.34 15.56 3.06
CA ARG B 208 25.61 14.19 2.64
C ARG B 208 26.53 13.55 3.65
N SER B 209 26.50 12.22 3.68
CA SER B 209 27.40 11.47 4.55
C SER B 209 28.84 11.63 4.08
N ALA B 210 29.74 11.76 5.04
CA ALA B 210 31.14 11.98 4.70
C ALA B 210 31.67 10.82 3.87
N ALA B 211 32.52 11.15 2.92
CA ALA B 211 33.10 10.16 2.01
C ALA B 211 34.42 9.64 2.57
N ASN B 212 34.89 8.54 1.98
CA ASN B 212 36.14 7.92 2.40
C ASN B 212 36.17 7.68 3.91
N ILE B 213 35.14 6.99 4.41
CA ILE B 213 35.05 6.66 5.83
C ILE B 213 34.33 5.31 5.96
N VAL B 214 34.71 4.54 6.96
CA VAL B 214 34.18 3.19 7.15
C VAL B 214 33.18 3.20 8.30
N GLN B 215 31.99 2.70 8.04
CA GLN B 215 30.91 2.67 9.01
C GLN B 215 30.37 1.26 9.10
N VAL B 216 29.90 0.87 10.28
CA VAL B 216 29.43 -0.48 10.55
C VAL B 216 27.96 -0.42 10.98
N PHE B 217 27.13 -1.22 10.34
CA PHE B 217 25.70 -1.27 10.65
C PHE B 217 25.28 -2.72 10.84
N LYS B 218 24.67 -2.99 11.99
CA LYS B 218 24.04 -4.29 12.19
C LYS B 218 22.69 -4.30 11.46
N LYS B 219 22.48 -5.36 10.67
CA LYS B 219 21.24 -5.49 9.93
C LYS B 219 20.15 -6.10 10.80
N ALA B 220 18.94 -6.06 10.28
CA ALA B 220 17.81 -6.63 11.00
C ALA B 220 18.00 -8.12 11.21
N ALA B 221 17.41 -8.63 12.29
CA ALA B 221 17.54 -10.06 12.58
C ALA B 221 17.08 -10.93 11.42
N PRO B 222 15.94 -10.67 10.78
CA PRO B 222 15.52 -11.54 9.67
C PRO B 222 16.40 -11.35 8.44
N SER B 223 17.67 -11.69 8.56
CA SER B 223 18.60 -11.58 7.43
C SER B 223 19.90 -12.30 7.75
N PRO B 224 20.45 -13.06 6.82
CA PRO B 224 21.74 -13.71 7.08
C PRO B 224 22.87 -12.72 7.30
N ILE B 225 22.70 -11.49 6.87
CA ILE B 225 23.68 -10.42 7.11
C ILE B 225 23.53 -9.95 8.54
N SER B 226 24.64 -9.95 9.28
CA SER B 226 24.66 -9.55 10.68
C SER B 226 25.36 -8.21 10.88
N HIS B 227 26.44 -7.98 10.14
CA HIS B 227 27.15 -6.70 10.16
C HIS B 227 27.44 -6.29 8.73
N VAL B 228 27.41 -4.98 8.48
CA VAL B 228 27.70 -4.42 7.17
C VAL B 228 28.72 -3.30 7.36
N ALA B 229 29.75 -3.30 6.52
CA ALA B 229 30.78 -2.27 6.54
C ALA B 229 30.70 -1.53 5.21
N GLU B 230 29.87 -0.49 5.17
CA GLU B 230 29.66 0.29 3.97
C GLU B 230 30.70 1.41 3.89
N ILE B 231 31.22 1.65 2.70
CA ILE B 231 32.11 2.77 2.44
C ILE B 231 31.79 3.34 1.06
N ARG B 232 31.61 4.65 0.99
CA ARG B 232 31.41 5.34 -0.27
C ARG B 232 32.69 6.10 -0.58
N SER B 233 33.36 5.71 -1.66
CA SER B 233 34.62 6.31 -2.04
C SER B 233 34.40 7.33 -3.16
N ALA B 234 35.13 8.43 -3.07
CA ALA B 234 35.05 9.51 -4.04
C ALA B 234 36.44 10.08 -4.24
N LEU B 235 36.78 10.38 -5.50
CA LEU B 235 38.11 10.87 -5.80
C LEU B 235 38.37 12.19 -5.08
N GLU B 236 39.54 12.27 -4.44
CA GLU B 236 39.89 13.48 -3.70
C GLU B 236 39.77 14.71 -4.60
N LYS B 237 40.42 14.67 -5.76
CA LYS B 237 40.24 15.73 -6.75
C LYS B 237 38.78 15.82 -7.13
N GLY B 238 38.19 17.00 -6.98
CA GLY B 238 36.78 17.17 -7.29
C GLY B 238 35.86 16.73 -6.18
N SER B 239 36.21 15.62 -5.51
CA SER B 239 35.38 15.07 -4.43
C SER B 239 34.01 14.68 -4.96
N ARG B 240 34.01 13.77 -5.94
CA ARG B 240 32.81 13.29 -6.59
C ARG B 240 32.67 11.79 -6.37
N LEU B 241 31.43 11.35 -6.15
CA LEU B 241 31.17 9.93 -5.93
C LEU B 241 31.72 9.11 -7.08
N ILE B 242 32.32 7.97 -6.73
CA ILE B 242 32.85 7.06 -7.74
C ILE B 242 32.20 5.71 -7.55
N SER B 243 32.30 5.15 -6.34
CA SER B 243 31.84 3.80 -6.08
C SER B 243 31.43 3.69 -4.62
N THR B 244 30.59 2.69 -4.34
CA THR B 244 30.21 2.34 -2.99
C THR B 244 30.42 0.84 -2.80
N MET B 245 31.02 0.48 -1.67
CA MET B 245 31.42 -0.90 -1.43
C MET B 245 30.93 -1.32 -0.04
N GLN B 246 30.60 -2.60 0.09
CA GLN B 246 30.13 -3.15 1.35
C GLN B 246 30.81 -4.49 1.61
N ILE B 247 31.15 -4.73 2.87
CA ILE B 247 31.57 -6.04 3.35
C ILE B 247 30.47 -6.56 4.25
N LYS B 248 29.89 -7.71 3.91
CA LYS B 248 28.76 -8.27 4.62
C LYS B 248 29.20 -9.51 5.38
N LEU B 249 28.94 -9.53 6.68
CA LEU B 249 29.30 -10.66 7.54
C LEU B 249 28.13 -11.62 7.55
N TYR B 250 28.16 -12.60 6.66
CA TYR B 250 27.07 -13.54 6.53
C TYR B 250 27.05 -14.51 7.69
N GLY B 251 25.97 -15.26 7.78
CA GLY B 251 25.78 -16.25 8.82
C GLY B 251 24.98 -15.72 9.99
N ARG B 252 24.34 -16.63 10.70
CA ARG B 252 23.59 -16.33 11.92
C ARG B 252 24.19 -17.14 13.08
N GLU B 253 23.51 -17.11 14.21
CA GLU B 253 23.98 -17.79 15.42
C GLU B 253 23.61 -19.27 15.29
N ASP B 254 24.62 -20.12 15.09
CA ASP B 254 24.41 -21.55 14.86
C ASP B 254 23.36 -21.78 13.77
N LYS B 255 23.31 -20.84 12.83
CA LYS B 255 22.42 -20.95 11.68
C LYS B 255 23.11 -20.25 10.52
N GLY B 256 23.17 -20.91 9.37
CA GLY B 256 24.10 -20.53 8.34
C GLY B 256 25.43 -21.23 8.42
N THR B 257 25.58 -22.18 9.36
CA THR B 257 26.79 -22.99 9.52
C THR B 257 27.95 -22.05 9.85
N GLY B 258 29.04 -22.05 9.09
CA GLY B 258 30.14 -21.15 9.38
C GLY B 258 29.83 -19.72 9.00
N ARG B 259 30.45 -18.79 9.73
CA ARG B 259 30.25 -17.37 9.51
C ARG B 259 31.18 -16.87 8.40
N THR B 260 30.77 -17.17 7.16
CA THR B 260 31.54 -16.75 6.00
C THR B 260 31.37 -15.25 5.76
N ILE B 261 32.46 -14.64 5.31
CA ILE B 261 32.46 -13.23 4.93
C ILE B 261 32.54 -13.15 3.42
N LYS B 262 31.50 -12.61 2.81
CA LYS B 262 31.43 -12.45 1.37
C LYS B 262 31.40 -10.95 1.05
N ALA B 263 32.35 -10.50 0.24
CA ALA B 263 32.45 -9.10 -0.11
C ALA B 263 31.55 -8.79 -1.30
N THR B 264 31.21 -7.51 -1.45
CA THR B 264 30.50 -7.01 -2.61
C THR B 264 31.41 -6.03 -3.33
N LEU B 265 31.43 -6.13 -4.65
CA LEU B 265 32.28 -5.30 -5.50
C LEU B 265 31.44 -4.58 -6.53
N PRO B 266 31.94 -3.48 -7.08
CA PRO B 266 31.21 -2.79 -8.13
C PRO B 266 31.16 -3.59 -9.43
N TYR B 267 30.12 -3.33 -10.21
CA TYR B 267 29.97 -3.90 -11.55
C TYR B 267 29.98 -5.43 -11.52
N VAL B 268 29.36 -6.01 -10.49
CA VAL B 268 29.20 -7.46 -10.41
C VAL B 268 27.79 -7.77 -9.97
N LYS B 269 27.35 -9.00 -10.26
CA LYS B 269 26.03 -9.47 -9.88
C LYS B 269 26.05 -10.45 -8.71
N GLN B 270 27.22 -10.80 -8.18
CA GLN B 270 27.31 -11.78 -7.11
C GLN B 270 28.48 -11.43 -6.19
N ASP B 271 28.35 -11.83 -4.93
CA ASP B 271 29.37 -11.53 -3.92
C ASP B 271 30.59 -12.41 -4.10
N ILE B 272 31.63 -12.11 -3.35
CA ILE B 272 32.88 -12.86 -3.41
C ILE B 272 33.43 -13.07 -2.01
N PRO B 273 33.99 -14.24 -1.70
CA PRO B 273 34.66 -14.41 -0.40
C PRO B 273 35.85 -13.49 -0.25
N ILE B 274 36.13 -13.11 0.99
CA ILE B 274 37.22 -12.18 1.28
C ILE B 274 38.56 -12.77 0.86
N VAL B 275 38.79 -14.04 1.18
CA VAL B 275 40.06 -14.66 0.87
C VAL B 275 40.34 -14.61 -0.63
N ILE B 276 39.30 -14.80 -1.44
CA ILE B 276 39.49 -14.80 -2.88
C ILE B 276 40.01 -13.44 -3.35
N VAL B 277 39.44 -12.36 -2.82
CA VAL B 277 39.90 -11.03 -3.24
C VAL B 277 41.29 -10.76 -2.68
N PHE B 278 41.59 -11.28 -1.49
CA PHE B 278 42.96 -11.19 -0.98
C PHE B 278 43.94 -11.81 -1.95
N ARG B 279 43.64 -13.02 -2.42
CA ARG B 279 44.55 -13.71 -3.32
C ARG B 279 44.63 -13.04 -4.67
N ALA B 280 43.50 -12.62 -5.23
CA ALA B 280 43.50 -12.02 -6.56
C ALA B 280 44.21 -10.69 -6.60
N LEU B 281 44.52 -10.09 -5.44
CA LEU B 281 45.19 -8.80 -5.37
C LEU B 281 46.64 -8.90 -4.94
N GLY B 282 47.20 -10.11 -4.88
CA GLY B 282 48.62 -10.26 -4.65
C GLY B 282 48.99 -11.12 -3.46
N VAL B 283 48.15 -11.15 -2.43
CA VAL B 283 48.41 -11.97 -1.25
C VAL B 283 47.62 -13.26 -1.42
N VAL B 284 48.24 -14.21 -2.12
CA VAL B 284 47.64 -15.53 -2.31
C VAL B 284 47.84 -16.40 -1.07
N PRO B 285 48.98 -16.36 -0.38
CA PRO B 285 49.16 -17.27 0.74
C PRO B 285 48.33 -16.87 1.94
N ASP B 286 48.07 -17.85 2.81
CA ASP B 286 47.19 -17.62 3.95
C ASP B 286 47.88 -16.84 5.05
N GLY B 287 49.19 -17.05 5.24
CA GLY B 287 49.89 -16.34 6.30
C GLY B 287 49.85 -14.84 6.13
N GLU B 288 50.17 -14.36 4.93
CA GLU B 288 50.08 -12.93 4.66
C GLU B 288 48.66 -12.43 4.87
N ILE B 289 47.68 -13.19 4.39
CA ILE B 289 46.29 -12.77 4.51
C ILE B 289 45.91 -12.57 5.98
N LEU B 290 46.19 -13.58 6.81
CA LEU B 290 45.77 -13.49 8.20
C LEU B 290 46.54 -12.39 8.94
N GLN B 291 47.84 -12.26 8.68
CA GLN B 291 48.59 -11.21 9.37
C GLN B 291 48.09 -9.83 8.98
N HIS B 292 47.73 -9.65 7.71
CA HIS B 292 47.20 -8.35 7.29
C HIS B 292 45.85 -8.08 7.93
N ILE B 293 44.93 -9.03 7.87
CA ILE B 293 43.62 -8.82 8.49
C ILE B 293 43.75 -8.60 9.98
N CYS B 294 44.54 -9.45 10.65
CA CYS B 294 44.59 -9.51 12.09
C CYS B 294 45.81 -8.79 12.64
N TYR B 295 45.59 -7.94 13.63
CA TYR B 295 46.67 -7.28 14.37
C TYR B 295 46.57 -7.57 15.86
N ASP B 296 45.77 -8.60 16.21
CA ASP B 296 45.68 -9.08 17.59
C ASP B 296 45.65 -10.61 17.50
N GLU B 297 46.84 -11.22 17.52
CA GLU B 297 46.93 -12.66 17.41
C GLU B 297 46.23 -13.37 18.56
N ASN B 298 46.36 -12.85 19.78
CA ASN B 298 45.67 -13.46 20.92
C ASN B 298 44.17 -13.44 20.76
N ASP B 299 43.62 -12.56 19.93
CA ASP B 299 42.18 -12.52 19.69
C ASP B 299 41.81 -13.75 18.88
N TRP B 300 41.82 -14.89 19.56
CA TRP B 300 41.46 -16.15 18.92
C TRP B 300 40.09 -16.08 18.26
N GLN B 301 39.20 -15.24 18.79
CA GLN B 301 37.85 -15.15 18.23
C GLN B 301 37.90 -14.69 16.77
N MET B 302 38.73 -13.69 16.47
CA MET B 302 38.90 -13.30 15.07
C MET B 302 39.39 -14.47 14.24
N LEU B 303 40.39 -15.18 14.75
CA LEU B 303 40.98 -16.27 13.97
C LEU B 303 39.94 -17.33 13.65
N GLU B 304 39.14 -17.71 14.65
CA GLU B 304 38.16 -18.76 14.43
C GLU B 304 36.97 -18.26 13.62
N MET B 305 36.67 -16.97 13.67
CA MET B 305 35.53 -16.44 12.94
C MET B 305 35.85 -16.20 11.47
N LEU B 306 37.10 -15.86 11.16
CA LEU B 306 37.56 -15.80 9.78
C LEU B 306 38.02 -17.16 9.27
N LYS B 307 38.20 -18.12 10.16
CA LYS B 307 38.60 -19.47 9.75
C LYS B 307 37.67 -20.07 8.70
N PRO B 308 36.34 -19.96 8.82
CA PRO B 308 35.48 -20.50 7.76
C PRO B 308 35.82 -19.97 6.38
N CYS B 309 36.14 -18.68 6.28
CA CYS B 309 36.63 -18.15 5.02
C CYS B 309 37.86 -18.92 4.56
N ILE B 310 38.81 -19.16 5.48
CA ILE B 310 39.97 -19.96 5.14
C ILE B 310 39.53 -21.35 4.68
N GLU B 311 38.54 -21.93 5.35
CA GLU B 311 38.11 -23.27 4.99
C GLU B 311 37.60 -23.30 3.56
N GLU B 312 36.76 -22.34 3.18
CA GLU B 312 36.27 -22.29 1.81
C GLU B 312 37.27 -21.65 0.86
N GLY B 313 38.29 -20.98 1.37
CA GLY B 313 39.25 -20.30 0.53
C GLY B 313 40.43 -21.17 0.17
N PHE B 314 40.18 -22.44 -0.13
CA PHE B 314 41.26 -23.36 -0.48
C PHE B 314 41.16 -23.86 -1.92
N VAL B 315 39.98 -23.81 -2.54
CA VAL B 315 39.85 -24.15 -3.95
C VAL B 315 40.68 -23.21 -4.81
N ILE B 316 40.79 -21.95 -4.40
CA ILE B 316 41.59 -20.96 -5.12
C ILE B 316 42.96 -20.89 -4.45
N GLN B 317 44.02 -20.96 -5.26
CA GLN B 317 45.38 -20.94 -4.74
C GLN B 317 46.32 -20.01 -5.48
N ASP B 318 45.88 -19.31 -6.52
CA ASP B 318 46.77 -18.43 -7.27
C ASP B 318 45.99 -17.20 -7.73
N LYS B 319 46.74 -16.22 -8.20
CA LYS B 319 46.16 -14.99 -8.70
C LYS B 319 45.16 -15.26 -9.82
N GLU B 320 45.41 -16.30 -10.61
CA GLU B 320 44.78 -16.38 -11.93
C GLU B 320 43.37 -16.95 -11.85
N VAL B 321 43.21 -18.10 -11.21
CA VAL B 321 41.87 -18.65 -11.05
C VAL B 321 41.03 -17.71 -10.19
N ALA B 322 41.66 -17.06 -9.21
CA ALA B 322 40.94 -16.04 -8.44
C ALA B 322 40.41 -14.95 -9.34
N LEU B 323 41.26 -14.39 -10.19
CA LEU B 323 40.84 -13.30 -11.06
C LEU B 323 39.73 -13.77 -12.00
N ASP B 324 39.89 -14.96 -12.58
CA ASP B 324 38.88 -15.48 -13.48
C ASP B 324 37.56 -15.68 -12.74
N PHE B 325 37.61 -16.20 -11.52
CA PHE B 325 36.43 -16.25 -10.66
C PHE B 325 35.79 -14.88 -10.57
N ILE B 326 36.59 -13.85 -10.32
CA ILE B 326 36.07 -12.50 -10.31
C ILE B 326 35.52 -12.13 -11.68
N GLY B 327 36.29 -12.37 -12.73
CA GLY B 327 35.85 -12.03 -14.07
C GLY B 327 34.73 -12.93 -14.56
N ARG B 328 34.63 -14.15 -14.03
CA ARG B 328 33.55 -15.03 -14.40
C ARG B 328 32.19 -14.52 -13.93
N ARG B 329 32.18 -13.53 -13.04
CA ARG B 329 30.96 -12.90 -12.55
C ARG B 329 31.05 -11.40 -12.72
N GLY B 330 31.64 -10.96 -13.83
CA GLY B 330 31.91 -9.56 -14.08
C GLY B 330 30.74 -8.76 -14.60
N SER B 331 29.54 -9.32 -14.60
CA SER B 331 28.35 -8.62 -15.11
C SER B 331 28.53 -8.17 -16.55
N ALA B 332 29.54 -8.69 -17.24
CA ALA B 332 29.84 -8.33 -18.61
C ALA B 332 29.09 -9.30 -19.54
N ALA B 333 29.43 -9.31 -20.82
CA ALA B 333 28.84 -10.26 -21.74
C ALA B 333 29.22 -11.68 -21.30
N LEU B 334 28.74 -12.67 -22.06
CA LEU B 334 29.01 -14.06 -21.79
C LEU B 334 29.98 -14.57 -22.86
N GLY B 335 31.10 -15.14 -22.42
CA GLY B 335 32.06 -15.70 -23.33
C GLY B 335 33.26 -14.80 -23.59
N ILE B 336 33.64 -14.02 -22.58
CA ILE B 336 34.88 -13.24 -22.67
C ILE B 336 36.11 -14.10 -22.43
N ARG B 337 35.92 -15.41 -22.24
CA ARG B 337 36.98 -16.41 -22.11
C ARG B 337 38.17 -15.97 -21.27
N ARG B 338 39.06 -16.93 -20.95
CA ARG B 338 40.20 -16.63 -20.10
C ARG B 338 41.18 -15.68 -20.80
N GLU B 339 41.01 -15.46 -22.10
CA GLU B 339 41.83 -14.50 -22.82
C GLU B 339 41.67 -13.10 -22.26
N LYS B 340 40.47 -12.55 -22.35
CA LYS B 340 40.21 -11.17 -21.95
C LYS B 340 39.55 -11.04 -20.59
N ARG B 341 38.98 -12.12 -20.05
CA ARG B 341 38.28 -12.03 -18.78
C ARG B 341 39.23 -11.75 -17.64
N ILE B 342 40.44 -12.34 -17.69
CA ILE B 342 41.43 -12.08 -16.65
C ILE B 342 41.77 -10.59 -16.60
N GLN B 343 41.98 -9.98 -17.76
CA GLN B 343 42.31 -8.56 -17.76
C GLN B 343 41.09 -7.72 -17.39
N TYR B 344 39.90 -8.18 -17.72
CA TYR B 344 38.69 -7.51 -17.22
C TYR B 344 38.68 -7.48 -15.70
N ALA B 345 39.00 -8.62 -15.08
CA ALA B 345 39.07 -8.68 -13.63
C ALA B 345 40.17 -7.77 -13.10
N LYS B 346 41.32 -7.77 -13.76
CA LYS B 346 42.42 -6.93 -13.29
C LYS B 346 42.06 -5.46 -13.39
N ASP B 347 41.31 -5.09 -14.43
CA ASP B 347 40.83 -3.72 -14.55
C ASP B 347 39.85 -3.39 -13.42
N ILE B 348 38.83 -4.23 -13.23
CA ILE B 348 37.83 -3.95 -12.21
C ILE B 348 38.45 -3.96 -10.82
N LEU B 349 39.62 -4.55 -10.67
CA LEU B 349 40.30 -4.53 -9.37
C LEU B 349 41.22 -3.33 -9.21
N GLN B 350 42.05 -3.05 -10.21
CA GLN B 350 42.89 -1.87 -10.15
C GLN B 350 42.05 -0.61 -10.05
N LYS B 351 41.03 -0.51 -10.87
CA LYS B 351 40.13 0.62 -10.89
C LYS B 351 38.76 0.20 -10.38
N GLU B 352 37.92 1.19 -10.10
CA GLU B 352 36.56 0.96 -9.64
C GLU B 352 36.53 0.46 -8.20
N LEU B 353 37.71 0.16 -7.64
CA LEU B 353 37.82 -0.37 -6.28
C LEU B 353 38.69 0.58 -5.48
N LEU B 354 38.14 1.10 -4.39
CA LEU B 354 38.86 2.02 -3.51
C LEU B 354 39.54 3.11 -4.34
N PRO B 355 38.83 3.69 -5.32
CA PRO B 355 39.49 4.62 -6.23
C PRO B 355 40.12 5.80 -5.52
N HIS B 356 39.63 6.18 -4.35
CA HIS B 356 40.21 7.30 -3.62
C HIS B 356 41.65 7.04 -3.20
N ILE B 357 42.10 5.79 -3.18
CA ILE B 357 43.44 5.47 -2.74
C ILE B 357 44.41 5.60 -3.89
N THR B 358 44.13 4.92 -5.01
CA THR B 358 45.05 4.89 -6.12
C THR B 358 44.42 4.11 -7.27
N GLN B 359 44.99 4.30 -8.47
CA GLN B 359 44.53 3.57 -9.65
C GLN B 359 45.65 2.93 -10.45
N GLU B 360 46.92 3.13 -10.08
CA GLU B 360 48.02 2.59 -10.85
C GLU B 360 48.36 1.18 -10.36
N GLU B 361 49.11 0.45 -11.18
CA GLU B 361 49.60 -0.85 -10.79
C GLU B 361 50.80 -0.70 -9.85
N GLY B 362 51.16 -1.81 -9.22
CA GLY B 362 52.26 -1.81 -8.28
C GLY B 362 51.99 -1.13 -6.96
N PHE B 363 50.72 -0.82 -6.67
CA PHE B 363 50.33 -0.23 -5.40
C PHE B 363 49.22 -1.02 -4.73
N GLU B 364 49.14 -2.31 -5.03
CA GLU B 364 48.16 -3.17 -4.38
C GLU B 364 48.43 -3.32 -2.89
N THR B 365 49.63 -2.99 -2.42
CA THR B 365 49.91 -3.06 -0.98
C THR B 365 48.96 -2.15 -0.21
N ARG B 366 48.75 -0.94 -0.71
CA ARG B 366 47.83 -0.02 -0.07
C ARG B 366 46.43 -0.60 -0.03
N LYS B 367 45.96 -1.12 -1.16
CA LYS B 367 44.60 -1.65 -1.22
C LYS B 367 44.43 -2.81 -0.25
N THR B 368 45.43 -3.70 -0.17
CA THR B 368 45.33 -4.84 0.73
C THR B 368 45.34 -4.39 2.18
N PHE B 369 46.21 -3.43 2.52
CA PHE B 369 46.23 -2.94 3.90
C PHE B 369 44.90 -2.31 4.27
N PHE B 370 44.30 -1.56 3.33
CA PHE B 370 43.00 -0.96 3.60
C PHE B 370 41.91 -2.01 3.78
N LEU B 371 41.90 -3.03 2.91
CA LEU B 371 40.95 -4.12 3.10
C LEU B 371 41.13 -4.76 4.47
N GLY B 372 42.38 -4.96 4.88
CA GLY B 372 42.64 -5.56 6.18
C GLY B 372 42.10 -4.71 7.30
N TYR B 373 42.31 -3.40 7.24
CA TYR B 373 41.77 -2.52 8.27
C TYR B 373 40.24 -2.60 8.27
N MET B 374 39.62 -2.58 7.09
CA MET B 374 38.17 -2.63 7.01
C MET B 374 37.63 -3.89 7.66
N VAL B 375 38.21 -5.04 7.34
CA VAL B 375 37.71 -6.29 7.89
C VAL B 375 37.99 -6.37 9.38
N ASN B 376 39.15 -5.86 9.82
CA ASN B 376 39.46 -5.86 11.25
C ASN B 376 38.42 -5.06 12.02
N ARG B 377 38.11 -3.85 11.55
CA ARG B 377 37.11 -3.03 12.19
C ARG B 377 35.74 -3.71 12.16
N LEU B 378 35.38 -4.31 11.03
CA LEU B 378 34.09 -4.98 10.92
C LEU B 378 33.98 -6.10 11.95
N LEU B 379 35.02 -6.92 12.08
CA LEU B 379 34.99 -7.99 13.06
C LEU B 379 34.91 -7.44 14.47
N LEU B 380 35.73 -6.42 14.78
CA LEU B 380 35.67 -5.83 16.11
C LEU B 380 34.25 -5.42 16.46
N CYS B 381 33.57 -4.75 15.54
CA CYS B 381 32.15 -4.49 15.75
C CYS B 381 31.38 -5.79 15.92
N ALA B 382 31.77 -6.83 15.19
CA ALA B 382 31.14 -8.13 15.35
C ALA B 382 31.50 -8.78 16.68
N LEU B 383 32.57 -8.32 17.31
CA LEU B 383 32.94 -8.80 18.63
C LEU B 383 32.38 -7.93 19.75
N GLU B 384 31.71 -6.83 19.41
CA GLU B 384 31.12 -5.95 20.42
C GLU B 384 32.17 -5.46 21.41
N ARG B 385 33.37 -5.18 20.91
CA ARG B 385 34.40 -4.52 21.69
C ARG B 385 34.43 -3.01 21.45
N LYS B 386 33.57 -2.52 20.57
CA LYS B 386 33.48 -1.10 20.27
C LYS B 386 32.11 -0.83 19.65
N ASP B 387 31.68 0.42 19.71
CA ASP B 387 30.34 0.77 19.26
C ASP B 387 30.31 1.06 17.78
N GLN B 388 29.22 0.64 17.14
CA GLN B 388 28.99 1.00 15.74
C GLN B 388 28.82 2.52 15.62
N ASP B 389 29.43 3.09 14.59
CA ASP B 389 29.39 4.54 14.43
C ASP B 389 27.96 5.01 14.28
N ASP B 390 27.66 6.17 14.85
CA ASP B 390 26.32 6.72 14.78
C ASP B 390 26.10 7.38 13.44
N ARG B 391 25.14 6.84 12.66
CA ARG B 391 24.85 7.39 11.35
C ARG B 391 24.32 8.82 11.42
N ASP B 392 23.89 9.27 12.59
CA ASP B 392 23.52 10.67 12.78
C ASP B 392 24.68 11.51 13.31
N HIS B 393 25.81 10.90 13.62
CA HIS B 393 26.96 11.67 14.08
C HIS B 393 27.31 12.74 13.07
N PHE B 394 27.51 13.98 13.52
CA PHE B 394 27.70 15.07 12.58
C PHE B 394 29.11 15.09 11.99
N GLY B 395 30.14 14.71 12.75
CA GLY B 395 31.47 14.66 12.21
C GLY B 395 31.60 13.83 10.96
N LYS B 396 30.74 12.82 10.79
CA LYS B 396 30.67 12.03 9.58
C LYS B 396 29.76 12.66 8.53
N LYS B 397 29.15 13.80 8.83
CA LYS B 397 28.27 14.49 7.90
C LYS B 397 29.01 15.64 7.27
N ARG B 398 28.78 15.86 5.98
CA ARG B 398 29.36 16.97 5.26
C ARG B 398 28.26 17.77 4.58
N LEU B 399 28.48 19.07 4.46
CA LEU B 399 27.51 19.97 3.86
C LEU B 399 27.98 20.39 2.49
N ASP B 400 27.11 20.24 1.49
CA ASP B 400 27.38 20.70 0.14
C ASP B 400 26.86 22.12 0.01
N LEU B 401 27.77 23.06 -0.31
CA LEU B 401 27.39 24.45 -0.53
C LEU B 401 27.05 24.62 -2.00
N ALA B 402 26.90 25.87 -2.44
CA ALA B 402 26.62 26.10 -3.86
C ALA B 402 27.76 25.64 -4.74
N GLY B 403 29.00 25.73 -4.26
CA GLY B 403 30.14 25.42 -5.06
C GLY B 403 30.07 24.05 -5.69
N PRO B 404 30.23 23.01 -4.87
CA PRO B 404 30.21 21.64 -5.43
C PRO B 404 28.93 21.29 -6.16
N LEU B 405 27.79 21.80 -5.71
CA LEU B 405 26.55 21.50 -6.42
C LEU B 405 26.63 22.00 -7.86
N LEU B 406 26.98 23.27 -8.02
CA LEU B 406 27.18 23.79 -9.37
C LEU B 406 28.27 23.01 -10.10
N ALA B 407 29.29 22.57 -9.37
CA ALA B 407 30.35 21.80 -10.02
C ALA B 407 29.79 20.55 -10.67
N ASN B 408 28.98 19.79 -9.93
CA ASN B 408 28.43 18.56 -10.47
C ASN B 408 27.49 18.85 -11.63
N LEU B 409 26.61 19.85 -11.48
CA LEU B 409 25.70 20.16 -12.57
C LEU B 409 26.46 20.58 -13.81
N PHE B 410 27.50 21.38 -13.62
CA PHE B 410 28.35 21.79 -14.73
C PHE B 410 29.03 20.60 -15.36
N ARG B 411 29.44 19.62 -14.56
CA ARG B 411 30.06 18.42 -15.14
C ARG B 411 29.07 17.67 -16.02
N ILE B 412 27.83 17.55 -15.58
CA ILE B 412 26.83 16.88 -16.41
C ILE B 412 26.65 17.62 -17.73
N LEU B 413 26.46 18.94 -17.64
CA LEU B 413 26.29 19.71 -18.87
C LEU B 413 27.53 19.64 -19.74
N PHE B 414 28.71 19.57 -19.12
CA PHE B 414 29.97 19.49 -19.86
C PHE B 414 30.10 18.18 -20.61
N ARG B 415 29.73 17.07 -19.98
CA ARG B 415 29.71 15.80 -20.71
C ARG B 415 28.75 15.89 -21.88
N LYS B 416 27.57 16.48 -21.66
CA LYS B 416 26.62 16.60 -22.77
C LYS B 416 27.21 17.41 -23.90
N LEU B 417 27.88 18.52 -23.59
CA LEU B 417 28.49 19.36 -24.62
C LEU B 417 29.60 18.61 -25.35
N THR B 418 30.42 17.87 -24.61
CA THR B 418 31.49 17.10 -25.22
C THR B 418 30.94 16.08 -26.20
N ARG B 419 29.91 15.34 -25.80
CA ARG B 419 29.33 14.35 -26.70
C ARG B 419 28.68 15.03 -27.90
N GLU B 420 28.08 16.20 -27.68
CA GLU B 420 27.55 16.99 -28.81
C GLU B 420 28.64 17.28 -29.82
N ILE B 421 29.78 17.79 -29.34
CA ILE B 421 30.88 18.12 -30.25
C ILE B 421 31.37 16.88 -30.97
N TYR B 422 31.51 15.77 -30.25
CA TYR B 422 32.01 14.56 -30.89
C TYR B 422 31.08 14.11 -32.01
N ARG B 423 29.76 14.14 -31.76
CA ARG B 423 28.82 13.74 -32.79
C ARG B 423 28.89 14.67 -34.00
N TYR B 424 29.01 15.98 -33.75
CA TYR B 424 29.07 16.89 -34.88
C TYR B 424 30.35 16.67 -35.67
N MET B 425 31.45 16.38 -34.99
CA MET B 425 32.65 15.95 -35.69
C MET B 425 32.36 14.74 -36.56
N GLN B 426 31.60 13.78 -36.02
CA GLN B 426 31.30 12.58 -36.79
C GLN B 426 30.60 12.91 -38.10
N ARG B 427 29.49 13.65 -38.04
CA ARG B 427 28.76 13.88 -39.28
C ARG B 427 29.14 15.20 -39.96
N CYS B 428 30.30 15.77 -39.63
CA CYS B 428 30.83 16.89 -40.40
C CYS B 428 32.26 16.70 -40.89
N ILE B 429 33.00 15.73 -40.36
CA ILE B 429 34.38 15.54 -40.78
C ILE B 429 34.48 14.65 -42.00
N GLU B 430 33.61 13.65 -42.14
CA GLU B 430 33.65 12.81 -43.33
C GLU B 430 33.55 13.63 -44.60
N THR B 431 32.76 14.71 -44.59
CA THR B 431 32.78 15.64 -45.69
C THR B 431 34.11 16.38 -45.80
N ASP B 432 34.94 16.31 -44.76
CA ASP B 432 36.27 16.91 -44.77
C ASP B 432 36.19 18.43 -44.90
N ARG B 433 35.05 18.99 -44.50
CA ARG B 433 34.82 20.42 -44.51
C ARG B 433 35.31 20.98 -43.18
N ASP B 434 36.27 21.90 -43.25
CA ASP B 434 36.81 22.50 -42.03
C ASP B 434 35.69 23.19 -41.27
N PHE B 435 35.34 22.66 -40.11
CA PHE B 435 34.33 23.28 -39.27
C PHE B 435 34.91 24.51 -38.58
N ASN B 436 34.02 25.46 -38.27
CA ASN B 436 34.40 26.75 -37.74
C ASN B 436 34.46 26.78 -36.21
N LEU B 437 34.16 25.67 -35.55
CA LEU B 437 34.11 25.65 -34.10
C LEU B 437 33.07 26.64 -33.59
N ASN B 438 32.18 27.08 -34.49
CA ASN B 438 31.14 28.03 -34.14
C ASN B 438 29.74 27.58 -34.50
N LEU B 439 29.57 26.89 -35.63
CA LEU B 439 28.31 26.22 -35.90
C LEU B 439 28.17 24.95 -35.07
N ALA B 440 29.29 24.41 -34.58
CA ALA B 440 29.28 23.15 -33.83
C ALA B 440 28.89 23.36 -32.37
N VAL B 441 29.66 24.15 -31.64
CA VAL B 441 29.46 24.31 -30.19
C VAL B 441 28.14 25.05 -29.99
N LYS B 442 27.15 24.33 -29.45
CA LYS B 442 25.85 24.92 -29.14
C LYS B 442 25.89 25.38 -27.69
N SER B 443 26.27 26.63 -27.48
CA SER B 443 26.29 27.17 -26.13
C SER B 443 24.89 27.21 -25.52
N THR B 444 23.85 27.08 -26.35
CA THR B 444 22.49 27.04 -25.82
C THR B 444 22.32 25.93 -24.78
N THR B 445 23.06 24.84 -24.91
CA THR B 445 22.91 23.73 -23.97
C THR B 445 23.16 24.20 -22.53
N ILE B 446 24.38 24.70 -22.26
CA ILE B 446 24.72 25.08 -20.90
C ILE B 446 23.77 26.15 -20.40
N THR B 447 23.54 27.18 -21.20
CA THR B 447 22.73 28.31 -20.74
C THR B 447 21.32 27.85 -20.40
N SER B 448 20.66 27.16 -21.33
CA SER B 448 19.29 26.73 -21.07
C SER B 448 19.23 25.76 -19.91
N GLY B 449 20.20 24.84 -19.82
CA GLY B 449 20.19 23.89 -18.74
C GLY B 449 20.29 24.55 -17.38
N LEU B 450 21.30 25.42 -17.21
CA LEU B 450 21.44 26.09 -15.93
C LEU B 450 20.24 26.97 -15.64
N LYS B 451 19.75 27.70 -16.64
CA LYS B 451 18.61 28.57 -16.42
C LYS B 451 17.41 27.79 -15.92
N TYR B 452 17.02 26.74 -16.64
CA TYR B 452 15.85 25.97 -16.23
C TYR B 452 16.08 25.29 -14.88
N SER B 453 17.28 24.76 -14.67
CA SER B 453 17.57 24.05 -13.42
C SER B 453 17.35 24.96 -12.23
N LEU B 454 17.93 26.17 -12.27
CA LEU B 454 17.69 27.09 -11.17
C LEU B 454 16.30 27.69 -11.22
N ALA B 455 15.62 27.58 -12.37
CA ALA B 455 14.28 28.14 -12.48
C ALA B 455 13.26 27.30 -11.74
N THR B 456 13.38 25.98 -11.83
CA THR B 456 12.44 25.10 -11.13
C THR B 456 13.08 24.32 -9.99
N GLY B 457 14.40 24.29 -9.91
CA GLY B 457 15.09 23.56 -8.88
C GLY B 457 15.22 22.07 -9.15
N ASN B 458 14.70 21.59 -10.27
CA ASN B 458 14.82 20.18 -10.62
C ASN B 458 16.27 19.94 -10.98
N TRP B 459 17.06 19.53 -10.01
CA TRP B 459 18.50 19.62 -10.12
C TRP B 459 19.05 18.58 -11.09
N GLY B 460 18.68 18.69 -12.36
CA GLY B 460 19.10 17.73 -13.35
C GLY B 460 18.56 18.11 -14.71
N GLU B 461 18.87 17.27 -15.69
CA GLU B 461 18.46 17.53 -17.06
C GLU B 461 16.94 17.46 -17.19
N GLN B 462 16.41 18.26 -18.11
CA GLN B 462 14.95 18.39 -18.22
C GLN B 462 14.28 17.06 -18.54
N LYS B 463 14.83 16.30 -19.49
CA LYS B 463 14.18 15.06 -19.90
C LYS B 463 14.15 14.03 -18.78
N LYS B 464 14.91 14.22 -17.73
CA LYS B 464 14.90 13.36 -16.56
C LYS B 464 14.34 14.10 -15.36
N ALA B 465 13.25 14.85 -15.60
CA ALA B 465 12.63 15.60 -14.51
C ALA B 465 12.33 14.68 -13.33
N MET B 466 11.66 13.57 -13.59
CA MET B 466 11.48 12.57 -12.55
C MET B 466 12.83 12.02 -12.14
N SER B 467 12.87 11.38 -10.97
CA SER B 467 14.11 10.85 -10.45
C SER B 467 15.17 11.94 -10.33
N SER B 468 14.72 13.18 -10.12
CA SER B 468 15.60 14.33 -10.04
C SER B 468 15.43 14.98 -8.67
N ARG B 469 16.55 15.21 -7.99
CA ARG B 469 16.52 15.91 -6.71
C ARG B 469 15.86 17.27 -6.87
N ALA B 470 14.72 17.47 -6.22
CA ALA B 470 13.94 18.69 -6.38
C ALA B 470 14.06 19.58 -5.15
N GLY B 471 13.62 20.83 -5.31
CA GLY B 471 13.57 21.76 -4.21
C GLY B 471 14.90 22.32 -3.76
N VAL B 472 15.95 22.21 -4.59
CA VAL B 472 17.25 22.70 -4.18
C VAL B 472 17.41 24.17 -4.53
N SER B 473 16.50 24.71 -5.35
CA SER B 473 16.45 26.14 -5.63
C SER B 473 15.04 26.64 -5.39
N GLN B 474 14.91 27.72 -4.64
CA GLN B 474 13.62 28.24 -4.21
C GLN B 474 13.61 29.76 -4.32
N VAL B 475 12.40 30.32 -4.49
CA VAL B 475 12.25 31.76 -4.51
C VAL B 475 12.64 32.31 -3.15
N LEU B 476 13.53 33.29 -3.14
CA LEU B 476 14.02 33.83 -1.88
C LEU B 476 12.89 34.55 -1.15
N ASN B 477 12.91 34.49 0.17
CA ASN B 477 11.88 35.12 1.00
C ASN B 477 12.43 36.39 1.62
N ARG B 478 11.78 37.51 1.36
CA ARG B 478 12.18 38.82 1.84
C ARG B 478 11.05 39.47 2.61
N TYR B 479 10.21 38.67 3.26
CA TYR B 479 9.12 39.23 4.03
C TYR B 479 9.65 40.06 5.20
N THR B 480 10.92 39.87 5.54
CA THR B 480 11.62 40.73 6.46
C THR B 480 13.10 40.40 6.44
N TYR B 481 13.91 41.33 6.93
CA TYR B 481 15.36 41.18 6.82
C TYR B 481 15.85 39.92 7.53
N SER B 482 15.36 39.66 8.74
CA SER B 482 15.81 38.48 9.46
C SER B 482 15.43 37.21 8.70
N SER B 483 14.24 37.20 8.10
CA SER B 483 13.84 36.04 7.32
C SER B 483 14.85 35.78 6.21
N THR B 484 15.21 36.82 5.47
CA THR B 484 16.18 36.64 4.41
C THR B 484 17.51 36.16 4.95
N LEU B 485 17.96 36.73 6.06
CA LEU B 485 19.22 36.26 6.64
C LEU B 485 19.15 34.77 6.93
N SER B 486 18.04 34.31 7.51
CA SER B 486 17.89 32.88 7.79
C SER B 486 17.87 32.07 6.51
N HIS B 487 17.18 32.54 5.49
CA HIS B 487 17.00 31.75 4.27
C HIS B 487 18.32 31.51 3.57
N LEU B 488 19.34 32.31 3.87
CA LEU B 488 20.62 32.14 3.20
C LEU B 488 21.61 31.35 4.03
N ARG B 489 21.19 30.74 5.12
CA ARG B 489 22.05 29.88 5.92
C ARG B 489 21.34 28.56 6.21
N ARG B 490 20.24 28.33 5.50
CA ARG B 490 19.44 27.13 5.65
C ARG B 490 20.27 25.92 5.24
N THR B 491 19.80 24.74 5.63
CA THR B 491 20.35 23.47 5.18
C THR B 491 19.20 22.58 4.70
N ASN B 492 19.52 21.32 4.45
CA ASN B 492 18.51 20.38 3.99
C ASN B 492 19.05 18.97 4.18
N THR B 493 18.14 18.00 4.15
CA THR B 493 18.51 16.59 4.27
C THR B 493 17.82 15.81 3.16
N PRO B 494 18.54 15.04 2.36
CA PRO B 494 17.92 14.26 1.29
C PRO B 494 17.43 12.89 1.76
N ILE B 495 16.73 12.89 2.89
CA ILE B 495 16.22 11.64 3.47
C ILE B 495 14.75 11.42 3.12
N GLY B 496 14.10 12.39 2.48
CA GLY B 496 12.73 12.19 2.11
C GLY B 496 11.83 12.02 3.33
N ARG B 497 10.63 11.51 3.07
CA ARG B 497 9.62 11.33 4.10
C ARG B 497 8.90 10.00 4.01
N ASP B 498 9.19 9.16 3.02
CA ASP B 498 8.55 7.86 2.89
C ASP B 498 9.08 6.96 3.98
N GLY B 499 8.32 6.84 5.07
CA GLY B 499 8.81 6.20 6.27
C GLY B 499 9.27 7.25 7.27
N LYS B 500 8.51 7.43 8.35
CA LYS B 500 8.75 8.57 9.23
C LYS B 500 10.07 8.42 9.97
N LEU B 501 10.18 7.42 10.83
CA LEU B 501 11.38 7.22 11.63
C LEU B 501 11.65 8.45 12.49
N ALA B 502 12.64 8.38 13.38
CA ALA B 502 12.98 9.53 14.20
C ALA B 502 14.47 9.79 14.34
N LYS B 503 15.34 8.84 14.04
CA LYS B 503 16.77 9.11 14.15
C LYS B 503 17.22 10.26 13.27
N PRO B 504 16.86 10.33 11.99
CA PRO B 504 17.31 11.47 11.18
C PRO B 504 16.76 12.79 11.65
N ARG B 505 15.53 12.83 12.17
CA ARG B 505 14.92 14.11 12.50
C ARG B 505 15.46 14.67 13.81
N GLN B 506 15.72 13.81 14.79
CA GLN B 506 16.05 14.29 16.12
C GLN B 506 17.38 15.02 16.16
N LEU B 507 17.59 15.76 17.24
CA LEU B 507 18.83 16.47 17.47
C LEU B 507 19.89 15.50 17.99
N HIS B 508 21.14 15.94 18.00
CA HIS B 508 22.25 15.11 18.45
C HIS B 508 23.28 15.94 19.19
N ASN B 509 24.05 15.26 20.03
CA ASN B 509 25.02 15.96 20.89
C ASN B 509 26.07 16.69 20.08
N THR B 510 26.58 16.07 19.02
CA THR B 510 27.64 16.67 18.23
C THR B 510 27.25 18.03 17.67
N HIS B 511 25.96 18.31 17.51
CA HIS B 511 25.51 19.58 16.97
C HIS B 511 25.91 20.77 17.83
N TRP B 512 26.51 20.55 18.99
CA TRP B 512 26.82 21.65 19.90
C TRP B 512 27.66 22.71 19.22
N GLY B 513 27.08 23.88 18.98
CA GLY B 513 27.80 25.00 18.44
C GLY B 513 27.95 25.03 16.94
N LEU B 514 27.22 24.19 16.21
CA LEU B 514 27.29 24.19 14.75
C LEU B 514 25.95 24.43 14.09
N VAL B 515 24.85 24.01 14.71
CA VAL B 515 23.52 24.28 14.18
C VAL B 515 22.64 24.82 15.30
N CYS B 516 21.63 25.56 14.90
CA CYS B 516 20.75 26.21 15.87
C CYS B 516 19.92 25.16 16.59
N PRO B 517 20.02 25.03 17.91
CA PRO B 517 19.11 24.12 18.62
C PRO B 517 17.69 24.64 18.70
N ALA B 518 17.41 25.84 18.20
CA ALA B 518 16.11 26.46 18.38
C ALA B 518 15.28 26.51 17.11
N GLU B 519 15.91 26.60 15.94
CA GLU B 519 15.18 26.88 14.71
C GLU B 519 14.90 25.59 13.95
N THR B 520 13.67 25.46 13.45
CA THR B 520 13.30 24.44 12.48
C THR B 520 11.85 24.68 12.08
N PRO B 521 11.45 24.29 10.89
CA PRO B 521 10.06 24.50 10.49
C PRO B 521 9.12 23.56 11.21
N GLU B 522 7.84 23.59 10.83
CA GLU B 522 6.82 22.74 11.43
C GLU B 522 6.12 21.93 10.35
N GLY B 523 5.62 20.77 10.75
CA GLY B 523 4.97 19.88 9.81
C GLY B 523 5.94 18.82 9.32
N GLN B 524 5.78 18.45 8.05
CA GLN B 524 6.55 17.33 7.51
C GLN B 524 8.04 17.54 7.60
N ALA B 525 8.53 18.76 7.50
CA ALA B 525 9.96 19.03 7.46
C ALA B 525 10.56 19.15 8.86
N CYS B 526 9.71 19.18 9.88
CA CYS B 526 10.17 19.41 11.25
C CYS B 526 11.34 18.50 11.57
N GLY B 527 12.49 19.10 11.87
CA GLY B 527 13.70 18.38 12.22
C GLY B 527 14.65 18.17 11.06
N LEU B 528 14.16 18.21 9.83
CA LEU B 528 15.04 18.05 8.69
C LEU B 528 15.82 19.33 8.41
N VAL B 529 15.12 20.41 8.13
CA VAL B 529 15.74 21.67 7.74
C VAL B 529 16.39 22.29 8.97
N LYS B 530 17.70 22.48 8.90
CA LYS B 530 18.47 23.01 10.02
C LYS B 530 18.97 24.41 9.68
N ASN B 531 19.77 24.97 10.58
CA ASN B 531 20.39 26.26 10.35
C ASN B 531 21.70 26.33 11.10
N LEU B 532 22.72 26.84 10.41
CA LEU B 532 24.05 26.88 10.99
C LEU B 532 24.10 27.87 12.14
N SER B 533 24.90 27.54 13.15
CA SER B 533 25.02 28.39 14.32
C SER B 533 25.61 29.74 13.90
N LEU B 534 25.75 30.63 14.88
CA LEU B 534 26.15 31.99 14.59
C LEU B 534 27.67 32.14 14.46
N LEU B 535 28.42 31.05 14.62
CA LEU B 535 29.84 31.03 14.33
C LEU B 535 30.22 29.85 13.46
N SER B 536 29.29 29.35 12.65
CA SER B 536 29.57 28.21 11.79
C SER B 536 30.50 28.62 10.65
N GLY B 537 31.24 27.64 10.14
CA GLY B 537 32.10 27.86 9.00
C GLY B 537 32.27 26.57 8.24
N ILE B 538 32.24 26.69 6.92
CA ILE B 538 32.27 25.55 6.02
C ILE B 538 33.66 25.46 5.40
N SER B 539 34.28 24.29 5.53
CA SER B 539 35.57 24.07 4.89
C SER B 539 35.43 24.16 3.38
N ILE B 540 36.38 24.85 2.74
CA ILE B 540 36.45 24.89 1.30
C ILE B 540 37.52 23.96 0.74
N GLY B 541 38.38 23.40 1.59
CA GLY B 541 39.37 22.45 1.15
C GLY B 541 40.75 23.06 1.05
N SER B 542 41.77 22.29 1.42
CA SER B 542 43.15 22.72 1.33
C SER B 542 43.97 21.62 0.67
N PRO B 543 45.07 21.98 0.01
CA PRO B 543 45.89 20.94 -0.63
C PRO B 543 46.57 20.07 0.41
N SER B 544 46.39 18.77 0.26
CA SER B 544 46.99 17.81 1.18
C SER B 544 48.44 17.51 0.83
N GLU B 545 48.88 17.83 -0.38
CA GLU B 545 50.25 17.51 -0.75
C GLU B 545 51.26 18.13 0.21
N PRO B 546 51.18 19.41 0.59
CA PRO B 546 52.08 19.89 1.62
C PRO B 546 51.95 19.12 2.91
N ILE B 547 50.72 18.70 3.25
CA ILE B 547 50.50 17.98 4.50
C ILE B 547 51.30 16.68 4.49
N ILE B 548 51.08 15.86 3.46
CA ILE B 548 51.80 14.59 3.36
C ILE B 548 53.30 14.84 3.31
N ASN B 549 53.71 15.89 2.58
CA ASN B 549 55.12 16.25 2.55
C ASN B 549 55.66 16.42 3.95
N PHE B 550 54.93 17.18 4.78
CA PHE B 550 55.34 17.35 6.17
C PHE B 550 55.39 16.00 6.87
N LEU B 551 54.32 15.22 6.77
CA LEU B 551 54.34 13.89 7.37
C LEU B 551 55.54 13.09 6.87
N GLU B 552 55.70 13.01 5.55
CA GLU B 552 56.89 12.37 5.01
C GLU B 552 58.15 13.09 5.45
N GLU B 553 58.09 14.41 5.57
CA GLU B 553 59.23 15.17 6.08
C GLU B 553 59.56 14.74 7.51
N TRP B 554 58.62 14.12 8.21
CA TRP B 554 58.76 13.87 9.63
C TRP B 554 58.81 12.39 9.99
N GLY B 555 59.43 11.57 9.17
CA GLY B 555 59.79 10.23 9.57
C GLY B 555 58.68 9.20 9.52
N MET B 556 57.53 9.53 8.93
CA MET B 556 56.47 8.55 8.77
C MET B 556 56.98 7.33 8.01
N GLU B 557 56.57 6.15 8.46
CA GLU B 557 57.09 4.89 7.94
C GLU B 557 56.04 4.24 7.04
N PRO B 558 56.28 4.11 5.73
CA PRO B 558 55.27 3.52 4.86
C PRO B 558 54.84 2.13 5.32
N LEU B 559 53.70 1.70 4.78
CA LEU B 559 53.15 0.38 5.11
C LEU B 559 54.05 -0.75 4.67
N GLU B 560 54.89 -0.53 3.66
CA GLU B 560 55.73 -1.60 3.14
C GLU B 560 56.71 -2.10 4.18
N ASP B 561 56.90 -1.34 5.26
CA ASP B 561 57.69 -1.77 6.42
C ASP B 561 56.77 -2.04 7.60
N TYR B 562 55.54 -2.48 7.33
CA TYR B 562 54.54 -2.70 8.36
C TYR B 562 54.19 -4.18 8.42
N ASP B 563 54.03 -4.69 9.64
CA ASP B 563 53.65 -6.07 9.90
C ASP B 563 53.00 -6.08 11.28
N PRO B 564 51.97 -6.90 11.51
CA PRO B 564 51.35 -6.92 12.85
C PRO B 564 52.35 -7.18 13.97
N ALA B 565 53.34 -8.04 13.74
CA ALA B 565 54.26 -8.39 14.80
C ALA B 565 55.10 -7.19 15.24
N GLN B 566 55.73 -6.50 14.28
CA GLN B 566 56.66 -5.43 14.64
C GLN B 566 55.93 -4.22 15.19
N HIS B 567 55.07 -3.60 14.38
CA HIS B 567 54.46 -2.33 14.73
C HIS B 567 53.11 -2.55 15.42
N THR B 568 53.15 -3.37 16.48
CA THR B 568 51.92 -3.64 17.22
C THR B 568 51.60 -2.52 18.19
N LYS B 569 52.51 -1.58 18.39
CA LYS B 569 52.27 -0.41 19.24
C LYS B 569 52.58 0.90 18.54
N SER B 570 52.98 0.86 17.26
CA SER B 570 53.15 2.07 16.50
C SER B 570 51.79 2.58 16.01
N THR B 571 51.71 3.88 15.78
CA THR B 571 50.46 4.55 15.47
C THR B 571 50.23 4.58 13.97
N ARG B 572 49.15 3.95 13.53
CA ARG B 572 48.71 4.11 12.15
C ARG B 572 48.37 5.57 11.89
N ILE B 573 48.50 5.98 10.64
CA ILE B 573 48.25 7.36 10.24
C ILE B 573 47.27 7.35 9.07
N PHE B 574 46.26 8.19 9.16
CA PHE B 574 45.24 8.30 8.13
C PHE B 574 45.15 9.74 7.65
N VAL B 575 44.84 9.91 6.37
CA VAL B 575 44.66 11.22 5.77
C VAL B 575 43.45 11.15 4.86
N ASN B 576 42.58 12.15 4.94
CA ASN B 576 41.38 12.23 4.10
C ASN B 576 40.60 10.93 4.11
N GLY B 577 40.73 10.14 5.17
CA GLY B 577 40.08 8.86 5.27
C GLY B 577 40.89 7.71 4.75
N VAL B 578 42.00 7.97 4.06
CA VAL B 578 42.80 6.93 3.44
C VAL B 578 44.03 6.69 4.29
N TRP B 579 44.30 5.43 4.60
CA TRP B 579 45.53 5.07 5.27
C TRP B 579 46.71 5.53 4.44
N THR B 580 47.69 6.17 5.09
CA THR B 580 48.83 6.71 4.36
C THR B 580 50.14 6.55 5.09
N GLY B 581 50.30 5.55 5.94
CA GLY B 581 51.59 5.34 6.56
C GLY B 581 51.48 4.68 7.92
N ILE B 582 52.61 4.67 8.61
CA ILE B 582 52.75 4.11 9.95
C ILE B 582 53.83 4.89 10.68
N HIS B 583 53.66 5.07 11.99
CA HIS B 583 54.60 5.80 12.82
C HIS B 583 54.52 5.28 14.25
N ARG B 584 55.66 5.35 14.95
CA ARG B 584 55.75 4.75 16.28
C ARG B 584 55.54 5.73 17.42
N ASP B 585 56.09 6.94 17.33
CA ASP B 585 56.03 7.92 18.43
C ASP B 585 55.22 9.12 17.96
N PRO B 586 53.90 9.08 18.09
CA PRO B 586 53.06 10.09 17.44
C PRO B 586 52.96 11.40 18.20
N SER B 587 52.99 11.34 19.53
CA SER B 587 52.63 12.51 20.34
C SER B 587 53.38 13.75 19.88
N MET B 588 54.70 13.62 19.70
CA MET B 588 55.47 14.75 19.21
C MET B 588 54.98 15.19 17.84
N LEU B 589 54.64 14.23 16.99
CA LEU B 589 54.18 14.58 15.64
C LEU B 589 52.91 15.42 15.71
N VAL B 590 51.92 14.97 16.48
CA VAL B 590 50.68 15.73 16.57
C VAL B 590 50.94 17.10 17.16
N SER B 591 51.80 17.17 18.18
CA SER B 591 52.12 18.46 18.78
C SER B 591 52.69 19.41 17.75
N THR B 592 53.70 18.96 17.01
CA THR B 592 54.35 19.82 16.03
C THR B 592 53.41 20.19 14.90
N MET B 593 52.56 19.26 14.48
CA MET B 593 51.60 19.58 13.43
C MET B 593 50.62 20.66 13.90
N ARG B 594 50.14 20.54 15.13
CA ARG B 594 49.27 21.57 15.67
C ARG B 594 49.99 22.90 15.73
N ASP B 595 51.27 22.88 16.13
CA ASP B 595 52.06 24.09 16.14
C ASP B 595 52.13 24.70 14.75
N LEU B 596 52.37 23.87 13.75
CA LEU B 596 52.47 24.36 12.39
C LEU B 596 51.16 25.00 11.95
N ARG B 597 50.04 24.37 12.29
CA ARG B 597 48.75 24.95 11.94
C ARG B 597 48.56 26.30 12.62
N ARG B 598 48.79 26.37 13.93
CA ARG B 598 48.57 27.61 14.64
C ARG B 598 49.50 28.71 14.13
N SER B 599 50.73 28.36 13.76
CA SER B 599 51.65 29.33 13.19
C SER B 599 51.14 29.86 11.85
N GLY B 600 50.18 29.16 11.26
CA GLY B 600 49.65 29.56 9.96
C GLY B 600 50.26 28.73 8.85
N ALA B 601 51.31 27.97 9.18
CA ALA B 601 51.97 27.14 8.20
C ALA B 601 51.10 25.98 7.73
N ILE B 602 49.91 25.81 8.29
CA ILE B 602 48.90 24.91 7.75
C ILE B 602 47.58 25.66 7.69
N SER B 603 46.82 25.41 6.65
CA SER B 603 45.52 26.03 6.52
C SER B 603 44.68 25.66 7.74
N PRO B 604 44.14 26.64 8.47
CA PRO B 604 43.43 26.30 9.72
C PRO B 604 42.31 25.29 9.53
N GLU B 605 41.56 25.37 8.43
CA GLU B 605 40.42 24.46 8.27
C GLU B 605 40.84 23.00 8.21
N VAL B 606 42.11 22.72 7.94
CA VAL B 606 42.60 21.36 8.08
C VAL B 606 42.58 20.96 9.55
N SER B 607 42.03 19.78 9.83
CA SER B 607 41.76 19.34 11.18
C SER B 607 42.76 18.25 11.55
N ILE B 608 43.36 18.39 12.73
CA ILE B 608 44.33 17.42 13.25
C ILE B 608 43.64 16.65 14.36
N ILE B 609 43.06 15.50 14.02
CA ILE B 609 42.35 14.66 14.96
C ILE B 609 43.29 13.53 15.38
N ARG B 610 43.37 13.29 16.68
CA ARG B 610 44.18 12.21 17.22
C ARG B 610 43.28 11.26 18.01
N ASP B 611 43.35 9.98 17.69
CA ASP B 611 42.57 8.93 18.35
C ASP B 611 43.52 8.08 19.17
N ILE B 612 43.24 7.94 20.46
CA ILE B 612 44.13 7.19 21.33
C ILE B 612 43.67 5.75 21.47
N ARG B 613 42.41 5.56 21.84
CA ARG B 613 41.92 4.20 22.06
C ARG B 613 42.02 3.35 20.81
N GLU B 614 42.07 3.98 19.64
CA GLU B 614 42.31 3.26 18.40
C GLU B 614 43.78 3.29 17.99
N ARG B 615 44.62 4.05 18.68
CA ARG B 615 46.02 4.22 18.30
C ARG B 615 46.12 4.73 16.87
N GLU B 616 45.15 5.55 16.47
CA GLU B 616 45.07 6.10 15.12
C GLU B 616 45.30 7.60 15.17
N PHE B 617 45.54 8.17 14.00
CA PHE B 617 45.89 9.59 13.91
C PHE B 617 45.47 10.05 12.53
N LYS B 618 44.33 10.72 12.44
CA LYS B 618 43.71 11.11 11.18
C LYS B 618 43.85 12.62 10.98
N ILE B 619 43.85 13.03 9.72
CA ILE B 619 43.83 14.43 9.33
C ILE B 619 42.91 14.56 8.12
N PHE B 620 42.19 15.66 8.03
CA PHE B 620 41.21 15.85 6.97
C PHE B 620 41.37 17.23 6.34
N THR B 621 41.12 17.31 5.02
CA THR B 621 41.25 18.55 4.27
C THR B 621 40.15 18.72 3.25
N ASP B 622 39.01 18.07 3.44
CA ASP B 622 37.99 18.05 2.41
C ASP B 622 37.20 19.36 2.37
N VAL B 623 36.25 19.41 1.45
CA VAL B 623 35.33 20.53 1.30
C VAL B 623 33.95 20.07 1.71
N GLY B 624 33.32 20.83 2.61
CA GLY B 624 32.03 20.47 3.17
C GLY B 624 32.06 20.15 4.64
N ARG B 625 33.22 20.16 5.28
CA ARG B 625 33.25 20.04 6.73
C ARG B 625 32.71 21.31 7.37
N VAL B 626 32.37 21.21 8.64
CA VAL B 626 31.86 22.33 9.42
C VAL B 626 32.81 22.53 10.59
N TYR B 627 33.08 23.80 10.91
CA TYR B 627 34.04 24.13 11.96
C TYR B 627 33.60 25.40 12.66
N ARG B 628 34.09 25.58 13.88
CA ARG B 628 33.88 26.80 14.63
C ARG B 628 35.14 27.13 15.41
N PRO B 629 35.38 28.41 15.70
CA PRO B 629 36.59 28.81 16.40
C PRO B 629 36.50 28.61 17.91
N LEU B 630 37.68 28.60 18.54
CA LEU B 630 37.76 28.52 19.99
C LEU B 630 39.07 29.15 20.44
N PHE B 631 39.05 29.70 21.66
CA PHE B 631 40.26 30.25 22.23
C PHE B 631 41.25 29.13 22.52
N ILE B 632 42.52 29.48 22.54
CA ILE B 632 43.60 28.52 22.76
C ILE B 632 44.11 28.70 24.17
N VAL B 633 43.70 27.81 25.06
CA VAL B 633 44.11 27.83 26.46
C VAL B 633 45.46 27.15 26.56
N GLU B 634 46.47 27.90 26.99
CA GLU B 634 47.79 27.32 27.21
C GLU B 634 47.66 26.19 28.22
N ASP B 635 48.22 25.03 27.88
CA ASP B 635 48.03 23.82 28.68
C ASP B 635 49.33 23.08 28.95
N ASP B 636 50.45 23.52 28.39
CA ASP B 636 51.73 22.86 28.60
C ASP B 636 52.28 23.28 29.95
N GLU B 637 52.55 22.30 30.81
CA GLU B 637 52.96 22.56 32.19
C GLU B 637 54.45 22.87 32.29
N SER B 638 54.88 23.87 31.52
CA SER B 638 56.26 24.37 31.59
C SER B 638 56.29 25.89 31.76
N LYS B 639 55.15 26.50 32.07
CA LYS B 639 55.07 27.95 32.24
C LYS B 639 53.86 28.27 33.10
N ASP B 640 53.83 29.51 33.57
CA ASP B 640 52.68 30.01 34.31
C ASP B 640 51.41 29.99 33.48
N ASN B 641 51.52 30.26 32.18
CA ASN B 641 50.35 30.44 31.33
C ASN B 641 49.48 29.19 31.24
N LYS B 642 50.00 28.03 31.64
CA LYS B 642 49.16 26.84 31.67
C LYS B 642 47.90 27.12 32.46
N GLY B 643 46.76 26.71 31.92
CA GLY B 643 45.49 27.02 32.51
C GLY B 643 45.04 28.45 32.31
N GLU B 644 45.75 29.21 31.49
CA GLU B 644 45.43 30.60 31.20
C GLU B 644 45.32 30.79 29.70
N LEU B 645 44.44 31.71 29.31
CA LEU B 645 44.24 31.98 27.89
C LEU B 645 45.50 32.53 27.27
N ARG B 646 45.79 32.08 26.05
CA ARG B 646 46.90 32.65 25.30
C ARG B 646 46.65 34.11 24.97
N ILE B 647 45.44 34.44 24.52
CA ILE B 647 45.09 35.81 24.20
C ILE B 647 45.33 36.69 25.42
N THR B 648 45.59 37.97 25.18
CA THR B 648 45.89 38.94 26.22
C THR B 648 45.33 40.31 25.84
N LYS B 649 45.25 41.18 26.84
CA LYS B 649 44.65 42.49 26.63
C LYS B 649 45.32 43.23 25.48
N GLU B 650 46.61 42.97 25.26
CA GLU B 650 47.29 43.57 24.12
C GLU B 650 46.51 43.35 22.85
N HIS B 651 46.06 42.11 22.63
CA HIS B 651 45.39 41.77 21.38
C HIS B 651 44.05 42.48 21.26
N ILE B 652 43.32 42.59 22.37
CA ILE B 652 42.03 43.27 22.33
C ILE B 652 42.23 44.74 21.99
N ARG B 653 43.19 45.38 22.66
CA ARG B 653 43.54 46.74 22.33
C ARG B 653 43.88 46.88 20.85
N LYS B 654 44.71 45.97 20.34
CA LYS B 654 45.10 46.03 18.94
C LYS B 654 43.90 45.92 18.03
N ILE B 655 43.03 44.94 18.28
CA ILE B 655 41.87 44.75 17.42
C ILE B 655 40.99 45.99 17.44
N GLN B 656 40.87 46.63 18.60
CA GLN B 656 40.17 47.91 18.64
C GLN B 656 40.86 48.92 17.73
N GLN B 657 42.19 48.96 17.78
CA GLN B 657 42.93 49.89 16.94
C GLN B 657 42.73 49.57 15.47
N GLY B 658 42.75 48.30 15.12
CA GLY B 658 42.69 47.87 13.74
C GLY B 658 44.03 47.76 13.05
N TYR B 659 45.10 48.23 13.68
CA TYR B 659 46.44 48.12 13.14
C TYR B 659 47.37 47.64 14.24
N ASP B 660 48.20 46.66 13.92
CA ASP B 660 49.13 46.13 14.90
C ASP B 660 50.30 47.09 15.09
N ASP B 661 50.90 47.03 16.27
CA ASP B 661 52.08 47.84 16.59
C ASP B 661 53.34 46.99 16.54
N ASP B 662 53.90 46.88 15.33
CA ASP B 662 55.10 46.08 15.11
C ASP B 662 54.85 44.63 15.48
N VAL B 675 46.20 45.77 8.35
CA VAL B 675 45.02 45.67 9.19
C VAL B 675 45.10 44.41 10.05
N TYR B 676 45.06 44.60 11.36
CA TYR B 676 45.26 43.54 12.35
C TYR B 676 43.89 43.07 12.81
N GLY B 677 43.34 42.08 12.12
CA GLY B 677 42.00 41.61 12.40
C GLY B 677 41.93 40.20 12.91
N TRP B 678 40.72 39.63 12.89
CA TRP B 678 40.52 38.28 13.38
C TRP B 678 41.49 37.30 12.75
N SER B 679 41.82 37.51 11.47
CA SER B 679 42.80 36.64 10.84
C SER B 679 44.15 36.74 11.54
N SER B 680 44.58 37.95 11.90
CA SER B 680 45.80 38.09 12.67
C SER B 680 45.70 37.31 13.97
N LEU B 681 44.53 37.33 14.60
CA LEU B 681 44.35 36.56 15.83
C LEU B 681 44.56 35.08 15.57
N VAL B 682 43.87 34.54 14.57
CA VAL B 682 43.97 33.11 14.31
C VAL B 682 45.41 32.73 14.01
N THR B 683 46.06 33.47 13.11
CA THR B 683 47.42 33.16 12.71
C THR B 683 48.43 33.39 13.81
N SER B 684 48.13 34.24 14.78
CA SER B 684 49.10 34.59 15.83
C SER B 684 49.19 33.54 16.91
N GLY B 685 48.24 32.63 17.00
CA GLY B 685 48.29 31.56 17.98
C GLY B 685 47.40 31.73 19.20
N VAL B 686 46.16 32.19 19.02
CA VAL B 686 45.21 32.24 20.12
C VAL B 686 43.88 31.60 19.79
N ILE B 687 43.51 31.48 18.51
CA ILE B 687 42.24 30.87 18.12
C ILE B 687 42.51 29.90 16.99
N GLU B 688 41.89 28.73 17.06
CA GLU B 688 41.99 27.74 16.00
C GLU B 688 40.63 27.11 15.76
N TYR B 689 40.29 26.94 14.49
CA TYR B 689 39.02 26.33 14.12
C TYR B 689 39.02 24.88 14.57
N VAL B 690 37.83 24.34 14.80
CA VAL B 690 37.66 22.93 15.14
C VAL B 690 36.32 22.47 14.60
N ASP B 691 36.25 21.20 14.21
CA ASP B 691 35.04 20.59 13.71
C ASP B 691 34.50 19.61 14.74
N GLY B 692 33.41 18.92 14.39
CA GLY B 692 32.86 17.93 15.28
C GLY B 692 33.83 16.78 15.53
N GLU B 693 34.44 16.26 14.47
CA GLU B 693 35.39 15.17 14.64
C GLU B 693 36.55 15.59 15.52
N GLU B 694 37.14 16.76 15.26
CA GLU B 694 38.24 17.24 16.10
C GLU B 694 37.78 17.51 17.52
N GLU B 695 36.59 18.08 17.68
CA GLU B 695 36.00 18.25 19.01
C GLU B 695 35.98 16.95 19.80
N GLU B 696 36.06 15.81 19.12
CA GLU B 696 35.83 14.53 19.78
C GLU B 696 36.75 14.36 20.97
N THR B 697 37.93 14.97 20.96
CA THR B 697 38.97 14.72 21.94
C THR B 697 39.56 16.02 22.47
N ILE B 698 38.71 16.93 22.92
CA ILE B 698 39.15 18.17 23.55
C ILE B 698 38.23 18.54 24.69
N MET B 699 38.83 19.00 25.78
CA MET B 699 38.11 19.43 26.97
C MET B 699 38.07 20.94 27.02
N ILE B 700 36.87 21.51 27.12
CA ILE B 700 36.65 22.94 26.97
C ILE B 700 36.13 23.49 28.29
N ALA B 701 36.50 24.74 28.60
CA ALA B 701 35.90 25.48 29.70
C ALA B 701 34.72 26.29 29.17
N MET B 702 33.58 26.18 29.84
CA MET B 702 32.38 26.86 29.38
C MET B 702 32.61 28.36 29.21
N THR B 703 33.40 28.97 30.08
CA THR B 703 33.68 30.39 30.06
C THR B 703 35.09 30.61 30.60
N PRO B 704 35.66 31.79 30.35
CA PRO B 704 37.02 32.04 30.86
C PRO B 704 37.12 31.91 32.37
N GLU B 705 36.02 32.12 33.08
CA GLU B 705 36.07 32.07 34.54
C GLU B 705 36.44 30.68 35.03
N ASP B 706 35.84 29.65 34.43
CA ASP B 706 36.12 28.28 34.83
C ASP B 706 37.60 27.96 34.73
N LEU B 707 38.32 28.67 33.84
CA LEU B 707 39.74 28.40 33.70
C LEU B 707 40.49 28.59 35.01
N GLN B 708 39.90 29.37 35.92
CA GLN B 708 40.37 29.48 37.29
C GLN B 708 39.31 28.91 38.22
N THR B 709 39.74 28.02 39.11
CA THR B 709 38.80 27.42 40.06
C THR B 709 38.24 28.48 41.00
N ARG B 710 36.93 28.47 41.19
CA ARG B 710 36.25 29.46 42.01
C ARG B 710 36.35 29.08 43.48
N SER B 711 35.80 29.92 44.35
CA SER B 711 35.84 29.67 45.79
C SER B 711 35.07 28.40 46.13
N LEU B 719 27.48 34.88 48.62
CA LEU B 719 27.31 33.64 47.87
C LEU B 719 25.97 33.00 48.17
N ASN B 720 25.66 31.94 47.42
CA ASN B 720 24.44 31.16 47.63
C ASN B 720 23.20 32.04 47.47
N ASP B 721 23.13 32.71 46.33
CA ASP B 721 22.00 33.56 46.01
C ASP B 721 20.76 32.71 45.74
N THR B 722 19.60 33.28 46.07
CA THR B 722 18.33 32.56 45.95
C THR B 722 17.60 32.82 44.65
N ALA B 723 18.14 33.70 43.78
CA ALA B 723 17.46 34.06 42.54
C ALA B 723 18.41 34.14 41.34
N LYS B 724 19.37 33.25 41.22
CA LYS B 724 20.25 33.19 40.07
C LYS B 724 20.59 31.75 39.74
N ARG B 725 21.05 31.53 38.52
CA ARG B 725 21.43 30.19 38.10
C ARG B 725 22.63 29.70 38.92
N ILE B 726 22.79 28.38 38.95
CA ILE B 726 23.88 27.74 39.67
C ILE B 726 24.68 26.90 38.68
N LYS B 727 26.00 27.00 38.75
CA LYS B 727 26.86 26.26 37.85
C LYS B 727 26.76 24.76 38.13
N PRO B 728 27.01 23.92 37.13
CA PRO B 728 27.10 22.48 37.38
C PRO B 728 28.21 22.14 38.36
N GLU B 729 28.00 21.06 39.11
CA GLU B 729 28.95 20.66 40.14
C GLU B 729 30.32 20.37 39.54
N MET B 730 30.37 19.57 38.48
CA MET B 730 31.63 19.24 37.82
C MET B 730 32.66 18.76 38.84
N SER B 731 32.35 17.68 39.55
CA SER B 731 33.22 17.15 40.59
C SER B 731 33.76 15.76 40.28
N THR B 732 33.53 15.23 39.08
CA THR B 732 33.97 13.88 38.77
C THR B 732 35.45 13.81 38.42
N SER B 733 36.11 14.96 38.21
CA SER B 733 37.54 15.01 37.89
C SER B 733 38.17 16.05 38.80
N SER B 734 38.77 15.58 39.91
CA SER B 734 39.29 16.52 40.90
C SER B 734 40.43 17.37 40.34
N HIS B 735 41.10 16.92 39.28
CA HIS B 735 42.13 17.69 38.61
C HIS B 735 41.69 17.97 37.19
N HIS B 736 41.76 19.24 36.77
CA HIS B 736 41.37 19.63 35.42
C HIS B 736 42.56 20.28 34.72
N THR B 737 42.73 19.92 33.45
CA THR B 737 43.79 20.47 32.60
C THR B 737 43.11 20.91 31.31
N PHE B 738 42.66 22.16 31.26
CA PHE B 738 41.91 22.64 30.12
C PHE B 738 42.83 22.86 28.93
N THR B 739 42.22 22.89 27.75
CA THR B 739 42.93 23.17 26.51
C THR B 739 42.24 24.21 25.63
N HIS B 740 40.95 24.45 25.82
CA HIS B 740 40.23 25.47 25.07
C HIS B 740 39.13 26.05 25.96
N CYS B 741 38.69 27.25 25.61
CA CYS B 741 37.65 27.95 26.34
C CYS B 741 36.69 28.59 25.36
N GLU B 742 35.40 28.32 25.53
CA GLU B 742 34.40 28.83 24.60
C GLU B 742 34.51 30.34 24.46
N ILE B 743 34.17 30.83 23.27
CA ILE B 743 34.14 32.28 23.06
C ILE B 743 33.03 32.89 23.90
N HIS B 744 31.80 32.50 23.63
CA HIS B 744 30.66 32.95 24.41
C HIS B 744 29.53 31.98 24.16
N PRO B 745 28.95 31.41 25.22
CA PRO B 745 27.95 30.35 25.00
C PRO B 745 26.81 30.78 24.11
N SER B 746 26.40 32.04 24.14
CA SER B 746 25.28 32.49 23.33
C SER B 746 25.51 32.32 21.83
N MET B 747 26.73 31.98 21.43
CA MET B 747 27.05 31.83 20.02
C MET B 747 26.42 30.59 19.40
N ILE B 748 25.93 29.66 20.23
CA ILE B 748 25.39 28.42 19.69
C ILE B 748 24.03 28.61 19.03
N LEU B 749 23.43 29.78 19.14
CA LEU B 749 22.11 30.00 18.58
C LEU B 749 22.20 30.31 17.09
N GLY B 750 21.03 30.37 16.46
CA GLY B 750 20.92 30.75 15.07
C GLY B 750 20.49 32.19 14.91
N VAL B 751 20.41 32.60 13.65
CA VAL B 751 20.03 33.98 13.36
C VAL B 751 18.62 34.26 13.85
N ALA B 752 17.67 33.39 13.49
CA ALA B 752 16.29 33.61 13.92
C ALA B 752 16.11 33.36 15.40
N ALA B 753 17.12 32.81 16.08
CA ALA B 753 17.01 32.52 17.51
C ALA B 753 17.62 33.59 18.38
N SER B 754 18.63 34.33 17.90
CA SER B 754 19.22 35.38 18.72
C SER B 754 18.30 36.57 18.88
N ILE B 755 17.22 36.64 18.10
CA ILE B 755 16.24 37.71 18.26
C ILE B 755 15.52 37.58 19.58
N ILE B 756 15.50 36.38 20.15
CA ILE B 756 14.68 36.13 21.34
C ILE B 756 15.44 36.60 22.58
N PRO B 757 14.83 37.42 23.44
CA PRO B 757 15.51 37.83 24.66
C PRO B 757 15.36 36.79 25.76
N PHE B 758 16.47 36.55 26.46
CA PHE B 758 16.51 35.58 27.56
C PHE B 758 16.06 34.20 27.09
N PRO B 759 16.63 33.68 26.01
CA PRO B 759 16.24 32.33 25.55
C PRO B 759 16.54 31.25 26.57
N ASP B 760 17.43 31.50 27.50
CA ASP B 760 17.69 30.57 28.60
C ASP B 760 16.67 30.70 29.71
N HIS B 761 15.50 31.27 29.43
CA HIS B 761 14.40 31.38 30.37
C HIS B 761 13.08 30.97 29.75
N ASN B 762 13.06 29.88 28.97
CA ASN B 762 11.87 29.50 28.25
C ASN B 762 11.82 28.00 28.02
N GLN B 763 10.62 27.51 27.75
CA GLN B 763 10.45 26.14 27.29
C GLN B 763 10.81 26.07 25.81
N SER B 764 11.78 25.23 25.49
CA SER B 764 12.39 25.28 24.16
C SER B 764 11.36 25.29 23.03
N PRO B 765 10.28 24.52 23.07
CA PRO B 765 9.31 24.59 21.97
C PRO B 765 8.81 26.00 21.72
N ARG B 766 8.69 26.81 22.77
CA ARG B 766 8.31 28.20 22.55
C ARG B 766 9.39 28.94 21.78
N ASN B 767 10.66 28.71 22.12
CA ASN B 767 11.72 29.29 21.32
C ASN B 767 11.55 28.91 19.86
N THR B 768 11.28 27.63 19.60
CA THR B 768 11.16 27.17 18.23
C THR B 768 9.98 27.86 17.53
N TYR B 769 8.83 27.94 18.20
CA TYR B 769 7.69 28.63 17.62
C TYR B 769 8.07 30.06 17.27
N GLN B 770 8.69 30.79 18.20
CA GLN B 770 9.05 32.17 17.93
C GLN B 770 9.97 32.26 16.73
N SER B 771 10.98 31.39 16.67
CA SER B 771 11.82 31.33 15.49
C SER B 771 10.96 31.15 14.24
N ALA B 772 9.90 30.35 14.34
CA ALA B 772 9.11 30.04 13.15
C ALA B 772 8.42 31.28 12.60
N MET B 773 7.67 32.00 13.44
CA MET B 773 6.91 33.13 12.91
C MET B 773 7.79 34.36 12.69
N GLY B 774 8.99 34.39 13.25
CA GLY B 774 9.88 35.51 13.00
C GLY B 774 10.01 35.86 11.54
N LYS B 775 9.75 34.90 10.66
CA LYS B 775 9.89 35.12 9.23
C LYS B 775 8.59 35.52 8.56
N GLN B 776 7.52 35.76 9.31
CA GLN B 776 6.28 36.26 8.75
C GLN B 776 5.91 37.59 9.40
N ALA B 777 6.89 38.26 9.97
CA ALA B 777 6.68 39.51 10.69
C ALA B 777 6.84 40.69 9.75
N MET B 778 5.77 41.43 9.51
CA MET B 778 5.85 42.63 8.71
C MET B 778 6.96 43.54 9.22
N GLY B 779 7.48 44.38 8.34
CA GLY B 779 8.56 45.25 8.71
C GLY B 779 9.18 45.90 7.48
N VAL B 780 10.46 46.26 7.61
CA VAL B 780 11.19 46.92 6.55
C VAL B 780 12.32 46.00 6.11
N PHE B 781 12.08 45.27 5.02
CA PHE B 781 13.05 44.29 4.55
C PHE B 781 14.26 44.94 3.88
N LEU B 782 14.06 45.93 3.03
CA LEU B 782 15.18 46.60 2.39
C LEU B 782 14.86 48.07 2.16
N THR B 783 15.87 48.91 2.35
CA THR B 783 15.68 50.34 2.23
C THR B 783 15.04 50.72 0.91
N ASN B 784 15.43 50.08 -0.18
CA ASN B 784 15.04 50.51 -1.52
C ASN B 784 13.77 49.86 -2.00
N TYR B 785 12.84 49.56 -1.09
CA TYR B 785 11.57 48.97 -1.52
C TYR B 785 10.91 49.80 -2.61
N ASN B 786 11.04 51.12 -2.54
CA ASN B 786 10.39 51.96 -3.54
C ASN B 786 10.82 51.59 -4.95
N VAL B 787 12.13 51.48 -5.19
CA VAL B 787 12.62 51.18 -6.54
C VAL B 787 12.35 49.73 -6.94
N ARG B 788 12.66 48.77 -6.07
CA ARG B 788 12.29 47.39 -6.36
C ARG B 788 10.78 47.29 -6.55
N MET B 789 10.37 46.45 -7.48
CA MET B 789 8.96 46.31 -7.85
C MET B 789 8.65 44.82 -7.94
N ASP B 790 8.28 44.23 -6.81
CA ASP B 790 8.06 42.80 -6.69
C ASP B 790 6.57 42.52 -6.56
N THR B 791 6.24 41.23 -6.44
CA THR B 791 4.83 40.86 -6.36
C THR B 791 4.25 41.21 -5.00
N MET B 792 4.67 40.52 -3.94
CA MET B 792 4.18 40.76 -2.59
C MET B 792 5.28 41.40 -1.76
N ALA B 793 4.98 42.57 -1.20
CA ALA B 793 5.90 43.25 -0.30
C ALA B 793 5.07 44.13 0.62
N ASN B 794 5.42 44.15 1.90
CA ASN B 794 4.68 44.93 2.89
C ASN B 794 5.65 45.76 3.71
N ILE B 795 5.20 46.91 4.18
CA ILE B 795 6.01 47.80 4.99
C ILE B 795 5.18 48.31 6.16
N LEU B 796 5.76 48.25 7.35
CA LEU B 796 5.15 48.80 8.55
C LEU B 796 5.47 50.29 8.63
N TYR B 797 4.45 51.11 8.91
CA TYR B 797 4.65 52.55 8.86
C TYR B 797 5.80 52.97 9.77
N TYR B 798 5.76 52.57 11.03
CA TYR B 798 6.64 53.15 12.07
C TYR B 798 7.35 52.04 12.83
N PRO B 799 8.26 51.34 12.18
CA PRO B 799 9.02 50.31 12.89
C PRO B 799 9.83 50.93 14.01
N GLN B 800 10.04 50.14 15.07
CA GLN B 800 10.77 50.61 16.24
C GLN B 800 11.65 49.50 16.76
N LYS B 801 12.84 49.85 17.18
CA LYS B 801 13.72 48.81 17.69
C LYS B 801 13.22 48.30 19.04
N PRO B 802 13.52 47.05 19.38
CA PRO B 802 13.04 46.50 20.64
C PRO B 802 13.78 47.09 21.82
N LEU B 803 13.02 47.45 22.85
CA LEU B 803 13.61 48.02 24.05
C LEU B 803 14.57 47.04 24.70
N ALA B 804 14.30 45.75 24.59
CA ALA B 804 15.12 44.71 25.20
C ALA B 804 15.86 43.98 24.09
N LYS B 805 17.09 44.41 23.84
CA LYS B 805 17.91 43.80 22.81
C LYS B 805 18.78 42.70 23.39
N THR B 806 19.15 41.76 22.54
CA THR B 806 20.23 40.85 22.83
C THR B 806 21.49 41.38 22.17
N GLN B 807 22.62 41.27 22.87
CA GLN B 807 23.83 41.92 22.39
C GLN B 807 24.12 41.55 20.94
N ALA B 808 23.80 40.32 20.55
CA ALA B 808 24.08 39.89 19.18
C ALA B 808 23.32 40.68 18.13
N MET B 809 22.23 41.36 18.48
CA MET B 809 21.47 41.99 17.40
C MET B 809 22.23 43.13 16.75
N GLU B 810 23.33 43.58 17.33
CA GLU B 810 24.15 44.59 16.66
C GLU B 810 24.52 44.15 15.25
N TYR B 811 25.00 42.92 15.11
CA TYR B 811 25.51 42.43 13.83
C TYR B 811 24.39 41.95 12.91
N LEU B 812 23.20 41.69 13.43
CA LEU B 812 22.06 41.37 12.60
C LEU B 812 21.33 42.60 12.14
N LYS B 813 21.79 43.79 12.55
CA LYS B 813 21.21 45.05 12.08
C LYS B 813 19.75 45.19 12.49
N PHE B 814 19.26 44.30 13.35
CA PHE B 814 17.86 44.35 13.73
C PHE B 814 17.51 45.72 14.29
N ARG B 815 18.32 46.23 15.22
CA ARG B 815 18.06 47.56 15.75
C ARG B 815 18.09 48.62 14.66
N GLU B 816 18.71 48.33 13.51
CA GLU B 816 18.65 49.22 12.38
C GLU B 816 17.50 48.89 11.44
N LEU B 817 17.09 47.63 11.35
CA LEU B 817 15.90 47.22 10.61
C LEU B 817 15.05 46.35 11.52
N PRO B 818 14.25 46.95 12.39
CA PRO B 818 13.31 46.18 13.19
C PRO B 818 12.10 45.77 12.36
N ALA B 819 11.31 44.88 12.94
CA ALA B 819 10.08 44.40 12.31
C ALA B 819 8.95 44.31 13.32
N GLY B 820 9.01 45.16 14.33
CA GLY B 820 8.00 45.11 15.37
C GLY B 820 8.08 46.34 16.24
N GLN B 821 7.00 46.56 16.98
CA GLN B 821 6.86 47.76 17.80
C GLN B 821 7.01 47.41 19.27
N ASN B 822 7.18 48.45 20.08
CA ASN B 822 7.13 48.35 21.53
C ASN B 822 5.78 48.89 22.00
N ALA B 823 4.87 47.98 22.37
CA ALA B 823 3.51 48.36 22.73
C ALA B 823 3.26 48.11 24.22
N ILE B 824 2.49 48.98 24.83
CA ILE B 824 2.10 48.85 26.24
C ILE B 824 0.89 47.91 26.30
N VAL B 825 1.10 46.73 26.88
CA VAL B 825 0.07 45.69 26.91
C VAL B 825 -0.24 45.38 28.36
N ALA B 826 -1.52 45.21 28.67
CA ALA B 826 -1.98 44.91 30.01
C ALA B 826 -2.48 43.48 30.05
N ILE B 827 -1.80 42.66 30.83
CA ILE B 827 -2.11 41.24 30.95
C ILE B 827 -3.21 41.11 31.98
N ALA B 828 -4.46 41.18 31.55
CA ALA B 828 -5.55 41.16 32.51
C ALA B 828 -6.85 40.88 31.80
N CYS B 829 -7.63 39.97 32.36
CA CYS B 829 -8.98 39.70 31.86
C CYS B 829 -9.77 40.98 32.11
N TYR B 830 -10.06 41.71 31.04
CA TYR B 830 -10.80 42.96 31.16
C TYR B 830 -12.30 42.75 30.98
N SER B 831 -12.71 42.26 29.82
CA SER B 831 -14.13 42.13 29.51
C SER B 831 -14.47 40.78 28.91
N GLY B 832 -13.56 39.82 28.94
CA GLY B 832 -13.87 38.48 28.50
C GLY B 832 -13.86 38.28 27.00
N TYR B 833 -13.56 39.30 26.21
CA TYR B 833 -13.37 39.11 24.79
C TYR B 833 -11.96 38.69 24.43
N ASN B 834 -11.04 38.71 25.39
CA ASN B 834 -9.65 38.36 25.16
C ASN B 834 -9.32 36.97 25.68
N GLN B 835 -10.23 36.02 25.52
CA GLN B 835 -10.04 34.67 26.01
C GLN B 835 -9.47 33.77 24.92
N GLU B 836 -8.70 32.77 25.34
CA GLU B 836 -8.11 31.79 24.43
C GLU B 836 -7.17 32.47 23.44
N ASP B 837 -6.19 33.18 24.00
CA ASP B 837 -5.14 33.79 23.19
C ASP B 837 -5.72 34.73 22.14
N SER B 838 -6.61 35.61 22.56
CA SER B 838 -7.09 36.69 21.73
C SER B 838 -6.87 38.00 22.46
N MET B 839 -6.81 39.09 21.71
CA MET B 839 -6.35 40.35 22.26
C MET B 839 -7.38 41.45 22.02
N ILE B 840 -7.34 42.44 22.90
CA ILE B 840 -8.20 43.62 22.81
C ILE B 840 -7.31 44.82 22.51
N MET B 841 -7.65 45.56 21.47
CA MET B 841 -6.80 46.64 20.97
C MET B 841 -7.47 47.99 21.16
N ASN B 842 -6.70 48.93 21.70
CA ASN B 842 -7.17 50.29 21.83
C ASN B 842 -7.46 50.88 20.47
N GLN B 843 -8.75 51.08 20.19
CA GLN B 843 -9.16 51.60 18.89
C GLN B 843 -8.38 52.86 18.53
N SER B 844 -8.26 53.78 19.47
CA SER B 844 -7.52 55.01 19.20
C SER B 844 -6.06 54.71 18.91
N SER B 845 -5.50 53.70 19.55
CA SER B 845 -4.10 53.35 19.26
C SER B 845 -3.94 52.95 17.81
N ILE B 846 -4.91 52.20 17.27
CA ILE B 846 -4.89 51.92 15.84
C ILE B 846 -4.99 53.21 15.05
N ASP B 847 -5.94 54.08 15.43
CA ASP B 847 -6.14 55.31 14.68
C ASP B 847 -4.92 56.23 14.75
N ARG B 848 -4.01 55.97 15.70
CA ARG B 848 -2.82 56.79 15.85
C ARG B 848 -1.63 56.23 15.07
N GLY B 849 -1.84 55.19 14.28
CA GLY B 849 -0.77 54.67 13.45
C GLY B 849 -0.08 53.48 14.08
N LEU B 850 -0.82 52.67 14.81
CA LEU B 850 -0.27 51.48 15.43
C LEU B 850 -0.49 50.27 14.54
N PHE B 851 0.60 49.62 14.14
CA PHE B 851 0.55 48.39 13.37
C PHE B 851 -0.22 48.55 12.07
N ARG B 852 -0.23 49.73 11.49
CA ARG B 852 -0.77 49.94 10.16
C ARG B 852 0.35 49.88 9.14
N SER B 853 0.26 48.94 8.19
CA SER B 853 1.36 48.65 7.28
C SER B 853 0.88 48.75 5.84
N LEU B 854 1.85 48.68 4.93
CA LEU B 854 1.58 48.86 3.51
C LEU B 854 1.57 47.52 2.79
N PHE B 855 0.95 47.52 1.61
CA PHE B 855 0.74 46.28 0.86
C PHE B 855 0.88 46.57 -0.61
N PHE B 856 1.96 46.09 -1.22
CA PHE B 856 2.25 46.33 -2.63
C PHE B 856 2.02 45.05 -3.41
N ARG B 857 1.28 45.16 -4.50
CA ARG B 857 1.08 44.05 -5.43
C ARG B 857 1.54 44.48 -6.81
N SER B 858 2.31 43.63 -7.47
CA SER B 858 2.79 43.88 -8.82
C SER B 858 2.12 42.93 -9.81
N TYR B 859 1.55 43.49 -10.86
CA TYR B 859 0.95 42.71 -11.93
C TYR B 859 1.98 42.49 -13.02
N MET B 860 1.72 41.53 -13.90
CA MET B 860 2.67 41.15 -14.93
C MET B 860 1.92 40.94 -16.25
N ASP B 861 2.57 41.22 -17.36
CA ASP B 861 2.01 41.00 -18.68
C ASP B 861 3.03 41.38 -19.73
N GLN B 862 2.83 40.89 -20.96
CA GLN B 862 3.70 41.27 -22.06
C GLN B 862 3.01 40.93 -23.37
N GLU B 863 3.40 41.65 -24.42
CA GLU B 863 2.93 41.33 -25.76
C GLU B 863 3.47 39.97 -26.18
N LYS B 864 2.62 39.17 -26.82
CA LYS B 864 3.00 37.81 -27.20
C LYS B 864 2.99 37.66 -28.71
N ARG B 865 3.91 36.84 -29.19
CA ARG B 865 4.16 36.62 -30.60
C ARG B 865 3.73 35.21 -30.99
N PHE B 866 2.92 35.11 -32.04
CA PHE B 866 2.63 33.81 -32.64
C PHE B 866 3.43 33.55 -33.91
N GLY B 867 4.27 34.49 -34.33
CA GLY B 867 5.07 34.29 -35.53
C GLY B 867 5.68 35.60 -35.95
N ILE B 868 6.24 35.59 -37.17
CA ILE B 868 6.87 36.79 -37.70
C ILE B 868 5.84 37.91 -37.84
N SER B 869 4.69 37.61 -38.43
CA SER B 869 3.69 38.62 -38.75
C SER B 869 2.53 38.65 -37.76
N ILE B 870 2.53 37.78 -36.76
CA ILE B 870 1.45 37.70 -35.79
C ILE B 870 2.00 38.10 -34.43
N VAL B 871 1.44 39.15 -33.84
CA VAL B 871 1.81 39.62 -32.52
C VAL B 871 0.54 40.04 -31.79
N GLU B 872 0.71 40.48 -30.55
CA GLU B 872 -0.39 40.95 -29.72
C GLU B 872 -0.03 42.33 -29.18
N GLU B 873 -0.94 43.27 -29.32
CA GLU B 873 -0.65 44.67 -29.05
C GLU B 873 -1.51 45.17 -27.89
N PHE B 874 -0.86 45.82 -26.93
CA PHE B 874 -1.57 46.51 -25.87
C PHE B 874 -2.39 47.62 -26.49
N GLU B 875 -3.66 47.73 -26.09
CA GLU B 875 -4.54 48.69 -26.73
C GLU B 875 -5.88 48.69 -26.01
N LYS B 876 -6.63 49.76 -26.19
CA LYS B 876 -7.99 49.81 -25.68
C LYS B 876 -8.91 49.18 -26.71
N PRO B 877 -9.51 48.02 -26.45
CA PRO B 877 -10.28 47.32 -27.48
C PRO B 877 -11.72 47.80 -27.53
N THR B 878 -12.17 48.18 -28.72
CA THR B 878 -13.59 48.45 -28.92
C THR B 878 -14.36 47.14 -28.95
N ARG B 879 -15.66 47.22 -28.66
CA ARG B 879 -16.47 46.02 -28.59
C ARG B 879 -16.79 45.47 -29.98
N ALA B 880 -16.91 46.34 -30.98
CA ALA B 880 -17.20 45.88 -32.33
C ALA B 880 -16.02 45.11 -32.92
N THR B 881 -14.80 45.60 -32.69
CA THR B 881 -13.63 44.99 -33.29
C THR B 881 -13.20 43.71 -32.59
N THR B 882 -13.51 43.55 -31.31
CA THR B 882 -13.10 42.40 -30.54
C THR B 882 -14.32 41.57 -30.18
N LEU B 883 -14.07 40.40 -29.58
CA LEU B 883 -15.12 39.50 -29.15
C LEU B 883 -14.72 38.86 -27.84
N ARG B 884 -15.72 38.33 -27.13
CA ARG B 884 -15.51 37.75 -25.80
C ARG B 884 -14.92 38.77 -24.84
N LEU B 885 -15.64 39.87 -24.65
CA LEU B 885 -15.24 40.89 -23.71
C LEU B 885 -15.56 40.46 -22.28
N LYS B 886 -14.81 41.02 -21.33
CA LYS B 886 -15.08 40.74 -19.93
C LYS B 886 -16.39 41.40 -19.51
N HIS B 887 -16.78 41.13 -18.26
CA HIS B 887 -17.93 41.78 -17.65
C HIS B 887 -17.55 43.04 -16.90
N GLY B 888 -16.25 43.28 -16.70
CA GLY B 888 -15.78 44.43 -15.96
C GLY B 888 -15.78 45.68 -16.82
N THR B 889 -15.04 46.68 -16.35
CA THR B 889 -14.97 47.97 -17.02
C THR B 889 -13.56 48.24 -17.52
N TYR B 890 -13.48 49.07 -18.55
CA TYR B 890 -12.22 49.37 -19.21
C TYR B 890 -11.84 50.85 -19.14
N GLU B 891 -12.74 51.72 -18.70
CA GLU B 891 -12.55 53.16 -18.88
C GLU B 891 -11.29 53.67 -18.23
N LYS B 892 -10.76 52.96 -17.22
CA LYS B 892 -9.59 53.45 -16.51
C LYS B 892 -8.31 53.29 -17.32
N LEU B 893 -8.33 52.55 -18.41
CA LEU B 893 -7.16 52.44 -19.26
C LEU B 893 -6.85 53.78 -19.92
N ASP B 894 -5.67 53.89 -20.50
CA ASP B 894 -5.35 55.04 -21.32
C ASP B 894 -5.94 54.84 -22.72
N GLU B 895 -5.70 55.83 -23.60
CA GLU B 895 -6.03 55.66 -25.00
C GLU B 895 -5.24 54.54 -25.65
N ASP B 896 -4.07 54.19 -25.11
CA ASP B 896 -3.22 53.15 -25.67
C ASP B 896 -3.33 51.81 -24.94
N GLY B 897 -4.09 51.75 -23.84
CA GLY B 897 -4.42 50.49 -23.21
C GLY B 897 -3.81 50.25 -21.85
N LEU B 898 -3.06 51.18 -21.29
CA LEU B 898 -2.48 51.03 -19.96
C LEU B 898 -3.13 52.05 -19.05
N ILE B 899 -3.22 51.71 -17.76
CA ILE B 899 -3.80 52.62 -16.78
C ILE B 899 -2.72 53.53 -16.21
N ALA B 900 -3.08 54.79 -15.99
CA ALA B 900 -2.12 55.74 -15.47
C ALA B 900 -1.97 55.60 -13.96
N PRO B 901 -0.77 55.80 -13.43
CA PRO B 901 -0.60 55.72 -11.98
C PRO B 901 -1.40 56.79 -11.26
N GLY B 902 -1.77 56.49 -10.03
CA GLY B 902 -2.55 57.40 -9.22
C GLY B 902 -4.05 57.21 -9.33
N VAL B 903 -4.52 56.33 -10.19
CA VAL B 903 -5.95 56.05 -10.34
C VAL B 903 -6.31 54.91 -9.40
N ARG B 904 -7.40 55.08 -8.67
CA ARG B 904 -7.87 54.01 -7.79
C ARG B 904 -8.48 52.88 -8.60
N VAL B 905 -8.20 51.65 -8.17
CA VAL B 905 -8.72 50.46 -8.82
C VAL B 905 -9.60 49.72 -7.83
N SER B 906 -10.56 48.98 -8.37
CA SER B 906 -11.51 48.20 -7.58
C SER B 906 -11.53 46.78 -8.10
N GLY B 907 -12.25 45.91 -7.39
CA GLY B 907 -12.33 44.53 -7.82
C GLY B 907 -13.02 44.41 -9.18
N ASP B 908 -12.57 43.44 -9.96
CA ASP B 908 -13.19 43.12 -11.25
C ASP B 908 -13.04 44.26 -12.25
N ASP B 909 -11.95 45.02 -12.14
CA ASP B 909 -11.68 46.14 -13.03
C ASP B 909 -10.49 45.77 -13.92
N ILE B 910 -10.60 46.10 -15.21
CA ILE B 910 -9.53 45.78 -16.14
C ILE B 910 -8.44 46.84 -16.06
N ILE B 911 -7.20 46.39 -15.90
CA ILE B 911 -6.06 47.29 -15.78
C ILE B 911 -5.10 47.21 -16.95
N ILE B 912 -5.12 46.14 -17.73
CA ILE B 912 -4.23 45.98 -18.88
C ILE B 912 -5.03 45.29 -19.97
N GLY B 913 -5.35 46.03 -21.04
CA GLY B 913 -6.16 45.51 -22.12
C GLY B 913 -5.29 45.04 -23.28
N LYS B 914 -5.20 43.73 -23.43
CA LYS B 914 -4.40 43.10 -24.48
C LYS B 914 -5.32 42.44 -25.48
N THR B 915 -4.98 42.53 -26.76
CA THR B 915 -5.80 42.00 -27.84
C THR B 915 -4.99 41.00 -28.65
N THR B 916 -5.67 39.94 -29.08
CA THR B 916 -5.04 38.90 -29.88
C THR B 916 -5.67 38.84 -31.26
N PRO B 917 -4.87 38.85 -32.33
CA PRO B 917 -5.45 38.68 -33.66
C PRO B 917 -6.10 37.32 -33.80
N ILE B 918 -7.28 37.30 -34.41
CA ILE B 918 -8.07 36.09 -34.57
C ILE B 918 -7.71 35.45 -35.91
N PRO B 919 -7.33 34.17 -35.92
CA PRO B 919 -7.11 33.50 -37.20
C PRO B 919 -8.39 33.46 -38.01
N PRO B 920 -8.42 34.06 -39.21
CA PRO B 920 -9.66 34.12 -39.97
C PRO B 920 -10.08 32.76 -40.51
N TYR B 931 -14.40 41.24 -40.86
CA TYR B 931 -13.92 41.97 -39.70
C TYR B 931 -14.44 41.32 -38.41
N HIS B 932 -14.21 42.00 -37.29
CA HIS B 932 -14.51 41.43 -35.98
C HIS B 932 -13.65 40.20 -35.71
N THR B 933 -12.34 40.42 -35.75
CA THR B 933 -11.34 39.37 -35.65
C THR B 933 -10.35 39.66 -34.54
N LYS B 934 -10.86 40.06 -33.37
CA LYS B 934 -10.02 40.26 -32.21
C LYS B 934 -10.75 39.73 -30.98
N ARG B 935 -9.97 39.29 -30.00
CA ARG B 935 -10.48 38.68 -28.78
C ARG B 935 -9.84 39.35 -27.58
N ASP B 936 -10.62 39.55 -26.53
CA ASP B 936 -10.09 40.19 -25.33
C ASP B 936 -9.02 39.31 -24.70
N ALA B 937 -7.91 39.92 -24.31
CA ALA B 937 -6.84 39.24 -23.58
C ALA B 937 -6.41 40.09 -22.40
N SER B 938 -7.39 40.68 -21.71
CA SER B 938 -7.09 41.64 -20.66
C SER B 938 -6.44 40.94 -19.46
N THR B 939 -6.09 41.74 -18.46
CA THR B 939 -5.47 41.26 -17.22
C THR B 939 -6.20 41.92 -16.06
N PRO B 940 -7.40 41.48 -15.76
CA PRO B 940 -8.19 42.17 -14.73
C PRO B 940 -7.55 42.08 -13.36
N LEU B 941 -7.80 43.12 -12.57
CA LEU B 941 -7.33 43.14 -11.20
C LEU B 941 -7.98 42.01 -10.40
N ARG B 942 -7.21 41.44 -9.47
CA ARG B 942 -7.78 40.40 -8.62
C ARG B 942 -9.00 40.94 -7.90
N SER B 943 -10.13 40.24 -8.06
CA SER B 943 -11.41 40.78 -7.62
C SER B 943 -11.44 41.03 -6.12
N THR B 944 -10.54 40.43 -5.37
CA THR B 944 -10.51 40.57 -3.93
C THR B 944 -9.54 41.64 -3.44
N GLU B 945 -9.18 42.59 -4.28
CA GLU B 945 -8.19 43.60 -3.92
C GLU B 945 -8.68 44.99 -4.33
N ASN B 946 -8.19 46.00 -3.62
CA ASN B 946 -8.50 47.39 -3.92
C ASN B 946 -7.32 48.26 -3.56
N GLY B 947 -7.28 49.44 -4.16
CA GLY B 947 -6.19 50.37 -3.92
C GLY B 947 -6.05 51.34 -5.07
N ILE B 948 -4.84 51.88 -5.20
CA ILE B 948 -4.52 52.88 -6.20
C ILE B 948 -3.28 52.43 -6.96
N VAL B 949 -3.35 52.54 -8.29
CA VAL B 949 -2.18 52.23 -9.11
C VAL B 949 -1.10 53.27 -8.84
N ASP B 950 0.13 52.81 -8.67
CA ASP B 950 1.20 53.68 -8.21
C ASP B 950 2.29 53.94 -9.24
N GLN B 951 2.80 52.91 -9.90
CA GLN B 951 4.00 53.07 -10.71
C GLN B 951 3.95 52.10 -11.87
N VAL B 952 3.70 52.61 -13.07
CA VAL B 952 3.58 51.80 -14.27
C VAL B 952 4.94 51.78 -14.96
N LEU B 953 5.39 50.58 -15.31
CA LEU B 953 6.64 50.38 -16.02
C LEU B 953 6.32 49.85 -17.42
N LEU B 954 7.15 50.22 -18.39
CA LEU B 954 6.91 49.84 -19.77
C LEU B 954 8.24 49.74 -20.49
N THR B 955 8.78 48.54 -20.62
CA THR B 955 10.06 48.33 -21.26
C THR B 955 9.99 47.07 -22.10
N THR B 956 11.06 46.83 -22.84
CA THR B 956 11.16 45.64 -23.67
C THR B 956 11.64 44.46 -22.84
N ASN B 957 11.23 43.27 -23.23
CA ASN B 957 11.71 42.04 -22.63
C ASN B 957 13.06 41.69 -23.27
N GLN B 958 13.61 40.53 -22.90
CA GLN B 958 14.85 40.08 -23.53
C GLN B 958 14.67 39.93 -25.04
N GLU B 959 13.47 39.57 -25.47
CA GLU B 959 13.20 39.27 -26.87
C GLU B 959 12.58 40.44 -27.64
N GLY B 960 12.50 41.63 -27.03
CA GLY B 960 12.12 42.82 -27.75
C GLY B 960 10.64 43.04 -27.94
N LEU B 961 9.80 42.49 -27.07
CA LEU B 961 8.39 42.84 -27.07
C LEU B 961 8.06 43.68 -25.84
N LYS B 962 6.90 44.34 -25.89
CA LYS B 962 6.47 45.17 -24.77
C LYS B 962 6.16 44.30 -23.56
N PHE B 963 6.48 44.81 -22.38
CA PHE B 963 6.65 43.98 -21.20
C PHE B 963 6.39 44.87 -20.00
N VAL B 964 5.17 44.79 -19.45
CA VAL B 964 4.65 45.81 -18.54
C VAL B 964 4.63 45.28 -17.12
N LYS B 965 4.51 46.21 -16.19
CA LYS B 965 4.48 45.90 -14.76
C LYS B 965 3.68 46.99 -14.07
N VAL B 966 2.71 46.62 -13.26
CA VAL B 966 1.86 47.57 -12.55
C VAL B 966 1.94 47.25 -11.06
N ARG B 967 2.44 48.20 -10.27
CA ARG B 967 2.58 48.05 -8.83
C ARG B 967 1.44 48.79 -8.14
N MET B 968 0.34 48.09 -7.89
CA MET B 968 -0.79 48.65 -7.17
C MET B 968 -0.49 48.62 -5.67
N ARG B 969 -1.01 49.58 -4.95
CA ARG B 969 -0.70 49.71 -3.53
C ARG B 969 -1.97 49.94 -2.72
N THR B 970 -1.87 49.63 -1.44
CA THR B 970 -2.86 50.02 -0.44
C THR B 970 -2.27 49.77 0.92
N THR B 971 -2.93 50.32 1.95
CA THR B 971 -2.49 50.20 3.33
C THR B 971 -3.48 49.32 4.08
N LYS B 972 -2.96 48.47 4.96
CA LYS B 972 -3.77 47.50 5.68
C LYS B 972 -3.99 48.01 7.09
N VAL B 973 -5.25 48.30 7.42
CA VAL B 973 -5.61 48.71 8.78
C VAL B 973 -5.83 47.47 9.63
N PRO B 974 -5.17 47.34 10.77
CA PRO B 974 -5.53 46.25 11.68
C PRO B 974 -7.01 46.36 12.06
N GLN B 975 -7.64 45.20 12.18
CA GLN B 975 -9.05 45.15 12.57
C GLN B 975 -9.33 43.80 13.18
N ILE B 976 -10.61 43.49 13.34
CA ILE B 976 -11.01 42.20 13.87
C ILE B 976 -10.57 41.10 12.93
N GLY B 977 -9.85 40.12 13.44
CA GLY B 977 -9.44 38.97 12.67
C GLY B 977 -7.99 38.98 12.23
N ASP B 978 -7.21 39.94 12.66
CA ASP B 978 -5.79 39.95 12.34
C ASP B 978 -5.06 38.87 13.13
N LYS B 979 -3.75 38.88 13.03
CA LYS B 979 -2.89 38.02 13.85
C LYS B 979 -1.76 38.86 14.42
N PHE B 980 -1.31 38.52 15.62
CA PHE B 980 -0.19 39.19 16.26
C PHE B 980 0.59 38.18 17.09
N ALA B 981 1.83 38.54 17.42
CA ALA B 981 2.67 37.64 18.19
C ALA B 981 3.71 38.43 18.94
N SER B 982 4.08 37.92 20.11
CA SER B 982 5.17 38.48 20.88
C SER B 982 6.47 37.90 20.34
N ARG B 983 7.56 38.08 21.09
CA ARG B 983 8.81 37.44 20.78
C ARG B 983 8.98 36.12 21.51
N HIS B 984 7.91 35.57 22.07
CA HIS B 984 8.01 34.31 22.80
C HIS B 984 6.90 33.33 22.46
N GLY B 985 6.34 33.41 21.25
CA GLY B 985 5.36 32.43 20.83
C GLY B 985 3.95 32.65 21.36
N GLN B 986 3.70 33.76 22.04
CA GLN B 986 2.37 34.01 22.60
C GLN B 986 1.44 34.56 21.52
N LYS B 987 1.38 33.84 20.41
CA LYS B 987 0.64 34.31 19.26
C LYS B 987 -0.84 34.50 19.60
N GLY B 988 -1.49 35.36 18.82
CA GLY B 988 -2.89 35.66 19.09
C GLY B 988 -3.43 36.63 18.05
N THR B 989 -4.74 36.81 18.10
CA THR B 989 -5.46 37.65 17.15
C THR B 989 -6.13 38.79 17.89
N ILE B 990 -6.97 39.52 17.15
CA ILE B 990 -7.70 40.64 17.72
C ILE B 990 -9.19 40.34 17.71
N GLY B 991 -9.78 40.23 18.89
CA GLY B 991 -11.19 39.92 19.01
C GLY B 991 -12.07 41.13 18.75
N VAL B 992 -11.86 42.21 19.51
CA VAL B 992 -12.62 43.44 19.32
C VAL B 992 -11.79 44.58 19.87
N THR B 993 -12.12 45.80 19.45
CA THR B 993 -11.33 46.97 19.77
C THR B 993 -12.19 47.98 20.53
N TYR B 994 -11.55 48.74 21.41
CA TYR B 994 -12.22 49.65 22.33
C TYR B 994 -11.68 51.05 22.15
N ARG B 995 -12.58 52.04 22.20
CA ARG B 995 -12.16 53.42 22.16
C ARG B 995 -11.25 53.72 23.35
N HIS B 996 -10.61 54.89 23.32
CA HIS B 996 -9.61 55.20 24.32
C HIS B 996 -10.19 55.21 25.73
N GLU B 997 -11.42 55.69 25.86
CA GLU B 997 -11.97 55.90 27.20
C GLU B 997 -12.29 54.58 27.88
N ASP B 998 -12.94 53.65 27.18
CA ASP B 998 -13.48 52.47 27.84
C ASP B 998 -12.40 51.59 28.45
N MET B 999 -11.15 51.77 28.07
CA MET B 999 -10.13 50.86 28.52
C MET B 999 -9.58 51.30 29.88
N PRO B 1000 -8.98 50.39 30.64
CA PRO B 1000 -8.45 50.76 31.95
C PRO B 1000 -7.25 51.67 31.81
N PHE B 1001 -7.02 52.48 32.84
CA PHE B 1001 -5.91 53.40 32.87
C PHE B 1001 -5.22 53.34 34.22
N SER B 1002 -3.90 53.49 34.21
CA SER B 1002 -3.14 53.42 35.44
C SER B 1002 -3.28 54.70 36.23
N ALA B 1003 -2.49 54.79 37.30
CA ALA B 1003 -2.51 55.98 38.15
C ALA B 1003 -2.07 57.23 37.40
N GLU B 1004 -1.21 57.07 36.40
CA GLU B 1004 -0.64 58.21 35.70
C GLU B 1004 -1.45 58.66 34.50
N GLY B 1005 -2.60 58.06 34.24
CA GLY B 1005 -3.39 58.39 33.07
C GLY B 1005 -3.08 57.57 31.85
N ILE B 1006 -2.04 56.72 31.88
CA ILE B 1006 -1.71 55.87 30.76
C ILE B 1006 -2.87 54.93 30.47
N VAL B 1007 -2.94 54.43 29.24
CA VAL B 1007 -3.78 53.29 28.91
C VAL B 1007 -2.87 52.27 28.25
N PRO B 1008 -3.21 50.99 28.24
CA PRO B 1008 -2.39 50.03 27.52
C PRO B 1008 -2.78 49.97 26.06
N ASP B 1009 -1.81 49.64 25.21
CA ASP B 1009 -2.09 49.45 23.80
C ASP B 1009 -2.98 48.25 23.56
N LEU B 1010 -2.70 47.13 24.23
CA LEU B 1010 -3.27 45.84 23.90
C LEU B 1010 -3.48 45.06 25.19
N ILE B 1011 -4.44 44.14 25.18
CA ILE B 1011 -4.78 43.34 26.35
C ILE B 1011 -4.78 41.88 25.98
N ILE B 1012 -3.99 41.07 26.70
CA ILE B 1012 -3.89 39.65 26.44
C ILE B 1012 -4.46 38.86 27.60
N ASN B 1013 -4.57 37.54 27.43
CA ASN B 1013 -5.22 36.67 28.42
C ASN B 1013 -4.19 36.13 29.39
N PRO B 1014 -4.38 36.32 30.70
CA PRO B 1014 -3.43 35.72 31.66
C PRO B 1014 -3.34 34.22 31.53
N HIS B 1015 -4.45 33.56 31.21
CA HIS B 1015 -4.47 32.11 31.13
C HIS B 1015 -3.34 31.57 30.26
N ALA B 1016 -2.98 32.29 29.21
CA ALA B 1016 -2.01 31.78 28.27
C ALA B 1016 -0.63 31.59 28.87
N ILE B 1017 -0.27 32.37 29.89
CA ILE B 1017 1.10 32.38 30.38
C ILE B 1017 1.43 31.13 31.20
N PRO B 1018 0.73 30.86 32.30
CA PRO B 1018 1.20 29.81 33.21
C PRO B 1018 1.38 28.45 32.56
N SER B 1019 0.46 28.06 31.67
CA SER B 1019 0.57 26.74 31.05
C SER B 1019 1.79 26.62 30.15
N ARG B 1020 2.27 27.73 29.60
CA ARG B 1020 3.34 27.70 28.62
C ARG B 1020 4.71 28.00 29.21
N MET B 1021 4.77 28.53 30.43
CA MET B 1021 6.03 28.70 31.14
C MET B 1021 6.96 29.68 30.43
N THR B 1022 6.37 30.68 29.76
CA THR B 1022 7.17 31.70 29.08
C THR B 1022 7.60 32.79 30.06
N VAL B 1023 8.53 32.43 30.93
CA VAL B 1023 9.04 33.38 31.92
C VAL B 1023 9.76 34.53 31.22
N ALA B 1024 10.44 34.24 30.12
CA ALA B 1024 11.14 35.29 29.40
C ALA B 1024 10.20 36.42 29.03
N HIS B 1025 8.93 36.12 28.78
CA HIS B 1025 7.99 37.18 28.43
C HIS B 1025 7.84 38.17 29.57
N LEU B 1026 7.65 37.67 30.79
CA LEU B 1026 7.52 38.56 31.93
C LEU B 1026 8.82 39.32 32.16
N ILE B 1027 9.95 38.64 32.07
CA ILE B 1027 11.22 39.32 32.31
C ILE B 1027 11.43 40.41 31.28
N GLU B 1028 11.05 40.17 30.03
CA GLU B 1028 11.17 41.18 29.00
C GLU B 1028 10.28 42.37 29.30
N CYS B 1029 9.03 42.13 29.72
CA CYS B 1029 8.18 43.25 30.05
C CYS B 1029 8.78 44.09 31.15
N LEU B 1030 9.30 43.43 32.19
CA LEU B 1030 9.94 44.16 33.29
C LEU B 1030 11.10 45.00 32.78
N LEU B 1031 12.01 44.38 32.04
CA LEU B 1031 13.20 45.11 31.61
C LEU B 1031 12.83 46.23 30.65
N SER B 1032 11.79 46.03 29.83
CA SER B 1032 11.36 47.10 28.94
C SER B 1032 10.81 48.28 29.73
N LYS B 1033 10.05 48.01 30.78
CA LYS B 1033 9.58 49.08 31.63
C LYS B 1033 10.76 49.84 32.23
N VAL B 1034 11.74 49.10 32.73
CA VAL B 1034 12.92 49.72 33.33
C VAL B 1034 13.65 50.58 32.31
N GLY B 1035 13.84 50.05 31.11
CA GLY B 1035 14.53 50.82 30.08
C GLY B 1035 13.78 52.09 29.70
N SER B 1036 12.47 51.97 29.51
CA SER B 1036 11.69 53.15 29.16
C SER B 1036 11.82 54.23 30.22
N ILE B 1037 11.65 53.88 31.49
CA ILE B 1037 11.75 54.91 32.52
C ILE B 1037 13.17 55.46 32.62
N ARG B 1038 14.16 54.58 32.70
CA ARG B 1038 15.55 55.00 32.79
C ARG B 1038 16.12 55.44 31.45
N GLY B 1039 15.35 55.33 30.37
CA GLY B 1039 15.74 55.87 29.09
C GLY B 1039 16.93 55.19 28.43
N TYR B 1040 17.01 53.87 28.46
CA TYR B 1040 18.04 53.15 27.74
C TYR B 1040 17.59 51.70 27.57
N GLU B 1041 18.20 51.00 26.62
CA GLU B 1041 17.82 49.65 26.25
C GLU B 1041 18.52 48.66 27.16
N GLY B 1042 17.85 47.54 27.46
CA GLY B 1042 18.41 46.56 28.37
C GLY B 1042 19.20 45.49 27.67
N ASP B 1043 20.10 44.87 28.42
CA ASP B 1043 20.97 43.81 27.93
C ASP B 1043 20.40 42.46 28.35
N ALA B 1044 19.79 41.75 27.40
CA ALA B 1044 19.14 40.47 27.67
C ALA B 1044 19.91 39.31 27.03
N THR B 1045 21.22 39.41 26.96
CA THR B 1045 22.01 38.32 26.41
C THR B 1045 21.91 37.11 27.33
N PRO B 1046 21.58 35.94 26.82
CA PRO B 1046 21.54 34.75 27.68
C PRO B 1046 22.92 34.43 28.22
N PHE B 1047 22.96 33.66 29.30
CA PHE B 1047 24.21 33.25 29.92
C PHE B 1047 25.01 34.45 30.40
N THR B 1048 24.43 35.18 31.35
CA THR B 1048 25.06 36.36 31.92
C THR B 1048 24.81 36.40 33.41
N ASP B 1049 25.07 37.53 34.05
CA ASP B 1049 24.87 37.67 35.49
C ASP B 1049 23.58 38.41 35.85
N LEU B 1050 22.86 38.94 34.86
CA LEU B 1050 21.60 39.61 35.13
C LEU B 1050 20.65 38.66 35.82
N THR B 1051 19.89 39.16 36.78
CA THR B 1051 18.84 38.41 37.45
C THR B 1051 17.68 39.35 37.76
N VAL B 1052 16.50 38.77 37.96
CA VAL B 1052 15.33 39.60 38.24
C VAL B 1052 15.56 40.47 39.46
N ASP B 1053 16.50 40.09 40.32
CA ASP B 1053 16.79 40.89 41.50
C ASP B 1053 17.22 42.30 41.11
N ALA B 1054 18.20 42.41 40.21
CA ALA B 1054 18.69 43.72 39.83
C ALA B 1054 17.59 44.56 39.19
N VAL B 1055 16.79 43.94 38.32
CA VAL B 1055 15.72 44.68 37.67
C VAL B 1055 14.73 45.20 38.70
N SER B 1056 14.37 44.35 39.66
CA SER B 1056 13.46 44.81 40.72
C SER B 1056 14.06 45.97 41.49
N ASN B 1057 15.35 45.87 41.84
CA ASN B 1057 15.99 46.96 42.58
C ASN B 1057 15.92 48.26 41.79
N LEU B 1058 16.27 48.21 40.51
CA LEU B 1058 16.23 49.43 39.72
C LEU B 1058 14.82 49.98 39.63
N LEU B 1059 13.84 49.12 39.36
CA LEU B 1059 12.48 49.62 39.18
C LEU B 1059 11.97 50.26 40.47
N ARG B 1060 12.33 49.68 41.61
CA ARG B 1060 11.93 50.28 42.89
C ARG B 1060 12.62 51.61 43.08
N ASP B 1061 13.95 51.66 42.91
CA ASP B 1061 14.67 52.91 43.10
C ASP B 1061 14.09 54.00 42.22
N ASN B 1062 13.68 53.66 41.01
CA ASN B 1062 13.04 54.63 40.14
C ASN B 1062 11.60 54.91 40.53
N GLY B 1063 11.12 54.33 41.63
CA GLY B 1063 9.84 54.67 42.17
C GLY B 1063 8.66 53.90 41.61
N TYR B 1064 8.77 52.59 41.46
CA TYR B 1064 7.67 51.75 41.02
C TYR B 1064 7.70 50.43 41.79
N GLN B 1065 6.58 49.73 41.77
CA GLN B 1065 6.52 48.42 42.39
C GLN B 1065 7.64 47.55 41.84
N SER B 1066 8.42 46.96 42.75
CA SER B 1066 9.62 46.25 42.34
C SER B 1066 9.31 45.00 41.51
N ARG B 1067 8.03 44.70 41.29
CA ARG B 1067 7.62 43.57 40.46
C ARG B 1067 6.77 44.00 39.28
N GLY B 1068 6.61 45.29 39.05
CA GLY B 1068 5.96 45.77 37.85
C GLY B 1068 4.46 45.82 37.89
N PHE B 1069 3.85 45.46 39.01
CA PHE B 1069 2.41 45.65 39.13
C PHE B 1069 2.08 47.14 39.21
N GLU B 1070 0.91 47.49 38.70
CA GLU B 1070 0.47 48.88 38.74
C GLU B 1070 -1.04 48.92 38.85
N VAL B 1071 -1.52 49.64 39.86
CA VAL B 1071 -2.95 49.73 40.09
C VAL B 1071 -3.62 50.28 38.85
N MET B 1072 -4.68 49.63 38.41
CA MET B 1072 -5.46 50.09 37.26
C MET B 1072 -6.88 50.42 37.71
N TYR B 1073 -7.56 51.21 36.90
CA TYR B 1073 -8.91 51.65 37.20
C TYR B 1073 -9.83 51.27 36.05
N ASN B 1074 -11.02 50.79 36.38
CA ASN B 1074 -12.03 50.54 35.36
C ASN B 1074 -12.27 51.79 34.54
N GLY B 1075 -12.76 51.61 33.33
CA GLY B 1075 -13.03 52.72 32.45
C GLY B 1075 -14.51 53.01 32.34
N HIS B 1076 -15.34 51.98 32.48
CA HIS B 1076 -16.77 52.17 32.36
C HIS B 1076 -17.33 52.94 33.56
N THR B 1077 -16.62 52.92 34.69
CA THR B 1077 -17.05 53.63 35.88
C THR B 1077 -15.94 54.38 36.59
N GLY B 1078 -14.68 53.99 36.39
CA GLY B 1078 -13.60 54.55 37.18
C GLY B 1078 -13.41 53.89 38.52
N LYS B 1079 -14.34 53.05 38.93
CA LYS B 1079 -14.17 52.28 40.15
C LYS B 1079 -12.90 51.45 40.06
N LYS B 1080 -12.10 51.48 41.12
CA LYS B 1080 -10.83 50.76 41.10
C LYS B 1080 -11.07 49.30 40.72
N LEU B 1081 -10.00 48.65 40.30
CA LEU B 1081 -10.04 47.23 40.01
C LEU B 1081 -9.48 46.44 41.19
N MET B 1082 -10.31 45.55 41.75
CA MET B 1082 -9.91 44.80 42.92
C MET B 1082 -8.57 44.09 42.75
N ALA B 1083 -8.07 43.93 41.54
CA ALA B 1083 -6.80 43.25 41.32
C ALA B 1083 -5.77 44.27 40.88
N GLN B 1084 -4.49 43.88 40.98
CA GLN B 1084 -3.40 44.70 40.48
C GLN B 1084 -2.86 44.10 39.19
N VAL B 1085 -2.90 44.88 38.12
CA VAL B 1085 -2.63 44.40 36.78
C VAL B 1085 -1.13 44.48 36.53
N PHE B 1086 -0.61 43.52 35.77
CA PHE B 1086 0.72 43.67 35.22
C PHE B 1086 0.64 44.47 33.92
N PHE B 1087 1.62 45.35 33.72
CA PHE B 1087 1.43 46.48 32.83
C PHE B 1087 2.78 46.97 32.36
N GLY B 1088 3.03 46.91 31.06
CA GLY B 1088 4.29 47.39 30.54
C GLY B 1088 4.43 47.26 29.03
N PRO B 1089 5.52 47.81 28.50
CA PRO B 1089 5.79 47.70 27.08
C PRO B 1089 6.48 46.41 26.70
N THR B 1090 5.91 45.71 25.73
CA THR B 1090 6.50 44.48 25.23
C THR B 1090 6.63 44.56 23.71
N TYR B 1091 7.69 43.96 23.20
CA TYR B 1091 7.97 44.01 21.77
C TYR B 1091 7.08 43.00 21.05
N TYR B 1092 6.11 43.49 20.29
CA TYR B 1092 5.32 42.67 19.38
C TYR B 1092 5.72 42.91 17.94
N GLN B 1093 5.07 42.18 17.05
CA GLN B 1093 5.34 42.22 15.62
C GLN B 1093 4.16 41.61 14.88
N ARG B 1094 3.55 42.40 14.01
CA ARG B 1094 2.36 41.95 13.29
C ARG B 1094 2.71 40.75 12.42
N LEU B 1095 1.72 39.93 12.12
CA LEU B 1095 1.93 38.77 11.28
C LEU B 1095 1.18 38.92 9.96
N ARG B 1096 1.63 38.17 8.96
CA ARG B 1096 1.21 38.34 7.58
C ARG B 1096 -0.23 37.94 7.31
N HIS B 1097 -0.85 37.14 8.17
CA HIS B 1097 -2.14 36.53 7.87
C HIS B 1097 -3.25 37.50 8.20
N MET B 1098 -3.45 38.50 7.35
CA MET B 1098 -4.60 39.37 7.52
C MET B 1098 -5.87 38.56 7.29
N VAL B 1099 -6.97 39.01 7.88
CA VAL B 1099 -8.22 38.26 7.82
C VAL B 1099 -8.72 38.22 6.39
N ASP B 1100 -8.75 39.36 5.72
CA ASP B 1100 -9.43 39.45 4.43
C ASP B 1100 -8.79 38.55 3.39
N ASP B 1101 -7.54 38.16 3.55
CA ASP B 1101 -6.95 37.21 2.61
C ASP B 1101 -7.64 35.86 2.65
N LYS B 1102 -8.37 35.56 3.73
CA LYS B 1102 -8.97 34.25 3.91
C LYS B 1102 -10.48 34.25 3.80
N ILE B 1103 -11.15 35.37 4.02
CA ILE B 1103 -12.60 35.42 3.88
C ILE B 1103 -12.99 34.93 2.50
N HIS B 1104 -14.17 34.34 2.39
CA HIS B 1104 -14.60 33.73 1.14
C HIS B 1104 -16.08 33.42 1.19
N ALA B 1105 -16.69 33.31 0.01
CA ALA B 1105 -18.07 32.88 -0.11
C ALA B 1105 -18.24 32.19 -1.44
N ARG B 1106 -19.37 31.51 -1.61
CA ARG B 1106 -19.69 30.92 -2.90
C ARG B 1106 -21.18 30.61 -2.98
N ALA B 1107 -21.87 31.30 -3.88
CA ALA B 1107 -23.25 30.96 -4.21
C ALA B 1107 -23.30 30.07 -5.44
N ARG B 1108 -22.71 30.53 -6.54
CA ARG B 1108 -22.58 29.75 -7.76
C ARG B 1108 -21.45 30.35 -8.57
N GLY B 1109 -20.90 29.56 -9.48
CA GLY B 1109 -19.80 30.05 -10.27
C GLY B 1109 -19.16 28.99 -11.14
N PRO B 1110 -17.88 29.17 -11.45
CA PRO B 1110 -17.22 28.25 -12.38
C PRO B 1110 -17.23 26.83 -11.87
N VAL B 1111 -17.40 25.90 -12.82
CA VAL B 1111 -17.44 24.48 -12.54
C VAL B 1111 -16.45 23.78 -13.47
N GLN B 1112 -15.77 22.78 -12.94
CA GLN B 1112 -14.85 22.01 -13.76
C GLN B 1112 -15.59 21.42 -14.95
N VAL B 1113 -15.04 21.61 -16.14
CA VAL B 1113 -15.66 21.08 -17.35
C VAL B 1113 -15.69 19.55 -17.28
N LEU B 1114 -14.61 18.95 -16.79
CA LEU B 1114 -14.51 17.50 -16.78
C LEU B 1114 -15.62 16.87 -15.96
N THR B 1115 -15.99 17.50 -14.84
CA THR B 1115 -16.88 16.89 -13.86
C THR B 1115 -18.15 17.66 -13.59
N ARG B 1116 -18.30 18.87 -14.11
CA ARG B 1116 -19.45 19.72 -13.79
C ARG B 1116 -19.54 19.97 -12.29
N GLN B 1117 -18.38 20.16 -11.66
CA GLN B 1117 -18.27 20.44 -10.23
C GLN B 1117 -17.55 21.76 -10.00
N PRO B 1118 -17.85 22.46 -8.90
CA PRO B 1118 -17.25 23.77 -8.67
C PRO B 1118 -15.73 23.70 -8.58
N VAL B 1119 -15.08 24.77 -9.01
CA VAL B 1119 -13.63 24.84 -9.09
C VAL B 1119 -13.03 24.91 -7.70
N GLU B 1120 -11.71 24.77 -7.62
CA GLU B 1120 -10.97 24.80 -6.35
C GLU B 1120 -10.24 26.13 -6.20
N GLY B 1121 -10.28 26.68 -5.00
CA GLY B 1121 -9.48 27.85 -4.67
C GLY B 1121 -10.29 29.10 -4.45
N ARG B 1122 -9.88 29.91 -3.47
CA ARG B 1122 -10.58 31.16 -3.22
C ARG B 1122 -10.46 32.09 -4.41
N SER B 1123 -9.25 32.25 -4.95
CA SER B 1123 -9.04 33.21 -6.02
C SER B 1123 -9.95 32.97 -7.21
N ARG B 1124 -10.35 31.72 -7.45
CA ARG B 1124 -11.18 31.39 -8.60
C ARG B 1124 -12.64 31.15 -8.20
N ASP B 1125 -13.05 31.64 -7.03
CA ASP B 1125 -14.40 31.45 -6.54
C ASP B 1125 -14.66 29.99 -6.18
N GLY B 1126 -13.59 29.28 -5.85
CA GLY B 1126 -13.70 27.86 -5.57
C GLY B 1126 -14.72 27.56 -4.50
N GLY B 1127 -15.06 26.27 -4.41
CA GLY B 1127 -15.94 25.76 -3.37
C GLY B 1127 -15.16 24.85 -2.45
N LEU B 1128 -15.48 24.92 -1.15
CA LEU B 1128 -14.76 24.14 -0.16
C LEU B 1128 -15.12 22.66 -0.27
N ARG B 1129 -14.20 21.82 0.20
CA ARG B 1129 -14.33 20.39 0.05
C ARG B 1129 -15.25 19.86 1.15
N PHE B 1130 -16.21 19.03 0.74
CA PHE B 1130 -17.13 18.37 1.68
C PHE B 1130 -16.53 17.00 1.94
N GLY B 1131 -15.42 16.98 2.68
CA GLY B 1131 -14.55 15.83 2.72
C GLY B 1131 -15.16 14.64 3.44
N GLU B 1132 -14.46 13.51 3.31
CA GLU B 1132 -14.92 12.26 3.90
C GLU B 1132 -15.46 12.48 5.31
N MET B 1133 -14.62 13.01 6.20
CA MET B 1133 -15.01 13.08 7.60
C MET B 1133 -16.30 13.88 7.76
N GLU B 1134 -16.51 14.90 6.93
CA GLU B 1134 -17.76 15.63 7.01
C GLU B 1134 -18.93 14.74 6.66
N ARG B 1135 -18.77 13.92 5.63
CA ARG B 1135 -19.82 12.96 5.29
C ARG B 1135 -20.09 12.03 6.47
N ASP B 1136 -19.03 11.54 7.11
CA ASP B 1136 -19.23 10.60 8.21
C ASP B 1136 -19.93 11.26 9.38
N CYS B 1137 -19.54 12.48 9.73
CA CYS B 1137 -20.23 13.19 10.81
C CYS B 1137 -21.70 13.39 10.47
N MET B 1138 -21.98 13.79 9.23
CA MET B 1138 -23.35 13.95 8.81
C MET B 1138 -24.13 12.65 8.94
N ILE B 1139 -23.53 11.54 8.54
CA ILE B 1139 -24.18 10.25 8.71
C ILE B 1139 -24.47 10.00 10.18
N ALA B 1140 -23.47 10.20 11.03
CA ALA B 1140 -23.64 9.93 12.45
C ALA B 1140 -24.81 10.72 13.01
N HIS B 1141 -24.93 11.99 12.66
CA HIS B 1141 -26.09 12.76 13.08
C HIS B 1141 -27.35 12.28 12.38
N GLY B 1142 -27.26 11.27 11.53
CA GLY B 1142 -28.44 10.64 10.99
C GLY B 1142 -29.31 11.54 10.16
N ALA B 1143 -28.73 12.56 9.54
CA ALA B 1143 -29.50 13.47 8.68
C ALA B 1143 -29.33 13.01 7.24
N ALA B 1144 -30.37 12.37 6.71
CA ALA B 1144 -30.25 11.78 5.37
C ALA B 1144 -30.49 12.80 4.27
N GLY B 1145 -31.69 13.39 4.23
CA GLY B 1145 -32.03 14.24 3.09
C GLY B 1145 -31.06 15.38 2.89
N PHE B 1146 -30.60 15.97 3.99
CA PHE B 1146 -29.61 17.03 3.87
C PHE B 1146 -28.37 16.53 3.16
N LEU B 1147 -27.86 15.37 3.56
CA LEU B 1147 -26.68 14.84 2.90
C LEU B 1147 -26.97 14.58 1.42
N LYS B 1148 -28.13 13.98 1.14
CA LYS B 1148 -28.52 13.79 -0.25
C LYS B 1148 -28.35 15.07 -1.04
N GLU B 1149 -29.10 16.12 -0.67
CA GLU B 1149 -29.10 17.31 -1.51
C GLU B 1149 -27.75 18.00 -1.50
N ARG B 1150 -27.06 18.01 -0.37
CA ARG B 1150 -25.73 18.60 -0.33
C ARG B 1150 -24.81 17.93 -1.32
N LEU B 1151 -25.05 16.65 -1.60
CA LEU B 1151 -24.28 15.96 -2.63
C LEU B 1151 -24.98 15.89 -3.97
N MET B 1152 -26.17 16.48 -4.10
CA MET B 1152 -26.91 16.43 -5.36
C MET B 1152 -27.16 17.81 -5.95
N GLU B 1153 -27.89 18.69 -5.25
CA GLU B 1153 -28.31 19.95 -5.87
C GLU B 1153 -27.22 21.02 -5.73
N ALA B 1154 -26.49 21.02 -4.62
CA ALA B 1154 -25.36 21.90 -4.42
C ALA B 1154 -24.10 21.38 -5.09
N SER B 1155 -24.24 20.42 -5.99
CA SER B 1155 -23.14 19.83 -6.73
C SER B 1155 -23.66 19.40 -8.08
N ASP B 1156 -22.94 18.52 -8.75
CA ASP B 1156 -23.18 18.21 -10.17
C ASP B 1156 -24.50 17.48 -10.31
N ALA B 1157 -25.59 18.23 -10.28
CA ALA B 1157 -26.91 17.66 -10.53
C ALA B 1157 -27.09 17.38 -12.00
N PHE B 1158 -27.51 16.16 -12.33
CA PHE B 1158 -27.56 15.74 -13.72
C PHE B 1158 -28.68 14.74 -13.90
N ARG B 1159 -29.16 14.65 -15.14
CA ARG B 1159 -30.22 13.73 -15.51
C ARG B 1159 -29.73 12.84 -16.65
N VAL B 1160 -30.27 11.63 -16.71
CA VAL B 1160 -29.93 10.68 -17.76
C VAL B 1160 -31.17 9.85 -18.10
N HIS B 1161 -31.03 9.03 -19.12
CA HIS B 1161 -32.06 8.08 -19.51
C HIS B 1161 -31.45 6.69 -19.62
N VAL B 1162 -32.27 5.67 -19.38
CA VAL B 1162 -31.80 4.29 -19.44
C VAL B 1162 -32.83 3.43 -20.15
N CYS B 1163 -32.33 2.35 -20.75
CA CYS B 1163 -33.18 1.33 -21.36
C CYS B 1163 -33.50 0.27 -20.31
N GLY B 1164 -34.78 -0.06 -20.18
CA GLY B 1164 -35.18 -1.03 -19.18
C GLY B 1164 -34.79 -2.46 -19.50
N ILE B 1165 -34.30 -2.72 -20.70
CA ILE B 1165 -33.95 -4.09 -21.08
C ILE B 1165 -32.47 -4.33 -20.82
N CYS B 1166 -31.60 -3.65 -21.57
CA CYS B 1166 -30.18 -3.76 -21.28
C CYS B 1166 -29.85 -3.10 -19.97
N GLY B 1167 -30.67 -2.13 -19.55
CA GLY B 1167 -30.43 -1.41 -18.31
C GLY B 1167 -29.42 -0.30 -18.42
N LEU B 1168 -28.88 -0.03 -19.61
CA LEU B 1168 -27.80 0.91 -19.77
C LEU B 1168 -28.35 2.30 -20.11
N MET B 1169 -27.44 3.28 -20.17
CA MET B 1169 -27.78 4.68 -20.39
C MET B 1169 -27.82 5.02 -21.88
N SER B 1170 -27.62 4.02 -22.72
CA SER B 1170 -27.37 4.24 -24.14
C SER B 1170 -28.58 4.77 -24.89
N VAL B 1171 -29.75 4.80 -24.27
CA VAL B 1171 -30.97 5.20 -24.96
C VAL B 1171 -30.71 6.53 -25.65
N ILE B 1172 -30.81 6.54 -26.98
CA ILE B 1172 -30.69 7.78 -27.73
C ILE B 1172 -32.05 8.47 -27.67
N ALA B 1173 -32.08 9.65 -27.09
CA ALA B 1173 -33.31 10.40 -26.90
C ALA B 1173 -33.12 11.81 -27.42
N ASN B 1174 -34.18 12.37 -27.99
CA ASN B 1174 -34.22 13.77 -28.37
C ASN B 1174 -35.48 14.39 -27.78
N LEU B 1175 -35.30 15.09 -26.66
CA LEU B 1175 -36.39 15.54 -25.81
C LEU B 1175 -37.40 16.38 -26.57
N LYS B 1176 -36.98 17.53 -27.11
CA LYS B 1176 -37.89 18.36 -27.88
C LYS B 1176 -38.52 17.58 -29.02
N LYS B 1177 -37.77 16.67 -29.64
CA LYS B 1177 -38.30 15.83 -30.70
C LYS B 1177 -39.21 14.73 -30.17
N ASN B 1178 -39.22 14.51 -28.84
CA ASN B 1178 -40.14 13.55 -28.22
C ASN B 1178 -39.99 12.16 -28.83
N GLN B 1179 -38.75 11.69 -28.95
CA GLN B 1179 -38.47 10.36 -29.45
C GLN B 1179 -37.50 9.66 -28.50
N PHE B 1180 -37.51 8.33 -28.54
CA PHE B 1180 -36.64 7.53 -27.70
C PHE B 1180 -36.36 6.21 -28.41
N GLU B 1181 -35.16 5.66 -28.19
CA GLU B 1181 -34.83 4.34 -28.71
C GLU B 1181 -33.52 3.86 -28.11
N CYS B 1182 -33.39 2.55 -27.95
CA CYS B 1182 -32.11 1.92 -27.58
C CYS B 1182 -31.63 1.15 -28.80
N ARG B 1183 -30.48 1.54 -29.34
CA ARG B 1183 -30.01 0.92 -30.58
C ARG B 1183 -29.83 -0.58 -30.42
N SER B 1184 -29.09 -1.00 -29.40
CA SER B 1184 -28.86 -2.43 -29.22
C SER B 1184 -30.16 -3.17 -28.97
N CYS B 1185 -31.03 -2.59 -28.13
CA CYS B 1185 -32.28 -3.26 -27.75
C CYS B 1185 -33.43 -2.95 -28.69
N LYS B 1186 -33.27 -2.04 -29.64
CA LYS B 1186 -34.37 -1.67 -30.53
C LYS B 1186 -35.58 -1.24 -29.71
N ASN B 1187 -35.31 -0.57 -28.60
CA ASN B 1187 -36.26 -0.39 -27.50
C ASN B 1187 -36.78 1.04 -27.47
N LYS B 1188 -38.10 1.20 -27.68
CA LYS B 1188 -38.72 2.52 -27.78
C LYS B 1188 -39.70 2.84 -26.65
N THR B 1189 -40.08 1.88 -25.84
CA THR B 1189 -41.09 2.16 -24.81
C THR B 1189 -40.57 1.93 -23.40
N ASN B 1190 -39.66 0.99 -23.20
CA ASN B 1190 -39.10 0.72 -21.88
C ASN B 1190 -37.90 1.63 -21.64
N ILE B 1191 -38.22 2.89 -21.34
CA ILE B 1191 -37.21 3.92 -21.09
C ILE B 1191 -37.62 4.71 -19.86
N TYR B 1192 -36.65 5.00 -19.00
CA TYR B 1192 -36.85 5.81 -17.82
C TYR B 1192 -35.83 6.94 -17.80
N GLN B 1193 -35.93 7.80 -16.79
CA GLN B 1193 -34.92 8.82 -16.54
C GLN B 1193 -34.56 8.83 -15.06
N LEU B 1194 -33.27 8.94 -14.77
CA LEU B 1194 -32.76 8.96 -13.41
C LEU B 1194 -31.89 10.19 -13.20
N HIS B 1195 -31.93 10.72 -12.00
CA HIS B 1195 -31.16 11.90 -11.62
C HIS B 1195 -29.96 11.41 -10.81
N ILE B 1196 -28.76 11.67 -11.32
CA ILE B 1196 -27.56 11.18 -10.65
C ILE B 1196 -26.47 12.23 -10.70
N PRO B 1197 -25.50 12.19 -9.78
CA PRO B 1197 -24.37 13.11 -9.87
C PRO B 1197 -23.61 12.92 -11.18
N TYR B 1198 -23.27 14.04 -11.81
CA TYR B 1198 -22.54 13.95 -13.07
C TYR B 1198 -21.26 13.16 -12.91
N ALA B 1199 -20.59 13.29 -11.76
CA ALA B 1199 -19.39 12.50 -11.53
C ALA B 1199 -19.71 11.02 -11.58
N ALA B 1200 -20.90 10.63 -11.12
CA ALA B 1200 -21.26 9.22 -11.17
C ALA B 1200 -21.38 8.73 -12.60
N LYS B 1201 -22.05 9.49 -13.45
CA LYS B 1201 -22.17 9.09 -14.85
C LYS B 1201 -20.79 9.06 -15.51
N LEU B 1202 -19.94 10.04 -15.18
CA LEU B 1202 -18.57 10.01 -15.66
C LEU B 1202 -17.89 8.71 -15.27
N LEU B 1203 -18.06 8.30 -14.01
CA LEU B 1203 -17.42 7.07 -13.57
C LEU B 1203 -17.96 5.87 -14.32
N PHE B 1204 -19.27 5.84 -14.56
CA PHE B 1204 -19.83 4.74 -15.33
C PHE B 1204 -19.24 4.69 -16.73
N GLN B 1205 -19.11 5.83 -17.39
CA GLN B 1205 -18.57 5.80 -18.74
C GLN B 1205 -17.10 5.42 -18.74
N GLU B 1206 -16.30 5.98 -17.83
CA GLU B 1206 -14.91 5.55 -17.71
C GLU B 1206 -14.85 4.05 -17.49
N LEU B 1207 -15.80 3.50 -16.76
CA LEU B 1207 -15.81 2.05 -16.54
C LEU B 1207 -16.12 1.30 -17.83
N MET B 1208 -17.18 1.67 -18.53
CA MET B 1208 -17.60 0.88 -19.69
C MET B 1208 -16.66 1.10 -20.86
N ALA B 1209 -15.75 2.06 -20.73
CA ALA B 1209 -14.58 2.06 -21.58
C ALA B 1209 -13.50 1.11 -21.07
N MET B 1210 -13.67 0.57 -19.86
CA MET B 1210 -12.75 -0.45 -19.35
C MET B 1210 -13.33 -1.84 -19.51
N ASN B 1211 -14.29 -2.00 -20.41
CA ASN B 1211 -14.89 -3.29 -20.71
C ASN B 1211 -15.84 -3.76 -19.61
N ILE B 1212 -16.10 -2.91 -18.62
CA ILE B 1212 -16.94 -3.26 -17.48
C ILE B 1212 -18.24 -2.48 -17.60
N ALA B 1213 -19.36 -3.19 -17.69
CA ALA B 1213 -20.64 -2.56 -18.03
C ALA B 1213 -21.60 -2.62 -16.86
N PRO B 1214 -21.73 -1.57 -16.07
CA PRO B 1214 -22.78 -1.52 -15.05
C PRO B 1214 -24.16 -1.29 -15.63
N ARG B 1215 -25.04 -2.27 -15.47
CA ARG B 1215 -26.40 -2.17 -15.98
C ARG B 1215 -27.31 -1.75 -14.84
N LEU B 1216 -28.15 -0.76 -15.08
CA LEU B 1216 -28.93 -0.11 -14.04
C LEU B 1216 -30.38 -0.58 -14.11
N TYR B 1217 -30.84 -1.25 -13.07
CA TYR B 1217 -32.18 -1.80 -13.02
C TYR B 1217 -32.95 -1.15 -11.88
N THR B 1218 -34.18 -0.73 -12.18
CA THR B 1218 -35.01 -0.03 -11.23
C THR B 1218 -35.92 -0.95 -10.42
N GLU B 1219 -35.76 -2.26 -10.55
CA GLU B 1219 -36.57 -3.21 -9.79
C GLU B 1219 -35.68 -4.35 -9.30
N ARG B 1220 -35.86 -4.73 -8.04
CA ARG B 1220 -35.07 -5.83 -7.50
C ARG B 1220 -35.59 -7.16 -8.04
N SER B 1221 -34.71 -8.16 -7.99
CA SER B 1221 -35.02 -9.51 -8.47
C SER B 1221 -35.11 -10.51 -7.33
N GLY B 1222 -34.10 -10.60 -6.49
CA GLY B 1222 -34.09 -11.54 -5.38
C GLY B 1222 -32.74 -11.58 -4.71
N GLU C 4 -23.51 72.13 45.82
CA GLU C 4 -22.73 71.12 46.59
C GLU C 4 -21.35 70.83 45.99
N PRO C 5 -21.29 70.64 44.67
CA PRO C 5 -19.99 70.33 44.04
C PRO C 5 -18.96 71.41 44.34
N LYS C 6 -17.72 70.97 44.56
CA LYS C 6 -16.62 71.88 44.83
C LYS C 6 -15.58 71.79 43.72
N VAL C 7 -14.56 72.63 43.83
CA VAL C 7 -13.44 72.66 42.89
C VAL C 7 -12.24 73.25 43.62
N ASN C 8 -11.05 72.74 43.31
CA ASN C 8 -9.82 73.31 43.84
C ASN C 8 -8.68 73.02 42.87
N ILE C 9 -8.36 73.99 42.02
CA ILE C 9 -7.25 73.84 41.08
C ILE C 9 -5.94 73.91 41.85
N ILE C 10 -5.00 73.04 41.50
CA ILE C 10 -3.75 72.92 42.25
C ILE C 10 -2.63 73.57 41.45
N ASN C 11 -2.57 73.27 40.15
CA ASN C 11 -1.63 73.89 39.24
C ASN C 11 -2.31 74.08 37.90
N ALA C 12 -2.37 75.32 37.43
CA ALA C 12 -3.02 75.67 36.17
C ALA C 12 -1.96 76.04 35.15
N GLN C 13 -2.33 76.00 33.88
CA GLN C 13 -1.40 76.28 32.79
C GLN C 13 -2.21 76.33 31.50
N ASP C 14 -1.54 76.63 30.39
CA ASP C 14 -2.24 76.64 29.11
C ASP C 14 -2.78 75.25 28.78
N ASP C 15 -1.95 74.23 28.93
CA ASP C 15 -2.31 72.88 28.50
C ASP C 15 -2.72 72.00 29.68
N GLU C 16 -1.85 71.83 30.66
CA GLU C 16 -2.07 70.88 31.74
C GLU C 16 -2.79 71.57 32.90
N VAL C 17 -3.87 70.94 33.36
CA VAL C 17 -4.59 71.34 34.56
C VAL C 17 -4.47 70.22 35.58
N GLU C 18 -4.04 70.55 36.78
CA GLU C 18 -3.92 69.59 37.87
C GLU C 18 -4.78 70.11 39.02
N LEU C 19 -6.01 69.61 39.10
CA LEU C 19 -6.99 70.12 40.04
C LEU C 19 -7.37 69.04 41.05
N MET C 20 -8.37 69.36 41.86
CA MET C 20 -8.99 68.42 42.77
C MET C 20 -10.49 68.63 42.75
N LEU C 21 -11.23 67.63 42.31
CA LEU C 21 -12.69 67.65 42.30
C LEU C 21 -13.19 66.75 43.42
N SER C 22 -14.10 67.29 44.25
CA SER C 22 -14.64 66.54 45.36
C SER C 22 -16.14 66.78 45.47
N ASP C 23 -16.80 65.90 46.22
CA ASP C 23 -18.21 66.06 46.56
C ASP C 23 -19.10 65.90 45.34
N VAL C 24 -18.80 64.90 44.52
CA VAL C 24 -19.63 64.55 43.37
C VAL C 24 -19.52 63.06 43.14
N ASN C 25 -20.62 62.48 42.64
CA ASN C 25 -20.65 61.04 42.42
C ASN C 25 -19.51 60.60 41.52
N LEU C 26 -18.82 59.54 41.94
CA LEU C 26 -17.74 59.01 41.13
C LEU C 26 -18.21 58.72 39.71
N SER C 27 -19.46 58.27 39.58
CA SER C 27 -20.03 58.13 38.25
C SER C 27 -19.88 59.42 37.46
N LEU C 28 -20.15 60.56 38.12
CA LEU C 28 -20.10 61.83 37.40
C LEU C 28 -18.68 62.18 36.98
N ALA C 29 -17.70 62.01 37.87
CA ALA C 29 -16.33 62.31 37.50
C ALA C 29 -15.88 61.43 36.34
N ASN C 30 -16.19 60.15 36.41
CA ASN C 30 -15.79 59.25 35.32
C ASN C 30 -16.47 59.62 34.02
N SER C 31 -17.77 59.95 34.07
CA SER C 31 -18.48 60.31 32.85
C SER C 31 -17.95 61.60 32.27
N LEU C 32 -17.57 62.55 33.12
CA LEU C 32 -16.95 63.77 32.62
C LEU C 32 -15.64 63.46 31.93
N ARG C 33 -14.79 62.67 32.58
CA ARG C 33 -13.55 62.26 31.93
C ARG C 33 -13.83 61.63 30.58
N ARG C 34 -14.74 60.67 30.52
CA ARG C 34 -15.05 60.01 29.27
C ARG C 34 -15.53 61.00 28.23
N THR C 35 -16.52 61.82 28.56
CA THR C 35 -17.14 62.70 27.57
C THR C 35 -16.11 63.67 27.01
N MET C 36 -15.27 64.25 27.87
CA MET C 36 -14.29 65.19 27.37
C MET C 36 -13.16 64.50 26.63
N LEU C 37 -12.93 63.20 26.90
CA LEU C 37 -12.01 62.45 26.06
C LEU C 37 -12.62 62.13 24.70
N ALA C 38 -13.94 62.05 24.61
CA ALA C 38 -14.59 61.52 23.42
C ALA C 38 -15.52 62.51 22.73
N GLU C 39 -16.22 63.35 23.49
CA GLU C 39 -17.35 64.10 22.94
C GLU C 39 -17.11 65.61 22.96
N VAL C 40 -15.90 66.05 22.61
CA VAL C 40 -15.57 67.47 22.51
C VAL C 40 -15.45 67.82 21.03
N PRO C 41 -16.44 68.47 20.43
CA PRO C 41 -16.31 68.81 19.01
C PRO C 41 -15.06 69.64 18.76
N THR C 42 -14.37 69.33 17.67
CA THR C 42 -13.12 69.99 17.34
C THR C 42 -13.00 70.06 15.82
N LEU C 43 -11.81 70.41 15.35
CA LEU C 43 -11.54 70.58 13.93
C LEU C 43 -10.21 69.93 13.58
N ALA C 44 -10.20 69.13 12.52
CA ALA C 44 -8.98 68.50 12.06
C ALA C 44 -9.13 68.18 10.58
N ILE C 45 -8.00 67.86 9.95
CA ILE C 45 -7.98 67.65 8.51
C ILE C 45 -8.86 66.46 8.17
N ASP C 46 -9.72 66.63 7.17
CA ASP C 46 -10.64 65.59 6.74
C ASP C 46 -10.43 65.10 5.33
N LEU C 47 -10.39 65.97 4.34
CA LEU C 47 -10.23 65.58 2.95
C LEU C 47 -8.94 66.17 2.42
N VAL C 48 -8.00 65.29 2.09
CA VAL C 48 -6.71 65.70 1.55
C VAL C 48 -6.76 65.43 0.05
N GLU C 49 -6.72 66.50 -0.74
CA GLU C 49 -6.78 66.40 -2.19
C GLU C 49 -5.38 66.74 -2.70
N ILE C 50 -4.70 65.75 -3.28
CA ILE C 50 -3.30 65.91 -3.65
C ILE C 50 -3.23 66.26 -5.13
N LYS C 51 -2.85 67.50 -5.43
CA LYS C 51 -2.67 67.90 -6.82
C LYS C 51 -1.53 67.11 -7.46
N MET C 52 -0.44 66.91 -6.72
CA MET C 52 0.69 66.14 -7.22
C MET C 52 1.65 65.88 -6.08
N ASN C 53 2.45 64.82 -6.20
CA ASN C 53 3.43 64.46 -5.19
C ASN C 53 4.64 63.85 -5.86
N THR C 54 5.81 64.05 -5.24
CA THR C 54 7.06 63.47 -5.72
C THR C 54 7.92 62.96 -4.57
N SER C 55 7.34 62.80 -3.39
CA SER C 55 8.11 62.38 -2.23
C SER C 55 8.23 60.86 -2.20
N VAL C 56 9.01 60.36 -1.25
CA VAL C 56 9.20 58.93 -1.09
C VAL C 56 8.15 58.38 -0.14
N LEU C 57 7.18 59.20 0.23
CA LEU C 57 6.14 58.82 1.17
C LEU C 57 4.84 58.61 0.43
N ALA C 58 4.18 57.49 0.71
CA ALA C 58 2.93 57.18 0.03
C ALA C 58 1.90 58.26 0.30
N ASP C 59 1.09 58.53 -0.71
CA ASP C 59 0.09 59.58 -0.61
C ASP C 59 -0.82 59.34 0.59
N GLU C 60 -1.27 58.10 0.77
CA GLU C 60 -2.02 57.76 1.98
C GLU C 60 -1.22 58.09 3.23
N PHE C 61 0.09 57.87 3.20
CA PHE C 61 0.90 58.14 4.38
C PHE C 61 0.84 59.61 4.76
N ILE C 62 0.90 60.50 3.77
CA ILE C 62 0.79 61.92 4.07
C ILE C 62 -0.62 62.26 4.52
N SER C 63 -1.63 61.80 3.79
CA SER C 63 -3.01 62.09 4.18
C SER C 63 -3.23 61.71 5.64
N HIS C 64 -2.69 60.55 6.04
CA HIS C 64 -2.74 60.17 7.44
C HIS C 64 -2.00 61.18 8.31
N ARG C 65 -0.73 61.46 8.00
CA ARG C 65 0.04 62.36 8.85
C ARG C 65 -0.69 63.67 9.06
N LEU C 66 -1.37 64.15 8.01
CA LEU C 66 -2.16 65.37 8.13
C LEU C 66 -3.36 65.15 9.05
N GLY C 67 -3.91 63.94 9.06
CA GLY C 67 -5.06 63.69 9.89
C GLY C 67 -4.82 63.98 11.36
N LEU C 68 -3.56 63.88 11.79
CA LEU C 68 -3.22 64.06 13.20
C LEU C 68 -2.81 65.48 13.54
N ILE C 69 -2.76 66.38 12.58
CA ILE C 69 -2.24 67.71 12.85
C ILE C 69 -3.26 68.47 13.67
N PRO C 70 -2.91 68.98 14.85
CA PRO C 70 -3.91 69.69 15.67
C PRO C 70 -4.21 71.07 15.08
N LEU C 71 -5.49 71.40 15.01
CA LEU C 71 -5.95 72.67 14.46
C LEU C 71 -6.57 73.51 15.57
N VAL C 72 -6.14 74.77 15.65
CA VAL C 72 -6.77 75.69 16.57
C VAL C 72 -8.26 75.71 16.30
N SER C 73 -9.05 75.31 17.29
CA SER C 73 -10.49 75.13 17.14
C SER C 73 -11.24 75.92 18.18
N GLU C 74 -10.65 77.04 18.62
CA GLU C 74 -11.22 77.81 19.71
C GLU C 74 -12.63 78.31 19.41
N ASP C 75 -13.00 78.42 18.13
CA ASP C 75 -14.32 78.88 17.74
C ASP C 75 -15.09 77.80 17.00
N VAL C 76 -14.62 76.55 17.06
CA VAL C 76 -15.33 75.47 16.37
C VAL C 76 -16.77 75.38 16.80
N GLU C 77 -17.08 75.76 18.05
CA GLU C 77 -18.45 75.64 18.54
C GLU C 77 -19.42 76.37 17.63
N GLU C 78 -18.95 77.43 16.98
CA GLU C 78 -19.77 78.18 16.05
C GLU C 78 -19.96 77.45 14.73
N MET C 79 -18.99 76.64 14.32
CA MET C 79 -19.04 75.96 13.04
C MET C 79 -20.05 74.83 13.09
N LYS C 80 -20.97 74.83 12.13
CA LYS C 80 -21.99 73.78 12.05
C LYS C 80 -21.36 72.46 11.61
N TYR C 81 -22.14 71.39 11.73
CA TYR C 81 -21.68 70.10 11.26
C TYR C 81 -21.78 70.03 9.75
N SER C 82 -20.70 69.60 9.11
CA SER C 82 -20.74 69.45 7.66
C SER C 82 -21.84 68.50 7.23
N ARG C 83 -22.23 67.56 8.09
CA ARG C 83 -23.34 66.67 7.75
C ARG C 83 -24.64 67.45 7.64
N ASP C 84 -24.84 68.43 8.52
CA ASP C 84 -26.10 69.16 8.59
C ASP C 84 -26.12 70.42 7.74
N CYS C 85 -24.97 71.01 7.45
CA CYS C 85 -24.96 72.25 6.68
C CYS C 85 -25.65 72.05 5.34
N THR C 86 -26.46 73.03 4.96
CA THR C 86 -27.33 72.90 3.79
C THR C 86 -26.63 73.25 2.49
N CYS C 87 -25.44 73.82 2.54
CA CYS C 87 -24.76 74.26 1.34
C CYS C 87 -24.50 73.08 0.41
N GLU C 88 -24.55 73.34 -0.89
CA GLU C 88 -24.14 72.35 -1.87
C GLU C 88 -22.61 72.24 -1.87
N ASP C 89 -22.12 71.01 -1.86
CA ASP C 89 -20.69 70.77 -1.62
C ASP C 89 -20.39 71.41 -0.26
N TYR C 90 -19.14 71.75 0.01
CA TYR C 90 -18.78 72.44 1.23
C TYR C 90 -18.92 73.95 1.06
N CYS C 91 -18.98 74.65 2.18
CA CYS C 91 -18.93 76.10 2.20
C CYS C 91 -17.92 76.56 3.25
N ASP C 92 -17.60 77.86 3.21
CA ASP C 92 -16.69 78.45 4.17
C ASP C 92 -17.31 78.57 5.56
N GLU C 93 -18.61 78.31 5.69
CA GLU C 93 -19.27 78.26 6.99
C GLU C 93 -19.43 76.85 7.51
N CYS C 94 -18.98 75.84 6.77
CA CYS C 94 -18.96 74.46 7.24
C CYS C 94 -17.65 73.77 6.89
N SER C 95 -16.61 74.53 6.58
CA SER C 95 -15.35 73.93 6.16
C SER C 95 -14.28 75.01 6.14
N VAL C 96 -13.11 74.66 6.66
CA VAL C 96 -11.96 75.56 6.70
C VAL C 96 -10.89 74.96 5.81
N VAL C 97 -10.54 75.67 4.74
CA VAL C 97 -9.65 75.16 3.71
C VAL C 97 -8.22 75.56 4.06
N LEU C 98 -7.34 74.58 4.10
CA LEU C 98 -5.91 74.80 4.27
C LEU C 98 -5.17 74.16 3.10
N GLU C 99 -4.13 74.85 2.63
CA GLU C 99 -3.34 74.35 1.52
C GLU C 99 -1.87 74.43 1.88
N LEU C 100 -1.12 73.42 1.47
CA LEU C 100 0.34 73.44 1.57
C LEU C 100 0.92 73.15 0.19
N SER C 101 1.95 73.91 -0.14
CA SER C 101 2.70 73.71 -1.38
C SER C 101 4.15 74.07 -1.06
N ALA C 102 4.96 73.05 -0.79
CA ALA C 102 6.35 73.26 -0.44
C ALA C 102 7.22 72.55 -1.47
N ARG C 103 8.49 72.93 -1.53
CA ARG C 103 9.38 72.40 -2.54
C ARG C 103 10.81 72.56 -2.05
N HIS C 104 11.69 71.74 -2.62
CA HIS C 104 13.12 71.91 -2.45
C HIS C 104 13.77 72.05 -3.82
N GLU C 105 14.85 72.82 -3.87
CA GLU C 105 15.62 73.00 -5.09
C GLU C 105 17.09 72.88 -4.76
N GLY C 106 17.87 72.51 -5.76
CA GLY C 106 19.30 72.32 -5.55
C GLY C 106 19.65 70.86 -5.33
N GLU C 107 20.87 70.51 -5.69
CA GLU C 107 21.33 69.12 -5.68
C GLU C 107 21.82 68.65 -4.33
N GLU C 108 21.92 69.53 -3.34
CA GLU C 108 22.50 69.17 -2.06
C GLU C 108 21.58 69.65 -0.95
N GLY C 109 21.71 69.04 0.22
CA GLY C 109 20.91 69.38 1.38
C GLY C 109 19.55 68.69 1.35
N THR C 110 18.85 68.81 2.47
CA THR C 110 17.52 68.23 2.60
C THR C 110 16.60 69.24 3.25
N THR C 111 15.49 69.51 2.59
CA THR C 111 14.44 70.38 3.12
C THR C 111 13.65 69.61 4.15
N ASP C 112 12.96 70.32 5.05
CA ASP C 112 12.18 69.69 6.11
C ASP C 112 10.87 70.46 6.23
N VAL C 113 9.86 70.00 5.51
CA VAL C 113 8.54 70.65 5.54
C VAL C 113 7.94 70.42 6.93
N TYR C 114 7.60 71.50 7.61
CA TYR C 114 7.03 71.43 8.94
C TYR C 114 5.56 71.84 8.91
N SER C 115 4.89 71.67 10.04
CA SER C 115 3.50 72.08 10.14
C SER C 115 3.34 73.57 9.88
N SER C 116 4.29 74.37 10.36
CA SER C 116 4.20 75.81 10.20
C SER C 116 3.99 76.21 8.74
N SER C 117 4.56 75.47 7.79
CA SER C 117 4.38 75.80 6.39
C SER C 117 2.94 75.68 5.93
N LEU C 118 2.08 75.02 6.70
CA LEU C 118 0.67 74.99 6.37
C LEU C 118 0.13 76.41 6.33
N ILE C 119 -0.91 76.63 5.54
CA ILE C 119 -1.49 77.96 5.34
C ILE C 119 -3.00 77.84 5.28
N LYS C 120 -3.68 78.83 5.86
CA LYS C 120 -5.13 78.91 5.80
C LYS C 120 -5.52 79.70 4.56
N VAL C 121 -6.34 79.10 3.71
CA VAL C 121 -6.80 79.79 2.52
C VAL C 121 -8.10 80.54 2.80
N SER C 122 -9.05 79.88 3.43
CA SER C 122 -10.32 80.50 3.78
C SER C 122 -10.73 80.02 5.16
N GLY C 123 -11.99 80.24 5.51
CA GLY C 123 -12.51 79.87 6.81
C GLY C 123 -13.52 80.88 7.28
N PRO C 124 -14.53 80.45 8.05
CA PRO C 124 -15.61 81.36 8.41
C PRO C 124 -15.12 82.43 9.36
N GLY C 125 -14.33 83.37 8.83
CA GLY C 125 -13.68 84.33 9.69
C GLY C 125 -14.65 85.29 10.34
N ASN C 126 -14.16 86.01 11.35
CA ASN C 126 -12.78 85.91 11.81
C ASN C 126 -12.65 84.84 12.89
N LEU C 127 -13.57 83.88 12.87
CA LEU C 127 -13.53 82.80 13.86
C LEU C 127 -12.13 82.21 13.93
N ASN C 128 -11.57 82.20 15.13
CA ASN C 128 -10.18 81.79 15.32
C ASN C 128 -10.07 80.27 15.17
N VAL C 129 -10.33 79.82 13.94
CA VAL C 129 -10.30 78.42 13.58
C VAL C 129 -9.43 78.25 12.33
N GLY C 130 -8.87 77.05 12.18
CA GLY C 130 -8.06 76.72 11.04
C GLY C 130 -6.56 76.81 11.28
N GLU C 131 -6.13 77.76 12.10
CA GLU C 131 -4.70 77.94 12.31
C GLU C 131 -4.11 76.69 12.98
N PRO C 132 -2.96 76.22 12.52
CA PRO C 132 -2.26 75.15 13.25
C PRO C 132 -1.67 75.66 14.54
N VAL C 133 -1.51 74.75 15.50
CA VAL C 133 -1.05 75.12 16.82
C VAL C 133 0.48 75.09 16.83
N ARG C 134 1.07 75.90 17.72
CA ARG C 134 2.51 75.90 17.93
C ARG C 134 2.80 76.14 19.40
N ARG C 135 3.86 75.52 19.92
CA ARG C 135 4.31 75.83 21.26
C ARG C 135 4.73 77.29 21.36
N ASP C 136 5.46 77.78 20.37
CA ASP C 136 6.01 79.12 20.38
C ASP C 136 5.80 79.71 19.01
N ASP C 137 6.43 80.86 18.75
CA ASP C 137 6.46 81.43 17.42
C ASP C 137 7.58 80.87 16.55
N TYR C 138 8.79 80.73 17.10
CA TYR C 138 9.92 80.19 16.36
C TYR C 138 9.99 78.66 16.42
N ASP C 139 9.14 78.03 17.21
CA ASP C 139 9.13 76.57 17.29
C ASP C 139 8.65 76.00 15.97
N GLN C 140 9.57 75.44 15.18
CA GLN C 140 9.19 74.93 13.87
C GLN C 140 8.01 74.00 13.96
N GLY C 141 8.07 73.02 14.86
CA GLY C 141 6.92 72.20 15.16
C GLY C 141 6.95 70.82 14.54
N ILE C 142 5.78 70.36 14.10
CA ILE C 142 5.60 68.99 13.66
C ILE C 142 6.32 68.77 12.34
N LEU C 143 6.96 67.62 12.21
CA LEU C 143 7.69 67.30 10.98
C LEU C 143 6.86 66.40 10.08
N LEU C 144 6.48 66.93 8.92
CA LEU C 144 5.59 66.23 8.00
C LEU C 144 6.36 65.40 6.98
N CYS C 145 7.57 65.82 6.61
CA CYS C 145 8.31 65.11 5.57
C CYS C 145 9.70 65.69 5.43
N LYS C 146 10.49 65.05 4.59
CA LYS C 146 11.78 65.58 4.14
C LYS C 146 11.82 65.51 2.63
N LEU C 147 12.35 66.56 2.00
CA LEU C 147 12.42 66.65 0.55
C LEU C 147 13.87 66.80 0.12
N ARG C 148 14.19 66.26 -1.05
CA ARG C 148 15.51 66.38 -1.64
C ARG C 148 15.36 66.92 -3.06
N ASN C 149 16.47 66.89 -3.80
CA ASN C 149 16.55 67.60 -5.07
C ASN C 149 15.34 67.28 -5.96
N HIS C 150 14.71 68.33 -6.49
CA HIS C 150 13.63 68.27 -7.46
C HIS C 150 12.33 67.74 -6.89
N GLN C 151 12.30 67.31 -5.63
CA GLN C 151 11.10 66.70 -5.08
C GLN C 151 10.14 67.79 -4.62
N GLU C 152 8.90 67.74 -5.14
CA GLU C 152 7.89 68.74 -4.83
C GLU C 152 6.68 68.09 -4.18
N LEU C 153 6.11 68.81 -3.21
CA LEU C 153 4.92 68.37 -2.51
C LEU C 153 3.86 69.47 -2.65
N ASN C 154 2.67 69.08 -3.09
CA ASN C 154 1.54 69.99 -3.20
C ASN C 154 0.29 69.27 -2.73
N ILE C 155 -0.52 69.95 -1.93
CA ILE C 155 -1.73 69.38 -1.36
C ILE C 155 -2.76 70.48 -1.16
N ARG C 156 -4.03 70.08 -1.14
CA ARG C 156 -5.13 71.02 -0.91
C ARG C 156 -6.03 70.41 0.17
N CYS C 157 -5.70 70.69 1.42
CA CYS C 157 -6.33 70.02 2.54
C CYS C 157 -7.75 70.53 2.77
N ILE C 158 -8.48 69.82 3.61
CA ILE C 158 -9.78 70.25 4.10
C ILE C 158 -9.92 69.77 5.54
N ALA C 159 -10.63 70.53 6.36
CA ALA C 159 -10.98 70.13 7.71
C ALA C 159 -12.49 70.17 7.87
N LYS C 160 -12.97 69.60 8.97
CA LYS C 160 -14.39 69.59 9.26
C LYS C 160 -14.61 69.43 10.76
N LYS C 161 -15.87 69.45 11.16
CA LYS C 161 -16.22 69.34 12.57
C LYS C 161 -16.72 67.93 12.86
N GLY C 162 -15.82 67.10 13.40
CA GLY C 162 -16.16 65.76 13.82
C GLY C 162 -15.79 65.63 15.28
N ILE C 163 -16.06 64.45 15.84
CA ILE C 163 -15.90 64.22 17.26
C ILE C 163 -14.94 63.06 17.49
N ALA C 164 -14.30 63.05 18.66
CA ALA C 164 -13.27 62.06 18.93
C ALA C 164 -13.80 60.63 18.84
N LYS C 165 -15.12 60.42 18.98
CA LYS C 165 -15.68 59.11 18.69
C LYS C 165 -15.31 58.67 17.28
N GLU C 166 -15.55 59.53 16.29
CA GLU C 166 -15.41 59.11 14.91
C GLU C 166 -13.95 58.90 14.53
N HIS C 167 -13.03 59.39 15.36
CA HIS C 167 -11.61 59.17 15.11
C HIS C 167 -10.81 59.76 16.25
N ALA C 168 -9.57 59.29 16.41
CA ALA C 168 -8.72 59.78 17.49
C ALA C 168 -8.03 61.08 17.14
N LYS C 169 -8.20 61.61 15.93
CA LYS C 169 -7.65 62.92 15.64
C LYS C 169 -8.49 64.04 16.24
N TRP C 170 -9.79 63.80 16.43
CA TRP C 170 -10.65 64.78 17.07
C TRP C 170 -10.54 64.78 18.59
N SER C 171 -9.62 64.03 19.15
CA SER C 171 -9.42 64.03 20.59
C SER C 171 -8.66 65.28 21.00
N PRO C 172 -9.25 66.16 21.81
CA PRO C 172 -8.47 67.29 22.32
C PRO C 172 -7.65 66.91 23.54
N CYS C 173 -8.07 65.88 24.25
CA CYS C 173 -7.40 65.42 25.44
C CYS C 173 -6.28 64.45 25.08
N SER C 174 -5.16 64.58 25.78
CA SER C 174 -3.99 63.75 25.55
C SER C 174 -3.90 62.60 26.55
N ALA C 175 -3.88 62.92 27.84
CA ALA C 175 -3.72 61.91 28.87
C ALA C 175 -4.36 62.42 30.15
N ILE C 176 -5.47 61.82 30.55
CA ILE C 176 -6.18 62.22 31.76
C ILE C 176 -5.69 61.35 32.91
N ALA C 177 -5.00 61.97 33.86
CA ALA C 177 -4.80 61.31 35.14
C ALA C 177 -6.12 61.26 35.89
N PHE C 178 -6.19 60.37 36.88
CA PHE C 178 -7.44 60.19 37.62
C PHE C 178 -7.19 59.27 38.81
N GLU C 179 -7.61 59.66 40.01
CA GLU C 179 -7.48 58.76 41.15
C GLU C 179 -8.22 59.32 42.35
N TYR C 180 -8.31 58.50 43.39
CA TYR C 180 -8.95 58.87 44.65
C TYR C 180 -8.48 57.92 45.74
N ASP C 181 -8.70 58.33 46.98
CA ASP C 181 -8.36 57.48 48.11
C ASP C 181 -6.93 57.01 47.97
N PRO C 182 -5.95 57.91 48.03
CA PRO C 182 -4.55 57.50 47.82
C PRO C 182 -4.06 56.51 48.85
N HIS C 183 -4.70 56.41 50.02
CA HIS C 183 -4.32 55.44 51.03
C HIS C 183 -5.23 54.24 51.06
N ASN C 184 -6.18 54.15 50.13
CA ASN C 184 -7.05 52.97 50.02
C ASN C 184 -7.95 52.81 51.24
N LYS C 185 -8.36 53.94 51.83
CA LYS C 185 -9.31 53.87 52.94
C LYS C 185 -10.50 53.01 52.58
N LEU C 186 -11.12 53.29 51.43
CA LEU C 186 -12.27 52.50 51.00
C LEU C 186 -11.89 51.08 50.60
N LYS C 187 -10.60 50.78 50.52
CA LYS C 187 -10.11 49.41 50.35
C LYS C 187 -10.52 48.81 49.01
N HIS C 188 -11.09 49.62 48.11
CA HIS C 188 -11.55 49.09 46.84
C HIS C 188 -10.49 48.31 46.10
N THR C 189 -9.21 48.44 46.46
CA THR C 189 -8.17 47.60 45.92
C THR C 189 -7.55 46.79 47.04
N ASP C 190 -7.29 45.52 46.75
CA ASP C 190 -6.52 44.65 47.61
C ASP C 190 -5.09 44.61 47.07
N PHE C 191 -4.13 44.81 47.95
CA PHE C 191 -2.74 44.99 47.52
C PHE C 191 -2.01 43.66 47.53
N TRP C 192 -1.52 43.27 46.36
CA TRP C 192 -0.59 42.15 46.26
C TRP C 192 0.70 42.47 46.98
N PHE C 193 1.39 41.44 47.45
CA PHE C 193 2.66 41.65 48.13
C PHE C 193 3.34 40.31 48.37
N GLU C 194 4.60 40.39 48.79
CA GLU C 194 5.39 39.22 49.17
C GLU C 194 5.63 39.15 50.66
N VAL C 195 5.72 40.29 51.33
CA VAL C 195 5.94 40.33 52.77
C VAL C 195 4.83 41.14 53.41
N ASP C 196 4.61 42.35 52.92
CA ASP C 196 3.55 43.22 53.43
C ASP C 196 3.20 44.25 52.38
N ALA C 197 1.98 44.78 52.46
CA ALA C 197 1.54 45.78 51.49
C ALA C 197 2.36 47.06 51.58
N LYS C 198 2.67 47.53 52.79
CA LYS C 198 3.18 48.89 52.95
C LYS C 198 4.64 49.03 52.56
N LYS C 199 5.48 48.02 52.82
CA LYS C 199 6.91 48.14 52.56
C LYS C 199 7.30 47.82 51.12
N GLU C 200 6.33 47.50 50.26
CA GLU C 200 6.60 47.30 48.85
C GLU C 200 6.07 48.41 47.97
N TRP C 201 4.80 48.78 48.10
CA TRP C 201 4.15 49.66 47.15
C TRP C 201 4.53 51.10 47.46
N PRO C 202 5.22 51.81 46.58
CA PRO C 202 5.53 53.21 46.85
C PRO C 202 4.27 54.07 46.83
N ASP C 203 4.33 55.19 47.55
CA ASP C 203 3.16 56.01 47.77
C ASP C 203 2.88 56.93 46.59
N SER C 204 1.61 57.27 46.40
CA SER C 204 1.22 58.19 45.35
C SER C 204 1.73 59.60 45.64
N LYS C 205 1.66 60.46 44.62
CA LYS C 205 2.10 61.84 44.78
C LYS C 205 1.09 62.68 45.56
N TYR C 206 -0.16 62.25 45.66
CA TYR C 206 -1.15 62.89 46.50
C TYR C 206 -1.10 62.36 47.92
N ALA C 207 0.03 61.77 48.33
CA ALA C 207 0.10 61.12 49.63
C ALA C 207 -0.19 62.08 50.76
N THR C 208 0.33 63.31 50.68
CA THR C 208 0.13 64.28 51.73
C THR C 208 -1.26 64.91 51.71
N TRP C 209 -2.06 64.66 50.67
CA TRP C 209 -3.34 65.33 50.55
C TRP C 209 -4.46 64.67 51.34
N GLU C 210 -4.25 63.49 51.91
CA GLU C 210 -5.23 62.86 52.78
C GLU C 210 -4.49 62.01 53.81
N GLU C 211 -4.86 62.17 55.07
CA GLU C 211 -4.06 61.61 56.14
C GLU C 211 -4.18 60.09 56.17
N PRO C 212 -3.07 59.37 56.36
CA PRO C 212 -3.15 57.92 56.38
C PRO C 212 -4.08 57.45 57.49
N PRO C 213 -4.79 56.34 57.28
CA PRO C 213 -5.70 55.85 58.32
C PRO C 213 -4.94 55.52 59.60
N LYS C 214 -5.57 55.80 60.73
CA LYS C 214 -4.94 55.53 62.02
C LYS C 214 -4.86 54.02 62.25
N PRO C 215 -3.80 53.56 62.91
CA PRO C 215 -3.64 52.10 63.07
C PRO C 215 -4.84 51.43 63.70
N GLY C 216 -5.46 52.05 64.69
CA GLY C 216 -6.64 51.51 65.31
C GLY C 216 -7.92 51.81 64.57
N GLU C 217 -7.85 52.63 63.52
CA GLU C 217 -9.04 52.97 62.77
C GLU C 217 -9.69 51.71 62.21
N VAL C 218 -11.02 51.67 62.26
CA VAL C 218 -11.77 50.54 61.80
C VAL C 218 -12.55 50.92 60.55
N PHE C 219 -13.05 49.92 59.85
CA PHE C 219 -13.69 50.14 58.55
C PHE C 219 -14.94 51.00 58.69
N ASP C 220 -15.19 51.81 57.68
CA ASP C 220 -16.44 52.56 57.53
C ASP C 220 -17.20 51.93 56.37
N TYR C 221 -18.34 51.29 56.70
CA TYR C 221 -19.10 50.62 55.65
C TYR C 221 -20.02 51.59 54.91
N LYS C 222 -20.24 52.78 55.44
CA LYS C 222 -20.97 53.79 54.68
C LYS C 222 -20.05 54.72 53.89
N ALA C 223 -18.75 54.55 53.99
CA ALA C 223 -17.83 55.43 53.28
C ALA C 223 -18.02 55.31 51.77
N LYS C 224 -17.70 56.40 51.07
CA LYS C 224 -17.85 56.49 49.63
C LYS C 224 -16.65 57.23 49.06
N PRO C 225 -16.45 57.17 47.75
CA PRO C 225 -15.43 58.03 47.13
C PRO C 225 -15.91 59.47 47.07
N ASN C 226 -15.07 60.39 47.53
CA ASN C 226 -15.45 61.80 47.63
C ASN C 226 -14.51 62.74 46.91
N ARG C 227 -13.20 62.52 46.98
CA ARG C 227 -12.22 63.45 46.43
C ARG C 227 -11.48 62.81 45.26
N PHE C 228 -11.74 63.31 44.05
CA PHE C 228 -11.06 62.88 42.85
C PHE C 228 -10.02 63.91 42.44
N TYR C 229 -8.80 63.46 42.19
CA TYR C 229 -7.72 64.30 41.73
C TYR C 229 -7.44 63.96 40.27
N MET C 230 -7.93 64.76 39.34
CA MET C 230 -7.79 64.49 37.93
C MET C 230 -6.98 65.59 37.27
N THR C 231 -5.82 65.20 36.74
CA THR C 231 -4.89 66.12 36.09
C THR C 231 -5.03 66.00 34.60
N VAL C 232 -5.55 67.04 33.96
CA VAL C 232 -5.88 67.04 32.54
C VAL C 232 -4.64 67.50 31.79
N GLU C 233 -4.58 67.18 30.50
CA GLU C 233 -3.62 67.76 29.58
C GLU C 233 -4.23 67.82 28.19
N THR C 234 -3.66 68.68 27.35
CA THR C 234 -4.16 68.88 26.00
C THR C 234 -2.99 68.98 25.02
N THR C 235 -3.30 68.70 23.76
CA THR C 235 -2.36 68.90 22.67
C THR C 235 -2.10 70.38 22.38
N GLY C 236 -2.98 71.27 22.83
CA GLY C 236 -2.93 72.67 22.50
C GLY C 236 -4.04 73.13 21.58
N SER C 237 -4.77 72.20 20.97
CA SER C 237 -5.87 72.57 20.10
C SER C 237 -6.97 73.32 20.84
N LEU C 238 -7.02 73.21 22.17
CA LEU C 238 -7.99 73.93 22.97
C LEU C 238 -7.44 74.09 24.37
N LYS C 239 -7.72 75.24 24.99
CA LYS C 239 -7.23 75.49 26.33
C LYS C 239 -7.93 74.59 27.35
N ALA C 240 -7.15 74.09 28.30
CA ALA C 240 -7.67 73.12 29.24
C ALA C 240 -8.97 73.60 29.88
N ASN C 241 -9.03 74.87 30.26
CA ASN C 241 -10.26 75.40 30.80
C ASN C 241 -11.39 75.32 29.78
N GLN C 242 -11.08 75.63 28.53
CA GLN C 242 -12.08 75.46 27.48
C GLN C 242 -12.50 74.01 27.38
N VAL C 243 -11.54 73.09 27.50
CA VAL C 243 -11.86 71.67 27.48
C VAL C 243 -12.89 71.35 28.54
N PHE C 244 -12.62 71.78 29.78
CA PHE C 244 -13.50 71.43 30.89
C PHE C 244 -14.89 72.02 30.68
N SER C 245 -14.95 73.31 30.36
CA SER C 245 -16.24 73.97 30.20
C SER C 245 -17.02 73.37 29.04
N ARG C 246 -16.35 73.08 27.93
CA ARG C 246 -17.03 72.51 26.78
C ARG C 246 -17.53 71.12 27.07
N GLY C 247 -16.75 70.30 27.77
CA GLY C 247 -17.24 68.99 28.15
C GLY C 247 -18.49 69.09 29.01
N ILE C 248 -18.46 69.99 30.01
CA ILE C 248 -19.62 70.15 30.86
C ILE C 248 -20.83 70.61 30.05
N LYS C 249 -20.61 71.56 29.14
CA LYS C 249 -21.71 72.05 28.31
C LYS C 249 -22.27 70.94 27.43
N THR C 250 -21.39 70.13 26.84
CA THR C 250 -21.86 69.07 25.95
C THR C 250 -22.68 68.06 26.72
N LEU C 251 -22.18 67.65 27.89
CA LEU C 251 -22.92 66.69 28.70
C LEU C 251 -24.28 67.27 29.09
N GLN C 252 -24.28 68.55 29.46
CA GLN C 252 -25.51 69.23 29.82
C GLN C 252 -26.51 69.20 28.68
N GLU C 253 -26.09 69.65 27.48
CA GLU C 253 -27.01 69.69 26.37
C GLU C 253 -27.47 68.30 25.97
N LYS C 254 -26.61 67.29 26.17
CA LYS C 254 -27.02 65.92 25.86
C LYS C 254 -28.15 65.48 26.78
N LEU C 255 -27.96 65.67 28.09
CA LEU C 255 -29.04 65.35 29.02
C LEU C 255 -30.29 66.17 28.71
N ALA C 256 -30.10 67.43 28.31
CA ALA C 256 -31.24 68.27 27.97
C ALA C 256 -31.98 67.70 26.78
N ASN C 257 -31.25 67.22 25.78
CA ASN C 257 -31.88 66.55 24.65
C ASN C 257 -32.67 65.35 25.13
N VAL C 258 -32.08 64.56 26.02
CA VAL C 258 -32.76 63.37 26.52
C VAL C 258 -34.06 63.76 27.21
N LEU C 259 -34.01 64.80 28.05
CA LEU C 259 -35.21 65.24 28.75
C LEU C 259 -36.26 65.75 27.76
N PHE C 260 -35.82 66.47 26.72
CA PHE C 260 -36.75 66.90 25.69
C PHE C 260 -37.41 65.70 25.03
N GLU C 261 -36.63 64.66 24.74
CA GLU C 261 -37.22 63.46 24.16
C GLU C 261 -38.26 62.87 25.10
N LEU C 262 -37.91 62.77 26.39
CA LEU C 262 -38.86 62.21 27.35
C LEU C 262 -40.17 62.98 27.33
N GLU C 263 -40.10 64.30 27.49
CA GLU C 263 -41.33 65.08 27.55
C GLU C 263 -42.09 65.03 26.23
N ASN C 264 -41.38 65.07 25.10
CA ASN C 264 -42.03 65.09 23.81
C ASN C 264 -42.74 63.78 23.49
N SER C 265 -42.20 62.67 23.99
CA SER C 265 -42.74 61.36 23.67
C SER C 265 -44.24 61.28 23.96
N ARG C 266 -44.72 61.93 25.02
CA ARG C 266 -46.12 61.85 25.38
C ARG C 266 -46.95 62.73 24.44
N VAL D 3 -44.91 5.16 -20.36
CA VAL D 3 -45.93 5.81 -19.49
C VAL D 3 -46.70 4.75 -18.71
N SER D 4 -47.29 3.80 -19.43
CA SER D 4 -48.12 2.76 -18.83
C SER D 4 -47.26 1.56 -18.46
N THR D 5 -47.78 0.72 -17.56
CA THR D 5 -47.08 -0.44 -17.07
C THR D 5 -47.99 -1.66 -17.12
N SER D 6 -47.38 -2.84 -16.94
CA SER D 6 -48.13 -4.10 -16.86
C SER D 6 -47.73 -4.87 -15.61
N THR D 7 -48.18 -6.12 -15.49
CA THR D 7 -47.99 -6.89 -14.26
C THR D 7 -46.69 -7.67 -14.20
N VAL D 8 -46.02 -7.89 -15.34
CA VAL D 8 -44.80 -8.71 -15.34
C VAL D 8 -43.62 -7.88 -14.87
N GLY D 9 -42.76 -8.49 -14.05
CA GLY D 9 -41.58 -7.83 -13.54
C GLY D 9 -40.30 -8.43 -14.07
N ALA D 10 -39.18 -7.84 -13.66
CA ALA D 10 -37.85 -8.26 -14.08
C ALA D 10 -37.74 -8.26 -15.61
N ARG D 11 -37.82 -9.44 -16.23
CA ARG D 11 -37.74 -9.57 -17.69
C ARG D 11 -36.49 -8.87 -18.23
N ARG D 12 -35.33 -9.28 -17.71
CA ARG D 12 -34.07 -8.73 -18.17
C ARG D 12 -33.61 -9.39 -19.45
N ARG D 13 -32.54 -8.86 -20.03
CA ARG D 13 -31.95 -9.47 -21.20
C ARG D 13 -31.24 -10.76 -20.82
N ARG D 14 -31.63 -11.85 -21.45
CA ARG D 14 -31.04 -13.16 -21.21
C ARG D 14 -30.13 -13.53 -22.36
N ALA D 15 -29.26 -14.51 -22.12
CA ALA D 15 -28.40 -14.99 -23.19
C ALA D 15 -29.22 -15.60 -24.32
N LYS D 16 -30.27 -16.35 -23.98
CA LYS D 16 -31.05 -17.09 -24.95
C LYS D 16 -32.23 -16.24 -25.40
N GLN D 17 -32.25 -15.86 -26.67
CA GLN D 17 -33.39 -15.14 -27.23
C GLN D 17 -34.50 -16.13 -27.57
N GLN D 18 -35.55 -15.63 -28.21
CA GLN D 18 -36.70 -16.43 -28.57
C GLN D 18 -37.28 -16.00 -29.91
N VAL D 19 -37.41 -16.95 -30.83
CA VAL D 19 -38.19 -16.69 -32.04
C VAL D 19 -39.69 -16.70 -31.74
N ASP D 20 -40.09 -17.23 -30.60
CA ASP D 20 -41.50 -17.24 -30.23
C ASP D 20 -41.90 -15.91 -29.60
N ASP D 21 -41.59 -14.82 -30.28
CA ASP D 21 -41.91 -13.48 -29.81
C ASP D 21 -42.69 -12.64 -30.82
N GLU D 22 -42.61 -12.97 -32.11
CA GLU D 22 -43.44 -12.29 -33.09
C GLU D 22 -44.88 -12.78 -32.99
N GLU D 23 -45.81 -11.85 -32.81
CA GLU D 23 -47.20 -12.20 -32.60
C GLU D 23 -47.74 -12.98 -33.78
N ASN D 24 -48.50 -14.05 -33.50
CA ASN D 24 -49.14 -14.83 -34.55
C ASN D 24 -50.27 -15.64 -33.91
N ALA D 25 -51.51 -15.38 -34.35
CA ALA D 25 -52.66 -16.07 -33.80
C ALA D 25 -52.77 -17.51 -34.30
N THR D 26 -52.30 -17.80 -35.51
CA THR D 26 -52.37 -19.15 -36.04
C THR D 26 -51.37 -20.07 -35.37
N LEU D 27 -50.17 -19.57 -35.07
CA LEU D 27 -49.12 -20.35 -34.43
C LEU D 27 -49.20 -20.30 -32.91
N LEU D 28 -50.23 -19.66 -32.37
CA LEU D 28 -50.42 -19.55 -30.92
C LEU D 28 -49.24 -18.81 -30.31
N ARG D 29 -48.82 -17.74 -30.99
CA ARG D 29 -47.71 -16.88 -30.56
C ARG D 29 -48.33 -15.55 -30.14
N LEU D 30 -48.55 -15.38 -28.84
CA LEU D 30 -49.13 -14.15 -28.32
C LEU D 30 -48.09 -13.17 -27.83
N GLY D 31 -46.90 -13.63 -27.46
CA GLY D 31 -45.86 -12.77 -26.95
C GLY D 31 -45.53 -13.07 -25.50
N PRO D 32 -44.61 -12.31 -24.92
CA PRO D 32 -44.22 -12.57 -23.53
C PRO D 32 -45.25 -12.08 -22.52
N GLU D 33 -45.88 -10.95 -22.80
CA GLU D 33 -46.82 -10.35 -21.87
C GLU D 33 -48.16 -11.08 -21.83
N PHE D 34 -48.44 -11.94 -22.80
CA PHE D 34 -49.66 -12.74 -22.86
C PHE D 34 -49.32 -14.22 -22.72
N ALA D 35 -48.39 -14.53 -21.83
CA ALA D 35 -47.98 -15.91 -21.61
C ALA D 35 -49.17 -16.72 -21.09
N LEU D 36 -48.99 -18.03 -20.97
CA LEU D 36 -50.08 -18.89 -20.55
C LEU D 36 -50.52 -18.58 -19.13
N LYS D 37 -49.57 -18.27 -18.24
CA LYS D 37 -49.87 -17.99 -16.84
C LYS D 37 -49.41 -16.57 -16.52
N GLN D 38 -50.33 -15.62 -16.58
CA GLN D 38 -50.07 -14.26 -16.14
C GLN D 38 -50.40 -14.12 -14.66
N TYR D 39 -50.20 -12.91 -14.13
CA TYR D 39 -50.44 -12.62 -12.73
C TYR D 39 -51.22 -11.33 -12.58
N ASP D 40 -52.05 -11.26 -11.55
CA ASP D 40 -52.94 -10.13 -11.33
C ASP D 40 -52.28 -9.14 -10.38
N HIS D 41 -53.02 -8.09 -9.99
CA HIS D 41 -52.50 -7.11 -9.06
C HIS D 41 -52.16 -7.75 -7.71
N ASP D 42 -53.02 -8.63 -7.23
CA ASP D 42 -52.83 -9.28 -5.93
C ASP D 42 -52.06 -10.59 -6.03
N GLY D 43 -51.67 -11.01 -7.24
CA GLY D 43 -50.88 -12.20 -7.40
C GLY D 43 -51.65 -13.50 -7.36
N ASN D 44 -52.97 -13.45 -7.18
CA ASN D 44 -53.76 -14.67 -7.12
C ASN D 44 -53.70 -15.41 -8.46
N GLU D 45 -54.25 -16.63 -8.47
CA GLU D 45 -54.40 -17.36 -9.71
C GLU D 45 -55.33 -16.59 -10.65
N HIS D 46 -54.77 -16.05 -11.73
CA HIS D 46 -55.52 -15.26 -12.70
C HIS D 46 -54.97 -15.58 -14.09
N ASP D 47 -55.58 -16.57 -14.74
CA ASP D 47 -55.20 -16.90 -16.11
C ASP D 47 -55.90 -15.95 -17.08
N LEU D 48 -55.35 -15.89 -18.29
CA LEU D 48 -55.73 -14.84 -19.24
C LEU D 48 -57.22 -14.88 -19.54
N ILE D 49 -57.81 -13.69 -19.68
CA ILE D 49 -59.22 -13.53 -20.03
C ILE D 49 -59.29 -13.12 -21.50
N ALA D 50 -59.99 -13.92 -22.30
CA ALA D 50 -60.28 -13.59 -23.69
C ALA D 50 -61.80 -13.51 -23.85
N LEU D 51 -62.27 -12.38 -24.35
CA LEU D 51 -63.70 -12.07 -24.37
C LEU D 51 -64.22 -12.03 -25.81
N SER D 52 -65.40 -12.61 -26.01
CA SER D 52 -66.03 -12.59 -27.32
C SER D 52 -66.51 -11.17 -27.65
N LEU D 53 -66.81 -10.96 -28.94
CA LEU D 53 -67.26 -9.65 -29.37
C LEU D 53 -68.55 -9.24 -28.65
N SER D 54 -69.50 -10.17 -28.53
CA SER D 54 -70.76 -9.84 -27.88
C SER D 54 -70.57 -9.69 -26.37
N GLU D 55 -69.79 -10.57 -25.76
CA GLU D 55 -69.53 -10.42 -24.32
C GLU D 55 -68.77 -9.14 -24.02
N SER D 56 -67.79 -8.81 -24.86
CA SER D 56 -67.08 -7.54 -24.69
C SER D 56 -68.02 -6.36 -24.85
N ARG D 57 -68.91 -6.42 -25.86
CA ARG D 57 -69.88 -5.35 -26.05
C ARG D 57 -70.76 -5.20 -24.82
N LEU D 58 -71.26 -6.30 -24.29
CA LEU D 58 -72.14 -6.24 -23.12
C LEU D 58 -71.40 -5.67 -21.92
N LEU D 59 -70.15 -6.09 -21.71
CA LEU D 59 -69.38 -5.58 -20.59
C LEU D 59 -69.13 -4.08 -20.72
N ILE D 60 -68.74 -3.63 -21.90
CA ILE D 60 -68.51 -2.20 -22.11
C ILE D 60 -69.81 -1.42 -21.93
N ARG D 61 -70.92 -1.95 -22.45
CA ARG D 61 -72.19 -1.25 -22.34
C ARG D 61 -72.63 -1.12 -20.89
N GLU D 62 -72.52 -2.20 -20.12
CA GLU D 62 -72.92 -2.14 -18.73
C GLU D 62 -72.02 -1.22 -17.93
N ALA D 63 -70.71 -1.25 -18.18
CA ALA D 63 -69.81 -0.33 -17.49
C ALA D 63 -70.16 1.11 -17.83
N LEU D 64 -70.44 1.39 -19.10
CA LEU D 64 -70.75 2.75 -19.52
C LEU D 64 -72.06 3.24 -18.92
N LYS D 65 -73.07 2.38 -18.88
CA LYS D 65 -74.34 2.79 -18.28
C LYS D 65 -74.19 2.99 -16.78
N ALA D 66 -73.38 2.17 -16.13
CA ALA D 66 -73.11 2.37 -14.70
C ALA D 66 -72.41 3.70 -14.47
N ARG D 67 -71.44 4.05 -15.33
CA ARG D 67 -70.76 5.34 -15.20
C ARG D 67 -71.73 6.50 -15.44
N SER D 68 -72.61 6.37 -16.42
CA SER D 68 -73.61 7.40 -16.64
C SER D 68 -74.52 7.56 -15.43
N ARG D 69 -74.92 6.44 -14.84
CA ARG D 69 -75.75 6.49 -13.64
C ARG D 69 -75.02 7.15 -12.49
N ALA D 70 -73.75 6.80 -12.28
CA ALA D 70 -72.98 7.39 -11.18
C ALA D 70 -72.82 8.89 -11.37
N ARG D 71 -72.58 9.33 -12.61
CA ARG D 71 -72.50 10.77 -12.87
C ARG D 71 -73.86 11.44 -12.62
N ASN D 72 -74.95 10.81 -13.06
CA ASN D 72 -76.28 11.36 -12.82
C ASN D 72 -76.64 11.27 -11.35
N GLY D 73 -76.30 10.15 -10.70
CA GLY D 73 -76.50 10.02 -9.28
C GLY D 73 -77.95 9.92 -8.87
N GLY D 74 -78.69 9.00 -9.49
CA GLY D 74 -80.01 8.67 -9.00
C GLY D 74 -81.13 8.62 -10.02
N VAL D 75 -80.80 8.57 -11.30
CA VAL D 75 -81.83 8.41 -12.32
C VAL D 75 -81.40 7.28 -13.26
N ILE D 84 -77.89 5.11 -23.05
CA ILE D 84 -78.07 3.76 -23.58
C ILE D 84 -77.72 3.75 -25.06
N ASP D 85 -78.10 4.82 -25.76
CA ASP D 85 -77.89 4.89 -27.20
C ASP D 85 -76.40 4.80 -27.51
N ASP D 86 -76.07 4.14 -28.61
CA ASP D 86 -74.67 3.86 -28.91
C ASP D 86 -73.85 5.15 -28.98
N ASP D 87 -74.29 6.12 -29.79
CA ASP D 87 -73.54 7.37 -29.89
C ASP D 87 -73.72 8.22 -28.64
N GLU D 88 -74.90 8.19 -28.03
CA GLU D 88 -75.10 8.88 -26.77
C GLU D 88 -74.16 8.35 -25.70
N LEU D 89 -73.96 7.03 -25.67
CA LEU D 89 -73.01 6.43 -24.75
C LEU D 89 -71.58 6.87 -25.02
N ALA D 90 -71.30 7.38 -26.22
CA ALA D 90 -69.96 7.83 -26.56
C ALA D 90 -69.63 9.20 -25.99
N LYS D 91 -70.62 9.97 -25.57
CA LYS D 91 -70.41 11.29 -24.98
C LYS D 91 -69.91 11.24 -23.55
N VAL D 92 -70.08 10.11 -22.86
CA VAL D 92 -69.75 10.05 -21.45
C VAL D 92 -68.26 10.27 -21.24
N THR D 93 -67.42 9.64 -22.06
CA THR D 93 -65.98 9.81 -21.94
C THR D 93 -65.57 11.22 -22.35
N SER D 94 -64.50 11.70 -21.73
CA SER D 94 -63.99 13.03 -21.99
C SER D 94 -62.86 12.98 -23.01
N GLY D 95 -62.90 13.92 -23.96
CA GLY D 95 -61.89 13.99 -25.00
C GLY D 95 -62.44 13.72 -26.38
N ALA D 96 -62.12 14.60 -27.34
CA ALA D 96 -62.59 14.42 -28.70
C ALA D 96 -62.06 13.12 -29.30
N VAL D 97 -60.76 12.86 -29.11
CA VAL D 97 -60.20 11.59 -29.59
C VAL D 97 -60.80 10.43 -28.82
N ALA D 98 -60.92 10.55 -27.50
CA ALA D 98 -61.53 9.48 -26.70
C ALA D 98 -62.98 9.29 -27.08
N ASN D 99 -63.71 10.39 -27.27
CA ASN D 99 -65.11 10.29 -27.66
C ASN D 99 -65.24 9.58 -29.01
N GLY D 100 -64.41 9.97 -29.98
CA GLY D 100 -64.50 9.35 -31.29
C GLY D 100 -64.13 7.88 -31.27
N VAL D 101 -63.09 7.52 -30.53
CA VAL D 101 -62.67 6.13 -30.49
C VAL D 101 -63.70 5.26 -29.79
N VAL D 102 -64.30 5.75 -28.71
CA VAL D 102 -65.35 4.98 -28.05
C VAL D 102 -66.56 4.86 -28.96
N LYS D 103 -66.90 5.93 -29.69
CA LYS D 103 -68.00 5.86 -30.63
C LYS D 103 -67.74 4.81 -31.72
N LYS D 104 -66.52 4.78 -32.25
CA LYS D 104 -66.23 3.88 -33.35
C LYS D 104 -66.11 2.43 -32.88
N THR D 105 -65.59 2.20 -31.67
CA THR D 105 -65.57 0.84 -31.16
C THR D 105 -66.97 0.37 -30.81
N LEU D 106 -67.84 1.26 -30.33
CA LEU D 106 -69.24 0.90 -30.15
C LEU D 106 -69.90 0.56 -31.48
N ASP D 107 -69.59 1.33 -32.53
CA ASP D 107 -70.13 1.01 -33.85
C ASP D 107 -69.65 -0.35 -34.33
N TYR D 108 -68.37 -0.64 -34.15
CA TYR D 108 -67.83 -1.93 -34.57
C TYR D 108 -68.46 -3.08 -33.80
N LEU D 109 -68.64 -2.90 -32.49
CA LEU D 109 -69.34 -3.91 -31.71
C LEU D 109 -70.77 -4.11 -32.20
N ASN D 110 -71.48 -3.01 -32.46
CA ASN D 110 -72.84 -3.11 -32.96
C ASN D 110 -72.90 -3.86 -34.29
N THR D 111 -71.98 -3.56 -35.20
CA THR D 111 -72.07 -4.13 -36.54
C THR D 111 -71.53 -5.55 -36.62
N PHE D 112 -70.66 -5.96 -35.68
CA PHE D 112 -70.06 -7.29 -35.73
C PHE D 112 -70.22 -8.10 -34.45
N ALA D 113 -71.03 -7.64 -33.49
CA ALA D 113 -71.35 -8.46 -32.32
C ALA D 113 -72.42 -9.46 -32.73
N ARG D 114 -72.03 -10.73 -32.86
CA ARG D 114 -72.96 -11.74 -33.35
C ARG D 114 -74.17 -11.90 -32.45
N PHE D 115 -74.06 -11.53 -31.17
CA PHE D 115 -75.12 -11.76 -30.19
C PHE D 115 -75.42 -10.43 -29.53
N LYS D 116 -76.71 -10.13 -29.34
CA LYS D 116 -77.14 -8.78 -28.94
C LYS D 116 -77.77 -8.71 -27.56
N ASP D 117 -78.78 -9.53 -27.28
CA ASP D 117 -79.56 -9.42 -26.06
C ASP D 117 -78.97 -10.25 -24.92
N GLU D 118 -79.38 -9.90 -23.70
CA GLU D 118 -78.84 -10.56 -22.51
C GLU D 118 -79.17 -12.05 -22.49
N GLU D 119 -80.39 -12.42 -22.85
CA GLU D 119 -80.75 -13.84 -22.86
C GLU D 119 -79.84 -14.64 -23.77
N THR D 120 -79.65 -14.17 -25.01
CA THR D 120 -78.89 -14.95 -25.97
C THR D 120 -77.41 -15.00 -25.60
N CYS D 121 -76.85 -13.88 -25.14
CA CYS D 121 -75.46 -13.90 -24.70
C CYS D 121 -75.27 -14.83 -23.52
N THR D 122 -76.18 -14.81 -22.55
CA THR D 122 -76.09 -15.74 -21.43
C THR D 122 -76.19 -17.18 -21.91
N ALA D 123 -77.06 -17.44 -22.89
CA ALA D 123 -77.21 -18.79 -23.42
C ALA D 123 -75.92 -19.28 -24.05
N VAL D 124 -75.29 -18.43 -24.87
CA VAL D 124 -74.04 -18.86 -25.52
C VAL D 124 -72.95 -19.03 -24.47
N ASP D 125 -72.92 -18.18 -23.45
CA ASP D 125 -71.91 -18.32 -22.39
C ASP D 125 -72.09 -19.65 -21.66
N GLN D 126 -73.33 -20.02 -21.34
CA GLN D 126 -73.59 -21.29 -20.68
C GLN D 126 -73.26 -22.46 -21.59
N LEU D 127 -73.54 -22.34 -22.88
CA LEU D 127 -73.28 -23.43 -23.81
C LEU D 127 -71.79 -23.68 -23.96
N LEU D 128 -71.05 -22.66 -24.41
CA LEU D 128 -69.61 -22.84 -24.60
C LEU D 128 -68.91 -23.15 -23.28
N HIS D 129 -69.31 -22.47 -22.21
CA HIS D 129 -68.68 -22.65 -20.91
C HIS D 129 -69.64 -23.35 -19.94
N LEU D 137 -57.12 -28.33 -23.72
CA LEU D 137 -58.02 -27.19 -23.69
C LEU D 137 -57.24 -25.89 -23.53
N HIS D 138 -57.63 -24.86 -24.27
CA HIS D 138 -56.97 -23.57 -24.25
C HIS D 138 -58.01 -22.47 -24.06
N PRO D 139 -57.69 -21.41 -23.30
CA PRO D 139 -58.65 -20.31 -23.19
C PRO D 139 -58.81 -19.54 -24.49
N PHE D 140 -57.69 -19.18 -25.13
CA PHE D 140 -57.75 -18.36 -26.33
C PHE D 140 -58.49 -19.07 -27.46
N GLU D 141 -58.26 -20.37 -27.64
CA GLU D 141 -58.90 -21.06 -28.75
C GLU D 141 -60.41 -21.05 -28.59
N ILE D 142 -60.89 -21.30 -27.37
CA ILE D 142 -62.33 -21.30 -27.12
C ILE D 142 -62.90 -19.89 -27.27
N ALA D 143 -62.18 -18.89 -26.76
CA ALA D 143 -62.63 -17.51 -26.89
C ALA D 143 -62.75 -17.11 -28.36
N GLN D 144 -61.78 -17.51 -29.17
CA GLN D 144 -61.82 -17.15 -30.59
C GLN D 144 -62.85 -17.97 -31.34
N LEU D 145 -63.08 -19.22 -30.93
CA LEU D 145 -64.16 -20.00 -31.51
C LEU D 145 -65.51 -19.33 -31.25
N SER D 146 -65.72 -18.84 -30.04
CA SER D 146 -66.91 -18.05 -29.75
C SER D 146 -66.93 -16.79 -30.61
N SER D 147 -65.78 -16.12 -30.74
CA SER D 147 -65.70 -14.93 -31.57
C SER D 147 -65.86 -15.26 -33.05
N LEU D 148 -65.29 -16.36 -33.51
CA LEU D 148 -65.33 -16.73 -34.92
C LEU D 148 -66.58 -17.55 -35.19
N GLY D 149 -67.41 -17.06 -36.12
CA GLY D 149 -68.58 -17.78 -36.58
C GLY D 149 -68.31 -18.40 -37.93
N CYS D 150 -69.13 -19.38 -38.30
CA CYS D 150 -68.97 -20.08 -39.57
C CYS D 150 -70.35 -20.52 -40.05
N GLU D 151 -70.36 -21.40 -41.04
CA GLU D 151 -71.58 -22.00 -41.57
C GLU D 151 -71.67 -23.49 -41.27
N ASP D 152 -70.64 -24.25 -41.65
CA ASP D 152 -70.56 -25.67 -41.35
C ASP D 152 -69.15 -25.95 -40.81
N VAL D 153 -68.88 -27.22 -40.50
CA VAL D 153 -67.53 -27.60 -40.09
C VAL D 153 -66.56 -27.33 -41.23
N ASP D 154 -67.02 -27.35 -42.47
CA ASP D 154 -66.14 -27.12 -43.61
C ASP D 154 -65.50 -25.73 -43.54
N GLU D 155 -66.31 -24.69 -43.35
CA GLU D 155 -65.75 -23.36 -43.26
C GLU D 155 -64.92 -23.19 -41.99
N ALA D 156 -65.32 -23.86 -40.90
CA ALA D 156 -64.54 -23.77 -39.67
C ALA D 156 -63.13 -24.31 -39.88
N ILE D 157 -63.01 -25.46 -40.54
CA ILE D 157 -61.69 -26.01 -40.80
C ILE D 157 -60.95 -25.21 -41.86
N THR D 158 -61.67 -24.62 -42.82
CA THR D 158 -61.01 -23.83 -43.86
C THR D 158 -60.44 -22.54 -43.29
N LEU D 159 -61.10 -21.95 -42.29
CA LEU D 159 -60.71 -20.64 -41.79
C LEU D 159 -59.89 -20.70 -40.50
N ILE D 160 -59.96 -21.79 -39.76
CA ILE D 160 -59.29 -21.91 -38.47
C ILE D 160 -58.20 -22.98 -38.58
N PRO D 161 -56.95 -22.57 -38.82
CA PRO D 161 -55.85 -23.54 -38.85
C PRO D 161 -55.32 -23.94 -37.49
N SER D 162 -56.00 -23.59 -36.40
CA SER D 162 -55.53 -23.90 -35.04
C SER D 162 -56.35 -24.99 -34.37
N LEU D 163 -57.18 -25.72 -35.12
CA LEU D 163 -57.97 -26.83 -34.57
C LEU D 163 -57.99 -28.02 -35.51
N ALA D 164 -57.02 -28.08 -36.43
CA ALA D 164 -57.05 -29.13 -37.45
C ALA D 164 -57.00 -30.51 -36.83
N ALA D 165 -56.14 -30.71 -35.84
CA ALA D 165 -55.95 -32.03 -35.22
C ALA D 165 -56.03 -31.88 -33.72
N LYS D 166 -57.18 -32.21 -33.14
CA LYS D 166 -57.37 -32.19 -31.69
C LYS D 166 -58.00 -33.46 -31.14
N LYS D 167 -58.50 -34.36 -31.98
CA LYS D 167 -59.11 -35.62 -31.58
C LYS D 167 -60.42 -35.42 -30.80
N GLU D 168 -60.92 -34.19 -30.75
CA GLU D 168 -62.25 -33.92 -30.20
C GLU D 168 -62.74 -32.62 -30.83
N VAL D 169 -63.61 -32.75 -31.82
CA VAL D 169 -64.05 -31.59 -32.61
C VAL D 169 -65.36 -31.07 -32.03
N ASN D 170 -66.41 -31.91 -32.06
CA ASN D 170 -67.74 -31.54 -31.55
C ASN D 170 -68.19 -30.18 -32.09
N LEU D 171 -67.71 -29.81 -33.27
CA LEU D 171 -67.93 -28.47 -33.80
C LEU D 171 -69.21 -28.36 -34.61
N GLN D 172 -69.69 -29.47 -35.19
CA GLN D 172 -70.92 -29.41 -35.98
C GLN D 172 -72.10 -29.01 -35.12
N ARG D 173 -72.30 -29.71 -34.01
CA ARG D 173 -73.38 -29.35 -33.09
C ARG D 173 -73.20 -27.96 -32.52
N ILE D 174 -71.95 -27.55 -32.26
CA ILE D 174 -71.68 -26.21 -31.76
C ILE D 174 -72.17 -25.17 -32.75
N LEU D 175 -71.83 -25.35 -34.03
CA LEU D 175 -72.28 -24.42 -35.05
C LEU D 175 -73.79 -24.45 -35.21
N ASP D 176 -74.40 -25.63 -35.12
CA ASP D 176 -75.86 -25.70 -35.19
C ASP D 176 -76.50 -24.92 -34.07
N GLU D 177 -75.99 -25.08 -32.84
CA GLU D 177 -76.54 -24.33 -31.71
C GLU D 177 -76.34 -22.84 -31.90
N LEU D 178 -75.14 -22.41 -32.30
CA LEU D 178 -74.88 -20.99 -32.49
C LEU D 178 -75.78 -20.37 -33.56
N ASN D 179 -75.93 -21.03 -34.71
CA ASN D 179 -76.86 -20.56 -35.73
C ASN D 179 -78.30 -20.62 -35.25
N ARG D 180 -78.62 -21.52 -34.31
CA ARG D 180 -79.95 -21.52 -33.73
C ARG D 180 -80.20 -20.24 -32.94
N LEU D 181 -79.21 -19.81 -32.17
CA LEU D 181 -79.33 -18.56 -31.43
C LEU D 181 -79.23 -17.35 -32.34
N GLU D 182 -78.83 -17.52 -33.59
CA GLU D 182 -78.64 -16.42 -34.52
C GLU D 182 -79.94 -15.62 -34.60
N ASP D 183 -79.87 -14.35 -34.22
CA ASP D 183 -81.02 -13.48 -34.33
C ASP D 183 -81.40 -13.31 -35.80
N PRO D 184 -82.65 -13.57 -36.18
CA PRO D 184 -83.04 -13.41 -37.58
C PRO D 184 -82.93 -11.94 -38.00
N TYR D 185 -82.52 -11.75 -39.24
CA TYR D 185 -82.29 -10.40 -39.76
C TYR D 185 -82.72 -10.29 -41.22
N GLU E 2 7.22 -40.05 39.46
CA GLU E 2 8.26 -39.82 38.42
C GLU E 2 7.60 -39.45 37.10
N ASP E 3 8.35 -39.61 36.00
CA ASP E 3 7.79 -39.35 34.68
C ASP E 3 6.54 -40.20 34.44
N ASN E 4 6.61 -41.48 34.76
CA ASN E 4 5.43 -42.34 34.64
C ASN E 4 4.27 -41.78 35.45
N ASN E 5 4.53 -41.29 36.66
CA ASN E 5 3.44 -40.83 37.51
C ASN E 5 2.73 -39.64 36.89
N ARG E 6 3.50 -38.64 36.45
CA ARG E 6 2.89 -37.49 35.78
C ARG E 6 2.19 -37.92 34.50
N ILE E 7 2.75 -38.88 33.78
CA ILE E 7 2.11 -39.35 32.55
C ILE E 7 0.75 -39.95 32.88
N ILE E 8 0.69 -40.77 33.93
CA ILE E 8 -0.58 -41.38 34.33
C ILE E 8 -1.55 -40.30 34.78
N SER E 9 -1.07 -39.31 35.52
CA SER E 9 -1.96 -38.24 35.95
C SER E 9 -2.54 -37.52 34.75
N ARG E 10 -1.70 -37.21 33.76
CA ARG E 10 -2.19 -36.57 32.55
C ARG E 10 -3.21 -37.44 31.85
N LEU E 11 -2.93 -38.73 31.74
CA LEU E 11 -3.87 -39.62 31.08
C LEU E 11 -5.21 -39.64 31.81
N TRP E 12 -5.17 -39.69 33.14
CA TRP E 12 -6.40 -39.67 33.91
C TRP E 12 -7.15 -38.37 33.71
N ARG E 13 -6.44 -37.24 33.69
CA ARG E 13 -7.12 -35.97 33.47
C ARG E 13 -7.79 -35.95 32.11
N SER E 14 -7.08 -36.46 31.09
CA SER E 14 -7.68 -36.54 29.76
C SER E 14 -8.91 -37.42 29.77
N PHE E 15 -8.83 -38.56 30.45
CA PHE E 15 -9.98 -39.46 30.51
C PHE E 15 -11.16 -38.76 31.17
N ARG E 16 -10.89 -38.03 32.25
CA ARG E 16 -11.94 -37.25 32.89
C ARG E 16 -12.54 -36.26 31.92
N THR E 17 -11.67 -35.58 31.16
CA THR E 17 -12.16 -34.62 30.18
C THR E 17 -13.09 -35.29 29.19
N VAL E 18 -12.68 -36.45 28.68
CA VAL E 18 -13.48 -37.15 27.68
C VAL E 18 -14.81 -37.57 28.27
N LYS E 19 -14.79 -38.10 29.49
CA LYS E 19 -16.02 -38.54 30.12
C LYS E 19 -16.97 -37.37 30.31
N GLU E 20 -16.46 -36.25 30.79
CA GLU E 20 -17.30 -35.08 30.98
C GLU E 20 -17.85 -34.59 29.66
N MET E 21 -17.02 -34.61 28.61
CA MET E 21 -17.50 -34.23 27.28
C MET E 21 -18.66 -35.12 26.87
N ALA E 22 -18.49 -36.43 26.97
CA ALA E 22 -19.56 -37.34 26.60
C ALA E 22 -20.81 -37.05 27.41
N ALA E 23 -20.65 -36.75 28.70
CA ALA E 23 -21.79 -36.41 29.52
C ALA E 23 -22.50 -35.17 29.00
N ASP E 24 -21.73 -34.14 28.65
CA ASP E 24 -22.32 -32.87 28.23
C ASP E 24 -23.13 -33.02 26.96
N ARG E 25 -22.62 -33.78 25.99
CA ARG E 25 -23.29 -33.89 24.70
C ARG E 25 -24.68 -34.50 24.83
N GLY E 26 -24.98 -35.19 25.94
CA GLY E 26 -26.25 -35.83 26.14
C GLY E 26 -26.17 -37.31 26.46
N TYR E 27 -24.98 -37.87 26.60
CA TYR E 27 -24.84 -39.30 26.81
C TYR E 27 -24.59 -39.62 28.28
N PHE E 28 -25.39 -40.54 28.80
CA PHE E 28 -25.35 -40.90 30.21
C PHE E 28 -24.04 -41.60 30.52
N ILE E 29 -23.58 -41.43 31.76
CA ILE E 29 -22.46 -42.20 32.32
C ILE E 29 -22.80 -42.50 33.77
N SER E 30 -22.16 -43.51 34.34
CA SER E 30 -22.32 -43.76 35.76
C SER E 30 -21.69 -42.63 36.56
N GLN E 31 -22.40 -42.17 37.58
CA GLN E 31 -22.01 -40.94 38.26
C GLN E 31 -20.63 -41.08 38.91
N GLU E 32 -20.40 -42.19 39.62
CA GLU E 32 -19.10 -42.36 40.28
C GLU E 32 -17.97 -42.38 39.25
N GLU E 33 -18.28 -42.74 38.01
CA GLU E 33 -17.22 -42.87 37.02
C GLU E 33 -16.52 -41.53 36.79
N MET E 34 -17.29 -40.47 36.52
CA MET E 34 -16.68 -39.14 36.47
C MET E 34 -16.01 -38.82 37.80
N ASP E 35 -16.49 -39.42 38.88
CA ASP E 35 -15.87 -39.30 40.19
C ASP E 35 -14.70 -40.26 40.37
N GLN E 36 -14.39 -41.03 39.33
CA GLN E 36 -13.35 -42.05 39.43
C GLN E 36 -12.07 -41.42 39.98
N SER E 37 -11.56 -41.97 41.07
CA SER E 37 -10.39 -41.41 41.70
C SER E 37 -9.14 -41.75 40.90
N LEU E 38 -8.04 -41.12 41.29
CA LEU E 38 -6.79 -41.27 40.54
C LEU E 38 -6.18 -42.64 40.76
N GLU E 39 -6.14 -43.11 42.02
CA GLU E 39 -5.45 -44.36 42.30
C GLU E 39 -6.26 -45.57 41.85
N GLU E 40 -7.59 -45.48 41.92
CA GLU E 40 -8.37 -46.56 41.33
C GLU E 40 -8.16 -46.60 39.83
N PHE E 41 -7.98 -45.44 39.20
CA PHE E 41 -7.56 -45.41 37.81
C PHE E 41 -6.23 -46.13 37.62
N ARG E 42 -5.26 -45.85 38.49
CA ARG E 42 -3.97 -46.51 38.42
C ARG E 42 -4.15 -48.03 38.44
N SER E 43 -4.86 -48.54 39.44
CA SER E 43 -5.04 -49.98 39.57
C SER E 43 -5.81 -50.54 38.38
N LYS E 44 -6.84 -49.82 37.92
CA LYS E 44 -7.69 -50.33 36.86
C LYS E 44 -6.94 -50.44 35.55
N ILE E 45 -6.00 -49.54 35.28
CA ILE E 45 -5.39 -49.42 33.97
C ILE E 45 -3.88 -49.61 34.03
N CYS E 46 -3.20 -48.88 34.91
CA CYS E 46 -1.74 -48.95 34.95
C CYS E 46 -1.28 -50.37 35.24
N ASP E 47 -0.26 -50.81 34.52
CA ASP E 47 0.23 -52.18 34.60
C ASP E 47 0.93 -52.38 35.93
N SER E 48 1.44 -53.60 36.16
CA SER E 48 2.21 -53.86 37.37
C SER E 48 3.39 -52.91 37.47
N MET E 49 4.12 -52.72 36.36
CA MET E 49 5.19 -51.74 36.32
C MET E 49 4.67 -50.31 36.34
N GLY E 50 3.37 -50.12 36.18
CA GLY E 50 2.77 -48.80 36.11
C GLY E 50 2.38 -48.36 34.71
N ASN E 51 2.82 -49.06 33.69
CA ASN E 51 2.53 -48.66 32.32
C ASN E 51 1.02 -48.76 32.06
N PRO E 52 0.44 -47.85 31.29
CA PRO E 52 -1.00 -47.90 31.05
C PRO E 52 -1.37 -48.92 30.00
N GLN E 53 -2.67 -49.21 29.94
CA GLN E 53 -3.24 -50.12 28.95
C GLN E 53 -4.34 -49.37 28.21
N ARG E 54 -3.99 -48.81 27.05
CA ARG E 54 -4.93 -47.97 26.33
C ARG E 54 -6.17 -48.75 25.92
N LYS E 55 -6.00 -49.95 25.36
CA LYS E 55 -7.16 -50.74 24.99
C LYS E 55 -8.09 -50.95 26.16
N LEU E 56 -7.58 -50.96 27.38
CA LEU E 56 -8.38 -51.06 28.58
C LEU E 56 -9.16 -49.79 28.87
N MET E 57 -9.13 -48.80 27.98
CA MET E 57 -9.82 -47.54 28.21
C MET E 57 -11.08 -47.38 27.38
N SER E 58 -11.14 -47.98 26.18
CA SER E 58 -12.33 -47.84 25.36
C SER E 58 -13.56 -48.20 26.17
N PHE E 59 -14.69 -47.62 25.78
CA PHE E 59 -15.95 -47.93 26.43
C PHE E 59 -17.07 -47.42 25.56
N LEU E 60 -18.28 -47.44 26.10
CA LEU E 60 -19.47 -47.05 25.37
C LEU E 60 -20.33 -46.16 26.26
N ALA E 61 -21.18 -45.37 25.61
CA ALA E 61 -22.14 -44.55 26.31
C ALA E 61 -23.38 -44.43 25.43
N ASN E 62 -24.48 -44.00 26.04
CA ASN E 62 -25.75 -43.98 25.33
C ASN E 62 -26.55 -42.75 25.71
N PRO E 63 -27.40 -42.27 24.82
CA PRO E 63 -28.11 -41.02 25.08
C PRO E 63 -28.99 -41.12 26.31
N THR E 64 -29.01 -40.06 27.08
CA THR E 64 -29.98 -39.99 28.15
C THR E 64 -31.37 -39.80 27.56
N PRO E 65 -32.40 -40.40 28.17
CA PRO E 65 -33.73 -40.32 27.55
C PRO E 65 -34.21 -38.89 27.34
N GLU E 66 -33.88 -37.99 28.26
CA GLU E 66 -34.28 -36.60 28.09
C GLU E 66 -33.62 -36.01 26.85
N ALA E 67 -32.30 -36.14 26.74
CA ALA E 67 -31.61 -35.68 25.54
C ALA E 67 -32.05 -36.48 24.34
N LEU E 68 -32.29 -37.78 24.53
CA LEU E 68 -32.66 -38.65 23.42
C LEU E 68 -33.95 -38.17 22.76
N GLU E 69 -34.94 -37.82 23.58
CA GLU E 69 -36.18 -37.28 23.01
C GLU E 69 -36.03 -35.85 22.55
N LYS E 70 -35.20 -35.05 23.24
CA LYS E 70 -34.98 -33.68 22.80
C LYS E 70 -34.30 -33.66 21.43
N TYR E 71 -33.19 -34.38 21.30
CA TYR E 71 -32.45 -34.47 20.04
C TYR E 71 -32.72 -35.85 19.44
N SER E 72 -33.30 -35.86 18.25
CA SER E 72 -33.74 -37.11 17.65
C SER E 72 -32.58 -38.01 17.24
N ASP E 73 -31.47 -37.45 16.77
CA ASP E 73 -30.42 -38.22 16.13
C ASP E 73 -29.33 -38.66 17.09
N LEU E 74 -29.43 -38.36 18.37
CA LEU E 74 -28.35 -38.63 19.31
C LEU E 74 -28.27 -40.13 19.51
N GLY E 75 -27.43 -40.78 18.70
CA GLY E 75 -27.31 -42.23 18.69
C GLY E 75 -26.09 -42.71 19.44
N THR E 76 -25.92 -44.02 19.46
CA THR E 76 -24.91 -44.67 20.28
C THR E 76 -23.53 -44.08 19.99
N LEU E 77 -22.77 -43.83 21.05
CA LEU E 77 -21.45 -43.25 20.96
C LEU E 77 -20.41 -44.27 21.38
N TRP E 78 -19.39 -44.44 20.54
CA TRP E 78 -18.25 -45.28 20.87
C TRP E 78 -17.02 -44.41 21.07
N VAL E 79 -16.21 -44.77 22.07
CA VAL E 79 -14.97 -44.08 22.35
C VAL E 79 -13.86 -45.12 22.38
N GLU E 80 -12.64 -44.66 22.19
CA GLU E 80 -11.52 -45.58 22.05
C GLU E 80 -10.23 -44.79 22.05
N PHE E 81 -9.16 -45.39 22.58
CA PHE E 81 -7.85 -44.77 22.64
C PHE E 81 -6.92 -45.52 21.71
N CYS E 82 -6.03 -44.78 21.06
CA CYS E 82 -5.07 -45.41 20.16
C CYS E 82 -3.94 -46.05 20.93
N ASP E 83 -3.75 -47.34 20.71
CA ASP E 83 -2.62 -48.04 21.33
C ASP E 83 -1.30 -47.57 20.73
N GLU E 84 -1.25 -47.46 19.41
CA GLU E 84 -0.03 -47.06 18.72
C GLU E 84 0.31 -45.62 19.06
N PRO E 85 1.55 -45.32 19.48
CA PRO E 85 1.92 -43.92 19.68
C PRO E 85 1.78 -43.08 18.43
N SER E 86 1.91 -43.70 17.26
CA SER E 86 1.69 -43.04 15.97
C SER E 86 0.52 -43.71 15.27
N VAL E 87 -0.09 -43.01 14.33
CA VAL E 87 -1.27 -43.49 13.65
C VAL E 87 -0.96 -43.73 12.18
N GLY E 88 -1.37 -44.89 11.66
CA GLY E 88 -1.25 -45.20 10.25
C GLY E 88 -2.58 -45.52 9.60
N ILE E 89 -2.51 -45.77 8.29
CA ILE E 89 -3.74 -46.07 7.55
C ILE E 89 -4.38 -47.35 8.06
N LYS E 90 -3.57 -48.38 8.31
CA LYS E 90 -4.12 -49.66 8.76
C LYS E 90 -4.93 -49.48 10.04
N THR E 91 -4.41 -48.70 10.98
CA THR E 91 -5.11 -48.51 12.25
C THR E 91 -6.47 -47.88 12.02
N MET E 92 -6.51 -46.82 11.20
CA MET E 92 -7.79 -46.15 10.97
C MET E 92 -8.74 -47.03 10.16
N ARG E 93 -8.20 -47.80 9.22
CA ARG E 93 -9.04 -48.72 8.46
C ARG E 93 -9.72 -49.72 9.38
N ASN E 94 -8.93 -50.37 10.24
CA ASN E 94 -9.51 -51.38 11.13
C ASN E 94 -10.44 -50.73 12.14
N PHE E 95 -10.12 -49.52 12.60
CA PHE E 95 -11.01 -48.83 13.52
C PHE E 95 -12.34 -48.50 12.85
N CYS E 96 -12.30 -48.04 11.60
CA CYS E 96 -13.53 -47.78 10.85
C CYS E 96 -14.32 -49.06 10.66
N LEU E 97 -13.64 -50.16 10.36
CA LEU E 97 -14.34 -51.43 10.21
C LEU E 97 -15.00 -51.85 11.52
N ARG E 98 -14.30 -51.68 12.64
CA ARG E 98 -14.89 -52.02 13.92
C ARG E 98 -16.11 -51.16 14.22
N ILE E 99 -16.01 -49.86 13.92
CA ILE E 99 -17.16 -48.99 14.11
C ILE E 99 -18.33 -49.45 13.27
N GLN E 100 -18.06 -49.74 11.99
CA GLN E 100 -19.14 -50.12 11.08
C GLN E 100 -19.79 -51.42 11.52
N GLU E 101 -18.99 -52.43 11.87
CA GLU E 101 -19.56 -53.69 12.29
C GLU E 101 -20.35 -53.54 13.59
N LYS E 102 -19.78 -52.87 14.58
CA LYS E 102 -20.50 -52.63 15.81
C LYS E 102 -21.69 -51.69 15.61
N ASN E 103 -21.71 -50.96 14.49
CA ASN E 103 -22.82 -50.08 14.13
C ASN E 103 -23.04 -49.00 15.18
N PHE E 104 -22.03 -48.16 15.33
CA PHE E 104 -22.13 -46.98 16.19
C PHE E 104 -22.25 -45.74 15.32
N SER E 105 -23.35 -45.00 15.51
CA SER E 105 -23.59 -43.81 14.71
C SER E 105 -22.49 -42.77 14.93
N THR E 106 -21.89 -42.76 16.12
CA THR E 106 -20.85 -41.80 16.46
C THR E 106 -19.66 -42.52 17.08
N GLY E 107 -18.47 -42.15 16.63
CA GLY E 107 -17.25 -42.73 17.17
C GLY E 107 -16.20 -41.65 17.35
N ILE E 108 -15.34 -41.87 18.34
CA ILE E 108 -14.30 -40.93 18.71
C ILE E 108 -12.98 -41.66 18.81
N PHE E 109 -11.93 -41.06 18.27
CA PHE E 109 -10.59 -41.63 18.29
C PHE E 109 -9.65 -40.66 18.99
N ILE E 110 -8.70 -41.19 19.74
CA ILE E 110 -7.73 -40.39 20.47
C ILE E 110 -6.35 -40.98 20.21
N TYR E 111 -5.47 -40.16 19.64
CA TYR E 111 -4.10 -40.55 19.39
C TYR E 111 -3.18 -39.87 20.40
N GLN E 112 -1.87 -39.99 20.18
CA GLN E 112 -0.87 -39.42 21.08
C GLN E 112 0.04 -38.43 20.38
N ASN E 113 0.41 -38.68 19.12
CA ASN E 113 1.36 -37.85 18.41
C ASN E 113 0.74 -37.15 17.21
N ASN E 114 0.09 -37.90 16.31
CA ASN E 114 -0.46 -37.29 15.12
C ASN E 114 -1.29 -38.32 14.37
N ILE E 115 -1.86 -37.87 13.25
CA ILE E 115 -2.53 -38.72 12.29
C ILE E 115 -1.93 -38.44 10.93
N THR E 116 -1.47 -39.49 10.25
CA THR E 116 -0.91 -39.30 8.93
C THR E 116 -1.96 -38.67 8.02
N PRO E 117 -1.60 -37.68 7.21
CA PRO E 117 -2.61 -36.97 6.42
C PRO E 117 -3.41 -37.91 5.54
N SER E 118 -2.80 -38.96 5.01
CA SER E 118 -3.55 -39.92 4.21
C SER E 118 -4.71 -40.50 5.02
N ALA E 119 -4.45 -40.89 6.26
CA ALA E 119 -5.52 -41.40 7.10
C ALA E 119 -6.59 -40.34 7.30
N ASN E 120 -6.18 -39.11 7.61
CA ASN E 120 -7.15 -38.04 7.75
C ASN E 120 -8.03 -37.92 6.51
N LYS E 121 -7.46 -38.17 5.34
CA LYS E 121 -8.23 -38.00 4.10
C LYS E 121 -9.47 -38.88 4.11
N MET E 122 -9.33 -40.14 4.49
CA MET E 122 -10.45 -41.07 4.43
C MET E 122 -11.30 -41.03 5.69
N ILE E 123 -11.06 -40.08 6.58
CA ILE E 123 -11.89 -39.96 7.78
C ILE E 123 -13.36 -39.75 7.44
N PRO E 124 -13.73 -38.85 6.53
CA PRO E 124 -15.16 -38.61 6.27
C PRO E 124 -15.78 -39.67 5.38
N THR E 125 -15.07 -40.77 5.16
CA THR E 125 -15.52 -41.83 4.26
C THR E 125 -16.17 -42.98 5.01
N VAL E 126 -16.87 -42.69 6.11
CA VAL E 126 -17.52 -43.74 6.90
C VAL E 126 -18.96 -43.34 7.16
N SER E 127 -19.52 -42.49 6.30
CA SER E 127 -20.89 -42.05 6.48
C SER E 127 -21.85 -43.22 6.29
N PRO E 128 -23.03 -43.18 6.93
CA PRO E 128 -23.53 -42.09 7.76
C PRO E 128 -22.89 -42.04 9.14
N ALA E 129 -22.20 -43.11 9.53
CA ALA E 129 -21.45 -43.10 10.77
C ALA E 129 -20.44 -41.97 10.75
N ILE E 130 -20.38 -41.20 11.81
CA ILE E 130 -19.57 -39.98 11.86
C ILE E 130 -18.46 -40.19 12.87
N ILE E 131 -17.23 -39.87 12.46
CA ILE E 131 -16.04 -40.15 13.25
C ILE E 131 -15.32 -38.83 13.51
N GLU E 132 -14.51 -38.80 14.57
CA GLU E 132 -13.75 -37.62 14.94
C GLU E 132 -12.49 -38.06 15.69
N THR E 133 -11.53 -37.15 15.77
CA THR E 133 -10.30 -37.40 16.51
C THR E 133 -10.00 -36.23 17.43
N PHE E 134 -9.24 -36.49 18.48
CA PHE E 134 -8.81 -35.48 19.43
C PHE E 134 -7.45 -35.87 19.95
N GLN E 135 -6.47 -34.97 19.82
CA GLN E 135 -5.17 -35.26 20.41
C GLN E 135 -5.31 -35.38 21.93
N GLU E 136 -4.47 -36.21 22.53
CA GLU E 136 -4.54 -36.40 23.97
C GLU E 136 -4.17 -35.13 24.73
N SER E 137 -3.08 -34.48 24.33
CA SER E 137 -2.63 -33.30 25.07
C SER E 137 -3.67 -32.20 25.02
N ASP E 138 -4.36 -32.06 23.88
CA ASP E 138 -5.40 -31.05 23.74
C ASP E 138 -6.53 -31.27 24.73
N LEU E 139 -6.67 -32.47 25.29
CA LEU E 139 -7.75 -32.80 26.19
C LEU E 139 -7.30 -32.87 27.66
N VAL E 140 -6.11 -32.37 27.97
CA VAL E 140 -5.64 -32.39 29.35
C VAL E 140 -6.57 -31.57 30.24
N VAL E 141 -6.93 -30.37 29.80
CA VAL E 141 -7.74 -29.43 30.58
C VAL E 141 -8.99 -29.12 29.79
N ASN E 142 -10.15 -29.27 30.44
CA ASN E 142 -11.42 -28.98 29.79
C ASN E 142 -11.56 -27.48 29.58
N ILE E 143 -11.73 -27.08 28.33
CA ILE E 143 -11.76 -25.65 28.03
C ILE E 143 -13.03 -25.01 28.56
N THR E 144 -14.19 -25.68 28.41
CA THR E 144 -15.44 -25.07 28.86
C THR E 144 -15.42 -24.73 30.35
N HIS E 145 -14.41 -25.16 31.10
CA HIS E 145 -14.26 -24.79 32.48
C HIS E 145 -13.20 -23.74 32.70
N HIS E 146 -12.77 -23.03 31.66
CA HIS E 146 -11.94 -21.86 31.88
C HIS E 146 -12.80 -20.62 32.08
N GLU E 147 -12.24 -19.65 32.79
CA GLU E 147 -13.03 -18.52 33.26
C GLU E 147 -13.70 -17.79 32.11
N LEU E 148 -12.92 -17.43 31.08
CA LEU E 148 -13.47 -16.60 30.02
C LEU E 148 -14.57 -17.34 29.26
N VAL E 149 -14.40 -18.62 29.01
CA VAL E 149 -15.30 -19.35 28.13
C VAL E 149 -16.70 -19.37 28.74
N PRO E 150 -17.73 -18.96 28.00
CA PRO E 150 -19.10 -19.15 28.49
C PRO E 150 -19.62 -20.51 28.11
N LYS E 151 -20.87 -20.78 28.47
CA LYS E 151 -21.45 -22.12 28.31
C LYS E 151 -22.27 -22.14 27.03
N HIS E 152 -21.86 -22.96 26.07
CA HIS E 152 -22.61 -23.14 24.84
C HIS E 152 -23.73 -24.14 25.07
N ILE E 153 -24.84 -23.95 24.37
CA ILE E 153 -25.96 -24.87 24.43
C ILE E 153 -26.48 -25.09 23.02
N ARG E 154 -26.62 -26.35 22.63
CA ARG E 154 -27.17 -26.68 21.33
C ARG E 154 -28.68 -26.54 21.35
N LEU E 155 -29.27 -26.39 20.17
CA LEU E 155 -30.72 -26.26 20.04
C LEU E 155 -31.30 -27.45 19.31
N SER E 156 -32.58 -27.71 19.56
CA SER E 156 -33.30 -28.70 18.79
C SER E 156 -33.77 -28.08 17.48
N ASP E 157 -34.24 -28.95 16.57
CA ASP E 157 -34.76 -28.45 15.30
C ASP E 157 -35.94 -27.53 15.53
N GLY E 158 -36.84 -27.90 16.44
CA GLY E 158 -37.94 -26.99 16.78
C GLY E 158 -37.43 -25.68 17.34
N GLU E 159 -36.47 -25.75 18.26
CA GLU E 159 -35.95 -24.53 18.87
C GLU E 159 -35.33 -23.61 17.84
N LYS E 160 -34.41 -24.13 17.04
CA LYS E 160 -33.73 -23.32 16.04
C LYS E 160 -34.73 -22.80 15.01
N SER E 161 -35.67 -23.64 14.58
CA SER E 161 -36.65 -23.20 13.61
C SER E 161 -37.49 -22.05 14.16
N GLN E 162 -37.93 -22.17 15.41
CA GLN E 162 -38.70 -21.10 16.01
C GLN E 162 -37.86 -19.83 16.13
N LEU E 163 -36.61 -19.97 16.53
CA LEU E 163 -35.73 -18.80 16.64
C LEU E 163 -35.67 -18.08 15.30
N LEU E 164 -35.40 -18.80 14.23
CA LEU E 164 -35.32 -18.16 12.92
C LEU E 164 -36.66 -17.56 12.52
N GLN E 165 -37.76 -18.23 12.85
CA GLN E 165 -39.07 -17.64 12.59
C GLN E 165 -39.25 -16.33 13.34
N ARG E 166 -38.61 -16.20 14.50
CA ARG E 166 -38.82 -15.05 15.35
C ARG E 166 -38.27 -13.78 14.71
N TYR E 167 -37.02 -13.82 14.24
CA TYR E 167 -36.39 -12.66 13.63
C TYR E 167 -36.69 -12.54 12.14
N LYS E 168 -37.33 -13.54 11.53
CA LYS E 168 -37.58 -13.54 10.09
C LYS E 168 -36.27 -13.51 9.31
N LEU E 169 -35.48 -14.56 9.52
CA LEU E 169 -34.08 -14.61 9.10
C LEU E 169 -33.84 -15.70 8.07
N LYS E 170 -32.57 -15.78 7.64
CA LYS E 170 -32.05 -16.87 6.82
C LYS E 170 -30.85 -17.46 7.53
N GLU E 171 -30.67 -18.78 7.39
CA GLU E 171 -29.66 -19.46 8.20
C GLU E 171 -28.30 -18.81 8.07
N SER E 172 -27.97 -18.28 6.90
CA SER E 172 -26.69 -17.62 6.71
C SER E 172 -26.59 -16.31 7.45
N GLN E 173 -27.72 -15.66 7.75
CA GLN E 173 -27.72 -14.32 8.31
C GLN E 173 -27.21 -14.26 9.74
N LEU E 174 -27.04 -15.39 10.41
CA LEU E 174 -26.66 -15.35 11.80
C LEU E 174 -25.15 -15.36 11.96
N PRO E 175 -24.65 -14.93 13.11
CA PRO E 175 -23.21 -15.05 13.38
C PRO E 175 -22.79 -16.50 13.25
N ARG E 176 -21.53 -16.70 12.85
CA ARG E 176 -21.06 -18.02 12.50
C ARG E 176 -19.86 -18.41 13.34
N ILE E 177 -19.84 -19.67 13.75
CA ILE E 177 -18.77 -20.25 14.55
C ILE E 177 -18.14 -21.38 13.75
N GLN E 178 -16.82 -21.33 13.60
CA GLN E 178 -16.14 -22.33 12.80
C GLN E 178 -16.34 -23.73 13.38
N ARG E 179 -16.68 -24.67 12.50
CA ARG E 179 -16.85 -26.05 12.95
C ARG E 179 -15.56 -26.60 13.55
N GLU E 180 -14.43 -26.00 13.21
CA GLU E 180 -13.15 -26.37 13.79
C GLU E 180 -12.82 -25.57 15.04
N ASP E 181 -13.74 -24.71 15.46
CA ASP E 181 -13.59 -24.03 16.73
C ASP E 181 -13.44 -25.05 17.85
N PRO E 182 -12.39 -24.96 18.68
CA PRO E 182 -12.20 -26.00 19.71
C PRO E 182 -13.47 -26.34 20.46
N VAL E 183 -14.26 -25.35 20.85
CA VAL E 183 -15.52 -25.65 21.51
C VAL E 183 -16.44 -26.42 20.56
N ALA E 184 -16.45 -26.06 19.28
CA ALA E 184 -17.29 -26.76 18.33
C ALA E 184 -16.93 -28.25 18.29
N ARG E 185 -15.64 -28.55 18.26
CA ARG E 185 -15.20 -29.95 18.35
C ARG E 185 -15.68 -30.57 19.65
N TYR E 186 -15.42 -29.91 20.77
CA TYR E 186 -15.78 -30.47 22.07
C TYR E 186 -17.26 -30.84 22.10
N LEU E 187 -18.12 -29.98 21.56
CA LEU E 187 -19.54 -30.27 21.48
C LEU E 187 -19.90 -31.07 20.24
N GLY E 188 -18.93 -31.46 19.44
CA GLY E 188 -19.23 -32.26 18.26
C GLY E 188 -20.19 -31.52 17.35
N LEU E 189 -19.91 -30.26 17.09
CA LEU E 189 -20.79 -29.47 16.25
C LEU E 189 -20.79 -29.97 14.82
N LYS E 190 -21.91 -29.77 14.14
CA LYS E 190 -22.11 -30.16 12.76
C LYS E 190 -22.76 -29.01 12.00
N ARG E 191 -22.59 -29.04 10.68
CA ARG E 191 -23.06 -27.95 9.84
C ARG E 191 -24.55 -27.71 10.06
N GLY E 192 -24.94 -26.44 10.10
CA GLY E 192 -26.32 -26.05 10.21
C GLY E 192 -26.86 -25.98 11.62
N GLN E 193 -26.16 -26.53 12.59
CA GLN E 193 -26.62 -26.45 13.97
C GLN E 193 -26.51 -25.04 14.49
N VAL E 194 -27.26 -24.75 15.55
CA VAL E 194 -27.29 -23.43 16.16
C VAL E 194 -27.09 -23.59 17.66
N VAL E 195 -26.00 -23.03 18.18
CA VAL E 195 -25.71 -23.11 19.61
C VAL E 195 -25.89 -21.74 20.22
N LYS E 196 -26.66 -21.70 21.31
CA LYS E 196 -26.96 -20.46 22.02
C LYS E 196 -25.98 -20.29 23.17
N ILE E 197 -25.40 -19.11 23.26
CA ILE E 197 -24.44 -18.78 24.31
C ILE E 197 -25.00 -17.62 25.11
N ILE E 198 -25.10 -17.82 26.42
CA ILE E 198 -25.54 -16.77 27.32
C ILE E 198 -24.29 -16.20 27.98
N ARG E 199 -24.20 -14.88 28.04
CA ARG E 199 -22.96 -14.19 28.37
C ARG E 199 -23.18 -13.22 29.52
N ARG E 200 -22.12 -13.02 30.30
CA ARG E 200 -22.18 -12.13 31.44
C ARG E 200 -22.01 -10.69 30.98
N SER E 201 -23.14 -9.99 30.81
CA SER E 201 -23.15 -8.65 30.23
C SER E 201 -23.22 -7.60 31.32
N GLU E 202 -22.28 -6.67 31.27
CA GLU E 202 -22.20 -5.60 32.25
C GLU E 202 -23.20 -4.49 31.98
N THR E 203 -24.20 -4.72 31.13
CA THR E 203 -25.27 -3.78 30.90
C THR E 203 -26.65 -4.40 31.02
N SER E 204 -26.75 -5.72 30.89
CA SER E 204 -27.97 -6.43 31.23
C SER E 204 -27.73 -7.77 31.92
N GLY E 205 -26.50 -8.05 32.36
CA GLY E 205 -26.17 -9.24 33.08
C GLY E 205 -26.21 -10.51 32.25
N ARG E 206 -27.34 -10.78 31.62
CA ARG E 206 -27.56 -12.07 30.96
C ARG E 206 -27.96 -11.80 29.52
N TYR E 207 -26.96 -11.67 28.65
CA TYR E 207 -27.19 -11.52 27.22
C TYR E 207 -27.11 -12.89 26.58
N ALA E 208 -28.18 -13.27 25.88
CA ALA E 208 -28.25 -14.55 25.20
C ALA E 208 -27.83 -14.37 23.76
N SER E 209 -26.77 -15.07 23.36
CA SER E 209 -26.21 -14.94 22.02
C SER E 209 -26.38 -16.25 21.26
N TYR E 210 -26.91 -16.14 20.03
CA TYR E 210 -27.04 -17.27 19.13
C TYR E 210 -25.85 -17.29 18.17
N ARG E 211 -25.57 -18.47 17.65
CA ARG E 211 -24.55 -18.65 16.62
C ARG E 211 -24.94 -19.81 15.73
N ILE E 212 -24.44 -19.80 14.51
CA ILE E 212 -24.57 -20.93 13.60
C ILE E 212 -23.18 -21.44 13.29
N CYS E 213 -23.10 -22.69 12.87
CA CYS E 213 -21.82 -23.33 12.64
C CYS E 213 -21.52 -23.45 11.15
N LEU E 214 -20.22 -23.54 10.85
CA LEU E 214 -19.76 -23.75 9.48
C LEU E 214 -18.74 -24.89 9.46
N GLU F 71 -49.16 -9.35 2.84
CA GLU F 71 -47.87 -10.07 2.63
C GLU F 71 -46.71 -9.29 3.24
N LEU F 72 -46.28 -8.21 2.57
CA LEU F 72 -45.28 -7.34 3.17
C LEU F 72 -45.90 -6.48 4.26
N ALA F 73 -47.20 -6.19 4.14
CA ALA F 73 -47.92 -5.53 5.21
C ALA F 73 -48.17 -6.49 6.37
N ILE F 74 -48.44 -5.94 7.54
CA ILE F 74 -48.76 -6.70 8.73
C ILE F 74 -49.96 -6.03 9.41
N LEU F 75 -50.93 -6.85 9.82
CA LEU F 75 -52.21 -6.32 10.26
C LEU F 75 -52.09 -5.56 11.57
N LYS F 76 -52.93 -4.53 11.71
CA LYS F 76 -52.84 -3.62 12.84
C LYS F 76 -53.07 -4.33 14.17
N GLU F 77 -53.69 -5.51 14.16
CA GLU F 77 -53.86 -6.24 15.41
C GLU F 77 -52.52 -6.72 15.95
N GLU F 78 -51.60 -7.09 15.05
CA GLU F 78 -50.35 -7.74 15.43
C GLU F 78 -49.14 -6.82 15.28
N ARG F 79 -49.36 -5.53 15.12
CA ARG F 79 -48.23 -4.60 15.00
C ARG F 79 -47.34 -4.73 16.23
N THR F 80 -46.03 -4.77 16.00
CA THR F 80 -45.07 -5.00 17.08
C THR F 80 -44.10 -3.86 17.31
N THR F 81 -43.97 -2.92 16.37
CA THR F 81 -42.99 -1.86 16.53
C THR F 81 -43.40 -0.89 17.62
N THR F 82 -42.43 -0.12 18.09
CA THR F 82 -42.67 0.79 19.20
C THR F 82 -43.74 1.83 18.82
N PRO F 83 -44.56 2.27 19.77
CA PRO F 83 -45.59 3.26 19.45
C PRO F 83 -45.16 4.70 19.68
N TYR F 84 -44.01 4.94 20.29
CA TYR F 84 -43.47 6.28 20.38
C TYR F 84 -42.91 6.72 19.04
N LEU F 85 -42.91 8.02 18.81
CA LEU F 85 -42.44 8.59 17.55
C LEU F 85 -40.96 8.93 17.71
N THR F 86 -40.12 8.29 16.91
CA THR F 86 -38.69 8.48 17.01
C THR F 86 -38.29 9.85 16.47
N LYS F 87 -37.15 10.35 16.96
CA LYS F 87 -36.69 11.66 16.53
C LYS F 87 -36.64 11.76 15.02
N TYR F 88 -36.15 10.72 14.35
CA TYR F 88 -36.07 10.76 12.89
C TYR F 88 -37.45 10.90 12.28
N GLU F 89 -38.42 10.14 12.78
CA GLU F 89 -39.78 10.28 12.28
C GLU F 89 -40.30 11.68 12.52
N ARG F 90 -40.03 12.23 13.71
CA ARG F 90 -40.43 13.60 13.99
C ARG F 90 -39.88 14.55 12.94
N ALA F 91 -38.57 14.48 12.70
CA ALA F 91 -37.93 15.41 11.79
C ALA F 91 -38.47 15.25 10.38
N ARG F 92 -38.60 14.01 9.92
CA ARG F 92 -39.07 13.77 8.56
C ARG F 92 -40.49 14.27 8.38
N ILE F 93 -41.37 13.97 9.33
CA ILE F 93 -42.75 14.42 9.22
C ILE F 93 -42.81 15.94 9.26
N LEU F 94 -42.06 16.55 10.18
CA LEU F 94 -42.06 18.01 10.28
C LEU F 94 -41.63 18.63 8.97
N GLY F 95 -40.50 18.17 8.42
CA GLY F 95 -40.03 18.75 7.18
C GLY F 95 -41.00 18.54 6.04
N THR F 96 -41.52 17.33 5.91
CA THR F 96 -42.47 17.03 4.85
C THR F 96 -43.69 17.93 4.96
N ARG F 97 -44.31 17.97 6.14
CA ARG F 97 -45.49 18.79 6.33
C ARG F 97 -45.19 20.26 6.08
N ALA F 98 -44.10 20.77 6.66
CA ALA F 98 -43.76 22.18 6.50
C ALA F 98 -43.58 22.53 5.03
N LEU F 99 -42.89 21.67 4.28
CA LEU F 99 -42.83 21.84 2.83
C LEU F 99 -44.23 21.91 2.25
N GLN F 100 -45.03 20.86 2.45
CA GLN F 100 -46.38 20.84 1.90
C GLN F 100 -47.14 22.08 2.34
N ILE F 101 -47.08 22.39 3.62
CA ILE F 101 -47.71 23.61 4.13
C ILE F 101 -47.21 24.80 3.34
N SER F 102 -45.90 24.90 3.15
CA SER F 102 -45.30 26.07 2.51
C SER F 102 -45.55 26.11 1.01
N MET F 103 -46.07 25.04 0.42
CA MET F 103 -46.42 25.04 -1.00
C MET F 103 -47.91 24.83 -1.21
N ASN F 104 -48.74 25.54 -0.45
CA ASN F 104 -50.18 25.63 -0.70
C ASN F 104 -50.93 24.40 -0.22
N ALA F 105 -50.40 23.70 0.77
CA ALA F 105 -51.16 22.61 1.33
C ALA F 105 -52.06 23.13 2.45
N PRO F 106 -53.21 22.49 2.68
CA PRO F 106 -54.11 22.96 3.74
C PRO F 106 -53.48 22.79 5.12
N VAL F 107 -53.93 23.63 6.05
CA VAL F 107 -53.45 23.63 7.43
C VAL F 107 -54.53 23.03 8.30
N LEU F 108 -54.19 22.03 9.10
CA LEU F 108 -55.19 21.32 9.89
C LEU F 108 -55.43 21.93 11.26
N VAL F 109 -54.75 23.02 11.61
CA VAL F 109 -54.97 23.72 12.86
C VAL F 109 -54.84 25.23 12.60
N ASP F 110 -55.11 26.01 13.63
CA ASP F 110 -55.20 27.45 13.50
C ASP F 110 -53.81 28.08 13.44
N ILE F 111 -53.73 29.19 12.71
CA ILE F 111 -52.54 30.04 12.68
C ILE F 111 -52.94 31.39 13.23
N GLU F 112 -52.18 31.88 14.20
CA GLU F 112 -52.47 33.17 14.83
C GLU F 112 -51.35 34.18 14.57
N GLY F 113 -50.11 33.81 14.88
CA GLY F 113 -48.97 34.69 14.65
C GLY F 113 -47.78 33.99 14.04
N GLU F 114 -47.81 32.66 14.02
CA GLU F 114 -46.66 31.88 13.58
C GLU F 114 -46.75 31.70 12.07
N THR F 115 -46.30 32.70 11.32
CA THR F 115 -46.30 32.63 9.87
C THR F 115 -45.30 31.63 9.32
N ASP F 116 -44.41 31.11 10.14
CA ASP F 116 -43.39 30.20 9.66
C ASP F 116 -43.99 28.82 9.41
N PRO F 117 -43.92 28.29 8.19
CA PRO F 117 -44.50 26.96 7.95
C PRO F 117 -43.97 25.89 8.87
N LEU F 118 -42.68 25.94 9.21
CA LEU F 118 -42.16 24.98 10.18
C LEU F 118 -42.86 25.13 11.51
N GLN F 119 -43.10 26.36 11.95
CA GLN F 119 -43.82 26.57 13.21
C GLN F 119 -45.24 26.04 13.11
N ILE F 120 -45.89 26.23 11.96
CA ILE F 120 -47.22 25.68 11.77
C ILE F 120 -47.18 24.17 11.90
N ALA F 121 -46.18 23.53 11.30
CA ALA F 121 -46.07 22.08 11.39
C ALA F 121 -45.83 21.63 12.82
N MET F 122 -44.96 22.33 13.54
CA MET F 122 -44.72 21.98 14.94
C MET F 122 -46.01 22.04 15.74
N LYS F 123 -46.76 23.14 15.59
CA LYS F 123 -48.00 23.27 16.33
C LYS F 123 -48.99 22.19 15.94
N GLU F 124 -49.11 21.92 14.64
CA GLU F 124 -50.08 20.93 14.18
C GLU F 124 -49.74 19.54 14.72
N LEU F 125 -48.45 19.20 14.76
CA LEU F 125 -48.05 17.94 15.38
C LEU F 125 -48.39 17.95 16.86
N SER F 126 -48.15 19.07 17.54
CA SER F 126 -48.46 19.12 18.96
C SER F 126 -49.93 18.85 19.23
N GLN F 127 -50.80 19.15 18.27
CA GLN F 127 -52.22 18.85 18.38
C GLN F 127 -52.60 17.50 17.79
N ARG F 128 -51.66 16.77 17.21
CA ARG F 128 -51.94 15.45 16.66
C ARG F 128 -52.99 15.56 15.55
N LYS F 129 -52.74 16.45 14.61
CA LYS F 129 -53.67 16.75 13.52
C LYS F 129 -52.94 16.73 12.19
N ILE F 130 -52.09 15.73 11.97
CA ILE F 130 -51.25 15.64 10.79
C ILE F 130 -51.64 14.38 10.02
N PRO F 131 -52.05 14.48 8.76
CA PRO F 131 -52.54 13.31 8.01
C PRO F 131 -51.43 12.57 7.24
N LEU F 132 -50.53 11.93 7.98
CA LEU F 132 -49.43 11.19 7.38
C LEU F 132 -49.28 9.86 8.08
N VAL F 133 -49.03 8.82 7.29
CA VAL F 133 -48.84 7.46 7.80
C VAL F 133 -47.38 7.07 7.58
N ILE F 134 -46.71 6.73 8.65
CA ILE F 134 -45.37 6.17 8.58
C ILE F 134 -45.50 4.73 8.08
N ARG F 135 -44.63 4.36 7.15
CA ARG F 135 -44.47 2.96 6.75
C ARG F 135 -43.06 2.56 7.13
N ARG F 136 -42.93 1.77 8.18
CA ARG F 136 -41.65 1.28 8.64
C ARG F 136 -41.34 -0.03 7.94
N TYR F 137 -40.11 -0.18 7.47
CA TYR F 137 -39.70 -1.41 6.78
C TYR F 137 -38.95 -2.30 7.76
N LEU F 138 -39.44 -3.53 7.89
CA LEU F 138 -38.73 -4.51 8.69
C LEU F 138 -37.47 -4.94 7.96
N PRO F 139 -36.49 -5.48 8.67
CA PRO F 139 -35.25 -5.89 7.98
C PRO F 139 -35.53 -6.87 6.85
N ASP F 140 -36.46 -7.78 7.04
CA ASP F 140 -36.74 -8.78 6.00
C ASP F 140 -37.22 -8.12 4.72
N GLY F 141 -38.10 -7.14 4.83
CA GLY F 141 -38.71 -6.52 3.68
C GLY F 141 -40.15 -6.19 3.92
N SER F 142 -40.75 -6.86 4.91
CA SER F 142 -42.12 -6.55 5.30
C SER F 142 -42.19 -5.17 5.92
N TYR F 143 -43.37 -4.57 5.85
CA TYR F 143 -43.60 -3.25 6.41
C TYR F 143 -44.87 -3.26 7.23
N GLU F 144 -45.01 -2.26 8.09
CA GLU F 144 -46.25 -2.03 8.83
C GLU F 144 -46.59 -0.56 8.78
N ASP F 145 -47.88 -0.25 8.95
CA ASP F 145 -48.39 1.10 8.76
C ASP F 145 -48.83 1.66 10.11
N TRP F 146 -48.13 2.69 10.58
CA TRP F 146 -48.53 3.43 11.76
C TRP F 146 -49.09 4.78 11.34
N GLY F 147 -50.10 5.25 12.05
CA GLY F 147 -50.64 6.58 11.81
C GLY F 147 -49.94 7.60 12.69
N CYS F 148 -49.61 8.74 12.09
CA CYS F 148 -49.13 9.87 12.88
C CYS F 148 -50.12 10.22 13.97
N ASP F 149 -51.42 9.97 13.75
CA ASP F 149 -52.41 10.15 14.80
C ASP F 149 -52.14 9.25 15.99
N GLU F 150 -51.97 7.95 15.78
CA GLU F 150 -51.86 7.00 16.88
C GLU F 150 -50.52 7.07 17.60
N LEU F 151 -49.45 7.44 16.93
CA LEU F 151 -48.12 7.40 17.53
C LEU F 151 -48.09 8.32 18.74
N ILE F 152 -47.53 7.81 19.84
CA ILE F 152 -47.45 8.57 21.08
C ILE F 152 -46.28 9.54 20.98
N VAL F 153 -46.58 10.81 20.82
CA VAL F 153 -45.56 11.85 20.70
C VAL F 153 -45.16 12.29 22.10
N ASP F 154 -43.87 12.24 22.38
CA ASP F 154 -43.36 12.65 23.67
C ASP F 154 -43.11 14.15 23.70
N MET G 1 -60.26 -9.70 -31.57
CA MET G 1 -60.26 -10.24 -30.17
C MET G 1 -60.13 -9.16 -29.10
N PHE G 2 -61.28 -8.77 -28.55
CA PHE G 2 -61.30 -7.86 -27.43
C PHE G 2 -60.78 -8.57 -26.18
N PHE G 3 -60.14 -7.82 -25.30
CA PHE G 3 -59.54 -8.38 -24.10
C PHE G 3 -59.85 -7.53 -22.87
N LEU G 4 -60.06 -8.22 -21.75
CA LEU G 4 -60.05 -7.59 -20.42
C LEU G 4 -58.62 -7.66 -19.89
N LYS G 5 -58.10 -6.51 -19.44
CA LYS G 5 -56.72 -6.41 -18.97
C LYS G 5 -56.68 -5.72 -17.61
N ASP G 6 -55.74 -6.16 -16.78
CA ASP G 6 -55.50 -5.57 -15.46
C ASP G 6 -54.48 -4.45 -15.62
N LEU G 7 -54.98 -3.23 -15.74
CA LEU G 7 -54.14 -2.07 -16.04
C LEU G 7 -53.89 -1.24 -14.79
N SER G 8 -52.64 -0.78 -14.65
CA SER G 8 -52.25 0.11 -13.55
C SER G 8 -51.45 1.27 -14.11
N LEU G 9 -51.79 2.48 -13.69
CA LEU G 9 -51.09 3.69 -14.09
C LEU G 9 -50.79 4.54 -12.86
N ILE G 10 -49.54 4.96 -12.74
CA ILE G 10 -49.10 5.82 -11.64
C ILE G 10 -49.51 7.25 -11.98
N LEU G 11 -50.10 7.93 -11.00
CA LEU G 11 -50.58 9.29 -11.17
C LEU G 11 -49.90 10.21 -10.18
N THR G 12 -49.78 11.48 -10.57
CA THR G 12 -49.09 12.48 -9.78
C THR G 12 -50.06 13.57 -9.38
N LEU G 13 -50.06 13.94 -8.10
CA LEU G 13 -50.92 14.98 -7.57
C LEU G 13 -50.07 16.00 -6.81
N HIS G 14 -50.38 17.27 -6.99
CA HIS G 14 -49.71 18.34 -6.27
C HIS G 14 -50.21 18.41 -4.82
N PRO G 15 -49.35 18.79 -3.88
CA PRO G 15 -49.81 18.92 -2.48
C PRO G 15 -50.87 19.98 -2.28
N SER G 16 -51.03 20.92 -3.22
CA SER G 16 -52.10 21.89 -3.11
C SER G 16 -53.48 21.23 -3.19
N TYR G 17 -53.55 20.00 -3.70
CA TYR G 17 -54.81 19.29 -3.87
C TYR G 17 -55.02 18.21 -2.81
N PHE G 18 -54.64 18.50 -1.57
CA PHE G 18 -54.67 17.55 -0.48
C PHE G 18 -55.90 17.82 0.39
N GLY G 19 -56.98 17.07 0.14
CA GLY G 19 -58.20 17.25 0.88
C GLY G 19 -58.95 15.94 1.08
N PRO G 20 -60.25 16.03 1.37
CA PRO G 20 -61.01 14.80 1.66
C PRO G 20 -61.07 13.81 0.51
N GLN G 21 -61.07 14.29 -0.74
CA GLN G 21 -61.53 13.44 -1.85
C GLN G 21 -60.51 13.26 -2.97
N MET G 22 -59.23 13.10 -2.65
CA MET G 22 -58.29 12.82 -3.73
C MET G 22 -58.61 11.53 -4.45
N ASN G 23 -59.31 10.61 -3.80
CA ASN G 23 -59.64 9.34 -4.47
C ASN G 23 -60.45 9.60 -5.72
N GLN G 24 -61.56 10.33 -5.59
CA GLN G 24 -62.40 10.56 -6.75
C GLN G 24 -61.64 11.36 -7.80
N TYR G 25 -60.85 12.35 -7.37
CA TYR G 25 -60.10 13.20 -8.31
C TYR G 25 -59.15 12.36 -9.14
N LEU G 26 -58.36 11.50 -8.48
CA LEU G 26 -57.51 10.56 -9.20
C LEU G 26 -58.34 9.71 -10.15
N ARG G 27 -59.55 9.33 -9.74
CA ARG G 27 -60.36 8.46 -10.59
C ARG G 27 -60.75 9.15 -11.90
N GLU G 28 -61.25 10.39 -11.84
CA GLU G 28 -61.60 10.99 -13.14
C GLU G 28 -60.35 11.39 -13.91
N LYS G 29 -59.25 11.72 -13.22
CA LYS G 29 -58.00 11.94 -13.93
C LYS G 29 -57.61 10.72 -14.74
N LEU G 30 -57.70 9.54 -14.12
CA LEU G 30 -57.40 8.31 -14.85
C LEU G 30 -58.35 8.12 -16.01
N LEU G 31 -59.65 8.28 -15.77
CA LEU G 31 -60.63 8.10 -16.84
C LEU G 31 -60.32 9.03 -18.01
N THR G 32 -59.88 10.26 -17.72
CA THR G 32 -59.63 11.24 -18.77
C THR G 32 -58.31 10.96 -19.48
N ASP G 33 -57.31 10.45 -18.76
CA ASP G 33 -55.96 10.36 -19.30
C ASP G 33 -55.70 9.03 -20.01
N VAL G 34 -56.02 7.90 -19.37
CA VAL G 34 -55.66 6.62 -19.95
C VAL G 34 -56.49 6.30 -21.18
N GLU G 35 -57.78 6.65 -21.17
CA GLU G 35 -58.70 6.22 -22.23
C GLU G 35 -58.37 6.89 -23.55
N GLY G 36 -58.40 6.10 -24.62
CA GLY G 36 -58.24 6.61 -25.97
C GLY G 36 -56.84 6.61 -26.52
N THR G 37 -55.90 5.89 -25.90
CA THR G 37 -54.52 5.84 -26.36
C THR G 37 -54.22 4.46 -26.93
N CYS G 38 -53.32 4.42 -27.91
CA CYS G 38 -52.92 3.19 -28.58
C CYS G 38 -51.43 2.96 -28.37
N THR G 39 -51.07 1.75 -27.95
CA THR G 39 -49.70 1.41 -27.59
C THR G 39 -49.35 0.00 -28.07
N GLY G 40 -48.06 -0.21 -28.34
CA GLY G 40 -47.61 -1.50 -28.83
C GLY G 40 -47.72 -2.62 -27.81
N GLN G 41 -47.44 -2.32 -26.54
CA GLN G 41 -47.53 -3.36 -25.52
C GLN G 41 -48.96 -3.84 -25.33
N PHE G 42 -49.93 -2.92 -25.34
CA PHE G 42 -51.33 -3.24 -25.08
C PHE G 42 -52.23 -2.96 -26.26
N GLY G 43 -52.15 -1.77 -26.84
CA GLY G 43 -53.01 -1.37 -27.94
C GLY G 43 -53.95 -0.25 -27.55
N TYR G 44 -54.95 -0.04 -28.40
CA TYR G 44 -55.95 0.99 -28.15
C TYR G 44 -56.64 0.73 -26.81
N ILE G 45 -56.71 1.77 -25.98
CA ILE G 45 -57.41 1.72 -24.70
C ILE G 45 -58.75 2.40 -24.89
N VAL G 46 -59.83 1.68 -24.60
CA VAL G 46 -61.19 2.13 -24.87
C VAL G 46 -62.00 2.30 -23.59
N THR G 47 -62.04 1.29 -22.74
CA THR G 47 -62.90 1.29 -21.56
C THR G 47 -62.16 0.72 -20.37
N VAL G 48 -62.55 1.18 -19.19
CA VAL G 48 -62.00 0.70 -17.92
C VAL G 48 -63.17 0.28 -17.04
N LEU G 49 -62.98 -0.81 -16.29
CA LEU G 49 -64.06 -1.43 -15.52
C LEU G 49 -64.13 -0.86 -14.11
N ASP G 50 -65.36 -0.61 -13.65
CA ASP G 50 -65.62 -0.07 -12.32
C ASP G 50 -64.77 1.18 -12.08
N GLY G 51 -64.99 2.18 -12.93
CA GLY G 51 -64.28 3.44 -12.77
C GLY G 51 -64.56 4.12 -11.45
N MET G 52 -65.71 3.81 -10.83
CA MET G 52 -66.10 4.48 -9.60
C MET G 52 -65.64 3.74 -8.35
N ASN G 53 -65.01 2.58 -8.49
CA ASN G 53 -64.57 1.78 -7.35
C ASN G 53 -63.14 1.29 -7.53
N ILE G 54 -62.26 2.15 -8.02
CA ILE G 54 -60.85 1.79 -8.15
C ILE G 54 -60.16 1.96 -6.80
N ASP G 55 -59.41 0.93 -6.39
CA ASP G 55 -58.70 0.95 -5.11
C ASP G 55 -57.34 1.59 -5.34
N VAL G 56 -57.23 2.88 -4.99
CA VAL G 56 -55.96 3.59 -5.17
C VAL G 56 -54.99 3.33 -4.02
N GLY G 57 -55.46 2.76 -2.92
CA GLY G 57 -54.55 2.40 -1.86
C GLY G 57 -53.96 3.63 -1.17
N LYS G 58 -52.82 3.39 -0.52
CA LYS G 58 -52.15 4.41 0.28
C LYS G 58 -51.01 5.01 -0.56
N GLY G 59 -51.03 6.33 -0.70
CA GLY G 59 -50.14 6.99 -1.64
C GLY G 59 -48.76 7.24 -1.07
N ARG G 60 -47.86 7.63 -1.97
CA ARG G 60 -46.48 7.94 -1.64
C ARG G 60 -46.27 9.45 -1.64
N ILE G 61 -45.30 9.89 -0.85
CA ILE G 61 -44.83 11.27 -0.88
C ILE G 61 -43.41 11.26 -1.43
N ILE G 62 -43.20 11.90 -2.57
CA ILE G 62 -41.87 11.89 -3.18
C ILE G 62 -40.92 12.69 -2.29
N PRO G 63 -39.74 12.18 -1.95
CA PRO G 63 -38.86 12.91 -1.04
C PRO G 63 -38.16 14.07 -1.74
N GLY G 64 -38.29 15.25 -1.16
CA GLY G 64 -37.63 16.44 -1.66
C GLY G 64 -38.41 17.22 -2.69
N SER G 65 -39.56 16.71 -3.15
CA SER G 65 -40.34 17.41 -4.17
C SER G 65 -41.73 17.74 -3.65
N GLY G 66 -42.18 17.02 -2.63
CA GLY G 66 -43.46 17.27 -2.02
C GLY G 66 -44.65 16.77 -2.82
N SER G 67 -44.43 16.23 -4.01
CA SER G 67 -45.53 15.66 -4.78
C SER G 67 -45.93 14.32 -4.18
N ALA G 68 -47.17 13.92 -4.45
CA ALA G 68 -47.70 12.65 -4.00
C ALA G 68 -48.11 11.81 -5.20
N GLU G 69 -47.70 10.54 -5.20
CA GLU G 69 -47.98 9.62 -6.29
C GLU G 69 -48.87 8.50 -5.78
N PHE G 70 -49.82 8.08 -6.61
CA PHE G 70 -50.71 6.96 -6.30
C PHE G 70 -50.60 5.92 -7.40
N GLU G 71 -50.49 4.66 -6.99
CA GLU G 71 -50.37 3.53 -7.90
C GLU G 71 -51.78 3.02 -8.18
N VAL G 72 -52.45 3.63 -9.15
CA VAL G 72 -53.84 3.33 -9.45
C VAL G 72 -53.86 1.99 -10.19
N LYS G 73 -54.16 0.92 -9.45
CA LYS G 73 -54.32 -0.41 -10.02
C LYS G 73 -55.78 -0.67 -10.31
N TYR G 74 -56.06 -1.17 -11.51
CA TYR G 74 -57.43 -1.35 -11.96
C TYR G 74 -57.43 -2.36 -13.10
N ARG G 75 -58.64 -2.77 -13.50
CA ARG G 75 -58.83 -3.71 -14.60
C ARG G 75 -59.65 -3.02 -15.68
N ALA G 76 -59.17 -3.07 -16.91
CA ALA G 76 -59.80 -2.38 -18.03
C ALA G 76 -60.05 -3.39 -19.15
N VAL G 77 -60.59 -2.89 -20.25
CA VAL G 77 -60.86 -3.69 -21.44
C VAL G 77 -60.24 -2.98 -22.64
N VAL G 78 -59.29 -3.64 -23.30
CA VAL G 78 -58.56 -3.08 -24.41
C VAL G 78 -58.59 -4.08 -25.57
N TRP G 79 -58.23 -3.59 -26.75
CA TRP G 79 -58.21 -4.40 -27.96
C TRP G 79 -56.91 -4.17 -28.72
N LYS G 80 -56.43 -5.23 -29.39
CA LYS G 80 -55.26 -5.13 -30.24
C LYS G 80 -55.28 -6.23 -31.29
N PRO G 81 -54.96 -5.93 -32.54
CA PRO G 81 -54.94 -6.97 -33.57
C PRO G 81 -53.60 -7.70 -33.60
N PHE G 82 -53.69 -9.01 -33.76
CA PHE G 82 -52.52 -9.89 -33.85
C PHE G 82 -52.50 -10.53 -35.23
N LYS G 83 -51.31 -10.97 -35.64
CA LYS G 83 -51.16 -11.57 -36.96
C LYS G 83 -51.93 -12.87 -37.04
N GLY G 84 -52.55 -13.12 -38.19
CA GLY G 84 -53.34 -14.31 -38.41
C GLY G 84 -54.80 -14.19 -38.03
N GLU G 85 -55.30 -12.97 -37.80
CA GLU G 85 -56.71 -12.74 -37.49
C GLU G 85 -57.51 -12.66 -38.78
N VAL G 86 -58.56 -13.48 -38.86
CA VAL G 86 -59.60 -13.36 -39.87
C VAL G 86 -60.83 -12.84 -39.16
N VAL G 87 -61.23 -11.60 -39.46
CA VAL G 87 -62.42 -10.99 -38.89
C VAL G 87 -63.12 -10.18 -39.98
N ASP G 88 -64.41 -9.96 -39.81
CA ASP G 88 -65.15 -9.14 -40.76
C ASP G 88 -64.63 -7.70 -40.71
N ALA G 89 -64.71 -7.03 -41.85
CA ALA G 89 -64.15 -5.70 -42.02
C ALA G 89 -65.22 -4.74 -42.51
N ILE G 90 -64.97 -3.45 -42.29
CA ILE G 90 -65.85 -2.37 -42.73
C ILE G 90 -65.08 -1.48 -43.70
N VAL G 91 -65.66 -1.24 -44.86
CA VAL G 91 -65.09 -0.36 -45.88
C VAL G 91 -65.85 0.95 -45.87
N SER G 92 -65.11 2.06 -45.84
CA SER G 92 -65.72 3.39 -45.77
C SER G 92 -65.33 4.24 -46.96
N ASN G 93 -64.20 3.93 -47.59
CA ASN G 93 -63.71 4.71 -48.72
C ASN G 93 -62.92 3.81 -49.65
N VAL G 94 -62.78 4.25 -50.90
CA VAL G 94 -62.05 3.53 -51.94
C VAL G 94 -60.95 4.44 -52.48
N SER G 95 -59.74 3.91 -52.54
CA SER G 95 -58.59 4.60 -53.09
C SER G 95 -57.89 3.68 -54.08
N PRO G 96 -57.22 4.23 -55.09
CA PRO G 96 -56.55 3.36 -56.08
C PRO G 96 -55.51 2.45 -55.44
N ILE G 97 -54.86 2.88 -54.37
CA ILE G 97 -53.79 2.11 -53.74
C ILE G 97 -54.37 1.10 -52.77
N GLY G 98 -55.68 1.12 -52.58
CA GLY G 98 -56.32 0.18 -51.68
C GLY G 98 -57.45 0.79 -50.88
N PHE G 99 -58.60 0.12 -50.88
CA PHE G 99 -59.79 0.64 -50.21
C PHE G 99 -59.52 0.82 -48.72
N PHE G 100 -60.04 1.91 -48.16
CA PHE G 100 -59.83 2.24 -46.76
C PHE G 100 -60.83 1.46 -45.91
N ALA G 101 -60.38 0.34 -45.35
CA ALA G 101 -61.22 -0.56 -44.56
C ALA G 101 -61.03 -0.21 -43.09
N ASP G 102 -61.82 0.74 -42.60
CA ASP G 102 -61.74 1.13 -41.20
C ASP G 102 -62.35 0.04 -40.33
N VAL G 103 -61.55 -0.97 -39.99
CA VAL G 103 -62.01 -2.09 -39.17
C VAL G 103 -61.80 -1.67 -37.72
N GLY G 104 -62.87 -1.23 -37.07
CA GLY G 104 -62.80 -0.76 -35.71
C GLY G 104 -62.08 0.57 -35.62
N PRO G 105 -61.39 0.80 -34.49
CA PRO G 105 -60.75 2.11 -34.32
C PRO G 105 -59.72 2.44 -35.37
N LEU G 106 -58.98 1.46 -35.87
CA LEU G 106 -57.85 1.70 -36.75
C LEU G 106 -58.25 1.58 -38.21
N ASN G 107 -57.34 1.99 -39.08
CA ASN G 107 -57.49 1.87 -40.53
C ASN G 107 -56.63 0.71 -41.03
N VAL G 108 -57.21 -0.11 -41.89
CA VAL G 108 -56.52 -1.27 -42.45
C VAL G 108 -56.08 -0.94 -43.87
N PHE G 109 -54.79 -1.13 -44.14
CA PHE G 109 -54.22 -0.84 -45.45
C PHE G 109 -54.38 -2.05 -46.35
N VAL G 110 -54.80 -1.82 -47.59
CA VAL G 110 -55.02 -2.88 -48.57
C VAL G 110 -53.97 -2.73 -49.65
N SER G 111 -53.11 -3.73 -49.79
CA SER G 111 -52.10 -3.70 -50.84
C SER G 111 -52.75 -3.87 -52.22
N THR G 112 -52.22 -3.12 -53.19
CA THR G 112 -52.74 -3.20 -54.55
C THR G 112 -52.45 -4.55 -55.17
N ARG G 113 -51.34 -5.18 -54.80
CA ARG G 113 -50.99 -6.50 -55.34
C ARG G 113 -51.78 -7.63 -54.71
N LEU G 114 -52.48 -7.39 -53.61
CA LEU G 114 -53.22 -8.41 -52.88
C LEU G 114 -54.72 -8.24 -53.04
N ILE G 115 -55.19 -7.95 -54.25
CA ILE G 115 -56.62 -7.81 -54.51
C ILE G 115 -57.01 -8.80 -55.61
N PRO G 116 -58.18 -9.44 -55.52
CA PRO G 116 -58.56 -10.42 -56.54
C PRO G 116 -58.66 -9.78 -57.92
N ASP G 117 -58.24 -10.57 -58.92
CA ASP G 117 -58.19 -10.05 -60.29
C ASP G 117 -59.58 -9.69 -60.82
N ASN G 118 -60.59 -10.53 -60.56
CA ASN G 118 -61.93 -10.27 -61.07
C ASN G 118 -62.57 -9.06 -60.43
N LEU G 119 -62.06 -8.59 -59.30
CA LEU G 119 -62.59 -7.42 -58.61
C LEU G 119 -61.99 -6.17 -59.23
N VAL G 120 -62.85 -5.30 -59.76
CA VAL G 120 -62.42 -4.11 -60.48
C VAL G 120 -63.21 -2.91 -59.97
N TYR G 121 -62.71 -1.72 -60.28
CA TYR G 121 -63.29 -0.47 -59.81
C TYR G 121 -63.96 0.26 -60.97
N ASN G 122 -65.15 0.82 -60.71
CA ASN G 122 -65.96 1.53 -61.69
C ASN G 122 -66.27 2.92 -61.17
N PRO G 123 -65.51 3.95 -61.58
CA PRO G 123 -65.83 5.31 -61.10
C PRO G 123 -67.21 5.78 -61.48
N SER G 124 -67.75 5.31 -62.61
CA SER G 124 -69.02 5.85 -63.11
C SER G 124 -70.16 5.62 -62.15
N ASN G 125 -70.25 4.41 -61.58
CA ASN G 125 -71.40 4.07 -60.76
C ASN G 125 -71.35 4.77 -59.42
N SER G 126 -72.54 5.05 -58.88
CA SER G 126 -72.68 5.67 -57.57
C SER G 126 -73.42 4.69 -56.65
N PRO G 127 -72.86 4.33 -55.48
CA PRO G 127 -71.57 4.77 -54.94
C PRO G 127 -70.39 4.06 -55.60
N PRO G 128 -69.28 4.76 -55.81
CA PRO G 128 -68.11 4.10 -56.40
C PRO G 128 -67.67 2.93 -55.55
N ALA G 129 -67.51 1.78 -56.19
CA ALA G 129 -67.20 0.53 -55.48
C ALA G 129 -66.78 -0.51 -56.52
N TYR G 130 -66.63 -1.75 -56.07
CA TYR G 130 -66.23 -2.87 -56.91
C TYR G 130 -67.37 -3.86 -57.01
N MET G 131 -67.64 -4.34 -58.22
CA MET G 131 -68.63 -5.37 -58.45
C MET G 131 -68.00 -6.53 -59.23
N SER G 132 -68.43 -7.74 -58.90
CA SER G 132 -67.92 -8.94 -59.55
C SER G 132 -68.95 -10.05 -59.39
N ASN G 133 -68.58 -11.24 -59.86
CA ASN G 133 -69.43 -12.41 -59.73
C ASN G 133 -69.60 -12.77 -58.25
N ASP G 134 -70.82 -12.59 -57.72
CA ASP G 134 -71.13 -12.94 -56.34
C ASP G 134 -70.28 -12.14 -55.35
N GLU G 135 -69.95 -10.89 -55.68
CA GLU G 135 -69.08 -10.08 -54.83
C GLU G 135 -69.40 -8.60 -55.03
N LEU G 136 -69.28 -7.84 -53.94
CA LEU G 136 -69.42 -6.39 -53.99
C LEU G 136 -68.94 -5.82 -52.66
N ILE G 137 -68.10 -4.79 -52.71
CA ILE G 137 -67.54 -4.15 -51.52
C ILE G 137 -67.97 -2.70 -51.55
N THR G 138 -68.96 -2.36 -50.72
CA THR G 138 -69.52 -1.01 -50.66
C THR G 138 -69.64 -0.58 -49.20
N LYS G 139 -69.85 0.72 -49.01
CA LYS G 139 -69.97 1.29 -47.67
C LYS G 139 -71.09 0.63 -46.87
N GLY G 140 -70.73 -0.05 -45.79
CA GLY G 140 -71.70 -0.63 -44.89
C GLY G 140 -72.01 -2.09 -45.12
N SER G 141 -71.27 -2.79 -45.97
CA SER G 141 -71.51 -4.19 -46.27
C SER G 141 -70.43 -5.05 -45.64
N LYS G 142 -70.84 -6.24 -45.20
CA LYS G 142 -69.95 -7.17 -44.53
C LYS G 142 -68.93 -7.71 -45.52
N VAL G 143 -67.64 -7.63 -45.17
CA VAL G 143 -66.55 -8.11 -46.00
C VAL G 143 -65.55 -8.84 -45.12
N ARG G 144 -65.05 -9.98 -45.60
CA ARG G 144 -64.07 -10.78 -44.90
C ARG G 144 -62.69 -10.58 -45.52
N LEU G 145 -61.72 -10.20 -44.70
CA LEU G 145 -60.35 -10.07 -45.12
C LEU G 145 -59.44 -10.55 -43.99
N LYS G 146 -58.25 -11.01 -44.37
CA LYS G 146 -57.24 -11.45 -43.42
C LYS G 146 -56.18 -10.39 -43.27
N VAL G 147 -55.71 -10.19 -42.04
CA VAL G 147 -54.64 -9.24 -41.74
C VAL G 147 -53.38 -10.04 -41.46
N VAL G 148 -52.33 -9.79 -42.26
CA VAL G 148 -51.05 -10.45 -42.10
C VAL G 148 -49.94 -9.47 -41.76
N GLY G 149 -50.24 -8.20 -41.58
CA GLY G 149 -49.24 -7.22 -41.20
C GLY G 149 -49.71 -6.33 -40.06
N THR G 150 -48.87 -6.19 -39.03
CA THR G 150 -49.20 -5.36 -37.87
C THR G 150 -47.97 -4.52 -37.55
N ARG G 151 -47.89 -3.33 -38.14
CA ARG G 151 -46.79 -2.39 -37.90
C ARG G 151 -47.26 -1.37 -36.87
N THR G 152 -46.69 -1.46 -35.67
CA THR G 152 -47.03 -0.53 -34.60
C THR G 152 -45.99 0.58 -34.53
N ASP G 153 -46.45 1.82 -34.47
CA ASP G 153 -45.57 2.98 -34.30
C ASP G 153 -45.86 3.68 -32.98
N VAL G 154 -46.09 2.88 -31.94
CA VAL G 154 -46.25 3.31 -30.55
C VAL G 154 -47.38 4.33 -30.35
N ASN G 155 -47.92 4.89 -31.42
CA ASN G 155 -48.95 5.91 -31.33
C ASN G 155 -50.24 5.47 -32.03
N GLU G 156 -50.14 4.96 -33.25
CA GLU G 156 -51.30 4.50 -34.00
C GLU G 156 -50.87 3.33 -34.87
N ILE G 157 -51.26 2.11 -34.49
CA ILE G 157 -50.76 0.93 -35.19
C ILE G 157 -51.29 0.92 -36.62
N TYR G 158 -50.47 0.36 -37.52
CA TYR G 158 -50.80 0.23 -38.93
C TYR G 158 -51.11 -1.23 -39.23
N ALA G 159 -52.27 -1.48 -39.83
CA ALA G 159 -52.73 -2.83 -40.14
C ALA G 159 -52.88 -3.00 -41.64
N ILE G 160 -52.41 -4.14 -42.15
CA ILE G 160 -52.46 -4.44 -43.58
C ILE G 160 -53.47 -5.57 -43.78
N GLY G 161 -54.56 -5.27 -44.50
CA GLY G 161 -55.55 -6.27 -44.81
C GLY G 161 -55.34 -6.89 -46.18
N SER G 162 -55.73 -8.15 -46.31
CA SER G 162 -55.56 -8.89 -47.55
C SER G 162 -56.85 -9.62 -47.89
N ILE G 163 -57.12 -9.73 -49.20
CA ILE G 163 -58.30 -10.42 -49.70
C ILE G 163 -57.86 -11.43 -50.77
N LYS G 164 -56.58 -11.81 -50.73
CA LYS G 164 -55.98 -12.70 -51.72
C LYS G 164 -55.74 -14.10 -51.19
N GLU G 165 -56.60 -14.58 -50.29
CA GLU G 165 -56.56 -15.96 -49.82
C GLU G 165 -57.97 -16.54 -49.89
N ASP G 166 -58.08 -17.83 -49.56
CA ASP G 166 -59.37 -18.52 -49.67
C ASP G 166 -60.42 -17.82 -48.82
N PHE G 167 -61.57 -17.56 -49.43
CA PHE G 167 -62.74 -17.06 -48.73
C PHE G 167 -62.43 -15.76 -47.99
N LEU G 168 -61.88 -14.80 -48.73
CA LEU G 168 -61.70 -13.45 -48.21
C LEU G 168 -62.38 -12.48 -49.17
N GLY G 169 -63.30 -11.70 -48.63
CA GLY G 169 -64.07 -10.76 -49.43
C GLY G 169 -65.48 -10.57 -48.90
N ALA G 170 -66.39 -10.11 -49.76
CA ALA G 170 -67.76 -9.83 -49.37
C ALA G 170 -68.58 -11.11 -49.40
N ILE G 171 -69.19 -11.45 -48.28
CA ILE G 171 -70.03 -12.64 -48.20
C ILE G 171 -71.24 -12.51 -49.11
N SER H 3 -42.43 37.11 68.83
CA SER H 3 -42.33 36.47 67.49
C SER H 3 -40.97 35.79 67.30
N ALA H 4 -40.12 35.85 68.31
CA ALA H 4 -38.79 35.26 68.26
C ALA H 4 -38.87 33.79 68.58
N LEU H 5 -38.40 32.95 67.66
CA LEU H 5 -38.49 31.51 67.84
C LEU H 5 -37.41 30.96 68.75
N PHE H 6 -36.47 31.80 69.18
CA PHE H 6 -35.39 31.36 70.04
C PHE H 6 -34.72 32.59 70.63
N ASP H 7 -33.93 32.37 71.68
CA ASP H 7 -33.05 33.41 72.18
C ASP H 7 -32.09 32.79 73.17
N ASP H 8 -30.94 33.43 73.34
CA ASP H 8 -29.96 33.04 74.34
C ASP H 8 -28.85 34.07 74.32
N ILE H 9 -27.90 33.92 75.25
CA ILE H 9 -26.72 34.75 75.31
C ILE H 9 -25.51 33.84 75.17
N PHE H 10 -24.63 34.18 74.23
CA PHE H 10 -23.52 33.30 73.88
C PHE H 10 -22.19 33.95 74.17
N THR H 11 -21.24 33.13 74.59
CA THR H 11 -19.87 33.54 74.80
C THR H 11 -19.05 33.10 73.60
N VAL H 12 -17.99 33.85 73.30
CA VAL H 12 -17.11 33.51 72.18
C VAL H 12 -15.89 32.77 72.73
N GLN H 13 -15.89 31.46 72.59
CA GLN H 13 -14.80 30.66 73.13
C GLN H 13 -13.51 30.89 72.36
N THR H 14 -13.54 30.64 71.05
CA THR H 14 -12.37 30.84 70.20
C THR H 14 -12.76 31.50 68.89
N VAL H 15 -11.89 32.38 68.43
CA VAL H 15 -12.02 33.06 67.14
C VAL H 15 -10.87 32.61 66.26
N ASP H 16 -11.18 32.24 65.02
CA ASP H 16 -10.18 31.80 64.07
C ASP H 16 -10.41 32.50 62.74
N ASN H 17 -9.32 32.95 62.12
CA ASN H 17 -9.37 33.55 60.79
C ASN H 17 -8.84 32.60 59.73
N GLY H 18 -7.70 31.96 59.99
CA GLY H 18 -7.16 31.02 59.02
C GLY H 18 -6.95 31.69 57.67
N ARG H 19 -7.36 31.00 56.62
CA ARG H 19 -7.20 31.55 55.28
C ARG H 19 -7.88 32.91 55.16
N TYR H 20 -9.21 32.94 55.30
CA TYR H 20 -9.98 34.13 54.99
C TYR H 20 -9.46 35.35 55.75
N ASN H 21 -9.86 36.52 55.25
CA ASN H 21 -9.60 37.78 55.93
C ASN H 21 -10.87 38.50 56.34
N LYS H 22 -11.77 38.78 55.40
CA LYS H 22 -13.00 39.48 55.74
C LYS H 22 -14.00 38.62 56.50
N VAL H 23 -13.79 37.31 56.55
CA VAL H 23 -14.72 36.40 57.22
C VAL H 23 -13.91 35.48 58.12
N SER H 24 -14.46 35.15 59.28
CA SER H 24 -13.80 34.32 60.27
C SER H 24 -14.82 33.49 61.01
N ARG H 25 -14.35 32.37 61.57
CA ARG H 25 -15.20 31.40 62.23
C ARG H 25 -15.07 31.53 63.74
N ILE H 26 -16.21 31.51 64.42
CA ILE H 26 -16.28 31.62 65.86
C ILE H 26 -17.01 30.41 66.42
N ILE H 27 -16.47 29.82 67.47
CA ILE H 27 -17.13 28.74 68.19
C ILE H 27 -17.63 29.33 69.51
N GLY H 28 -18.95 29.33 69.67
CA GLY H 28 -19.56 29.94 70.84
C GLY H 28 -20.38 28.94 71.60
N ILE H 29 -20.44 29.15 72.91
CA ILE H 29 -21.23 28.32 73.83
C ILE H 29 -22.18 29.23 74.58
N SER H 30 -23.41 28.75 74.79
CA SER H 30 -24.42 29.52 75.48
C SER H 30 -24.06 29.68 76.96
N THR H 31 -24.61 30.73 77.57
CA THR H 31 -24.42 30.98 78.99
C THR H 31 -25.56 30.40 79.82
N THR H 32 -26.80 30.54 79.36
CA THR H 32 -27.94 30.03 80.11
C THR H 32 -27.94 28.51 80.19
N ASN H 33 -27.54 27.81 79.13
CA ASN H 33 -27.66 26.36 79.09
C ASN H 33 -26.45 25.80 78.35
N SER H 34 -25.62 25.05 79.05
CA SER H 34 -24.46 24.44 78.43
C SER H 34 -24.95 23.37 77.46
N ALA H 35 -24.02 22.72 76.76
CA ALA H 35 -24.32 21.75 75.72
C ALA H 35 -25.02 22.39 74.52
N ILE H 36 -25.23 23.70 74.53
CA ILE H 36 -25.70 24.42 73.36
C ILE H 36 -24.49 25.05 72.71
N LYS H 37 -23.85 24.33 71.80
CA LYS H 37 -22.65 24.78 71.13
C LYS H 37 -23.03 25.44 69.83
N LEU H 38 -22.51 26.65 69.60
CA LEU H 38 -22.79 27.42 68.39
C LEU H 38 -21.50 27.60 67.61
N THR H 39 -21.58 27.35 66.31
CA THR H 39 -20.47 27.56 65.39
C THR H 39 -20.98 28.40 64.23
N LEU H 40 -20.46 29.61 64.11
CA LEU H 40 -20.92 30.56 63.11
C LEU H 40 -19.72 31.25 62.48
N ASP H 41 -19.94 31.79 61.29
CA ASP H 41 -18.89 32.45 60.51
C ASP H 41 -19.36 33.87 60.19
N ILE H 42 -18.57 34.86 60.62
CA ILE H 42 -19.01 36.24 60.56
C ILE H 42 -17.94 37.10 59.89
N ASN H 43 -18.39 38.24 59.37
CA ASN H 43 -17.55 39.15 58.61
C ASN H 43 -16.85 40.12 59.55
N ASN H 44 -15.53 40.05 59.59
CA ASN H 44 -14.76 40.87 60.53
C ASN H 44 -15.04 42.35 60.32
N GLU H 45 -14.91 42.83 59.08
CA GLU H 45 -15.13 44.25 58.83
C GLU H 45 -16.57 44.66 59.10
N MET H 46 -17.52 43.83 58.69
CA MET H 46 -18.92 44.22 58.75
C MET H 46 -19.46 44.19 60.18
N PHE H 47 -18.82 43.44 61.07
CA PHE H 47 -19.24 43.35 62.46
C PHE H 47 -18.12 42.77 63.31
N PRO H 48 -17.04 43.52 63.53
CA PRO H 48 -15.85 42.93 64.16
C PRO H 48 -16.15 42.40 65.55
N VAL H 49 -15.41 41.36 65.93
CA VAL H 49 -15.49 40.77 67.26
C VAL H 49 -14.10 40.30 67.64
N SER H 50 -14.00 39.73 68.84
CA SER H 50 -12.74 39.20 69.34
C SER H 50 -13.02 38.08 70.32
N GLN H 51 -11.96 37.43 70.78
CA GLN H 51 -12.13 36.28 71.67
C GLN H 51 -12.63 36.73 73.03
N ASP H 52 -13.38 35.85 73.69
CA ASP H 52 -13.94 36.07 75.03
C ASP H 52 -15.13 37.02 75.04
N ASP H 53 -15.69 37.33 73.86
CA ASP H 53 -16.83 38.22 73.79
C ASP H 53 -18.11 37.53 74.27
N SER H 54 -19.15 38.34 74.46
CA SER H 54 -20.48 37.86 74.79
C SER H 54 -21.48 38.45 73.80
N LEU H 55 -22.50 37.68 73.46
CA LEU H 55 -23.41 38.03 72.37
C LEU H 55 -24.84 37.63 72.73
N THR H 56 -25.79 38.38 72.19
CA THR H 56 -27.21 38.04 72.27
C THR H 56 -27.65 37.53 70.90
N VAL H 57 -28.20 36.32 70.87
CA VAL H 57 -28.55 35.66 69.61
C VAL H 57 -30.05 35.44 69.58
N THR H 58 -30.66 35.73 68.44
CA THR H 58 -32.07 35.51 68.22
C THR H 58 -32.26 34.86 66.86
N LEU H 59 -33.34 34.12 66.70
CA LEU H 59 -33.63 33.43 65.45
C LEU H 59 -35.13 33.57 65.18
N ALA H 60 -35.51 34.58 64.42
CA ALA H 60 -36.91 34.91 64.21
C ALA H 60 -37.30 34.58 62.77
N ASN H 61 -38.43 33.90 62.63
CA ASN H 61 -38.92 33.54 61.31
C ASN H 61 -39.10 34.75 60.40
N SER H 62 -39.56 35.87 60.95
CA SER H 62 -39.82 37.06 60.15
C SER H 62 -39.39 38.28 60.96
N LEU H 63 -39.53 39.45 60.34
CA LEU H 63 -39.23 40.72 60.99
C LEU H 63 -40.43 41.64 61.09
N SER H 64 -41.50 41.38 60.35
CA SER H 64 -42.70 42.19 60.47
C SER H 64 -43.20 42.15 61.91
N LEU H 65 -43.49 43.33 62.45
CA LEU H 65 -43.92 43.43 63.84
C LEU H 65 -45.44 43.40 63.94
N LYS H 76 -42.80 39.86 46.85
CA LYS H 76 -41.71 39.34 47.67
C LYS H 76 -40.42 40.09 47.38
N SER H 77 -40.42 40.89 46.32
CA SER H 77 -39.21 41.58 45.91
C SER H 77 -38.71 42.49 47.03
N TRP H 78 -37.43 42.35 47.34
CA TRP H 78 -36.81 43.21 48.32
C TRP H 78 -36.83 44.66 47.84
N ARG H 79 -36.43 45.56 48.73
CA ARG H 79 -36.33 46.98 48.46
C ARG H 79 -35.35 47.53 49.48
N PRO H 80 -34.70 48.67 49.21
CA PRO H 80 -33.89 49.28 50.27
C PRO H 80 -34.77 49.61 51.47
N PRO H 81 -34.26 49.43 52.68
CA PRO H 81 -35.12 49.59 53.86
C PRO H 81 -35.48 51.05 54.08
N LYS H 82 -36.77 51.34 54.05
CA LYS H 82 -37.24 52.67 54.39
C LYS H 82 -36.98 52.96 55.88
N PRO H 83 -36.62 54.20 56.22
CA PRO H 83 -36.53 54.55 57.65
C PRO H 83 -37.88 54.62 58.33
N THR H 84 -38.98 54.68 57.56
CA THR H 84 -40.31 54.74 58.17
C THR H 84 -40.71 53.39 58.76
N ASP H 85 -40.47 52.30 58.02
CA ASP H 85 -40.84 50.98 58.50
C ASP H 85 -40.00 50.59 59.70
N LYS H 86 -40.58 49.78 60.58
CA LYS H 86 -39.89 49.28 61.76
C LYS H 86 -39.78 47.76 61.67
N SER H 87 -38.71 47.23 62.25
CA SER H 87 -38.42 45.81 62.22
C SER H 87 -37.76 45.38 63.51
N LEU H 88 -37.80 44.08 63.79
CA LEU H 88 -37.16 43.56 64.98
C LEU H 88 -35.68 43.91 65.04
N ALA H 89 -35.02 43.98 63.88
CA ALA H 89 -33.58 44.19 63.85
C ALA H 89 -33.17 45.55 64.41
N ASP H 90 -34.09 46.50 64.53
CA ASP H 90 -33.72 47.85 64.89
C ASP H 90 -32.84 47.91 66.12
N ASP H 91 -32.84 46.87 66.95
CA ASP H 91 -32.07 46.87 68.19
C ASP H 91 -30.88 45.91 68.16
N TYR H 92 -30.34 45.62 66.98
CA TYR H 92 -29.21 44.71 66.85
C TYR H 92 -28.27 45.20 65.77
N ASP H 93 -27.00 44.80 65.87
CA ASP H 93 -25.94 45.35 65.05
C ASP H 93 -25.37 44.35 64.04
N TYR H 94 -26.09 43.27 63.73
CA TYR H 94 -25.68 42.41 62.62
C TYR H 94 -26.82 41.46 62.30
N VAL H 95 -27.29 41.52 61.06
CA VAL H 95 -28.41 40.71 60.61
C VAL H 95 -27.92 39.84 59.46
N MET H 96 -28.40 38.60 59.41
CA MET H 96 -28.13 37.74 58.27
C MET H 96 -29.37 36.89 57.97
N PHE H 97 -29.90 37.06 56.77
CA PHE H 97 -30.98 36.24 56.28
C PHE H 97 -30.41 34.88 55.92
N GLY H 98 -31.21 33.83 56.05
CA GLY H 98 -30.69 32.51 55.77
C GLY H 98 -31.78 31.53 55.40
N THR H 99 -31.33 30.33 55.05
CA THR H 99 -32.21 29.21 54.76
C THR H 99 -31.63 27.96 55.41
N VAL H 100 -32.51 27.01 55.75
CA VAL H 100 -32.11 25.80 56.46
C VAL H 100 -31.94 24.71 55.39
N TYR H 101 -30.71 24.24 55.20
CA TYR H 101 -30.45 23.17 54.25
C TYR H 101 -30.43 21.79 54.90
N LYS H 102 -30.63 21.70 56.21
CA LYS H 102 -30.68 20.40 56.86
C LYS H 102 -31.17 20.58 58.29
N PHE H 103 -32.22 19.83 58.66
CA PHE H 103 -32.78 19.84 60.01
C PHE H 103 -32.53 18.47 60.62
N GLU H 104 -31.39 18.31 61.29
CA GLU H 104 -31.02 17.00 61.82
C GLU H 104 -31.93 16.63 62.98
N GLU H 105 -32.45 15.40 62.95
CA GLU H 105 -33.09 14.77 64.10
C GLU H 105 -32.05 13.86 64.74
N GLY H 106 -31.11 14.46 65.47
CA GLY H 106 -29.92 13.77 65.88
C GLY H 106 -30.13 12.79 67.01
N ASP H 107 -29.19 12.76 67.95
CA ASP H 107 -29.20 11.76 69.01
C ASP H 107 -30.28 12.07 70.02
N GLU H 108 -30.29 11.34 71.14
CA GLU H 108 -31.30 11.54 72.17
C GLU H 108 -31.66 13.01 72.34
N ASP H 109 -30.65 13.88 72.48
CA ASP H 109 -30.91 15.31 72.56
C ASP H 109 -29.87 16.15 71.85
N LYS H 110 -28.98 15.55 71.05
CA LYS H 110 -28.03 16.28 70.24
C LYS H 110 -28.71 16.56 68.90
N ILE H 111 -29.64 17.50 68.89
CA ILE H 111 -30.34 17.94 67.68
C ILE H 111 -29.57 19.09 67.08
N LYS H 112 -29.28 19.00 65.78
CA LYS H 112 -28.53 20.01 65.07
C LYS H 112 -29.39 20.63 63.98
N VAL H 113 -29.25 21.94 63.81
CA VAL H 113 -29.95 22.70 62.78
C VAL H 113 -28.90 23.37 61.90
N TYR H 114 -29.08 23.25 60.60
CA TYR H 114 -28.11 23.77 59.64
C TYR H 114 -28.75 24.89 58.83
N VAL H 115 -28.16 26.08 58.92
CA VAL H 115 -28.61 27.25 58.18
C VAL H 115 -27.44 27.78 57.38
N SER H 116 -27.69 28.11 56.12
CA SER H 116 -26.68 28.70 55.26
C SER H 116 -27.10 30.12 54.92
N PHE H 117 -26.26 31.09 55.28
CA PHE H 117 -26.46 32.47 54.86
C PHE H 117 -25.69 32.75 53.57
N GLY H 118 -26.11 32.08 52.50
CA GLY H 118 -25.52 32.34 51.20
C GLY H 118 -24.02 32.14 51.20
N GLY H 119 -23.53 31.08 51.83
CA GLY H 119 -22.11 30.80 51.84
C GLY H 119 -21.54 30.78 53.23
N LEU H 120 -22.17 31.53 54.13
CA LEU H 120 -21.81 31.52 55.54
C LEU H 120 -22.72 30.51 56.24
N LEU H 121 -22.12 29.44 56.75
CA LEU H 121 -22.88 28.35 57.34
C LEU H 121 -22.91 28.48 58.85
N MET H 122 -23.92 27.88 59.45
CA MET H 122 -24.10 27.93 60.90
C MET H 122 -24.57 26.56 61.37
N CYS H 123 -23.74 25.90 62.17
CA CYS H 123 -24.11 24.64 62.79
C CYS H 123 -24.39 24.89 64.26
N LEU H 124 -25.54 24.43 64.73
CA LEU H 124 -26.00 24.70 66.09
C LEU H 124 -26.33 23.37 66.76
N GLU H 125 -26.01 23.28 68.05
CA GLU H 125 -26.43 22.16 68.88
C GLU H 125 -27.25 22.69 70.05
N GLY H 126 -28.21 21.88 70.48
CA GLY H 126 -29.02 22.26 71.62
C GLY H 126 -30.12 21.26 71.86
N GLY H 127 -30.77 21.40 73.02
CA GLY H 127 -31.83 20.50 73.38
C GLY H 127 -33.01 20.59 72.43
N TYR H 128 -33.63 19.43 72.18
CA TYR H 128 -34.80 19.41 71.32
C TYR H 128 -35.80 20.46 71.76
N LYS H 129 -36.02 20.56 73.08
CA LYS H 129 -36.85 21.62 73.61
C LYS H 129 -36.36 23.00 73.18
N SER H 130 -35.05 23.19 73.05
CA SER H 130 -34.49 24.46 72.64
C SER H 130 -34.65 24.72 71.15
N LEU H 131 -34.56 23.68 70.33
CA LEU H 131 -34.55 23.82 68.88
C LEU H 131 -35.84 23.34 68.24
N ALA H 132 -36.84 22.96 69.05
CA ALA H 132 -38.02 22.32 68.52
C ALA H 132 -38.66 23.16 67.42
N SER H 133 -38.60 24.49 67.53
CA SER H 133 -39.31 25.35 66.63
C SER H 133 -38.46 25.85 65.47
N LEU H 134 -37.22 25.40 65.33
CA LEU H 134 -36.35 25.88 64.27
C LEU H 134 -36.47 25.06 62.99
N LYS H 135 -37.38 24.09 62.95
CA LYS H 135 -37.64 23.33 61.72
C LYS H 135 -38.40 24.23 60.75
N GLN H 136 -37.65 25.10 60.09
CA GLN H 136 -38.25 26.02 59.12
C GLN H 136 -37.35 26.22 57.91
N ASP H 137 -37.88 26.90 56.89
CA ASP H 137 -37.15 27.11 55.64
C ASP H 137 -36.10 28.21 55.77
N ASN H 138 -36.54 29.42 56.08
CA ASN H 138 -35.70 30.60 56.07
C ASN H 138 -35.66 31.21 57.46
N LEU H 139 -34.46 31.52 57.94
CA LEU H 139 -34.27 32.00 59.30
C LEU H 139 -33.38 33.24 59.29
N TYR H 140 -33.81 34.28 60.00
CA TYR H 140 -32.97 35.42 60.28
C TYR H 140 -32.21 35.17 61.56
N ILE H 141 -30.99 35.69 61.64
CA ILE H 141 -30.19 35.62 62.85
C ILE H 141 -29.78 37.03 63.22
N LEU H 142 -30.01 37.40 64.48
CA LEU H 142 -29.76 38.75 64.96
C LEU H 142 -28.73 38.68 66.07
N ILE H 143 -27.78 39.61 66.07
CA ILE H 143 -26.78 39.71 67.12
C ILE H 143 -26.83 41.12 67.69
N ARG H 144 -27.04 41.20 68.99
CA ARG H 144 -27.01 42.50 69.66
C ARG H 144 -25.60 43.05 69.69
N ARG H 145 -25.53 44.37 69.86
CA ARG H 145 -24.27 45.12 69.84
C ARG H 145 -23.29 44.52 68.83
N SER I 3 44.60 -19.02 17.83
CA SER I 3 46.04 -18.86 17.50
C SER I 3 46.46 -19.84 16.41
N PHE I 4 45.67 -19.89 15.34
CA PHE I 4 45.95 -20.82 14.25
C PHE I 4 47.17 -20.37 13.46
N ARG I 5 47.99 -21.32 13.04
CA ARG I 5 49.26 -21.08 12.39
C ARG I 5 49.34 -21.82 11.06
N PHE I 6 50.43 -21.61 10.35
CA PHE I 6 50.63 -22.19 9.02
C PHE I 6 51.95 -22.94 8.97
N CYS I 7 52.36 -23.34 7.77
CA CYS I 7 53.67 -23.92 7.56
C CYS I 7 54.70 -22.81 7.28
N LEU I 8 55.96 -23.12 7.54
CA LEU I 8 57.05 -22.16 7.36
C LEU I 8 57.65 -22.20 5.96
N GLU I 9 57.10 -23.01 5.06
CA GLU I 9 57.56 -23.01 3.67
C GLU I 9 56.38 -22.97 2.70
N CYS I 10 55.19 -23.38 3.17
CA CYS I 10 53.99 -23.37 2.34
C CYS I 10 53.00 -22.29 2.72
N ASN I 11 52.98 -21.85 3.97
CA ASN I 11 52.19 -20.73 4.47
C ASN I 11 50.69 -21.02 4.47
N ASN I 12 50.27 -22.24 4.13
CA ASN I 12 48.88 -22.63 4.31
C ASN I 12 48.64 -23.18 5.71
N MET I 13 47.39 -23.09 6.15
CA MET I 13 47.03 -23.46 7.51
C MET I 13 47.09 -24.96 7.72
N LEU I 14 47.29 -25.36 8.97
CA LEU I 14 47.51 -26.76 9.33
C LEU I 14 46.20 -27.37 9.81
N TYR I 15 45.78 -28.46 9.17
CA TYR I 15 44.56 -29.15 9.55
C TYR I 15 44.90 -30.32 10.48
N PRO I 16 44.32 -30.39 11.69
CA PRO I 16 44.61 -31.54 12.55
C PRO I 16 43.95 -32.82 12.07
N LYS I 17 44.75 -33.73 11.51
CA LYS I 17 44.27 -35.00 10.99
C LYS I 17 44.77 -36.12 11.88
N GLU I 18 43.86 -36.97 12.34
CA GLU I 18 44.20 -38.02 13.29
C GLU I 18 45.15 -39.03 12.64
N ASP I 19 46.12 -39.49 13.44
CA ASP I 19 47.05 -40.54 13.02
C ASP I 19 46.51 -41.86 13.59
N LYS I 20 45.79 -42.60 12.75
CA LYS I 20 45.12 -43.81 13.22
C LYS I 20 46.12 -44.84 13.74
N GLU I 21 47.26 -44.97 13.06
CA GLU I 21 48.18 -46.07 13.34
C GLU I 21 48.90 -45.87 14.67
N ASN I 22 49.39 -44.66 14.93
CA ASN I 22 50.22 -44.40 16.10
C ASN I 22 49.45 -43.81 17.27
N GLN I 23 48.14 -43.57 17.11
CA GLN I 23 47.31 -42.98 18.16
C GLN I 23 47.93 -41.67 18.67
N ARG I 24 48.35 -40.85 17.71
CA ARG I 24 48.87 -39.53 18.01
C ARG I 24 48.16 -38.53 17.11
N LEU I 25 48.04 -37.30 17.60
CA LEU I 25 47.47 -36.21 16.83
C LEU I 25 48.57 -35.50 16.06
N LEU I 26 48.30 -35.24 14.78
CA LEU I 26 49.26 -34.52 13.94
C LEU I 26 48.67 -33.23 13.41
N TYR I 27 49.50 -32.41 12.76
CA TYR I 27 49.07 -31.13 12.23
C TYR I 27 49.61 -31.03 10.80
N SER I 28 48.82 -31.53 9.85
CA SER I 28 49.24 -31.64 8.46
C SER I 28 48.52 -30.60 7.61
N CYS I 29 49.27 -29.93 6.74
CA CYS I 29 48.70 -29.01 5.78
C CYS I 29 48.05 -29.81 4.65
N ARG I 30 47.74 -29.12 3.55
CA ARG I 30 47.18 -29.79 2.38
C ARG I 30 47.90 -29.45 1.08
N ASN I 31 48.45 -28.24 0.94
CA ASN I 31 49.24 -27.91 -0.23
C ASN I 31 50.66 -28.45 -0.16
N CYS I 32 51.05 -29.05 0.96
CA CYS I 32 52.36 -29.66 1.12
C CYS I 32 52.20 -30.89 1.99
N ASP I 33 53.26 -31.70 2.04
CA ASP I 33 53.31 -32.88 2.88
C ASP I 33 54.01 -32.62 4.20
N TYR I 34 54.08 -31.36 4.63
CA TYR I 34 54.77 -30.99 5.87
C TYR I 34 53.82 -31.15 7.04
N THR I 35 54.16 -32.09 7.93
CA THR I 35 53.37 -32.39 9.12
C THR I 35 54.30 -32.40 10.32
N GLU I 36 53.80 -32.00 11.48
CA GLU I 36 54.57 -31.98 12.71
C GLU I 36 53.75 -32.55 13.86
N LEU I 37 54.41 -32.67 15.01
CA LEU I 37 53.77 -33.25 16.18
C LEU I 37 52.74 -32.28 16.78
N ALA I 38 51.78 -32.85 17.50
CA ALA I 38 50.76 -32.09 18.20
C ALA I 38 51.08 -32.06 19.69
N GLU I 39 51.50 -30.89 20.18
CA GLU I 39 51.96 -30.76 21.56
C GLU I 39 50.83 -30.86 22.58
N ASP I 40 49.59 -30.60 22.17
CA ASP I 40 48.47 -30.50 23.11
C ASP I 40 47.22 -31.05 22.42
N PRO I 41 46.54 -32.03 23.01
CA PRO I 41 45.39 -32.64 22.33
C PRO I 41 44.24 -31.68 22.05
N LYS I 42 44.33 -30.43 22.46
CA LYS I 42 43.27 -29.47 22.15
C LYS I 42 43.14 -29.29 20.66
N VAL I 43 41.89 -29.24 20.18
CA VAL I 43 41.61 -29.06 18.76
C VAL I 43 40.77 -27.80 18.59
N TYR I 44 39.57 -27.79 19.18
CA TYR I 44 38.66 -26.68 19.09
C TYR I 44 38.11 -26.35 20.47
N ARG I 45 38.09 -25.07 20.81
CA ARG I 45 37.71 -24.62 22.14
C ARG I 45 36.75 -23.44 22.01
N HIS I 46 35.49 -23.65 22.40
CA HIS I 46 34.45 -22.65 22.32
C HIS I 46 33.71 -22.55 23.65
N GLU I 47 33.28 -21.34 23.98
CA GLU I 47 32.65 -21.06 25.26
C GLU I 47 31.43 -20.16 25.05
N LEU I 48 30.56 -20.17 26.04
CA LEU I 48 29.40 -19.27 26.08
C LEU I 48 29.54 -18.20 27.15
N ILE I 49 30.25 -18.50 28.23
CA ILE I 49 30.57 -17.51 29.26
C ILE I 49 31.95 -16.97 28.94
N THR I 50 32.00 -15.80 28.31
CA THR I 50 33.25 -15.19 27.84
C THR I 50 33.51 -13.91 28.61
N ASN I 51 34.71 -13.78 29.15
CA ASN I 51 35.16 -12.60 29.88
C ASN I 51 36.48 -12.09 29.32
N ILE I 52 36.61 -12.15 27.99
CA ILE I 52 37.83 -11.77 27.29
C ILE I 52 37.53 -10.52 26.46
N GLY I 53 38.46 -9.56 26.52
CA GLY I 53 38.26 -8.25 25.91
C GLY I 53 38.09 -7.12 26.90
N GLU I 54 37.83 -7.43 28.17
CA GLU I 54 37.72 -6.38 29.18
C GLU I 54 39.02 -5.60 29.30
N THR I 55 40.13 -6.30 29.49
CA THR I 55 41.45 -5.68 29.65
C THR I 55 42.21 -5.56 28.33
N ALA I 56 41.64 -6.04 27.22
CA ALA I 56 42.30 -5.92 25.92
C ALA I 56 42.35 -4.50 25.40
N GLY I 57 41.58 -3.58 25.99
CA GLY I 57 41.63 -2.18 25.60
C GLY I 57 42.56 -1.36 26.45
N ILE I 58 43.85 -1.71 26.45
CA ILE I 58 44.86 -1.01 27.22
C ILE I 58 45.83 -0.35 26.24
N VAL I 59 46.08 0.94 26.43
CA VAL I 59 46.98 1.72 25.58
C VAL I 59 47.90 2.54 26.47
N ASP I 60 49.00 3.03 25.89
CA ASP I 60 49.97 3.80 26.66
C ASP I 60 49.70 5.30 26.56
N ASP I 61 49.02 5.75 25.50
CA ASP I 61 48.72 7.16 25.30
C ASP I 61 47.49 7.63 26.07
N ILE I 62 46.98 6.83 27.01
CA ILE I 62 45.75 7.18 27.69
C ILE I 62 45.93 8.40 28.59
N GLY I 63 47.05 8.47 29.33
CA GLY I 63 47.20 9.49 30.34
C GLY I 63 47.21 10.91 29.80
N GLN I 64 47.95 11.17 28.72
CA GLN I 64 48.08 12.52 28.20
C GLN I 64 46.73 13.12 27.80
N ASP I 65 45.75 12.29 27.46
CA ASP I 65 44.47 12.80 27.01
C ASP I 65 43.82 13.60 28.12
N PRO I 66 43.56 14.90 27.92
CA PRO I 66 42.91 15.66 28.99
C PRO I 66 41.50 15.19 29.29
N THR I 67 40.75 14.73 28.28
CA THR I 67 39.36 14.39 28.50
C THR I 67 39.20 13.23 29.48
N LEU I 68 40.22 12.42 29.67
CA LEU I 68 40.14 11.35 30.64
C LEU I 68 39.98 11.94 32.04
N PRO I 69 39.03 11.46 32.83
CA PRO I 69 38.81 12.04 34.15
C PRO I 69 40.03 11.85 35.05
N ARG I 70 40.03 12.57 36.16
CA ARG I 70 41.10 12.50 37.14
C ARG I 70 40.51 12.11 38.50
N SER I 71 41.22 11.26 39.20
CA SER I 71 40.69 10.61 40.40
C SER I 71 41.62 10.86 41.59
N ASP I 72 41.22 10.29 42.73
CA ASP I 72 41.96 10.42 43.98
C ASP I 72 42.42 9.06 44.53
N LYS I 73 42.27 8.00 43.75
CA LYS I 73 42.67 6.68 44.24
C LYS I 73 44.19 6.57 44.27
N GLU I 74 44.67 5.62 45.07
CA GLU I 74 46.09 5.44 45.29
C GLU I 74 46.65 4.42 44.30
N CYS I 75 47.84 4.70 43.77
CA CYS I 75 48.47 3.79 42.80
C CYS I 75 49.39 2.82 43.52
N PRO I 76 49.10 1.51 43.50
CA PRO I 76 49.99 0.56 44.21
C PRO I 76 51.41 0.55 43.70
N GLU I 77 51.66 1.03 42.47
CA GLU I 77 53.02 1.01 41.92
C GLU I 77 53.71 2.36 42.08
N CYS I 78 53.08 3.43 41.60
CA CYS I 78 53.67 4.76 41.67
C CYS I 78 53.22 5.55 42.89
N HIS I 79 52.06 5.22 43.47
CA HIS I 79 51.54 5.91 44.63
C HIS I 79 51.32 7.40 44.33
N SER I 80 51.09 7.71 43.06
CA SER I 80 50.85 9.07 42.63
C SER I 80 49.41 9.47 42.91
N ARG I 81 49.14 10.77 42.78
CA ARG I 81 47.82 11.35 43.04
C ARG I 81 47.36 12.17 41.84
N ASP I 82 47.76 11.77 40.63
CA ASP I 82 47.25 12.37 39.41
C ASP I 82 47.26 11.29 38.33
N CYS I 83 46.13 10.62 38.16
CA CYS I 83 45.99 9.55 37.19
C CYS I 83 44.54 9.51 36.75
N VAL I 84 44.23 8.63 35.79
CA VAL I 84 42.91 8.54 35.21
C VAL I 84 42.37 7.14 35.45
N PHE I 85 41.15 6.92 34.96
CA PHE I 85 40.46 5.65 35.14
C PHE I 85 39.48 5.49 33.98
N PHE I 86 39.03 4.26 33.76
CA PHE I 86 38.05 4.02 32.72
C PHE I 86 37.37 2.69 32.99
N GLN I 87 36.16 2.57 32.45
CA GLN I 87 35.36 1.36 32.52
C GLN I 87 35.64 0.51 31.30
N SER I 88 35.26 -0.77 31.38
CA SER I 88 35.56 -1.70 30.30
C SER I 88 34.94 -1.25 28.99
N GLN I 89 35.61 -1.57 27.89
CA GLN I 89 35.11 -1.25 26.56
C GLN I 89 34.27 -2.39 25.97
N GLN I 90 33.63 -3.20 26.81
CA GLN I 90 32.74 -4.25 26.32
C GLN I 90 31.39 -3.65 25.98
N ARG I 91 30.96 -3.84 24.73
CA ARG I 91 29.63 -3.43 24.29
C ARG I 91 28.58 -4.51 24.53
N ARG I 92 28.97 -5.66 25.08
CA ARG I 92 28.01 -6.67 25.45
C ARG I 92 27.03 -6.12 26.48
N LYS I 93 25.78 -6.59 26.42
CA LYS I 93 24.77 -6.11 27.34
C LYS I 93 24.99 -6.58 28.76
N ASP I 94 25.95 -7.49 28.99
CA ASP I 94 26.28 -7.98 30.32
C ASP I 94 27.56 -7.36 30.87
N THR I 95 27.95 -6.20 30.35
CA THR I 95 29.13 -5.51 30.88
C THR I 95 28.77 -4.82 32.19
N ASN I 96 29.73 -4.80 33.11
CA ASN I 96 29.53 -4.23 34.44
C ASN I 96 30.15 -2.85 34.54
N MET I 97 29.93 -2.22 35.70
CA MET I 97 30.46 -0.88 35.99
C MET I 97 31.73 -0.91 36.81
N THR I 98 32.55 -1.96 36.67
CA THR I 98 33.81 -2.06 37.42
C THR I 98 34.85 -1.23 36.68
N LEU I 99 35.03 0.01 37.12
CA LEU I 99 35.92 0.93 36.42
C LEU I 99 37.37 0.48 36.57
N PHE I 100 38.03 0.28 35.43
CA PHE I 100 39.41 -0.22 35.39
C PHE I 100 40.36 0.95 35.67
N TYR I 101 40.68 1.14 36.94
CA TYR I 101 41.59 2.22 37.30
C TYR I 101 42.98 1.96 36.73
N VAL I 102 43.61 3.01 36.23
CA VAL I 102 44.87 2.92 35.53
C VAL I 102 45.82 3.97 36.06
N CYS I 103 47.08 3.59 36.23
CA CYS I 103 48.11 4.49 36.72
C CYS I 103 48.79 5.16 35.53
N LEU I 104 49.72 6.09 35.79
CA LEU I 104 50.46 6.77 34.73
C LEU I 104 51.89 6.27 34.59
N ASN I 105 52.31 5.26 35.35
CA ASN I 105 53.61 4.63 35.21
C ASN I 105 53.52 3.16 34.86
N CYS I 106 52.71 2.40 35.58
CA CYS I 106 52.50 0.98 35.30
C CYS I 106 51.20 0.69 34.57
N LYS I 107 50.22 1.59 34.67
CA LYS I 107 48.92 1.41 34.00
C LYS I 107 48.31 0.06 34.34
N LYS I 108 48.42 -0.35 35.61
CA LYS I 108 47.79 -1.58 36.04
C LYS I 108 46.28 -1.40 36.14
N THR I 109 45.55 -2.39 35.62
CA THR I 109 44.09 -2.41 35.73
C THR I 109 43.72 -3.13 37.02
N PHE I 110 43.24 -2.38 38.00
CA PHE I 110 42.76 -2.93 39.26
C PHE I 110 41.45 -2.24 39.63
N ARG I 111 40.66 -2.93 40.44
CA ARG I 111 39.29 -2.53 40.73
C ARG I 111 39.19 -2.11 42.19
N ASP I 112 38.42 -1.05 42.45
CA ASP I 112 38.20 -0.53 43.80
C ASP I 112 36.99 -1.14 44.49
N GLU I 113 36.61 -2.36 44.14
CA GLU I 113 35.46 -3.03 44.75
C GLU I 113 35.77 -3.40 46.19
N MET J 1 10.33 54.63 10.57
CA MET J 1 10.54 55.45 9.34
C MET J 1 10.78 56.91 9.70
N ILE J 2 9.72 57.55 10.18
CA ILE J 2 9.77 58.95 10.58
C ILE J 2 9.14 59.05 11.96
N ILE J 3 9.54 60.06 12.72
CA ILE J 3 8.98 60.17 14.07
C ILE J 3 7.48 60.36 13.96
N PRO J 4 6.66 59.57 14.66
CA PRO J 4 5.21 59.70 14.48
C PRO J 4 4.68 61.01 15.02
N VAL J 5 3.40 61.28 14.71
CA VAL J 5 2.78 62.53 15.14
C VAL J 5 2.36 62.44 16.61
N ARG J 6 1.45 61.52 16.92
CA ARG J 6 0.87 61.41 18.25
C ARG J 6 1.28 60.08 18.87
N CYS J 7 1.68 60.13 20.15
CA CYS J 7 1.99 58.88 20.84
C CYS J 7 0.77 57.97 20.78
N PHE J 8 0.99 56.73 20.34
CA PHE J 8 -0.11 55.79 20.17
C PHE J 8 -0.89 55.60 21.47
N SER J 9 -0.17 55.47 22.57
CA SER J 9 -0.81 55.13 23.84
C SER J 9 -1.66 56.29 24.35
N CYS J 10 -1.01 57.39 24.71
CA CYS J 10 -1.73 58.53 25.27
C CYS J 10 -2.31 59.41 24.17
N GLY J 11 -1.44 59.99 23.36
CA GLY J 11 -1.86 60.94 22.35
C GLY J 11 -1.07 62.24 22.44
N LYS J 12 -0.10 62.29 23.34
CA LYS J 12 0.73 63.48 23.46
C LYS J 12 1.61 63.63 22.23
N VAL J 13 1.33 64.67 21.44
CA VAL J 13 2.09 64.93 20.23
C VAL J 13 3.57 64.96 20.58
N VAL J 14 4.37 64.21 19.83
CA VAL J 14 5.81 64.11 20.07
C VAL J 14 6.65 64.44 18.85
N GLY J 15 6.11 64.27 17.65
CA GLY J 15 6.96 64.31 16.46
C GLY J 15 7.81 65.57 16.40
N ASP J 16 7.21 66.70 16.72
CA ASP J 16 7.92 67.97 16.68
C ASP J 16 9.15 67.99 17.59
N LYS J 17 9.23 67.13 18.59
CA LYS J 17 10.31 67.16 19.56
C LYS J 17 11.53 66.35 19.12
N TRP J 18 11.42 65.59 18.04
CA TRP J 18 12.48 64.67 17.62
C TRP J 18 13.79 65.42 17.36
N ASP J 19 13.74 66.50 16.60
CA ASP J 19 14.95 67.26 16.29
C ASP J 19 15.61 67.76 17.55
N ALA J 20 14.82 68.30 18.47
CA ALA J 20 15.38 68.77 19.73
C ALA J 20 16.07 67.63 20.47
N TYR J 21 15.48 66.44 20.41
CA TYR J 21 16.11 65.30 21.07
C TYR J 21 17.46 64.99 20.45
N LEU J 22 17.52 64.95 19.13
CA LEU J 22 18.81 64.76 18.47
C LEU J 22 19.79 65.81 18.92
N ARG J 23 19.37 67.07 18.91
CA ARG J 23 20.24 68.17 19.30
C ARG J 23 20.81 67.94 20.70
N LEU J 24 19.93 67.66 21.66
CA LEU J 24 20.40 67.44 23.02
C LEU J 24 21.38 66.28 23.08
N LEU J 25 21.08 65.19 22.37
CA LEU J 25 22.03 64.09 22.33
C LEU J 25 23.38 64.53 21.81
N GLU J 26 23.40 65.51 20.89
CA GLU J 26 24.65 65.88 20.26
C GLU J 26 25.72 66.21 21.30
N GLU J 27 25.40 67.05 22.26
CA GLU J 27 26.40 67.51 23.23
C GLU J 27 26.68 66.47 24.30
N GLY J 28 26.20 65.23 24.13
CA GLY J 28 26.60 64.15 25.00
C GLY J 28 25.73 63.92 26.21
N LYS J 29 24.66 64.69 26.41
CA LYS J 29 23.77 64.42 27.51
C LYS J 29 23.23 62.99 27.41
N GLN J 30 23.16 62.33 28.56
CA GLN J 30 22.59 61.00 28.59
C GLN J 30 21.12 61.05 28.18
N GLU J 31 20.65 59.95 27.58
CA GLU J 31 19.35 59.96 26.94
C GLU J 31 18.24 60.28 27.94
N GLY J 32 18.32 59.69 29.14
CA GLY J 32 17.31 59.98 30.14
C GLY J 32 17.19 61.46 30.39
N ASP J 33 18.33 62.15 30.52
CA ASP J 33 18.28 63.59 30.68
C ASP J 33 17.52 64.23 29.52
N ALA J 34 17.99 64.01 28.29
CA ALA J 34 17.37 64.66 27.15
C ALA J 34 15.87 64.45 27.17
N LEU J 35 15.42 63.22 27.40
CA LEU J 35 13.99 62.97 27.51
C LEU J 35 13.38 63.79 28.63
N ASP J 36 14.14 64.05 29.69
CA ASP J 36 13.63 64.89 30.76
C ASP J 36 13.38 66.31 30.26
N GLU J 37 14.42 66.96 29.75
CA GLU J 37 14.27 68.37 29.36
C GLU J 37 13.16 68.58 28.35
N LEU J 38 12.82 67.57 27.57
CA LEU J 38 11.65 67.66 26.69
C LEU J 38 10.34 67.59 27.47
N LYS J 39 10.39 67.29 28.77
CA LYS J 39 9.19 67.07 29.57
C LYS J 39 8.39 65.90 29.02
N LEU J 40 9.03 64.74 29.02
CA LEU J 40 8.39 63.46 28.70
C LEU J 40 8.56 62.56 29.92
N LYS J 41 7.50 62.47 30.71
CA LYS J 41 7.56 61.73 31.97
C LYS J 41 6.92 60.35 31.81
N ARG J 42 5.67 60.32 31.38
CA ARG J 42 5.02 59.05 31.09
C ARG J 42 5.86 58.28 30.09
N TYR J 43 6.37 57.12 30.49
CA TYR J 43 7.22 56.37 29.57
C TYR J 43 6.47 55.92 28.34
N CYS J 44 5.13 55.99 28.34
CA CYS J 44 4.39 55.70 27.12
C CYS J 44 4.83 56.60 25.99
N CYS J 45 5.43 57.75 26.32
CA CYS J 45 6.08 58.56 25.30
C CYS J 45 7.57 58.30 25.24
N ARG J 46 8.21 58.07 26.39
CA ARG J 46 9.66 57.86 26.39
C ARG J 46 10.05 56.72 25.47
N ARG J 47 9.19 55.71 25.36
CA ARG J 47 9.55 54.57 24.53
C ARG J 47 9.82 54.98 23.10
N MET J 48 9.01 55.87 22.52
CA MET J 48 9.21 56.27 21.13
C MET J 48 10.53 56.98 20.93
N VAL J 49 10.67 58.18 21.48
CA VAL J 49 11.83 59.00 21.17
C VAL J 49 13.10 58.26 21.55
N LEU J 50 13.02 57.37 22.53
CA LEU J 50 14.19 56.57 22.87
C LEU J 50 14.46 55.51 21.80
N THR J 51 13.41 54.94 21.23
CA THR J 51 13.57 53.79 20.36
C THR J 51 12.78 53.93 19.07
N HIS J 52 12.85 55.09 18.44
CA HIS J 52 12.43 55.23 17.05
C HIS J 52 13.66 55.19 16.17
N VAL J 53 13.52 54.63 14.98
CA VAL J 53 14.61 54.54 14.02
C VAL J 53 14.23 55.41 12.82
N ASP J 54 15.15 56.28 12.43
CA ASP J 54 14.93 57.19 11.31
C ASP J 54 15.38 56.49 10.04
N LEU J 55 14.44 56.27 9.12
CA LEU J 55 14.76 55.66 7.84
C LEU J 55 14.61 56.62 6.68
N ILE J 56 13.85 57.71 6.85
CA ILE J 56 13.52 58.52 5.70
C ILE J 56 14.78 59.09 5.06
N GLU J 57 15.82 59.35 5.84
CA GLU J 57 17.09 59.74 5.22
C GLU J 57 17.61 58.62 4.34
N LYS J 58 17.51 57.37 4.81
CA LYS J 58 17.94 56.24 4.00
C LYS J 58 17.13 56.15 2.72
N PHE J 59 15.82 56.33 2.83
CA PHE J 59 14.97 56.20 1.65
C PHE J 59 15.20 57.33 0.66
N LEU J 60 15.58 58.51 1.15
CA LEU J 60 15.90 59.59 0.23
C LEU J 60 17.29 59.45 -0.37
N ARG J 61 18.20 58.73 0.29
CA ARG J 61 19.55 58.63 -0.25
C ARG J 61 19.56 58.10 -1.69
N TYR J 62 18.44 57.55 -2.14
CA TYR J 62 18.33 57.16 -3.54
C TYR J 62 17.83 58.34 -4.37
N ASN J 63 18.47 58.56 -5.51
CA ASN J 63 18.08 59.65 -6.39
C ASN J 63 16.66 59.43 -6.88
N PRO J 64 15.75 60.39 -6.70
CA PRO J 64 14.38 60.18 -7.17
C PRO J 64 14.34 60.01 -8.69
N LEU J 65 13.30 59.32 -9.16
CA LEU J 65 13.11 59.17 -10.59
C LEU J 65 12.97 60.52 -11.28
N GLU J 66 12.62 61.57 -10.52
CA GLU J 66 12.65 62.93 -11.05
C GLU J 66 13.97 63.59 -10.66
N MET K 1 -13.71 45.38 5.99
CA MET K 1 -14.55 45.22 4.76
C MET K 1 -16.03 45.19 5.11
N ASN K 2 -16.33 44.88 6.38
CA ASN K 2 -17.69 44.92 6.89
C ASN K 2 -17.76 45.75 8.17
N ALA K 3 -16.83 46.68 8.34
CA ALA K 3 -16.80 47.47 9.56
C ALA K 3 -17.93 48.50 9.53
N PRO K 4 -18.50 48.86 10.68
CA PRO K 4 -19.56 49.87 10.69
C PRO K 4 -19.01 51.27 10.48
N ASP K 5 -19.89 52.19 10.09
CA ASP K 5 -19.49 53.58 9.93
C ASP K 5 -19.19 54.21 11.28
N ARG K 6 -18.01 54.84 11.39
CA ARG K 6 -17.62 55.43 12.65
C ARG K 6 -18.41 56.70 12.95
N PHE K 7 -19.04 57.29 11.92
CA PHE K 7 -19.95 58.39 12.19
C PHE K 7 -21.30 57.89 12.70
N GLU K 8 -21.58 56.61 12.57
CA GLU K 8 -22.86 56.06 13.03
C GLU K 8 -22.88 55.75 14.52
N LEU K 9 -21.74 55.81 15.20
CA LEU K 9 -21.73 55.55 16.64
C LEU K 9 -22.50 56.59 17.43
N PHE K 10 -22.78 57.75 16.84
CA PHE K 10 -23.44 58.83 17.57
C PHE K 10 -24.60 59.44 16.77
N ILE K 11 -24.55 59.33 15.44
CA ILE K 11 -25.62 59.87 14.62
C ILE K 11 -26.79 58.91 14.62
N LEU K 12 -28.01 59.46 14.52
CA LEU K 12 -29.22 58.67 14.66
C LEU K 12 -29.95 58.61 13.33
N PRO K 13 -30.44 57.45 12.90
CA PRO K 13 -31.32 57.42 11.72
C PRO K 13 -32.67 58.05 12.02
N ASP K 14 -33.33 58.56 10.96
CA ASP K 14 -34.57 59.29 11.14
C ASP K 14 -35.68 58.41 11.69
N ASP K 15 -35.85 57.21 11.13
CA ASP K 15 -37.02 56.40 11.46
C ASP K 15 -36.99 55.90 12.89
N VAL K 16 -35.83 55.90 13.54
CA VAL K 16 -35.72 55.37 14.90
C VAL K 16 -35.68 56.55 15.87
N PRO K 17 -36.62 56.65 16.81
CA PRO K 17 -36.55 57.72 17.80
C PRO K 17 -35.37 57.51 18.75
N LYS K 18 -34.85 58.64 19.24
CA LYS K 18 -33.65 58.58 20.07
C LYS K 18 -33.84 57.63 21.24
N LEU K 19 -35.01 57.64 21.84
CA LEU K 19 -35.28 56.81 23.01
C LEU K 19 -36.57 56.03 22.80
N LYS K 20 -36.65 54.87 23.43
CA LYS K 20 -37.82 53.99 23.28
C LYS K 20 -38.09 53.35 24.63
N ILE K 21 -39.33 53.47 25.09
CA ILE K 21 -39.74 53.00 26.40
C ILE K 21 -40.54 51.72 26.24
N THR K 22 -40.39 50.81 27.19
CA THR K 22 -41.15 49.57 27.20
C THR K 22 -41.57 49.26 28.63
N PRO K 23 -42.85 49.36 28.97
CA PRO K 23 -43.26 49.01 30.34
C PRO K 23 -42.98 47.55 30.64
N ASP K 24 -42.56 47.29 31.88
CA ASP K 24 -42.20 45.94 32.31
C ASP K 24 -43.38 45.34 33.05
N SER K 25 -44.22 44.59 32.33
CA SER K 25 -45.50 44.13 32.86
C SER K 25 -45.37 43.01 33.89
N ARG K 26 -44.19 42.43 34.08
CA ARG K 26 -44.06 41.29 34.97
C ARG K 26 -43.93 41.70 36.43
N VAL K 27 -43.75 42.99 36.71
CA VAL K 27 -43.75 43.49 38.08
C VAL K 27 -44.35 44.90 38.05
N PRO K 28 -44.81 45.43 39.19
CA PRO K 28 -45.52 46.72 39.15
C PRO K 28 -44.58 47.90 39.05
N ASN K 29 -45.03 48.93 38.32
CA ASN K 29 -44.33 50.20 38.23
C ASN K 29 -42.87 50.02 37.82
N CYS K 30 -42.64 49.15 36.84
CA CYS K 30 -41.32 48.91 36.29
C CYS K 30 -41.36 49.21 34.80
N ILE K 31 -40.31 49.85 34.30
CA ILE K 31 -40.19 50.15 32.88
C ILE K 31 -38.80 49.77 32.40
N ILE K 32 -38.73 49.51 31.10
CA ILE K 32 -37.48 49.16 30.42
C ILE K 32 -37.32 50.15 29.29
N ILE K 33 -36.16 50.80 29.23
CA ILE K 33 -35.89 51.86 28.26
C ILE K 33 -34.94 51.31 27.21
N LYS K 34 -35.29 51.52 25.94
CA LYS K 34 -34.46 51.14 24.81
C LYS K 34 -33.81 52.40 24.26
N PHE K 35 -32.57 52.64 24.63
CA PHE K 35 -31.84 53.84 24.22
C PHE K 35 -31.34 53.70 22.80
N GLU K 36 -30.77 54.79 22.28
CA GLU K 36 -30.12 54.80 20.98
C GLU K 36 -28.86 55.66 21.07
N ARG K 37 -27.81 55.19 20.41
CA ARG K 37 -26.59 55.97 20.24
C ARG K 37 -26.04 56.42 21.59
N GLU K 38 -26.03 55.52 22.56
CA GLU K 38 -25.56 55.85 23.90
C GLU K 38 -24.78 54.67 24.47
N ASP K 39 -23.99 54.95 25.50
CA ASP K 39 -23.12 53.95 26.08
C ASP K 39 -22.96 54.27 27.57
N HIS K 40 -21.92 53.71 28.18
CA HIS K 40 -21.66 53.93 29.59
C HIS K 40 -21.59 55.41 29.94
N THR K 41 -21.11 56.25 29.02
CA THR K 41 -20.93 57.66 29.34
C THR K 41 -22.23 58.27 29.87
N LEU K 42 -23.36 57.97 29.22
CA LEU K 42 -24.64 58.48 29.70
C LEU K 42 -25.29 57.53 30.71
N ALA K 43 -25.22 56.22 30.44
CA ALA K 43 -25.96 55.27 31.28
C ALA K 43 -25.45 55.28 32.70
N ASN K 44 -24.14 55.24 32.89
CA ASN K 44 -23.60 55.20 34.25
C ASN K 44 -24.02 56.42 35.03
N LEU K 45 -23.95 57.59 34.40
CA LEU K 45 -24.32 58.82 35.09
C LEU K 45 -25.80 58.79 35.47
N LEU K 46 -26.68 58.47 34.52
CA LEU K 46 -28.10 58.42 34.86
C LEU K 46 -28.37 57.43 35.97
N ARG K 47 -27.77 56.24 35.88
CA ARG K 47 -28.06 55.19 36.85
C ARG K 47 -27.61 55.56 38.25
N GLU K 48 -26.42 56.15 38.38
CA GLU K 48 -25.95 56.49 39.71
C GLU K 48 -26.96 57.36 40.44
N GLU K 49 -27.39 58.44 39.79
CA GLU K 49 -28.31 59.34 40.44
C GLU K 49 -29.67 58.68 40.65
N LEU K 50 -30.24 58.09 39.60
CA LEU K 50 -31.57 57.49 39.75
C LEU K 50 -31.59 56.44 40.85
N ALA K 51 -30.44 55.84 41.13
CA ALA K 51 -30.33 54.99 42.32
C ALA K 51 -30.32 55.83 43.58
N LEU K 52 -29.63 56.97 43.56
CA LEU K 52 -29.57 57.80 44.76
C LEU K 52 -30.94 58.32 45.19
N TYR K 53 -31.95 58.28 44.32
CA TYR K 53 -33.26 58.81 44.68
C TYR K 53 -33.94 57.95 45.73
N PRO K 54 -34.89 58.51 46.48
CA PRO K 54 -35.56 57.73 47.52
C PRO K 54 -36.67 56.84 47.00
N ASP K 55 -37.42 57.33 46.01
CA ASP K 55 -38.63 56.65 45.54
C ASP K 55 -38.39 55.79 44.31
N VAL K 56 -37.21 55.18 44.20
CA VAL K 56 -36.87 54.30 43.09
C VAL K 56 -36.60 52.92 43.66
N THR K 57 -37.38 51.93 43.24
CA THR K 57 -37.24 50.57 43.73
C THR K 57 -36.12 49.80 43.04
N PHE K 58 -36.12 49.78 41.71
CA PHE K 58 -35.07 49.08 40.97
C PHE K 58 -34.69 49.92 39.78
N VAL K 59 -33.38 50.03 39.53
CA VAL K 59 -32.88 50.75 38.35
C VAL K 59 -31.63 50.03 37.88
N ALA K 60 -31.56 49.73 36.59
CA ALA K 60 -30.37 49.09 36.04
C ALA K 60 -30.39 49.24 34.52
N TYR K 61 -29.23 48.98 33.92
CA TYR K 61 -29.06 49.01 32.48
C TYR K 61 -27.99 47.99 32.10
N LYS K 62 -27.74 47.88 30.81
CA LYS K 62 -26.72 46.95 30.31
C LYS K 62 -26.36 47.30 28.88
N VAL K 63 -25.09 47.13 28.53
CA VAL K 63 -24.59 47.37 27.19
C VAL K 63 -24.59 46.04 26.46
N GLU K 64 -25.52 45.88 25.50
CA GLU K 64 -25.72 44.59 24.87
C GLU K 64 -24.43 44.07 24.25
N HIS K 65 -23.78 44.88 23.41
CA HIS K 65 -22.56 44.47 22.75
C HIS K 65 -21.79 45.70 22.29
N PRO K 66 -20.53 45.86 22.71
CA PRO K 66 -19.82 47.09 22.34
C PRO K 66 -19.77 47.36 20.85
N LEU K 67 -20.13 46.38 20.02
CA LEU K 67 -20.20 46.63 18.59
C LEU K 67 -21.49 47.33 18.19
N PHE K 68 -22.42 47.54 19.10
CA PHE K 68 -23.65 48.26 18.80
C PHE K 68 -23.79 49.45 19.74
N ALA K 69 -24.25 50.57 19.20
CA ALA K 69 -24.35 51.82 19.95
C ALA K 69 -25.80 52.02 20.42
N ASN K 70 -26.15 51.26 21.44
CA ASN K 70 -27.38 51.50 22.19
C ASN K 70 -27.39 50.56 23.39
N PHE K 71 -28.15 50.95 24.41
CA PHE K 71 -28.23 50.18 25.64
C PHE K 71 -29.66 50.22 26.14
N VAL K 72 -29.95 49.37 27.13
CA VAL K 72 -31.29 49.22 27.67
C VAL K 72 -31.23 49.48 29.16
N MET K 73 -32.16 50.30 29.65
CA MET K 73 -32.21 50.67 31.06
C MET K 73 -33.50 50.16 31.68
N ARG K 74 -33.36 49.44 32.80
CA ARG K 74 -34.49 48.98 33.59
C ARG K 74 -34.70 49.95 34.73
N LEU K 75 -35.94 50.36 34.94
CA LEU K 75 -36.29 51.32 35.97
C LEU K 75 -37.63 50.94 36.57
N GLN K 76 -37.70 50.92 37.90
CA GLN K 76 -38.93 50.57 38.59
C GLN K 76 -39.02 51.39 39.87
N THR K 77 -39.77 52.48 39.80
CA THR K 77 -40.02 53.32 40.97
C THR K 77 -41.20 52.77 41.75
N GLU K 78 -41.23 53.11 43.03
CA GLU K 78 -42.36 52.74 43.86
C GLU K 78 -43.64 53.32 43.27
N GLU K 79 -44.77 52.84 43.79
CA GLU K 79 -46.06 53.33 43.31
C GLU K 79 -46.20 54.83 43.49
N GLY K 80 -45.43 55.42 44.41
CA GLY K 80 -45.54 56.85 44.66
C GLY K 80 -45.35 57.69 43.41
N THR K 81 -44.35 57.34 42.59
CA THR K 81 -43.99 58.14 41.43
C THR K 81 -43.92 57.25 40.20
N ARG K 82 -44.41 57.76 39.07
CA ARG K 82 -44.22 57.07 37.81
C ARG K 82 -42.76 57.21 37.35
N PRO K 83 -42.21 56.19 36.71
CA PRO K 83 -40.76 56.23 36.42
C PRO K 83 -40.34 57.42 35.57
N LYS K 84 -41.16 57.83 34.60
CA LYS K 84 -40.77 58.94 33.73
C LYS K 84 -40.41 60.16 34.55
N GLN K 85 -41.25 60.48 35.53
CA GLN K 85 -40.98 61.64 36.37
C GLN K 85 -39.68 61.48 37.13
N ALA K 86 -39.42 60.29 37.66
CA ALA K 86 -38.17 60.07 38.39
C ALA K 86 -36.96 60.27 37.49
N LEU K 87 -37.02 59.74 36.27
CA LEU K 87 -35.91 59.90 35.34
C LEU K 87 -35.68 61.36 35.01
N GLU K 88 -36.74 62.10 34.67
CA GLU K 88 -36.55 63.49 34.33
C GLU K 88 -36.11 64.31 35.54
N ARG K 89 -36.55 63.93 36.73
CA ARG K 89 -36.06 64.58 37.95
C ARG K 89 -34.56 64.40 38.09
N ALA K 90 -34.07 63.17 37.91
CA ALA K 90 -32.63 62.95 37.96
C ALA K 90 -31.94 63.73 36.87
N CYS K 91 -32.52 63.77 35.67
CA CYS K 91 -31.95 64.57 34.60
C CYS K 91 -31.73 66.01 35.06
N ALA K 92 -32.77 66.62 35.62
CA ALA K 92 -32.65 67.99 36.10
C ALA K 92 -31.59 68.10 37.18
N SER K 93 -31.53 67.11 38.07
CA SER K 93 -30.58 67.19 39.18
C SER K 93 -29.15 67.22 38.67
N ILE K 94 -28.80 66.32 37.75
CA ILE K 94 -27.45 66.35 37.18
C ILE K 94 -27.25 67.63 36.38
N ILE K 95 -28.28 68.09 35.68
CA ILE K 95 -28.13 69.33 34.93
C ILE K 95 -27.67 70.44 35.86
N ASN K 96 -28.35 70.58 36.99
CA ASN K 96 -28.02 71.68 37.91
C ASN K 96 -26.68 71.43 38.59
N LYS K 97 -26.37 70.19 38.93
CA LYS K 97 -25.08 69.91 39.53
C LYS K 97 -23.94 70.29 38.59
N LEU K 98 -24.07 69.92 37.32
CA LEU K 98 -23.07 70.28 36.33
C LEU K 98 -22.98 71.79 36.17
N LYS K 99 -24.13 72.47 36.15
CA LYS K 99 -24.09 73.92 36.04
C LYS K 99 -23.33 74.53 37.20
N THR K 100 -23.60 74.06 38.41
CA THR K 100 -22.90 74.55 39.58
C THR K 100 -21.40 74.30 39.47
N LEU K 101 -21.03 73.09 39.05
CA LEU K 101 -19.60 72.78 38.92
C LEU K 101 -18.94 73.68 37.89
N ASP K 102 -19.62 73.91 36.77
CA ASP K 102 -19.08 74.80 35.74
C ASP K 102 -18.87 76.20 36.28
N HIS K 103 -19.86 76.73 36.99
CA HIS K 103 -19.74 78.08 37.51
C HIS K 103 -18.59 78.18 38.49
N LYS K 104 -18.49 77.21 39.40
CA LYS K 104 -17.40 77.24 40.38
C LYS K 104 -16.05 77.15 39.68
N PHE K 105 -15.93 76.28 38.68
CA PHE K 105 -14.66 76.17 37.97
C PHE K 105 -14.33 77.46 37.24
N ASN K 106 -15.32 78.08 36.60
CA ASN K 106 -15.07 79.34 35.93
C ASN K 106 -14.50 80.36 36.90
N GLU K 107 -15.16 80.52 38.05
CA GLU K 107 -14.67 81.49 39.03
C GLU K 107 -13.29 81.12 39.52
N GLU K 108 -13.05 79.84 39.77
CA GLU K 108 -11.77 79.40 40.29
C GLU K 108 -10.65 79.69 39.29
N TRP K 109 -10.91 79.43 38.00
CA TRP K 109 -9.90 79.70 37.00
C TRP K 109 -9.66 81.19 36.85
N ASN K 110 -10.71 81.99 36.92
CA ASN K 110 -10.54 83.44 36.90
C ASN K 110 -9.60 83.88 38.00
N ILE K 111 -9.88 83.47 39.23
CA ILE K 111 -9.06 83.93 40.36
C ILE K 111 -7.66 83.36 40.28
N LYS K 112 -7.52 82.14 39.79
CA LYS K 112 -6.25 81.43 39.91
C LYS K 112 -5.14 82.16 39.16
N ASN K 113 -5.42 82.63 37.96
CA ASN K 113 -4.39 83.22 37.12
C ASN K 113 -4.25 84.71 37.41
N GLY L 28 0.21 62.75 -26.15
CA GLY L 28 -1.04 62.55 -25.38
C GLY L 28 -0.87 61.61 -24.20
N VAL L 29 0.20 60.82 -24.23
CA VAL L 29 0.53 59.88 -23.17
C VAL L 29 1.97 60.11 -22.76
N LYS L 30 2.17 60.97 -21.76
CA LYS L 30 3.51 61.39 -21.39
C LYS L 30 4.27 60.24 -20.73
N TYR L 31 5.57 60.43 -20.55
CA TYR L 31 6.46 59.44 -19.96
C TYR L 31 7.54 60.15 -19.16
N THR L 32 8.44 59.36 -18.58
CA THR L 32 9.54 59.89 -17.79
C THR L 32 10.65 58.85 -17.73
N CYS L 33 11.87 59.27 -18.02
CA CYS L 33 12.99 58.34 -18.05
C CYS L 33 13.39 57.94 -16.63
N GLY L 34 14.00 56.75 -16.54
CA GLY L 34 14.54 56.26 -15.28
C GLY L 34 15.99 56.57 -15.05
N ALA L 35 16.69 57.09 -16.06
CA ALA L 35 18.10 57.44 -15.95
C ALA L 35 18.32 58.95 -16.02
N CYS L 36 17.69 59.63 -16.97
CA CYS L 36 17.87 61.07 -17.12
C CYS L 36 16.67 61.88 -16.63
N ALA L 37 15.51 61.26 -16.46
CA ALA L 37 14.34 61.93 -15.88
C ALA L 37 13.94 63.16 -16.69
N HIS L 38 13.87 63.02 -18.01
CA HIS L 38 13.36 64.04 -18.89
C HIS L 38 12.09 63.54 -19.57
N ASN L 39 11.07 64.38 -19.61
CA ASN L 39 9.75 63.97 -20.06
C ASN L 39 9.64 64.01 -21.57
N PHE L 40 8.77 63.15 -22.11
CA PHE L 40 8.43 63.16 -23.52
C PHE L 40 7.22 62.24 -23.70
N SER L 41 6.87 61.97 -24.95
CA SER L 41 5.72 61.12 -25.25
C SER L 41 6.07 60.15 -26.37
N LEU L 42 5.12 59.27 -26.68
CA LEU L 42 5.23 58.36 -27.81
C LEU L 42 3.82 58.01 -28.28
N ASN L 43 3.73 57.51 -29.51
CA ASN L 43 2.46 57.15 -30.13
C ASN L 43 2.40 55.66 -30.47
N LYS L 44 2.94 54.83 -29.59
CA LYS L 44 2.84 53.38 -29.68
C LYS L 44 3.49 52.82 -30.94
N SER L 45 4.22 53.63 -31.70
CA SER L 45 4.97 53.17 -32.86
C SER L 45 6.46 53.38 -32.73
N ASP L 46 6.89 54.42 -32.01
CA ASP L 46 8.31 54.61 -31.76
C ASP L 46 8.84 53.46 -30.91
N PRO L 47 10.08 53.02 -31.13
CA PRO L 47 10.65 51.99 -30.26
C PRO L 47 10.71 52.49 -28.83
N VAL L 48 10.62 51.54 -27.89
CA VAL L 48 10.55 51.91 -26.49
C VAL L 48 11.96 52.25 -26.01
N ARG L 49 12.33 53.52 -26.19
CA ARG L 49 13.62 54.04 -25.76
C ARG L 49 13.43 55.47 -25.31
N CYS L 50 14.31 55.92 -24.44
CA CYS L 50 14.34 57.32 -24.07
C CYS L 50 14.78 58.15 -25.26
N LYS L 51 14.01 59.18 -25.58
CA LYS L 51 14.39 60.04 -26.71
C LYS L 51 15.73 60.72 -26.48
N GLU L 52 15.93 61.24 -25.27
CA GLU L 52 17.05 62.14 -25.00
C GLU L 52 18.34 61.42 -24.59
N CYS L 53 18.27 60.41 -23.73
CA CYS L 53 19.47 59.68 -23.33
C CYS L 53 19.49 58.24 -23.82
N GLY L 54 18.42 57.78 -24.46
CA GLY L 54 18.40 56.44 -25.03
C GLY L 54 18.15 55.33 -24.04
N HIS L 55 17.90 55.64 -22.78
CA HIS L 55 17.69 54.59 -21.79
C HIS L 55 16.44 53.79 -22.11
N ARG L 56 16.43 52.54 -21.65
CA ARG L 56 15.41 51.56 -22.01
C ARG L 56 14.45 51.25 -20.87
N VAL L 57 14.37 52.13 -19.87
CA VAL L 57 13.46 51.97 -18.74
C VAL L 57 12.71 53.27 -18.56
N ILE L 58 11.37 53.21 -18.60
CA ILE L 58 10.54 54.39 -18.54
C ILE L 58 9.36 54.13 -17.61
N TYR L 59 8.67 55.21 -17.25
CA TYR L 59 7.46 55.12 -16.45
C TYR L 59 6.45 56.12 -16.97
N LYS L 60 5.17 55.78 -16.82
CA LYS L 60 4.13 56.75 -17.10
C LYS L 60 4.06 57.77 -15.97
N ALA L 61 3.35 58.87 -16.22
CA ALA L 61 3.24 59.95 -15.26
C ALA L 61 1.83 60.05 -14.71
N ARG L 62 1.69 60.80 -13.63
CA ARG L 62 0.42 60.83 -12.90
C ARG L 62 -0.72 61.30 -13.79
N THR L 63 -1.90 60.74 -13.57
CA THR L 63 -3.09 61.15 -14.27
C THR L 63 -3.46 62.58 -13.87
N LYS L 64 -4.54 63.08 -14.46
CA LYS L 64 -4.98 64.45 -14.19
C LYS L 64 -6.26 64.52 -13.39
N ARG L 65 -7.11 63.50 -13.44
CA ARG L 65 -8.27 63.47 -12.55
C ARG L 65 -7.81 63.65 -11.12
N MET L 66 -8.72 64.03 -10.24
CA MET L 66 -8.31 64.49 -8.91
C MET L 66 -8.24 63.30 -7.95
N ILE L 67 -7.25 63.34 -7.05
CA ILE L 67 -6.99 62.26 -6.09
C ILE L 67 -7.47 62.69 -4.71
N GLN L 68 -8.12 61.78 -4.00
CA GLN L 68 -8.67 62.09 -2.68
C GLN L 68 -8.14 61.11 -1.64
N PHE L 69 -8.13 61.60 -0.39
CA PHE L 69 -7.82 60.79 0.77
C PHE L 69 -8.64 61.32 1.93
N ASP L 70 -9.12 60.40 2.77
CA ASP L 70 -9.83 60.81 3.97
C ASP L 70 -8.91 61.04 5.15
N ALA L 71 -7.60 60.84 4.97
CA ALA L 71 -6.63 61.13 6.01
C ALA L 71 -6.82 60.26 7.24
N ARG L 72 -7.72 59.29 7.15
CA ARG L 72 -8.00 58.41 8.28
C ARG L 72 -7.09 57.19 8.22
N ILE M 18 19.82 -32.98 -5.63
CA ILE M 18 18.81 -32.95 -6.73
C ILE M 18 19.39 -32.27 -7.96
N LYS M 19 19.44 -33.02 -9.06
CA LYS M 19 19.93 -32.46 -10.32
C LYS M 19 18.96 -31.41 -10.84
N GLN M 20 19.51 -30.28 -11.26
CA GLN M 20 18.73 -29.22 -11.90
C GLN M 20 19.13 -29.15 -13.37
N LYS M 21 18.13 -29.19 -14.25
CA LYS M 21 18.33 -29.04 -15.67
C LYS M 21 18.07 -27.59 -16.03
N LEU M 22 19.15 -26.83 -16.27
CA LEU M 22 19.07 -25.39 -16.50
C LEU M 22 19.13 -25.12 -17.99
N GLU M 23 18.04 -24.59 -18.53
CA GLU M 23 18.00 -24.15 -19.92
C GLU M 23 18.45 -22.69 -19.92
N THR M 24 19.74 -22.48 -19.70
CA THR M 24 20.34 -21.16 -19.67
C THR M 24 20.41 -20.60 -21.09
N GLN M 25 20.54 -19.27 -21.16
CA GLN M 25 20.56 -18.58 -22.43
C GLN M 25 21.91 -18.70 -23.14
N PHE M 26 22.79 -19.58 -22.67
CA PHE M 26 24.05 -19.74 -23.36
C PHE M 26 23.82 -20.29 -24.77
N THR M 27 24.65 -19.83 -25.69
CA THR M 27 24.63 -20.27 -27.09
C THR M 27 25.65 -21.36 -27.28
N CYS M 28 25.41 -22.25 -28.24
CA CYS M 28 26.37 -23.29 -28.56
C CYS M 28 27.34 -22.80 -29.63
N LEU M 29 28.62 -23.07 -29.40
CA LEU M 29 29.64 -22.71 -30.38
C LEU M 29 29.46 -23.47 -31.68
N PHE M 30 29.07 -24.74 -31.61
CA PHE M 30 29.18 -25.64 -32.75
C PHE M 30 27.93 -25.62 -33.62
N CYS M 31 26.74 -25.63 -33.01
CA CYS M 31 25.50 -25.80 -33.77
C CYS M 31 24.83 -24.49 -34.17
N ASN M 32 25.44 -23.34 -33.89
CA ASN M 32 24.94 -22.06 -34.38
C ASN M 32 23.53 -21.78 -33.90
N HIS M 33 23.20 -22.18 -32.68
CA HIS M 33 21.86 -21.97 -32.12
C HIS M 33 21.97 -21.45 -30.70
N ASP M 34 21.16 -20.44 -30.39
CA ASP M 34 21.09 -19.89 -29.05
C ASP M 34 20.02 -20.60 -28.23
N ASN M 35 20.23 -20.65 -26.92
CA ASN M 35 19.31 -21.29 -25.98
C ASN M 35 19.20 -22.79 -26.25
N SER M 36 20.16 -23.33 -27.01
CA SER M 36 20.24 -24.76 -27.26
C SER M 36 21.27 -25.42 -26.36
N VAL M 37 21.57 -24.83 -25.20
CA VAL M 37 22.59 -25.32 -24.29
C VAL M 37 21.99 -25.42 -22.90
N VAL M 38 22.18 -26.57 -22.26
CA VAL M 38 21.73 -26.80 -20.89
C VAL M 38 22.96 -27.14 -20.06
N CYS M 39 23.22 -26.34 -19.03
CA CYS M 39 24.39 -26.53 -18.17
C CYS M 39 23.92 -27.22 -16.89
N THR M 40 23.77 -28.53 -16.97
CA THR M 40 23.27 -29.29 -15.83
C THR M 40 24.29 -29.25 -14.68
N LEU M 41 23.78 -29.39 -13.46
CA LEU M 41 24.59 -29.33 -12.26
C LEU M 41 24.59 -30.70 -11.60
N ASP M 42 25.77 -31.21 -11.30
CA ASP M 42 25.93 -32.45 -10.53
C ASP M 42 27.00 -32.20 -9.48
N LYS M 43 26.58 -31.72 -8.32
CA LYS M 43 27.50 -31.47 -7.22
C LYS M 43 27.76 -32.71 -6.37
N LYS M 44 26.98 -33.77 -6.56
CA LYS M 44 27.12 -34.93 -5.69
C LYS M 44 28.51 -35.54 -5.80
N ASN M 45 29.02 -35.69 -7.02
CA ASN M 45 30.34 -36.26 -7.25
C ASN M 45 31.32 -35.24 -7.80
N SER M 46 31.03 -33.94 -7.67
CA SER M 46 31.90 -32.89 -8.19
C SER M 46 32.16 -33.10 -9.69
N ILE M 47 31.07 -33.11 -10.45
CA ILE M 47 31.10 -33.37 -11.88
C ILE M 47 30.29 -32.28 -12.58
N GLY M 48 30.74 -31.87 -13.76
CA GLY M 48 30.00 -30.93 -14.59
C GLY M 48 29.36 -31.69 -15.74
N LEU M 49 28.11 -31.34 -16.05
CA LEU M 49 27.45 -31.85 -17.24
C LEU M 49 26.75 -30.73 -17.97
N LEU M 50 26.80 -30.79 -19.30
CA LEU M 50 26.12 -29.85 -20.18
C LEU M 50 25.40 -30.65 -21.26
N GLU M 51 24.16 -30.26 -21.57
CA GLU M 51 23.41 -30.87 -22.65
C GLU M 51 23.10 -29.82 -23.69
N CYS M 52 23.34 -30.15 -24.96
CA CYS M 52 22.98 -29.31 -26.08
C CYS M 52 21.68 -29.84 -26.69
N LYS M 53 20.95 -28.96 -27.36
CA LYS M 53 19.65 -29.32 -27.91
C LYS M 53 19.67 -29.59 -29.40
N LYS M 54 20.60 -29.00 -30.15
CA LYS M 54 20.65 -29.20 -31.60
C LYS M 54 21.69 -30.23 -32.01
N CYS M 55 22.95 -29.99 -31.68
CA CYS M 55 24.00 -30.97 -31.93
C CYS M 55 24.19 -31.92 -30.76
N ASN M 56 23.48 -31.70 -29.65
CA ASN M 56 23.43 -32.63 -28.54
C ASN M 56 24.79 -32.87 -27.89
N LEU M 57 25.79 -32.04 -28.21
CA LEU M 57 27.09 -32.20 -27.58
C LEU M 57 26.99 -31.92 -26.09
N SER M 58 27.86 -32.58 -25.33
CA SER M 58 27.89 -32.44 -23.88
C SER M 58 29.33 -32.21 -23.43
N PHE M 59 29.48 -31.41 -22.38
CA PHE M 59 30.78 -31.14 -21.79
C PHE M 59 30.79 -31.61 -20.34
N GLN M 60 31.91 -32.20 -19.94
CA GLN M 60 32.07 -32.73 -18.58
C GLN M 60 33.28 -32.09 -17.93
N ALA M 61 33.15 -31.74 -16.66
CA ALA M 61 34.24 -31.10 -15.92
C ALA M 61 33.96 -31.12 -14.43
N PRO M 62 34.96 -31.33 -13.58
CA PRO M 62 34.72 -31.26 -12.13
C PRO M 62 34.32 -29.86 -11.70
N ILE M 63 33.43 -29.80 -10.72
CA ILE M 63 32.86 -28.54 -10.23
C ILE M 63 32.95 -28.55 -8.71
N ASN M 64 33.28 -27.39 -8.11
CA ASN M 64 33.33 -27.25 -6.67
C ASN M 64 32.19 -26.36 -6.18
N SER M 65 32.15 -26.14 -4.88
CA SER M 65 31.04 -25.41 -4.27
C SER M 65 30.92 -23.99 -4.82
N LEU M 66 32.02 -23.42 -5.29
CA LEU M 66 32.03 -22.05 -5.78
C LEU M 66 31.85 -21.97 -7.29
N SER M 67 31.71 -23.09 -7.98
CA SER M 67 31.49 -23.08 -9.42
C SER M 67 30.01 -22.90 -9.73
N GLN M 68 29.73 -22.25 -10.85
CA GLN M 68 28.38 -21.92 -11.28
C GLN M 68 28.27 -22.08 -12.79
N PRO M 69 27.04 -22.18 -13.32
CA PRO M 69 26.89 -22.40 -14.75
C PRO M 69 27.72 -21.47 -15.61
N ILE M 70 27.98 -20.25 -15.15
CA ILE M 70 28.87 -19.36 -15.90
C ILE M 70 30.27 -19.95 -15.93
N ASP M 71 30.73 -20.48 -14.80
CA ASP M 71 32.07 -21.07 -14.75
C ASP M 71 32.17 -22.29 -15.66
N ILE M 72 31.16 -23.15 -15.64
CA ILE M 72 31.15 -24.31 -16.51
C ILE M 72 31.14 -23.87 -17.97
N TYR M 73 30.33 -22.86 -18.30
CA TYR M 73 30.28 -22.39 -19.69
C TYR M 73 31.63 -21.85 -20.12
N SER M 74 32.28 -21.06 -19.26
CA SER M 74 33.58 -20.50 -19.62
C SER M 74 34.62 -21.60 -19.80
N ASP M 75 34.62 -22.59 -18.92
CA ASP M 75 35.57 -23.69 -19.07
C ASP M 75 35.27 -24.48 -20.35
N TRP M 76 34.00 -24.64 -20.68
CA TRP M 76 33.65 -25.29 -21.94
C TRP M 76 34.20 -24.51 -23.12
N ILE M 77 34.05 -23.19 -23.10
CA ILE M 77 34.56 -22.37 -24.20
C ILE M 77 36.06 -22.53 -24.30
N ASP M 78 36.75 -22.49 -23.16
CA ASP M 78 38.21 -22.63 -23.18
C ASP M 78 38.61 -23.99 -23.74
N ALA M 79 37.90 -25.05 -23.35
CA ALA M 79 38.21 -26.38 -23.87
C ALA M 79 38.01 -26.45 -25.38
N CYS M 80 36.90 -25.90 -25.86
CA CYS M 80 36.61 -25.92 -27.30
C CYS M 80 37.69 -25.18 -28.08
N GLU M 81 38.40 -24.26 -27.41
CA GLU M 81 39.46 -23.50 -28.05
C GLU M 81 40.74 -23.60 -27.22
N GLU Q 3 24.29 12.13 -53.52
CA GLU Q 3 24.14 10.72 -53.98
C GLU Q 3 22.97 10.57 -54.95
N ARG Q 4 23.27 10.02 -56.13
CA ARG Q 4 22.26 9.73 -57.14
C ARG Q 4 22.53 8.35 -57.73
N ALA Q 5 21.49 7.52 -57.77
CA ALA Q 5 21.62 6.11 -58.12
C ALA Q 5 21.57 5.94 -59.63
N CYS Q 6 22.60 5.29 -60.18
CA CYS Q 6 22.60 4.98 -61.60
C CYS Q 6 21.46 4.02 -61.91
N MET Q 7 20.74 4.30 -63.00
CA MET Q 7 19.53 3.54 -63.30
C MET Q 7 19.86 2.08 -63.61
N LEU Q 8 20.94 1.83 -64.35
CA LEU Q 8 21.21 0.47 -64.82
C LEU Q 8 21.80 -0.40 -63.72
N CYS Q 9 22.98 -0.05 -63.24
CA CYS Q 9 23.65 -0.85 -62.22
C CYS Q 9 23.09 -0.59 -60.82
N GLY Q 10 22.46 0.56 -60.61
CA GLY Q 10 21.96 0.92 -59.30
C GLY Q 10 22.98 1.57 -58.39
N ILE Q 11 24.24 1.67 -58.82
CA ILE Q 11 25.26 2.25 -57.95
C ILE Q 11 24.90 3.70 -57.65
N VAL Q 12 24.96 4.05 -56.36
CA VAL Q 12 24.68 5.41 -55.91
C VAL Q 12 25.93 5.96 -55.26
N LEU Q 13 26.39 7.09 -55.78
CA LEU Q 13 27.55 7.80 -55.25
C LEU Q 13 27.26 9.29 -55.34
N PRO Q 14 27.98 10.11 -54.58
CA PRO Q 14 27.73 11.55 -54.65
C PRO Q 14 27.84 12.06 -56.07
N GLY Q 15 26.97 13.01 -56.41
CA GLY Q 15 26.96 13.56 -57.76
C GLY Q 15 28.30 14.11 -58.18
N ARG Q 16 29.12 14.56 -57.22
CA ARG Q 16 30.47 15.01 -57.55
C ARG Q 16 31.31 13.86 -58.10
N VAL Q 17 31.11 12.64 -57.60
CA VAL Q 17 31.85 11.49 -58.10
C VAL Q 17 31.50 11.22 -59.55
N PHE Q 18 30.20 11.22 -59.87
CA PHE Q 18 29.79 11.01 -61.26
C PHE Q 18 30.27 12.15 -62.15
N MET Q 19 30.20 13.39 -61.68
CA MET Q 19 30.65 14.52 -62.47
C MET Q 19 32.15 14.48 -62.74
N GLN Q 20 32.95 14.12 -61.74
CA GLN Q 20 34.40 14.06 -61.89
C GLN Q 20 34.90 12.72 -62.41
N ASN Q 21 34.15 11.64 -62.20
CA ASN Q 21 34.61 10.31 -62.59
C ASN Q 21 33.53 9.47 -63.26
N GLY Q 22 32.30 9.98 -63.40
CA GLY Q 22 31.25 9.20 -64.01
C GLY Q 22 30.85 8.01 -63.16
N CYS Q 23 30.05 7.15 -63.76
CA CYS Q 23 29.63 5.93 -63.08
C CYS Q 23 30.84 5.01 -62.91
N PRO Q 24 31.02 4.39 -61.75
CA PRO Q 24 32.14 3.44 -61.60
C PRO Q 24 32.04 2.27 -62.57
N ASN Q 25 30.83 1.90 -62.99
CA ASN Q 25 30.63 0.79 -63.90
C ASN Q 25 30.06 1.19 -65.26
N CYS Q 26 29.22 2.22 -65.33
CA CYS Q 26 28.48 2.53 -66.53
C CYS Q 26 28.98 3.78 -67.26
N ASP Q 27 30.08 4.38 -66.81
CA ASP Q 27 30.60 5.56 -67.51
C ASP Q 27 31.09 5.21 -68.91
N SER Q 28 31.35 3.93 -69.17
CA SER Q 28 31.83 3.53 -70.49
C SER Q 28 30.73 3.49 -71.54
N VAL Q 29 29.47 3.36 -71.13
CA VAL Q 29 28.37 3.18 -72.07
C VAL Q 29 27.33 4.29 -71.91
N LEU Q 30 27.31 4.95 -70.76
CA LEU Q 30 26.33 6.00 -70.51
C LEU Q 30 26.89 7.40 -70.71
N ASN Q 31 28.21 7.57 -70.67
CA ASN Q 31 28.83 8.88 -70.86
C ASN Q 31 28.30 9.89 -69.85
N LEU Q 32 28.62 9.66 -68.58
CA LEU Q 32 28.20 10.59 -67.53
C LEU Q 32 29.30 11.60 -67.20
N ARG Q 33 30.56 11.16 -67.17
CA ARG Q 33 31.64 12.05 -66.76
C ARG Q 33 31.75 13.24 -67.69
N ASP Q 34 31.71 13.01 -69.01
CA ASP Q 34 31.91 14.05 -70.01
C ASP Q 34 30.62 14.45 -70.72
N SER Q 35 29.51 14.55 -69.99
CA SER Q 35 28.26 14.99 -70.58
C SER Q 35 27.68 16.18 -69.83
N ASP Q 36 26.51 16.64 -70.24
CA ASP Q 36 25.84 17.75 -69.58
C ASP Q 36 25.17 17.27 -68.29
N GLN Q 37 24.69 18.24 -67.51
CA GLN Q 37 24.07 17.90 -66.23
C GLN Q 37 22.76 17.14 -66.44
N ALA Q 38 22.03 17.43 -67.51
CA ALA Q 38 20.76 16.75 -67.75
C ALA Q 38 20.97 15.25 -67.95
N THR Q 39 21.98 14.87 -68.74
CA THR Q 39 22.23 13.45 -68.96
C THR Q 39 22.56 12.73 -67.66
N VAL Q 40 23.43 13.33 -66.83
CA VAL Q 40 23.81 12.70 -65.57
C VAL Q 40 22.60 12.60 -64.65
N ASN Q 41 21.81 13.67 -64.55
CA ASN Q 41 20.65 13.65 -63.67
C ASN Q 41 19.66 12.59 -64.10
N GLU Q 42 19.39 12.47 -65.40
CA GLU Q 42 18.47 11.45 -65.87
C GLU Q 42 19.02 10.05 -65.67
N CYS Q 43 20.32 9.85 -65.90
CA CYS Q 43 20.93 8.56 -65.63
C CYS Q 43 21.12 8.30 -64.15
N THR Q 44 21.14 9.35 -63.33
CA THR Q 44 21.28 9.22 -61.88
C THR Q 44 20.28 10.18 -61.23
N SER Q 45 19.10 9.66 -60.91
CA SER Q 45 18.09 10.43 -60.20
C SER Q 45 18.38 10.42 -58.71
N SER Q 46 18.08 11.55 -58.05
CA SER Q 46 18.34 11.67 -56.63
C SER Q 46 17.56 10.65 -55.80
N SER Q 47 16.47 10.11 -56.34
CA SER Q 47 15.60 9.20 -55.61
C SER Q 47 16.06 7.76 -55.80
N PHE Q 48 16.12 7.01 -54.70
CA PHE Q 48 16.50 5.61 -54.73
C PHE Q 48 15.91 4.92 -53.52
N GLU Q 49 15.94 3.59 -53.53
CA GLU Q 49 15.44 2.83 -52.40
C GLU Q 49 16.16 1.48 -52.35
N GLY Q 50 16.13 0.86 -51.17
CA GLY Q 50 16.79 -0.41 -50.97
C GLY Q 50 18.29 -0.28 -50.79
N LEU Q 51 18.72 0.39 -49.73
CA LEU Q 51 20.14 0.57 -49.47
C LEU Q 51 20.78 -0.80 -49.25
N VAL Q 52 21.54 -1.26 -50.23
CA VAL Q 52 22.20 -2.56 -50.18
C VAL Q 52 23.70 -2.31 -50.19
N ALA Q 53 24.34 -2.52 -49.05
CA ALA Q 53 25.79 -2.37 -48.93
C ALA Q 53 26.43 -3.66 -49.40
N VAL Q 54 26.92 -3.66 -50.63
CA VAL Q 54 27.53 -4.83 -51.25
C VAL Q 54 29.04 -4.58 -51.33
N GLY Q 55 29.81 -5.43 -50.67
CA GLY Q 55 31.26 -5.35 -50.74
C GLY Q 55 31.84 -6.55 -51.45
N ASP Q 56 31.18 -7.69 -51.31
CA ASP Q 56 31.54 -8.91 -52.02
C ASP Q 56 30.36 -9.31 -52.89
N ASN Q 57 30.60 -9.51 -54.18
CA ASN Q 57 29.53 -9.78 -55.12
C ASN Q 57 29.78 -10.96 -56.05
N GLU Q 58 31.03 -11.39 -56.22
CA GLU Q 58 31.32 -12.50 -57.12
C GLU Q 58 30.60 -13.78 -56.71
N HIS Q 59 30.22 -13.92 -55.45
CA HIS Q 59 29.43 -15.05 -55.00
C HIS Q 59 28.22 -14.64 -54.17
N SER Q 60 28.08 -13.37 -53.82
CA SER Q 60 26.94 -12.94 -53.03
C SER Q 60 25.64 -13.25 -53.75
N TRP Q 61 24.72 -13.91 -53.03
CA TRP Q 61 23.42 -14.23 -53.62
C TRP Q 61 22.66 -12.97 -54.02
N VAL Q 62 22.67 -11.97 -53.15
CA VAL Q 62 21.96 -10.73 -53.44
C VAL Q 62 22.55 -10.05 -54.67
N ALA Q 63 23.87 -10.10 -54.81
CA ALA Q 63 24.52 -9.48 -55.96
C ALA Q 63 24.02 -10.09 -57.26
N LYS Q 64 23.95 -11.43 -57.31
CA LYS Q 64 23.40 -12.08 -58.49
C LYS Q 64 21.93 -11.70 -58.67
N TRP Q 65 21.17 -11.66 -57.59
CA TRP Q 65 19.76 -11.29 -57.67
C TRP Q 65 19.59 -9.94 -58.36
N LEU Q 66 20.35 -8.94 -57.93
CA LEU Q 66 20.23 -7.58 -58.44
C LEU Q 66 20.99 -7.37 -59.74
N ARG Q 67 21.70 -8.38 -60.23
CA ARG Q 67 22.54 -8.27 -61.43
C ARG Q 67 23.71 -7.32 -61.20
N VAL Q 68 24.26 -7.32 -59.99
CA VAL Q 68 25.40 -6.49 -59.64
C VAL Q 68 26.62 -7.33 -59.30
N ASP Q 69 26.64 -8.60 -59.69
CA ASP Q 69 27.83 -9.41 -59.47
C ASP Q 69 29.02 -8.84 -60.23
N ARG Q 70 28.81 -8.40 -61.47
CA ARG Q 70 29.84 -7.73 -62.24
C ARG Q 70 30.01 -6.27 -61.87
N PHE Q 71 28.93 -5.59 -61.47
CA PHE Q 71 29.02 -4.20 -61.03
C PHE Q 71 29.80 -4.13 -59.73
N GLN Q 72 30.70 -3.16 -59.65
CA GLN Q 72 31.64 -3.07 -58.53
C GLN Q 72 30.87 -2.97 -57.22
N PRO Q 73 31.28 -3.70 -56.18
CA PRO Q 73 30.50 -3.67 -54.93
C PRO Q 73 30.39 -2.26 -54.38
N GLY Q 74 29.23 -1.98 -53.79
CA GLY Q 74 28.98 -0.66 -53.25
C GLY Q 74 27.50 -0.50 -52.91
N LEU Q 75 27.07 0.75 -52.86
CA LEU Q 75 25.67 1.07 -52.60
C LEU Q 75 24.87 0.92 -53.88
N TYR Q 76 23.81 0.10 -53.84
CA TYR Q 76 22.99 -0.13 -55.02
C TYR Q 76 21.53 0.09 -54.68
N ALA Q 77 20.79 0.60 -55.66
CA ALA Q 77 19.40 1.00 -55.52
C ALA Q 77 18.52 -0.13 -56.02
N VAL Q 78 17.71 -0.70 -55.11
CA VAL Q 78 16.79 -1.76 -55.50
C VAL Q 78 15.67 -1.20 -56.36
N ARG Q 79 15.14 -0.04 -55.97
CA ARG Q 79 14.01 0.58 -56.66
C ARG Q 79 14.35 2.03 -56.96
N VAL Q 80 14.02 2.48 -58.18
CA VAL Q 80 14.24 3.85 -58.61
C VAL Q 80 12.97 4.36 -59.29
N ASP Q 81 12.51 5.53 -58.88
CA ASP Q 81 11.31 6.11 -59.47
C ASP Q 81 11.63 6.77 -60.80
N GLY Q 82 10.58 7.00 -61.59
CA GLY Q 82 10.72 7.67 -62.87
C GLY Q 82 11.17 6.74 -63.98
N ARG Q 83 11.44 7.34 -65.13
CA ARG Q 83 11.88 6.59 -66.30
C ARG Q 83 12.90 7.41 -67.08
N LEU Q 84 13.80 6.70 -67.75
CA LEU Q 84 14.81 7.33 -68.59
C LEU Q 84 14.18 7.97 -69.82
N PRO Q 85 14.82 8.98 -70.40
CA PRO Q 85 14.36 9.50 -71.69
C PRO Q 85 14.49 8.45 -72.78
N SER Q 86 14.02 8.82 -73.96
CA SER Q 86 14.08 7.90 -75.10
C SER Q 86 15.51 7.77 -75.63
N ASP Q 87 16.28 8.87 -75.61
CA ASP Q 87 17.60 8.84 -76.22
C ASP Q 87 18.52 7.84 -75.53
N ILE Q 88 18.53 7.83 -74.19
CA ILE Q 88 19.43 6.94 -73.47
C ILE Q 88 19.05 5.49 -73.68
N VAL Q 89 17.74 5.19 -73.62
CA VAL Q 89 17.29 3.81 -73.80
C VAL Q 89 17.61 3.34 -75.22
N ALA Q 90 17.36 4.19 -76.22
CA ALA Q 90 17.65 3.81 -77.60
C ALA Q 90 19.14 3.60 -77.82
N ALA Q 91 19.97 4.48 -77.25
CA ALA Q 91 21.42 4.32 -77.39
C ALA Q 91 21.90 3.03 -76.74
N LEU Q 92 21.36 2.71 -75.56
CA LEU Q 92 21.76 1.49 -74.88
C LEU Q 92 21.31 0.25 -75.67
N GLU Q 93 20.09 0.28 -76.23
CA GLU Q 93 19.63 -0.83 -77.05
C GLU Q 93 20.48 -0.98 -78.31
N GLN Q 94 20.94 0.14 -78.86
CA GLN Q 94 21.79 0.08 -80.05
C GLN Q 94 23.09 -0.67 -79.78
N TYR Q 95 23.68 -0.45 -78.61
CA TYR Q 95 25.01 -0.98 -78.31
C TYR Q 95 24.97 -2.40 -77.77
N GLY Q 96 23.81 -3.05 -77.77
CA GLY Q 96 23.67 -4.40 -77.28
C GLY Q 96 23.12 -4.53 -75.88
N VAL Q 97 22.82 -3.41 -75.21
CA VAL Q 97 22.37 -3.40 -73.84
C VAL Q 97 20.86 -3.25 -73.83
N TYR Q 98 20.15 -4.37 -73.76
CA TYR Q 98 18.71 -4.36 -73.47
C TYR Q 98 18.52 -3.95 -72.01
N TYR Q 99 17.62 -3.00 -71.78
CA TYR Q 99 17.52 -2.35 -70.48
C TYR Q 99 16.41 -2.98 -69.65
N ARG Q 100 16.58 -2.94 -68.33
CA ARG Q 100 15.57 -3.41 -67.39
C ARG Q 100 15.61 -2.52 -66.14
N PRO Q 101 14.67 -1.59 -65.97
CA PRO Q 101 14.65 -0.81 -64.74
C PRO Q 101 14.44 -1.71 -63.53
N ARG Q 102 15.10 -1.36 -62.42
CA ARG Q 102 15.06 -2.15 -61.21
C ARG Q 102 13.89 -1.79 -60.30
N ASP Q 103 13.04 -0.84 -60.71
CA ASP Q 103 11.97 -0.37 -59.84
C ASP Q 103 11.04 -1.48 -59.39
N GLY Q 104 10.75 -2.44 -60.26
CA GLY Q 104 9.89 -3.56 -59.91
C GLY Q 104 8.58 -3.13 -59.27
N PRO R 216 16.34 -14.44 -66.18
CA PRO R 216 15.22 -14.69 -65.31
C PRO R 216 15.49 -14.70 -63.80
N GLN R 217 14.76 -13.87 -63.07
CA GLN R 217 14.95 -13.82 -61.63
C GLN R 217 14.33 -15.03 -60.91
N ARG R 218 13.46 -15.78 -61.59
CA ARG R 218 12.84 -16.93 -60.95
C ARG R 218 13.81 -18.09 -60.78
N LEU R 219 14.84 -18.18 -61.61
CA LEU R 219 15.83 -19.23 -61.49
C LEU R 219 17.04 -18.78 -60.66
N LEU R 220 16.94 -17.62 -60.02
CA LEU R 220 17.99 -17.11 -59.13
C LEU R 220 17.64 -17.31 -57.66
N ILE R 221 16.63 -18.12 -57.36
CA ILE R 221 16.13 -18.27 -55.99
C ILE R 221 17.22 -18.80 -55.06
N PRO R 222 17.21 -18.44 -53.78
CA PRO R 222 18.33 -18.80 -52.90
C PRO R 222 18.35 -20.28 -52.57
N THR R 223 19.51 -20.72 -52.07
CA THR R 223 19.72 -22.09 -51.64
C THR R 223 20.49 -22.10 -50.34
N VAL R 224 20.78 -23.31 -49.85
CA VAL R 224 21.55 -23.45 -48.60
C VAL R 224 22.98 -22.96 -48.80
N ASP R 225 23.57 -23.23 -49.97
CA ASP R 225 24.96 -22.82 -50.20
C ASP R 225 25.07 -21.31 -50.40
N ASP R 226 23.95 -20.63 -50.61
CA ASP R 226 23.97 -19.17 -50.57
C ASP R 226 24.20 -18.72 -49.13
N PRO R 227 24.84 -17.56 -48.94
CA PRO R 227 25.21 -17.15 -47.58
C PRO R 227 23.99 -16.89 -46.71
N GLY R 228 24.15 -17.13 -45.42
CA GLY R 228 23.09 -16.87 -44.47
C GLY R 228 22.94 -15.39 -44.18
N ILE R 229 21.81 -15.05 -43.56
CA ILE R 229 21.49 -13.66 -43.22
C ILE R 229 20.91 -13.62 -41.82
N TRP R 230 21.37 -12.63 -41.04
CA TRP R 230 20.87 -12.37 -39.71
C TRP R 230 20.36 -10.93 -39.66
N GLY R 231 19.17 -10.75 -39.10
CA GLY R 231 18.59 -9.42 -38.96
C GLY R 231 18.78 -8.86 -37.57
N VAL R 232 19.58 -7.81 -37.44
CA VAL R 232 19.98 -7.25 -36.15
C VAL R 232 19.36 -5.88 -35.99
N LYS R 233 18.87 -5.58 -34.78
CA LYS R 233 18.39 -4.25 -34.47
C LYS R 233 19.59 -3.32 -34.26
N VAL R 234 19.40 -2.05 -34.60
CA VAL R 234 20.40 -1.02 -34.38
C VAL R 234 19.69 0.22 -33.82
N ARG R 235 20.45 1.30 -33.64
CA ARG R 235 19.83 2.53 -33.17
C ARG R 235 18.85 3.05 -34.19
N LEU R 236 17.74 3.58 -33.71
CA LEU R 236 16.62 3.94 -34.58
C LEU R 236 17.00 5.13 -35.45
N GLY R 237 16.62 5.07 -36.73
CA GLY R 237 16.89 6.13 -37.66
C GLY R 237 18.29 6.14 -38.24
N LYS R 238 19.29 5.66 -37.50
CA LYS R 238 20.67 5.61 -37.98
C LYS R 238 20.99 4.28 -38.64
N GLU R 239 19.99 3.61 -39.20
CA GLU R 239 20.24 2.33 -39.86
C GLU R 239 21.10 2.52 -41.09
N LYS R 240 20.89 3.61 -41.82
CA LYS R 240 21.72 3.90 -42.99
C LYS R 240 23.17 4.09 -42.58
N ASP R 241 23.39 4.76 -41.44
CA ASP R 241 24.75 4.96 -40.94
C ASP R 241 25.43 3.64 -40.65
N VAL R 242 24.72 2.72 -40.00
CA VAL R 242 25.30 1.41 -39.71
C VAL R 242 25.56 0.66 -41.00
N VAL R 243 24.66 0.77 -41.97
CA VAL R 243 24.87 0.09 -43.26
C VAL R 243 26.15 0.58 -43.91
N ARG R 244 26.36 1.90 -43.92
CA ARG R 244 27.55 2.44 -44.57
C ARG R 244 28.80 2.15 -43.76
N GLN R 245 28.68 2.10 -42.43
CA GLN R 245 29.81 1.66 -41.61
C GLN R 245 30.21 0.24 -41.96
N ILE R 246 29.22 -0.63 -42.14
CA ILE R 246 29.50 -2.01 -42.51
C ILE R 246 30.18 -2.06 -43.87
N LEU R 247 29.68 -1.27 -44.83
CA LEU R 247 30.31 -1.26 -46.14
C LEU R 247 31.75 -0.81 -46.05
N LYS R 248 32.01 0.25 -45.28
CA LYS R 248 33.37 0.78 -45.21
C LYS R 248 34.30 -0.21 -44.50
N LYS R 249 33.82 -0.88 -43.46
CA LYS R 249 34.62 -1.91 -42.81
C LYS R 249 34.94 -3.04 -43.77
N LYS R 250 33.96 -3.49 -44.55
CA LYS R 250 34.21 -4.57 -45.49
C LYS R 250 35.19 -4.14 -46.58
N LEU R 251 35.05 -2.91 -47.07
CA LEU R 251 35.95 -2.43 -48.11
C LEU R 251 37.37 -2.26 -47.57
N ALA R 252 37.50 -1.79 -46.34
CA ALA R 252 38.83 -1.62 -45.75
C ALA R 252 39.45 -2.94 -45.32
N ARG R 253 38.64 -3.87 -44.82
CA ARG R 253 39.11 -5.18 -44.40
C ARG R 253 39.06 -6.21 -45.51
N GLU R 254 38.79 -5.79 -46.75
CA GLU R 254 38.83 -6.71 -47.88
C GLU R 254 40.27 -7.14 -48.13
N GLY R 255 40.57 -8.40 -47.79
CA GLY R 255 41.89 -8.95 -48.03
C GLY R 255 42.88 -8.80 -46.90
N THR R 256 42.53 -8.09 -45.82
CA THR R 256 43.43 -7.98 -44.69
C THR R 256 43.61 -9.35 -44.02
N LYS R 257 44.54 -9.42 -43.07
CA LYS R 257 44.82 -10.68 -42.41
C LYS R 257 43.61 -11.22 -41.65
N ASN R 258 42.66 -10.36 -41.28
CA ASN R 258 41.39 -10.78 -40.69
C ASN R 258 40.27 -10.12 -41.48
N PRO R 259 39.97 -10.62 -42.67
CA PRO R 259 38.93 -9.99 -43.49
C PRO R 259 37.55 -10.24 -42.91
N LEU R 260 36.67 -9.27 -43.15
CA LEU R 260 35.30 -9.34 -42.67
C LEU R 260 34.56 -10.36 -43.53
N GLU R 261 34.05 -11.42 -42.89
CA GLU R 261 33.44 -12.55 -43.60
C GLU R 261 31.95 -12.26 -43.83
N ILE R 262 31.69 -11.34 -44.75
CA ILE R 262 30.34 -10.97 -45.13
C ILE R 262 30.28 -10.81 -46.65
N TYR R 263 29.06 -10.90 -47.18
CA TYR R 263 28.80 -10.68 -48.60
C TYR R 263 28.14 -9.32 -48.85
N SER R 264 27.22 -8.90 -47.99
CA SER R 264 26.60 -7.60 -48.12
C SER R 264 25.81 -7.28 -46.86
N ALA R 265 25.41 -6.02 -46.74
CA ALA R 265 24.54 -5.55 -45.67
C ALA R 265 23.47 -4.65 -46.29
N PHE R 266 22.22 -4.85 -45.89
CA PHE R 266 21.11 -4.17 -46.54
C PHE R 266 20.04 -3.82 -45.51
N GLN R 267 19.30 -2.75 -45.81
CA GLN R 267 18.17 -2.32 -45.00
C GLN R 267 17.04 -1.87 -45.92
N ARG R 268 15.82 -2.24 -45.56
CA ARG R 268 14.63 -1.80 -46.28
C ARG R 268 13.87 -0.79 -45.44
N ASP R 269 13.37 0.25 -46.09
CA ASP R 269 12.76 1.36 -45.36
C ASP R 269 11.59 0.89 -44.51
N SER R 270 10.75 0.01 -45.06
CA SER R 270 9.62 -0.51 -44.30
C SER R 270 10.11 -1.23 -43.04
N PHE R 271 11.32 -1.78 -43.08
CA PHE R 271 11.92 -2.43 -41.90
C PHE R 271 12.87 -1.45 -41.22
N LYS R 272 12.29 -0.35 -40.73
CA LYS R 272 13.06 0.62 -39.97
C LYS R 272 13.62 -0.02 -38.71
N GLY R 273 14.86 0.33 -38.39
CA GLY R 273 15.51 -0.17 -37.19
C GLY R 273 16.06 -1.57 -37.30
N HIS R 274 15.77 -2.29 -38.39
CA HIS R 274 16.24 -3.65 -38.59
C HIS R 274 17.34 -3.62 -39.64
N VAL R 275 18.47 -4.25 -39.32
CA VAL R 275 19.63 -4.29 -40.21
C VAL R 275 20.02 -5.74 -40.43
N TYR R 276 20.27 -6.10 -41.68
CA TYR R 276 20.64 -7.44 -42.07
C TYR R 276 22.05 -7.43 -42.63
N ILE R 277 22.85 -8.43 -42.25
CA ILE R 277 24.20 -8.59 -42.77
C ILE R 277 24.33 -10.02 -43.28
N GLU R 278 24.80 -10.18 -44.52
CA GLU R 278 24.92 -11.49 -45.13
C GLU R 278 26.28 -12.08 -44.79
N ALA R 279 26.30 -12.99 -43.82
CA ALA R 279 27.53 -13.64 -43.39
C ALA R 279 27.28 -15.15 -43.32
N ARG R 280 28.31 -15.90 -42.94
CA ARG R 280 28.21 -17.35 -42.84
C ARG R 280 28.44 -17.89 -41.43
N LYS R 281 28.74 -17.02 -40.47
CA LYS R 281 28.90 -17.44 -39.08
C LYS R 281 28.40 -16.32 -38.17
N ALA R 282 27.92 -16.71 -36.98
CA ALA R 282 27.38 -15.73 -36.06
C ALA R 282 28.43 -14.72 -35.65
N GLU R 283 29.66 -15.17 -35.39
CA GLU R 283 30.73 -14.24 -35.04
C GLU R 283 31.06 -13.31 -36.20
N ALA R 284 30.87 -13.77 -37.43
CA ALA R 284 31.04 -12.88 -38.58
C ALA R 284 30.06 -11.72 -38.51
N ILE R 285 28.79 -12.01 -38.21
CA ILE R 285 27.82 -10.94 -38.01
C ILE R 285 28.21 -10.06 -36.83
N ASN R 286 28.72 -10.68 -35.77
CA ASN R 286 29.11 -9.92 -34.59
C ASN R 286 30.17 -8.89 -34.94
N ASP R 287 31.19 -9.31 -35.68
CA ASP R 287 32.26 -8.40 -36.05
C ASP R 287 31.86 -7.44 -37.16
N ALA R 288 30.84 -7.81 -37.95
CA ALA R 288 30.31 -6.89 -38.94
C ALA R 288 29.52 -5.76 -38.29
N LEU R 289 28.85 -6.07 -37.18
CA LEU R 289 28.15 -5.06 -36.39
C LEU R 289 28.99 -4.52 -35.23
N LYS R 290 30.14 -5.15 -34.95
CA LYS R 290 31.03 -4.65 -33.90
C LYS R 290 31.66 -3.33 -34.32
N GLY R 291 32.04 -2.53 -33.33
CA GLY R 291 32.64 -1.25 -33.60
C GLY R 291 31.67 -0.21 -34.11
N ASN R 292 30.38 -0.36 -33.82
CA ASN R 292 29.35 0.54 -34.28
C ASN R 292 28.58 1.09 -33.09
N VAL R 293 28.54 2.41 -32.97
CA VAL R 293 27.80 3.03 -31.88
C VAL R 293 26.33 3.23 -32.24
N ASN R 294 26.01 3.23 -33.54
CA ASN R 294 24.63 3.34 -33.99
C ASN R 294 23.88 2.02 -33.91
N VAL R 295 24.39 1.06 -33.15
CA VAL R 295 23.74 -0.23 -32.97
C VAL R 295 23.46 -0.42 -31.48
N PHE R 296 22.23 -0.80 -31.15
CA PHE R 296 21.92 -1.20 -29.79
C PHE R 296 22.89 -2.29 -29.36
N SER R 297 23.45 -2.13 -28.16
CA SER R 297 24.53 -3.03 -27.74
C SER R 297 24.09 -4.48 -27.71
N ASN R 298 22.79 -4.75 -27.63
CA ASN R 298 22.31 -6.12 -27.63
C ASN R 298 22.61 -6.80 -28.95
N ASN R 299 22.92 -8.10 -28.87
CA ASN R 299 23.12 -8.92 -30.07
C ASN R 299 21.80 -9.54 -30.52
N SER R 300 20.77 -8.71 -30.69
CA SER R 300 19.43 -9.16 -31.03
C SER R 300 19.38 -9.46 -32.52
N LYS R 301 19.62 -10.73 -32.85
CA LYS R 301 19.65 -11.19 -34.22
C LYS R 301 18.82 -12.46 -34.34
N PHE R 302 18.06 -12.56 -35.44
CA PHE R 302 17.16 -13.67 -35.68
C PHE R 302 17.36 -14.20 -37.09
N LEU R 303 17.33 -15.52 -37.22
CA LEU R 303 17.51 -16.16 -38.51
C LEU R 303 16.31 -15.91 -39.41
N VAL R 304 16.52 -16.13 -40.70
CA VAL R 304 15.53 -15.84 -41.73
C VAL R 304 15.29 -17.11 -42.54
N GLY R 305 14.02 -17.43 -42.78
CA GLY R 305 13.71 -18.60 -43.56
C GLY R 305 14.10 -18.45 -45.01
N ILE R 306 14.27 -19.60 -45.68
CA ILE R 306 14.68 -19.60 -47.08
C ILE R 306 13.72 -18.77 -47.90
N VAL R 307 12.41 -18.96 -47.70
CA VAL R 307 11.43 -18.16 -48.41
C VAL R 307 11.51 -16.69 -48.04
N GLU R 308 11.87 -16.39 -46.79
CA GLU R 308 11.94 -15.02 -46.32
C GLU R 308 13.21 -14.31 -46.75
N TYR R 309 14.23 -15.03 -47.19
CA TYR R 309 15.46 -14.38 -47.63
C TYR R 309 15.19 -13.38 -48.75
N LYS R 310 14.45 -13.80 -49.77
CA LYS R 310 14.09 -12.91 -50.86
C LYS R 310 13.01 -11.91 -50.47
N ASP R 311 12.20 -12.23 -49.47
CA ASP R 311 11.19 -11.28 -49.00
C ASP R 311 11.81 -10.06 -48.35
N LEU R 312 13.08 -10.13 -47.92
CA LEU R 312 13.74 -8.99 -47.31
C LEU R 312 14.37 -8.06 -48.34
N LEU R 313 14.24 -8.36 -49.63
CA LEU R 313 14.80 -7.52 -50.68
C LEU R 313 13.79 -7.19 -51.77
N ARG R 314 12.50 -7.39 -51.52
CA ARG R 314 11.48 -7.08 -52.50
C ARG R 314 11.29 -5.58 -52.61
N PRO R 315 11.40 -4.98 -53.81
CA PRO R 315 11.24 -3.52 -53.93
C PRO R 315 9.89 -3.03 -53.44
N VAL R 316 8.83 -3.79 -53.75
CA VAL R 316 7.48 -3.39 -53.39
C VAL R 316 6.58 -4.61 -53.26
N LYS R 322 0.98 4.48 -60.36
CA LYS R 322 -0.44 4.81 -60.24
C LYS R 322 -0.64 6.32 -60.31
N LEU R 323 0.09 6.97 -61.21
CA LEU R 323 -0.04 8.41 -61.47
C LEU R 323 -0.50 8.59 -62.91
N THR R 324 -1.75 8.99 -63.08
CA THR R 324 -2.36 9.15 -64.40
C THR R 324 -2.89 10.56 -64.56
N ARG R 325 -2.93 11.02 -65.80
CA ARG R 325 -3.51 12.33 -66.11
C ARG R 325 -5.02 12.27 -65.90
N GLY R 326 -5.58 13.37 -65.37
CA GLY R 326 -6.97 13.38 -64.98
C GLY R 326 -7.24 12.66 -63.67
N SER R 327 -6.21 12.34 -62.91
CA SER R 327 -6.35 11.65 -61.64
C SER R 327 -6.45 12.68 -60.51
N TYR R 328 -7.45 12.49 -59.64
CA TYR R 328 -7.66 13.42 -58.54
C TYR R 328 -6.55 13.23 -57.50
N VAL R 329 -5.88 14.33 -57.17
CA VAL R 329 -4.69 14.30 -56.32
C VAL R 329 -4.78 15.44 -55.31
N ARG R 330 -4.01 15.31 -54.23
CA ARG R 330 -3.94 16.31 -53.18
C ARG R 330 -2.51 16.78 -53.00
N VAL R 331 -2.36 17.98 -52.44
CA VAL R 331 -1.06 18.63 -52.25
C VAL R 331 -0.70 18.58 -50.78
N LYS R 332 0.60 18.61 -50.50
CA LYS R 332 1.12 18.55 -49.13
C LYS R 332 2.22 19.55 -48.86
N ASN R 333 2.66 20.32 -49.86
CA ASN R 333 3.88 21.11 -49.78
C ASN R 333 3.57 22.60 -49.80
N GLY R 334 4.31 23.34 -48.98
CA GLY R 334 4.25 24.79 -49.03
C GLY R 334 2.96 25.35 -48.47
N LYS R 335 2.36 26.27 -49.23
CA LYS R 335 1.14 26.94 -48.78
C LYS R 335 -0.10 26.20 -49.24
N PHE R 336 -0.04 25.53 -50.39
CA PHE R 336 -1.20 24.89 -50.97
C PHE R 336 -1.36 23.45 -50.51
N LYS R 337 -0.76 23.09 -49.38
CA LYS R 337 -0.89 21.73 -48.85
C LYS R 337 -2.33 21.44 -48.47
N GLY R 338 -2.73 20.18 -48.65
CA GLY R 338 -4.08 19.76 -48.31
C GLY R 338 -5.14 20.15 -49.32
N ASP R 339 -4.77 20.48 -50.54
CA ASP R 339 -5.72 20.90 -51.57
C ASP R 339 -5.81 19.83 -52.65
N LEU R 340 -6.99 19.28 -52.86
CA LEU R 340 -7.19 18.32 -53.93
C LEU R 340 -7.05 19.01 -55.28
N ALA R 341 -6.71 18.22 -56.30
CA ALA R 341 -6.45 18.78 -57.63
C ALA R 341 -6.60 17.70 -58.68
N GLN R 342 -6.29 18.06 -59.92
CA GLN R 342 -6.20 17.14 -61.03
C GLN R 342 -4.82 17.27 -61.67
N VAL R 343 -4.13 16.14 -61.83
CA VAL R 343 -2.84 16.16 -62.50
C VAL R 343 -3.04 16.54 -63.96
N ASP R 344 -2.33 17.56 -64.41
CA ASP R 344 -2.53 18.14 -65.74
C ASP R 344 -1.54 17.60 -66.76
N GLU R 345 -0.25 17.75 -66.51
CA GLU R 345 0.77 17.35 -67.47
C GLU R 345 2.01 16.94 -66.71
N VAL R 346 2.59 15.80 -67.06
CA VAL R 346 3.77 15.27 -66.41
C VAL R 346 4.99 15.55 -67.28
N LEU R 347 6.02 16.13 -66.69
CA LEU R 347 7.22 16.45 -67.44
C LEU R 347 7.92 15.16 -67.91
N GLU R 348 8.65 15.29 -69.02
CA GLU R 348 9.36 14.15 -69.57
C GLU R 348 10.39 13.60 -68.59
N ASN R 349 11.01 14.47 -67.78
CA ASN R 349 12.03 14.02 -66.86
C ASN R 349 11.46 13.05 -65.83
N GLY R 350 10.23 13.28 -65.37
CA GLY R 350 9.56 12.36 -64.48
C GLY R 350 9.76 12.68 -63.02
N LEU R 351 9.79 13.97 -62.70
CA LEU R 351 9.94 14.43 -61.32
C LEU R 351 8.96 15.53 -60.94
N GLU R 352 8.36 16.21 -61.92
CA GLU R 352 7.43 17.30 -61.68
C GLU R 352 6.17 17.06 -62.50
N ALA R 353 5.00 17.20 -61.85
CA ALA R 353 3.71 16.97 -62.48
C ALA R 353 2.83 18.19 -62.30
N ARG R 354 2.33 18.73 -63.41
CA ARG R 354 1.42 19.87 -63.37
C ARG R 354 0.10 19.48 -62.71
N LEU R 355 -0.50 20.43 -61.99
CA LEU R 355 -1.74 20.20 -61.28
C LEU R 355 -2.77 21.25 -61.64
N LYS R 356 -4.04 20.89 -61.46
CA LYS R 356 -5.18 21.78 -61.66
C LYS R 356 -5.82 22.00 -60.29
N LEU R 357 -5.64 23.19 -59.74
CA LEU R 357 -6.12 23.53 -58.41
C LEU R 357 -7.15 24.65 -58.48
N VAL R 358 -7.81 24.87 -57.36
CA VAL R 358 -8.70 26.01 -57.15
C VAL R 358 -7.90 27.06 -56.38
N PRO R 359 -7.59 28.21 -56.99
CA PRO R 359 -6.62 29.11 -56.36
C PRO R 359 -7.11 29.60 -55.00
N ARG R 360 -6.14 29.90 -54.15
CA ARG R 360 -6.36 30.62 -52.90
C ARG R 360 -5.56 31.92 -53.01
N LEU R 361 -6.18 32.97 -53.55
CA LEU R 361 -5.54 34.27 -53.77
C LEU R 361 -6.26 35.36 -53.00
N ASP R 362 -5.55 36.44 -52.69
CA ASP R 362 -6.09 37.57 -51.92
C ASP R 362 -6.36 38.81 -52.76
N TYR R 363 -6.18 38.77 -54.08
CA TYR R 363 -6.57 39.88 -54.96
C TYR R 363 -5.97 41.21 -54.50
N GLY R 364 -4.72 41.19 -54.07
CA GLY R 364 -4.07 42.42 -53.66
C GLY R 364 -4.73 43.12 -52.49
N LYS R 365 -5.41 42.38 -51.62
CA LYS R 365 -6.03 42.99 -50.44
C LYS R 365 -5.01 43.30 -49.35
N ASP R 366 -3.99 42.46 -49.18
CA ASP R 366 -3.02 42.64 -48.11
C ASP R 366 -1.58 42.59 -48.60
N LEU R 367 -1.34 42.75 -49.90
CA LEU R 367 0.03 42.71 -50.43
C LEU R 367 0.68 44.07 -50.18
N SER R 368 1.83 44.05 -49.51
CA SER R 368 2.55 45.28 -49.19
C SER R 368 4.05 45.05 -49.27
N TYR R 386 3.00 33.79 -47.56
CA TYR R 386 1.86 33.12 -46.96
C TYR R 386 2.24 31.73 -46.47
N THR R 387 1.36 31.13 -45.66
CA THR R 387 1.62 29.84 -45.04
C THR R 387 0.36 28.99 -45.15
N SER R 388 0.36 27.87 -44.43
CA SER R 388 -0.74 26.91 -44.47
C SER R 388 -1.69 27.05 -43.28
N LYS R 389 -1.64 28.17 -42.56
CA LYS R 389 -2.51 28.40 -41.40
C LYS R 389 -3.25 29.73 -41.45
N PHE R 390 -2.73 30.73 -42.17
CA PHE R 390 -3.40 32.01 -42.36
C PHE R 390 -4.15 32.08 -43.69
N ARG R 391 -4.11 31.00 -44.46
CA ARG R 391 -4.60 31.06 -45.84
C ARG R 391 -6.11 31.25 -45.86
N PRO R 392 -6.63 32.20 -46.64
CA PRO R 392 -8.09 32.27 -46.82
C PRO R 392 -8.63 31.08 -47.58
N ALA R 393 -9.93 31.08 -47.87
CA ALA R 393 -10.57 29.96 -48.54
C ALA R 393 -10.12 29.89 -50.01
N GLN R 394 -10.70 28.94 -50.74
CA GLN R 394 -10.38 28.71 -52.13
C GLN R 394 -11.55 29.13 -53.02
N ARG R 395 -11.23 29.47 -54.26
CA ARG R 395 -12.24 29.84 -55.25
C ARG R 395 -11.57 29.92 -56.61
N LEU R 396 -12.27 29.44 -57.63
CA LEU R 396 -11.71 29.45 -58.98
C LEU R 396 -11.38 30.87 -59.41
N PHE R 397 -10.29 31.01 -60.16
CA PHE R 397 -9.91 32.32 -60.65
C PHE R 397 -11.06 32.95 -61.43
N SER R 398 -11.41 34.18 -61.08
CA SER R 398 -12.28 35.03 -61.87
C SER R 398 -11.47 36.23 -62.31
N GLU R 399 -11.33 36.39 -63.63
CA GLU R 399 -10.46 37.44 -64.15
C GLU R 399 -10.98 38.82 -63.78
N ALA R 400 -12.31 38.98 -63.71
CA ALA R 400 -12.88 40.29 -63.43
C ALA R 400 -12.48 40.82 -62.07
N GLU R 401 -12.52 39.96 -61.04
CA GLU R 401 -12.16 40.42 -59.70
C GLU R 401 -10.71 40.88 -59.64
N ALA R 402 -9.79 40.08 -60.20
CA ALA R 402 -8.38 40.46 -60.19
C ALA R 402 -8.16 41.75 -60.96
N ARG R 403 -8.86 41.92 -62.09
CA ARG R 403 -8.75 43.17 -62.84
C ARG R 403 -9.22 44.34 -62.00
N VAL R 404 -10.36 44.19 -61.31
CA VAL R 404 -10.96 45.31 -60.61
C VAL R 404 -10.13 45.71 -59.39
N HIS R 405 -9.59 44.71 -58.66
CA HIS R 405 -8.87 45.02 -57.43
C HIS R 405 -7.38 45.28 -57.69
N GLU R 406 -6.70 44.31 -58.31
CA GLU R 406 -5.28 44.47 -58.59
C GLU R 406 -5.07 45.39 -59.79
N ILE R 409 -1.46 40.71 -64.59
CA ILE R 409 -2.61 40.41 -65.44
C ILE R 409 -2.20 40.52 -66.90
N ARG R 410 -1.67 39.42 -67.44
CA ARG R 410 -1.23 39.34 -68.83
C ARG R 410 -2.01 38.21 -69.49
N ARG R 411 -3.12 38.55 -70.15
CA ARG R 411 -3.94 37.53 -70.81
C ARG R 411 -3.17 36.93 -71.98
N ASP R 412 -3.06 35.60 -71.98
CA ASP R 412 -2.39 34.87 -73.05
C ASP R 412 -3.36 34.20 -74.00
N ARG R 413 -4.29 33.40 -73.49
CA ARG R 413 -5.32 32.76 -74.29
C ARG R 413 -6.64 32.83 -73.52
N ASP R 414 -7.71 32.42 -74.19
CA ASP R 414 -9.03 32.49 -73.59
C ASP R 414 -9.10 31.59 -72.35
N GLY R 415 -9.14 32.20 -71.17
CA GLY R 415 -9.17 31.49 -69.92
C GLY R 415 -7.81 31.21 -69.33
N PHE R 416 -6.75 31.33 -70.13
CA PHE R 416 -5.38 31.08 -69.67
C PHE R 416 -4.76 32.41 -69.27
N VAL R 417 -4.55 32.60 -67.97
CA VAL R 417 -4.07 33.86 -67.42
C VAL R 417 -2.77 33.61 -66.66
N THR R 418 -1.74 34.39 -66.98
CA THR R 418 -0.46 34.35 -66.27
C THR R 418 -0.44 35.50 -65.29
N TYR R 419 -0.49 35.18 -64.00
CA TYR R 419 -0.67 36.17 -62.93
C TYR R 419 0.40 35.92 -61.87
N GLY R 420 1.47 36.71 -61.90
CA GLY R 420 2.53 36.61 -60.92
C GLY R 420 3.29 35.29 -60.95
N GLY R 421 3.54 34.75 -62.15
CA GLY R 421 4.20 33.48 -62.29
C GLY R 421 3.31 32.27 -62.11
N GLU R 422 1.99 32.45 -62.11
CA GLU R 422 1.04 31.37 -61.92
C GLU R 422 0.21 31.19 -63.19
N GLU R 423 -0.08 29.95 -63.54
CA GLU R 423 -0.87 29.63 -64.73
C GLU R 423 -2.31 29.37 -64.30
N TYR R 424 -3.26 30.11 -64.89
CA TYR R 424 -4.67 30.01 -64.54
C TYR R 424 -5.46 29.71 -65.81
N TYR R 425 -5.79 28.44 -66.01
CA TYR R 425 -6.56 27.98 -67.16
C TYR R 425 -8.01 27.78 -66.75
N GLU R 426 -8.92 28.51 -67.42
CA GLU R 426 -10.36 28.39 -67.18
C GLU R 426 -10.71 28.57 -65.71
N GLY R 427 -9.98 29.42 -65.01
CA GLY R 427 -10.24 29.66 -63.60
C GLY R 427 -9.60 28.68 -62.65
N PHE R 428 -8.84 27.71 -63.16
CA PHE R 428 -8.22 26.68 -62.34
C PHE R 428 -6.73 26.92 -62.24
N LEU R 429 -6.18 26.76 -61.04
CA LEU R 429 -4.77 27.03 -60.78
C LEU R 429 -3.90 25.97 -61.42
N TYR R 430 -2.90 26.40 -62.20
CA TYR R 430 -1.91 25.52 -62.80
C TYR R 430 -0.53 25.95 -62.35
N LYS R 431 0.26 25.00 -61.85
CA LYS R 431 1.63 25.28 -61.44
C LYS R 431 2.41 23.98 -61.49
N THR R 432 3.73 24.10 -61.64
CA THR R 432 4.60 22.94 -61.65
C THR R 432 4.79 22.43 -60.24
N PHE R 433 4.21 21.26 -59.94
CA PHE R 433 4.26 20.66 -58.62
C PHE R 433 5.19 19.46 -58.65
N ARG R 434 6.11 19.41 -57.69
CA ARG R 434 7.03 18.29 -57.61
C ARG R 434 6.29 17.04 -57.15
N LEU R 435 6.61 15.91 -57.78
CA LEU R 435 5.89 14.67 -57.50
C LEU R 435 5.96 14.31 -56.02
N GLN R 436 7.06 14.66 -55.35
CA GLN R 436 7.17 14.44 -53.91
C GLN R 436 6.11 15.22 -53.14
N ASN R 437 5.59 16.30 -53.70
CA ASN R 437 4.68 17.19 -53.01
C ASN R 437 3.23 16.75 -53.09
N LEU R 438 2.93 15.69 -53.83
CA LEU R 438 1.56 15.34 -54.19
C LEU R 438 1.24 13.92 -53.76
N ILE R 439 -0.05 13.66 -53.55
CA ILE R 439 -0.57 12.35 -53.19
C ILE R 439 -1.56 11.91 -54.26
N VAL R 440 -1.37 10.71 -54.79
CA VAL R 440 -2.21 10.19 -55.85
C VAL R 440 -2.90 8.92 -55.39
N ASN R 441 -2.29 8.22 -54.43
CA ASN R 441 -2.85 7.00 -53.87
C ASN R 441 -3.55 7.28 -52.55
N SER R 442 -4.53 6.45 -52.23
CA SER R 442 -5.19 6.48 -50.93
C SER R 442 -5.68 7.89 -50.58
N ILE R 443 -6.57 8.40 -51.43
CA ILE R 443 -7.24 9.68 -51.19
C ILE R 443 -8.70 9.39 -50.90
N ASN R 444 -9.18 9.87 -49.77
CA ASN R 444 -10.56 9.66 -49.36
C ASN R 444 -11.35 10.94 -49.56
N PRO R 445 -12.15 11.06 -50.62
CA PRO R 445 -12.81 12.34 -50.90
C PRO R 445 -13.70 12.77 -49.75
N THR R 446 -13.76 14.08 -49.53
CA THR R 446 -14.48 14.67 -48.42
C THR R 446 -15.83 15.20 -48.88
N LEU R 447 -16.58 15.76 -47.92
CA LEU R 447 -17.88 16.32 -48.24
C LEU R 447 -17.76 17.48 -49.22
N ASN R 448 -16.80 18.38 -48.99
CA ASN R 448 -16.61 19.50 -49.89
C ASN R 448 -16.23 19.03 -51.28
N GLU R 449 -15.48 17.94 -51.38
CA GLU R 449 -15.10 17.41 -52.69
C GLU R 449 -16.31 16.83 -53.43
N LEU R 450 -17.20 16.14 -52.70
CA LEU R 450 -18.42 15.67 -53.34
C LEU R 450 -19.28 16.84 -53.80
N SER R 451 -19.36 17.90 -53.00
CA SER R 451 -20.09 19.09 -53.42
C SER R 451 -19.47 19.72 -54.66
N LEU R 452 -18.14 19.78 -54.71
CA LEU R 452 -17.42 20.39 -55.82
C LEU R 452 -17.08 19.37 -56.90
N PHE R 453 -16.36 18.31 -56.54
CA PHE R 453 -15.99 17.27 -57.49
C PHE R 453 -17.10 16.23 -57.59
N ASP R 752 -28.50 54.52 -20.98
CA ASP R 752 -28.25 55.67 -20.13
C ASP R 752 -26.84 56.23 -20.34
N PRO R 753 -26.73 57.49 -20.77
CA PRO R 753 -25.41 58.06 -21.06
C PRO R 753 -24.72 58.64 -19.83
N THR R 754 -25.16 58.25 -18.63
CA THR R 754 -24.71 58.87 -17.40
C THR R 754 -23.95 57.89 -16.52
N LEU R 755 -23.01 57.16 -17.10
CA LEU R 755 -22.25 56.14 -16.39
C LEU R 755 -20.75 56.39 -16.50
N ASN R 756 -20.00 55.81 -15.57
CA ASN R 756 -18.54 55.84 -15.58
C ASN R 756 -17.99 57.27 -15.56
N LYS R 757 -18.59 58.11 -14.71
CA LYS R 757 -18.18 59.51 -14.58
C LYS R 757 -17.85 59.82 -13.13
N THR R 758 -16.88 60.71 -12.94
CA THR R 758 -16.54 61.16 -11.59
C THR R 758 -17.74 61.90 -10.99
N VAL R 759 -18.04 61.60 -9.73
CA VAL R 759 -19.22 62.14 -9.06
C VAL R 759 -18.90 62.39 -7.59
N LYS R 760 -19.42 63.48 -7.06
CA LYS R 760 -19.26 63.85 -5.67
C LYS R 760 -20.60 63.79 -4.95
N ILE R 761 -20.54 63.88 -3.62
CA ILE R 761 -21.73 63.91 -2.77
C ILE R 761 -21.86 65.30 -2.18
N ARG R 762 -22.99 65.95 -2.43
CA ARG R 762 -23.26 67.29 -1.90
C ARG R 762 -23.97 67.26 -0.56
N GLN R 763 -24.81 66.26 -0.31
CA GLN R 763 -25.50 66.14 0.96
C GLN R 763 -25.45 64.67 1.39
N GLY R 764 -25.55 64.46 2.69
CA GLY R 764 -25.43 63.15 3.28
C GLY R 764 -24.24 63.06 4.23
N GLY R 765 -24.07 61.88 4.81
CA GLY R 765 -23.01 61.66 5.78
C GLY R 765 -21.61 61.66 5.18
N TYR R 766 -21.50 61.69 3.86
CA TYR R 766 -20.22 61.73 3.16
C TYR R 766 -20.16 62.99 2.28
N LYS R 767 -20.48 64.13 2.87
CA LYS R 767 -20.60 65.39 2.12
C LYS R 767 -19.26 65.78 1.52
N GLY R 768 -19.14 65.65 0.20
CA GLY R 768 -18.00 66.16 -0.52
C GLY R 768 -16.92 65.13 -0.80
N LYS R 769 -17.32 63.89 -1.11
CA LYS R 769 -16.39 62.81 -1.36
C LYS R 769 -16.43 62.42 -2.84
N ILE R 770 -15.26 62.29 -3.45
CA ILE R 770 -15.19 61.92 -4.86
C ILE R 770 -15.58 60.47 -5.04
N GLY R 771 -16.50 60.21 -5.98
CA GLY R 771 -16.96 58.86 -6.22
C GLY R 771 -17.20 58.63 -7.70
N ILE R 772 -17.19 57.34 -8.06
CA ILE R 772 -17.34 56.90 -9.45
C ILE R 772 -18.60 56.06 -9.53
N VAL R 773 -19.37 56.25 -10.61
CA VAL R 773 -20.61 55.51 -10.80
C VAL R 773 -20.27 54.12 -11.34
N LYS R 774 -20.44 53.10 -10.50
CA LYS R 774 -20.13 51.73 -10.88
C LYS R 774 -21.33 51.01 -11.47
N GLU R 775 -22.52 51.28 -10.94
CA GLU R 775 -23.75 50.62 -11.38
C GLU R 775 -24.90 51.60 -11.29
N ALA R 776 -25.69 51.69 -12.36
CA ALA R 776 -26.75 52.69 -12.51
C ALA R 776 -28.06 52.01 -12.89
N ASN R 777 -28.44 50.97 -12.16
CA ASN R 777 -29.66 50.23 -12.47
C ASN R 777 -30.83 51.19 -12.66
N GLY R 778 -31.22 51.91 -11.61
CA GLY R 778 -32.25 52.92 -11.75
C GLY R 778 -32.69 53.59 -10.47
N ASP R 779 -32.79 54.92 -10.51
CA ASP R 779 -33.43 55.70 -9.45
C ASP R 779 -32.72 55.58 -8.10
N ARG R 780 -31.65 54.79 -8.04
CA ARG R 780 -30.79 54.72 -6.85
C ARG R 780 -29.40 54.37 -7.37
N PHE R 781 -28.58 55.39 -7.58
CA PHE R 781 -27.30 55.20 -8.23
C PHE R 781 -26.30 54.58 -7.26
N ARG R 782 -25.63 53.53 -7.73
CA ARG R 782 -24.56 52.88 -6.96
C ARG R 782 -23.26 53.56 -7.36
N VAL R 783 -22.64 54.27 -6.42
CA VAL R 783 -21.43 55.04 -6.67
C VAL R 783 -20.33 54.51 -5.76
N GLU R 784 -19.12 54.42 -6.28
CA GLU R 784 -17.96 53.95 -5.53
C GLU R 784 -17.03 55.11 -5.22
N LEU R 785 -16.60 55.20 -3.97
CA LEU R 785 -15.77 56.30 -3.50
C LEU R 785 -14.29 55.98 -3.68
N HIS R 786 -13.45 56.95 -3.33
CA HIS R 786 -12.01 56.73 -3.37
C HIS R 786 -11.40 56.60 -1.98
N ASN R 787 -11.72 57.51 -1.06
CA ASN R 787 -11.06 57.49 0.24
C ASN R 787 -11.24 56.14 0.92
N PRO R 788 -12.44 55.58 1.00
CA PRO R 788 -12.62 54.24 1.55
C PRO R 788 -12.58 53.18 0.44
N ASN R 789 -12.44 51.94 0.86
CA ASN R 789 -12.51 50.81 -0.06
C ASN R 789 -13.90 50.18 -0.05
N LYS R 790 -14.90 50.97 -0.46
CA LYS R 790 -16.27 50.50 -0.43
C LYS R 790 -17.12 51.30 -1.41
N THR R 791 -18.28 50.75 -1.76
CA THR R 791 -19.25 51.39 -2.64
C THR R 791 -20.56 51.53 -1.90
N ILE R 792 -21.21 52.68 -2.05
CA ILE R 792 -22.44 52.97 -1.31
C ILE R 792 -23.54 53.35 -2.29
N PRO R 793 -24.77 52.87 -2.10
CA PRO R 793 -25.91 53.42 -2.87
C PRO R 793 -26.24 54.82 -2.39
N ILE R 794 -26.89 55.59 -3.27
CA ILE R 794 -27.21 56.97 -2.94
C ILE R 794 -28.24 57.47 -3.95
N PRO R 795 -29.23 58.26 -3.55
CA PRO R 795 -30.21 58.77 -4.51
C PRO R 795 -29.57 59.72 -5.52
N CYS R 796 -30.18 59.76 -6.70
CA CYS R 796 -29.60 60.51 -7.82
C CYS R 796 -29.47 61.99 -7.49
N SER R 797 -30.34 62.51 -6.64
CA SER R 797 -30.38 63.94 -6.38
C SER R 797 -29.44 64.39 -5.27
N PHE R 798 -28.66 63.48 -4.68
CA PHE R 798 -27.73 63.81 -3.61
C PHE R 798 -26.27 63.77 -4.06
N LEU R 799 -26.01 64.06 -5.33
CA LEU R 799 -24.69 63.89 -5.92
C LEU R 799 -24.31 65.13 -6.72
N LEU R 800 -23.02 65.26 -7.02
CA LEU R 800 -22.52 66.31 -7.90
C LEU R 800 -21.78 65.67 -9.07
N ILE R 801 -22.17 66.05 -10.29
CA ILE R 801 -21.64 65.46 -11.51
C ILE R 801 -20.69 66.45 -12.16
N GLU R 802 -19.49 65.98 -12.49
CA GLU R 802 -18.56 66.80 -13.27
C GLU R 802 -19.14 67.07 -14.65
N SER R 803 -18.89 68.27 -15.16
CA SER R 803 -19.36 68.66 -16.49
C SER R 803 -18.24 69.39 -17.20
N THR R 804 -18.57 70.02 -18.32
CA THR R 804 -17.57 70.75 -19.09
C THR R 804 -16.87 71.80 -18.22
N HIS R 805 -17.63 72.46 -17.35
CA HIS R 805 -17.10 73.51 -16.48
C HIS R 805 -17.76 73.37 -15.12
N GLY R 806 -16.96 73.42 -14.06
CA GLY R 806 -17.49 73.35 -12.72
C GLY R 806 -18.15 72.00 -12.44
N TRP R 807 -18.77 71.91 -11.26
CA TRP R 807 -19.51 70.74 -10.86
C TRP R 807 -20.99 70.97 -11.06
N VAL R 808 -21.62 70.07 -11.81
CA VAL R 808 -23.02 70.22 -12.20
C VAL R 808 -23.86 69.22 -11.42
N PRO R 809 -24.96 69.65 -10.78
CA PRO R 809 -25.84 68.68 -10.10
C PRO R 809 -26.52 67.77 -11.10
N TYR R 810 -27.51 66.99 -10.65
CA TYR R 810 -28.13 66.01 -11.53
C TYR R 810 -28.97 66.70 -12.58
N GLU R 811 -28.29 67.29 -13.56
CA GLU R 811 -28.93 67.75 -14.79
C GLU R 811 -28.07 67.50 -16.02
N ASP R 812 -27.04 66.66 -15.91
CA ASP R 812 -26.11 66.45 -17.02
C ASP R 812 -26.56 65.29 -17.90
N PRO S 42 45.12 -45.51 -60.35
CA PRO S 42 44.99 -45.71 -61.80
C PRO S 42 46.17 -46.47 -62.40
N HIS S 43 46.50 -47.62 -61.80
CA HIS S 43 47.70 -48.36 -62.19
C HIS S 43 47.44 -49.86 -61.98
N ARG S 44 48.33 -50.66 -62.55
CA ARG S 44 48.24 -52.11 -62.50
C ARG S 44 49.55 -52.69 -61.98
N TYR S 45 49.45 -53.60 -61.02
CA TYR S 45 50.58 -54.30 -60.44
C TYR S 45 50.46 -55.81 -60.68
N ARG S 46 51.46 -56.55 -60.20
CA ARG S 46 51.47 -57.99 -60.40
C ARG S 46 50.32 -58.64 -59.64
N PRO S 47 49.71 -59.70 -60.20
CA PRO S 47 48.65 -60.40 -59.47
C PRO S 47 49.18 -60.99 -58.16
N GLY S 48 48.34 -61.00 -57.14
CA GLY S 48 48.71 -61.51 -55.84
C GLY S 48 48.54 -60.46 -54.75
N THR S 49 48.87 -59.21 -55.08
CA THR S 49 48.69 -58.12 -54.12
C THR S 49 47.22 -57.92 -53.77
N VAL S 50 46.34 -57.98 -54.78
CA VAL S 50 44.92 -57.80 -54.53
C VAL S 50 44.39 -58.92 -53.65
N ALA S 51 44.90 -60.14 -53.80
CA ALA S 51 44.46 -61.24 -52.96
C ALA S 51 44.74 -60.97 -51.49
N LEU S 52 45.97 -60.56 -51.17
CA LEU S 52 46.30 -60.28 -49.78
C LEU S 52 45.58 -59.05 -49.26
N ARG S 53 45.43 -58.02 -50.09
CA ARG S 53 44.66 -56.84 -49.66
C ARG S 53 43.23 -57.23 -49.34
N GLU S 54 42.62 -58.07 -50.18
CA GLU S 54 41.26 -58.55 -49.92
C GLU S 54 41.20 -59.38 -48.65
N ILE S 55 42.18 -60.25 -48.43
CA ILE S 55 42.19 -61.05 -47.21
C ILE S 55 42.25 -60.16 -45.98
N ARG S 56 43.14 -59.16 -45.99
CA ARG S 56 43.23 -58.25 -44.85
C ARG S 56 41.94 -57.48 -44.66
N ARG S 57 41.37 -56.95 -45.75
CA ARG S 57 40.14 -56.18 -45.65
C ARG S 57 39.00 -57.01 -45.07
N TYR S 58 38.81 -58.23 -45.57
CA TYR S 58 37.70 -59.07 -45.15
C TYR S 58 37.94 -59.71 -43.79
N GLN S 59 39.21 -59.78 -43.36
CA GLN S 59 39.50 -60.12 -41.97
C GLN S 59 39.22 -58.94 -41.04
N LYS S 60 39.33 -57.71 -41.55
CA LYS S 60 38.97 -56.54 -40.76
C LYS S 60 37.46 -56.38 -40.65
N SER S 61 36.74 -56.69 -41.73
CA SER S 61 35.29 -56.56 -41.74
C SER S 61 34.64 -57.67 -40.92
N THR S 62 33.39 -57.42 -40.52
CA THR S 62 32.66 -58.32 -39.63
C THR S 62 31.32 -58.75 -40.21
N GLU S 63 30.71 -57.92 -41.05
CA GLU S 63 29.36 -58.19 -41.54
C GLU S 63 29.36 -59.30 -42.59
N LEU S 64 28.19 -59.60 -43.15
CA LEU S 64 28.04 -60.71 -44.07
C LEU S 64 28.75 -60.42 -45.39
N LEU S 65 28.86 -61.46 -46.23
CA LEU S 65 29.41 -61.33 -47.57
C LEU S 65 28.39 -61.67 -48.65
N ILE S 66 27.55 -62.68 -48.40
CA ILE S 66 26.46 -63.00 -49.33
C ILE S 66 25.31 -62.02 -49.10
N ARG S 67 24.74 -61.52 -50.19
CA ARG S 67 23.71 -60.50 -50.10
C ARG S 67 22.35 -61.13 -49.78
N LYS S 68 21.39 -60.27 -49.43
CA LYS S 68 20.18 -60.73 -48.77
C LYS S 68 19.17 -61.34 -49.74
N LEU S 69 18.64 -60.53 -50.67
CA LEU S 69 17.43 -60.91 -51.40
C LEU S 69 17.62 -62.20 -52.19
N PRO S 70 18.72 -62.38 -52.93
CA PRO S 70 18.93 -63.67 -53.61
C PRO S 70 18.99 -64.84 -52.64
N PHE S 71 19.61 -64.67 -51.47
CA PHE S 71 19.66 -65.76 -50.50
C PHE S 71 18.26 -66.06 -49.95
N GLN S 72 17.46 -65.03 -49.70
CA GLN S 72 16.10 -65.25 -49.24
C GLN S 72 15.28 -65.98 -50.30
N ARG S 73 15.48 -65.62 -51.56
CA ARG S 73 14.76 -66.29 -52.63
C ARG S 73 15.20 -67.75 -52.77
N LEU S 74 16.50 -68.02 -52.58
CA LEU S 74 16.95 -69.41 -52.53
C LEU S 74 16.31 -70.16 -51.38
N VAL S 75 16.21 -69.52 -50.21
CA VAL S 75 15.63 -70.17 -49.04
C VAL S 75 14.15 -70.48 -49.30
N ARG S 76 13.43 -69.53 -49.90
CA ARG S 76 12.06 -69.82 -50.31
C ARG S 76 11.98 -70.96 -51.30
N GLU S 77 12.89 -70.99 -52.28
CA GLU S 77 12.92 -72.09 -53.24
C GLU S 77 13.05 -73.43 -52.53
N ILE S 78 13.99 -73.54 -51.59
CA ILE S 78 14.31 -74.84 -51.04
C ILE S 78 13.37 -75.22 -49.89
N ALA S 79 12.73 -74.24 -49.26
CA ALA S 79 11.81 -74.53 -48.16
C ALA S 79 10.40 -74.76 -48.66
N GLN S 80 9.98 -74.02 -49.70
CA GLN S 80 8.65 -74.22 -50.28
C GLN S 80 8.51 -75.63 -50.83
N ASP S 81 9.64 -76.27 -51.20
CA ASP S 81 9.61 -77.64 -51.69
C ASP S 81 9.26 -78.65 -50.60
N PHE S 82 9.44 -78.29 -49.32
CA PHE S 82 9.10 -79.18 -48.22
C PHE S 82 7.81 -78.78 -47.50
N LYS S 83 7.32 -77.56 -47.71
CA LYS S 83 6.05 -77.14 -47.15
C LYS S 83 5.63 -75.85 -47.83
N THR S 84 4.34 -75.74 -48.11
CA THR S 84 3.81 -74.62 -48.88
C THR S 84 3.51 -73.42 -47.98
N ASP S 85 3.52 -72.24 -48.58
CA ASP S 85 3.20 -70.98 -47.91
C ASP S 85 3.89 -70.91 -46.55
N LEU S 86 5.22 -70.92 -46.60
CA LEU S 86 6.03 -70.76 -45.41
C LEU S 86 6.26 -69.28 -45.14
N ARG S 87 6.00 -68.87 -43.91
CA ARG S 87 6.24 -67.51 -43.46
C ARG S 87 7.41 -67.53 -42.49
N PHE S 88 8.40 -66.67 -42.75
CA PHE S 88 9.70 -66.76 -42.13
C PHE S 88 9.98 -65.50 -41.31
N GLN S 89 10.76 -65.66 -40.24
CA GLN S 89 11.26 -64.52 -39.50
C GLN S 89 12.50 -63.97 -40.17
N SER S 90 12.66 -62.65 -40.12
CA SER S 90 13.88 -62.04 -40.63
C SER S 90 15.09 -62.52 -39.85
N ALA S 91 14.95 -62.68 -38.53
CA ALA S 91 16.04 -63.24 -37.74
C ALA S 91 16.33 -64.68 -38.14
N ALA S 92 15.31 -65.44 -38.54
CA ALA S 92 15.55 -66.80 -39.00
C ALA S 92 16.42 -66.82 -40.26
N ILE S 93 16.11 -65.94 -41.21
CA ILE S 93 16.92 -65.87 -42.43
C ILE S 93 18.32 -65.37 -42.11
N GLY S 94 18.43 -64.41 -41.18
CA GLY S 94 19.75 -63.98 -40.77
C GLY S 94 20.57 -65.10 -40.16
N ALA S 95 19.94 -65.92 -39.32
CA ALA S 95 20.63 -67.07 -38.73
C ALA S 95 21.03 -68.07 -39.81
N LEU S 96 20.14 -68.32 -40.78
CA LEU S 96 20.47 -69.24 -41.87
C LEU S 96 21.68 -68.74 -42.65
N GLN S 97 21.69 -67.45 -43.00
CA GLN S 97 22.82 -66.90 -43.75
C GLN S 97 24.10 -66.95 -42.93
N GLU S 98 24.02 -66.64 -41.64
CA GLU S 98 25.22 -66.69 -40.79
C GLU S 98 25.76 -68.12 -40.73
N ALA S 99 24.89 -69.10 -40.51
CA ALA S 99 25.34 -70.48 -40.44
C ALA S 99 25.94 -70.95 -41.76
N SER S 100 25.31 -70.58 -42.88
CA SER S 100 25.84 -70.98 -44.18
C SER S 100 27.21 -70.35 -44.44
N GLU S 101 27.36 -69.07 -44.11
CA GLU S 101 28.66 -68.43 -44.29
C GLU S 101 29.72 -69.06 -43.40
N ALA S 102 29.36 -69.41 -42.16
CA ALA S 102 30.31 -70.06 -41.27
C ALA S 102 30.74 -71.41 -41.84
N TYR S 103 29.77 -72.19 -42.32
CA TYR S 103 30.11 -73.49 -42.90
C TYR S 103 31.02 -73.32 -44.11
N LEU S 104 30.73 -72.33 -44.96
CA LEU S 104 31.57 -72.10 -46.13
C LEU S 104 32.98 -71.69 -45.71
N VAL S 105 33.09 -70.85 -44.69
CA VAL S 105 34.41 -70.46 -44.20
C VAL S 105 35.18 -71.67 -43.70
N GLY S 106 34.52 -72.56 -42.96
CA GLY S 106 35.20 -73.75 -42.48
C GLY S 106 35.65 -74.66 -43.60
N LEU S 107 34.79 -74.89 -44.58
CA LEU S 107 35.16 -75.78 -45.68
C LEU S 107 36.28 -75.17 -46.52
N PHE S 108 36.24 -73.84 -46.73
CA PHE S 108 37.35 -73.20 -47.44
C PHE S 108 38.64 -73.27 -46.64
N GLU S 109 38.57 -73.16 -45.32
CA GLU S 109 39.77 -73.34 -44.49
C GLU S 109 40.34 -74.74 -44.67
N ASP S 110 39.48 -75.76 -44.65
CA ASP S 110 39.96 -77.12 -44.88
C ASP S 110 40.55 -77.27 -46.28
N THR S 111 39.90 -76.67 -47.28
CA THR S 111 40.41 -76.75 -48.65
C THR S 111 41.78 -76.10 -48.78
N ASN S 112 41.96 -74.93 -48.15
CA ASN S 112 43.26 -74.27 -48.18
C ASN S 112 44.31 -75.09 -47.45
N LEU S 113 43.95 -75.69 -46.31
CA LEU S 113 44.88 -76.56 -45.61
C LEU S 113 45.33 -77.71 -46.50
N CYS S 114 44.38 -78.38 -47.17
CA CYS S 114 44.75 -79.48 -48.04
C CYS S 114 45.61 -79.01 -49.21
N ALA S 115 45.25 -77.86 -49.81
CA ALA S 115 46.00 -77.38 -50.96
C ALA S 115 47.43 -77.02 -50.59
N ILE S 116 47.60 -76.31 -49.47
CA ILE S 116 48.95 -75.97 -49.03
C ILE S 116 49.73 -77.22 -48.65
N HIS S 117 49.04 -78.21 -48.08
CA HIS S 117 49.69 -79.49 -47.80
C HIS S 117 50.23 -80.12 -49.08
N ALA S 118 49.46 -80.07 -50.17
CA ALA S 118 49.87 -80.63 -51.44
C ALA S 118 50.79 -79.72 -52.24
N LYS S 119 51.38 -78.71 -51.60
CA LYS S 119 52.31 -77.78 -52.26
C LYS S 119 51.64 -77.04 -53.42
N ARG S 120 50.35 -76.74 -53.29
CA ARG S 120 49.60 -76.05 -54.31
C ARG S 120 48.74 -74.95 -53.68
N VAL S 121 48.50 -73.89 -54.46
CA VAL S 121 47.62 -72.82 -54.06
C VAL S 121 46.33 -72.80 -54.88
N THR S 122 46.35 -73.28 -56.12
CA THR S 122 45.15 -73.31 -56.94
C THR S 122 44.23 -74.42 -56.43
N ILE S 123 43.31 -74.06 -55.55
CA ILE S 123 42.36 -75.04 -55.04
C ILE S 123 41.62 -75.69 -56.20
N MET S 124 41.45 -77.00 -56.12
CA MET S 124 40.76 -77.77 -57.12
C MET S 124 39.70 -78.63 -56.46
N PRO S 125 38.66 -79.03 -57.19
CA PRO S 125 37.54 -79.73 -56.53
C PRO S 125 37.96 -80.95 -55.72
N LYS S 126 39.03 -81.65 -56.13
CA LYS S 126 39.51 -82.75 -55.31
C LYS S 126 39.92 -82.29 -53.92
N ASP S 127 40.37 -81.04 -53.78
CA ASP S 127 40.69 -80.52 -52.46
C ASP S 127 39.47 -80.56 -51.55
N ILE S 128 38.35 -80.02 -52.01
CA ILE S 128 37.13 -80.06 -51.22
C ILE S 128 36.64 -81.50 -51.04
N GLN S 129 36.81 -82.33 -52.07
CA GLN S 129 36.43 -83.73 -51.93
C GLN S 129 37.13 -84.37 -50.75
N LEU S 130 38.46 -84.23 -50.69
CA LEU S 130 39.20 -84.79 -49.56
C LEU S 130 38.81 -84.13 -48.25
N ALA S 131 38.66 -82.81 -48.26
CA ALA S 131 38.35 -82.09 -47.03
C ALA S 131 37.06 -82.60 -46.39
N ARG S 132 36.02 -82.76 -47.21
CA ARG S 132 34.76 -83.29 -46.70
C ARG S 132 34.80 -84.79 -46.46
N ARG S 133 35.66 -85.53 -47.18
CA ARG S 133 35.77 -86.97 -46.96
C ARG S 133 36.37 -87.24 -45.59
N ILE S 134 37.33 -86.42 -45.17
CA ILE S 134 37.95 -86.62 -43.87
C ILE S 134 36.99 -86.28 -42.74
N ARG S 135 36.18 -85.22 -42.91
CA ARG S 135 35.25 -84.81 -41.85
C ARG S 135 34.15 -85.83 -41.63
N GLY S 136 33.66 -86.48 -42.69
CA GLY S 136 32.61 -87.47 -42.55
C GLY S 136 31.20 -86.91 -42.58
N GLU S 137 30.98 -85.73 -43.15
CA GLU S 137 29.66 -85.12 -43.23
C GLU S 137 29.18 -85.17 -44.68
N ARG S 138 28.16 -85.98 -44.94
CA ARG S 138 27.58 -86.10 -46.28
C ARG S 138 26.18 -85.48 -46.31
N ARG T 27 13.42 -69.58 -58.77
CA ARG T 27 14.18 -70.14 -59.92
C ARG T 27 15.63 -69.65 -59.90
N ASP T 28 16.54 -70.55 -60.28
CA ASP T 28 17.98 -70.27 -60.41
C ASP T 28 18.50 -69.40 -59.27
N ASN T 29 17.93 -69.55 -58.08
CA ASN T 29 18.41 -68.81 -56.92
C ASN T 29 19.72 -69.36 -56.40
N ILE T 30 20.12 -70.57 -56.80
CA ILE T 30 21.45 -71.06 -56.47
C ILE T 30 22.51 -70.23 -57.17
N GLN T 31 22.28 -69.85 -58.42
CA GLN T 31 23.16 -68.94 -59.13
C GLN T 31 22.99 -67.50 -58.69
N GLY T 32 21.96 -67.19 -57.90
CA GLY T 32 21.91 -65.92 -57.22
C GLY T 32 23.12 -65.72 -56.33
N ILE T 33 23.72 -66.82 -55.86
CA ILE T 33 25.02 -66.77 -55.21
C ILE T 33 26.03 -66.37 -56.29
N THR T 34 26.44 -65.12 -56.30
CA THR T 34 27.24 -64.58 -57.37
C THR T 34 28.68 -65.09 -57.30
N LYS T 35 29.30 -65.18 -58.47
CA LYS T 35 30.73 -65.50 -58.51
C LYS T 35 31.55 -64.57 -57.63
N PRO T 36 31.36 -63.24 -57.67
CA PRO T 36 32.07 -62.38 -56.71
C PRO T 36 31.74 -62.67 -55.26
N ALA T 37 30.53 -63.13 -54.95
CA ALA T 37 30.21 -63.49 -53.56
C ALA T 37 31.04 -64.68 -53.10
N ILE T 38 31.12 -65.73 -53.91
CA ILE T 38 31.98 -66.86 -53.57
C ILE T 38 33.43 -66.42 -53.52
N ARG T 39 33.81 -65.49 -54.39
CA ARG T 39 35.16 -64.93 -54.34
C ARG T 39 35.45 -64.30 -52.98
N ARG T 40 34.53 -63.45 -52.51
CA ARG T 40 34.73 -62.78 -51.23
C ARG T 40 34.78 -63.78 -50.09
N LEU T 41 33.89 -64.77 -50.13
CA LEU T 41 33.91 -65.81 -49.10
C LEU T 41 35.21 -66.59 -49.10
N ALA T 42 35.74 -66.93 -50.29
CA ALA T 42 37.02 -67.61 -50.36
C ALA T 42 38.14 -66.74 -49.80
N ARG T 43 38.13 -65.45 -50.13
CA ARG T 43 39.16 -64.55 -49.61
C ARG T 43 39.10 -64.50 -48.08
N ARG T 44 37.90 -64.41 -47.52
CA ARG T 44 37.79 -64.41 -46.06
C ARG T 44 38.24 -65.74 -45.47
N GLY T 45 37.94 -66.85 -46.14
CA GLY T 45 38.29 -68.16 -45.63
C GLY T 45 39.77 -68.48 -45.70
N GLY T 46 40.58 -67.58 -46.25
CA GLY T 46 42.01 -67.80 -46.35
C GLY T 46 42.45 -68.24 -47.72
N VAL T 47 41.57 -68.07 -48.71
CA VAL T 47 41.86 -68.51 -50.07
C VAL T 47 42.51 -67.38 -50.84
N LYS T 48 43.61 -67.69 -51.54
CA LYS T 48 44.31 -66.76 -52.40
C LYS T 48 44.03 -67.00 -53.87
N ARG T 49 44.26 -68.21 -54.35
CA ARG T 49 44.10 -68.57 -55.75
C ARG T 49 42.87 -69.46 -55.88
N ILE T 50 41.84 -68.95 -56.55
CA ILE T 50 40.55 -69.62 -56.65
C ILE T 50 40.39 -70.14 -58.07
N SER T 51 40.16 -71.44 -58.20
CA SER T 51 39.93 -72.05 -59.50
C SER T 51 38.49 -71.78 -59.93
N GLY T 52 38.20 -72.00 -61.22
CA GLY T 52 36.89 -71.72 -61.75
C GLY T 52 35.88 -72.83 -61.51
N LEU T 53 36.36 -73.99 -61.07
CA LEU T 53 35.51 -75.15 -60.83
C LEU T 53 35.04 -75.24 -59.38
N ILE T 54 35.45 -74.30 -58.52
CA ILE T 54 35.09 -74.39 -57.11
C ILE T 54 33.74 -73.76 -56.82
N TYR T 55 33.31 -72.79 -57.64
CA TYR T 55 32.09 -72.06 -57.35
C TYR T 55 30.89 -72.99 -57.30
N GLU T 56 30.72 -73.82 -58.33
CA GLU T 56 29.55 -74.70 -58.40
C GLU T 56 29.58 -75.78 -57.34
N GLU T 57 30.75 -76.37 -57.06
CA GLU T 57 30.83 -77.37 -56.00
C GLU T 57 30.48 -76.74 -54.65
N THR T 58 30.96 -75.53 -54.41
CA THR T 58 30.58 -74.82 -53.18
C THR T 58 29.09 -74.56 -53.13
N ARG T 59 28.50 -74.18 -54.26
CA ARG T 59 27.06 -73.94 -54.29
C ARG T 59 26.28 -75.22 -53.99
N GLY T 60 26.75 -76.35 -54.51
CA GLY T 60 26.09 -77.62 -54.20
C GLY T 60 26.22 -77.99 -52.74
N VAL T 61 27.40 -77.79 -52.16
CA VAL T 61 27.58 -78.04 -50.73
C VAL T 61 26.63 -77.16 -49.92
N LEU T 62 26.54 -75.89 -50.28
CA LEU T 62 25.60 -74.99 -49.62
C LEU T 62 24.16 -75.46 -49.79
N LYS T 63 23.82 -75.97 -50.97
CA LYS T 63 22.46 -76.44 -51.20
C LYS T 63 22.15 -77.61 -50.28
N VAL T 64 23.08 -78.55 -50.14
CA VAL T 64 22.84 -79.68 -49.24
C VAL T 64 22.70 -79.18 -47.80
N PHE T 65 23.57 -78.25 -47.40
CA PHE T 65 23.51 -77.73 -46.03
C PHE T 65 22.15 -77.07 -45.75
N LEU T 66 21.72 -76.20 -46.67
CA LEU T 66 20.44 -75.54 -46.52
C LEU T 66 19.29 -76.54 -46.53
N GLU T 67 19.35 -77.55 -47.39
CA GLU T 67 18.29 -78.54 -47.43
C GLU T 67 18.16 -79.25 -46.08
N ASN T 68 19.28 -79.65 -45.49
CA ASN T 68 19.22 -80.32 -44.20
C ASN T 68 18.71 -79.39 -43.10
N VAL T 69 19.27 -78.18 -43.03
CA VAL T 69 18.87 -77.25 -41.97
C VAL T 69 17.38 -76.92 -42.09
N ILE T 70 16.90 -76.69 -43.31
CA ILE T 70 15.50 -76.34 -43.50
C ILE T 70 14.59 -77.55 -43.37
N ARG T 71 15.10 -78.77 -43.62
CA ARG T 71 14.32 -79.95 -43.25
C ARG T 71 14.06 -79.95 -41.76
N ASP T 72 15.10 -79.70 -40.96
CA ASP T 72 14.90 -79.62 -39.51
C ASP T 72 13.95 -78.49 -39.14
N ALA T 73 14.10 -77.32 -39.75
CA ALA T 73 13.25 -76.18 -39.43
C ALA T 73 11.79 -76.47 -39.77
N VAL T 74 11.55 -77.06 -40.94
CA VAL T 74 10.19 -77.37 -41.37
C VAL T 74 9.59 -78.45 -40.49
N THR T 75 10.38 -79.45 -40.08
CA THR T 75 9.85 -80.46 -39.17
C THR T 75 9.43 -79.83 -37.84
N TYR T 76 10.28 -78.95 -37.30
CA TYR T 76 9.94 -78.28 -36.05
C TYR T 76 8.71 -77.41 -36.20
N THR T 77 8.58 -76.68 -37.31
CA THR T 77 7.38 -75.89 -37.54
C THR T 77 6.15 -76.78 -37.67
N GLU T 78 6.28 -77.91 -38.37
CA GLU T 78 5.15 -78.82 -38.52
C GLU T 78 4.68 -79.33 -37.17
N HIS T 79 5.61 -79.74 -36.31
CA HIS T 79 5.22 -80.19 -34.98
C HIS T 79 4.87 -79.03 -34.05
N ALA T 80 5.04 -77.79 -34.50
CA ALA T 80 4.59 -76.63 -33.75
C ALA T 80 3.13 -76.27 -34.03
N LYS T 81 2.51 -76.91 -35.03
CA LYS T 81 1.12 -76.61 -35.40
C LYS T 81 0.94 -75.12 -35.71
N ARG T 82 1.92 -74.55 -36.43
CA ARG T 82 1.89 -73.15 -36.80
C ARG T 82 2.45 -73.00 -38.21
N LYS T 83 1.84 -72.09 -38.98
CA LYS T 83 2.21 -71.87 -40.38
C LYS T 83 3.37 -70.88 -40.52
N THR T 84 4.15 -70.69 -39.47
CA THR T 84 5.29 -69.78 -39.50
C THR T 84 6.50 -70.48 -38.89
N VAL T 85 7.67 -70.21 -39.44
CA VAL T 85 8.92 -70.73 -38.91
C VAL T 85 9.65 -69.62 -38.17
N THR T 86 10.10 -69.90 -36.96
CA THR T 86 10.71 -68.90 -36.10
C THR T 86 12.21 -69.11 -35.98
N ALA T 87 12.91 -68.05 -35.58
CA ALA T 87 14.35 -68.15 -35.36
C ALA T 87 14.68 -69.11 -34.22
N MET T 88 13.81 -69.18 -33.21
CA MET T 88 14.05 -70.12 -32.12
C MET T 88 14.05 -71.56 -32.64
N ASP T 89 13.16 -71.87 -33.57
CA ASP T 89 13.15 -73.20 -34.17
C ASP T 89 14.45 -73.47 -34.93
N VAL T 90 14.96 -72.45 -35.63
CA VAL T 90 16.24 -72.63 -36.34
C VAL T 90 17.37 -72.86 -35.34
N VAL T 91 17.34 -72.16 -34.22
CA VAL T 91 18.34 -72.38 -33.18
C VAL T 91 18.24 -73.80 -32.65
N TYR T 92 17.02 -74.29 -32.44
CA TYR T 92 16.84 -75.67 -32.00
C TYR T 92 17.38 -76.64 -33.03
N ALA T 93 17.16 -76.36 -34.32
CA ALA T 93 17.69 -77.22 -35.37
C ALA T 93 19.21 -77.23 -35.36
N LEU T 94 19.83 -76.07 -35.18
CA LEU T 94 21.29 -76.01 -35.08
C LEU T 94 21.79 -76.77 -33.86
N LYS T 95 21.08 -76.66 -32.73
CA LYS T 95 21.45 -77.44 -31.56
C LYS T 95 21.38 -78.93 -31.83
N ARG T 96 20.30 -79.39 -32.48
CA ARG T 96 20.16 -80.80 -32.79
C ARG T 96 21.24 -81.28 -33.75
N GLN T 97 21.60 -80.48 -34.76
CA GLN T 97 22.66 -80.86 -35.68
C GLN T 97 24.01 -80.89 -34.99
N GLY T 98 24.31 -79.87 -34.18
CA GLY T 98 25.61 -79.76 -33.55
C GLY T 98 26.37 -78.55 -33.99
N ARG T 99 25.65 -77.53 -34.47
CA ARG T 99 26.23 -76.27 -34.93
C ARG T 99 25.60 -75.11 -34.19
N THR T 100 25.56 -75.22 -32.86
CA THR T 100 24.87 -74.26 -32.02
C THR T 100 25.31 -72.83 -32.35
N LEU T 101 24.34 -71.93 -32.45
CA LEU T 101 24.57 -70.54 -32.83
C LEU T 101 24.11 -69.64 -31.69
N TYR T 102 25.01 -68.77 -31.23
CA TYR T 102 24.71 -67.82 -30.17
C TYR T 102 24.17 -66.52 -30.76
N GLY T 103 23.83 -65.57 -29.90
CA GLY T 103 23.48 -64.22 -30.29
C GLY T 103 22.04 -63.98 -30.65
N PHE T 104 21.37 -64.98 -31.21
CA PHE T 104 20.02 -64.84 -31.73
C PHE T 104 18.98 -65.58 -30.90
N GLY T 105 19.25 -65.83 -29.63
CA GLY T 105 18.28 -66.46 -28.75
C GLY T 105 18.47 -67.96 -28.64
N GLY T 106 18.08 -68.53 -27.51
CA GLY T 106 18.21 -69.95 -27.30
C GLY T 106 19.62 -70.37 -26.96
N THR U 20 -0.97 -109.91 -22.27
CA THR U 20 -0.31 -108.59 -22.14
C THR U 20 -0.69 -107.67 -23.28
N ARG U 21 -0.45 -106.36 -23.09
CA ARG U 21 -0.80 -105.38 -24.10
C ARG U 21 0.07 -105.48 -25.35
N SER U 22 1.13 -106.30 -25.31
CA SER U 22 1.95 -106.50 -26.51
C SER U 22 1.11 -107.04 -27.66
N SER U 23 0.31 -108.06 -27.39
CA SER U 23 -0.54 -108.66 -28.41
C SER U 23 -1.67 -107.74 -28.84
N ARG U 24 -2.09 -106.80 -28.00
CA ARG U 24 -3.11 -105.82 -28.38
C ARG U 24 -2.62 -104.88 -29.46
N ALA U 25 -1.30 -104.76 -29.64
CA ALA U 25 -0.72 -103.97 -30.71
C ALA U 25 -0.02 -104.80 -31.77
N GLY U 26 0.25 -106.07 -31.50
CA GLY U 26 0.91 -106.92 -32.47
C GLY U 26 2.39 -106.62 -32.62
N LEU U 27 3.16 -106.86 -31.56
CA LEU U 27 4.60 -106.62 -31.59
C LEU U 27 5.34 -107.65 -30.74
N GLN U 28 6.65 -107.75 -30.95
CA GLN U 28 7.51 -108.59 -30.12
C GLN U 28 8.14 -107.82 -28.97
N PHE U 29 7.94 -106.52 -28.90
CA PHE U 29 8.47 -105.70 -27.81
C PHE U 29 7.34 -105.26 -26.88
N PRO U 30 7.47 -105.47 -25.58
CA PRO U 30 6.37 -105.13 -24.68
C PRO U 30 6.20 -103.63 -24.52
N VAL U 31 4.96 -103.24 -24.21
CA VAL U 31 4.59 -101.84 -24.03
C VAL U 31 4.77 -101.48 -22.57
N GLY U 32 4.54 -102.45 -21.68
CA GLY U 32 4.70 -102.19 -20.26
C GLY U 32 6.12 -101.81 -19.90
N ARG U 33 7.10 -102.56 -20.41
CA ARG U 33 8.50 -102.21 -20.15
C ARG U 33 8.86 -100.87 -20.77
N VAL U 34 8.37 -100.61 -21.98
CA VAL U 34 8.64 -99.34 -22.64
C VAL U 34 8.00 -98.19 -21.86
N HIS U 35 6.76 -98.38 -21.40
CA HIS U 35 6.11 -97.35 -20.59
C HIS U 35 6.86 -97.12 -19.29
N ARG U 36 7.33 -98.19 -18.64
CA ARG U 36 8.12 -98.05 -17.42
C ARG U 36 9.40 -97.28 -17.69
N LEU U 37 10.06 -97.57 -18.80
CA LEU U 37 11.27 -96.83 -19.14
C LEU U 37 10.98 -95.36 -19.40
N LEU U 38 9.87 -95.05 -20.09
CA LEU U 38 9.55 -93.66 -20.39
C LEU U 38 9.31 -92.83 -19.13
N ARG U 39 8.93 -93.47 -18.03
CA ARG U 39 8.75 -92.77 -16.76
C ARG U 39 10.02 -92.74 -15.92
N LYS U 40 10.61 -93.90 -15.63
CA LYS U 40 11.78 -93.95 -14.78
C LYS U 40 12.97 -93.21 -15.37
N GLY U 41 12.95 -92.89 -16.66
CA GLY U 41 14.01 -92.13 -17.27
C GLY U 41 13.86 -90.63 -17.05
N ASN U 42 12.77 -90.23 -16.39
CA ASN U 42 12.50 -88.81 -16.13
C ASN U 42 12.48 -88.01 -17.42
N TYR U 43 11.96 -88.62 -18.49
CA TYR U 43 11.89 -87.95 -19.78
C TYR U 43 10.89 -86.81 -19.81
N SER U 44 9.84 -86.87 -18.99
CA SER U 44 8.83 -85.82 -18.94
C SER U 44 7.99 -86.02 -17.69
N GLU U 45 6.93 -85.20 -17.54
CA GLU U 45 6.05 -85.32 -16.39
C GLU U 45 5.13 -86.52 -16.52
N ARG U 46 4.38 -86.59 -17.61
CA ARG U 46 3.42 -87.66 -17.85
C ARG U 46 3.68 -88.29 -19.21
N VAL U 47 3.32 -89.57 -19.32
CA VAL U 47 3.58 -90.37 -20.51
C VAL U 47 2.25 -90.73 -21.16
N GLY U 48 2.20 -90.67 -22.48
CA GLY U 48 1.01 -90.99 -23.22
C GLY U 48 0.67 -92.46 -23.18
N ALA U 49 -0.52 -92.78 -23.69
CA ALA U 49 -1.02 -94.15 -23.64
C ALA U 49 -0.45 -94.99 -24.77
N GLY U 50 -0.70 -94.58 -26.02
CA GLY U 50 -0.26 -95.32 -27.18
C GLY U 50 1.13 -94.99 -27.68
N ALA U 51 1.76 -93.94 -27.13
CA ALA U 51 3.13 -93.63 -27.51
C ALA U 51 4.07 -94.81 -27.33
N PRO U 52 4.08 -95.54 -26.21
CA PRO U 52 4.99 -96.68 -26.09
C PRO U 52 4.78 -97.73 -27.16
N VAL U 53 3.55 -97.96 -27.61
CA VAL U 53 3.34 -98.86 -28.73
C VAL U 53 4.05 -98.33 -29.97
N TYR U 54 3.95 -97.02 -30.21
CA TYR U 54 4.64 -96.43 -31.34
C TYR U 54 6.14 -96.66 -31.25
N LEU U 55 6.72 -96.42 -30.07
CA LEU U 55 8.16 -96.57 -29.92
C LEU U 55 8.58 -98.02 -30.07
N ALA U 56 7.81 -98.95 -29.51
CA ALA U 56 8.12 -100.37 -29.66
C ALA U 56 8.05 -100.79 -31.12
N ALA U 57 7.04 -100.30 -31.85
CA ALA U 57 6.92 -100.64 -33.27
C ALA U 57 8.09 -100.09 -34.07
N VAL U 58 8.50 -98.84 -33.78
CA VAL U 58 9.62 -98.25 -34.49
C VAL U 58 10.90 -99.03 -34.21
N LEU U 59 11.12 -99.38 -32.94
CA LEU U 59 12.31 -100.14 -32.57
C LEU U 59 12.30 -101.51 -33.25
N GLU U 60 11.15 -102.18 -33.27
CA GLU U 60 11.06 -103.47 -33.92
C GLU U 60 11.32 -103.36 -35.41
N TYR U 61 10.79 -102.33 -36.06
CA TYR U 61 11.09 -102.12 -37.48
C TYR U 61 12.58 -101.91 -37.71
N LEU U 62 13.21 -101.05 -36.92
CA LEU U 62 14.62 -100.76 -37.11
C LEU U 62 15.47 -102.01 -36.91
N THR U 63 15.30 -102.68 -35.77
CA THR U 63 16.05 -103.90 -35.52
C THR U 63 15.71 -104.99 -36.53
N ALA U 64 14.48 -105.04 -37.04
CA ALA U 64 14.12 -106.04 -38.04
C ALA U 64 14.85 -105.79 -39.35
N GLU U 65 14.95 -104.54 -39.77
CA GLU U 65 15.75 -104.23 -40.96
C GLU U 65 17.22 -104.57 -40.73
N ILE U 66 17.75 -104.21 -39.56
CA ILE U 66 19.14 -104.51 -39.26
C ILE U 66 19.38 -106.02 -39.30
N LEU U 67 18.46 -106.79 -38.72
CA LEU U 67 18.57 -108.25 -38.74
C LEU U 67 18.39 -108.83 -40.14
N GLU U 68 17.55 -108.22 -40.97
CA GLU U 68 17.41 -108.65 -42.35
C GLU U 68 18.73 -108.52 -43.10
N LEU U 69 19.38 -107.35 -42.97
CA LEU U 69 20.67 -107.17 -43.61
C LEU U 69 21.73 -108.06 -42.96
N ALA U 70 21.61 -108.33 -41.66
CA ALA U 70 22.54 -109.24 -40.99
C ALA U 70 22.40 -110.66 -41.54
N GLY U 71 21.16 -111.10 -41.76
CA GLY U 71 20.93 -112.39 -42.37
C GLY U 71 21.43 -112.46 -43.80
N ASN U 72 21.26 -111.37 -44.54
CA ASN U 72 21.85 -111.31 -45.89
C ASN U 72 23.37 -111.44 -45.83
N ALA U 73 24.00 -110.76 -44.88
CA ALA U 73 25.44 -110.90 -44.70
C ALA U 73 25.81 -112.33 -44.31
N ALA U 74 25.01 -112.95 -43.44
CA ALA U 74 25.29 -114.33 -43.05
C ALA U 74 25.22 -115.27 -44.26
N ARG U 75 24.20 -115.08 -45.10
CA ARG U 75 24.16 -115.84 -46.36
C ARG U 75 25.39 -115.56 -47.20
N ASP U 76 25.87 -114.31 -47.21
CA ASP U 76 27.04 -113.97 -48.01
C ASP U 76 28.24 -114.82 -47.61
N ASN U 77 28.39 -115.08 -46.31
CA ASN U 77 29.50 -115.89 -45.80
C ASN U 77 29.13 -117.35 -45.56
N LYS U 78 27.92 -117.75 -45.93
CA LYS U 78 27.50 -119.15 -45.84
C LYS U 78 27.60 -119.66 -44.39
N LYS U 79 27.06 -118.88 -43.46
CA LYS U 79 27.03 -119.25 -42.05
C LYS U 79 25.62 -119.05 -41.51
N THR U 80 25.20 -120.00 -40.66
CA THR U 80 23.88 -119.96 -40.04
C THR U 80 23.84 -119.13 -38.78
N ARG U 81 24.93 -119.10 -38.01
CA ARG U 81 25.00 -118.31 -36.80
C ARG U 81 25.70 -116.99 -37.09
N ILE U 82 24.98 -115.89 -36.91
CA ILE U 82 25.46 -114.57 -37.29
C ILE U 82 26.63 -114.20 -36.38
N ILE U 83 27.75 -113.82 -37.00
CA ILE U 83 28.91 -113.33 -36.26
C ILE U 83 28.92 -111.81 -36.38
N PRO U 84 29.51 -111.08 -35.42
CA PRO U 84 29.44 -109.61 -35.48
C PRO U 84 30.06 -109.02 -36.73
N ARG U 85 30.94 -109.76 -37.42
CA ARG U 85 31.44 -109.28 -38.70
C ARG U 85 30.31 -109.09 -39.70
N HIS U 86 29.36 -110.03 -39.71
CA HIS U 86 28.18 -109.87 -40.57
C HIS U 86 27.44 -108.59 -40.22
N LEU U 87 27.26 -108.31 -38.93
CA LEU U 87 26.54 -107.12 -38.51
C LEU U 87 27.27 -105.85 -38.98
N GLN U 88 28.58 -105.80 -38.77
CA GLN U 88 29.34 -104.62 -39.19
C GLN U 88 29.25 -104.43 -40.70
N LEU U 89 29.42 -105.51 -41.46
CA LEU U 89 29.36 -105.41 -42.91
C LEU U 89 27.99 -104.95 -43.38
N ALA U 90 26.92 -105.52 -42.81
CA ALA U 90 25.58 -105.11 -43.20
C ALA U 90 25.30 -103.65 -42.86
N ILE U 91 25.70 -103.20 -41.67
CA ILE U 91 25.46 -101.81 -41.29
C ILE U 91 26.22 -100.87 -42.21
N ARG U 92 27.49 -101.18 -42.48
CA ARG U 92 28.31 -100.31 -43.32
C ARG U 92 27.87 -100.32 -44.78
N ASN U 93 27.32 -101.43 -45.27
CA ASN U 93 26.92 -101.50 -46.67
C ASN U 93 25.81 -100.50 -47.00
N ASP U 94 24.79 -100.41 -46.14
CA ASP U 94 23.66 -99.54 -46.42
C ASP U 94 24.01 -98.09 -46.13
N GLU U 95 23.68 -97.21 -47.07
CA GLU U 95 23.96 -95.79 -46.92
C GLU U 95 23.22 -95.22 -45.71
N GLU U 96 21.92 -95.48 -45.62
CA GLU U 96 21.12 -94.91 -44.53
C GLU U 96 21.58 -95.43 -43.17
N LEU U 97 21.89 -96.72 -43.06
CA LEU U 97 22.30 -97.29 -41.78
C LEU U 97 23.73 -96.93 -41.41
N ASN U 98 24.63 -96.80 -42.38
CA ASN U 98 25.98 -96.32 -42.10
C ASN U 98 26.02 -94.85 -41.76
N LYS U 99 25.12 -94.04 -42.34
CA LYS U 99 24.99 -92.66 -41.90
C LYS U 99 24.58 -92.60 -40.43
N LEU U 100 23.68 -93.48 -40.01
CA LEU U 100 23.20 -93.47 -38.65
C LEU U 100 24.22 -94.10 -37.70
N LEU U 101 24.55 -95.37 -37.91
CA LEU U 101 25.55 -96.05 -37.10
C LEU U 101 26.94 -95.98 -37.74
N GLY U 102 27.35 -94.76 -38.10
CA GLY U 102 28.66 -94.56 -38.68
C GLY U 102 29.64 -94.07 -37.63
N ARG U 103 29.16 -93.25 -36.70
CA ARG U 103 29.96 -92.77 -35.58
C ARG U 103 29.97 -93.75 -34.41
N VAL U 104 29.21 -94.83 -34.50
CA VAL U 104 29.15 -95.85 -33.46
C VAL U 104 29.72 -97.13 -34.04
N THR U 105 30.99 -97.41 -33.75
CA THR U 105 31.62 -98.65 -34.18
C THR U 105 31.13 -99.82 -33.34
N ILE U 106 31.23 -101.02 -33.91
CA ILE U 106 30.77 -102.24 -33.27
C ILE U 106 31.97 -103.16 -33.06
N ALA U 107 32.12 -103.67 -31.84
CA ALA U 107 33.27 -104.48 -31.50
C ALA U 107 33.34 -105.72 -32.38
N GLN U 108 34.57 -106.16 -32.65
CA GLN U 108 34.81 -107.36 -33.47
C GLN U 108 34.30 -107.18 -34.89
N GLY U 109 34.07 -105.93 -35.29
CA GLY U 109 33.52 -105.66 -36.61
C GLY U 109 34.58 -105.47 -37.67
N GLY U 110 35.58 -104.66 -37.37
CA GLY U 110 36.59 -104.34 -38.35
C GLY U 110 36.12 -103.24 -39.30
N VAL U 111 36.61 -103.34 -40.54
CA VAL U 111 36.27 -102.40 -41.60
C VAL U 111 35.90 -103.19 -42.85
N LEU U 112 35.21 -102.52 -43.77
CA LEU U 112 34.84 -103.17 -45.01
C LEU U 112 36.09 -103.52 -45.81
N PRO U 113 36.00 -104.49 -46.72
CA PRO U 113 37.17 -104.80 -47.55
C PRO U 113 37.44 -103.67 -48.53
N ASN U 114 38.50 -102.90 -48.27
CA ASN U 114 38.81 -101.70 -49.04
C ASN U 114 40.19 -101.85 -49.65
N ILE U 115 40.24 -101.87 -50.98
CA ILE U 115 41.49 -101.83 -51.73
C ILE U 115 41.40 -100.66 -52.69
N GLN U 116 42.30 -99.70 -52.54
CA GLN U 116 42.30 -98.51 -53.38
C GLN U 116 42.85 -98.87 -54.76
N ALA U 117 42.08 -98.57 -55.80
CA ALA U 117 42.46 -98.99 -57.15
C ALA U 117 43.78 -98.36 -57.58
N VAL U 118 44.00 -97.08 -57.27
CA VAL U 118 45.23 -96.41 -57.67
C VAL U 118 46.47 -97.09 -57.14
N LEU U 119 46.36 -97.85 -56.04
CA LEU U 119 47.48 -98.53 -55.44
C LEU U 119 47.77 -99.88 -56.10
N LEU U 120 46.90 -100.34 -56.99
CA LEU U 120 47.10 -101.63 -57.63
C LEU U 120 48.27 -101.58 -58.60
N PRO U 121 49.19 -102.55 -58.55
CA PRO U 121 50.31 -102.54 -59.48
C PRO U 121 49.87 -102.78 -60.92
N LYS U 122 50.66 -102.26 -61.84
CA LYS U 122 50.36 -102.38 -63.27
C LYS U 122 50.44 -103.85 -63.71
N ARG V 35 22.87 -110.46 -6.09
CA ARG V 35 22.26 -111.28 -7.16
C ARG V 35 21.11 -110.51 -7.84
N SER V 36 21.41 -109.31 -8.31
CA SER V 36 20.42 -108.50 -8.99
C SER V 36 19.97 -109.18 -10.27
N ARG V 37 18.66 -109.13 -10.53
CA ARG V 37 18.07 -109.77 -11.69
C ARG V 37 18.13 -108.82 -12.87
N LYS V 38 19.29 -108.76 -13.52
CA LYS V 38 19.48 -107.86 -14.65
C LYS V 38 18.63 -108.30 -15.84
N GLU V 39 18.21 -107.32 -16.62
CA GLU V 39 17.27 -107.52 -17.72
C GLU V 39 18.00 -107.38 -19.05
N SER V 40 17.35 -107.87 -20.10
CA SER V 40 17.92 -107.84 -21.44
C SER V 40 16.79 -107.85 -22.46
N TYR V 41 17.16 -107.83 -23.74
CA TYR V 41 16.21 -107.89 -24.85
C TYR V 41 16.41 -109.19 -25.63
N SER V 42 16.59 -110.30 -24.90
CA SER V 42 16.99 -111.55 -25.55
C SER V 42 15.83 -112.20 -26.28
N ILE V 43 14.77 -112.57 -25.56
CA ILE V 43 13.68 -113.32 -26.18
C ILE V 43 12.99 -112.49 -27.26
N TYR V 44 12.77 -111.21 -27.01
CA TYR V 44 12.04 -110.38 -27.96
C TYR V 44 12.77 -110.28 -29.30
N VAL V 45 14.05 -109.89 -29.27
CA VAL V 45 14.80 -109.74 -30.50
C VAL V 45 15.08 -111.10 -31.12
N TYR V 46 15.21 -112.15 -30.31
CA TYR V 46 15.35 -113.50 -30.85
C TYR V 46 14.12 -113.89 -31.65
N LYS V 47 12.93 -113.62 -31.12
CA LYS V 47 11.70 -113.88 -31.86
C LYS V 47 11.60 -113.02 -33.10
N VAL V 48 12.03 -111.77 -33.02
CA VAL V 48 12.00 -110.91 -34.21
C VAL V 48 12.90 -111.48 -35.30
N LEU V 49 14.11 -111.91 -34.92
CA LEU V 49 15.01 -112.54 -35.88
C LEU V 49 14.37 -113.78 -36.49
N LYS V 50 13.82 -114.66 -35.65
CA LYS V 50 13.15 -115.84 -36.16
C LYS V 50 12.02 -115.46 -37.13
N GLN V 51 11.32 -114.38 -36.85
CA GLN V 51 10.27 -113.91 -37.76
C GLN V 51 10.88 -113.49 -39.10
N VAL V 52 12.01 -112.78 -39.07
CA VAL V 52 12.65 -112.34 -40.30
C VAL V 52 13.72 -113.30 -40.79
N HIS V 53 14.13 -114.26 -39.98
CA HIS V 53 15.15 -115.24 -40.39
C HIS V 53 15.03 -116.47 -39.50
N PRO V 54 14.11 -117.38 -39.82
CA PRO V 54 14.03 -118.64 -39.05
C PRO V 54 15.30 -119.47 -39.12
N ASP V 55 15.75 -119.83 -40.32
CA ASP V 55 16.95 -120.65 -40.48
C ASP V 55 18.21 -119.79 -40.43
N THR V 56 18.42 -119.18 -39.27
CA THR V 56 19.61 -118.39 -39.02
C THR V 56 19.82 -118.28 -37.53
N GLY V 57 20.94 -118.79 -37.04
CA GLY V 57 21.29 -118.71 -35.64
C GLY V 57 21.86 -117.37 -35.28
N ILE V 58 22.16 -117.20 -34.00
CA ILE V 58 22.70 -115.94 -33.50
C ILE V 58 23.59 -116.25 -32.31
N SER V 59 24.71 -115.54 -32.22
CA SER V 59 25.63 -115.68 -31.11
C SER V 59 25.27 -114.68 -30.02
N SER V 60 25.48 -115.09 -28.77
CA SER V 60 25.13 -114.23 -27.63
C SER V 60 25.80 -112.86 -27.74
N LYS V 61 27.00 -112.81 -28.32
CA LYS V 61 27.65 -111.53 -28.53
C LYS V 61 26.81 -110.66 -29.47
N ALA V 62 26.21 -111.27 -30.48
CA ALA V 62 25.29 -110.54 -31.34
C ALA V 62 24.09 -110.04 -30.55
N MET V 63 23.57 -110.85 -29.62
CA MET V 63 22.46 -110.39 -28.79
C MET V 63 22.85 -109.19 -27.96
N GLY V 64 24.06 -109.20 -27.39
CA GLY V 64 24.52 -108.04 -26.64
C GLY V 64 24.67 -106.81 -27.51
N ILE V 65 25.21 -106.99 -28.72
CA ILE V 65 25.33 -105.88 -29.65
C ILE V 65 23.97 -105.28 -29.94
N MET V 66 22.99 -106.16 -30.21
CA MET V 66 21.66 -105.72 -30.60
C MET V 66 20.94 -105.05 -29.43
N ASN V 67 21.16 -105.56 -28.22
CA ASN V 67 20.63 -104.89 -27.03
C ASN V 67 21.22 -103.50 -26.88
N SER V 68 22.53 -103.36 -27.07
CA SER V 68 23.16 -102.05 -26.99
C SER V 68 22.59 -101.10 -28.04
N PHE V 69 22.44 -101.59 -29.27
CA PHE V 69 21.89 -100.76 -30.34
C PHE V 69 20.48 -100.30 -29.99
N VAL V 70 19.64 -101.21 -29.51
CA VAL V 70 18.27 -100.84 -29.20
C VAL V 70 18.24 -99.84 -28.06
N ASN V 71 19.05 -100.04 -27.02
CA ASN V 71 19.07 -99.09 -25.91
C ASN V 71 19.52 -97.71 -26.38
N ASP V 72 20.54 -97.66 -27.25
CA ASP V 72 21.03 -96.38 -27.74
C ASP V 72 19.95 -95.67 -28.57
N ILE V 73 19.24 -96.41 -29.41
CA ILE V 73 18.19 -95.81 -30.21
C ILE V 73 17.07 -95.29 -29.31
N PHE V 74 16.69 -96.06 -28.30
CA PHE V 74 15.68 -95.60 -27.37
C PHE V 74 16.11 -94.33 -26.66
N GLU V 75 17.38 -94.26 -26.26
CA GLU V 75 17.90 -93.05 -25.64
C GLU V 75 17.81 -91.86 -26.59
N ARG V 76 18.21 -92.04 -27.85
CA ARG V 76 18.15 -90.95 -28.80
C ARG V 76 16.72 -90.45 -28.99
N ILE V 77 15.77 -91.39 -29.14
CA ILE V 77 14.38 -91.00 -29.39
C ILE V 77 13.78 -90.34 -28.15
N ALA V 78 14.10 -90.84 -26.96
CA ALA V 78 13.59 -90.22 -25.74
C ALA V 78 14.15 -88.81 -25.57
N GLY V 79 15.43 -88.61 -25.89
CA GLY V 79 15.98 -87.27 -25.87
C GLY V 79 15.32 -86.34 -26.87
N GLU V 80 15.04 -86.85 -28.07
CA GLU V 80 14.31 -86.04 -29.04
C GLU V 80 12.94 -85.64 -28.49
N ALA V 81 12.24 -86.59 -27.88
CA ALA V 81 10.93 -86.28 -27.29
C ALA V 81 11.08 -85.23 -26.19
N SER V 82 12.11 -85.35 -25.37
CA SER V 82 12.32 -84.39 -24.29
C SER V 82 12.56 -82.99 -24.84
N ARG V 83 13.39 -82.88 -25.87
CA ARG V 83 13.60 -81.57 -26.49
C ARG V 83 12.30 -81.03 -27.09
N LEU V 84 11.53 -81.89 -27.78
CA LEU V 84 10.29 -81.43 -28.37
C LEU V 84 9.33 -80.90 -27.31
N ALA V 85 9.22 -81.61 -26.19
CA ALA V 85 8.36 -81.15 -25.10
C ALA V 85 8.89 -79.83 -24.52
N HIS V 86 10.20 -79.72 -24.33
CA HIS V 86 10.77 -78.50 -23.76
C HIS V 86 10.50 -77.30 -24.65
N TYR V 87 10.67 -77.46 -25.96
CA TYR V 87 10.39 -76.38 -26.90
C TYR V 87 8.90 -76.21 -27.16
N ASN V 88 8.07 -77.15 -26.71
CA ASN V 88 6.62 -77.05 -26.82
C ASN V 88 5.99 -76.52 -25.55
N LYS V 89 6.75 -76.39 -24.46
CA LYS V 89 6.20 -75.93 -23.19
C LYS V 89 5.04 -76.80 -22.73
N ARG V 90 5.11 -78.09 -23.07
CA ARG V 90 4.10 -79.06 -22.69
C ARG V 90 4.79 -80.31 -22.17
N SER V 91 4.07 -81.05 -21.33
CA SER V 91 4.63 -82.24 -20.71
C SER V 91 3.85 -83.51 -21.04
N THR V 92 2.81 -83.43 -21.88
CA THR V 92 1.99 -84.58 -22.23
C THR V 92 2.49 -85.12 -23.57
N ILE V 93 3.20 -86.25 -23.52
CA ILE V 93 3.79 -86.84 -24.71
C ILE V 93 2.77 -87.78 -25.33
N THR V 94 2.21 -87.39 -26.47
CA THR V 94 1.38 -88.28 -27.26
C THR V 94 2.23 -88.93 -28.34
N SER V 95 1.61 -89.80 -29.13
CA SER V 95 2.32 -90.43 -30.24
C SER V 95 2.76 -89.43 -31.29
N ARG V 96 2.21 -88.21 -31.27
CA ARG V 96 2.66 -87.17 -32.20
C ARG V 96 4.12 -86.81 -31.96
N GLU V 97 4.51 -86.65 -30.68
CA GLU V 97 5.88 -86.29 -30.37
C GLU V 97 6.84 -87.40 -30.83
N ILE V 98 6.48 -88.65 -30.57
CA ILE V 98 7.35 -89.75 -30.98
C ILE V 98 7.38 -89.85 -32.50
N GLN V 99 6.27 -89.54 -33.17
CA GLN V 99 6.24 -89.62 -34.62
C GLN V 99 7.14 -88.56 -35.25
N THR V 100 7.08 -87.34 -34.73
CA THR V 100 7.99 -86.31 -35.24
C THR V 100 9.44 -86.65 -34.90
N ALA V 101 9.67 -87.26 -33.73
CA ALA V 101 11.03 -87.69 -33.39
C ALA V 101 11.54 -88.74 -34.36
N VAL V 102 10.68 -89.68 -34.76
CA VAL V 102 11.08 -90.68 -35.75
C VAL V 102 11.33 -90.02 -37.09
N ARG V 103 10.46 -89.09 -37.49
CA ARG V 103 10.64 -88.36 -38.74
C ARG V 103 11.96 -87.59 -38.76
N LEU V 104 12.42 -87.16 -37.59
CA LEU V 104 13.65 -86.38 -37.51
C LEU V 104 14.88 -87.29 -37.47
N LEU V 105 14.93 -88.18 -36.47
CA LEU V 105 16.15 -88.93 -36.20
C LEU V 105 16.51 -89.85 -37.36
N LEU V 106 15.59 -90.68 -37.81
CA LEU V 106 16.00 -91.64 -38.80
C LEU V 106 16.23 -90.98 -40.16
N PRO V 107 17.01 -91.61 -41.03
CA PRO V 107 17.15 -91.08 -42.40
C PRO V 107 15.80 -90.94 -43.08
N GLY V 108 15.79 -90.16 -44.15
CA GLY V 108 14.56 -89.81 -44.83
C GLY V 108 13.64 -91.00 -45.09
N GLU V 109 14.06 -91.90 -45.99
CA GLU V 109 13.21 -93.03 -46.34
C GLU V 109 12.98 -93.95 -45.16
N LEU V 110 14.03 -94.22 -44.38
CA LEU V 110 13.86 -95.03 -43.18
C LEU V 110 12.93 -94.35 -42.20
N ALA V 111 13.00 -93.01 -42.12
CA ALA V 111 12.08 -92.28 -41.26
C ALA V 111 10.64 -92.44 -41.73
N LYS V 112 10.39 -92.35 -43.03
CA LYS V 112 9.04 -92.55 -43.55
C LYS V 112 8.54 -93.95 -43.24
N HIS V 113 9.38 -94.96 -43.45
CA HIS V 113 8.96 -96.33 -43.17
C HIS V 113 8.68 -96.54 -41.69
N ALA V 114 9.52 -96.00 -40.81
CA ALA V 114 9.26 -96.11 -39.38
C ALA V 114 7.98 -95.37 -39.00
N VAL V 115 7.72 -94.24 -39.64
CA VAL V 115 6.46 -93.52 -39.39
C VAL V 115 5.28 -94.38 -39.78
N SER V 116 5.34 -95.03 -40.94
CA SER V 116 4.25 -95.89 -41.38
C SER V 116 4.04 -97.04 -40.39
N GLU V 117 5.13 -97.69 -39.99
CA GLU V 117 5.01 -98.79 -39.04
C GLU V 117 4.41 -98.33 -37.72
N GLY V 118 4.89 -97.20 -37.19
CA GLY V 118 4.39 -96.72 -35.92
C GLY V 118 2.94 -96.26 -36.00
N THR V 119 2.54 -95.63 -37.10
CA THR V 119 1.15 -95.22 -37.26
C THR V 119 0.24 -96.43 -37.35
N LYS V 120 0.64 -97.45 -38.11
CA LYS V 120 -0.15 -98.68 -38.15
C LYS V 120 -0.25 -99.32 -36.78
N ALA V 121 0.87 -99.35 -36.04
CA ALA V 121 0.84 -99.94 -34.70
C ALA V 121 -0.09 -99.16 -33.77
N VAL V 122 -0.04 -97.84 -33.83
CA VAL V 122 -0.87 -97.01 -32.96
C VAL V 122 -2.34 -97.22 -33.31
N THR V 123 -2.67 -97.25 -34.60
CA THR V 123 -4.06 -97.46 -34.99
C THR V 123 -4.53 -98.84 -34.56
N LYS V 124 -3.68 -99.86 -34.70
CA LYS V 124 -4.06 -101.21 -34.28
C LYS V 124 -4.24 -101.30 -32.77
N TYR V 125 -3.41 -100.59 -32.00
CA TYR V 125 -3.50 -100.63 -30.55
C TYR V 125 -4.66 -99.80 -30.03
N THR V 126 -5.08 -98.77 -30.76
CA THR V 126 -6.18 -97.92 -30.32
C THR V 126 -7.54 -98.43 -30.76
N SER V 127 -7.67 -98.91 -32.00
CA SER V 127 -8.95 -99.46 -32.45
C SER V 127 -9.35 -100.64 -31.59
N ALA V 128 -8.40 -101.55 -31.32
CA ALA V 128 -8.62 -102.63 -30.39
C ALA V 128 -8.24 -102.14 -28.98
N LYS V 129 -8.77 -102.79 -27.95
CA LYS V 129 -8.49 -102.38 -26.58
C LYS V 129 -7.07 -102.75 -26.19
N HIS W 43 61.32 -117.70 -53.93
CA HIS W 43 62.08 -116.57 -54.54
C HIS W 43 61.55 -115.22 -54.06
N ARG W 44 62.27 -114.15 -54.41
CA ARG W 44 61.96 -112.81 -53.95
C ARG W 44 60.80 -112.23 -54.75
N TYR W 45 59.80 -111.72 -54.04
CA TYR W 45 58.66 -111.08 -54.67
C TYR W 45 58.93 -109.59 -54.83
N ARG W 46 58.14 -108.92 -55.67
CA ARG W 46 58.30 -107.50 -55.91
C ARG W 46 57.65 -106.70 -54.79
N PRO W 47 58.04 -105.44 -54.61
CA PRO W 47 57.37 -104.61 -53.60
C PRO W 47 55.89 -104.48 -53.90
N GLY W 48 55.09 -104.51 -52.83
CA GLY W 48 53.66 -104.34 -52.91
C GLY W 48 52.89 -105.64 -52.98
N THR W 49 53.50 -106.72 -53.47
CA THR W 49 52.82 -108.00 -53.53
C THR W 49 52.37 -108.43 -52.14
N VAL W 50 53.32 -108.63 -51.24
CA VAL W 50 52.98 -109.05 -49.89
C VAL W 50 52.16 -107.97 -49.19
N ALA W 51 52.43 -106.69 -49.48
CA ALA W 51 51.69 -105.62 -48.84
C ALA W 51 50.20 -105.73 -49.16
N LEU W 52 49.85 -105.82 -50.44
CA LEU W 52 48.43 -105.92 -50.80
C LEU W 52 47.83 -107.24 -50.35
N ARG W 53 48.58 -108.34 -50.46
CA ARG W 53 48.05 -109.63 -50.03
C ARG W 53 47.72 -109.59 -48.55
N GLU W 54 48.58 -108.98 -47.74
CA GLU W 54 48.34 -108.85 -46.31
C GLU W 54 47.23 -107.87 -45.99
N ILE W 55 47.08 -106.80 -46.77
CA ILE W 55 45.94 -105.91 -46.59
C ILE W 55 44.64 -106.66 -46.79
N ARG W 56 44.58 -107.48 -47.86
CA ARG W 56 43.39 -108.30 -48.08
C ARG W 56 43.20 -109.31 -46.95
N ARG W 57 44.29 -109.93 -46.50
CA ARG W 57 44.22 -110.96 -45.48
C ARG W 57 43.88 -110.41 -44.10
N TYR W 58 44.05 -109.11 -43.89
CA TYR W 58 43.77 -108.48 -42.60
C TYR W 58 42.51 -107.61 -42.64
N GLN W 59 41.83 -107.54 -43.79
CA GLN W 59 40.55 -106.85 -43.90
C GLN W 59 39.39 -107.83 -43.90
N LYS W 60 39.61 -109.07 -43.46
CA LYS W 60 38.58 -110.09 -43.34
C LYS W 60 38.35 -110.53 -41.91
N SER W 61 39.40 -110.70 -41.12
CA SER W 61 39.30 -111.11 -39.73
C SER W 61 39.30 -109.88 -38.83
N THR W 62 38.47 -109.91 -37.78
CA THR W 62 38.32 -108.78 -36.88
C THR W 62 39.06 -108.96 -35.56
N GLU W 63 39.94 -109.96 -35.45
CA GLU W 63 40.66 -110.18 -34.21
C GLU W 63 41.68 -109.07 -33.95
N LEU W 64 41.92 -108.80 -32.68
CA LEU W 64 42.80 -107.71 -32.28
C LEU W 64 44.23 -107.96 -32.77
N LEU W 65 44.93 -106.87 -33.10
CA LEU W 65 46.34 -106.90 -33.45
C LEU W 65 47.24 -106.50 -32.30
N ILE W 66 46.93 -105.40 -31.61
CA ILE W 66 47.64 -105.04 -30.39
C ILE W 66 47.24 -106.03 -29.31
N ARG W 67 48.19 -106.83 -28.84
CA ARG W 67 47.89 -107.96 -27.98
C ARG W 67 47.61 -107.50 -26.55
N LYS W 68 47.49 -108.47 -25.65
CA LYS W 68 46.84 -108.22 -24.36
C LYS W 68 47.79 -107.62 -23.33
N LEU W 69 48.84 -108.36 -22.96
CA LEU W 69 49.67 -107.98 -21.82
C LEU W 69 50.40 -106.65 -22.03
N PRO W 70 51.01 -106.42 -23.19
CA PRO W 70 51.73 -105.15 -23.37
C PRO W 70 50.81 -103.93 -23.27
N PHE W 71 49.65 -103.99 -23.91
CA PHE W 71 48.71 -102.86 -23.82
C PHE W 71 48.12 -102.74 -22.42
N GLN W 72 47.92 -103.87 -21.73
CA GLN W 72 47.57 -103.83 -20.32
C GLN W 72 48.59 -103.03 -19.54
N ARG W 73 49.87 -103.34 -19.71
CA ARG W 73 50.90 -102.64 -18.96
C ARG W 73 50.93 -101.15 -19.33
N LEU W 74 50.80 -100.85 -20.63
CA LEU W 74 50.83 -99.44 -21.04
C LEU W 74 49.65 -98.66 -20.47
N VAL W 75 48.45 -99.25 -20.50
CA VAL W 75 47.28 -98.57 -19.95
C VAL W 75 47.43 -98.40 -18.44
N ARG W 76 47.93 -99.42 -17.75
CA ARG W 76 48.19 -99.30 -16.33
C ARG W 76 49.16 -98.16 -16.06
N GLU W 77 50.18 -98.02 -16.91
CA GLU W 77 51.09 -96.89 -16.81
C GLU W 77 50.34 -95.57 -17.00
N ILE W 78 49.47 -95.51 -18.01
CA ILE W 78 48.71 -94.29 -18.25
C ILE W 78 47.69 -94.07 -17.15
N ALA W 79 47.00 -95.15 -16.74
CA ALA W 79 46.08 -95.06 -15.61
C ALA W 79 46.82 -94.94 -14.28
N GLN W 80 48.13 -95.16 -14.27
CA GLN W 80 48.91 -94.97 -13.04
C GLN W 80 48.96 -93.50 -12.66
N ASP W 81 48.67 -92.61 -13.61
CA ASP W 81 48.86 -91.16 -13.42
C ASP W 81 47.62 -90.48 -12.84
N PHE W 82 46.58 -91.24 -12.51
CA PHE W 82 45.34 -90.67 -12.01
C PHE W 82 45.04 -91.04 -10.57
N LYS W 83 45.07 -92.33 -10.24
CA LYS W 83 44.94 -92.76 -8.85
C LYS W 83 45.78 -94.00 -8.62
N THR W 84 46.15 -94.22 -7.36
CA THR W 84 47.12 -95.24 -7.02
C THR W 84 46.47 -96.61 -6.88
N ASP W 85 47.11 -97.63 -7.44
CA ASP W 85 46.75 -99.03 -7.24
C ASP W 85 45.26 -99.26 -7.53
N LEU W 86 44.89 -99.02 -8.78
CA LEU W 86 43.54 -99.27 -9.24
C LEU W 86 43.44 -100.65 -9.89
N ARG W 87 42.66 -101.53 -9.29
CA ARG W 87 42.31 -102.78 -9.95
C ARG W 87 41.49 -102.49 -11.21
N PHE W 88 41.78 -103.24 -12.27
CA PHE W 88 41.20 -103.01 -13.58
C PHE W 88 40.42 -104.23 -14.01
N GLN W 89 39.19 -104.02 -14.48
CA GLN W 89 38.40 -105.10 -15.04
C GLN W 89 38.85 -105.40 -16.46
N SER W 90 38.79 -106.69 -16.82
CA SER W 90 39.18 -107.11 -18.15
C SER W 90 38.33 -106.47 -19.24
N ALA W 91 37.04 -106.26 -18.98
CA ALA W 91 36.17 -105.64 -19.97
C ALA W 91 36.62 -104.22 -20.29
N ALA W 92 37.07 -103.47 -19.28
CA ALA W 92 37.55 -102.12 -19.52
C ALA W 92 38.79 -102.14 -20.42
N ILE W 93 39.73 -103.04 -20.15
CA ILE W 93 40.93 -103.13 -20.96
C ILE W 93 40.57 -103.50 -22.39
N GLY W 94 39.67 -104.46 -22.57
CA GLY W 94 39.25 -104.86 -23.91
C GLY W 94 38.55 -103.73 -24.65
N ALA W 95 37.67 -103.01 -23.96
CA ALA W 95 36.99 -101.88 -24.59
C ALA W 95 37.97 -100.81 -25.03
N LEU W 96 38.94 -100.48 -24.17
CA LEU W 96 39.94 -99.47 -24.54
C LEU W 96 40.80 -99.96 -25.71
N GLN W 97 41.17 -101.24 -25.72
CA GLN W 97 41.94 -101.78 -26.82
C GLN W 97 41.17 -101.68 -28.14
N GLU W 98 39.90 -102.09 -28.12
CA GLU W 98 39.08 -102.01 -29.34
C GLU W 98 38.93 -100.57 -29.79
N ALA W 99 38.70 -99.65 -28.85
CA ALA W 99 38.56 -98.24 -29.21
C ALA W 99 39.83 -97.71 -29.84
N SER W 100 40.98 -98.01 -29.24
CA SER W 100 42.25 -97.56 -29.79
C SER W 100 42.44 -98.08 -31.21
N GLU W 101 42.21 -99.38 -31.41
CA GLU W 101 42.45 -99.96 -32.73
C GLU W 101 41.47 -99.41 -33.77
N ALA W 102 40.20 -99.23 -33.42
CA ALA W 102 39.24 -98.71 -34.37
C ALA W 102 39.54 -97.25 -34.72
N TYR W 103 39.88 -96.44 -33.72
CA TYR W 103 40.20 -95.04 -34.00
C TYR W 103 41.47 -94.95 -34.84
N LEU W 104 42.45 -95.81 -34.58
CA LEU W 104 43.64 -95.86 -35.43
C LEU W 104 43.30 -96.29 -36.85
N VAL W 105 42.39 -97.25 -37.02
CA VAL W 105 41.99 -97.65 -38.38
C VAL W 105 41.37 -96.47 -39.11
N GLY W 106 40.48 -95.74 -38.44
CA GLY W 106 39.86 -94.58 -39.07
C GLY W 106 40.87 -93.49 -39.40
N LEU W 107 41.73 -93.16 -38.44
CA LEU W 107 42.75 -92.15 -38.66
C LEU W 107 43.68 -92.56 -39.80
N PHE W 108 43.97 -93.86 -39.91
CA PHE W 108 44.86 -94.33 -40.96
C PHE W 108 44.19 -94.30 -42.32
N GLU W 109 42.89 -94.58 -42.38
CA GLU W 109 42.16 -94.40 -43.63
C GLU W 109 42.21 -92.94 -44.06
N ASP W 110 41.98 -92.01 -43.12
CA ASP W 110 42.06 -90.60 -43.45
C ASP W 110 43.48 -90.21 -43.88
N THR W 111 44.49 -90.75 -43.22
CA THR W 111 45.88 -90.42 -43.57
C THR W 111 46.22 -90.94 -44.97
N ASN W 112 45.79 -92.16 -45.29
CA ASN W 112 46.01 -92.71 -46.62
C ASN W 112 45.30 -91.88 -47.68
N LEU W 113 44.07 -91.44 -47.40
CA LEU W 113 43.36 -90.58 -48.33
C LEU W 113 44.10 -89.26 -48.52
N CYS W 114 44.63 -88.69 -47.44
CA CYS W 114 45.42 -87.47 -47.55
C CYS W 114 46.64 -87.69 -48.42
N ALA W 115 47.37 -88.78 -48.19
CA ALA W 115 48.57 -89.06 -48.95
C ALA W 115 48.27 -89.29 -50.43
N ILE W 116 47.19 -90.01 -50.74
CA ILE W 116 46.84 -90.26 -52.13
C ILE W 116 46.38 -88.98 -52.81
N HIS W 117 45.66 -88.12 -52.09
CA HIS W 117 45.21 -86.86 -52.67
C HIS W 117 46.39 -86.00 -53.13
N ALA W 118 47.43 -85.89 -52.30
CA ALA W 118 48.55 -85.01 -52.57
C ALA W 118 49.53 -85.59 -53.59
N LYS W 119 49.12 -86.59 -54.35
CA LYS W 119 49.94 -87.18 -55.40
C LYS W 119 51.18 -87.85 -54.80
N ARG W 120 50.94 -88.80 -53.89
CA ARG W 120 51.98 -89.57 -53.23
C ARG W 120 51.44 -90.95 -52.87
N VAL W 121 52.34 -91.88 -52.62
CA VAL W 121 51.98 -93.25 -52.31
C VAL W 121 52.40 -93.67 -50.91
N THR W 122 53.41 -93.02 -50.32
CA THR W 122 53.91 -93.35 -49.00
C THR W 122 53.50 -92.27 -48.00
N ILE W 123 52.88 -92.69 -46.90
CA ILE W 123 52.41 -91.73 -45.91
C ILE W 123 53.60 -91.12 -45.17
N MET W 124 53.39 -89.91 -44.65
CA MET W 124 54.39 -89.21 -43.87
C MET W 124 53.68 -88.48 -42.73
N PRO W 125 54.41 -88.09 -41.68
CA PRO W 125 53.74 -87.53 -40.49
C PRO W 125 52.87 -86.32 -40.79
N LYS W 126 53.24 -85.47 -41.75
CA LYS W 126 52.42 -84.31 -42.05
C LYS W 126 51.04 -84.69 -42.56
N ASP W 127 50.90 -85.85 -43.21
CA ASP W 127 49.57 -86.29 -43.62
C ASP W 127 48.69 -86.57 -42.40
N ILE W 128 49.24 -87.24 -41.39
CA ILE W 128 48.48 -87.48 -40.17
C ILE W 128 48.19 -86.16 -39.46
N GLN W 129 49.14 -85.23 -39.50
CA GLN W 129 48.90 -83.92 -38.92
C GLN W 129 47.72 -83.23 -39.59
N LEU W 130 47.68 -83.27 -40.92
CA LEU W 130 46.58 -82.65 -41.65
C LEU W 130 45.26 -83.35 -41.33
N ALA W 131 45.28 -84.68 -41.25
CA ALA W 131 44.05 -85.41 -40.92
C ALA W 131 43.52 -85.02 -39.55
N ARG W 132 44.41 -84.96 -38.54
CA ARG W 132 43.96 -84.58 -37.21
C ARG W 132 43.53 -83.11 -37.15
N ARG W 133 44.23 -82.23 -37.87
CA ARG W 133 43.83 -80.83 -37.93
C ARG W 133 42.44 -80.69 -38.54
N ILE W 134 42.15 -81.43 -39.61
CA ILE W 134 40.83 -81.40 -40.21
C ILE W 134 39.79 -81.94 -39.24
N ARG W 135 40.12 -83.04 -38.56
CA ARG W 135 39.19 -83.59 -37.57
C ARG W 135 39.04 -82.69 -36.35
N GLY W 136 39.92 -81.70 -36.18
CA GLY W 136 39.71 -80.68 -35.17
C GLY W 136 40.21 -81.01 -33.78
N GLU W 137 40.79 -82.19 -33.57
CA GLU W 137 41.31 -82.52 -32.25
C GLU W 137 42.39 -81.53 -31.84
N ARG W 138 43.28 -81.18 -32.77
CA ARG W 138 44.30 -80.17 -32.53
C ARG W 138 43.68 -78.79 -32.69
N ALA W 139 43.33 -78.16 -31.57
CA ALA W 139 42.62 -76.88 -31.58
C ALA W 139 43.28 -75.87 -32.51
N ASN X 29 57.01 -100.18 -21.51
CA ASN X 29 56.14 -98.99 -21.35
C ASN X 29 55.42 -98.65 -22.66
N ILE X 30 55.92 -97.64 -23.38
CA ILE X 30 55.30 -97.24 -24.63
C ILE X 30 55.81 -98.06 -25.80
N GLN X 31 56.93 -98.77 -25.63
CA GLN X 31 57.50 -99.60 -26.68
C GLN X 31 56.73 -100.89 -26.88
N GLY X 32 55.70 -101.14 -26.07
CA GLY X 32 54.88 -102.33 -26.24
C GLY X 32 54.10 -102.34 -27.54
N ILE X 33 53.91 -101.18 -28.15
CA ILE X 33 53.33 -101.09 -29.48
C ILE X 33 54.46 -101.31 -30.48
N THR X 34 54.71 -102.57 -30.82
CA THR X 34 55.84 -102.92 -31.67
C THR X 34 55.63 -102.41 -33.08
N LYS X 35 56.74 -102.17 -33.77
CA LYS X 35 56.70 -101.72 -35.16
C LYS X 35 55.85 -102.64 -36.04
N PRO X 36 55.99 -103.97 -36.00
CA PRO X 36 55.07 -104.82 -36.77
C PRO X 36 53.61 -104.65 -36.38
N ALA X 37 53.31 -104.39 -35.10
CA ALA X 37 51.93 -104.12 -34.72
C ALA X 37 51.40 -102.87 -35.41
N ILE X 38 52.21 -101.81 -35.45
CA ILE X 38 51.79 -100.59 -36.14
C ILE X 38 51.65 -100.85 -37.63
N ARG X 39 52.53 -101.68 -38.19
CA ARG X 39 52.42 -102.01 -39.60
C ARG X 39 51.12 -102.73 -39.90
N ARG X 40 50.74 -103.68 -39.05
CA ARG X 40 49.47 -104.39 -39.25
C ARG X 40 48.29 -103.45 -39.07
N LEU X 41 48.37 -102.54 -38.10
CA LEU X 41 47.30 -101.57 -37.91
C LEU X 41 47.13 -100.69 -39.14
N ALA X 42 48.24 -100.19 -39.70
CA ALA X 42 48.15 -99.40 -40.92
C ALA X 42 47.66 -100.23 -42.09
N ARG X 43 48.07 -101.50 -42.17
CA ARG X 43 47.62 -102.38 -43.24
C ARG X 43 46.10 -102.53 -43.20
N ARG X 44 45.53 -102.73 -42.01
CA ARG X 44 44.08 -102.68 -41.89
C ARG X 44 43.55 -101.28 -42.19
N GLY X 45 44.37 -100.25 -41.96
CA GLY X 45 43.98 -98.90 -42.28
C GLY X 45 44.00 -98.58 -43.77
N GLY X 46 44.58 -99.46 -44.57
CA GLY X 46 44.61 -99.29 -46.01
C GLY X 46 45.84 -98.59 -46.56
N VAL X 47 46.88 -98.38 -45.75
CA VAL X 47 48.09 -97.72 -46.19
C VAL X 47 49.03 -98.77 -46.75
N LYS X 48 49.56 -98.52 -47.95
CA LYS X 48 50.41 -99.51 -48.61
C LYS X 48 51.87 -99.39 -48.19
N ARG X 49 52.41 -98.17 -48.14
CA ARG X 49 53.80 -97.95 -47.76
C ARG X 49 53.84 -96.94 -46.61
N ILE X 50 54.70 -97.21 -45.64
CA ILE X 50 54.72 -96.47 -44.37
C ILE X 50 56.08 -95.82 -44.20
N SER X 51 56.09 -94.60 -43.66
CA SER X 51 57.33 -93.88 -43.38
C SER X 51 57.87 -94.28 -42.00
N GLY X 52 58.87 -93.54 -41.52
CA GLY X 52 59.56 -93.91 -40.29
C GLY X 52 59.06 -93.18 -39.06
N LEU X 53 58.73 -91.89 -39.20
CA LEU X 53 58.26 -91.09 -38.08
C LEU X 53 56.76 -91.24 -37.85
N ILE X 54 56.08 -92.07 -38.65
CA ILE X 54 54.66 -92.33 -38.43
C ILE X 54 54.44 -92.99 -37.07
N TYR X 55 55.38 -93.84 -36.64
CA TYR X 55 55.17 -94.65 -35.45
C TYR X 55 55.10 -93.79 -34.20
N GLU X 56 55.98 -92.80 -34.09
CA GLU X 56 55.98 -91.94 -32.90
C GLU X 56 54.79 -90.99 -32.91
N GLU X 57 54.38 -90.53 -34.09
CA GLU X 57 53.15 -89.75 -34.18
C GLU X 57 51.95 -90.58 -33.73
N THR X 58 51.89 -91.85 -34.14
CA THR X 58 50.83 -92.74 -33.70
C THR X 58 50.86 -92.93 -32.19
N ARG X 59 52.07 -93.13 -31.63
CA ARG X 59 52.19 -93.26 -30.18
C ARG X 59 51.68 -92.01 -29.47
N GLY X 60 52.05 -90.83 -29.95
CA GLY X 60 51.60 -89.61 -29.30
C GLY X 60 50.09 -89.42 -29.38
N VAL X 61 49.51 -89.64 -30.56
CA VAL X 61 48.08 -89.46 -30.71
C VAL X 61 47.33 -90.47 -29.86
N LEU X 62 47.78 -91.73 -29.86
CA LEU X 62 47.15 -92.75 -29.02
C LEU X 62 47.27 -92.39 -27.55
N LYS X 63 48.43 -91.84 -27.14
CA LYS X 63 48.60 -91.44 -25.76
C LYS X 63 47.62 -90.33 -25.39
N VAL X 64 47.42 -89.36 -26.28
CA VAL X 64 46.46 -88.30 -26.00
C VAL X 64 45.05 -88.87 -25.87
N PHE X 65 44.66 -89.73 -26.80
CA PHE X 65 43.32 -90.31 -26.75
C PHE X 65 43.11 -91.11 -25.49
N LEU X 66 44.05 -92.01 -25.16
CA LEU X 66 43.91 -92.82 -23.97
C LEU X 66 43.98 -91.97 -22.70
N GLU X 67 44.76 -90.90 -22.71
CA GLU X 67 44.79 -90.00 -21.56
C GLU X 67 43.41 -89.40 -21.32
N ASN X 68 42.80 -88.86 -22.37
CA ASN X 68 41.47 -88.28 -22.19
C ASN X 68 40.46 -89.33 -21.74
N VAL X 69 40.47 -90.49 -22.40
CA VAL X 69 39.49 -91.53 -22.09
C VAL X 69 39.65 -92.03 -20.66
N ILE X 70 40.90 -92.27 -20.24
CA ILE X 70 41.15 -92.75 -18.90
C ILE X 70 40.82 -91.68 -17.87
N ARG X 71 41.10 -90.41 -18.19
CA ARG X 71 40.73 -89.35 -17.26
C ARG X 71 39.22 -89.35 -17.03
N ASP X 72 38.45 -89.43 -18.10
CA ASP X 72 37.00 -89.44 -17.94
C ASP X 72 36.52 -90.68 -17.20
N ALA X 73 37.05 -91.86 -17.56
CA ALA X 73 36.60 -93.10 -16.94
C ALA X 73 36.96 -93.12 -15.45
N VAL X 74 38.15 -92.63 -15.09
CA VAL X 74 38.53 -92.55 -13.69
C VAL X 74 37.72 -91.50 -12.96
N THR X 75 37.32 -90.42 -13.62
CA THR X 75 36.39 -89.48 -12.99
C THR X 75 35.08 -90.18 -12.65
N TYR X 76 34.56 -90.97 -13.59
CA TYR X 76 33.35 -91.74 -13.30
C TYR X 76 33.57 -92.71 -12.14
N THR X 77 34.68 -93.45 -12.16
CA THR X 77 34.95 -94.42 -11.11
C THR X 77 35.10 -93.74 -9.75
N GLU X 78 35.71 -92.55 -9.74
CA GLU X 78 35.87 -91.82 -8.49
C GLU X 78 34.55 -91.31 -7.95
N HIS X 79 33.71 -90.71 -8.80
CA HIS X 79 32.40 -90.33 -8.30
C HIS X 79 31.58 -91.53 -7.86
N ALA X 80 31.79 -92.69 -8.49
CA ALA X 80 31.15 -93.92 -8.06
C ALA X 80 31.62 -94.38 -6.68
N LYS X 81 32.71 -93.81 -6.18
CA LYS X 81 33.21 -94.11 -4.84
C LYS X 81 33.75 -95.54 -4.74
N ARG X 82 34.44 -95.98 -5.80
CA ARG X 82 34.99 -97.32 -5.85
C ARG X 82 36.39 -97.27 -6.45
N LYS X 83 37.19 -98.29 -6.13
CA LYS X 83 38.59 -98.35 -6.52
C LYS X 83 38.81 -99.06 -7.86
N THR X 84 37.78 -99.68 -8.43
CA THR X 84 37.91 -100.47 -9.64
C THR X 84 37.18 -99.79 -10.79
N VAL X 85 37.85 -99.66 -11.93
CA VAL X 85 37.25 -99.05 -13.10
C VAL X 85 36.35 -100.06 -13.78
N THR X 86 35.14 -99.63 -14.13
CA THR X 86 34.16 -100.51 -14.74
C THR X 86 34.14 -100.32 -16.26
N ALA X 87 33.59 -101.33 -16.95
CA ALA X 87 33.40 -101.23 -18.39
C ALA X 87 32.25 -100.29 -18.72
N MET X 88 31.21 -100.27 -17.88
CA MET X 88 30.16 -99.25 -18.02
C MET X 88 30.73 -97.84 -17.92
N ASP X 89 31.67 -97.61 -17.00
CA ASP X 89 32.33 -96.31 -16.94
C ASP X 89 33.06 -96.01 -18.23
N VAL X 90 33.76 -97.00 -18.78
CA VAL X 90 34.49 -96.79 -20.05
C VAL X 90 33.51 -96.42 -21.16
N VAL X 91 32.40 -97.15 -21.26
CA VAL X 91 31.44 -96.91 -22.33
C VAL X 91 30.85 -95.52 -22.19
N TYR X 92 30.49 -95.13 -20.97
CA TYR X 92 29.93 -93.80 -20.78
C TYR X 92 30.96 -92.68 -21.00
N ALA X 93 32.21 -92.92 -20.65
CA ALA X 93 33.24 -91.93 -20.94
C ALA X 93 33.42 -91.75 -22.45
N LEU X 94 33.42 -92.85 -23.19
CA LEU X 94 33.51 -92.76 -24.65
C LEU X 94 32.25 -92.11 -25.23
N LYS X 95 31.10 -92.34 -24.61
CA LYS X 95 29.88 -91.64 -25.03
C LYS X 95 30.03 -90.14 -24.83
N ARG X 96 30.59 -89.73 -23.70
CA ARG X 96 30.90 -88.32 -23.51
C ARG X 96 31.81 -87.82 -24.63
N GLN X 97 32.76 -88.66 -25.07
CA GLN X 97 33.62 -88.32 -26.20
C GLN X 97 32.87 -88.29 -27.52
N GLY X 98 31.62 -88.76 -27.55
CA GLY X 98 30.93 -88.92 -28.81
C GLY X 98 31.33 -90.16 -29.56
N ARG X 99 32.00 -91.11 -28.90
CA ARG X 99 32.56 -92.29 -29.52
C ARG X 99 32.02 -93.55 -28.87
N THR X 100 30.71 -93.56 -28.65
CA THR X 100 30.06 -94.69 -27.98
C THR X 100 30.38 -96.00 -28.69
N LEU X 101 30.23 -97.10 -27.96
CA LEU X 101 30.54 -98.44 -28.47
C LEU X 101 29.40 -99.39 -28.13
N TYR X 102 29.03 -100.23 -29.09
CA TYR X 102 28.00 -101.23 -28.89
C TYR X 102 28.64 -102.54 -28.43
N GLY X 103 27.81 -103.56 -28.18
CA GLY X 103 28.30 -104.89 -27.90
C GLY X 103 28.48 -105.24 -26.44
N PHE X 104 28.39 -104.26 -25.54
CA PHE X 104 28.75 -104.46 -24.14
C PHE X 104 27.68 -103.95 -23.18
N GLY X 105 26.43 -103.87 -23.63
CA GLY X 105 25.35 -103.42 -22.77
C GLY X 105 25.54 -102.01 -22.26
N GLY X 106 25.95 -101.10 -23.14
CA GLY X 106 26.15 -99.72 -22.77
C GLY X 106 24.88 -98.90 -22.91
N ALA Y 18 21.60 -61.78 6.37
CA ALA Y 18 21.39 -61.85 4.89
C ALA Y 18 20.15 -62.68 4.57
N LYS Y 19 19.09 -62.02 4.10
CA LYS Y 19 17.87 -62.74 3.73
C LYS Y 19 18.07 -63.55 2.46
N THR Y 20 18.34 -62.88 1.35
CA THR Y 20 18.45 -63.57 0.07
C THR Y 20 19.66 -64.50 0.07
N ARG Y 21 19.47 -65.70 -0.48
CA ARG Y 21 20.57 -66.66 -0.56
C ARG Y 21 21.75 -66.14 -1.37
N SER Y 22 21.51 -65.21 -2.29
CA SER Y 22 22.61 -64.62 -3.04
C SER Y 22 23.57 -63.91 -2.09
N SER Y 23 23.03 -63.13 -1.15
CA SER Y 23 23.88 -62.49 -0.14
C SER Y 23 24.53 -63.51 0.78
N ARG Y 24 23.77 -64.53 1.21
CA ARG Y 24 24.32 -65.55 2.09
C ARG Y 24 25.47 -66.32 1.45
N ALA Y 25 25.46 -66.47 0.13
CA ALA Y 25 26.57 -67.06 -0.59
C ALA Y 25 27.51 -66.03 -1.19
N GLY Y 26 27.12 -64.76 -1.19
CA GLY Y 26 27.99 -63.70 -1.66
C GLY Y 26 28.15 -63.64 -3.15
N LEU Y 27 27.28 -64.29 -3.91
CA LEU Y 27 27.34 -64.29 -5.36
C LEU Y 27 26.22 -63.42 -5.92
N GLN Y 28 26.35 -63.08 -7.20
CA GLN Y 28 25.39 -62.19 -7.87
C GLN Y 28 24.31 -62.92 -8.63
N PHE Y 29 24.62 -64.06 -9.24
CA PHE Y 29 23.60 -64.81 -9.94
C PHE Y 29 22.56 -65.28 -8.94
N PRO Y 30 21.27 -65.19 -9.23
CA PRO Y 30 20.26 -65.60 -8.25
C PRO Y 30 20.24 -67.12 -8.10
N VAL Y 31 20.79 -67.60 -6.99
CA VAL Y 31 20.74 -69.03 -6.72
C VAL Y 31 19.29 -69.48 -6.63
N GLY Y 32 18.39 -68.59 -6.24
CA GLY Y 32 16.98 -68.93 -6.25
C GLY Y 32 16.49 -69.30 -7.63
N ARG Y 33 16.89 -68.53 -8.65
CA ARG Y 33 16.47 -68.86 -10.01
C ARG Y 33 17.11 -70.14 -10.51
N VAL Y 34 18.35 -70.41 -10.10
CA VAL Y 34 18.97 -71.69 -10.47
C VAL Y 34 18.17 -72.84 -9.85
N HIS Y 35 17.80 -72.70 -8.57
CA HIS Y 35 17.00 -73.73 -7.92
C HIS Y 35 15.67 -73.91 -8.63
N ARG Y 36 15.01 -72.80 -8.99
CA ARG Y 36 13.73 -72.88 -9.68
C ARG Y 36 13.87 -73.58 -11.03
N LEU Y 37 14.87 -73.20 -11.81
CA LEU Y 37 15.07 -73.80 -13.13
C LEU Y 37 15.39 -75.29 -13.01
N LEU Y 38 16.18 -75.67 -12.01
CA LEU Y 38 16.53 -77.08 -11.85
C LEU Y 38 15.34 -77.90 -11.38
N ARG Y 39 14.44 -77.30 -10.60
CA ARG Y 39 13.24 -78.03 -10.17
C ARG Y 39 12.43 -78.49 -11.36
N LYS Y 40 12.14 -77.58 -12.28
CA LYS Y 40 11.49 -77.92 -13.55
C LYS Y 40 12.54 -78.28 -14.59
N GLY Y 41 13.40 -79.22 -14.20
CA GLY Y 41 14.53 -79.61 -15.01
C GLY Y 41 14.52 -81.07 -15.39
N ASN Y 42 13.70 -81.87 -14.70
CA ASN Y 42 13.59 -83.30 -14.98
C ASN Y 42 14.97 -83.96 -14.93
N TYR Y 43 15.82 -83.45 -14.04
CA TYR Y 43 17.19 -83.94 -13.89
C TYR Y 43 17.30 -84.95 -12.77
N SER Y 44 16.47 -84.84 -11.74
CA SER Y 44 16.45 -85.79 -10.63
C SER Y 44 15.15 -85.56 -9.85
N GLU Y 45 14.81 -86.50 -8.97
CA GLU Y 45 13.61 -86.39 -8.16
C GLU Y 45 13.72 -85.27 -7.12
N ARG Y 46 14.94 -84.95 -6.71
CA ARG Y 46 15.18 -83.97 -5.67
C ARG Y 46 16.38 -83.09 -6.05
N VAL Y 47 16.35 -81.85 -5.58
CA VAL Y 47 17.32 -80.83 -5.96
C VAL Y 47 18.04 -80.34 -4.69
N GLY Y 48 19.33 -80.63 -4.61
CA GLY Y 48 20.08 -80.35 -3.41
C GLY Y 48 20.10 -78.87 -3.07
N ALA Y 49 20.47 -78.59 -1.82
CA ALA Y 49 20.63 -77.22 -1.34
C ALA Y 49 22.03 -76.69 -1.50
N GLY Y 50 22.98 -77.53 -1.91
CA GLY Y 50 24.34 -77.08 -2.16
C GLY Y 50 24.65 -77.07 -3.65
N ALA Y 51 23.93 -77.89 -4.41
CA ALA Y 51 24.12 -77.91 -5.86
C ALA Y 51 23.80 -76.57 -6.51
N PRO Y 52 22.70 -75.88 -6.18
CA PRO Y 52 22.47 -74.56 -6.78
C PRO Y 52 23.59 -73.58 -6.52
N VAL Y 53 24.13 -73.55 -5.31
CA VAL Y 53 25.26 -72.66 -5.02
C VAL Y 53 26.46 -73.04 -5.87
N TYR Y 54 26.72 -74.34 -5.97
CA TYR Y 54 27.86 -74.80 -6.77
C TYR Y 54 27.72 -74.39 -8.23
N LEU Y 55 26.56 -74.60 -8.81
CA LEU Y 55 26.35 -74.21 -10.20
C LEU Y 55 26.46 -72.71 -10.37
N ALA Y 56 25.89 -71.93 -9.44
CA ALA Y 56 25.99 -70.49 -9.52
C ALA Y 56 27.44 -70.03 -9.49
N ALA Y 57 28.24 -70.58 -8.58
CA ALA Y 57 29.65 -70.20 -8.50
C ALA Y 57 30.40 -70.59 -9.75
N VAL Y 58 30.16 -71.81 -10.27
CA VAL Y 58 30.85 -72.25 -11.48
C VAL Y 58 30.53 -71.32 -12.64
N LEU Y 59 29.24 -71.02 -12.84
CA LEU Y 59 28.84 -70.18 -13.95
C LEU Y 59 29.38 -68.76 -13.79
N GLU Y 60 29.36 -68.24 -12.56
CA GLU Y 60 29.92 -66.90 -12.32
C GLU Y 60 31.40 -66.86 -12.66
N TYR Y 61 32.15 -67.88 -12.23
CA TYR Y 61 33.57 -67.91 -12.55
C TYR Y 61 33.81 -67.98 -14.05
N LEU Y 62 33.04 -68.83 -14.75
CA LEU Y 62 33.23 -68.94 -16.19
C LEU Y 62 32.91 -67.62 -16.89
N THR Y 63 31.83 -66.96 -16.47
CA THR Y 63 31.47 -65.67 -17.05
C THR Y 63 32.57 -64.64 -16.79
N ALA Y 64 33.12 -64.62 -15.57
CA ALA Y 64 34.21 -63.69 -15.28
C ALA Y 64 35.44 -64.02 -16.13
N GLU Y 65 35.75 -65.30 -16.29
CA GLU Y 65 36.87 -65.71 -17.11
C GLU Y 65 36.72 -65.18 -18.53
N ILE Y 66 35.55 -65.36 -19.14
CA ILE Y 66 35.35 -64.88 -20.49
C ILE Y 66 35.38 -63.35 -20.55
N LEU Y 67 34.76 -62.70 -19.56
CA LEU Y 67 34.76 -61.23 -19.53
C LEU Y 67 36.15 -60.65 -19.40
N GLU Y 68 37.06 -61.35 -18.72
CA GLU Y 68 38.42 -60.84 -18.60
C GLU Y 68 39.06 -60.68 -19.97
N LEU Y 69 39.02 -61.73 -20.78
CA LEU Y 69 39.60 -61.66 -22.12
C LEU Y 69 38.79 -60.75 -23.04
N ALA Y 70 37.46 -60.66 -22.82
CA ALA Y 70 36.67 -59.71 -23.60
C ALA Y 70 37.11 -58.27 -23.32
N GLY Y 71 37.34 -57.94 -22.06
CA GLY Y 71 37.86 -56.63 -21.72
C GLY Y 71 39.26 -56.42 -22.24
N ASN Y 72 40.07 -57.47 -22.25
CA ASN Y 72 41.39 -57.37 -22.87
C ASN Y 72 41.28 -57.00 -24.34
N ALA Y 73 40.39 -57.67 -25.07
CA ALA Y 73 40.18 -57.34 -26.46
C ALA Y 73 39.69 -55.90 -26.63
N ALA Y 74 38.76 -55.47 -25.77
CA ALA Y 74 38.28 -54.10 -25.84
C ALA Y 74 39.39 -53.10 -25.54
N ARG Y 75 40.37 -53.50 -24.71
CA ARG Y 75 41.50 -52.65 -24.40
C ARG Y 75 42.48 -52.58 -25.57
N ASP Y 76 42.62 -53.66 -26.32
CA ASP Y 76 43.56 -53.66 -27.44
C ASP Y 76 43.21 -52.60 -28.46
N ASN Y 77 41.93 -52.47 -28.81
CA ASN Y 77 41.49 -51.56 -29.86
C ASN Y 77 41.03 -50.21 -29.33
N LYS Y 78 41.19 -49.94 -28.03
CA LYS Y 78 40.82 -48.66 -27.44
C LYS Y 78 39.34 -48.37 -27.64
N LYS Y 79 38.53 -49.43 -27.51
CA LYS Y 79 37.10 -49.34 -27.71
C LYS Y 79 36.38 -49.58 -26.38
N THR Y 80 35.51 -48.64 -26.02
CA THR Y 80 34.86 -48.70 -24.71
C THR Y 80 33.81 -49.81 -24.67
N ARG Y 81 32.80 -49.74 -25.53
CA ARG Y 81 31.77 -50.77 -25.57
C ARG Y 81 32.33 -52.04 -26.18
N ILE Y 82 32.09 -53.16 -25.51
CA ILE Y 82 32.52 -54.46 -26.02
C ILE Y 82 31.58 -54.89 -27.13
N ILE Y 83 32.14 -55.22 -28.29
CA ILE Y 83 31.36 -55.63 -29.45
C ILE Y 83 31.48 -57.15 -29.60
N PRO Y 84 30.53 -57.81 -30.28
CA PRO Y 84 30.64 -59.27 -30.45
C PRO Y 84 31.95 -59.70 -31.11
N ARG Y 85 32.55 -58.84 -31.92
CA ARG Y 85 33.86 -59.16 -32.48
C ARG Y 85 34.88 -59.36 -31.38
N HIS Y 86 34.86 -58.50 -30.36
CA HIS Y 86 35.76 -58.69 -29.22
C HIS Y 86 35.47 -60.00 -28.50
N LEU Y 87 34.18 -60.37 -28.40
CA LEU Y 87 33.84 -61.63 -27.75
C LEU Y 87 34.41 -62.82 -28.51
N GLN Y 88 34.22 -62.86 -29.84
CA GLN Y 88 34.76 -63.95 -30.63
C GLN Y 88 36.29 -63.96 -30.58
N LEU Y 89 36.91 -62.78 -30.66
CA LEU Y 89 38.36 -62.70 -30.59
C LEU Y 89 38.87 -63.23 -29.26
N ALA Y 90 38.23 -62.85 -28.15
CA ALA Y 90 38.63 -63.37 -26.85
C ALA Y 90 38.44 -64.87 -26.76
N ILE Y 91 37.34 -65.39 -27.30
CA ILE Y 91 37.11 -66.83 -27.27
C ILE Y 91 38.22 -67.56 -28.02
N ARG Y 92 38.58 -67.06 -29.20
CA ARG Y 92 39.59 -67.73 -30.02
C ARG Y 92 41.01 -67.48 -29.53
N ASN Y 93 41.24 -66.41 -28.76
CA ASN Y 93 42.58 -66.13 -28.27
C ASN Y 93 42.97 -67.06 -27.13
N ASP Y 94 42.00 -67.51 -26.35
CA ASP Y 94 42.27 -68.50 -25.32
C ASP Y 94 42.21 -69.90 -25.90
N GLU Y 95 43.09 -70.76 -25.40
CA GLU Y 95 43.22 -72.12 -25.93
C GLU Y 95 42.24 -73.09 -25.27
N GLU Y 96 42.19 -73.09 -23.93
CA GLU Y 96 41.26 -73.97 -23.23
C GLU Y 96 39.82 -73.64 -23.60
N LEU Y 97 39.49 -72.35 -23.71
CA LEU Y 97 38.16 -71.96 -24.14
C LEU Y 97 37.87 -72.40 -25.57
N ASN Y 98 38.86 -72.29 -26.47
CA ASN Y 98 38.68 -72.80 -27.82
C ASN Y 98 38.45 -74.31 -27.81
N LYS Y 99 39.20 -75.03 -26.97
CA LYS Y 99 38.99 -76.47 -26.85
C LYS Y 99 37.58 -76.79 -26.36
N LEU Y 100 37.11 -76.07 -25.34
CA LEU Y 100 35.75 -76.25 -24.86
C LEU Y 100 34.75 -75.82 -25.93
N LEU Y 101 34.96 -74.65 -26.52
CA LEU Y 101 34.05 -74.06 -27.50
C LEU Y 101 34.56 -74.23 -28.92
N GLY Y 102 35.28 -75.32 -29.20
CA GLY Y 102 35.76 -75.55 -30.55
C GLY Y 102 34.63 -75.68 -31.55
N ARG Y 103 33.51 -76.28 -31.15
CA ARG Y 103 32.37 -76.52 -32.02
C ARG Y 103 31.29 -75.45 -31.89
N VAL Y 104 31.61 -74.33 -31.24
CA VAL Y 104 30.66 -73.26 -30.99
C VAL Y 104 30.99 -72.08 -31.89
N THR Y 105 29.98 -71.62 -32.64
CA THR Y 105 30.11 -70.49 -33.54
C THR Y 105 29.25 -69.35 -33.03
N ILE Y 106 29.85 -68.18 -32.87
CA ILE Y 106 29.15 -67.00 -32.37
C ILE Y 106 28.83 -66.08 -33.55
N ALA Y 107 27.59 -65.59 -33.59
CA ALA Y 107 27.20 -64.70 -34.66
C ALA Y 107 27.92 -63.36 -34.56
N GLN Y 108 28.18 -62.76 -35.71
CA GLN Y 108 28.78 -61.43 -35.80
C GLN Y 108 30.20 -61.40 -35.24
N GLY Y 109 30.81 -62.57 -35.05
CA GLY Y 109 32.15 -62.64 -34.48
C GLY Y 109 33.23 -62.70 -35.54
N GLY Y 110 33.06 -63.57 -36.53
CA GLY Y 110 34.05 -63.71 -37.58
C GLY Y 110 35.06 -64.79 -37.29
N VAL Y 111 36.26 -64.60 -37.86
CA VAL Y 111 37.35 -65.54 -37.75
C VAL Y 111 38.59 -64.79 -37.27
N LEU Y 112 39.58 -65.55 -36.79
CA LEU Y 112 40.84 -64.95 -36.37
C LEU Y 112 41.56 -64.35 -37.57
N PRO Y 113 42.29 -63.24 -37.37
CA PRO Y 113 43.09 -62.72 -38.49
C PRO Y 113 44.26 -63.65 -38.77
N ASN Y 114 44.16 -64.42 -39.85
CA ASN Y 114 45.13 -65.47 -40.14
C ASN Y 114 45.53 -65.40 -41.60
N ILE Y 115 46.84 -65.44 -41.86
CA ILE Y 115 47.39 -65.52 -43.20
C ILE Y 115 48.33 -66.70 -43.26
N GLN Y 116 48.18 -67.54 -44.27
CA GLN Y 116 49.00 -68.73 -44.41
C GLN Y 116 50.41 -68.33 -44.87
N ALA Y 117 51.35 -69.27 -44.72
CA ALA Y 117 52.75 -68.96 -44.98
C ALA Y 117 53.03 -68.79 -46.46
N VAL Y 118 52.70 -69.81 -47.27
CA VAL Y 118 53.06 -69.79 -48.69
C VAL Y 118 52.18 -68.86 -49.51
N LEU Y 119 51.13 -68.28 -48.92
CA LEU Y 119 50.31 -67.33 -49.66
C LEU Y 119 51.00 -65.98 -49.81
N LEU Y 120 51.93 -65.65 -48.91
CA LEU Y 120 52.62 -64.38 -48.99
C LEU Y 120 53.57 -64.36 -50.18
N PRO Y 121 53.80 -63.19 -50.78
CA PRO Y 121 54.80 -63.12 -51.87
C PRO Y 121 56.21 -63.00 -51.31
N LYS Y 122 57.05 -63.98 -51.61
CA LYS Y 122 58.41 -63.98 -51.10
C LYS Y 122 59.20 -62.82 -51.70
N SER Z 36 5.45 -60.34 -23.21
CA SER Z 36 5.03 -60.81 -21.85
C SER Z 36 6.25 -61.00 -20.94
N ARG Z 37 6.07 -61.76 -19.86
CA ARG Z 37 7.10 -61.92 -18.84
C ARG Z 37 8.19 -62.90 -19.27
N LYS Z 38 9.20 -62.40 -19.96
CA LYS Z 38 10.39 -63.18 -20.32
C LYS Z 38 11.56 -62.74 -19.43
N GLU Z 39 12.25 -63.71 -18.84
CA GLU Z 39 13.36 -63.41 -17.94
C GLU Z 39 14.70 -63.51 -18.67
N SER Z 40 15.70 -62.79 -18.15
CA SER Z 40 17.04 -62.79 -18.73
C SER Z 40 18.10 -62.73 -17.64
N TYR Z 41 19.36 -62.86 -18.01
CA TYR Z 41 20.49 -62.76 -17.09
C TYR Z 41 21.21 -61.43 -17.27
N SER Z 42 20.48 -60.40 -17.70
CA SER Z 42 21.10 -59.16 -18.15
C SER Z 42 21.80 -58.44 -17.00
N ILE Z 43 21.05 -58.02 -15.99
CA ILE Z 43 21.63 -57.24 -14.91
C ILE Z 43 22.67 -58.04 -14.12
N TYR Z 44 22.53 -59.36 -14.05
CA TYR Z 44 23.53 -60.16 -13.35
C TYR Z 44 24.88 -60.08 -14.05
N VAL Z 45 24.89 -60.28 -15.36
CA VAL Z 45 26.13 -60.14 -16.12
C VAL Z 45 26.63 -58.70 -16.09
N TYR Z 46 25.73 -57.72 -16.08
CA TYR Z 46 26.15 -56.33 -15.98
C TYR Z 46 26.90 -56.09 -14.68
N LYS Z 47 26.37 -56.62 -13.58
CA LYS Z 47 27.07 -56.53 -12.30
C LYS Z 47 28.40 -57.26 -12.34
N VAL Z 48 28.44 -58.45 -12.94
CA VAL Z 48 29.69 -59.20 -13.00
C VAL Z 48 30.75 -58.41 -13.75
N LEU Z 49 30.37 -57.83 -14.89
CA LEU Z 49 31.30 -56.99 -15.63
C LEU Z 49 31.73 -55.77 -14.82
N LYS Z 50 30.79 -55.14 -14.10
CA LYS Z 50 31.16 -54.03 -13.22
C LYS Z 50 32.14 -54.48 -12.14
N GLN Z 51 32.17 -55.78 -11.84
CA GLN Z 51 33.12 -56.34 -10.88
C GLN Z 51 34.39 -56.84 -11.54
N VAL Z 52 34.54 -56.67 -12.85
CA VAL Z 52 35.74 -57.10 -13.55
C VAL Z 52 36.39 -55.89 -14.21
N HIS Z 53 35.67 -55.27 -15.16
CA HIS Z 53 36.09 -54.02 -15.78
C HIS Z 53 35.05 -52.96 -15.44
N PRO Z 54 35.30 -52.08 -14.46
CA PRO Z 54 34.23 -51.19 -13.98
C PRO Z 54 33.70 -50.21 -15.02
N ASP Z 55 34.50 -49.81 -16.01
CA ASP Z 55 34.13 -48.78 -16.97
C ASP Z 55 34.26 -49.30 -18.39
N THR Z 56 33.69 -50.48 -18.64
CA THR Z 56 33.64 -51.07 -19.97
C THR Z 56 32.20 -51.46 -20.26
N GLY Z 57 31.67 -50.95 -21.37
CA GLY Z 57 30.29 -51.23 -21.75
C GLY Z 57 30.16 -52.56 -22.46
N ILE Z 58 28.92 -52.85 -22.88
CA ILE Z 58 28.62 -54.08 -23.59
C ILE Z 58 27.38 -53.83 -24.45
N SER Z 59 27.23 -54.63 -25.51
CA SER Z 59 26.16 -54.45 -26.47
C SER Z 59 24.99 -55.38 -26.16
N SER Z 60 23.84 -55.11 -26.78
CA SER Z 60 22.65 -55.91 -26.51
C SER Z 60 22.79 -57.31 -27.08
N LYS Z 61 23.27 -57.42 -28.32
CA LYS Z 61 23.50 -58.75 -28.89
C LYS Z 61 24.63 -59.46 -28.15
N ALA Z 62 25.59 -58.72 -27.61
CA ALA Z 62 26.57 -59.34 -26.72
C ALA Z 62 25.90 -59.90 -25.47
N MET Z 63 24.93 -59.15 -24.93
CA MET Z 63 24.17 -59.65 -23.79
C MET Z 63 23.42 -60.93 -24.14
N GLY Z 64 22.84 -60.99 -25.34
CA GLY Z 64 22.19 -62.21 -25.78
C GLY Z 64 23.18 -63.36 -25.96
N ILE Z 65 24.38 -63.05 -26.45
CA ILE Z 65 25.41 -64.08 -26.56
C ILE Z 65 25.74 -64.64 -25.20
N MET Z 66 25.88 -63.77 -24.20
CA MET Z 66 26.19 -64.23 -22.86
C MET Z 66 25.04 -65.06 -22.29
N ASN Z 67 23.80 -64.63 -22.53
CA ASN Z 67 22.64 -65.40 -22.07
C ASN Z 67 22.67 -66.80 -22.68
N SER Z 68 22.89 -66.88 -23.98
CA SER Z 68 22.94 -68.17 -24.65
C SER Z 68 24.06 -69.05 -24.11
N PHE Z 69 25.24 -68.47 -23.89
CA PHE Z 69 26.35 -69.26 -23.35
C PHE Z 69 26.02 -69.77 -21.95
N VAL Z 70 25.45 -68.91 -21.11
CA VAL Z 70 25.14 -69.32 -19.74
C VAL Z 70 24.12 -70.44 -19.76
N ASN Z 71 23.08 -70.32 -20.59
CA ASN Z 71 22.08 -71.37 -20.68
C ASN Z 71 22.69 -72.65 -21.24
N ASP Z 72 23.61 -72.53 -22.18
CA ASP Z 72 24.31 -73.70 -22.70
C ASP Z 72 25.04 -74.44 -21.58
N ILE Z 73 25.81 -73.71 -20.79
CA ILE Z 73 26.53 -74.35 -19.69
C ILE Z 73 25.56 -74.95 -18.69
N PHE Z 74 24.46 -74.24 -18.40
CA PHE Z 74 23.46 -74.76 -17.47
C PHE Z 74 22.89 -76.08 -17.96
N GLU Z 75 22.46 -76.12 -19.21
CA GLU Z 75 21.85 -77.34 -19.74
C GLU Z 75 22.87 -78.48 -19.80
N ARG Z 76 24.10 -78.19 -20.22
CA ARG Z 76 25.13 -79.23 -20.29
C ARG Z 76 25.41 -79.81 -18.92
N ILE Z 77 25.65 -78.95 -17.93
CA ILE Z 77 25.98 -79.44 -16.58
C ILE Z 77 24.80 -80.20 -16.00
N ALA Z 78 23.58 -79.70 -16.17
CA ALA Z 78 22.42 -80.38 -15.62
C ALA Z 78 22.22 -81.74 -16.27
N GLY Z 79 22.34 -81.81 -17.59
CA GLY Z 79 22.19 -83.09 -18.27
C GLY Z 79 23.24 -84.09 -17.83
N GLU Z 80 24.49 -83.64 -17.69
CA GLU Z 80 25.54 -84.57 -17.28
C GLU Z 80 25.37 -84.99 -15.83
N ALA Z 81 24.92 -84.09 -14.97
CA ALA Z 81 24.64 -84.47 -13.58
C ALA Z 81 23.52 -85.50 -13.53
N SER Z 82 22.48 -85.33 -14.34
CA SER Z 82 21.41 -86.32 -14.41
C SER Z 82 21.93 -87.65 -14.92
N ARG Z 83 22.79 -87.62 -15.94
CA ARG Z 83 23.40 -88.85 -16.44
C ARG Z 83 24.19 -89.55 -15.35
N LEU Z 84 24.98 -88.79 -14.58
CA LEU Z 84 25.76 -89.38 -13.51
C LEU Z 84 24.88 -89.97 -12.41
N ALA Z 85 23.83 -89.24 -12.02
CA ALA Z 85 22.92 -89.77 -11.02
C ALA Z 85 22.29 -91.08 -11.50
N HIS Z 86 21.86 -91.11 -12.77
CA HIS Z 86 21.30 -92.34 -13.32
C HIS Z 86 22.32 -93.46 -13.36
N TYR Z 87 23.56 -93.17 -13.75
CA TYR Z 87 24.61 -94.19 -13.80
C TYR Z 87 24.75 -94.93 -12.48
N ASN Z 88 24.54 -94.23 -11.36
CA ASN Z 88 24.55 -94.86 -10.05
C ASN Z 88 23.14 -95.16 -9.55
N LYS Z 89 22.12 -95.02 -10.41
CA LYS Z 89 20.73 -95.22 -10.01
C LYS Z 89 20.37 -94.31 -8.84
N ARG Z 90 20.87 -93.07 -8.90
CA ARG Z 90 20.65 -92.06 -7.86
C ARG Z 90 19.59 -91.10 -8.38
N SER Z 91 18.64 -90.75 -7.51
CA SER Z 91 17.46 -89.99 -7.92
C SER Z 91 17.47 -88.53 -7.46
N THR Z 92 18.59 -88.04 -6.91
CA THR Z 92 18.67 -86.66 -6.46
C THR Z 92 20.02 -86.08 -6.87
N ILE Z 93 20.15 -84.76 -6.66
CA ILE Z 93 21.32 -84.01 -7.10
C ILE Z 93 21.95 -83.35 -5.89
N THR Z 94 23.21 -83.68 -5.63
CA THR Z 94 24.03 -82.99 -4.65
C THR Z 94 25.17 -82.27 -5.38
N SER Z 95 25.81 -81.32 -4.70
CA SER Z 95 26.87 -80.55 -5.33
C SER Z 95 28.08 -81.40 -5.70
N ARG Z 96 28.22 -82.59 -5.11
CA ARG Z 96 29.27 -83.52 -5.53
C ARG Z 96 29.09 -83.94 -6.99
N GLU Z 97 27.84 -84.22 -7.38
CA GLU Z 97 27.56 -84.57 -8.78
C GLU Z 97 27.91 -83.42 -9.72
N ILE Z 98 27.57 -82.19 -9.33
CA ILE Z 98 27.90 -81.04 -10.17
C ILE Z 98 29.41 -80.86 -10.24
N GLN Z 99 30.11 -81.10 -9.13
CA GLN Z 99 31.56 -80.99 -9.11
C GLN Z 99 32.20 -81.98 -10.08
N THR Z 100 31.81 -83.24 -9.99
CA THR Z 100 32.35 -84.23 -10.91
C THR Z 100 31.95 -83.95 -12.36
N ALA Z 101 30.74 -83.42 -12.58
CA ALA Z 101 30.36 -83.05 -13.94
C ALA Z 101 31.25 -81.95 -14.49
N VAL Z 102 31.53 -80.92 -13.67
CA VAL Z 102 32.45 -79.86 -14.08
C VAL Z 102 33.83 -80.42 -14.34
N ARG Z 103 34.27 -81.39 -13.53
CA ARG Z 103 35.53 -82.06 -13.79
C ARG Z 103 35.53 -82.71 -15.16
N LEU Z 104 34.43 -83.40 -15.50
CA LEU Z 104 34.33 -84.08 -16.78
C LEU Z 104 34.35 -83.11 -17.94
N LEU Z 105 33.60 -82.00 -17.82
CA LEU Z 105 33.41 -81.11 -18.97
C LEU Z 105 34.67 -80.31 -19.27
N LEU Z 106 35.11 -79.49 -18.32
CA LEU Z 106 36.21 -78.59 -18.60
C LEU Z 106 37.55 -79.31 -18.47
N PRO Z 107 38.58 -78.84 -19.17
CA PRO Z 107 39.91 -79.48 -19.05
C PRO Z 107 40.51 -79.28 -17.66
N GLY Z 108 41.73 -79.75 -17.46
CA GLY Z 108 42.37 -79.74 -16.16
C GLY Z 108 42.31 -78.43 -15.42
N GLU Z 109 42.99 -77.39 -15.93
CA GLU Z 109 43.13 -76.15 -15.19
C GLU Z 109 41.80 -75.46 -14.97
N LEU Z 110 41.01 -75.29 -16.04
CA LEU Z 110 39.75 -74.58 -15.90
C LEU Z 110 38.77 -75.37 -15.03
N ALA Z 111 38.76 -76.70 -15.15
CA ALA Z 111 37.91 -77.51 -14.29
C ALA Z 111 38.32 -77.37 -12.83
N LYS Z 112 39.62 -77.36 -12.56
CA LYS Z 112 40.09 -77.16 -11.20
C LYS Z 112 39.68 -75.78 -10.67
N HIS Z 113 39.79 -74.76 -11.51
CA HIS Z 113 39.37 -73.42 -11.11
C HIS Z 113 37.89 -73.40 -10.73
N ALA Z 114 37.06 -73.99 -11.59
CA ALA Z 114 35.62 -74.04 -11.33
C ALA Z 114 35.33 -74.83 -10.06
N VAL Z 115 36.04 -75.94 -9.86
CA VAL Z 115 35.84 -76.74 -8.65
C VAL Z 115 36.19 -75.94 -7.42
N SER Z 116 37.32 -75.22 -7.46
CA SER Z 116 37.73 -74.41 -6.31
C SER Z 116 36.71 -73.33 -6.01
N GLU Z 117 36.24 -72.62 -7.04
CA GLU Z 117 35.26 -71.57 -6.81
C GLU Z 117 33.95 -72.15 -6.26
N GLY Z 118 33.48 -73.25 -6.83
CA GLY Z 118 32.25 -73.85 -6.35
C GLY Z 118 32.37 -74.33 -4.92
N THR Z 119 33.50 -74.95 -4.56
CA THR Z 119 33.69 -75.43 -3.21
C THR Z 119 33.79 -74.27 -2.22
N LYS Z 120 34.46 -73.18 -2.61
CA LYS Z 120 34.51 -72.02 -1.73
C LYS Z 120 33.13 -71.45 -1.50
N ALA Z 121 32.34 -71.31 -2.58
CA ALA Z 121 30.97 -70.82 -2.42
C ALA Z 121 30.16 -71.74 -1.53
N VAL Z 122 30.29 -73.06 -1.71
CA VAL Z 122 29.56 -74.02 -0.88
C VAL Z 122 29.96 -73.88 0.58
N THR Z 123 31.26 -73.78 0.85
CA THR Z 123 31.73 -73.69 2.23
C THR Z 123 31.24 -72.40 2.89
N LYS Z 124 31.33 -71.28 2.20
CA LYS Z 124 30.85 -70.03 2.77
C LYS Z 124 29.34 -70.07 2.98
N TYR Z 125 28.61 -70.65 2.03
CA TYR Z 125 27.15 -70.73 2.15
C TYR Z 125 26.74 -71.70 3.25
N THR Z 126 27.63 -72.63 3.61
CA THR Z 126 27.32 -73.58 4.67
C THR Z 126 27.63 -72.99 6.05
N SER Z 127 28.88 -72.54 6.24
CA SER Z 127 29.28 -72.02 7.54
C SER Z 127 28.48 -70.76 7.90
N ALA Z 128 28.30 -69.85 6.94
CA ALA Z 128 27.58 -68.61 7.20
C ALA Z 128 26.08 -68.83 7.05
ZN ZN AA . -25.92 14.02 -27.84
ZN ZN BA . -8.26 -31.93 -25.01
MG MG CA . -3.56 26.71 17.57
ZN ZN DA . -31.31 -1.39 -24.19
ZN ZN EA . -21.58 74.49 4.37
ZN ZN FA . 49.65 4.86 39.12
ZN ZN GA . 51.06 -26.53 2.55
ZN ZN HA . 2.44 58.81 25.37
ZN ZN IA . 16.48 59.38 -20.27
ZN ZN JA . 25.09 -27.18 -30.12
ZN ZN KA . 25.92 2.46 -63.43
#